data_7Y59
#
_entry.id   7Y59
#
_cell.length_a   1.00
_cell.length_b   1.00
_cell.length_c   1.00
_cell.angle_alpha   90.00
_cell.angle_beta   90.00
_cell.angle_gamma   90.00
#
_symmetry.space_group_name_H-M   'P 1'
#
loop_
_entity.id
_entity.type
_entity.pdbx_description
1 polymer Derlin-1
2 polymer 'Transitional endoplasmic reticulum ATPase'
3 non-polymer "ADENOSINE-5'-TRIPHOSPHATE"
4 non-polymer "ADENOSINE-5'-DIPHOSPHATE"
#
loop_
_entity_poly.entity_id
_entity_poly.type
_entity_poly.pdbx_seq_one_letter_code
_entity_poly.pdbx_strand_id
1 'polypeptide(L)'
;MSDIGDWFRSIPAITRYWFAATVAVPLVGKLGLISPAYLFLWPEAFLYRFQIWRPITATFYFPVGPGTGFLYLVNLYFLY
QYSTRLETGAFDGRPADYLFMLLFNWICIVITGLAMDMQLLMIPLIMSVLYVWAQLNRDMIVSFWFGTRFKACYLPWVIL
GFNYIIGGSVINELIGNLVGHLYFFLMFRYPMDLGGRNFLSTPQFLYRWLPSRRHNWGQGFRLGDQAAALEVLFQGPSAW
SHPQFEKGGGSGGGSGGSAWSHPQFEK
;
W,X,Y,Z
2 'polypeptide(L)'
;MNRPNRLIVDEAINEDNSVVSLSQPKMDELQLFRGDTVLLKGKKRREAVCIVLSDDTCSDEKIRMNRVVRNNLRVRLGDV
ISIQPCPDVKYGKRIHVLPIDDTVEGITGNLFEVYLKPYFLEAYRPIRKGDIFLVRGGMRAVEFKVVETDPSPYCIVAPD
TVIHCEGEPIKREDEEESLNEVGYDDIGGCRKQLAQIKEMVELPLRHPALFKAIGVKPPRGILLYGPPGTGKTLIARAVA
NETGAFFFLINGPEIMSKLAGESESNLRKAFEEAEKNAPAIIFIDELDAIAPKREKTHGEVERRIVSQLLTLMDGLKQRA
HVIVMAATNRPNSIDPALRRFGRFDREVDIGIPDATGRLEILQIHTKNMKLADDVDLEQVANETHGHVGADLAALCSEAA
LQAIRKKMDLIDLEDETIDAEVMNSLAVTMDDFRWALSQSNPSALRETVVEVPQVTWEDIGGLEDVKRELQELVQYPVEH
PDKFLKFGMTPSKGVLFYGPPGCGKTLLAKAIANECQANFISIKGPELLTMWFGESEANVREIFDKARQAAPCVLFFDEL
DSIAKARGGNIGDGGGAADRVINQILTEMDGMSTKKNVFIIGATNRPDIIDPAILRPGRLDQLIYIPLPDEKSRVAILKA
NLRKSPVAKDVDLEFLAKMTNGFSGADLTEICQRACKLAIRESIESEIRRERERQTNPSAMEVEEDDPVPEIRRDHFEEA
MRFARRSVSDNDIRKYEMFAQTLQQSRGFGSFRFPSGNQGGAGPSQGSGGGTGGSVYTEDNDDDLYG
;
A,B,C,D,E,F
#
loop_
_chem_comp.id
_chem_comp.type
_chem_comp.name
_chem_comp.formula
ADP non-polymer ADENOSINE-5'-DIPHOSPHATE 'C10 H15 N5 O10 P2'
ATP non-polymer ADENOSINE-5'-TRIPHOSPHATE 'C10 H16 N5 O13 P3'
#
# COMPACT_ATOMS: atom_id res chain seq x y z
N MET A 1 52.95 39.56 23.15
CA MET A 1 52.14 38.76 24.06
C MET A 1 52.21 37.29 23.68
N SER A 2 52.03 36.41 24.66
CA SER A 2 52.08 34.97 24.45
C SER A 2 50.89 34.34 25.16
N ASP A 3 50.03 33.67 24.39
CA ASP A 3 48.93 32.91 24.99
C ASP A 3 49.44 31.68 25.72
N ILE A 4 50.68 31.30 25.49
CA ILE A 4 51.28 30.17 26.21
C ILE A 4 51.35 30.49 27.70
N GLY A 5 51.64 31.74 28.05
CA GLY A 5 51.78 32.10 29.45
C GLY A 5 50.53 31.86 30.26
N ASP A 6 49.40 32.44 29.82
CA ASP A 6 48.15 32.22 30.54
C ASP A 6 47.58 30.83 30.31
N TRP A 7 47.93 30.17 29.20
CA TRP A 7 47.55 28.77 29.08
C TRP A 7 48.21 27.92 30.16
N PHE A 8 49.49 28.16 30.42
CA PHE A 8 50.18 27.39 31.46
C PHE A 8 49.74 27.84 32.85
N ARG A 9 49.42 29.13 33.02
CA ARG A 9 48.87 29.57 34.29
C ARG A 9 47.51 28.94 34.56
N SER A 10 46.77 28.61 33.50
CA SER A 10 45.52 27.89 33.66
C SER A 10 45.74 26.48 34.21
N ILE A 11 46.94 25.94 34.07
CA ILE A 11 47.24 24.60 34.57
C ILE A 11 47.19 24.62 36.10
N PRO A 12 46.51 23.66 36.74
CA PRO A 12 46.46 23.65 38.20
C PRO A 12 47.81 23.38 38.81
N ALA A 13 47.91 23.69 40.11
CA ALA A 13 49.22 23.84 40.76
C ALA A 13 50.04 22.57 40.71
N ILE A 14 49.42 21.41 40.95
CA ILE A 14 50.19 20.17 40.95
C ILE A 14 50.69 19.84 39.55
N THR A 15 49.80 19.88 38.56
CA THR A 15 50.25 19.70 37.19
C THR A 15 51.12 20.86 36.75
N ARG A 16 50.93 22.05 37.32
CA ARG A 16 51.85 23.14 37.06
C ARG A 16 53.28 22.77 37.44
N TYR A 17 53.46 22.27 38.67
CA TYR A 17 54.78 21.88 39.14
C TYR A 17 55.34 20.74 38.31
N TRP A 18 54.51 19.73 38.02
CA TRP A 18 55.01 18.60 37.26
C TRP A 18 55.41 19.00 35.85
N PHE A 19 54.60 19.83 35.20
CA PHE A 19 54.93 20.30 33.86
C PHE A 19 56.21 21.14 33.88
N ALA A 20 56.36 21.98 34.90
CA ALA A 20 57.57 22.78 35.00
C ALA A 20 58.80 21.88 35.13
N ALA A 21 58.71 20.87 35.99
CA ALA A 21 59.83 19.95 36.15
C ALA A 21 60.12 19.19 34.85
N THR A 22 59.07 18.69 34.20
CA THR A 22 59.26 17.83 33.04
C THR A 22 59.62 18.62 31.78
N VAL A 23 59.44 19.94 31.78
CA VAL A 23 59.94 20.76 30.69
C VAL A 23 61.31 21.36 31.01
N ALA A 24 61.66 21.50 32.30
CA ALA A 24 63.00 21.94 32.67
C ALA A 24 64.02 20.83 32.50
N VAL A 25 63.61 19.57 32.68
CA VAL A 25 64.56 18.46 32.52
C VAL A 25 65.24 18.46 31.16
N PRO A 26 64.52 18.53 30.03
CA PRO A 26 65.23 18.55 28.74
C PRO A 26 66.06 19.81 28.54
N LEU A 27 65.53 20.97 28.93
CA LEU A 27 66.29 22.21 28.75
C LEU A 27 67.55 22.22 29.60
N VAL A 28 67.45 21.76 30.85
CA VAL A 28 68.62 21.70 31.72
C VAL A 28 69.63 20.69 31.17
N GLY A 29 69.14 19.55 30.68
CA GLY A 29 70.05 18.57 30.10
C GLY A 29 70.76 19.07 28.86
N LYS A 30 70.07 19.85 28.03
CA LYS A 30 70.61 20.34 26.78
C LYS A 30 71.27 21.70 26.89
N LEU A 31 71.30 22.30 28.09
CA LEU A 31 71.94 23.59 28.26
C LEU A 31 73.43 23.52 27.92
N GLY A 32 74.13 22.54 28.50
CA GLY A 32 75.54 22.34 28.21
C GLY A 32 76.50 23.24 28.94
N LEU A 33 76.01 24.28 29.64
CA LEU A 33 76.90 25.14 30.39
C LEU A 33 77.39 24.48 31.67
N ILE A 34 76.50 23.76 32.36
CA ILE A 34 76.84 23.13 33.63
C ILE A 34 77.60 21.84 33.36
N SER A 35 78.52 21.51 34.26
CA SER A 35 79.32 20.31 34.10
C SER A 35 78.46 19.07 34.29
N PRO A 36 78.40 18.15 33.32
CA PRO A 36 77.59 16.94 33.49
C PRO A 36 78.17 15.96 34.50
N ALA A 37 79.39 16.18 34.99
CA ALA A 37 80.01 15.24 35.91
C ALA A 37 79.16 15.02 37.16
N TYR A 38 78.35 16.01 37.53
CA TYR A 38 77.41 15.84 38.62
C TYR A 38 76.21 14.99 38.24
N LEU A 39 75.94 14.83 36.94
CA LEU A 39 74.69 14.26 36.45
C LEU A 39 74.99 13.30 35.30
N PHE A 40 75.11 12.01 35.62
CA PHE A 40 75.20 10.97 34.60
C PHE A 40 74.32 9.76 34.85
N LEU A 41 73.62 9.67 35.98
CA LEU A 41 72.85 8.48 36.34
C LEU A 41 73.73 7.24 36.31
N TRP A 42 74.94 7.37 36.83
CA TRP A 42 75.92 6.29 36.76
C TRP A 42 75.49 5.14 37.67
N PRO A 43 75.22 3.94 37.14
CA PRO A 43 74.70 2.86 38.00
C PRO A 43 75.68 2.43 39.08
N GLU A 44 76.99 2.46 38.80
CA GLU A 44 77.96 2.02 39.78
C GLU A 44 77.96 2.91 41.01
N ALA A 45 77.88 4.22 40.82
CA ALA A 45 77.88 5.14 41.95
C ALA A 45 76.63 4.95 42.82
N PHE A 46 75.48 4.78 42.20
CA PHE A 46 74.22 4.75 42.93
C PHE A 46 73.91 3.38 43.54
N LEU A 47 74.42 2.29 42.96
CA LEU A 47 74.01 0.96 43.42
C LEU A 47 74.89 0.48 44.58
N TYR A 48 76.19 0.39 44.35
CA TYR A 48 77.10 -0.17 45.35
C TYR A 48 77.70 0.91 46.26
N ARG A 49 78.38 1.89 45.67
CA ARG A 49 78.99 2.95 46.45
C ARG A 49 77.91 3.78 47.15
N PHE A 50 78.26 4.30 48.32
CA PHE A 50 77.31 5.15 49.06
C PHE A 50 76.98 6.40 48.24
N GLN A 51 78.01 7.13 47.81
CA GLN A 51 77.90 8.21 46.82
C GLN A 51 76.73 9.15 47.13
N ILE A 52 76.88 9.87 48.24
CA ILE A 52 75.90 10.89 48.61
C ILE A 52 76.01 12.06 47.64
N TRP A 53 76.95 11.96 46.69
CA TRP A 53 77.11 13.00 45.67
C TRP A 53 75.91 13.07 44.74
N ARG A 54 75.36 11.93 44.34
CA ARG A 54 74.25 11.86 43.39
C ARG A 54 73.15 10.96 43.92
N PRO A 55 72.46 11.38 44.99
CA PRO A 55 71.36 10.56 45.53
C PRO A 55 70.01 10.93 44.94
N ILE A 56 69.93 12.09 44.29
CA ILE A 56 68.65 12.64 43.83
C ILE A 56 68.64 12.94 42.34
N THR A 57 69.77 12.76 41.63
CA THR A 57 69.87 13.15 40.24
C THR A 57 69.05 12.27 39.30
N ALA A 58 68.50 11.16 39.79
CA ALA A 58 67.82 10.21 38.91
C ALA A 58 66.63 10.84 38.21
N THR A 59 65.81 11.61 38.92
CA THR A 59 64.62 12.19 38.35
C THR A 59 64.88 13.48 37.59
N PHE A 60 66.05 14.11 37.78
CA PHE A 60 66.36 15.39 37.15
C PHE A 60 67.14 15.21 35.86
N TYR A 61 68.31 14.59 35.94
CA TYR A 61 69.08 14.29 34.75
C TYR A 61 68.49 13.08 34.06
N PHE A 62 68.24 13.19 32.76
CA PHE A 62 67.55 12.13 32.05
C PHE A 62 67.89 12.20 30.57
N PRO A 63 68.41 11.11 29.97
CA PRO A 63 68.80 11.15 28.55
C PRO A 63 67.59 11.15 27.62
N VAL A 64 67.00 12.32 27.41
CA VAL A 64 65.83 12.42 26.54
C VAL A 64 66.24 12.13 25.10
N GLY A 65 65.42 11.33 24.42
CA GLY A 65 65.68 10.96 23.06
C GLY A 65 64.51 10.21 22.45
N PRO A 66 64.69 9.69 21.23
CA PRO A 66 63.63 8.96 20.53
C PRO A 66 63.44 7.53 21.04
N GLY A 67 63.40 7.37 22.36
CA GLY A 67 63.20 6.08 22.97
C GLY A 67 61.77 5.88 23.44
N THR A 68 61.11 6.98 23.81
CA THR A 68 59.73 6.93 24.29
C THR A 68 58.90 8.06 23.71
N GLY A 69 59.25 8.53 22.51
CA GLY A 69 58.58 9.69 21.94
C GLY A 69 57.11 9.46 21.68
N PHE A 70 56.75 8.29 21.14
CA PHE A 70 55.35 8.00 20.85
C PHE A 70 54.53 7.85 22.13
N LEU A 71 55.05 7.11 23.11
CA LEU A 71 54.35 6.98 24.37
C LEU A 71 54.25 8.32 25.09
N TYR A 72 55.33 9.10 25.07
CA TYR A 72 55.28 10.41 25.71
C TYR A 72 54.26 11.30 25.02
N LEU A 73 54.15 11.20 23.70
CA LEU A 73 53.16 11.98 22.97
C LEU A 73 51.74 11.57 23.33
N VAL A 74 51.48 10.26 23.43
CA VAL A 74 50.13 9.82 23.78
C VAL A 74 49.78 10.24 25.20
N ASN A 75 50.77 10.21 26.12
CA ASN A 75 50.50 10.71 27.46
C ASN A 75 50.31 12.22 27.47
N LEU A 76 51.00 12.95 26.58
CA LEU A 76 50.77 14.39 26.47
C LEU A 76 49.35 14.68 26.01
N TYR A 77 48.87 13.91 25.04
CA TYR A 77 47.47 14.06 24.63
C TYR A 77 46.54 13.72 25.78
N PHE A 78 46.84 12.66 26.53
CA PHE A 78 45.98 12.28 27.64
C PHE A 78 45.90 13.37 28.69
N LEU A 79 47.04 13.96 29.05
CA LEU A 79 47.03 15.04 30.01
C LEU A 79 46.32 16.28 29.46
N TYR A 80 46.61 16.64 28.21
CA TYR A 80 45.93 17.76 27.59
C TYR A 80 44.43 17.57 27.56
N GLN A 81 43.97 16.32 27.48
CA GLN A 81 42.55 16.04 27.39
C GLN A 81 41.89 15.93 28.76
N TYR A 82 42.63 15.49 29.79
CA TYR A 82 41.98 15.14 31.05
C TYR A 82 42.72 15.64 32.29
N SER A 83 43.50 16.72 32.17
CA SER A 83 44.19 17.23 33.35
C SER A 83 43.22 17.75 34.40
N THR A 84 42.04 18.18 33.98
CA THR A 84 41.03 18.63 34.94
C THR A 84 40.66 17.50 35.89
N ARG A 85 40.29 16.34 35.34
CA ARG A 85 40.01 15.20 36.19
C ARG A 85 41.28 14.71 36.88
N LEU A 86 42.44 14.92 36.26
CA LEU A 86 43.69 14.50 36.86
C LEU A 86 43.97 15.24 38.17
N GLU A 87 43.66 16.55 38.21
CA GLU A 87 44.06 17.38 39.33
C GLU A 87 43.08 17.33 40.51
N THR A 88 41.87 16.82 40.30
CA THR A 88 40.81 16.91 41.28
C THR A 88 40.69 15.65 42.16
N GLY A 89 41.80 14.98 42.46
CA GLY A 89 41.68 13.77 43.25
C GLY A 89 41.72 13.98 44.75
N ALA A 90 40.52 14.11 45.35
CA ALA A 90 40.31 14.02 46.79
C ALA A 90 41.30 14.85 47.61
N PHE A 91 41.94 15.85 47.00
CA PHE A 91 42.95 16.59 47.73
C PHE A 91 42.95 18.07 47.39
N ASP A 92 41.79 18.65 47.09
CA ASP A 92 41.71 20.10 46.99
C ASP A 92 42.09 20.74 48.32
N GLY A 93 41.58 20.19 49.42
CA GLY A 93 42.09 20.50 50.73
C GLY A 93 43.31 19.66 51.05
N ARG A 94 43.94 19.98 52.17
CA ARG A 94 45.18 19.39 52.69
C ARG A 94 46.16 19.04 51.56
N PRO A 95 46.41 19.95 50.62
CA PRO A 95 47.32 19.61 49.52
C PRO A 95 48.74 19.37 49.97
N ALA A 96 49.11 19.94 51.13
CA ALA A 96 50.42 19.62 51.69
C ALA A 96 50.53 18.14 52.02
N ASP A 97 49.47 17.56 52.58
CA ASP A 97 49.46 16.11 52.78
C ASP A 97 49.51 15.37 51.44
N TYR A 98 48.87 15.92 50.41
CA TYR A 98 48.94 15.29 49.09
C TYR A 98 50.39 15.21 48.62
N LEU A 99 51.08 16.35 48.64
CA LEU A 99 52.50 16.33 48.28
C LEU A 99 53.30 15.45 49.23
N PHE A 100 52.81 15.28 50.46
CA PHE A 100 53.50 14.43 51.43
C PHE A 100 53.50 12.97 50.97
N MET A 101 52.32 12.42 50.64
CA MET A 101 52.42 11.03 50.18
C MET A 101 52.84 10.92 48.73
N LEU A 102 52.83 11.99 47.94
CA LEU A 102 53.51 11.93 46.65
C LEU A 102 55.04 11.84 46.82
N LEU A 103 55.60 12.56 47.79
CA LEU A 103 57.01 12.38 48.10
C LEU A 103 57.28 10.99 48.64
N PHE A 104 56.34 10.45 49.41
CA PHE A 104 56.46 9.07 49.87
C PHE A 104 56.43 8.09 48.71
N ASN A 105 55.57 8.34 47.72
CA ASN A 105 55.56 7.55 46.50
C ASN A 105 56.91 7.64 45.79
N TRP A 106 57.48 8.84 45.75
CA TRP A 106 58.79 9.02 45.15
C TRP A 106 59.86 8.20 45.89
N ILE A 107 59.85 8.23 47.22
CA ILE A 107 60.88 7.51 47.96
C ILE A 107 60.71 6.00 47.81
N CYS A 108 59.46 5.51 47.79
CA CYS A 108 59.27 4.07 47.61
C CYS A 108 59.66 3.64 46.20
N ILE A 109 59.34 4.46 45.18
CA ILE A 109 59.70 4.08 43.82
C ILE A 109 61.20 4.17 43.62
N VAL A 110 61.89 5.09 44.28
CA VAL A 110 63.34 5.12 44.13
C VAL A 110 63.99 4.00 44.93
N ILE A 111 63.34 3.56 46.02
CA ILE A 111 63.78 2.33 46.68
C ILE A 111 63.68 1.16 45.71
N THR A 112 62.57 1.09 44.98
CA THR A 112 62.42 0.06 43.95
C THR A 112 63.49 0.19 42.88
N GLY A 113 63.78 1.42 42.46
CA GLY A 113 64.81 1.67 41.46
C GLY A 113 66.21 1.37 41.95
N LEU A 114 66.42 1.35 43.25
CA LEU A 114 67.69 0.90 43.81
C LEU A 114 67.74 -0.62 43.88
N ALA A 115 66.66 -1.25 44.35
CA ALA A 115 66.62 -2.71 44.42
C ALA A 115 66.59 -3.33 43.03
N MET A 116 65.71 -2.83 42.16
CA MET A 116 65.63 -3.31 40.79
C MET A 116 66.49 -2.42 39.89
N ASP A 117 66.67 -2.87 38.64
CA ASP A 117 67.61 -2.20 37.74
C ASP A 117 66.91 -1.78 36.44
N MET A 118 65.76 -1.12 36.57
CA MET A 118 64.98 -0.71 35.42
C MET A 118 65.61 0.51 34.74
N GLN A 119 64.88 1.12 33.81
CA GLN A 119 65.42 2.11 32.89
C GLN A 119 64.99 3.54 33.20
N LEU A 120 63.71 3.80 33.46
CA LEU A 120 63.25 5.17 33.67
C LEU A 120 62.11 5.19 34.68
N LEU A 121 62.29 5.96 35.75
CA LEU A 121 61.27 6.17 36.76
C LEU A 121 60.51 7.47 36.52
N MET A 122 59.98 7.65 35.32
CA MET A 122 59.24 8.87 34.98
C MET A 122 57.76 8.58 34.77
N ILE A 123 57.45 7.67 33.85
CA ILE A 123 56.05 7.26 33.66
C ILE A 123 55.47 6.59 34.91
N PRO A 124 56.14 5.61 35.54
CA PRO A 124 55.43 4.80 36.54
C PRO A 124 54.81 5.58 37.68
N LEU A 125 55.48 6.62 38.20
CA LEU A 125 54.91 7.34 39.33
C LEU A 125 53.62 8.06 38.93
N ILE A 126 53.66 8.78 37.81
CA ILE A 126 52.49 9.55 37.38
C ILE A 126 51.35 8.62 37.01
N MET A 127 51.65 7.56 36.26
CA MET A 127 50.60 6.61 35.90
C MET A 127 50.02 5.95 37.15
N SER A 128 50.86 5.66 38.14
CA SER A 128 50.38 5.02 39.36
C SER A 128 49.46 5.93 40.14
N VAL A 129 49.83 7.20 40.30
CA VAL A 129 48.98 8.10 41.08
C VAL A 129 47.69 8.38 40.34
N LEU A 130 47.77 8.56 39.02
CA LEU A 130 46.56 8.75 38.22
C LEU A 130 45.64 7.54 38.33
N TYR A 131 46.21 6.34 38.25
CA TYR A 131 45.36 5.15 38.26
C TYR A 131 44.85 4.82 39.66
N VAL A 132 45.57 5.21 40.71
CA VAL A 132 45.01 5.01 42.05
C VAL A 132 43.86 5.99 42.29
N TRP A 133 43.99 7.23 41.80
CA TRP A 133 42.86 8.13 41.82
C TRP A 133 41.68 7.54 41.05
N ALA A 134 41.96 6.94 39.90
CA ALA A 134 40.90 6.30 39.13
C ALA A 134 40.29 5.11 39.89
N GLN A 135 41.13 4.30 40.54
CA GLN A 135 40.66 3.08 41.18
C GLN A 135 39.78 3.39 42.39
N LEU A 136 40.07 4.49 43.09
CA LEU A 136 39.19 4.90 44.18
C LEU A 136 37.76 5.14 43.70
N ASN A 137 37.57 5.44 42.42
CA ASN A 137 36.26 5.55 41.79
C ASN A 137 36.24 4.82 40.45
N ARG A 138 36.68 3.57 40.45
CA ARG A 138 36.97 2.83 39.22
C ARG A 138 35.70 2.57 38.40
N ASP A 139 35.92 2.25 37.13
CA ASP A 139 34.99 1.58 36.21
C ASP A 139 33.92 2.43 35.53
N MET A 140 34.08 3.75 35.41
CA MET A 140 33.29 4.51 34.45
C MET A 140 34.14 4.69 33.19
N ILE A 141 33.64 4.18 32.06
CA ILE A 141 34.40 4.15 30.83
C ILE A 141 34.46 5.53 30.19
N VAL A 142 35.37 5.70 29.23
CA VAL A 142 35.52 6.95 28.51
C VAL A 142 36.26 6.65 27.22
N SER A 143 36.03 7.49 26.21
CA SER A 143 36.65 7.29 24.91
C SER A 143 36.92 8.65 24.27
N PHE A 144 37.83 8.64 23.30
CA PHE A 144 38.23 9.85 22.61
C PHE A 144 37.32 10.08 21.40
N TRP A 145 37.75 10.96 20.49
CA TRP A 145 36.90 11.35 19.36
C TRP A 145 36.45 10.15 18.54
N PHE A 146 37.39 9.30 18.12
CA PHE A 146 37.04 8.15 17.31
C PHE A 146 36.66 6.93 18.13
N GLY A 147 36.99 6.91 19.42
CA GLY A 147 36.63 5.78 20.26
C GLY A 147 35.13 5.66 20.39
N THR A 148 34.55 4.64 19.75
CA THR A 148 33.10 4.48 19.77
C THR A 148 32.61 4.13 21.16
N ARG A 149 33.00 2.94 21.66
CA ARG A 149 32.62 2.49 22.99
C ARG A 149 33.77 1.80 23.70
N PHE A 150 35.01 2.15 23.38
CA PHE A 150 36.16 1.45 23.94
C PHE A 150 36.25 1.68 25.45
N LYS A 151 36.52 0.60 26.18
CA LYS A 151 36.46 0.62 27.64
C LYS A 151 37.67 1.34 28.22
N ALA A 152 37.43 2.05 29.33
CA ALA A 152 38.48 2.74 30.03
C ALA A 152 39.16 1.78 31.01
N CYS A 153 39.98 2.34 31.91
CA CYS A 153 40.74 1.61 32.94
C CYS A 153 41.55 0.45 32.35
N TYR A 154 41.70 0.43 31.02
CA TYR A 154 42.63 -0.45 30.33
C TYR A 154 43.80 0.30 29.76
N LEU A 155 43.70 1.62 29.63
CA LEU A 155 44.73 2.42 28.99
C LEU A 155 46.12 2.20 29.57
N PRO A 156 46.32 2.17 30.90
CA PRO A 156 47.65 1.79 31.38
C PRO A 156 48.08 0.42 30.87
N TRP A 157 47.15 -0.54 30.86
CA TRP A 157 47.47 -1.88 30.40
C TRP A 157 47.58 -1.96 28.89
N VAL A 158 46.80 -1.16 28.17
CA VAL A 158 46.96 -1.07 26.71
C VAL A 158 48.35 -0.56 26.37
N ILE A 159 48.80 0.48 27.07
CA ILE A 159 50.14 1.01 26.86
C ILE A 159 51.20 -0.02 27.23
N LEU A 160 50.99 -0.73 28.34
CA LEU A 160 51.94 -1.77 28.75
C LEU A 160 52.08 -2.84 27.66
N GLY A 161 50.95 -3.33 27.14
CA GLY A 161 51.01 -4.35 26.10
C GLY A 161 51.64 -3.84 24.82
N PHE A 162 51.28 -2.62 24.40
CA PHE A 162 51.84 -2.05 23.18
C PHE A 162 53.35 -1.89 23.30
N ASN A 163 53.82 -1.47 24.48
CA ASN A 163 55.27 -1.34 24.67
C ASN A 163 55.93 -2.72 24.73
N TYR A 164 55.25 -3.70 25.31
CA TYR A 164 55.83 -5.04 25.43
C TYR A 164 55.99 -5.71 24.06
N ILE A 165 55.01 -5.55 23.17
CA ILE A 165 55.07 -6.23 21.88
C ILE A 165 56.09 -5.56 20.97
N ILE A 166 55.89 -4.28 20.66
CA ILE A 166 56.79 -3.51 19.81
C ILE A 166 57.57 -2.54 20.68
N GLY A 167 58.89 -2.54 20.52
CA GLY A 167 59.75 -1.64 21.28
C GLY A 167 60.33 -2.29 22.51
N GLY A 168 60.44 -1.51 23.58
CA GLY A 168 61.02 -2.03 24.81
C GLY A 168 60.85 -1.05 25.95
N SER A 169 61.50 -1.37 27.07
CA SER A 169 61.43 -0.56 28.27
C SER A 169 60.00 -0.45 28.79
N VAL A 170 59.41 -1.57 29.17
CA VAL A 170 58.06 -1.59 29.74
C VAL A 170 58.04 -2.11 31.18
N ILE A 171 59.14 -2.69 31.66
CA ILE A 171 59.15 -3.35 32.97
C ILE A 171 58.94 -2.35 34.10
N ASN A 172 59.46 -1.13 33.95
CA ASN A 172 59.40 -0.17 35.05
C ASN A 172 57.97 0.28 35.33
N GLU A 173 57.15 0.44 34.28
CA GLU A 173 55.77 0.85 34.52
C GLU A 173 55.01 -0.22 35.29
N LEU A 174 55.24 -1.50 34.98
CA LEU A 174 54.51 -2.55 35.69
C LEU A 174 55.03 -2.73 37.11
N ILE A 175 56.34 -2.55 37.33
CA ILE A 175 56.82 -2.58 38.71
C ILE A 175 56.29 -1.38 39.48
N GLY A 176 56.08 -0.25 38.79
CA GLY A 176 55.43 0.88 39.43
C GLY A 176 53.98 0.59 39.76
N ASN A 177 53.31 -0.17 38.89
CA ASN A 177 51.94 -0.62 39.21
C ASN A 177 51.94 -1.50 40.45
N LEU A 178 52.93 -2.39 40.58
CA LEU A 178 53.02 -3.23 41.77
C LEU A 178 53.24 -2.39 43.03
N VAL A 179 54.18 -1.45 42.97
CA VAL A 179 54.45 -0.63 44.15
C VAL A 179 53.27 0.30 44.44
N GLY A 180 52.51 0.67 43.40
CA GLY A 180 51.31 1.46 43.63
C GLY A 180 50.22 0.67 44.31
N HIS A 181 50.07 -0.61 43.94
CA HIS A 181 49.16 -1.49 44.67
C HIS A 181 49.60 -1.63 46.12
N LEU A 182 50.91 -1.77 46.33
CA LEU A 182 51.45 -1.82 47.70
C LEU A 182 51.11 -0.53 48.46
N TYR A 183 51.26 0.62 47.81
CA TYR A 183 50.90 1.90 48.43
C TYR A 183 49.41 2.00 48.71
N PHE A 184 48.59 1.48 47.79
CA PHE A 184 47.14 1.49 47.98
C PHE A 184 46.75 0.67 49.21
N PHE A 185 47.37 -0.50 49.37
CA PHE A 185 47.12 -1.31 50.56
C PHE A 185 47.65 -0.61 51.82
N LEU A 186 48.83 0.00 51.72
CA LEU A 186 49.44 0.63 52.88
C LEU A 186 48.70 1.86 53.38
N MET A 187 48.16 2.70 52.49
CA MET A 187 47.49 3.91 52.95
C MET A 187 46.28 3.57 53.82
N PHE A 188 45.76 2.35 53.69
CA PHE A 188 44.68 1.88 54.55
C PHE A 188 45.19 1.10 55.75
N ARG A 189 46.25 0.30 55.57
CA ARG A 189 46.70 -0.57 56.66
C ARG A 189 47.60 0.19 57.64
N TYR A 190 48.68 0.78 57.14
CA TYR A 190 49.75 1.29 58.00
C TYR A 190 49.29 2.32 59.02
N PRO A 191 48.53 3.36 58.67
CA PRO A 191 48.21 4.39 59.67
C PRO A 191 47.47 3.87 60.88
N MET A 192 46.60 2.87 60.72
CA MET A 192 45.78 2.40 61.83
C MET A 192 46.24 1.06 62.40
N ASP A 193 46.92 0.22 61.61
CA ASP A 193 47.37 -1.06 62.13
C ASP A 193 48.42 -0.89 63.22
N LEU A 194 49.38 0.01 63.01
CA LEU A 194 50.47 0.21 63.94
C LEU A 194 50.60 1.69 64.28
N GLY A 195 51.15 1.98 65.45
CA GLY A 195 51.34 3.33 65.90
C GLY A 195 52.76 3.81 65.72
N GLY A 196 53.54 3.78 66.80
CA GLY A 196 54.91 4.24 66.77
C GLY A 196 55.00 5.75 66.75
N ARG A 197 54.40 6.38 67.77
CA ARG A 197 54.29 7.83 67.92
C ARG A 197 54.01 8.52 66.58
N ASN A 198 53.14 7.87 65.78
CA ASN A 198 52.77 8.36 64.45
C ASN A 198 53.99 8.73 63.63
N PHE A 199 54.99 7.85 63.66
CA PHE A 199 56.29 8.09 63.02
C PHE A 199 56.90 9.40 63.53
N LEU A 200 57.00 10.40 62.66
CA LEU A 200 57.55 11.69 63.03
C LEU A 200 56.57 12.78 62.61
N SER A 201 56.75 13.96 63.19
CA SER A 201 55.89 15.10 62.90
C SER A 201 56.22 15.67 61.54
N THR A 202 55.18 15.92 60.74
CA THR A 202 55.38 16.54 59.44
C THR A 202 55.92 17.96 59.62
N PRO A 203 56.99 18.34 58.95
CA PRO A 203 57.57 19.67 59.15
C PRO A 203 56.60 20.77 58.77
N GLN A 204 56.66 21.88 59.51
CA GLN A 204 55.88 23.07 59.20
C GLN A 204 56.65 24.06 58.34
N PHE A 205 57.89 23.73 57.97
CA PHE A 205 58.65 24.59 57.07
C PHE A 205 58.01 24.66 55.69
N LEU A 206 57.52 23.53 55.18
CA LEU A 206 56.83 23.54 53.91
C LEU A 206 55.60 24.44 53.97
N TYR A 207 54.92 24.45 55.11
CA TYR A 207 53.86 25.43 55.33
C TYR A 207 54.40 26.84 55.37
N ARG A 208 55.62 27.03 55.89
CA ARG A 208 56.21 28.35 55.94
C ARG A 208 56.42 28.92 54.53
N TRP A 209 56.96 28.12 53.60
CA TRP A 209 57.07 28.63 52.24
C TRP A 209 55.80 28.45 51.42
N LEU A 210 55.17 27.29 51.44
CA LEU A 210 53.97 27.01 50.66
C LEU A 210 52.88 26.51 51.58
N PRO A 211 52.17 27.42 52.25
CA PRO A 211 51.09 27.01 53.16
C PRO A 211 49.87 26.50 52.39
N SER A 212 49.10 25.67 53.08
CA SER A 212 47.80 25.24 52.58
C SER A 212 46.74 26.29 52.94
N ARG A 213 45.66 26.28 52.16
CA ARG A 213 44.60 27.27 52.29
C ARG A 213 43.32 26.60 52.77
N ARG A 214 42.65 27.23 53.74
CA ARG A 214 41.46 26.67 54.36
C ARG A 214 40.30 27.66 54.28
N HIS A 215 39.24 27.41 55.05
CA HIS A 215 38.05 28.24 54.98
C HIS A 215 38.34 29.69 55.33
N ASN A 216 37.67 30.59 54.62
CA ASN A 216 37.69 32.01 54.92
C ASN A 216 36.26 32.46 55.19
N TRP A 217 36.07 33.19 56.29
CA TRP A 217 34.73 33.64 56.65
C TRP A 217 34.32 34.90 55.91
N GLY A 218 35.25 35.60 55.26
CA GLY A 218 34.94 36.87 54.65
C GLY A 218 34.46 37.88 55.66
N GLN A 219 33.28 38.47 55.43
CA GLN A 219 32.68 39.36 56.40
C GLN A 219 31.18 39.19 56.36
N GLY A 220 30.54 39.32 57.53
CA GLY A 220 29.13 39.11 57.67
C GLY A 220 28.32 40.39 57.57
N PHE A 221 27.04 40.27 57.88
CA PHE A 221 26.12 41.39 57.83
C PHE A 221 25.13 41.28 58.97
N ARG A 222 24.83 42.43 59.58
CA ARG A 222 23.90 42.47 60.70
C ARG A 222 22.49 42.19 60.19
N LEU A 223 21.85 41.16 60.74
CA LEU A 223 20.48 40.86 60.34
C LEU A 223 19.53 41.99 60.70
N GLY A 224 19.74 42.61 61.87
CA GLY A 224 18.78 43.60 62.31
C GLY A 224 17.46 42.93 62.65
N ASP A 225 16.38 43.69 62.47
CA ASP A 225 15.04 43.15 62.68
C ASP A 225 13.98 44.08 62.07
N MET B 1 44.27 20.92 -20.43
CA MET B 1 44.56 19.72 -19.65
C MET B 1 45.63 20.08 -18.64
N SER B 2 46.63 20.78 -19.16
CA SER B 2 47.67 21.38 -18.34
C SER B 2 47.09 22.64 -17.68
N ASP B 3 46.33 22.42 -16.61
CA ASP B 3 45.81 23.53 -15.81
C ASP B 3 46.93 24.28 -15.09
N ILE B 4 48.13 23.71 -15.06
CA ILE B 4 49.28 24.44 -14.54
C ILE B 4 49.52 25.71 -15.35
N GLY B 5 49.36 25.62 -16.67
CA GLY B 5 49.52 26.81 -17.50
C GLY B 5 48.47 27.86 -17.22
N ASP B 6 47.21 27.42 -17.04
CA ASP B 6 46.13 28.37 -16.73
C ASP B 6 46.37 29.02 -15.37
N TRP B 7 46.78 28.25 -14.38
CA TRP B 7 47.04 28.81 -13.05
C TRP B 7 48.21 29.78 -13.07
N PHE B 8 49.28 29.43 -13.80
CA PHE B 8 50.44 30.32 -13.87
C PHE B 8 50.13 31.59 -14.65
N ARG B 9 49.31 31.49 -15.69
CA ARG B 9 49.04 32.65 -16.53
C ARG B 9 48.09 33.64 -15.87
N SER B 10 47.46 33.28 -14.76
CA SER B 10 46.60 34.20 -14.02
C SER B 10 47.34 34.95 -12.93
N ILE B 11 48.62 34.66 -12.72
CA ILE B 11 49.41 35.26 -11.64
C ILE B 11 49.70 36.72 -11.97
N PRO B 12 49.65 37.63 -11.00
CA PRO B 12 50.05 39.02 -11.25
C PRO B 12 51.50 39.09 -11.69
N ALA B 13 51.78 40.07 -12.57
CA ALA B 13 53.07 40.12 -13.25
C ALA B 13 54.23 40.32 -12.27
N ILE B 14 54.07 41.23 -11.32
CA ILE B 14 55.17 41.53 -10.41
C ILE B 14 55.51 40.31 -9.57
N THR B 15 54.50 39.72 -8.94
CA THR B 15 54.75 38.55 -8.10
C THR B 15 55.14 37.33 -8.94
N ARG B 16 54.55 37.18 -10.15
CA ARG B 16 54.94 36.07 -11.00
C ARG B 16 56.40 36.15 -11.38
N TYR B 17 56.90 37.35 -11.70
CA TYR B 17 58.28 37.47 -12.14
C TYR B 17 59.25 37.34 -10.97
N TRP B 18 58.92 37.94 -9.82
CA TRP B 18 59.79 37.80 -8.66
C TRP B 18 59.88 36.36 -8.21
N PHE B 19 58.73 35.68 -8.14
CA PHE B 19 58.71 34.28 -7.74
C PHE B 19 59.35 33.38 -8.79
N ALA B 20 59.23 33.73 -10.08
CA ALA B 20 59.87 32.97 -11.13
C ALA B 20 61.38 33.04 -11.02
N ALA B 21 61.92 34.24 -10.73
CA ALA B 21 63.35 34.33 -10.47
C ALA B 21 63.73 33.56 -9.22
N THR B 22 62.89 33.65 -8.17
CA THR B 22 63.16 32.97 -6.91
C THR B 22 63.26 31.46 -7.12
N VAL B 23 62.40 30.90 -7.97
CA VAL B 23 62.44 29.46 -8.23
C VAL B 23 63.39 29.08 -9.37
N ALA B 24 63.81 30.04 -10.19
CA ALA B 24 64.75 29.74 -11.26
C ALA B 24 66.19 29.71 -10.75
N VAL B 25 66.49 30.42 -9.66
CA VAL B 25 67.81 30.31 -9.05
C VAL B 25 68.13 28.87 -8.65
N PRO B 26 67.25 28.12 -7.99
CA PRO B 26 67.55 26.70 -7.77
C PRO B 26 67.71 25.91 -9.06
N LEU B 27 67.02 26.27 -10.14
CA LEU B 27 67.24 25.58 -11.40
C LEU B 27 68.66 25.81 -11.92
N VAL B 28 69.15 27.05 -11.80
CA VAL B 28 70.54 27.34 -12.17
C VAL B 28 71.49 26.54 -11.30
N GLY B 29 71.21 26.44 -10.00
CA GLY B 29 72.03 25.62 -9.13
C GLY B 29 72.01 24.15 -9.53
N LYS B 30 70.84 23.64 -9.92
CA LYS B 30 70.70 22.23 -10.29
C LYS B 30 71.38 21.93 -11.62
N LEU B 31 71.48 22.93 -12.51
CA LEU B 31 72.09 22.70 -13.82
C LEU B 31 73.53 22.21 -13.67
N GLY B 32 74.29 22.80 -12.77
CA GLY B 32 75.65 22.34 -12.51
C GLY B 32 76.72 23.36 -12.80
N LEU B 33 76.39 24.65 -12.70
CA LEU B 33 77.40 25.69 -12.86
C LEU B 33 78.46 25.58 -11.77
N ILE B 34 78.04 25.34 -10.54
CA ILE B 34 78.94 25.06 -9.43
C ILE B 34 78.45 23.78 -8.76
N SER B 35 79.37 22.84 -8.56
CA SER B 35 79.00 21.54 -8.03
C SER B 35 78.44 21.68 -6.61
N PRO B 36 77.45 20.87 -6.25
CA PRO B 36 76.95 20.89 -4.86
C PRO B 36 78.03 20.56 -3.84
N ALA B 37 79.00 19.72 -4.22
CA ALA B 37 80.14 19.45 -3.35
C ALA B 37 80.99 20.68 -3.11
N TYR B 38 80.88 21.68 -3.98
CA TYR B 38 81.56 22.96 -3.81
C TYR B 38 80.71 23.99 -3.08
N LEU B 39 79.76 23.56 -2.27
CA LEU B 39 78.92 24.48 -1.49
C LEU B 39 78.86 23.94 -0.06
N PHE B 40 79.82 24.34 0.77
CA PHE B 40 79.85 23.92 2.17
C PHE B 40 80.22 25.01 3.15
N LEU B 41 80.72 26.16 2.70
CA LEU B 41 81.06 27.28 3.58
C LEU B 41 82.06 26.86 4.65
N TRP B 42 83.26 26.53 4.20
CA TRP B 42 84.33 26.19 5.13
C TRP B 42 84.62 27.39 6.02
N PRO B 43 84.59 27.23 7.35
CA PRO B 43 84.78 28.38 8.24
C PRO B 43 86.17 28.99 8.12
N GLU B 44 87.21 28.15 8.21
CA GLU B 44 88.56 28.67 8.17
C GLU B 44 88.92 29.21 6.78
N ALA B 45 88.44 28.54 5.72
CA ALA B 45 88.72 29.02 4.37
C ALA B 45 88.07 30.38 4.13
N PHE B 46 86.82 30.55 4.56
CA PHE B 46 86.18 31.85 4.45
C PHE B 46 86.84 32.88 5.36
N LEU B 47 87.40 32.44 6.48
CA LEU B 47 88.06 33.37 7.40
C LEU B 47 89.35 33.92 6.80
N TYR B 48 90.21 33.03 6.27
CA TYR B 48 91.51 33.45 5.79
C TYR B 48 91.44 33.97 4.36
N ARG B 49 91.04 33.13 3.42
CA ARG B 49 90.94 33.53 2.03
C ARG B 49 89.51 33.96 1.70
N PHE B 50 89.35 34.52 0.49
CA PHE B 50 88.09 35.14 0.11
C PHE B 50 86.93 34.14 0.08
N GLN B 51 86.97 33.21 -0.88
CA GLN B 51 85.91 32.22 -1.07
C GLN B 51 84.51 32.86 -0.99
N ILE B 52 84.39 34.06 -1.57
CA ILE B 52 83.16 34.83 -1.48
C ILE B 52 82.21 34.42 -2.59
N TRP B 53 82.57 33.38 -3.34
CA TRP B 53 81.73 32.88 -4.41
C TRP B 53 80.63 31.94 -3.93
N ARG B 54 80.73 31.44 -2.69
CA ARG B 54 79.72 30.50 -2.22
C ARG B 54 79.23 30.77 -0.79
N PRO B 55 78.95 32.02 -0.39
CA PRO B 55 78.35 32.23 0.93
C PRO B 55 76.84 32.11 0.87
N ILE B 56 76.27 32.42 -0.29
CA ILE B 56 74.82 32.51 -0.46
C ILE B 56 74.38 31.61 -1.61
N THR B 57 75.35 31.05 -2.33
CA THR B 57 75.03 30.21 -3.48
C THR B 57 74.25 28.98 -3.06
N ALA B 58 74.67 28.34 -1.97
CA ALA B 58 73.93 27.18 -1.47
C ALA B 58 72.66 27.57 -0.74
N THR B 59 72.55 28.83 -0.33
CA THR B 59 71.36 29.27 0.40
C THR B 59 70.15 29.33 -0.51
N PHE B 60 70.30 29.90 -1.70
CA PHE B 60 69.19 30.11 -2.61
C PHE B 60 68.92 28.90 -3.49
N TYR B 61 69.71 27.84 -3.38
CA TYR B 61 69.51 26.62 -4.14
C TYR B 61 69.33 25.45 -3.18
N PHE B 62 68.49 24.50 -3.58
CA PHE B 62 68.27 23.29 -2.80
C PHE B 62 68.46 22.07 -3.69
N PRO B 63 69.19 21.05 -3.23
CA PRO B 63 69.44 19.88 -4.07
C PRO B 63 68.19 19.04 -4.27
N VAL B 64 67.28 19.53 -5.11
CA VAL B 64 66.02 18.86 -5.39
C VAL B 64 66.06 18.28 -6.80
N GLY B 65 65.64 17.02 -6.92
CA GLY B 65 65.53 16.37 -8.20
C GLY B 65 64.25 15.58 -8.28
N PRO B 66 64.20 14.57 -9.14
CA PRO B 66 63.02 13.70 -9.25
C PRO B 66 62.98 12.62 -8.17
N GLY B 67 63.37 12.98 -6.95
CA GLY B 67 63.26 12.08 -5.82
C GLY B 67 62.50 12.69 -4.65
N THR B 68 62.50 14.02 -4.56
CA THR B 68 61.89 14.72 -3.44
C THR B 68 61.18 15.99 -3.90
N GLY B 69 60.62 15.97 -5.11
CA GLY B 69 60.05 17.18 -5.67
C GLY B 69 58.82 17.67 -4.91
N PHE B 70 58.12 16.76 -4.23
CA PHE B 70 56.87 17.13 -3.57
C PHE B 70 57.10 18.23 -2.53
N LEU B 71 58.07 18.03 -1.64
CA LEU B 71 58.32 19.00 -0.58
C LEU B 71 58.77 20.35 -1.15
N TYR B 72 59.66 20.32 -2.14
CA TYR B 72 60.13 21.56 -2.74
C TYR B 72 58.99 22.32 -3.42
N LEU B 73 58.15 21.61 -4.16
CA LEU B 73 57.07 22.29 -4.88
C LEU B 73 56.03 22.83 -3.91
N VAL B 74 55.71 22.09 -2.84
CA VAL B 74 54.73 22.63 -1.90
C VAL B 74 55.33 23.82 -1.13
N ASN B 75 56.63 23.77 -0.82
CA ASN B 75 57.26 24.90 -0.13
C ASN B 75 57.22 26.15 -1.01
N LEU B 76 57.54 26.02 -2.29
CA LEU B 76 57.47 27.19 -3.15
C LEU B 76 56.03 27.62 -3.37
N TYR B 77 55.09 26.68 -3.43
CA TYR B 77 53.68 27.03 -3.58
C TYR B 77 53.23 27.91 -2.41
N PHE B 78 53.50 27.47 -1.19
CA PHE B 78 53.13 28.28 -0.03
C PHE B 78 53.97 29.56 0.05
N LEU B 79 55.19 29.55 -0.47
CA LEU B 79 55.99 30.77 -0.53
C LEU B 79 55.28 31.82 -1.37
N TYR B 80 54.88 31.47 -2.59
CA TYR B 80 54.16 32.42 -3.43
C TYR B 80 52.80 32.77 -2.83
N GLN B 81 52.11 31.79 -2.26
CA GLN B 81 50.79 32.05 -1.70
C GLN B 81 50.87 33.06 -0.57
N TYR B 82 51.83 32.88 0.35
CA TYR B 82 52.00 33.85 1.43
C TYR B 82 52.52 35.18 0.92
N SER B 83 53.33 35.16 -0.15
CA SER B 83 53.75 36.41 -0.77
C SER B 83 52.54 37.22 -1.21
N THR B 84 51.61 36.59 -1.92
CA THR B 84 50.40 37.29 -2.32
C THR B 84 49.55 37.69 -1.12
N ARG B 85 49.48 36.82 -0.11
CA ARG B 85 48.68 37.11 1.07
C ARG B 85 49.16 38.37 1.76
N LEU B 86 50.48 38.51 1.91
CA LEU B 86 51.05 39.73 2.47
C LEU B 86 50.97 40.90 1.50
N GLU B 87 50.91 40.62 0.20
CA GLU B 87 50.67 41.68 -0.77
C GLU B 87 49.29 42.29 -0.61
N THR B 88 48.32 41.49 -0.16
CA THR B 88 46.95 41.96 -0.02
C THR B 88 46.86 43.16 0.91
N GLY B 89 47.19 42.96 2.18
CA GLY B 89 47.17 44.03 3.15
C GLY B 89 48.51 44.71 3.30
N ALA B 90 48.49 45.85 3.99
CA ALA B 90 49.70 46.59 4.32
C ALA B 90 50.52 46.93 3.08
N PHE B 91 51.19 45.93 2.51
CA PHE B 91 52.00 46.12 1.31
C PHE B 91 51.11 46.14 0.06
N ASP B 92 50.11 47.01 0.10
CA ASP B 92 49.30 47.30 -1.07
C ASP B 92 49.72 48.58 -1.76
N GLY B 93 50.48 49.44 -1.09
CA GLY B 93 51.02 50.63 -1.71
C GLY B 93 52.41 50.98 -1.23
N ARG B 94 53.00 50.11 -0.41
CA ARG B 94 54.29 50.38 0.24
C ARG B 94 55.19 49.16 0.08
N PRO B 95 55.64 48.87 -1.15
CA PRO B 95 56.56 47.74 -1.34
C PRO B 95 57.92 47.96 -0.73
N ALA B 96 58.28 49.20 -0.40
CA ALA B 96 59.60 49.48 0.16
C ALA B 96 59.80 48.76 1.48
N ASP B 97 58.80 48.80 2.36
CA ASP B 97 58.91 48.10 3.62
C ASP B 97 58.90 46.60 3.45
N TYR B 98 58.15 46.09 2.47
CA TYR B 98 58.15 44.65 2.19
C TYR B 98 59.55 44.19 1.79
N LEU B 99 60.15 44.87 0.82
CA LEU B 99 61.50 44.52 0.41
C LEU B 99 62.51 44.74 1.54
N PHE B 100 62.27 45.76 2.37
CA PHE B 100 63.13 45.97 3.53
C PHE B 100 63.08 44.77 4.47
N MET B 101 61.88 44.24 4.70
CA MET B 101 61.75 43.06 5.56
C MET B 101 62.42 41.84 4.93
N LEU B 102 62.24 41.65 3.62
CA LEU B 102 62.89 40.51 2.96
C LEU B 102 64.41 40.61 3.07
N LEU B 103 64.97 41.79 2.77
CA LEU B 103 66.42 41.93 2.87
C LEU B 103 66.90 41.87 4.31
N PHE B 104 66.07 42.32 5.26
CA PHE B 104 66.42 42.17 6.67
C PHE B 104 66.52 40.69 7.05
N ASN B 105 65.56 39.89 6.59
CA ASN B 105 65.62 38.45 6.83
C ASN B 105 66.87 37.85 6.20
N TRP B 106 67.18 38.28 4.97
CA TRP B 106 68.36 37.74 4.30
C TRP B 106 69.65 38.13 5.02
N ILE B 107 69.74 39.38 5.48
CA ILE B 107 70.93 39.81 6.21
C ILE B 107 71.10 39.02 7.49
N CYS B 108 70.00 38.83 8.24
CA CYS B 108 70.10 38.06 9.48
C CYS B 108 70.52 36.62 9.20
N ILE B 109 69.93 35.99 8.19
CA ILE B 109 70.23 34.59 7.92
C ILE B 109 71.66 34.44 7.40
N VAL B 110 72.15 35.42 6.63
CA VAL B 110 73.52 35.31 6.13
C VAL B 110 74.52 35.64 7.22
N ILE B 111 74.15 36.51 8.18
CA ILE B 111 75.01 36.72 9.34
C ILE B 111 75.15 35.42 10.12
N THR B 112 74.03 34.72 10.34
CA THR B 112 74.10 33.43 11.01
C THR B 112 74.88 32.41 10.19
N GLY B 113 74.76 32.45 8.87
CA GLY B 113 75.52 31.54 8.02
C GLY B 113 77.01 31.77 8.12
N LEU B 114 77.42 33.04 8.14
CA LEU B 114 78.83 33.36 8.35
C LEU B 114 79.29 32.94 9.73
N ALA B 115 78.42 33.10 10.74
CA ALA B 115 78.83 32.84 12.12
C ALA B 115 79.04 31.34 12.37
N MET B 116 78.08 30.52 11.95
CA MET B 116 78.09 29.10 12.30
C MET B 116 78.27 28.28 11.02
N ASP B 117 78.26 26.95 11.16
CA ASP B 117 78.69 26.04 10.10
C ASP B 117 77.54 25.31 9.43
N MET B 118 76.32 25.86 9.44
CA MET B 118 75.22 25.21 8.77
C MET B 118 75.45 25.19 7.26
N GLN B 119 74.74 24.29 6.58
CA GLN B 119 75.02 23.99 5.18
C GLN B 119 73.91 24.48 4.25
N LEU B 120 72.67 24.05 4.45
CA LEU B 120 71.57 24.36 3.53
C LEU B 120 70.71 25.44 4.14
N LEU B 121 70.94 26.68 3.71
CA LEU B 121 70.14 27.81 4.19
C LEU B 121 69.05 28.18 3.19
N MET B 122 68.16 27.22 2.96
CA MET B 122 66.93 27.45 2.22
C MET B 122 65.71 27.28 3.10
N ILE B 123 65.58 26.11 3.74
CA ILE B 123 64.54 25.94 4.76
C ILE B 123 64.66 26.97 5.88
N PRO B 124 65.86 27.33 6.38
CA PRO B 124 65.92 28.40 7.39
C PRO B 124 65.26 29.69 6.95
N LEU B 125 65.41 30.05 5.67
CA LEU B 125 64.69 31.19 5.15
C LEU B 125 63.18 30.96 5.22
N ILE B 126 62.74 29.72 4.98
CA ILE B 126 61.33 29.41 5.06
C ILE B 126 60.80 29.69 6.46
N MET B 127 61.52 29.21 7.48
CA MET B 127 61.08 29.51 8.85
C MET B 127 61.11 31.01 9.14
N SER B 128 62.18 31.69 8.71
CA SER B 128 62.26 33.14 8.92
C SER B 128 61.02 33.84 8.39
N VAL B 129 60.75 33.70 7.09
CA VAL B 129 59.69 34.46 6.46
C VAL B 129 58.32 33.97 6.94
N LEU B 130 58.15 32.66 7.12
CA LEU B 130 56.86 32.16 7.54
C LEU B 130 56.52 32.64 8.95
N TYR B 131 57.51 32.67 9.85
CA TYR B 131 57.22 33.12 11.20
C TYR B 131 57.01 34.62 11.24
N VAL B 132 57.78 35.40 10.48
CA VAL B 132 57.55 36.84 10.48
C VAL B 132 56.16 37.14 9.90
N TRP B 133 55.74 36.38 8.90
CA TRP B 133 54.38 36.50 8.37
C TRP B 133 53.34 36.16 9.43
N ALA B 134 53.47 35.00 10.06
CA ALA B 134 52.45 34.53 10.99
C ALA B 134 52.40 35.37 12.24
N GLN B 135 53.48 36.08 12.57
CA GLN B 135 53.52 36.86 13.79
C GLN B 135 53.25 38.35 13.54
N LEU B 136 53.39 38.83 12.31
CA LEU B 136 52.95 40.19 12.01
C LEU B 136 51.46 40.36 12.26
N ASN B 137 50.69 39.29 12.14
CA ASN B 137 49.25 39.30 12.35
C ASN B 137 48.86 38.23 13.37
N ARG B 138 49.58 38.18 14.48
CA ARG B 138 49.25 37.21 15.52
C ARG B 138 47.88 37.48 16.10
N ASP B 139 47.39 36.52 16.89
CA ASP B 139 46.11 36.61 17.58
C ASP B 139 44.95 36.72 16.58
N MET B 140 44.86 35.72 15.69
CA MET B 140 43.78 35.64 14.73
C MET B 140 43.42 34.18 14.49
N ILE B 141 42.22 33.95 13.97
CA ILE B 141 41.69 32.61 13.79
C ILE B 141 41.59 32.31 12.30
N VAL B 142 42.28 31.26 11.86
CA VAL B 142 42.26 30.81 10.48
C VAL B 142 42.30 29.29 10.47
N SER B 143 41.70 28.70 9.43
CA SER B 143 41.65 27.24 9.33
C SER B 143 41.68 26.84 7.87
N PHE B 144 42.40 25.76 7.57
CA PHE B 144 42.42 25.19 6.23
C PHE B 144 41.23 24.25 6.08
N TRP B 145 41.24 23.44 5.00
CA TRP B 145 40.11 22.56 4.72
C TRP B 145 39.79 21.63 5.90
N PHE B 146 40.81 21.23 6.66
CA PHE B 146 40.60 20.39 7.83
C PHE B 146 41.36 20.94 9.03
N GLY B 147 41.38 22.25 9.20
CA GLY B 147 42.10 22.88 10.30
C GLY B 147 41.60 22.47 11.66
N THR B 148 42.49 21.86 12.46
CA THR B 148 42.12 21.40 13.80
C THR B 148 42.36 22.49 14.84
N ARG B 149 43.60 22.92 14.99
CA ARG B 149 43.98 24.01 15.86
C ARG B 149 44.96 24.93 15.15
N PHE B 150 44.71 25.17 13.86
CA PHE B 150 45.57 25.98 13.02
C PHE B 150 45.55 27.42 13.50
N LYS B 151 46.65 27.89 14.10
CA LYS B 151 46.66 29.16 14.80
C LYS B 151 48.05 29.78 14.71
N ALA B 152 48.12 31.08 14.98
CA ALA B 152 49.37 31.82 14.88
C ALA B 152 50.38 31.32 15.91
N CYS B 153 51.65 31.57 15.60
CA CYS B 153 52.82 31.19 16.43
C CYS B 153 52.75 29.73 16.87
N TYR B 154 52.02 28.90 16.13
CA TYR B 154 51.93 27.48 16.42
C TYR B 154 52.45 26.60 15.31
N LEU B 155 52.45 27.11 14.06
CA LEU B 155 53.15 26.42 12.99
C LEU B 155 54.65 26.25 13.23
N PRO B 156 55.38 27.14 13.94
CA PRO B 156 56.81 26.88 14.17
C PRO B 156 57.11 25.56 14.87
N TRP B 157 56.35 25.19 15.91
CA TRP B 157 56.61 23.88 16.50
C TRP B 157 56.06 22.75 15.63
N VAL B 158 55.09 23.04 14.76
CA VAL B 158 54.64 22.04 13.80
C VAL B 158 55.78 21.67 12.85
N ILE B 159 56.46 22.69 12.32
CA ILE B 159 57.59 22.39 11.43
C ILE B 159 58.78 21.89 12.24
N LEU B 160 58.86 22.25 13.52
CA LEU B 160 59.80 21.60 14.43
C LEU B 160 59.62 20.09 14.41
N GLY B 161 58.39 19.64 14.63
CA GLY B 161 58.13 18.21 14.61
C GLY B 161 58.37 17.59 13.25
N PHE B 162 57.93 18.28 12.18
CA PHE B 162 58.04 17.70 10.84
C PHE B 162 59.49 17.60 10.38
N ASN B 163 60.33 18.56 10.78
CA ASN B 163 61.75 18.46 10.50
C ASN B 163 62.46 17.49 11.42
N TYR B 164 61.95 17.29 12.64
CA TYR B 164 62.50 16.28 13.52
C TYR B 164 62.29 14.88 12.95
N ILE B 165 61.06 14.59 12.50
CA ILE B 165 60.81 13.29 11.89
C ILE B 165 61.46 13.21 10.51
N ILE B 166 61.41 14.30 9.74
CA ILE B 166 61.94 14.33 8.38
C ILE B 166 62.90 15.51 8.31
N GLY B 167 64.19 15.26 8.56
CA GLY B 167 65.22 16.27 8.42
C GLY B 167 66.11 16.32 9.65
N GLY B 168 66.73 17.48 9.85
CA GLY B 168 67.65 17.66 10.97
C GLY B 168 68.11 19.09 11.04
N SER B 169 69.18 19.31 11.81
CA SER B 169 69.78 20.62 12.00
C SER B 169 68.76 21.62 12.56
N VAL B 170 68.33 21.34 13.79
CA VAL B 170 67.21 22.07 14.40
C VAL B 170 67.45 23.57 14.48
N ILE B 171 68.71 24.01 14.43
CA ILE B 171 69.02 25.42 14.68
C ILE B 171 68.35 26.34 13.67
N ASN B 172 68.03 25.83 12.48
CA ASN B 172 67.48 26.68 11.42
C ASN B 172 66.12 27.24 11.82
N GLU B 173 65.22 26.40 12.30
CA GLU B 173 63.92 26.88 12.72
C GLU B 173 63.99 27.70 13.98
N LEU B 174 64.99 27.44 14.84
CA LEU B 174 65.25 28.33 15.96
C LEU B 174 65.58 29.74 15.47
N ILE B 175 66.43 29.84 14.45
CA ILE B 175 66.81 31.17 13.97
C ILE B 175 65.65 31.84 13.24
N GLY B 176 64.82 31.03 12.56
CA GLY B 176 63.62 31.59 11.94
C GLY B 176 62.67 32.15 12.98
N ASN B 177 62.46 31.41 14.07
CA ASN B 177 61.68 31.92 15.19
C ASN B 177 62.29 33.19 15.76
N LEU B 178 63.61 33.21 15.94
CA LEU B 178 64.26 34.37 16.54
C LEU B 178 64.05 35.61 15.69
N VAL B 179 64.24 35.49 14.37
CA VAL B 179 64.09 36.66 13.50
C VAL B 179 62.64 37.10 13.43
N GLY B 180 61.70 36.14 13.33
CA GLY B 180 60.30 36.52 13.30
C GLY B 180 59.87 37.23 14.56
N HIS B 181 60.29 36.73 15.71
CA HIS B 181 59.92 37.35 16.97
C HIS B 181 60.61 38.70 17.16
N LEU B 182 61.85 38.84 16.71
CA LEU B 182 62.52 40.13 16.80
C LEU B 182 61.80 41.17 15.96
N TYR B 183 61.41 40.80 14.74
CA TYR B 183 60.66 41.73 13.90
C TYR B 183 59.31 42.08 14.53
N PHE B 184 58.62 41.08 15.07
CA PHE B 184 57.33 41.32 15.70
C PHE B 184 57.47 42.27 16.89
N PHE B 185 58.49 42.07 17.71
CA PHE B 185 58.75 42.97 18.82
C PHE B 185 59.04 44.37 18.32
N LEU B 186 59.84 44.49 17.26
CA LEU B 186 60.14 45.80 16.68
C LEU B 186 58.91 46.48 16.12
N MET B 187 57.89 45.72 15.71
CA MET B 187 56.70 46.34 15.13
C MET B 187 55.84 47.00 16.20
N PHE B 188 55.35 46.22 17.17
CA PHE B 188 54.41 46.73 18.15
C PHE B 188 55.04 46.92 19.53
N ARG B 189 55.72 45.90 20.05
CA ARG B 189 56.10 45.91 21.46
C ARG B 189 57.22 46.90 21.74
N TYR B 190 58.22 46.97 20.86
CA TYR B 190 59.42 47.76 21.15
C TYR B 190 59.14 49.25 21.38
N PRO B 191 58.30 49.93 20.59
CA PRO B 191 58.16 51.38 20.78
C PRO B 191 57.74 51.80 22.18
N MET B 192 56.85 51.05 22.84
CA MET B 192 56.50 51.38 24.22
C MET B 192 57.18 50.46 25.23
N ASP B 193 58.02 49.53 24.79
CA ASP B 193 58.73 48.65 25.71
C ASP B 193 60.10 49.20 26.11
N LEU B 194 60.87 49.72 25.16
CA LEU B 194 62.22 50.17 25.45
C LEU B 194 62.45 51.63 25.05
N GLY B 195 61.49 52.50 25.38
CA GLY B 195 61.67 53.92 25.14
C GLY B 195 61.19 54.38 23.77
N GLY B 196 62.12 54.49 22.84
CA GLY B 196 61.79 54.95 21.50
C GLY B 196 62.96 54.76 20.56
N ARG B 197 63.07 55.68 19.60
CA ARG B 197 64.13 55.65 18.58
C ARG B 197 64.12 54.32 17.82
N ASN B 198 63.02 54.09 17.12
CA ASN B 198 62.84 52.83 16.39
C ASN B 198 63.88 52.70 15.29
N PHE B 199 64.35 51.47 15.07
CA PHE B 199 65.42 51.19 14.13
C PHE B 199 64.93 50.93 12.71
N LEU B 200 63.68 51.27 12.39
CA LEU B 200 63.16 51.11 11.03
C LEU B 200 63.62 52.30 10.18
N SER B 201 64.89 52.23 9.78
CA SER B 201 65.51 53.25 8.93
C SER B 201 65.96 52.59 7.63
N THR B 202 65.24 52.88 6.56
CA THR B 202 65.56 52.28 5.26
C THR B 202 66.75 53.01 4.64
N PRO B 203 67.79 52.29 4.22
CA PRO B 203 68.90 52.94 3.52
C PRO B 203 68.42 53.54 2.19
N GLN B 204 69.13 54.59 1.77
CA GLN B 204 68.69 55.38 0.62
C GLN B 204 68.64 54.56 -0.67
N PHE B 205 69.66 53.74 -0.93
CA PHE B 205 69.70 52.99 -2.18
C PHE B 205 68.63 51.90 -2.21
N LEU B 206 68.38 51.26 -1.07
CA LEU B 206 67.34 50.25 -1.00
C LEU B 206 65.97 50.86 -1.32
N TYR B 207 65.70 52.06 -0.81
CA TYR B 207 64.47 52.74 -1.17
C TYR B 207 64.49 53.19 -2.63
N ARG B 208 65.66 53.52 -3.17
CA ARG B 208 65.76 53.89 -4.58
C ARG B 208 65.38 52.73 -5.47
N TRP B 209 65.77 51.51 -5.10
CA TRP B 209 65.44 50.33 -5.91
C TRP B 209 63.93 50.16 -6.04
N LEU B 210 63.25 49.92 -4.91
CA LEU B 210 61.80 49.68 -4.88
C LEU B 210 61.16 50.60 -3.85
N PRO B 211 60.89 51.85 -4.21
CA PRO B 211 60.23 52.76 -3.27
C PRO B 211 58.75 52.46 -3.13
N SER B 212 58.18 52.95 -2.05
CA SER B 212 56.74 52.85 -1.85
C SER B 212 56.00 53.69 -2.88
N ARG B 213 54.94 53.11 -3.45
CA ARG B 213 54.19 53.83 -4.48
C ARG B 213 53.12 54.70 -3.82
N ARG B 214 52.40 55.45 -4.65
CA ARG B 214 51.34 56.33 -4.17
C ARG B 214 50.14 56.21 -5.09
N HIS B 215 48.94 56.23 -4.50
CA HIS B 215 47.72 56.15 -5.28
C HIS B 215 47.55 57.40 -6.15
N ASN B 216 47.29 57.19 -7.43
CA ASN B 216 47.03 58.29 -8.34
C ASN B 216 45.59 58.73 -8.22
N TRP B 217 45.38 60.05 -8.29
CA TRP B 217 44.02 60.58 -8.26
C TRP B 217 43.24 60.22 -9.52
N GLY B 218 43.92 60.13 -10.65
CA GLY B 218 43.27 59.87 -11.91
C GLY B 218 42.54 61.10 -12.42
N GLN B 219 41.90 60.94 -13.57
CA GLN B 219 41.11 62.04 -14.13
C GLN B 219 39.83 62.20 -13.34
N GLY B 220 39.39 63.46 -13.22
CA GLY B 220 38.16 63.76 -12.52
C GLY B 220 37.31 64.73 -13.31
N PHE B 221 36.01 64.69 -13.02
CA PHE B 221 35.03 65.59 -13.63
C PHE B 221 34.34 66.38 -12.54
N ARG B 222 34.32 67.70 -12.69
CA ARG B 222 33.62 68.54 -11.73
C ARG B 222 32.13 68.27 -11.81
N LEU B 223 31.49 68.23 -10.64
CA LEU B 223 30.04 68.02 -10.59
C LEU B 223 29.32 69.17 -11.30
N GLY B 224 29.74 70.41 -11.04
CA GLY B 224 29.08 71.54 -11.66
C GLY B 224 27.68 71.73 -11.13
N ASP B 225 26.83 72.33 -11.97
CA ASP B 225 25.44 72.57 -11.61
C ASP B 225 24.52 72.39 -12.81
N MET C 1 31.18 -9.03 33.75
CA MET C 1 32.31 -9.55 33.01
C MET C 1 33.57 -9.54 33.88
N SER C 2 33.67 -8.55 34.77
CA SER C 2 34.80 -8.45 35.67
C SER C 2 34.60 -9.35 36.88
N ASP C 3 34.52 -10.66 36.65
CA ASP C 3 34.34 -11.63 37.72
C ASP C 3 35.65 -12.06 38.34
N ILE C 4 36.70 -11.24 38.26
CA ILE C 4 38.01 -11.65 38.75
C ILE C 4 37.97 -11.88 40.26
N GLY C 5 37.29 -11.00 40.99
CA GLY C 5 37.28 -11.04 42.44
C GLY C 5 36.78 -12.34 43.05
N ASP C 6 35.50 -12.64 42.86
CA ASP C 6 34.95 -13.89 43.40
C ASP C 6 35.60 -15.11 42.76
N TRP C 7 35.99 -15.01 41.48
CA TRP C 7 36.74 -16.10 40.86
C TRP C 7 37.96 -16.45 41.68
N PHE C 8 38.76 -15.44 42.05
CA PHE C 8 39.94 -15.69 42.87
C PHE C 8 39.55 -16.16 44.27
N ARG C 9 38.49 -15.57 44.84
CA ARG C 9 38.12 -15.86 46.22
C ARG C 9 37.30 -17.13 46.39
N SER C 10 37.12 -17.92 45.32
CA SER C 10 36.35 -19.16 45.44
C SER C 10 37.06 -20.25 46.23
N ILE C 11 38.34 -20.07 46.57
CA ILE C 11 39.11 -21.15 47.21
C ILE C 11 38.65 -21.32 48.66
N PRO C 12 38.50 -22.56 49.15
CA PRO C 12 38.23 -22.76 50.57
C PRO C 12 39.44 -22.41 51.43
N ALA C 13 39.18 -22.26 52.74
CA ALA C 13 40.22 -21.78 53.64
C ALA C 13 41.40 -22.76 53.71
N ILE C 14 41.13 -24.06 53.80
CA ILE C 14 42.21 -25.04 53.87
C ILE C 14 43.00 -25.07 52.58
N THR C 15 42.30 -25.06 51.44
CA THR C 15 42.99 -25.00 50.15
C THR C 15 43.77 -23.69 50.02
N ARG C 16 43.23 -22.60 50.58
CA ARG C 16 43.95 -21.33 50.56
C ARG C 16 45.25 -21.41 51.37
N TYR C 17 45.21 -22.06 52.53
CA TYR C 17 46.43 -22.22 53.33
C TYR C 17 47.44 -23.09 52.62
N TRP C 18 46.97 -24.17 51.98
CA TRP C 18 47.86 -25.03 51.20
C TRP C 18 48.51 -24.25 50.06
N PHE C 19 47.71 -23.46 49.34
CA PHE C 19 48.24 -22.65 48.25
C PHE C 19 49.24 -21.62 48.75
N ALA C 20 48.95 -20.99 49.90
CA ALA C 20 49.87 -20.02 50.46
C ALA C 20 51.20 -20.66 50.82
N ALA C 21 51.16 -21.85 51.42
CA ALA C 21 52.40 -22.55 51.75
C ALA C 21 53.19 -22.91 50.50
N THR C 22 52.49 -23.46 49.49
CA THR C 22 53.19 -23.92 48.29
C THR C 22 53.68 -22.76 47.43
N VAL C 23 53.14 -21.56 47.60
CA VAL C 23 53.67 -20.41 46.88
C VAL C 23 54.74 -19.67 47.70
N ALA C 24 54.72 -19.80 49.03
CA ALA C 24 55.76 -19.23 49.85
C ALA C 24 57.03 -20.08 49.86
N VAL C 25 56.91 -21.38 49.54
CA VAL C 25 58.11 -22.22 49.47
C VAL C 25 59.13 -21.70 48.45
N PRO C 26 58.74 -21.33 47.22
CA PRO C 26 59.74 -20.75 46.31
C PRO C 26 60.37 -19.48 46.83
N LEU C 27 59.65 -18.71 47.67
CA LEU C 27 60.24 -17.51 48.26
C LEU C 27 61.43 -17.86 49.13
N VAL C 28 61.28 -18.89 49.99
CA VAL C 28 62.39 -19.31 50.83
C VAL C 28 63.49 -19.94 49.97
N GLY C 29 63.11 -20.67 48.92
CA GLY C 29 64.10 -21.27 48.05
C GLY C 29 64.98 -20.25 47.36
N LYS C 30 64.39 -19.16 46.89
CA LYS C 30 65.13 -18.09 46.22
C LYS C 30 65.62 -17.02 47.19
N LEU C 31 65.32 -17.14 48.49
CA LEU C 31 65.76 -16.14 49.45
C LEU C 31 67.28 -16.01 49.48
N GLY C 32 68.00 -17.11 49.33
CA GLY C 32 69.45 -17.10 49.36
C GLY C 32 70.06 -17.61 50.65
N LEU C 33 69.28 -17.68 51.73
CA LEU C 33 69.78 -18.28 52.96
C LEU C 33 70.14 -19.75 52.75
N ILE C 34 69.30 -20.48 52.04
CA ILE C 34 69.58 -21.85 51.64
C ILE C 34 70.13 -21.82 50.22
N SER C 35 71.19 -22.58 49.99
CA SER C 35 71.84 -22.57 48.69
C SER C 35 70.88 -23.06 47.62
N PRO C 36 70.79 -22.38 46.46
CA PRO C 36 69.91 -22.88 45.40
C PRO C 36 70.30 -24.27 44.91
N ALA C 37 71.60 -24.59 44.93
CA ALA C 37 72.05 -25.92 44.52
C ALA C 37 71.47 -27.01 45.39
N TYR C 38 71.05 -26.69 46.61
CA TYR C 38 70.40 -27.68 47.46
C TYR C 38 69.09 -28.17 46.88
N LEU C 39 68.40 -27.34 46.08
CA LEU C 39 67.12 -27.70 45.46
C LEU C 39 67.22 -27.40 43.96
N PHE C 40 67.74 -28.37 43.21
CA PHE C 40 67.72 -28.30 41.76
C PHE C 40 67.50 -29.67 41.12
N LEU C 41 66.85 -30.59 41.83
CA LEU C 41 66.61 -31.94 41.33
C LEU C 41 67.93 -32.61 40.93
N TRP C 42 68.76 -32.84 41.94
CA TRP C 42 70.06 -33.47 41.75
C TRP C 42 70.01 -34.91 42.25
N PRO C 43 69.66 -35.87 41.38
CA PRO C 43 69.46 -37.24 41.87
C PRO C 43 70.74 -38.04 42.02
N GLU C 44 71.89 -37.52 41.57
CA GLU C 44 73.15 -38.22 41.83
C GLU C 44 73.44 -38.30 43.31
N ALA C 45 73.19 -37.21 44.03
CA ALA C 45 73.31 -37.23 45.49
C ALA C 45 72.29 -38.17 46.11
N PHE C 46 71.06 -38.19 45.56
CA PHE C 46 70.05 -39.11 46.05
C PHE C 46 70.47 -40.56 45.83
N LEU C 47 71.29 -40.81 44.81
CA LEU C 47 71.78 -42.15 44.50
C LEU C 47 72.91 -42.55 45.45
N TYR C 48 73.97 -41.74 45.50
CA TYR C 48 75.13 -42.10 46.31
C TYR C 48 74.85 -41.92 47.80
N ARG C 49 74.21 -40.82 48.18
CA ARG C 49 74.00 -40.49 49.59
C ARG C 49 72.52 -40.53 49.92
N PHE C 50 72.22 -40.66 51.22
CA PHE C 50 70.83 -40.58 51.66
C PHE C 50 70.25 -39.20 51.39
N GLN C 51 71.02 -38.14 51.67
CA GLN C 51 70.64 -36.76 51.37
C GLN C 51 69.30 -36.41 52.02
N ILE C 52 69.31 -36.42 53.35
CA ILE C 52 68.11 -36.18 54.15
C ILE C 52 67.76 -34.70 54.15
N TRP C 53 68.59 -33.88 53.48
CA TRP C 53 68.31 -32.45 53.42
C TRP C 53 67.12 -32.14 52.54
N ARG C 54 66.74 -33.05 51.65
CA ARG C 54 65.65 -32.85 50.69
C ARG C 54 64.67 -34.02 50.74
N PRO C 55 63.97 -34.21 51.86
CA PRO C 55 63.01 -35.33 51.94
C PRO C 55 61.85 -35.16 50.98
N ILE C 56 61.13 -34.04 51.08
CA ILE C 56 60.00 -33.75 50.21
C ILE C 56 60.12 -32.32 49.70
N THR C 57 61.04 -31.56 50.29
CA THR C 57 61.18 -30.15 49.94
C THR C 57 61.76 -29.92 48.55
N ALA C 58 62.25 -30.97 47.89
CA ALA C 58 62.93 -30.85 46.61
C ALA C 58 61.97 -30.89 45.42
N THR C 59 60.68 -30.66 45.63
CA THR C 59 59.70 -30.63 44.55
C THR C 59 58.76 -29.45 44.62
N PHE C 60 59.11 -28.41 45.38
CA PHE C 60 58.19 -27.28 45.56
C PHE C 60 58.89 -25.96 45.24
N TYR C 61 60.22 -25.98 45.17
CA TYR C 61 60.98 -24.79 44.80
C TYR C 61 60.80 -24.48 43.32
N PHE C 62 60.63 -23.20 42.99
CA PHE C 62 60.50 -22.78 41.60
C PHE C 62 61.07 -21.38 41.35
N PRO C 63 61.94 -21.23 40.35
CA PRO C 63 62.47 -19.92 39.92
C PRO C 63 61.53 -19.18 38.99
N VAL C 64 60.59 -18.43 39.58
CA VAL C 64 59.61 -17.71 38.79
C VAL C 64 60.29 -16.67 37.89
N GLY C 65 59.84 -16.59 36.65
CA GLY C 65 60.38 -15.65 35.69
C GLY C 65 59.31 -15.01 34.84
N PRO C 66 59.46 -13.71 34.58
CA PRO C 66 58.44 -13.00 33.78
C PRO C 66 58.28 -13.56 32.37
N GLY C 67 59.35 -14.03 31.74
CA GLY C 67 59.26 -14.46 30.35
C GLY C 67 58.66 -15.83 30.12
N THR C 68 58.56 -16.65 31.16
CA THR C 68 58.05 -18.00 31.05
C THR C 68 56.68 -18.17 31.73
N GLY C 69 55.89 -17.10 31.78
CA GLY C 69 54.65 -17.11 32.52
C GLY C 69 53.47 -17.75 31.83
N PHE C 70 53.57 -18.08 30.54
CA PHE C 70 52.41 -18.63 29.83
C PHE C 70 51.99 -19.97 30.42
N LEU C 71 52.86 -20.98 30.31
CA LEU C 71 52.52 -22.32 30.78
C LEU C 71 52.38 -22.35 32.30
N TYR C 72 53.25 -21.65 33.02
CA TYR C 72 53.15 -21.62 34.47
C TYR C 72 51.81 -21.03 34.91
N LEU C 73 51.39 -19.93 34.31
CA LEU C 73 50.14 -19.29 34.68
C LEU C 73 48.95 -20.15 34.32
N VAL C 74 48.95 -20.77 33.13
CA VAL C 74 47.80 -21.58 32.75
C VAL C 74 47.72 -22.83 33.61
N ASN C 75 48.86 -23.42 33.96
CA ASN C 75 48.85 -24.58 34.85
C ASN C 75 48.37 -24.19 36.25
N LEU C 76 48.80 -23.04 36.75
CA LEU C 76 48.32 -22.58 38.05
C LEU C 76 46.83 -22.35 38.01
N TYR C 77 46.31 -21.79 36.90
CA TYR C 77 44.88 -21.54 36.80
C TYR C 77 44.09 -22.84 36.74
N PHE C 78 44.60 -23.85 36.02
CA PHE C 78 43.90 -25.13 35.98
C PHE C 78 43.93 -25.82 37.32
N LEU C 79 45.07 -25.77 38.01
CA LEU C 79 45.14 -26.29 39.37
C LEU C 79 44.14 -25.55 40.27
N TYR C 80 44.07 -24.23 40.10
CA TYR C 80 43.08 -23.43 40.79
C TYR C 80 41.68 -23.95 40.53
N GLN C 81 41.34 -24.14 39.25
CA GLN C 81 39.98 -24.49 38.86
C GLN C 81 39.61 -25.88 39.37
N TYR C 82 40.58 -26.78 39.44
CA TYR C 82 40.30 -28.18 39.71
C TYR C 82 40.57 -28.58 41.16
N SER C 83 41.18 -27.70 41.96
CA SER C 83 41.39 -28.01 43.37
C SER C 83 40.06 -28.17 44.11
N THR C 84 39.11 -27.26 43.85
CA THR C 84 37.81 -27.36 44.50
C THR C 84 37.05 -28.59 44.02
N ARG C 85 37.22 -28.97 42.75
CA ARG C 85 36.61 -30.21 42.27
C ARG C 85 37.23 -31.42 42.95
N LEU C 86 38.52 -31.34 43.26
CA LEU C 86 39.15 -32.34 44.12
C LEU C 86 38.59 -32.32 45.54
N GLU C 87 38.16 -31.14 46.00
CA GLU C 87 37.67 -31.04 47.38
C GLU C 87 36.42 -31.88 47.58
N THR C 88 35.51 -31.89 46.61
CA THR C 88 34.28 -32.66 46.69
C THR C 88 34.43 -34.09 46.18
N GLY C 89 35.57 -34.44 45.61
CA GLY C 89 35.79 -35.77 45.07
C GLY C 89 36.27 -36.76 46.11
N ALA C 90 35.94 -36.50 47.37
CA ALA C 90 36.28 -37.34 48.51
C ALA C 90 37.78 -37.49 48.72
N PHE C 91 38.60 -36.63 48.10
CA PHE C 91 40.04 -36.65 48.27
C PHE C 91 40.54 -35.51 49.15
N ASP C 92 39.66 -34.63 49.61
CA ASP C 92 40.05 -33.67 50.64
C ASP C 92 40.50 -34.40 51.89
N GLY C 93 39.68 -35.34 52.36
CA GLY C 93 40.15 -36.31 53.33
C GLY C 93 40.90 -37.44 52.67
N ARG C 94 41.56 -38.24 53.51
CA ARG C 94 42.46 -39.32 53.13
C ARG C 94 43.24 -39.02 51.85
N PRO C 95 44.12 -38.01 51.86
CA PRO C 95 45.00 -37.80 50.70
C PRO C 95 46.14 -38.81 50.71
N ALA C 96 45.98 -39.88 51.50
CA ALA C 96 46.98 -40.94 51.52
C ALA C 96 47.16 -41.55 50.13
N ASP C 97 46.06 -41.76 49.41
CA ASP C 97 46.18 -42.11 48.00
C ASP C 97 46.84 -40.97 47.21
N TYR C 98 46.41 -39.73 47.49
CA TYR C 98 47.01 -38.58 46.83
C TYR C 98 48.49 -38.45 47.17
N LEU C 99 48.85 -38.64 48.44
CA LEU C 99 50.27 -38.53 48.80
C LEU C 99 51.08 -39.70 48.23
N PHE C 100 50.49 -40.89 48.15
CA PHE C 100 51.21 -42.03 47.58
C PHE C 100 51.45 -41.84 46.08
N MET C 101 50.44 -41.35 45.36
CA MET C 101 50.66 -41.04 43.95
C MET C 101 51.65 -39.88 43.79
N LEU C 102 51.63 -38.93 44.73
CA LEU C 102 52.62 -37.86 44.73
C LEU C 102 54.02 -38.42 44.87
N LEU C 103 54.22 -39.37 45.77
CA LEU C 103 55.54 -39.97 45.96
C LEU C 103 55.97 -40.78 44.74
N PHE C 104 55.05 -41.51 44.13
CA PHE C 104 55.41 -42.31 42.96
C PHE C 104 55.78 -41.42 41.78
N ASN C 105 55.00 -40.35 41.56
CA ASN C 105 55.38 -39.37 40.55
C ASN C 105 56.69 -38.70 40.91
N TRP C 106 56.94 -38.50 42.21
CA TRP C 106 58.21 -37.92 42.64
C TRP C 106 59.38 -38.80 42.24
N ILE C 107 59.26 -40.11 42.45
CA ILE C 107 60.38 -40.99 42.12
C ILE C 107 60.56 -41.10 40.61
N CYS C 108 59.46 -41.16 39.85
CA CYS C 108 59.63 -41.24 38.39
C CYS C 108 60.21 -39.94 37.84
N ILE C 109 59.81 -38.80 38.40
CA ILE C 109 60.33 -37.51 37.95
C ILE C 109 61.79 -37.32 38.36
N VAL C 110 62.18 -37.82 39.54
CA VAL C 110 63.59 -37.69 39.92
C VAL C 110 64.44 -38.62 39.07
N ILE C 111 63.89 -39.76 38.65
CA ILE C 111 64.57 -40.58 37.64
C ILE C 111 64.71 -39.77 36.34
N THR C 112 63.66 -39.08 35.94
CA THR C 112 63.71 -38.25 34.74
C THR C 112 64.79 -37.19 34.85
N GLY C 113 64.86 -36.51 35.99
CA GLY C 113 65.88 -35.50 36.24
C GLY C 113 67.29 -36.04 36.38
N LEU C 114 67.42 -37.31 36.76
CA LEU C 114 68.71 -37.98 36.65
C LEU C 114 69.08 -38.20 35.19
N ALA C 115 68.09 -38.56 34.37
CA ALA C 115 68.34 -38.74 32.94
C ALA C 115 68.38 -37.39 32.22
N MET C 116 67.30 -36.62 32.31
CA MET C 116 67.18 -35.34 31.60
C MET C 116 67.74 -34.23 32.49
N ASP C 117 67.48 -32.97 32.14
CA ASP C 117 68.06 -31.80 32.80
C ASP C 117 66.96 -30.87 33.30
N MET C 118 65.98 -31.43 34.00
CA MET C 118 64.89 -30.62 34.55
C MET C 118 65.25 -30.07 35.92
N GLN C 119 64.74 -28.87 36.21
CA GLN C 119 64.93 -28.23 37.50
C GLN C 119 63.66 -27.64 38.10
N LEU C 120 62.66 -27.29 37.29
CA LEU C 120 61.43 -26.68 37.79
C LEU C 120 60.39 -27.79 37.97
N LEU C 121 60.11 -28.12 39.23
CA LEU C 121 59.16 -29.20 39.55
C LEU C 121 57.76 -28.68 39.84
N MET C 122 57.22 -27.83 38.96
CA MET C 122 55.86 -27.35 39.10
C MET C 122 54.92 -27.96 38.08
N ILE C 123 55.26 -27.82 36.79
CA ILE C 123 54.34 -28.26 35.74
C ILE C 123 54.03 -29.75 35.81
N PRO C 124 55.01 -30.65 35.91
CA PRO C 124 54.66 -32.09 35.80
C PRO C 124 53.78 -32.60 36.92
N LEU C 125 54.08 -32.26 38.18
CA LEU C 125 53.27 -32.73 39.30
C LEU C 125 51.84 -32.22 39.17
N ILE C 126 51.67 -30.95 38.88
CA ILE C 126 50.34 -30.37 38.78
C ILE C 126 49.57 -30.99 37.62
N MET C 127 50.23 -31.16 36.47
CA MET C 127 49.51 -31.74 35.35
C MET C 127 49.14 -33.19 35.62
N SER C 128 50.00 -33.93 36.33
CA SER C 128 49.68 -35.32 36.65
C SER C 128 48.50 -35.41 37.61
N VAL C 129 48.48 -34.57 38.65
CA VAL C 129 47.39 -34.64 39.61
C VAL C 129 46.08 -34.17 38.98
N LEU C 130 46.13 -33.17 38.10
CA LEU C 130 44.91 -32.79 37.40
C LEU C 130 44.50 -33.85 36.38
N TYR C 131 45.47 -34.58 35.83
CA TYR C 131 45.14 -35.67 34.92
C TYR C 131 44.40 -36.77 35.65
N VAL C 132 44.86 -37.13 36.85
CA VAL C 132 44.12 -38.13 37.60
C VAL C 132 42.78 -37.57 38.08
N TRP C 133 42.71 -36.26 38.32
CA TRP C 133 41.44 -35.63 38.63
C TRP C 133 40.44 -35.82 37.50
N ALA C 134 40.86 -35.52 36.28
CA ALA C 134 39.98 -35.65 35.12
C ALA C 134 39.67 -37.10 34.82
N GLN C 135 40.62 -38.00 35.09
CA GLN C 135 40.41 -39.41 34.82
C GLN C 135 39.46 -40.00 35.86
N LEU C 136 39.35 -39.34 37.02
CA LEU C 136 38.27 -39.59 37.96
C LEU C 136 36.98 -38.87 37.59
N ASN C 137 37.04 -37.91 36.68
CA ASN C 137 35.89 -37.11 36.26
C ASN C 137 35.73 -37.19 34.75
N ARG C 138 35.70 -38.40 34.23
CA ARG C 138 35.68 -38.65 32.79
C ARG C 138 34.53 -37.91 32.13
N ASP C 139 34.65 -37.75 30.81
CA ASP C 139 33.65 -37.08 29.97
C ASP C 139 33.40 -35.65 30.46
N MET C 140 34.46 -34.85 30.37
CA MET C 140 34.45 -33.47 30.82
C MET C 140 34.27 -32.53 29.63
N ILE C 141 33.42 -31.53 29.82
CA ILE C 141 33.24 -30.44 28.87
C ILE C 141 33.47 -29.13 29.61
N VAL C 142 34.28 -28.25 29.02
CA VAL C 142 34.72 -27.04 29.69
C VAL C 142 34.05 -25.84 29.02
N SER C 143 33.52 -24.93 29.85
CA SER C 143 32.84 -23.73 29.37
C SER C 143 33.68 -22.52 29.76
N PHE C 144 34.64 -22.19 28.91
CA PHE C 144 35.49 -21.03 29.13
C PHE C 144 34.89 -19.81 28.41
N TRP C 145 35.68 -18.75 28.28
CA TRP C 145 35.26 -17.53 27.61
C TRP C 145 34.52 -17.79 26.30
N PHE C 146 35.04 -18.68 25.48
CA PHE C 146 34.44 -19.01 24.19
C PHE C 146 34.36 -20.51 23.98
N GLY C 147 33.82 -21.22 24.98
CA GLY C 147 33.58 -22.63 24.76
C GLY C 147 32.23 -22.79 24.08
N THR C 148 32.26 -22.88 22.76
CA THR C 148 31.03 -22.85 21.96
C THR C 148 30.87 -24.08 21.07
N ARG C 149 31.91 -24.46 20.33
CA ARG C 149 31.80 -25.49 19.30
C ARG C 149 32.98 -26.45 19.37
N PHE C 150 33.24 -26.99 20.56
CA PHE C 150 34.26 -28.01 20.72
C PHE C 150 33.83 -29.32 20.05
N LYS C 151 34.79 -30.24 19.95
CA LYS C 151 34.56 -31.55 19.37
C LYS C 151 34.33 -32.58 20.47
N ALA C 152 33.69 -33.69 20.09
CA ALA C 152 33.32 -34.72 21.04
C ALA C 152 34.53 -35.58 21.41
N CYS C 153 34.47 -36.12 22.64
CA CYS C 153 35.36 -37.20 23.10
C CYS C 153 36.84 -36.83 22.98
N TYR C 154 37.17 -35.54 23.03
CA TYR C 154 38.54 -35.09 22.88
C TYR C 154 39.02 -34.11 23.94
N LEU C 155 38.15 -33.61 24.82
CA LEU C 155 38.50 -32.49 25.69
C LEU C 155 39.73 -32.73 26.56
N PRO C 156 39.84 -33.81 27.33
CA PRO C 156 40.94 -33.89 28.31
C PRO C 156 42.32 -33.94 27.69
N TRP C 157 42.53 -34.80 26.70
CA TRP C 157 43.85 -34.86 26.08
C TRP C 157 44.11 -33.68 25.15
N VAL C 158 43.07 -33.04 24.61
CA VAL C 158 43.27 -31.79 23.89
C VAL C 158 43.84 -30.73 24.83
N ILE C 159 43.26 -30.62 26.03
CA ILE C 159 43.81 -29.68 27.01
C ILE C 159 45.20 -30.11 27.45
N LEU C 160 45.42 -31.43 27.56
CA LEU C 160 46.72 -31.93 27.98
C LEU C 160 47.82 -31.57 26.98
N GLY C 161 47.57 -31.79 25.69
CA GLY C 161 48.55 -31.42 24.67
C GLY C 161 48.55 -29.94 24.38
N PHE C 162 47.56 -29.21 24.89
CA PHE C 162 47.51 -27.76 24.70
C PHE C 162 48.66 -27.05 25.39
N ASN C 163 49.35 -27.73 26.32
CA ASN C 163 50.44 -27.15 27.09
C ASN C 163 51.81 -27.43 26.50
N TYR C 164 51.91 -27.61 25.19
CA TYR C 164 53.18 -27.97 24.55
C TYR C 164 53.56 -27.09 23.37
N ILE C 165 52.62 -26.31 22.79
CA ILE C 165 52.91 -25.56 21.59
C ILE C 165 54.07 -24.58 21.82
N ILE C 166 54.06 -23.89 22.95
CA ILE C 166 55.14 -22.98 23.31
C ILE C 166 56.05 -23.70 24.31
N GLY C 167 57.34 -23.80 23.97
CA GLY C 167 58.29 -24.46 24.85
C GLY C 167 58.74 -25.81 24.34
N GLY C 168 58.44 -26.85 25.09
CA GLY C 168 58.81 -28.19 24.72
C GLY C 168 58.90 -29.09 25.95
N SER C 169 59.95 -29.91 25.99
CA SER C 169 60.20 -30.83 27.10
C SER C 169 59.01 -31.77 27.32
N VAL C 170 58.52 -32.37 26.24
CA VAL C 170 57.34 -33.22 26.29
C VAL C 170 57.59 -34.50 27.10
N ILE C 171 58.85 -34.84 27.37
CA ILE C 171 59.15 -36.07 28.09
C ILE C 171 58.56 -36.02 29.50
N ASN C 172 58.63 -34.86 30.15
CA ASN C 172 58.07 -34.74 31.49
C ASN C 172 56.55 -34.86 31.48
N GLU C 173 55.90 -34.23 30.50
CA GLU C 173 54.45 -34.36 30.39
C GLU C 173 54.05 -35.81 30.16
N LEU C 174 54.78 -36.52 29.29
CA LEU C 174 54.40 -37.90 29.00
C LEU C 174 54.65 -38.80 30.20
N ILE C 175 55.73 -38.58 30.94
CA ILE C 175 55.94 -39.42 32.12
C ILE C 175 54.94 -39.10 33.22
N GLY C 176 54.51 -37.84 33.33
CA GLY C 176 53.45 -37.51 34.28
C GLY C 176 52.13 -38.16 33.92
N ASN C 177 51.76 -38.11 32.63
CA ASN C 177 50.57 -38.81 32.19
C ASN C 177 50.71 -40.30 32.41
N LEU C 178 51.91 -40.84 32.19
CA LEU C 178 52.15 -42.27 32.37
C LEU C 178 51.92 -42.68 33.83
N VAL C 179 52.50 -41.93 34.76
CA VAL C 179 52.35 -42.29 36.16
C VAL C 179 50.90 -42.12 36.61
N GLY C 180 50.22 -41.07 36.13
CA GLY C 180 48.82 -40.90 36.48
C GLY C 180 47.94 -42.03 35.97
N HIS C 181 48.10 -42.38 34.70
CA HIS C 181 47.30 -43.47 34.14
C HIS C 181 47.63 -44.80 34.80
N LEU C 182 48.90 -45.04 35.11
CA LEU C 182 49.28 -46.28 35.77
C LEU C 182 48.66 -46.36 37.16
N TYR C 183 48.68 -45.25 37.91
CA TYR C 183 48.06 -45.25 39.24
C TYR C 183 46.56 -45.52 39.14
N PHE C 184 45.89 -44.89 38.17
CA PHE C 184 44.48 -45.22 37.96
C PHE C 184 44.30 -46.66 37.50
N PHE C 185 45.35 -47.23 36.91
CA PHE C 185 45.33 -48.60 36.40
C PHE C 185 45.70 -49.61 37.46
N LEU C 186 46.14 -49.18 38.64
CA LEU C 186 46.57 -50.09 39.68
C LEU C 186 45.47 -50.48 40.66
N MET C 187 44.88 -49.52 41.39
CA MET C 187 43.84 -49.87 42.36
C MET C 187 42.49 -49.23 42.03
N PHE C 188 42.33 -48.70 40.82
CA PHE C 188 41.08 -48.01 40.49
C PHE C 188 40.31 -48.66 39.34
N ARG C 189 41.00 -49.12 38.30
CA ARG C 189 40.35 -49.88 37.24
C ARG C 189 40.63 -51.38 37.31
N TYR C 190 41.87 -51.74 37.60
CA TYR C 190 42.24 -53.15 37.71
C TYR C 190 41.39 -53.93 38.71
N PRO C 191 41.03 -53.42 39.89
CA PRO C 191 40.21 -54.22 40.81
C PRO C 191 38.86 -54.64 40.24
N MET C 192 38.22 -53.84 39.39
CA MET C 192 36.91 -54.20 38.86
C MET C 192 36.90 -54.48 37.36
N ASP C 193 38.02 -54.29 36.66
CA ASP C 193 38.08 -54.58 35.23
C ASP C 193 38.77 -55.92 34.95
N LEU C 194 39.92 -56.16 35.58
CA LEU C 194 40.68 -57.38 35.35
C LEU C 194 40.92 -58.17 36.64
N GLY C 195 40.10 -57.95 37.67
CA GLY C 195 40.20 -58.72 38.89
C GLY C 195 41.42 -58.44 39.73
N GLY C 196 41.51 -57.24 40.31
CA GLY C 196 42.65 -56.89 41.12
C GLY C 196 42.72 -57.65 42.43
N ARG C 197 43.92 -57.71 42.99
CA ARG C 197 44.16 -58.38 44.26
C ARG C 197 43.86 -57.43 45.41
N ASN C 198 44.27 -57.83 46.62
CA ASN C 198 44.02 -57.06 47.84
C ASN C 198 45.30 -56.43 48.38
N PHE C 199 46.15 -55.92 47.48
CA PHE C 199 47.37 -55.24 47.89
C PHE C 199 47.11 -53.88 48.53
N LEU C 200 45.85 -53.48 48.68
CA LEU C 200 45.55 -52.17 49.26
C LEU C 200 45.70 -52.17 50.77
N SER C 201 46.92 -52.44 51.25
CA SER C 201 47.22 -52.34 52.68
C SER C 201 47.86 -50.97 52.96
N THR C 202 47.09 -49.93 52.69
CA THR C 202 47.54 -48.57 52.84
C THR C 202 47.57 -48.17 54.32
N PRO C 203 48.40 -47.18 54.69
CA PRO C 203 48.40 -46.69 56.07
C PRO C 203 47.06 -46.08 56.44
N GLN C 204 46.33 -46.73 57.34
CA GLN C 204 44.95 -46.36 57.63
C GLN C 204 44.81 -45.34 58.75
N PHE C 205 45.85 -45.13 59.56
CA PHE C 205 45.73 -44.20 60.68
C PHE C 205 45.48 -42.78 60.20
N LEU C 206 45.87 -42.46 58.96
CA LEU C 206 45.65 -41.11 58.44
C LEU C 206 44.17 -40.79 58.32
N TYR C 207 43.37 -41.74 57.84
CA TYR C 207 41.95 -41.52 57.64
C TYR C 207 41.08 -42.28 58.64
N ARG C 208 41.68 -42.85 59.68
CA ARG C 208 40.90 -43.54 60.70
C ARG C 208 40.00 -42.59 61.48
N TRP C 209 40.35 -41.30 61.55
CA TRP C 209 39.62 -40.35 62.36
C TRP C 209 39.31 -39.04 61.63
N LEU C 210 39.46 -38.97 60.32
CA LEU C 210 39.24 -37.71 59.61
C LEU C 210 37.76 -37.41 59.41
N PRO C 211 36.97 -38.30 58.78
CA PRO C 211 35.57 -37.93 58.49
C PRO C 211 34.67 -38.13 59.70
N SER C 212 33.93 -37.06 60.05
CA SER C 212 32.95 -37.16 61.14
C SER C 212 31.62 -37.71 60.61
N ARG C 213 30.94 -36.94 59.77
CA ARG C 213 29.76 -37.35 59.03
C ARG C 213 28.79 -38.17 59.87
N ARG C 214 28.25 -37.55 60.92
CA ARG C 214 27.25 -38.19 61.76
C ARG C 214 26.01 -37.31 61.86
N HIS C 215 24.85 -37.95 61.96
CA HIS C 215 23.57 -37.23 61.89
C HIS C 215 23.19 -36.61 63.23
N ASN C 216 23.04 -37.44 64.25
CA ASN C 216 22.83 -37.08 65.66
C ASN C 216 21.42 -36.53 65.88
N TRP C 217 20.57 -36.50 64.86
CA TRP C 217 19.16 -36.15 64.93
C TRP C 217 18.91 -34.67 65.22
N GLY C 218 19.95 -33.89 65.49
CA GLY C 218 19.76 -32.48 65.77
C GLY C 218 18.90 -32.25 67.01
N GLN C 219 18.10 -31.18 66.92
CA GLN C 219 17.22 -30.80 68.02
C GLN C 219 15.95 -31.64 68.02
N GLY C 220 15.53 -32.06 69.21
CA GLY C 220 14.34 -32.88 69.35
C GLY C 220 13.18 -32.10 69.95
N PHE C 221 12.00 -32.26 69.37
CA PHE C 221 10.79 -31.61 69.83
C PHE C 221 9.80 -32.67 70.31
N ARG C 222 9.27 -32.49 71.51
CA ARG C 222 8.22 -33.38 71.98
C ARG C 222 6.91 -33.00 71.31
N LEU C 223 6.25 -33.98 70.69
CA LEU C 223 5.04 -33.71 69.93
C LEU C 223 3.94 -33.16 70.83
N GLY C 224 3.76 -33.77 72.00
CA GLY C 224 2.78 -33.29 72.94
C GLY C 224 1.36 -33.51 72.48
N ASP C 225 0.43 -32.91 73.21
CA ASP C 225 -0.99 -33.02 72.90
C ASP C 225 -1.66 -31.65 72.88
N MET D 1 45.03 -3.53 -28.92
CA MET D 1 45.17 -4.97 -29.11
C MET D 1 45.95 -5.28 -30.40
N SER D 2 45.83 -6.52 -30.89
CA SER D 2 46.63 -6.97 -32.02
C SER D 2 45.98 -6.56 -33.35
N ASP D 3 45.67 -5.27 -33.45
CA ASP D 3 45.17 -4.69 -34.68
C ASP D 3 46.29 -4.06 -35.52
N ILE D 4 47.53 -4.16 -35.06
CA ILE D 4 48.66 -3.59 -35.78
C ILE D 4 48.88 -4.32 -37.09
N GLY D 5 48.45 -5.58 -37.17
CA GLY D 5 48.68 -6.36 -38.38
C GLY D 5 48.00 -5.78 -39.60
N ASP D 6 46.71 -5.41 -39.45
CA ASP D 6 46.00 -4.77 -40.55
C ASP D 6 46.64 -3.45 -40.92
N TRP D 7 47.07 -2.67 -39.92
CA TRP D 7 47.72 -1.40 -40.18
C TRP D 7 48.99 -1.59 -41.00
N PHE D 8 49.79 -2.60 -40.67
CA PHE D 8 51.04 -2.85 -41.40
C PHE D 8 50.75 -3.37 -42.80
N ARG D 9 49.80 -4.30 -42.93
CA ARG D 9 49.52 -4.89 -44.22
C ARG D 9 48.95 -3.87 -45.19
N SER D 10 48.11 -2.96 -44.70
CA SER D 10 47.47 -1.98 -45.57
C SER D 10 48.46 -1.00 -46.18
N ILE D 11 49.67 -0.88 -45.63
CA ILE D 11 50.62 0.13 -46.09
C ILE D 11 51.18 -0.28 -47.44
N PRO D 12 51.33 0.65 -48.40
CA PRO D 12 51.98 0.29 -49.68
C PRO D 12 53.45 -0.09 -49.52
N ALA D 13 54.09 -0.46 -50.63
CA ALA D 13 55.42 -1.05 -50.55
C ALA D 13 56.47 -0.05 -50.08
N ILE D 14 56.51 1.14 -50.68
CA ILE D 14 57.57 2.10 -50.38
C ILE D 14 57.46 2.58 -48.94
N THR D 15 56.25 2.97 -48.53
CA THR D 15 56.05 3.47 -47.17
C THR D 15 56.27 2.37 -46.14
N ARG D 16 55.85 1.14 -46.45
CA ARG D 16 56.08 0.05 -45.51
C ARG D 16 57.55 -0.28 -45.39
N TYR D 17 58.32 -0.17 -46.48
CA TYR D 17 59.76 -0.33 -46.38
C TYR D 17 60.38 0.76 -45.51
N TRP D 18 59.96 2.01 -45.74
CA TRP D 18 60.46 3.13 -44.94
C TRP D 18 60.22 2.89 -43.45
N PHE D 19 58.98 2.59 -43.08
CA PHE D 19 58.67 2.40 -41.67
C PHE D 19 59.28 1.11 -41.12
N ALA D 20 59.38 0.07 -41.94
CA ALA D 20 60.00 -1.17 -41.49
C ALA D 20 61.45 -0.94 -41.11
N ALA D 21 62.19 -0.22 -41.96
CA ALA D 21 63.56 0.13 -41.59
C ALA D 21 63.56 1.01 -40.35
N THR D 22 62.72 2.05 -40.32
CA THR D 22 62.72 3.01 -39.22
C THR D 22 62.48 2.32 -37.88
N VAL D 23 61.64 1.30 -37.87
CA VAL D 23 61.32 0.62 -36.61
C VAL D 23 62.24 -0.58 -36.35
N ALA D 24 62.82 -1.17 -37.40
CA ALA D 24 63.57 -2.41 -37.26
C ALA D 24 65.08 -2.18 -37.24
N VAL D 25 65.54 -0.94 -37.20
CA VAL D 25 66.97 -0.72 -36.96
C VAL D 25 67.48 -1.40 -35.70
N PRO D 26 66.77 -1.42 -34.55
CA PRO D 26 67.39 -2.07 -33.38
C PRO D 26 67.42 -3.58 -33.49
N LEU D 27 66.35 -4.21 -33.98
CA LEU D 27 66.36 -5.66 -34.14
C LEU D 27 67.39 -6.10 -35.16
N VAL D 28 67.60 -5.30 -36.20
CA VAL D 28 68.67 -5.57 -37.16
C VAL D 28 70.03 -5.45 -36.48
N GLY D 29 70.23 -4.38 -35.70
CA GLY D 29 71.48 -4.18 -34.99
C GLY D 29 71.76 -5.25 -33.95
N LYS D 30 70.72 -5.97 -33.51
CA LYS D 30 70.89 -7.09 -32.60
C LYS D 30 71.16 -8.40 -33.33
N LEU D 31 71.79 -8.33 -34.51
CA LEU D 31 72.15 -9.53 -35.24
C LEU D 31 73.08 -10.44 -34.45
N GLY D 32 73.87 -9.85 -33.54
CA GLY D 32 74.80 -10.59 -32.72
C GLY D 32 76.24 -10.55 -33.19
N LEU D 33 76.48 -10.19 -34.46
CA LEU D 33 77.84 -10.08 -34.95
C LEU D 33 78.52 -8.79 -34.48
N ILE D 34 77.76 -7.70 -34.36
CA ILE D 34 78.31 -6.40 -34.00
C ILE D 34 77.67 -5.95 -32.70
N SER D 35 78.51 -5.60 -31.73
CA SER D 35 78.00 -5.15 -30.45
C SER D 35 77.42 -3.75 -30.57
N PRO D 36 76.33 -3.44 -29.85
CA PRO D 36 75.80 -2.07 -29.87
C PRO D 36 76.75 -1.06 -29.25
N ALA D 37 77.74 -1.51 -28.47
CA ALA D 37 78.70 -0.60 -27.84
C ALA D 37 79.58 0.12 -28.85
N TYR D 38 79.59 -0.32 -30.10
CA TYR D 38 80.41 0.28 -31.15
C TYR D 38 79.76 1.50 -31.78
N LEU D 39 78.61 1.93 -31.27
CA LEU D 39 77.84 3.03 -31.84
C LEU D 39 77.50 4.05 -30.76
N PHE D 40 78.48 4.40 -29.94
CA PHE D 40 78.23 5.28 -28.80
C PHE D 40 78.02 6.74 -29.18
N LEU D 41 78.14 7.09 -30.47
CA LEU D 41 77.88 8.44 -30.96
C LEU D 41 78.77 9.47 -30.25
N TRP D 42 80.06 9.32 -30.53
CA TRP D 42 81.03 10.29 -30.03
C TRP D 42 81.48 11.19 -31.18
N PRO D 43 80.83 12.34 -31.37
CA PRO D 43 81.27 13.24 -32.45
C PRO D 43 82.70 13.70 -32.27
N GLU D 44 83.14 13.91 -31.02
CA GLU D 44 84.51 14.33 -30.78
C GLU D 44 85.49 13.25 -31.22
N ALA D 45 85.15 11.99 -31.01
CA ALA D 45 86.04 10.90 -31.41
C ALA D 45 86.19 10.84 -32.92
N PHE D 46 85.09 10.89 -33.65
CA PHE D 46 85.17 10.87 -35.11
C PHE D 46 85.88 12.11 -35.64
N LEU D 47 85.67 13.26 -35.01
CA LEU D 47 86.33 14.48 -35.48
C LEU D 47 87.84 14.43 -35.26
N TYR D 48 88.28 13.97 -34.08
CA TYR D 48 89.70 14.00 -33.75
C TYR D 48 90.41 12.70 -34.11
N ARG D 49 89.99 11.59 -33.51
CA ARG D 49 90.63 10.31 -33.80
C ARG D 49 89.96 9.67 -35.02
N PHE D 50 90.36 8.44 -35.36
CA PHE D 50 89.93 7.85 -36.61
C PHE D 50 88.45 7.48 -36.56
N GLN D 51 88.09 6.53 -35.70
CA GLN D 51 86.71 6.06 -35.52
C GLN D 51 86.03 5.80 -36.87
N ILE D 52 86.61 4.86 -37.61
CA ILE D 52 86.04 4.46 -38.89
C ILE D 52 84.67 3.83 -38.69
N TRP D 53 84.44 3.19 -37.54
CA TRP D 53 83.23 2.41 -37.33
C TRP D 53 81.98 3.27 -37.20
N ARG D 54 82.12 4.59 -37.06
CA ARG D 54 80.96 5.48 -36.87
C ARG D 54 80.99 6.65 -37.84
N PRO D 55 80.90 6.39 -39.15
CA PRO D 55 80.77 7.51 -40.09
C PRO D 55 79.42 8.21 -39.96
N ILE D 56 78.33 7.44 -40.11
CA ILE D 56 76.98 7.93 -39.91
C ILE D 56 76.22 6.92 -39.07
N THR D 57 76.82 5.75 -38.85
CA THR D 57 76.16 4.70 -38.08
C THR D 57 75.92 5.09 -36.64
N ALA D 58 76.70 6.04 -36.11
CA ALA D 58 76.52 6.49 -34.74
C ALA D 58 75.25 7.31 -34.55
N THR D 59 74.59 7.70 -35.65
CA THR D 59 73.40 8.54 -35.59
C THR D 59 72.12 7.75 -35.41
N PHE D 60 72.21 6.43 -35.29
CA PHE D 60 71.03 5.57 -35.17
C PHE D 60 71.24 4.55 -34.05
N TYR D 61 71.69 5.03 -32.89
CA TYR D 61 72.08 4.19 -31.78
C TYR D 61 70.93 4.02 -30.79
N PHE D 62 70.56 2.77 -30.52
CA PHE D 62 69.56 2.44 -29.51
C PHE D 62 69.95 1.16 -28.78
N PRO D 63 70.36 1.27 -27.52
CA PRO D 63 70.77 0.07 -26.78
C PRO D 63 69.56 -0.75 -26.32
N VAL D 64 69.52 -2.01 -26.76
CA VAL D 64 68.53 -2.97 -26.32
C VAL D 64 69.25 -4.26 -25.98
N GLY D 65 68.89 -4.86 -24.85
CA GLY D 65 69.60 -6.01 -24.36
C GLY D 65 68.70 -7.13 -23.87
N PRO D 66 69.26 -8.03 -23.07
CA PRO D 66 68.49 -9.19 -22.57
C PRO D 66 67.36 -8.79 -21.64
N GLY D 67 67.66 -7.91 -20.69
CA GLY D 67 66.67 -7.47 -19.73
C GLY D 67 65.74 -6.37 -20.20
N THR D 68 65.94 -5.86 -21.42
CA THR D 68 65.11 -4.79 -21.95
C THR D 68 64.26 -5.25 -23.13
N GLY D 69 64.51 -6.45 -23.65
CA GLY D 69 63.82 -6.88 -24.87
C GLY D 69 62.32 -6.85 -24.75
N PHE D 70 61.78 -7.38 -23.65
CA PHE D 70 60.34 -7.31 -23.43
C PHE D 70 59.87 -5.86 -23.38
N LEU D 71 60.62 -5.01 -22.68
CA LEU D 71 60.32 -3.57 -22.70
C LEU D 71 60.43 -3.03 -24.12
N TYR D 72 61.44 -3.50 -24.87
CA TYR D 72 61.52 -3.22 -26.30
C TYR D 72 60.16 -3.34 -26.95
N LEU D 73 59.46 -4.45 -26.67
CA LEU D 73 58.10 -4.64 -27.20
C LEU D 73 57.26 -3.38 -27.03
N VAL D 74 57.01 -2.99 -25.78
CA VAL D 74 56.06 -1.90 -25.56
C VAL D 74 56.55 -0.63 -26.25
N ASN D 75 57.88 -0.50 -26.39
CA ASN D 75 58.42 0.65 -27.09
C ASN D 75 57.81 0.78 -28.48
N LEU D 76 57.94 -0.26 -29.30
CA LEU D 76 57.38 -0.18 -30.64
C LEU D 76 55.87 0.00 -30.58
N TYR D 77 55.24 -0.55 -29.53
CA TYR D 77 53.81 -0.35 -29.34
C TYR D 77 53.48 1.14 -29.37
N PHE D 78 54.19 1.92 -28.55
CA PHE D 78 54.01 3.37 -28.60
C PHE D 78 54.13 3.89 -30.01
N LEU D 79 55.20 3.52 -30.70
CA LEU D 79 55.44 4.04 -32.04
C LEU D 79 54.24 3.78 -32.94
N TYR D 80 53.60 2.63 -32.79
CA TYR D 80 52.40 2.34 -33.57
C TYR D 80 51.37 3.44 -33.37
N GLN D 81 50.91 3.61 -32.12
CA GLN D 81 49.90 4.62 -31.86
C GLN D 81 50.49 6.01 -31.99
N TYR D 82 51.82 6.11 -32.15
CA TYR D 82 52.38 7.37 -32.63
C TYR D 82 52.15 7.52 -34.12
N SER D 83 52.69 6.59 -34.92
CA SER D 83 52.67 6.77 -36.36
C SER D 83 51.25 6.86 -36.89
N THR D 84 50.37 5.97 -36.42
CA THR D 84 48.97 5.99 -36.83
C THR D 84 48.37 7.38 -36.66
N ARG D 85 48.72 8.06 -35.57
CA ARG D 85 48.27 9.44 -35.42
C ARG D 85 49.15 10.38 -36.23
N LEU D 86 50.47 10.21 -36.10
CA LEU D 86 51.40 11.20 -36.65
C LEU D 86 51.28 11.29 -38.17
N GLU D 87 51.14 10.15 -38.84
CA GLU D 87 50.89 10.18 -40.28
C GLU D 87 49.55 10.82 -40.59
N THR D 88 48.52 10.49 -39.83
CA THR D 88 47.20 11.06 -40.09
C THR D 88 47.13 12.51 -39.64
N GLY D 89 47.67 12.81 -38.46
CA GLY D 89 47.67 14.17 -37.99
C GLY D 89 48.73 15.02 -38.65
N ALA D 90 48.61 16.33 -38.44
CA ALA D 90 49.51 17.31 -39.03
C ALA D 90 49.60 17.13 -40.54
N PHE D 91 50.74 16.63 -41.02
CA PHE D 91 50.96 16.41 -42.44
C PHE D 91 50.52 14.99 -42.78
N ASP D 92 49.49 14.88 -43.60
CA ASP D 92 48.99 13.60 -44.06
C ASP D 92 48.85 13.49 -45.57
N GLY D 93 48.67 14.61 -46.27
CA GLY D 93 48.53 14.62 -47.71
C GLY D 93 49.74 15.05 -48.49
N ARG D 94 50.94 15.00 -47.90
CA ARG D 94 52.17 15.42 -48.57
C ARG D 94 53.22 14.33 -48.43
N PRO D 95 53.18 13.30 -49.29
CA PRO D 95 54.19 12.23 -49.20
C PRO D 95 55.60 12.71 -49.49
N ALA D 96 55.81 13.54 -50.51
CA ALA D 96 57.15 14.02 -50.81
C ALA D 96 57.61 15.05 -49.78
N ASP D 97 56.73 15.97 -49.39
CA ASP D 97 57.06 16.91 -48.34
C ASP D 97 57.27 16.22 -47.00
N TYR D 98 56.66 15.04 -46.79
CA TYR D 98 56.98 14.23 -45.63
C TYR D 98 58.46 13.88 -45.60
N LEU D 99 58.98 13.33 -46.69
CA LEU D 99 60.39 12.98 -46.75
C LEU D 99 61.26 14.22 -46.64
N PHE D 100 60.85 15.32 -47.28
CA PHE D 100 61.62 16.56 -47.22
C PHE D 100 61.75 17.05 -45.79
N MET D 101 60.64 17.07 -45.05
CA MET D 101 60.67 17.63 -43.72
C MET D 101 61.41 16.71 -42.76
N LEU D 102 61.23 15.40 -42.90
CA LEU D 102 62.06 14.45 -42.15
C LEU D 102 63.54 14.67 -42.41
N LEU D 103 63.93 14.86 -43.68
CA LEU D 103 65.33 15.06 -44.00
C LEU D 103 65.88 16.33 -43.37
N PHE D 104 65.15 17.44 -43.48
CA PHE D 104 65.64 18.69 -42.91
C PHE D 104 65.73 18.59 -41.39
N ASN D 105 64.71 18.02 -40.75
CA ASN D 105 64.73 17.88 -39.30
C ASN D 105 65.87 16.97 -38.86
N TRP D 106 66.13 15.90 -39.60
CA TRP D 106 67.24 15.02 -39.25
C TRP D 106 68.58 15.73 -39.41
N ILE D 107 68.71 16.58 -40.43
CA ILE D 107 69.93 17.36 -40.59
C ILE D 107 70.12 18.28 -39.40
N CYS D 108 69.05 18.96 -38.98
CA CYS D 108 69.13 19.86 -37.84
C CYS D 108 69.50 19.11 -36.56
N ILE D 109 68.86 17.97 -36.32
CA ILE D 109 69.10 17.23 -35.09
C ILE D 109 70.48 16.60 -35.09
N VAL D 110 70.96 16.16 -36.25
CA VAL D 110 72.32 15.60 -36.29
C VAL D 110 73.35 16.71 -36.13
N ILE D 111 73.05 17.93 -36.60
CA ILE D 111 73.94 19.04 -36.35
C ILE D 111 74.02 19.36 -34.87
N THR D 112 72.86 19.45 -34.21
CA THR D 112 72.86 19.76 -32.79
C THR D 112 73.42 18.61 -31.95
N GLY D 113 73.36 17.38 -32.45
CA GLY D 113 74.04 16.28 -31.79
C GLY D 113 75.53 16.29 -32.01
N LEU D 114 75.98 16.76 -33.18
CA LEU D 114 77.39 17.01 -33.39
C LEU D 114 77.89 18.09 -32.44
N ALA D 115 77.03 19.05 -32.11
CA ALA D 115 77.40 20.04 -31.10
C ALA D 115 77.64 19.38 -29.75
N MET D 116 76.83 18.40 -29.39
CA MET D 116 76.95 17.67 -28.13
C MET D 116 77.72 16.38 -28.36
N ASP D 117 77.73 15.51 -27.35
CA ASP D 117 78.42 14.21 -27.41
C ASP D 117 77.58 13.12 -26.75
N MET D 118 76.27 13.09 -27.02
CA MET D 118 75.40 12.16 -26.33
C MET D 118 75.24 10.86 -27.12
N GLN D 119 74.28 10.04 -26.70
CA GLN D 119 74.22 8.64 -27.13
C GLN D 119 73.01 8.34 -28.01
N LEU D 120 71.80 8.58 -27.53
CA LEU D 120 70.59 8.17 -28.23
C LEU D 120 70.14 9.23 -29.23
N LEU D 121 69.61 8.79 -30.37
CA LEU D 121 69.14 9.79 -31.33
C LEU D 121 67.69 9.61 -31.78
N MET D 122 67.25 8.37 -32.00
CA MET D 122 65.90 8.21 -32.55
C MET D 122 64.80 8.47 -31.53
N ILE D 123 64.97 8.08 -30.27
CA ILE D 123 63.97 8.42 -29.25
C ILE D 123 63.81 9.93 -29.09
N PRO D 124 64.88 10.73 -28.98
CA PRO D 124 64.67 12.18 -28.92
C PRO D 124 63.96 12.73 -30.14
N LEU D 125 64.27 12.23 -31.32
CA LEU D 125 63.58 12.69 -32.52
C LEU D 125 62.10 12.32 -32.48
N ILE D 126 61.80 11.10 -32.04
CA ILE D 126 60.41 10.65 -31.96
C ILE D 126 59.62 11.50 -30.98
N MET D 127 60.21 11.77 -29.81
CA MET D 127 59.48 12.58 -28.83
C MET D 127 59.38 14.04 -29.28
N SER D 128 60.40 14.53 -30.00
CA SER D 128 60.35 15.88 -30.53
C SER D 128 59.21 16.05 -31.52
N VAL D 129 59.13 15.15 -32.49
CA VAL D 129 58.03 15.22 -33.46
C VAL D 129 56.71 14.94 -32.75
N LEU D 130 56.73 14.12 -31.71
CA LEU D 130 55.54 13.88 -30.92
C LEU D 130 55.00 15.16 -30.31
N TYR D 131 55.87 15.92 -29.63
CA TYR D 131 55.40 17.11 -28.94
C TYR D 131 55.04 18.21 -29.92
N VAL D 132 55.78 18.33 -31.03
CA VAL D 132 55.41 19.32 -32.03
C VAL D 132 54.11 18.92 -32.71
N TRP D 133 53.80 17.63 -32.76
CA TRP D 133 52.53 17.18 -33.31
C TRP D 133 51.39 17.45 -32.34
N ALA D 134 51.61 17.17 -31.06
CA ALA D 134 50.60 17.32 -30.02
C ALA D 134 50.37 18.76 -29.61
N GLN D 135 51.30 19.66 -29.90
CA GLN D 135 51.04 21.08 -29.67
C GLN D 135 49.88 21.58 -30.52
N LEU D 136 49.64 20.93 -31.66
CA LEU D 136 48.42 21.12 -32.43
C LEU D 136 47.32 20.15 -32.02
N ASN D 137 47.57 19.30 -31.03
CA ASN D 137 46.58 18.34 -30.54
C ASN D 137 46.42 18.40 -29.03
N ARG D 138 46.67 19.57 -28.43
CA ARG D 138 46.59 19.71 -26.97
C ARG D 138 45.14 19.68 -26.50
N ASP D 139 44.97 19.53 -25.19
CA ASP D 139 43.66 19.59 -24.52
C ASP D 139 42.69 18.52 -25.02
N MET D 140 43.18 17.28 -25.17
CA MET D 140 42.37 16.17 -25.65
C MET D 140 42.65 14.93 -24.80
N ILE D 141 41.60 14.33 -24.26
CA ILE D 141 41.71 13.07 -23.52
C ILE D 141 41.49 11.92 -24.48
N VAL D 142 42.45 10.99 -24.51
CA VAL D 142 42.33 9.76 -25.28
C VAL D 142 42.60 8.60 -24.34
N SER D 143 41.73 7.58 -24.39
CA SER D 143 41.88 6.40 -23.56
C SER D 143 41.71 5.18 -24.44
N PHE D 144 42.55 4.18 -24.22
CA PHE D 144 42.50 2.96 -25.01
C PHE D 144 41.39 2.04 -24.49
N TRP D 145 41.32 0.84 -25.08
CA TRP D 145 40.24 -0.09 -24.74
C TRP D 145 40.29 -0.51 -23.28
N PHE D 146 41.44 -0.98 -22.82
CA PHE D 146 41.56 -1.51 -21.47
C PHE D 146 41.96 -0.43 -20.47
N GLY D 147 41.23 0.68 -20.49
CA GLY D 147 41.51 1.78 -19.61
C GLY D 147 40.32 2.69 -19.38
N THR D 148 39.99 2.95 -18.12
CA THR D 148 38.82 3.76 -17.77
C THR D 148 39.12 4.83 -16.74
N ARG D 149 40.33 4.87 -16.18
CA ARG D 149 40.67 5.90 -15.20
C ARG D 149 41.85 6.73 -15.67
N PHE D 150 41.85 7.10 -16.95
CA PHE D 150 42.92 7.92 -17.52
C PHE D 150 42.67 9.37 -17.16
N LYS D 151 43.53 9.94 -16.34
CA LYS D 151 43.36 11.31 -15.86
C LYS D 151 44.06 12.26 -16.83
N ALA D 152 44.22 13.52 -16.43
CA ALA D 152 44.79 14.56 -17.27
C ALA D 152 46.12 15.04 -16.72
N CYS D 153 46.89 15.69 -17.59
CA CYS D 153 48.14 16.39 -17.25
C CYS D 153 49.10 15.50 -16.45
N TYR D 154 49.25 14.25 -16.88
CA TYR D 154 50.18 13.33 -16.24
C TYR D 154 51.10 12.58 -17.20
N LEU D 155 50.69 12.36 -18.46
CA LEU D 155 51.41 11.44 -19.34
C LEU D 155 52.87 11.81 -19.59
N PRO D 156 53.22 13.06 -19.93
CA PRO D 156 54.62 13.32 -20.33
C PRO D 156 55.63 13.01 -19.24
N TRP D 157 55.39 13.47 -18.01
CA TRP D 157 56.38 13.22 -16.96
C TRP D 157 56.35 11.77 -16.47
N VAL D 158 55.22 11.08 -16.60
CA VAL D 158 55.20 9.64 -16.30
C VAL D 158 56.09 8.89 -17.28
N ILE D 159 55.98 9.21 -18.57
CA ILE D 159 56.88 8.58 -19.54
C ILE D 159 58.32 9.01 -19.28
N LEU D 160 58.52 10.26 -18.85
CA LEU D 160 59.86 10.73 -18.53
C LEU D 160 60.47 9.90 -17.39
N GLY D 161 59.69 9.65 -16.34
CA GLY D 161 60.17 8.77 -15.28
C GLY D 161 60.36 7.34 -15.75
N PHE D 162 59.51 6.89 -16.67
CA PHE D 162 59.67 5.54 -17.23
C PHE D 162 61.02 5.38 -17.89
N ASN D 163 61.40 6.33 -18.74
CA ASN D 163 62.72 6.26 -19.37
C ASN D 163 63.85 6.67 -18.44
N TYR D 164 63.53 7.37 -17.35
CA TYR D 164 64.54 7.76 -16.38
C TYR D 164 64.98 6.59 -15.51
N ILE D 165 64.03 5.75 -15.08
CA ILE D 165 64.36 4.65 -14.18
C ILE D 165 65.24 3.62 -14.89
N ILE D 166 65.02 3.41 -16.18
CA ILE D 166 65.81 2.46 -16.97
C ILE D 166 66.81 3.31 -17.77
N GLY D 167 68.01 3.45 -17.24
CA GLY D 167 69.06 4.19 -17.91
C GLY D 167 69.45 5.48 -17.21
N GLY D 168 69.90 6.47 -17.98
CA GLY D 168 70.32 7.74 -17.43
C GLY D 168 70.62 8.78 -18.47
N SER D 169 71.28 9.87 -18.08
CA SER D 169 71.59 11.01 -18.94
C SER D 169 70.32 11.52 -19.63
N VAL D 170 69.38 11.95 -18.78
CA VAL D 170 68.04 12.32 -19.26
C VAL D 170 68.12 13.54 -20.18
N ILE D 171 69.00 14.48 -19.89
CA ILE D 171 69.00 15.79 -20.53
C ILE D 171 69.12 15.67 -22.04
N ASN D 172 69.59 14.51 -22.53
CA ASN D 172 69.71 14.31 -23.97
C ASN D 172 68.38 14.51 -24.66
N GLU D 173 67.29 14.00 -24.09
CA GLU D 173 65.98 14.17 -24.73
C GLU D 173 65.65 15.64 -24.93
N LEU D 174 66.13 16.52 -24.03
CA LEU D 174 65.89 17.95 -24.20
C LEU D 174 66.37 18.43 -25.55
N ILE D 175 67.55 17.98 -26.00
CA ILE D 175 68.05 18.44 -27.29
C ILE D 175 67.09 18.05 -28.40
N GLY D 176 66.47 16.87 -28.29
CA GLY D 176 65.44 16.53 -29.25
C GLY D 176 64.30 17.53 -29.22
N ASN D 177 63.81 17.84 -28.01
CA ASN D 177 62.83 18.91 -27.85
C ASN D 177 63.22 20.13 -28.66
N LEU D 178 64.51 20.48 -28.64
CA LEU D 178 64.96 21.69 -29.30
C LEU D 178 64.53 21.72 -30.76
N VAL D 179 64.82 20.65 -31.50
CA VAL D 179 64.50 20.69 -32.93
C VAL D 179 63.00 20.82 -33.12
N GLY D 180 62.20 20.19 -32.26
CA GLY D 180 60.76 20.34 -32.36
C GLY D 180 60.33 21.79 -32.28
N HIS D 181 60.91 22.54 -31.34
CA HIS D 181 60.61 23.97 -31.26
C HIS D 181 60.92 24.63 -32.60
N LEU D 182 62.10 24.35 -33.16
CA LEU D 182 62.43 24.88 -34.47
C LEU D 182 61.41 24.41 -35.50
N TYR D 183 61.04 23.13 -35.45
CA TYR D 183 60.04 22.64 -36.40
C TYR D 183 58.71 23.35 -36.17
N PHE D 184 58.36 23.63 -34.91
CA PHE D 184 57.17 24.43 -34.67
C PHE D 184 57.34 25.81 -35.30
N PHE D 185 58.52 26.41 -35.10
CA PHE D 185 58.84 27.67 -35.74
C PHE D 185 58.65 27.58 -37.25
N LEU D 186 58.84 26.38 -37.81
CA LEU D 186 58.79 26.17 -39.25
C LEU D 186 57.39 25.93 -39.81
N MET D 187 56.32 25.94 -39.01
CA MET D 187 55.02 26.12 -39.65
C MET D 187 54.25 27.32 -39.15
N PHE D 188 54.67 27.93 -38.05
CA PHE D 188 53.95 29.07 -37.49
C PHE D 188 54.75 30.37 -37.49
N ARG D 189 56.08 30.30 -37.47
CA ARG D 189 56.83 31.54 -37.33
C ARG D 189 57.95 31.73 -38.33
N TYR D 190 58.49 30.65 -38.91
CA TYR D 190 59.67 30.82 -39.77
C TYR D 190 59.37 31.58 -41.05
N PRO D 191 58.49 31.10 -41.96
CA PRO D 191 58.48 31.69 -43.31
C PRO D 191 57.57 32.90 -43.49
N MET D 192 57.50 33.80 -42.51
CA MET D 192 56.86 35.09 -42.76
C MET D 192 57.57 36.30 -42.16
N ASP D 193 58.45 36.15 -41.18
CA ASP D 193 58.95 37.30 -40.42
C ASP D 193 60.45 37.54 -40.50
N LEU D 194 61.29 36.50 -40.57
CA LEU D 194 62.72 36.71 -40.43
C LEU D 194 63.36 37.10 -41.76
N GLY D 195 63.08 36.36 -42.84
CA GLY D 195 63.57 36.74 -44.15
C GLY D 195 65.05 36.56 -44.37
N GLY D 196 65.72 35.74 -43.56
CA GLY D 196 67.14 35.51 -43.72
C GLY D 196 67.45 34.32 -44.61
N ARG D 197 68.72 33.92 -44.57
CA ARG D 197 69.15 32.77 -45.35
C ARG D 197 68.55 31.49 -44.79
N ASN D 198 68.37 30.51 -45.67
CA ASN D 198 67.82 29.21 -45.31
C ASN D 198 68.91 28.16 -45.43
N PHE D 199 69.13 27.42 -44.34
CA PHE D 199 70.15 26.38 -44.34
C PHE D 199 69.67 25.08 -44.96
N LEU D 200 68.38 24.97 -45.31
CA LEU D 200 67.82 23.74 -45.85
C LEU D 200 67.78 23.79 -47.36
N SER D 201 68.06 22.65 -47.99
CA SER D 201 67.99 22.51 -49.43
C SER D 201 67.19 21.26 -49.76
N THR D 202 66.38 21.35 -50.83
CA THR D 202 65.55 20.21 -51.22
C THR D 202 66.11 19.59 -52.48
N PRO D 203 66.73 18.41 -52.41
CA PRO D 203 67.27 17.78 -53.61
C PRO D 203 66.18 17.27 -54.53
N GLN D 204 66.57 17.03 -55.78
CA GLN D 204 65.65 16.52 -56.79
C GLN D 204 65.37 15.03 -56.63
N PHE D 205 66.04 14.36 -55.70
CA PHE D 205 65.78 12.95 -55.46
C PHE D 205 64.34 12.72 -55.02
N LEU D 206 63.78 13.65 -54.24
CA LEU D 206 62.41 13.50 -53.78
C LEU D 206 61.42 13.58 -54.93
N TYR D 207 61.63 14.50 -55.85
CA TYR D 207 60.70 14.68 -56.96
C TYR D 207 60.78 13.58 -57.99
N ARG D 208 61.74 12.66 -57.86
CA ARG D 208 61.93 11.61 -58.84
C ARG D 208 60.92 10.48 -58.72
N TRP D 209 60.48 10.15 -57.50
CA TRP D 209 59.50 9.08 -57.36
C TRP D 209 58.07 9.60 -57.16
N LEU D 210 57.89 10.61 -56.29
CA LEU D 210 56.60 11.26 -56.08
C LEU D 210 55.50 10.23 -55.83
N PRO D 211 55.43 9.66 -54.61
CA PRO D 211 54.71 8.40 -54.40
C PRO D 211 53.26 8.39 -54.87
N SER D 212 52.38 9.22 -54.29
CA SER D 212 50.99 9.24 -54.72
C SER D 212 50.65 10.45 -55.60
N ARG D 213 50.70 11.65 -55.02
CA ARG D 213 50.52 12.93 -55.69
C ARG D 213 49.54 12.84 -56.87
N ARG D 214 48.35 12.35 -56.57
CA ARG D 214 47.32 12.17 -57.59
C ARG D 214 46.38 13.37 -57.58
N HIS D 215 46.20 13.99 -58.74
CA HIS D 215 45.35 15.16 -58.85
C HIS D 215 44.47 15.16 -60.09
N ASN D 216 44.49 14.10 -60.89
CA ASN D 216 43.65 14.04 -62.09
C ASN D 216 42.20 13.88 -61.69
N TRP D 217 41.31 14.49 -62.47
CA TRP D 217 39.87 14.42 -62.22
C TRP D 217 39.22 13.29 -62.99
N GLY D 218 39.79 12.09 -62.89
CA GLY D 218 39.29 10.95 -63.62
C GLY D 218 39.14 11.22 -65.11
N GLN D 219 37.89 11.30 -65.56
CA GLN D 219 37.58 11.68 -66.94
C GLN D 219 36.41 12.65 -66.93
N GLY D 220 36.21 13.32 -68.06
CA GLY D 220 35.18 14.34 -68.16
C GLY D 220 34.15 14.00 -69.22
N PHE D 221 32.97 14.58 -69.05
CA PHE D 221 31.85 14.38 -69.97
C PHE D 221 31.46 15.70 -70.62
N ARG D 222 31.15 15.63 -71.90
CA ARG D 222 30.69 16.82 -72.62
C ARG D 222 29.28 17.19 -72.16
N LEU D 223 29.10 18.47 -71.83
CA LEU D 223 27.81 18.96 -71.34
C LEU D 223 27.02 19.66 -72.44
N GLY D 224 27.61 20.70 -73.03
CA GLY D 224 26.80 21.58 -73.86
C GLY D 224 25.93 22.44 -72.95
N ASP D 225 24.83 22.91 -73.53
CA ASP D 225 23.87 23.71 -72.78
C ASP D 225 22.56 22.96 -72.60
N ARG E 3 5.27 1.77 70.15
CA ARG E 3 6.58 2.38 70.02
C ARG E 3 6.46 3.90 69.87
N PRO E 4 6.43 4.61 71.00
CA PRO E 4 6.30 6.07 70.95
C PRO E 4 7.63 6.76 70.70
N ASN E 5 8.41 6.22 69.77
CA ASN E 5 9.69 6.80 69.41
C ASN E 5 9.80 6.92 67.90
N ARG E 6 9.07 6.06 67.19
CA ARG E 6 9.10 6.01 65.74
C ARG E 6 7.72 6.31 65.17
N LEU E 7 7.69 7.16 64.15
CA LEU E 7 6.46 7.50 63.46
C LEU E 7 6.68 7.40 61.95
N ILE E 8 5.63 7.04 61.24
CA ILE E 8 5.69 6.93 59.79
C ILE E 8 5.34 8.28 59.18
N VAL E 9 6.13 8.69 58.20
CA VAL E 9 5.99 10.02 57.60
C VAL E 9 4.96 9.97 56.48
N ASP E 10 4.31 11.10 56.25
CA ASP E 10 3.43 11.24 55.09
C ASP E 10 3.49 12.70 54.64
N GLU E 11 2.54 13.06 53.78
CA GLU E 11 2.51 14.41 53.23
C GLU E 11 2.23 15.45 54.31
N ALA E 12 2.56 16.70 54.00
CA ALA E 12 2.37 17.80 54.92
C ALA E 12 1.39 18.81 54.30
N ILE E 13 0.63 19.47 55.17
CA ILE E 13 -0.28 20.52 54.74
C ILE E 13 0.30 21.91 54.93
N ASN E 14 1.43 22.05 55.62
CA ASN E 14 2.07 23.32 55.87
C ASN E 14 3.26 23.50 54.95
N GLU E 15 3.39 24.69 54.38
CA GLU E 15 4.42 24.99 53.40
C GLU E 15 5.74 25.42 54.02
N ASP E 16 5.77 25.63 55.34
CA ASP E 16 7.03 25.94 56.00
C ASP E 16 7.96 24.73 55.97
N ASN E 17 9.26 25.01 56.01
CA ASN E 17 10.27 23.97 55.94
C ASN E 17 10.63 23.42 57.31
N SER E 18 10.07 23.95 58.39
CA SER E 18 10.42 23.55 59.74
C SER E 18 9.16 23.35 60.58
N VAL E 19 8.19 22.63 60.03
CA VAL E 19 6.92 22.39 60.69
C VAL E 19 6.57 20.92 60.59
N VAL E 20 6.05 20.36 61.68
CA VAL E 20 5.55 19.00 61.71
C VAL E 20 4.16 19.01 62.35
N SER E 21 3.23 18.30 61.74
CA SER E 21 1.84 18.27 62.19
C SER E 21 1.56 16.93 62.84
N LEU E 22 1.02 16.96 64.06
CA LEU E 22 0.74 15.77 64.84
C LEU E 22 -0.66 15.84 65.44
N SER E 23 -1.18 14.68 65.79
CA SER E 23 -2.41 14.62 66.55
C SER E 23 -2.18 15.13 67.96
N GLN E 24 -3.18 15.81 68.51
CA GLN E 24 -3.02 16.44 69.83
C GLN E 24 -2.70 15.45 70.94
N PRO E 25 -3.44 14.34 71.12
CA PRO E 25 -3.09 13.42 72.21
C PRO E 25 -1.68 12.86 72.09
N LYS E 26 -1.24 12.54 70.87
CA LYS E 26 0.08 11.95 70.71
C LYS E 26 1.17 12.92 71.13
N MET E 27 1.06 14.18 70.69
CA MET E 27 2.08 15.15 71.08
C MET E 27 1.99 15.47 72.56
N ASP E 28 0.79 15.40 73.14
CA ASP E 28 0.66 15.60 74.58
C ASP E 28 1.37 14.48 75.35
N GLU E 29 1.24 13.25 74.88
CA GLU E 29 1.90 12.13 75.53
C GLU E 29 3.41 12.27 75.45
N LEU E 30 3.92 12.71 74.30
CA LEU E 30 5.35 12.89 74.11
C LEU E 30 5.83 14.27 74.51
N GLN E 31 4.96 15.08 75.12
CA GLN E 31 5.29 16.42 75.60
C GLN E 31 5.78 17.30 74.45
N LEU E 32 4.93 17.42 73.43
CA LEU E 32 5.20 18.21 72.24
C LEU E 32 4.11 19.26 72.09
N PHE E 33 4.51 20.52 71.96
CA PHE E 33 3.58 21.63 71.88
C PHE E 33 4.11 22.67 70.90
N ARG E 34 3.44 23.81 70.84
CA ARG E 34 3.79 24.85 69.87
C ARG E 34 5.16 25.43 70.18
N GLY E 35 5.97 25.58 69.14
CA GLY E 35 7.29 26.15 69.29
C GLY E 35 8.31 25.23 69.93
N ASP E 36 7.99 23.96 70.11
CA ASP E 36 8.91 23.03 70.76
C ASP E 36 9.88 22.47 69.74
N THR E 37 11.17 22.77 69.91
CA THR E 37 12.20 22.28 69.02
C THR E 37 12.44 20.80 69.28
N VAL E 38 12.44 20.01 68.20
CA VAL E 38 12.62 18.57 68.29
C VAL E 38 13.68 18.14 67.29
N LEU E 39 14.57 17.26 67.73
CA LEU E 39 15.60 16.68 66.88
C LEU E 39 15.09 15.36 66.31
N LEU E 40 15.15 15.24 64.99
CA LEU E 40 14.71 14.06 64.28
C LEU E 40 15.92 13.42 63.60
N LYS E 41 16.14 12.13 63.88
CA LYS E 41 17.25 11.39 63.30
C LYS E 41 16.72 10.14 62.60
N GLY E 42 17.28 9.84 61.45
CA GLY E 42 16.91 8.66 60.68
C GLY E 42 18.11 8.01 60.06
N LYS E 43 17.89 7.32 58.94
CA LYS E 43 18.96 6.63 58.26
C LYS E 43 19.92 7.63 57.60
N LYS E 44 21.01 7.09 57.05
CA LYS E 44 22.13 7.87 56.54
C LYS E 44 22.83 8.66 57.64
N ARG E 45 22.50 8.37 58.89
CA ARG E 45 23.05 9.07 60.04
C ARG E 45 22.81 10.58 59.91
N ARG E 46 21.66 10.94 59.36
CA ARG E 46 21.30 12.32 59.15
C ARG E 46 20.30 12.77 60.20
N GLU E 47 20.44 14.04 60.60
CA GLU E 47 19.63 14.62 61.67
C GLU E 47 19.13 15.99 61.25
N ALA E 48 18.04 16.42 61.88
CA ALA E 48 17.45 17.72 61.61
C ALA E 48 16.74 18.20 62.87
N VAL E 49 16.39 19.48 62.87
CA VAL E 49 15.67 20.08 63.98
C VAL E 49 14.45 20.82 63.43
N CYS E 50 13.31 20.63 64.10
CA CYS E 50 12.04 21.13 63.58
C CYS E 50 11.20 21.67 64.73
N ILE E 51 10.07 22.27 64.37
CA ILE E 51 9.16 22.90 65.32
C ILE E 51 7.84 22.16 65.29
N VAL E 52 7.34 21.82 66.48
CA VAL E 52 6.14 21.00 66.61
C VAL E 52 4.90 21.85 66.36
N LEU E 53 3.99 21.35 65.53
CA LEU E 53 2.68 21.96 65.31
C LEU E 53 1.60 20.89 65.39
N SER E 54 0.36 21.34 65.58
CA SER E 54 -0.76 20.45 65.80
C SER E 54 -1.52 20.19 64.51
N ASP E 55 -2.24 19.06 64.49
CA ASP E 55 -3.14 18.73 63.39
C ASP E 55 -4.19 17.76 63.88
N ASP E 56 -5.38 17.86 63.29
CA ASP E 56 -6.50 17.00 63.63
C ASP E 56 -6.51 15.72 62.80
N THR E 57 -6.44 15.85 61.47
CA THR E 57 -6.50 14.71 60.58
C THR E 57 -5.28 13.81 60.68
N CYS E 58 -4.16 14.32 61.19
CA CYS E 58 -2.97 13.49 61.36
C CYS E 58 -3.18 12.51 62.50
N SER E 59 -2.86 11.24 62.25
CA SER E 59 -2.97 10.21 63.28
C SER E 59 -1.74 10.21 64.16
N ASP E 60 -1.84 9.49 65.28
CA ASP E 60 -0.74 9.43 66.23
C ASP E 60 0.50 8.79 65.61
N GLU E 61 0.32 7.67 64.90
CA GLU E 61 1.45 6.97 64.32
C GLU E 61 2.01 7.68 63.09
N LYS E 62 1.24 8.56 62.48
CA LYS E 62 1.68 9.29 61.30
C LYS E 62 2.19 10.67 61.67
N ILE E 63 3.07 11.20 60.83
CA ILE E 63 3.62 12.54 61.00
C ILE E 63 3.58 13.25 59.65
N ARG E 64 2.92 14.41 59.61
CA ARG E 64 2.89 15.22 58.40
C ARG E 64 4.16 16.04 58.32
N MET E 65 4.92 15.87 57.23
CA MET E 65 6.17 16.59 57.10
C MET E 65 6.54 16.61 55.62
N ASN E 66 7.06 17.74 55.16
CA ASN E 66 7.09 18.08 53.75
C ASN E 66 8.30 17.48 53.04
N ARG E 67 8.55 17.92 51.81
CA ARG E 67 9.58 17.32 50.98
C ARG E 67 10.98 17.77 51.40
N VAL E 68 11.12 19.01 51.87
CA VAL E 68 12.44 19.58 52.06
C VAL E 68 13.23 18.78 53.10
N VAL E 69 12.61 18.50 54.25
CA VAL E 69 13.31 17.72 55.26
C VAL E 69 13.32 16.24 54.90
N ARG E 70 12.34 15.78 54.13
CA ARG E 70 12.41 14.43 53.59
C ARG E 70 13.72 14.22 52.85
N ASN E 71 14.11 15.18 52.02
CA ASN E 71 15.41 15.08 51.36
C ASN E 71 16.55 15.38 52.32
N ASN E 72 16.33 16.28 53.28
CA ASN E 72 17.36 16.55 54.28
C ASN E 72 17.66 15.29 55.10
N LEU E 73 16.61 14.57 55.47
CA LEU E 73 16.78 13.31 56.19
C LEU E 73 17.07 12.13 55.28
N ARG E 74 17.08 12.36 53.97
CA ARG E 74 17.31 11.30 52.98
C ARG E 74 16.32 10.16 53.18
N VAL E 75 15.04 10.51 53.30
CA VAL E 75 13.99 9.56 53.61
C VAL E 75 12.86 9.73 52.60
N ARG E 76 12.08 8.67 52.45
CA ARG E 76 10.87 8.69 51.64
C ARG E 76 9.66 8.47 52.54
N LEU E 77 8.48 8.42 51.93
CA LEU E 77 7.25 8.30 52.68
C LEU E 77 7.13 6.93 53.34
N GLY E 78 6.50 6.91 54.51
CA GLY E 78 6.31 5.70 55.27
C GLY E 78 7.47 5.29 56.15
N ASP E 79 8.58 6.04 56.12
CA ASP E 79 9.73 5.69 56.94
C ASP E 79 9.48 6.04 58.40
N VAL E 80 10.17 5.32 59.28
CA VAL E 80 10.12 5.57 60.72
C VAL E 80 11.26 6.50 61.08
N ILE E 81 11.02 7.37 62.06
CA ILE E 81 11.99 8.39 62.45
C ILE E 81 12.14 8.38 63.96
N SER E 82 13.31 8.84 64.42
CA SER E 82 13.60 8.97 65.83
C SER E 82 13.39 10.42 66.24
N ILE E 83 12.50 10.65 67.19
CA ILE E 83 12.08 11.99 67.60
C ILE E 83 12.53 12.21 69.03
N GLN E 84 13.14 13.36 69.29
CA GLN E 84 13.54 13.69 70.66
C GLN E 84 13.37 15.18 70.93
N PRO E 85 12.57 15.55 71.93
CA PRO E 85 12.46 16.97 72.30
C PRO E 85 13.80 17.47 72.85
N CYS E 86 14.39 18.43 72.15
CA CYS E 86 15.73 18.94 72.46
C CYS E 86 15.67 20.45 72.57
N PRO E 87 15.13 20.98 73.69
CA PRO E 87 15.00 22.43 73.87
C PRO E 87 16.25 23.06 74.52
N ASP E 88 17.41 22.84 73.90
CA ASP E 88 18.66 23.43 74.36
C ASP E 88 19.26 24.35 73.30
N VAL E 89 18.45 24.84 72.36
CA VAL E 89 18.97 25.58 71.23
C VAL E 89 19.42 26.97 71.68
N LYS E 90 20.36 27.54 70.92
CA LYS E 90 20.89 28.87 71.17
C LYS E 90 20.93 29.66 69.87
N TYR E 91 20.67 30.95 69.97
CA TYR E 91 20.67 31.79 68.78
C TYR E 91 22.05 31.80 68.11
N GLY E 92 22.05 31.73 66.78
CA GLY E 92 23.29 31.73 66.05
C GLY E 92 23.99 33.08 66.11
N LYS E 93 25.31 33.04 65.90
CA LYS E 93 26.11 34.26 65.93
C LYS E 93 26.70 34.57 64.56
N ARG E 94 27.50 33.68 63.98
CA ARG E 94 28.06 33.87 62.65
C ARG E 94 27.84 32.60 61.86
N ILE E 95 27.16 32.73 60.72
CA ILE E 95 26.79 31.60 59.89
C ILE E 95 27.15 31.90 58.45
N HIS E 96 27.96 31.05 57.85
CA HIS E 96 28.33 31.13 56.44
C HIS E 96 27.43 30.17 55.67
N VAL E 97 26.67 30.72 54.72
CA VAL E 97 25.74 29.95 53.90
C VAL E 97 26.00 30.25 52.44
N LEU E 98 25.90 29.23 51.60
CA LEU E 98 26.15 29.41 50.18
C LEU E 98 25.07 28.73 49.36
N PRO E 99 24.79 29.24 48.17
CA PRO E 99 23.84 28.58 47.27
C PRO E 99 24.54 27.43 46.54
N ILE E 100 23.75 26.74 45.72
CA ILE E 100 24.30 25.69 44.88
C ILE E 100 24.75 26.30 43.56
N ASP E 101 25.68 25.61 42.89
CA ASP E 101 26.29 26.16 41.68
C ASP E 101 25.25 26.47 40.61
N ASP E 102 24.25 25.61 40.46
CA ASP E 102 23.26 25.76 39.39
C ASP E 102 22.09 26.64 39.83
N THR E 103 22.39 27.80 40.39
CA THR E 103 21.35 28.75 40.73
C THR E 103 21.68 30.19 40.37
N VAL E 104 22.96 30.58 40.26
CA VAL E 104 23.34 31.97 40.05
C VAL E 104 23.55 32.29 38.58
N GLU E 105 23.29 31.34 37.69
CA GLU E 105 23.51 31.52 36.25
C GLU E 105 22.76 32.74 35.73
N GLY E 106 23.49 33.77 35.36
CA GLY E 106 22.87 35.00 34.90
C GLY E 106 21.93 35.61 35.92
N ILE E 107 22.35 35.65 37.19
CA ILE E 107 21.49 36.11 38.28
C ILE E 107 22.05 37.37 38.93
N THR E 108 23.25 37.30 39.48
CA THR E 108 23.93 38.43 40.11
C THR E 108 23.03 39.02 41.19
N GLY E 109 23.16 40.32 41.46
CA GLY E 109 22.34 40.97 42.46
C GLY E 109 22.76 40.61 43.88
N ASN E 110 21.94 41.07 44.82
CA ASN E 110 22.13 40.78 46.24
C ASN E 110 21.09 39.78 46.69
N LEU E 111 21.52 38.54 46.94
CA LEU E 111 20.61 37.52 47.44
C LEU E 111 20.17 37.84 48.87
N PHE E 112 21.01 38.54 49.62
CA PHE E 112 20.78 38.75 51.04
C PHE E 112 19.48 39.53 51.29
N GLU E 113 19.45 40.79 50.84
CA GLU E 113 18.32 41.65 51.16
C GLU E 113 17.04 41.16 50.48
N VAL E 114 17.16 40.48 49.35
CA VAL E 114 15.98 40.04 48.62
C VAL E 114 15.46 38.70 49.13
N TYR E 115 16.36 37.78 49.49
CA TYR E 115 15.96 36.45 49.90
C TYR E 115 16.26 36.16 51.36
N LEU E 116 17.53 36.28 51.77
CA LEU E 116 17.88 35.91 53.13
C LEU E 116 17.22 36.83 54.15
N LYS E 117 17.24 38.13 53.89
CA LYS E 117 16.63 39.08 54.82
C LYS E 117 15.14 38.85 55.01
N PRO E 118 14.32 38.71 53.96
CA PRO E 118 12.89 38.47 54.21
C PRO E 118 12.61 37.06 54.69
N TYR E 119 13.31 36.06 54.17
CA TYR E 119 13.04 34.68 54.57
C TYR E 119 13.35 34.44 56.04
N PHE E 120 14.24 35.23 56.63
CA PHE E 120 14.70 35.01 57.99
C PHE E 120 14.19 36.08 58.96
N LEU E 121 13.11 36.76 58.59
CA LEU E 121 12.53 37.80 59.44
C LEU E 121 11.46 37.17 60.31
N GLU E 122 11.70 37.15 61.63
CA GLU E 122 10.79 36.56 62.61
C GLU E 122 10.53 35.08 62.32
N ALA E 123 11.43 34.45 61.57
CA ALA E 123 11.27 33.05 61.21
C ALA E 123 11.70 32.13 62.34
N TYR E 124 12.88 32.40 62.91
CA TYR E 124 13.42 31.61 64.03
C TYR E 124 13.48 30.13 63.68
N ARG E 125 13.88 29.85 62.44
CA ARG E 125 13.98 28.48 61.99
C ARG E 125 15.15 27.79 62.67
N PRO E 126 14.93 26.67 63.35
CA PRO E 126 16.06 25.90 63.89
C PRO E 126 16.86 25.28 62.77
N ILE E 127 18.09 25.72 62.56
CA ILE E 127 18.88 25.27 61.43
C ILE E 127 20.06 24.45 61.93
N ARG E 128 20.55 23.58 61.06
CA ARG E 128 21.65 22.69 61.39
C ARG E 128 22.70 22.76 60.29
N LYS E 129 23.95 22.56 60.68
CA LYS E 129 25.05 22.50 59.73
C LYS E 129 24.78 21.43 58.68
N GLY E 130 25.06 21.76 57.43
CA GLY E 130 24.83 20.85 56.33
C GLY E 130 23.42 20.83 55.77
N ASP E 131 22.53 21.69 56.28
CA ASP E 131 21.16 21.73 55.79
C ASP E 131 21.08 22.49 54.48
N ILE E 132 20.08 22.14 53.68
CA ILE E 132 19.80 22.80 52.40
C ILE E 132 18.33 23.19 52.36
N PHE E 133 18.04 24.36 51.80
CA PHE E 133 16.69 24.85 51.74
C PHE E 133 16.49 25.69 50.49
N LEU E 134 15.23 26.00 50.21
CA LEU E 134 14.84 26.73 49.01
C LEU E 134 14.09 28.00 49.37
N VAL E 135 14.32 29.05 48.59
CA VAL E 135 13.61 30.32 48.71
C VAL E 135 12.96 30.61 47.36
N ARG E 136 11.69 30.96 47.38
CA ARG E 136 10.98 31.25 46.13
C ARG E 136 11.34 32.66 45.66
N GLY E 137 11.98 32.74 44.50
CA GLY E 137 12.39 34.01 43.95
C GLY E 137 11.23 34.75 43.31
N GLY E 138 11.57 35.83 42.59
CA GLY E 138 10.56 36.58 41.88
C GLY E 138 9.80 35.73 40.88
N MET E 139 10.53 34.95 40.09
CA MET E 139 9.91 33.93 39.25
C MET E 139 10.72 32.65 39.19
N ARG E 140 11.80 32.54 39.95
CA ARG E 140 12.62 31.33 40.01
C ARG E 140 12.59 30.75 41.41
N ALA E 141 13.41 29.71 41.61
CA ALA E 141 13.62 29.09 42.91
C ALA E 141 15.11 29.08 43.19
N VAL E 142 15.51 29.51 44.37
CA VAL E 142 16.90 29.65 44.75
C VAL E 142 17.23 28.63 45.82
N GLU E 143 18.34 27.94 45.68
CA GLU E 143 18.79 26.98 46.67
C GLU E 143 19.86 27.60 47.55
N PHE E 144 19.96 27.10 48.78
CA PHE E 144 20.95 27.60 49.72
C PHE E 144 21.30 26.51 50.71
N LYS E 145 22.59 26.20 50.80
CA LYS E 145 23.09 25.23 51.77
C LYS E 145 24.05 25.93 52.72
N VAL E 146 23.84 25.75 54.02
CA VAL E 146 24.77 26.30 55.00
C VAL E 146 26.09 25.56 54.90
N VAL E 147 27.18 26.31 54.81
CA VAL E 147 28.50 25.71 54.80
C VAL E 147 29.12 25.71 56.20
N GLU E 148 28.72 26.63 57.08
CA GLU E 148 29.19 26.61 58.45
C GLU E 148 28.23 27.41 59.31
N THR E 149 28.11 27.00 60.57
CA THR E 149 27.21 27.68 61.50
C THR E 149 27.91 27.83 62.85
N ASP E 150 27.41 28.79 63.63
CA ASP E 150 27.91 29.04 64.97
C ASP E 150 26.77 29.60 65.82
N PRO E 151 26.36 28.92 66.90
CA PRO E 151 26.93 27.65 67.36
C PRO E 151 26.51 26.45 66.51
N SER E 152 27.37 25.45 66.43
CA SER E 152 27.15 24.28 65.58
C SER E 152 26.90 23.05 66.44
N PRO E 153 26.01 22.15 66.01
CA PRO E 153 25.18 22.31 64.81
C PRO E 153 23.81 22.90 65.11
N TYR E 154 23.53 23.17 66.38
CA TYR E 154 22.23 23.67 66.81
C TYR E 154 22.28 25.18 66.91
N CYS E 155 21.38 25.85 66.18
CA CYS E 155 21.28 27.30 66.26
C CYS E 155 19.97 27.75 65.64
N ILE E 156 19.34 28.72 66.28
CA ILE E 156 18.12 29.36 65.79
C ILE E 156 18.52 30.64 65.09
N VAL E 157 17.95 30.88 63.90
CA VAL E 157 18.20 32.15 63.24
C VAL E 157 17.64 33.27 64.10
N ALA E 158 18.44 34.31 64.29
CA ALA E 158 18.13 35.36 65.25
C ALA E 158 18.34 36.72 64.62
N PRO E 159 17.67 37.75 65.14
CA PRO E 159 17.94 39.11 64.65
C PRO E 159 19.39 39.53 64.81
N ASP E 160 20.11 38.94 65.76
CA ASP E 160 21.53 39.24 65.96
C ASP E 160 22.33 38.05 65.42
N THR E 161 22.67 38.11 64.13
CA THR E 161 23.50 37.10 63.50
C THR E 161 24.47 37.77 62.55
N VAL E 162 25.62 37.14 62.38
CA VAL E 162 26.62 37.58 61.40
C VAL E 162 26.48 36.69 60.18
N ILE E 163 25.78 37.19 59.16
CA ILE E 163 25.37 36.39 58.02
C ILE E 163 26.42 36.53 56.93
N HIS E 164 27.00 35.41 56.51
CA HIS E 164 28.04 35.37 55.50
C HIS E 164 27.45 34.74 54.25
N CYS E 165 27.03 35.57 53.29
CA CYS E 165 26.53 35.09 52.02
C CYS E 165 27.62 35.08 50.94
N GLU E 166 28.82 35.56 51.27
CA GLU E 166 29.91 35.59 50.32
C GLU E 166 30.42 34.18 50.04
N GLY E 167 30.87 33.98 48.81
CA GLY E 167 31.43 32.71 48.42
C GLY E 167 30.82 32.13 47.15
N GLU E 168 31.58 31.28 46.46
CA GLU E 168 31.10 30.69 45.23
C GLU E 168 29.93 29.75 45.53
N PRO E 169 28.89 29.76 44.70
CA PRO E 169 27.79 28.80 44.89
C PRO E 169 28.30 27.37 44.78
N ILE E 170 28.15 26.62 45.88
CA ILE E 170 28.78 25.32 45.98
C ILE E 170 28.28 24.38 44.89
N LYS E 171 29.10 23.42 44.52
CA LYS E 171 28.75 22.47 43.48
C LYS E 171 27.70 21.49 43.98
N ARG E 172 26.84 21.08 43.06
CA ARG E 172 25.75 20.17 43.40
C ARG E 172 26.30 18.82 43.86
N GLU E 173 25.74 18.29 44.95
CA GLU E 173 26.11 16.96 45.41
C GLU E 173 25.60 15.91 44.45
N ASP E 174 26.42 14.90 44.19
CA ASP E 174 26.13 13.90 43.19
C ASP E 174 25.55 12.61 43.77
N GLU E 175 25.48 12.48 45.09
CA GLU E 175 24.88 11.31 45.70
C GLU E 175 23.36 11.33 45.58
N GLU E 176 22.75 12.47 45.85
CA GLU E 176 21.34 12.71 45.54
C GLU E 176 21.26 13.99 44.72
N GLU E 177 20.43 13.97 43.69
CA GLU E 177 20.47 15.02 42.68
C GLU E 177 20.15 16.40 43.25
N SER E 178 18.90 16.63 43.64
CA SER E 178 18.48 17.91 44.17
C SER E 178 16.99 17.83 44.50
N LEU E 179 16.48 18.89 45.11
CA LEU E 179 15.06 19.07 45.37
C LEU E 179 14.41 19.93 44.28
N ASN E 180 14.55 19.52 43.02
CA ASN E 180 14.05 20.32 41.91
C ASN E 180 13.15 19.49 41.01
N GLU E 181 13.35 18.19 41.00
CA GLU E 181 12.60 17.33 40.10
C GLU E 181 11.16 17.16 40.61
N VAL E 182 10.37 16.40 39.85
CA VAL E 182 8.92 16.33 40.06
C VAL E 182 8.59 15.54 41.32
N GLY E 183 7.34 15.63 41.75
CA GLY E 183 6.88 14.89 42.91
C GLY E 183 5.36 14.88 42.95
N TYR E 184 4.83 14.25 44.00
CA TYR E 184 3.38 14.18 44.16
C TYR E 184 2.75 15.55 44.31
N ASP E 185 3.53 16.56 44.66
CA ASP E 185 3.00 17.89 44.90
C ASP E 185 2.90 18.74 43.64
N ASP E 186 3.09 18.13 42.46
CA ASP E 186 3.15 18.89 41.22
C ASP E 186 2.08 18.44 40.23
N ILE E 187 1.03 17.79 40.69
CA ILE E 187 -0.01 17.26 39.82
C ILE E 187 -1.36 17.77 40.30
N GLY E 188 -2.23 18.10 39.36
CA GLY E 188 -3.55 18.60 39.69
C GLY E 188 -4.61 17.95 38.85
N GLY E 189 -5.76 17.70 39.47
CA GLY E 189 -6.94 17.25 38.75
C GLY E 189 -7.09 15.76 38.55
N CYS E 190 -6.30 14.94 39.25
CA CYS E 190 -6.37 13.50 39.06
C CYS E 190 -6.28 12.77 40.39
N ARG E 191 -6.95 13.29 41.41
CA ARG E 191 -6.73 12.82 42.77
C ARG E 191 -7.06 11.34 42.94
N LYS E 192 -8.24 10.93 42.47
CA LYS E 192 -8.69 9.56 42.71
C LYS E 192 -7.78 8.56 42.03
N GLN E 193 -7.54 8.73 40.73
CA GLN E 193 -6.66 7.81 40.02
C GLN E 193 -5.24 7.89 40.54
N LEU E 194 -4.81 9.08 40.97
CA LEU E 194 -3.50 9.20 41.58
C LEU E 194 -3.39 8.32 42.81
N ALA E 195 -4.40 8.35 43.67
CA ALA E 195 -4.38 7.50 44.86
C ALA E 195 -4.38 6.03 44.48
N GLN E 196 -5.20 5.66 43.49
CA GLN E 196 -5.26 4.26 43.07
C GLN E 196 -3.90 3.77 42.61
N ILE E 197 -3.28 4.50 41.68
CA ILE E 197 -1.97 4.10 41.18
C ILE E 197 -0.96 4.10 42.32
N LYS E 198 -1.05 5.11 43.19
CA LYS E 198 -0.09 5.23 44.29
C LYS E 198 -0.09 4.00 45.16
N GLU E 199 -1.28 3.52 45.55
CA GLU E 199 -1.32 2.33 46.39
C GLU E 199 -0.93 1.09 45.61
N MET E 200 -1.39 0.96 44.37
CA MET E 200 -1.09 -0.24 43.59
C MET E 200 0.40 -0.38 43.31
N VAL E 201 1.15 0.73 43.33
CA VAL E 201 2.59 0.63 43.16
C VAL E 201 3.34 0.67 44.49
N GLU E 202 2.76 1.25 45.54
CA GLU E 202 3.41 1.27 46.83
C GLU E 202 3.46 -0.12 47.43
N LEU E 203 2.41 -0.92 47.21
CA LEU E 203 2.40 -2.26 47.77
C LEU E 203 3.57 -3.11 47.29
N PRO E 204 3.88 -3.21 45.99
CA PRO E 204 5.02 -4.06 45.59
C PRO E 204 6.38 -3.40 45.76
N LEU E 205 6.47 -2.10 45.46
CA LEU E 205 7.77 -1.45 45.33
C LEU E 205 8.42 -1.17 46.67
N ARG E 206 7.69 -1.23 47.77
CA ARG E 206 8.27 -0.99 49.08
C ARG E 206 8.63 -2.26 49.82
N HIS E 207 7.91 -3.35 49.58
CA HIS E 207 8.14 -4.62 50.27
C HIS E 207 8.13 -5.76 49.27
N PRO E 208 9.17 -5.84 48.42
CA PRO E 208 9.25 -6.97 47.50
C PRO E 208 9.35 -8.31 48.21
N ALA E 209 10.06 -8.36 49.33
CA ALA E 209 10.17 -9.61 50.09
C ALA E 209 8.81 -10.06 50.59
N LEU E 210 7.90 -9.12 50.85
CA LEU E 210 6.56 -9.50 51.25
C LEU E 210 5.87 -10.31 50.17
N PHE E 211 5.98 -9.87 48.91
CA PHE E 211 5.36 -10.65 47.85
C PHE E 211 6.14 -11.93 47.56
N LYS E 212 7.46 -11.92 47.80
CA LYS E 212 8.23 -13.15 47.66
C LYS E 212 7.74 -14.21 48.64
N ALA E 213 7.50 -13.82 49.89
CA ALA E 213 7.03 -14.79 50.88
C ALA E 213 5.57 -15.13 50.67
N ILE E 214 4.74 -14.12 50.42
CA ILE E 214 3.31 -14.33 50.24
C ILE E 214 3.04 -15.16 48.98
N GLY E 215 3.67 -14.81 47.88
CA GLY E 215 3.57 -15.58 46.66
C GLY E 215 2.54 -15.11 45.66
N VAL E 216 1.74 -14.08 45.98
CA VAL E 216 0.78 -13.55 45.01
C VAL E 216 1.53 -12.95 43.82
N LYS E 217 0.83 -12.87 42.70
CA LYS E 217 1.39 -12.27 41.51
C LYS E 217 1.02 -10.79 41.46
N PRO E 218 1.98 -9.89 41.58
CA PRO E 218 1.68 -8.46 41.45
C PRO E 218 1.32 -8.13 40.02
N PRO E 219 0.61 -7.04 39.78
CA PRO E 219 0.28 -6.65 38.41
C PRO E 219 1.55 -6.47 37.58
N ARG E 220 1.50 -6.93 36.34
CA ARG E 220 2.65 -6.88 35.45
C ARG E 220 2.50 -5.84 34.35
N GLY E 221 1.40 -5.11 34.33
CA GLY E 221 1.22 -4.07 33.32
C GLY E 221 0.03 -3.18 33.61
N ILE E 222 0.23 -1.87 33.57
CA ILE E 222 -0.83 -0.90 33.81
C ILE E 222 -0.88 0.06 32.63
N LEU E 223 -2.07 0.29 32.11
CA LEU E 223 -2.28 1.14 30.95
C LEU E 223 -2.95 2.44 31.37
N LEU E 224 -2.48 3.54 30.80
CA LEU E 224 -3.10 4.85 30.97
C LEU E 224 -3.53 5.35 29.59
N TYR E 225 -4.75 5.86 29.51
CA TYR E 225 -5.24 6.37 28.24
C TYR E 225 -5.88 7.74 28.46
N GLY E 226 -5.60 8.64 27.53
CA GLY E 226 -6.15 9.97 27.60
C GLY E 226 -5.58 10.91 26.56
N PRO E 227 -6.05 12.15 26.54
CA PRO E 227 -5.60 13.09 25.52
C PRO E 227 -4.12 13.40 25.71
N PRO E 228 -3.43 13.76 24.63
CA PRO E 228 -2.00 14.09 24.76
C PRO E 228 -1.77 15.35 25.57
N GLY E 229 -0.60 15.42 26.18
CA GLY E 229 -0.25 16.58 26.98
C GLY E 229 -1.06 16.73 28.24
N THR E 230 -1.36 15.63 28.93
CA THR E 230 -2.07 15.69 30.20
C THR E 230 -1.21 15.21 31.36
N GLY E 231 0.12 15.18 31.17
CA GLY E 231 1.01 14.85 32.26
C GLY E 231 1.09 13.38 32.60
N LYS E 232 0.70 12.49 31.69
CA LYS E 232 0.80 11.06 31.98
C LYS E 232 2.24 10.66 32.24
N THR E 233 3.14 11.02 31.32
CA THR E 233 4.56 10.79 31.56
C THR E 233 5.01 11.49 32.83
N LEU E 234 4.47 12.68 33.07
CA LEU E 234 4.80 13.41 34.30
C LEU E 234 4.39 12.60 35.52
N ILE E 235 3.18 12.02 35.50
CA ILE E 235 2.72 11.22 36.63
C ILE E 235 3.63 10.02 36.85
N ALA E 236 3.95 9.31 35.77
CA ALA E 236 4.79 8.12 35.90
C ALA E 236 6.15 8.49 36.49
N ARG E 237 6.77 9.54 35.95
CA ARG E 237 8.09 9.92 36.42
C ARG E 237 8.05 10.38 37.88
N ALA E 238 7.03 11.15 38.24
CA ALA E 238 6.94 11.62 39.62
C ALA E 238 6.75 10.46 40.58
N VAL E 239 5.90 9.50 40.23
CA VAL E 239 5.69 8.34 41.09
C VAL E 239 7.00 7.57 41.25
N ALA E 240 7.69 7.35 40.13
CA ALA E 240 8.95 6.60 40.19
C ALA E 240 9.97 7.31 41.07
N ASN E 241 10.10 8.63 40.91
CA ASN E 241 11.09 9.37 41.68
C ASN E 241 10.74 9.37 43.17
N GLU E 242 9.48 9.58 43.50
CA GLU E 242 9.08 9.62 44.90
C GLU E 242 9.26 8.27 45.57
N THR E 243 8.73 7.21 44.94
CA THR E 243 8.80 5.89 45.55
C THR E 243 10.24 5.40 45.66
N GLY E 244 11.05 5.66 44.65
CA GLY E 244 12.42 5.18 44.64
C GLY E 244 12.56 3.95 43.76
N ALA E 245 13.04 4.14 42.55
CA ALA E 245 13.12 3.05 41.59
C ALA E 245 14.18 3.42 40.55
N PHE E 246 14.17 2.71 39.43
CA PHE E 246 15.09 2.95 38.32
C PHE E 246 14.31 3.18 37.04
N PHE E 247 13.38 4.13 37.10
CA PHE E 247 12.61 4.58 35.96
C PHE E 247 13.48 4.67 34.71
N PHE E 248 13.09 3.94 33.68
CA PHE E 248 13.88 3.86 32.44
C PHE E 248 12.90 4.01 31.28
N LEU E 249 12.73 5.25 30.83
CA LEU E 249 11.78 5.54 29.76
C LEU E 249 12.23 4.94 28.44
N ILE E 250 11.26 4.51 27.64
CA ILE E 250 11.48 4.07 26.28
C ILE E 250 10.56 4.86 25.37
N ASN E 251 11.11 5.40 24.29
CA ASN E 251 10.35 6.22 23.36
C ASN E 251 10.02 5.39 22.13
N GLY E 252 8.74 5.40 21.73
CA GLY E 252 8.29 4.69 20.56
C GLY E 252 8.87 5.20 19.26
N PRO E 253 8.79 6.51 19.01
CA PRO E 253 9.24 7.04 17.71
C PRO E 253 10.69 6.73 17.39
N GLU E 254 11.58 6.71 18.38
CA GLU E 254 12.98 6.40 18.09
C GLU E 254 13.21 4.93 17.81
N ILE E 255 12.25 4.07 18.16
CA ILE E 255 12.45 2.64 18.01
C ILE E 255 12.46 2.25 16.54
N MET E 256 11.35 2.52 15.83
CA MET E 256 11.32 2.16 14.42
C MET E 256 12.20 3.06 13.56
N SER E 257 12.76 4.11 14.13
CA SER E 257 13.74 4.92 13.42
C SER E 257 15.05 4.17 13.20
N LYS E 258 15.23 3.02 13.83
CA LYS E 258 16.46 2.25 13.70
C LYS E 258 16.38 1.36 12.46
N LEU E 259 17.31 0.41 12.34
CA LEU E 259 17.44 -0.43 11.16
C LEU E 259 17.12 -1.87 11.52
N ALA E 260 15.86 -2.25 11.37
CA ALA E 260 15.41 -3.65 11.43
C ALA E 260 15.76 -4.24 12.79
N GLY E 261 16.47 -5.37 12.85
CA GLY E 261 16.63 -6.13 14.08
C GLY E 261 17.21 -5.36 15.24
N GLU E 262 18.23 -4.54 14.99
CA GLU E 262 18.79 -3.70 16.04
C GLU E 262 17.69 -3.07 16.89
N SER E 263 16.63 -2.57 16.23
CA SER E 263 15.52 -1.95 16.96
C SER E 263 15.07 -2.82 18.12
N GLU E 264 14.58 -4.03 17.84
CA GLU E 264 14.05 -4.84 18.93
C GLU E 264 15.16 -5.28 19.87
N SER E 265 16.40 -5.38 19.38
CA SER E 265 17.51 -5.68 20.27
C SER E 265 17.56 -4.67 21.40
N ASN E 266 17.35 -3.39 21.07
CA ASN E 266 17.29 -2.36 22.10
C ASN E 266 16.29 -2.74 23.18
N LEU E 267 15.07 -3.10 22.77
CA LEU E 267 14.08 -3.56 23.74
C LEU E 267 14.66 -4.66 24.61
N ARG E 268 15.26 -5.67 23.98
CA ARG E 268 15.88 -6.75 24.74
C ARG E 268 16.87 -6.18 25.74
N LYS E 269 17.75 -5.30 25.28
CA LYS E 269 18.71 -4.68 26.19
C LYS E 269 17.98 -3.99 27.33
N ALA E 270 16.93 -3.23 27.01
CA ALA E 270 16.14 -2.61 28.07
C ALA E 270 15.64 -3.66 29.05
N PHE E 271 15.03 -4.73 28.54
CA PHE E 271 14.55 -5.78 29.43
C PHE E 271 15.69 -6.32 30.28
N GLU E 272 16.88 -6.45 29.68
CA GLU E 272 18.02 -6.91 30.44
C GLU E 272 18.33 -5.96 31.60
N GLU E 273 18.40 -4.66 31.31
CA GLU E 273 18.70 -3.73 32.41
C GLU E 273 17.51 -3.62 33.35
N ALA E 274 16.36 -4.15 32.94
CA ALA E 274 15.24 -4.24 33.86
C ALA E 274 15.54 -5.22 34.98
N GLU E 275 16.25 -6.31 34.66
CA GLU E 275 16.40 -7.39 35.63
C GLU E 275 17.44 -7.04 36.69
N LYS E 276 18.69 -6.85 36.26
CA LYS E 276 19.79 -6.67 37.20
C LYS E 276 19.95 -5.20 37.60
N ASN E 277 18.85 -4.59 38.02
CA ASN E 277 18.86 -3.21 38.49
C ASN E 277 17.89 -3.03 39.64
N ALA E 278 17.66 -4.11 40.40
CA ALA E 278 16.74 -4.10 41.53
C ALA E 278 15.32 -3.89 41.03
N PRO E 279 14.29 -4.01 41.87
CA PRO E 279 12.94 -3.65 41.43
C PRO E 279 12.90 -2.23 40.90
N ALA E 280 12.24 -2.06 39.76
CA ALA E 280 12.21 -0.79 39.07
C ALA E 280 10.97 -0.73 38.20
N ILE E 281 10.76 0.42 37.56
CA ILE E 281 9.57 0.68 36.75
C ILE E 281 10.01 1.00 35.34
N ILE E 282 9.26 0.50 34.36
CA ILE E 282 9.52 0.76 32.96
C ILE E 282 8.31 1.44 32.35
N PHE E 283 8.55 2.58 31.71
CA PHE E 283 7.49 3.34 31.06
C PHE E 283 7.69 3.28 29.55
N ILE E 284 6.63 2.93 28.83
CA ILE E 284 6.63 2.89 27.38
C ILE E 284 5.58 3.87 26.86
N ASP E 285 5.97 4.64 25.85
CA ASP E 285 5.14 5.72 25.34
C ASP E 285 4.74 5.44 23.90
N GLU E 286 3.55 5.94 23.55
CA GLU E 286 3.01 5.86 22.18
C GLU E 286 2.97 4.41 21.71
N LEU E 287 2.16 3.62 22.43
CA LEU E 287 2.05 2.20 22.10
C LEU E 287 1.46 2.01 20.71
N ASP E 288 0.47 2.80 20.34
CA ASP E 288 -0.11 2.72 19.01
C ASP E 288 0.94 2.94 17.93
N ALA E 289 1.90 3.83 18.18
CA ALA E 289 2.96 4.07 17.20
C ALA E 289 3.80 2.82 16.96
N ILE E 290 3.90 1.95 17.96
CA ILE E 290 4.65 0.71 17.81
C ILE E 290 3.75 -0.52 17.74
N ALA E 291 2.54 -0.46 18.28
CA ALA E 291 1.61 -1.59 18.27
C ALA E 291 0.24 -1.12 17.80
N PRO E 292 0.10 -0.82 16.52
CA PRO E 292 -1.22 -0.44 16.01
C PRO E 292 -2.11 -1.66 15.83
N LYS E 293 -3.29 -1.46 15.24
CA LYS E 293 -4.18 -2.58 15.00
C LYS E 293 -3.61 -3.51 13.93
N ARG E 294 -4.12 -4.74 13.93
CA ARG E 294 -3.61 -5.76 13.01
C ARG E 294 -3.82 -5.34 11.56
N GLU E 295 -5.02 -4.84 11.24
CA GLU E 295 -5.29 -4.41 9.88
C GLU E 295 -4.45 -3.19 9.49
N LYS E 296 -4.04 -2.39 10.48
CA LYS E 296 -3.19 -1.24 10.18
C LYS E 296 -1.84 -1.67 9.64
N THR E 297 -1.31 -2.78 10.16
CA THR E 297 -0.02 -3.28 9.71
C THR E 297 -0.07 -3.69 8.25
N HIS E 298 0.95 -3.31 7.49
CA HIS E 298 1.08 -3.69 6.10
C HIS E 298 2.33 -4.48 5.76
N GLY E 299 3.45 -4.22 6.43
CA GLY E 299 4.69 -4.91 6.18
C GLY E 299 4.88 -6.08 7.13
N GLU E 300 6.14 -6.52 7.23
CA GLU E 300 6.49 -7.63 8.09
C GLU E 300 7.35 -7.22 9.27
N VAL E 301 8.10 -6.12 9.16
CA VAL E 301 8.90 -5.65 10.28
C VAL E 301 8.02 -5.26 11.46
N GLU E 302 6.88 -4.64 11.17
CA GLU E 302 5.98 -4.21 12.23
C GLU E 302 5.44 -5.39 13.02
N ARG E 303 4.99 -6.42 12.31
CA ARG E 303 4.46 -7.60 12.98
C ARG E 303 5.56 -8.30 13.78
N ARG E 304 6.76 -8.36 13.24
CA ARG E 304 7.87 -8.95 13.97
C ARG E 304 8.17 -8.16 15.25
N ILE E 305 8.12 -6.84 15.17
CA ILE E 305 8.37 -6.01 16.34
C ILE E 305 7.31 -6.26 17.40
N VAL E 306 6.05 -6.30 16.98
CA VAL E 306 4.96 -6.52 17.93
C VAL E 306 5.09 -7.88 18.60
N SER E 307 5.38 -8.91 17.81
CA SER E 307 5.54 -10.24 18.36
C SER E 307 6.73 -10.30 19.31
N GLN E 308 7.82 -9.62 18.98
CA GLN E 308 8.98 -9.59 19.86
C GLN E 308 8.63 -8.96 21.19
N LEU E 309 7.91 -7.84 21.15
CA LEU E 309 7.51 -7.19 22.39
C LEU E 309 6.60 -8.10 23.21
N LEU E 310 5.65 -8.75 22.55
CA LEU E 310 4.74 -9.64 23.27
C LEU E 310 5.50 -10.77 23.93
N THR E 311 6.44 -11.38 23.20
CA THR E 311 7.24 -12.46 23.77
C THR E 311 8.05 -11.96 24.95
N LEU E 312 8.70 -10.81 24.81
CA LEU E 312 9.54 -10.29 25.88
C LEU E 312 8.73 -10.04 27.14
N MET E 313 7.55 -9.44 26.98
CA MET E 313 6.78 -9.10 28.17
C MET E 313 6.10 -10.32 28.77
N ASP E 314 5.65 -11.27 27.94
CA ASP E 314 5.01 -12.46 28.47
C ASP E 314 6.02 -13.35 29.19
N GLY E 315 7.23 -13.48 28.64
CA GLY E 315 8.26 -14.26 29.29
C GLY E 315 8.66 -13.72 30.64
N LEU E 316 8.43 -12.43 30.88
CA LEU E 316 8.73 -11.83 32.18
C LEU E 316 7.71 -12.32 33.19
N LYS E 317 8.10 -13.32 33.97
CA LYS E 317 7.28 -13.82 35.08
C LYS E 317 8.06 -13.57 36.36
N GLN E 318 7.75 -12.45 37.01
CA GLN E 318 8.35 -12.05 38.28
C GLN E 318 9.86 -11.90 38.09
N ARG E 319 10.69 -12.75 38.69
CA ARG E 319 12.12 -12.47 38.86
C ARG E 319 12.23 -11.10 39.52
N ALA E 320 12.93 -10.15 38.92
CA ALA E 320 12.97 -8.80 39.47
C ALA E 320 11.58 -8.19 39.47
N HIS E 321 11.26 -7.45 40.53
CA HIS E 321 9.94 -6.84 40.68
C HIS E 321 9.87 -5.66 39.72
N VAL E 322 9.50 -5.96 38.48
CA VAL E 322 9.45 -4.97 37.41
C VAL E 322 8.01 -4.82 36.95
N ILE E 323 7.55 -3.58 36.89
CA ILE E 323 6.20 -3.26 36.44
C ILE E 323 6.32 -2.44 35.17
N VAL E 324 5.33 -2.57 34.29
CA VAL E 324 5.32 -1.90 33.01
C VAL E 324 4.19 -0.87 32.98
N MET E 325 4.53 0.37 32.63
CA MET E 325 3.57 1.44 32.47
C MET E 325 3.46 1.78 30.99
N ALA E 326 2.24 1.69 30.46
CA ALA E 326 1.99 2.02 29.06
C ALA E 326 1.08 3.25 29.00
N ALA E 327 1.29 4.08 27.99
CA ALA E 327 0.51 5.30 27.80
C ALA E 327 -0.02 5.36 26.38
N THR E 328 -1.25 5.84 26.24
CA THR E 328 -1.87 5.91 24.92
C THR E 328 -2.92 7.02 24.90
N ASN E 329 -3.25 7.45 23.70
CA ASN E 329 -4.28 8.48 23.53
C ASN E 329 -5.67 7.89 23.78
N ARG E 330 -6.04 6.87 23.02
CA ARG E 330 -7.34 6.24 23.12
C ARG E 330 -7.18 4.73 23.16
N PRO E 331 -7.84 4.06 24.12
CA PRO E 331 -7.71 2.60 24.26
C PRO E 331 -8.51 1.82 23.23
N ASN E 332 -8.39 2.22 21.96
CA ASN E 332 -9.07 1.52 20.88
C ASN E 332 -8.11 1.24 19.74
N SER E 333 -7.10 2.08 19.59
CA SER E 333 -6.12 1.93 18.52
C SER E 333 -5.12 0.81 18.79
N ILE E 334 -5.01 0.35 20.04
CA ILE E 334 -4.07 -0.70 20.38
C ILE E 334 -4.60 -2.04 19.88
N ASP E 335 -3.68 -2.89 19.45
CA ASP E 335 -4.05 -4.23 19.02
C ASP E 335 -4.68 -5.00 20.17
N PRO E 336 -5.79 -5.69 19.95
CA PRO E 336 -6.50 -6.34 21.07
C PRO E 336 -5.68 -7.39 21.79
N ALA E 337 -4.80 -8.11 21.09
CA ALA E 337 -4.08 -9.21 21.72
C ALA E 337 -3.29 -8.75 22.93
N LEU E 338 -2.83 -7.50 22.94
CA LEU E 338 -2.16 -6.94 24.10
C LEU E 338 -3.17 -6.32 25.06
N ARG E 339 -4.20 -7.11 25.39
CA ARG E 339 -5.17 -6.73 26.39
C ARG E 339 -5.56 -7.88 27.29
N ARG E 340 -4.90 -9.03 27.18
CA ARG E 340 -5.31 -10.25 27.84
C ARG E 340 -4.70 -10.35 29.23
N PHE E 341 -5.08 -11.40 29.93
CA PHE E 341 -4.49 -11.68 31.24
C PHE E 341 -3.03 -12.06 31.07
N GLY E 342 -2.21 -11.65 32.04
CA GLY E 342 -0.78 -11.67 31.86
C GLY E 342 -0.26 -10.52 31.03
N ARG E 343 -1.13 -9.59 30.63
CA ARG E 343 -0.75 -8.42 29.86
C ARG E 343 -1.41 -7.19 30.45
N PHE E 344 -1.36 -6.08 29.72
CA PHE E 344 -2.03 -4.87 30.16
C PHE E 344 -3.51 -5.12 30.36
N ASP E 345 -3.96 -5.07 31.60
CA ASP E 345 -5.34 -5.35 31.97
C ASP E 345 -5.97 -4.24 32.79
N ARG E 346 -5.20 -3.60 33.66
CA ARG E 346 -5.70 -2.51 34.49
C ARG E 346 -5.52 -1.20 33.74
N GLU E 347 -6.63 -0.62 33.29
CA GLU E 347 -6.64 0.56 32.45
C GLU E 347 -7.20 1.73 33.25
N VAL E 348 -6.54 2.88 33.15
CA VAL E 348 -6.93 4.08 33.87
C VAL E 348 -7.09 5.22 32.88
N ASP E 349 -8.19 5.95 32.99
CA ASP E 349 -8.44 7.12 32.16
C ASP E 349 -7.83 8.36 32.78
N ILE E 350 -7.38 9.27 31.93
CA ILE E 350 -6.90 10.57 32.36
C ILE E 350 -7.83 11.60 31.72
N GLY E 351 -8.84 12.02 32.47
CA GLY E 351 -9.82 12.94 31.93
C GLY E 351 -9.35 14.38 31.89
N ILE E 352 -10.13 15.21 31.22
CA ILE E 352 -9.84 16.63 31.16
C ILE E 352 -10.15 17.27 32.50
N PRO E 353 -9.25 18.07 33.07
CA PRO E 353 -9.54 18.71 34.37
C PRO E 353 -10.74 19.64 34.28
N ASP E 354 -11.47 19.72 35.38
CA ASP E 354 -12.64 20.59 35.47
C ASP E 354 -12.19 22.01 35.80
N ALA E 355 -13.15 22.86 36.16
CA ALA E 355 -12.80 24.21 36.59
C ALA E 355 -11.92 24.19 37.83
N THR E 356 -12.26 23.33 38.79
CA THR E 356 -11.44 23.21 40.00
C THR E 356 -10.05 22.66 39.65
N GLY E 357 -10.00 21.64 38.79
CA GLY E 357 -8.71 21.10 38.38
C GLY E 357 -7.87 22.13 37.65
N ARG E 358 -8.50 22.90 36.76
CA ARG E 358 -7.78 23.96 36.08
C ARG E 358 -7.27 25.00 37.06
N LEU E 359 -8.10 25.35 38.05
CA LEU E 359 -7.70 26.33 39.05
C LEU E 359 -6.49 25.85 39.83
N GLU E 360 -6.51 24.59 40.27
CA GLU E 360 -5.40 24.10 41.09
C GLU E 360 -4.14 23.93 40.25
N ILE E 361 -4.28 23.51 38.98
CA ILE E 361 -3.11 23.40 38.12
C ILE E 361 -2.49 24.77 37.89
N LEU E 362 -3.32 25.77 37.62
CA LEU E 362 -2.82 27.13 37.45
C LEU E 362 -2.17 27.62 38.73
N GLN E 363 -2.75 27.29 39.88
CA GLN E 363 -2.15 27.63 41.15
C GLN E 363 -0.75 27.03 41.27
N ILE E 364 -0.61 25.78 40.85
CA ILE E 364 0.70 25.12 40.89
C ILE E 364 1.69 25.83 39.98
N HIS E 365 1.26 26.17 38.77
CA HIS E 365 2.19 26.69 37.77
C HIS E 365 2.64 28.11 38.07
N THR E 366 1.86 28.87 38.83
CA THR E 366 2.18 30.25 39.13
C THR E 366 2.88 30.42 40.48
N LYS E 367 3.30 29.31 41.09
CA LYS E 367 3.83 29.40 42.45
C LYS E 367 5.14 30.18 42.49
N ASN E 368 6.02 29.95 41.53
CA ASN E 368 7.32 30.62 41.56
C ASN E 368 7.21 32.09 41.20
N MET E 369 6.33 32.43 40.27
CA MET E 369 6.22 33.81 39.80
C MET E 369 5.56 34.69 40.86
N LYS E 370 5.48 35.98 40.56
CA LYS E 370 5.16 37.01 41.54
C LYS E 370 3.95 37.83 41.11
N LEU E 371 2.86 37.14 40.80
CA LEU E 371 1.60 37.74 40.38
C LEU E 371 1.21 39.00 41.13
N ALA E 372 0.60 39.94 40.43
CA ALA E 372 0.09 41.16 41.06
C ALA E 372 -1.11 40.85 41.94
N ASP E 373 -1.39 41.77 42.86
CA ASP E 373 -2.44 41.57 43.86
C ASP E 373 -3.82 41.93 43.28
N ASP E 374 -4.13 41.29 42.15
CA ASP E 374 -5.44 41.49 41.53
C ASP E 374 -5.98 40.22 40.89
N VAL E 375 -5.47 39.05 41.27
CA VAL E 375 -5.81 37.81 40.56
C VAL E 375 -7.24 37.40 40.88
N ASP E 376 -7.98 37.02 39.84
CA ASP E 376 -9.25 36.31 39.99
C ASP E 376 -9.05 34.96 39.30
N LEU E 377 -8.48 34.02 40.05
CA LEU E 377 -8.12 32.74 39.46
C LEU E 377 -9.35 31.90 39.16
N GLU E 378 -10.39 32.02 39.99
CA GLU E 378 -11.62 31.26 39.76
C GLU E 378 -12.27 31.67 38.45
N GLN E 379 -12.30 32.97 38.16
CA GLN E 379 -12.87 33.44 36.90
C GLN E 379 -12.12 32.86 35.72
N VAL E 380 -10.79 32.93 35.75
CA VAL E 380 -9.99 32.38 34.66
C VAL E 380 -10.24 30.90 34.52
N ALA E 381 -10.24 30.18 35.64
CA ALA E 381 -10.42 28.74 35.60
C ALA E 381 -11.76 28.36 34.99
N ASN E 382 -12.82 29.08 35.34
CA ASN E 382 -14.12 28.72 34.80
C ASN E 382 -14.26 29.13 33.35
N GLU E 383 -13.62 30.21 32.93
CA GLU E 383 -13.77 30.66 31.54
C GLU E 383 -12.79 29.99 30.59
N THR E 384 -11.80 29.27 31.09
CA THR E 384 -10.84 28.57 30.24
C THR E 384 -11.16 27.08 30.11
N HIS E 385 -12.44 26.74 30.03
CA HIS E 385 -12.82 25.36 29.82
C HIS E 385 -12.35 24.89 28.44
N GLY E 386 -12.11 23.59 28.33
CA GLY E 386 -11.63 23.02 27.09
C GLY E 386 -10.14 23.02 26.92
N HIS E 387 -9.37 23.13 28.01
CA HIS E 387 -7.92 23.21 27.94
C HIS E 387 -7.31 22.10 28.79
N VAL E 388 -6.01 21.87 28.57
CA VAL E 388 -5.27 20.85 29.29
C VAL E 388 -4.16 21.50 30.09
N GLY E 389 -3.38 20.68 30.82
CA GLY E 389 -2.30 21.24 31.62
C GLY E 389 -1.27 21.97 30.79
N ALA E 390 -0.93 21.41 29.63
CA ALA E 390 0.02 22.10 28.75
C ALA E 390 -0.53 23.44 28.31
N ASP E 391 -1.83 23.52 28.04
CA ASP E 391 -2.45 24.78 27.66
C ASP E 391 -2.26 25.82 28.76
N LEU E 392 -2.53 25.43 30.01
CA LEU E 392 -2.42 26.37 31.11
C LEU E 392 -0.99 26.81 31.33
N ALA E 393 -0.04 25.87 31.24
CA ALA E 393 1.36 26.23 31.38
C ALA E 393 1.79 27.21 30.30
N ALA E 394 1.38 26.95 29.05
CA ALA E 394 1.70 27.87 27.97
C ALA E 394 1.09 29.24 28.21
N LEU E 395 -0.15 29.27 28.69
CA LEU E 395 -0.81 30.55 28.94
C LEU E 395 -0.07 31.34 30.01
N CYS E 396 0.31 30.67 31.10
CA CYS E 396 1.04 31.36 32.15
C CYS E 396 2.38 31.87 31.63
N SER E 397 3.08 31.06 30.86
CA SER E 397 4.36 31.48 30.31
C SER E 397 4.20 32.69 29.41
N GLU E 398 3.17 32.69 28.55
CA GLU E 398 2.96 33.81 27.65
C GLU E 398 2.58 35.07 28.41
N ALA E 399 1.76 34.93 29.45
CA ALA E 399 1.40 36.11 30.24
C ALA E 399 2.63 36.71 30.92
N ALA E 400 3.47 35.85 31.49
CA ALA E 400 4.70 36.35 32.10
C ALA E 400 5.59 37.01 31.06
N LEU E 401 5.72 36.40 29.89
CA LEU E 401 6.57 36.96 28.85
C LEU E 401 6.06 38.32 28.40
N GLN E 402 4.75 38.46 28.24
CA GLN E 402 4.20 39.75 27.80
C GLN E 402 4.37 40.81 28.88
N ALA E 403 4.19 40.43 30.15
CA ALA E 403 4.44 41.38 31.23
C ALA E 403 5.88 41.83 31.23
N ILE E 404 6.81 40.91 30.95
CA ILE E 404 8.22 41.28 30.83
C ILE E 404 8.40 42.22 29.65
N ARG E 405 7.79 41.90 28.51
CA ARG E 405 7.97 42.69 27.31
C ARG E 405 7.52 44.12 27.51
N LYS E 406 6.41 44.31 28.21
CA LYS E 406 5.99 45.67 28.54
C LYS E 406 6.75 46.17 29.76
N LYS E 407 8.06 45.94 29.77
CA LYS E 407 8.95 46.49 30.79
C LYS E 407 10.29 46.89 30.22
N MET E 408 10.45 46.92 28.90
CA MET E 408 11.77 47.10 28.29
C MET E 408 12.47 48.35 28.78
N ASP E 409 11.69 49.37 29.17
CA ASP E 409 12.30 50.61 29.64
C ASP E 409 13.24 50.36 30.81
N LEU E 410 12.85 49.46 31.73
CA LEU E 410 13.74 49.10 32.82
C LEU E 410 14.81 48.11 32.37
N ILE E 411 14.55 47.37 31.29
CA ILE E 411 15.42 46.30 30.85
C ILE E 411 15.92 46.62 29.44
N ASP E 412 16.19 47.90 29.19
CA ASP E 412 16.67 48.30 27.88
C ASP E 412 18.07 47.73 27.67
N LEU E 413 18.13 46.54 27.08
CA LEU E 413 19.35 45.77 26.80
C LEU E 413 19.94 45.22 28.09
N GLU E 414 19.44 45.71 29.23
CA GLU E 414 19.94 45.34 30.56
C GLU E 414 21.45 45.11 30.54
N ASP E 415 21.84 43.86 30.74
CA ASP E 415 23.22 43.43 30.59
C ASP E 415 23.20 41.91 30.42
N GLU E 416 24.35 41.37 29.99
CA GLU E 416 24.44 39.92 29.83
C GLU E 416 24.25 39.20 31.15
N THR E 417 24.54 39.87 32.27
CA THR E 417 24.28 39.36 33.61
C THR E 417 23.14 40.20 34.19
N ILE E 418 21.92 39.65 34.15
CA ILE E 418 20.75 40.42 34.58
C ILE E 418 20.81 40.65 36.09
N ASP E 419 19.99 41.58 36.55
CA ASP E 419 19.88 41.87 37.97
C ASP E 419 18.65 41.17 38.57
N ALA E 420 18.84 40.61 39.75
CA ALA E 420 17.76 39.90 40.44
C ALA E 420 16.75 40.85 41.06
N GLU E 421 17.20 42.00 41.57
CA GLU E 421 16.28 42.94 42.18
C GLU E 421 15.26 43.46 41.18
N VAL E 422 15.72 43.79 39.96
CA VAL E 422 14.81 44.26 38.93
C VAL E 422 13.78 43.17 38.60
N MET E 423 14.24 41.93 38.46
CA MET E 423 13.33 40.84 38.16
C MET E 423 12.29 40.67 39.25
N ASN E 424 12.72 40.70 40.52
CA ASN E 424 11.79 40.53 41.62
C ASN E 424 10.91 41.76 41.83
N SER E 425 11.20 42.86 41.16
CA SER E 425 10.39 44.06 41.25
C SER E 425 9.21 44.07 40.30
N LEU E 426 9.04 43.03 39.49
CA LEU E 426 8.01 42.98 38.47
C LEU E 426 6.85 42.09 38.91
N ALA E 427 5.72 42.29 38.25
CA ALA E 427 4.52 41.51 38.53
C ALA E 427 3.68 41.43 37.26
N VAL E 428 2.75 40.49 37.26
CA VAL E 428 1.90 40.23 36.10
C VAL E 428 0.46 40.58 36.47
N THR E 429 -0.17 41.40 35.63
CA THR E 429 -1.51 41.89 35.89
C THR E 429 -2.54 41.09 35.08
N MET E 430 -3.81 41.34 35.40
CA MET E 430 -4.90 40.62 34.74
C MET E 430 -4.99 40.98 33.27
N ASP E 431 -4.58 42.19 32.90
CA ASP E 431 -4.54 42.56 31.49
C ASP E 431 -3.60 41.65 30.72
N ASP E 432 -2.47 41.29 31.33
CA ASP E 432 -1.56 40.35 30.69
C ASP E 432 -2.23 39.01 30.46
N PHE E 433 -2.99 38.53 31.45
CA PHE E 433 -3.69 37.27 31.29
C PHE E 433 -4.73 37.34 30.19
N ARG E 434 -5.49 38.44 30.15
CA ARG E 434 -6.50 38.59 29.11
C ARG E 434 -5.86 38.65 27.73
N TRP E 435 -4.73 39.36 27.62
CA TRP E 435 -4.02 39.41 26.35
C TRP E 435 -3.55 38.02 25.94
N ALA E 436 -2.96 37.27 26.88
CA ALA E 436 -2.54 35.92 26.56
C ALA E 436 -3.73 35.07 26.11
N LEU E 437 -4.88 35.28 26.73
CA LEU E 437 -6.09 34.59 26.30
C LEU E 437 -6.45 34.97 24.88
N SER E 438 -6.28 36.24 24.51
CA SER E 438 -6.59 36.68 23.16
C SER E 438 -5.79 35.90 22.13
N GLN E 439 -4.48 35.79 22.34
CA GLN E 439 -3.64 34.94 21.49
C GLN E 439 -3.53 33.53 22.06
N SER E 440 -4.68 32.91 22.29
CA SER E 440 -4.73 31.55 22.82
C SER E 440 -5.77 30.76 22.05
N ASN E 441 -5.60 29.44 22.04
CA ASN E 441 -6.54 28.55 21.39
C ASN E 441 -6.53 27.20 22.09
N PRO E 442 -7.68 26.71 22.53
CA PRO E 442 -7.72 25.41 23.19
C PRO E 442 -7.48 24.28 22.20
N SER E 443 -7.11 23.12 22.74
CA SER E 443 -6.83 21.95 21.93
C SER E 443 -7.87 20.84 22.08
N ALA E 444 -8.67 20.85 23.14
CA ALA E 444 -9.70 19.82 23.30
C ALA E 444 -10.79 19.99 22.24
N LEU E 445 -11.47 21.14 22.27
CA LEU E 445 -12.43 21.52 21.24
C LEU E 445 -13.55 20.49 21.10
N ARG E 446 -13.42 19.57 20.15
CA ARG E 446 -14.45 18.58 19.85
C ARG E 446 -14.17 17.31 20.64
N GLU E 447 -14.79 17.20 21.80
CA GLU E 447 -14.67 16.00 22.62
C GLU E 447 -15.81 15.97 23.63
N THR E 448 -16.05 14.79 24.17
CA THR E 448 -17.07 14.63 25.20
C THR E 448 -16.57 15.18 26.54
N VAL E 449 -17.51 15.66 27.35
CA VAL E 449 -17.21 16.25 28.65
C VAL E 449 -18.00 15.52 29.71
N VAL E 450 -17.35 15.20 30.82
CA VAL E 450 -18.00 14.53 31.95
C VAL E 450 -17.72 15.33 33.21
N GLU E 451 -18.75 15.56 34.01
CA GLU E 451 -18.65 16.39 35.20
C GLU E 451 -19.98 16.32 35.94
N VAL E 452 -20.00 16.87 37.16
CA VAL E 452 -21.20 16.94 37.97
C VAL E 452 -21.70 18.39 37.94
N PRO E 453 -22.82 18.67 37.29
CA PRO E 453 -23.23 20.07 37.08
C PRO E 453 -23.62 20.77 38.36
N GLN E 454 -24.00 22.05 38.25
CA GLN E 454 -24.32 22.88 39.41
C GLN E 454 -25.76 23.35 39.43
N VAL E 455 -26.64 22.73 38.65
CA VAL E 455 -28.04 23.13 38.63
C VAL E 455 -28.68 22.69 39.94
N THR E 456 -29.40 23.62 40.57
CA THR E 456 -30.03 23.38 41.86
C THR E 456 -31.54 23.28 41.69
N TRP E 457 -32.18 22.72 42.71
CA TRP E 457 -33.62 22.47 42.65
C TRP E 457 -34.41 23.77 42.55
N GLU E 458 -34.01 24.79 43.30
CA GLU E 458 -34.73 26.06 43.32
C GLU E 458 -34.68 26.78 41.98
N ASP E 459 -33.80 26.38 41.06
CA ASP E 459 -33.75 27.00 39.76
C ASP E 459 -34.99 26.69 38.92
N ILE E 460 -35.82 25.74 39.34
CA ILE E 460 -37.04 25.39 38.64
C ILE E 460 -38.19 25.50 39.62
N GLY E 461 -39.25 26.20 39.21
CA GLY E 461 -40.43 26.36 40.03
C GLY E 461 -41.47 25.32 39.69
N GLY E 462 -42.02 24.70 40.72
CA GLY E 462 -43.04 23.69 40.55
C GLY E 462 -42.44 22.29 40.40
N LEU E 463 -43.29 21.38 39.93
CA LEU E 463 -42.90 19.99 39.69
C LEU E 463 -42.37 19.33 40.97
N GLU E 464 -42.95 19.73 42.10
CA GLU E 464 -42.53 19.15 43.38
C GLU E 464 -42.80 17.66 43.42
N ASP E 465 -43.92 17.21 42.84
CA ASP E 465 -44.16 15.79 42.72
C ASP E 465 -43.11 15.13 41.84
N VAL E 466 -42.74 15.80 40.75
CA VAL E 466 -41.68 15.28 39.88
C VAL E 466 -40.37 15.22 40.64
N LYS E 467 -40.08 16.25 41.43
CA LYS E 467 -38.86 16.26 42.23
C LYS E 467 -38.86 15.09 43.22
N ARG E 468 -39.99 14.87 43.89
CA ARG E 468 -40.09 13.77 44.83
C ARG E 468 -39.92 12.42 44.14
N GLU E 469 -40.53 12.25 42.96
CA GLU E 469 -40.39 11.00 42.23
C GLU E 469 -38.95 10.77 41.80
N LEU E 470 -38.27 11.82 41.35
CA LEU E 470 -36.87 11.68 40.99
C LEU E 470 -36.03 11.29 42.20
N GLN E 471 -36.30 11.92 43.35
CA GLN E 471 -35.60 11.54 44.56
C GLN E 471 -35.83 10.08 44.88
N GLU E 472 -37.09 9.63 44.83
CA GLU E 472 -37.40 8.24 45.15
C GLU E 472 -36.69 7.29 44.20
N LEU E 473 -36.64 7.62 42.92
CA LEU E 473 -36.09 6.71 41.93
C LEU E 473 -34.58 6.81 41.80
N VAL E 474 -33.95 7.79 42.41
CA VAL E 474 -32.50 7.92 42.29
C VAL E 474 -31.82 7.72 43.65
N GLN E 475 -32.15 8.57 44.61
CA GLN E 475 -31.45 8.54 45.89
C GLN E 475 -31.73 7.26 46.66
N TYR E 476 -32.97 6.76 46.59
CA TYR E 476 -33.35 5.64 47.44
C TYR E 476 -32.55 4.37 47.12
N PRO E 477 -32.44 3.90 45.88
CA PRO E 477 -31.71 2.64 45.65
C PRO E 477 -30.25 2.71 46.07
N VAL E 478 -29.57 3.84 45.83
CA VAL E 478 -28.15 3.92 46.14
C VAL E 478 -27.94 4.05 47.64
N GLU E 479 -28.78 4.83 48.33
CA GLU E 479 -28.49 5.17 49.72
C GLU E 479 -28.80 4.02 50.68
N HIS E 480 -29.84 3.24 50.42
CA HIS E 480 -30.19 2.09 51.27
C HIS E 480 -30.59 0.90 50.41
N PRO E 481 -29.62 0.23 49.77
CA PRO E 481 -29.94 -1.01 49.05
C PRO E 481 -30.26 -2.16 49.97
N ASP E 482 -30.04 -2.01 51.28
CA ASP E 482 -30.29 -3.10 52.22
C ASP E 482 -31.75 -3.51 52.24
N LYS E 483 -32.66 -2.53 52.26
CA LYS E 483 -34.07 -2.87 52.25
C LYS E 483 -34.50 -3.40 50.89
N PHE E 484 -33.85 -2.93 49.82
CA PHE E 484 -34.14 -3.46 48.49
C PHE E 484 -33.81 -4.94 48.43
N LEU E 485 -32.64 -5.33 48.96
CA LEU E 485 -32.28 -6.74 48.95
C LEU E 485 -33.10 -7.54 49.95
N LYS E 486 -33.51 -6.92 51.07
CA LYS E 486 -34.38 -7.61 52.01
C LYS E 486 -35.76 -7.87 51.40
N PHE E 487 -36.18 -7.03 50.47
CA PHE E 487 -37.39 -7.27 49.69
C PHE E 487 -37.10 -8.02 48.38
N GLY E 488 -35.90 -7.88 47.85
CA GLY E 488 -35.55 -8.51 46.59
C GLY E 488 -36.00 -7.79 45.36
N MET E 489 -36.64 -6.62 45.50
CA MET E 489 -37.13 -5.90 44.34
C MET E 489 -35.97 -5.28 43.58
N THR E 490 -35.97 -5.44 42.25
CA THR E 490 -34.91 -4.93 41.41
C THR E 490 -35.26 -3.52 40.95
N PRO E 491 -34.50 -2.50 41.32
CA PRO E 491 -34.81 -1.13 40.86
C PRO E 491 -34.73 -1.02 39.34
N SER E 492 -35.63 -0.22 38.79
CA SER E 492 -35.64 0.00 37.35
C SER E 492 -34.54 0.97 36.94
N LYS E 493 -34.25 0.99 35.63
CA LYS E 493 -33.24 1.88 35.09
C LYS E 493 -33.76 2.80 34.00
N GLY E 494 -34.99 2.59 33.51
CA GLY E 494 -35.47 3.34 32.36
C GLY E 494 -36.55 4.35 32.66
N VAL E 495 -36.20 5.63 32.58
CA VAL E 495 -37.13 6.73 32.80
C VAL E 495 -37.10 7.65 31.59
N LEU E 496 -38.28 8.02 31.10
CA LEU E 496 -38.41 8.91 29.96
C LEU E 496 -39.32 10.07 30.32
N PHE E 497 -39.04 11.23 29.71
CA PHE E 497 -39.83 12.43 29.90
C PHE E 497 -40.46 12.85 28.58
N TYR E 498 -41.71 13.30 28.65
CA TYR E 498 -42.38 13.81 27.46
C TYR E 498 -43.24 15.00 27.84
N GLY E 499 -43.36 15.94 26.91
CA GLY E 499 -44.15 17.13 27.14
C GLY E 499 -43.77 18.27 26.23
N PRO E 500 -44.25 19.47 26.54
CA PRO E 500 -43.91 20.65 25.73
C PRO E 500 -42.42 20.92 25.73
N PRO E 501 -41.86 21.37 24.62
CA PRO E 501 -40.43 21.64 24.55
C PRO E 501 -40.07 22.91 25.30
N GLY E 502 -38.78 23.01 25.63
CA GLY E 502 -38.27 24.19 26.29
C GLY E 502 -38.73 24.38 27.72
N CYS E 503 -39.07 23.28 28.41
CA CYS E 503 -39.53 23.34 29.79
C CYS E 503 -38.43 23.04 30.79
N GLY E 504 -37.17 23.00 30.34
CA GLY E 504 -36.08 22.69 31.23
C GLY E 504 -36.07 21.28 31.75
N LYS E 505 -36.47 20.31 30.93
CA LYS E 505 -36.32 18.92 31.32
C LYS E 505 -34.85 18.55 31.46
N THR E 506 -34.02 19.05 30.54
CA THR E 506 -32.57 18.91 30.70
C THR E 506 -32.11 19.60 31.97
N LEU E 507 -32.77 20.71 32.33
CA LEU E 507 -32.45 21.36 33.60
C LEU E 507 -32.74 20.43 34.77
N LEU E 508 -33.86 19.71 34.70
CA LEU E 508 -34.18 18.75 35.76
C LEU E 508 -33.14 17.64 35.82
N ALA E 509 -32.71 17.14 34.66
CA ALA E 509 -31.69 16.10 34.64
C ALA E 509 -30.40 16.59 35.28
N LYS E 510 -29.98 17.81 34.93
CA LYS E 510 -28.76 18.35 35.51
C LYS E 510 -28.91 18.56 37.01
N ALA E 511 -30.10 19.02 37.45
CA ALA E 511 -30.32 19.24 38.87
C ALA E 511 -30.27 17.94 39.64
N ILE E 512 -30.89 16.88 39.13
CA ILE E 512 -30.86 15.60 39.84
C ILE E 512 -29.45 15.02 39.82
N ALA E 513 -28.71 15.21 38.73
CA ALA E 513 -27.31 14.76 38.71
C ALA E 513 -26.49 15.50 39.76
N ASN E 514 -26.72 16.80 39.90
CA ASN E 514 -26.04 17.56 40.94
C ASN E 514 -26.42 17.07 42.32
N GLU E 515 -27.71 16.79 42.53
CA GLU E 515 -28.17 16.33 43.84
C GLU E 515 -27.55 15.00 44.21
N CYS E 516 -27.54 14.06 43.26
CA CYS E 516 -26.92 12.76 43.50
C CYS E 516 -25.41 12.86 43.54
N GLN E 517 -24.83 13.99 43.13
CA GLN E 517 -23.39 14.20 43.14
C GLN E 517 -22.67 13.14 42.29
N ALA E 518 -23.27 12.80 41.16
CA ALA E 518 -22.69 11.85 40.23
C ALA E 518 -22.40 12.53 38.91
N ASN E 519 -21.54 11.89 38.11
CA ASN E 519 -21.13 12.45 36.84
C ASN E 519 -22.31 12.53 35.89
N PHE E 520 -22.28 13.53 35.01
CA PHE E 520 -23.34 13.76 34.03
C PHE E 520 -22.76 13.69 32.63
N ILE E 521 -23.45 12.95 31.76
CA ILE E 521 -23.07 12.84 30.35
C ILE E 521 -24.31 13.09 29.51
N SER E 522 -24.19 13.95 28.52
CA SER E 522 -25.30 14.31 27.65
C SER E 522 -25.03 13.84 26.23
N ILE E 523 -26.07 13.30 25.59
CA ILE E 523 -26.01 12.90 24.19
C ILE E 523 -27.16 13.59 23.48
N LYS E 524 -26.85 14.25 22.37
CA LYS E 524 -27.81 15.10 21.67
C LYS E 524 -28.14 14.48 20.31
N GLY E 525 -29.31 14.84 19.78
CA GLY E 525 -29.79 14.28 18.53
C GLY E 525 -28.89 14.47 17.33
N PRO E 526 -28.30 15.67 17.14
CA PRO E 526 -27.32 15.84 16.06
C PRO E 526 -26.26 14.76 15.96
N GLU E 527 -25.52 14.47 17.04
CA GLU E 527 -24.50 13.43 16.94
C GLU E 527 -25.13 12.07 16.74
N LEU E 528 -26.35 11.86 17.26
CA LEU E 528 -27.05 10.61 16.98
C LEU E 528 -27.24 10.41 15.49
N LEU E 529 -27.70 11.46 14.79
CA LEU E 529 -27.81 11.38 13.34
C LEU E 529 -26.44 11.30 12.68
N THR E 530 -25.42 11.89 13.31
CA THR E 530 -24.08 11.82 12.75
C THR E 530 -23.57 10.39 12.71
N MET E 531 -23.85 9.60 13.74
CA MET E 531 -23.58 8.17 13.66
C MET E 531 -24.66 7.41 12.90
N TRP E 532 -25.82 8.03 12.63
CA TRP E 532 -26.83 7.39 11.82
C TRP E 532 -26.32 7.12 10.40
N PHE E 533 -25.67 8.10 9.81
CA PHE E 533 -24.99 7.96 8.53
C PHE E 533 -23.48 8.02 8.74
N GLY E 534 -22.73 7.97 7.65
CA GLY E 534 -21.28 8.06 7.72
C GLY E 534 -20.68 6.97 8.57
N GLU E 535 -20.19 7.35 9.75
CA GLU E 535 -19.64 6.37 10.69
C GLU E 535 -20.74 5.43 11.17
N SER E 536 -20.33 4.20 11.50
CA SER E 536 -21.27 3.16 11.90
C SER E 536 -21.65 3.34 13.37
N GLU E 537 -22.30 2.32 13.93
CA GLU E 537 -22.78 2.36 15.32
C GLU E 537 -21.68 2.10 16.34
N ALA E 538 -20.48 1.74 15.88
CA ALA E 538 -19.45 1.26 16.79
C ALA E 538 -19.17 2.25 17.91
N ASN E 539 -19.21 3.55 17.60
CA ASN E 539 -18.96 4.56 18.61
C ASN E 539 -19.83 4.35 19.84
N VAL E 540 -21.14 4.16 19.63
CA VAL E 540 -22.06 3.96 20.74
C VAL E 540 -21.50 2.95 21.72
N ARG E 541 -20.92 1.86 21.21
CA ARG E 541 -20.35 0.83 22.06
C ARG E 541 -19.44 1.44 23.13
N GLU E 542 -18.35 2.07 22.69
CA GLU E 542 -17.42 2.58 23.69
C GLU E 542 -18.05 3.68 24.51
N ILE E 543 -19.03 4.38 23.94
CA ILE E 543 -19.75 5.40 24.69
C ILE E 543 -20.33 4.78 25.94
N PHE E 544 -21.02 3.65 25.79
CA PHE E 544 -21.54 2.94 26.95
C PHE E 544 -20.41 2.54 27.87
N ASP E 545 -19.31 2.04 27.30
CA ASP E 545 -18.13 1.75 28.11
C ASP E 545 -17.71 2.99 28.89
N LYS E 546 -17.61 4.13 28.20
CA LYS E 546 -17.30 5.37 28.90
C LYS E 546 -18.34 5.66 29.95
N ALA E 547 -19.61 5.47 29.63
CA ALA E 547 -20.67 5.64 30.62
C ALA E 547 -20.49 4.64 31.75
N ARG E 548 -20.12 3.41 31.42
CA ARG E 548 -19.85 2.43 32.47
C ARG E 548 -18.55 2.77 33.19
N GLN E 549 -17.66 3.50 32.54
CA GLN E 549 -16.40 3.86 33.18
C GLN E 549 -16.61 4.89 34.29
N ALA E 550 -17.50 5.85 34.06
CA ALA E 550 -17.72 6.95 35.00
C ALA E 550 -18.76 6.61 36.06
N ALA E 551 -18.98 5.33 36.34
CA ALA E 551 -19.96 4.96 37.35
C ALA E 551 -19.52 5.46 38.72
N PRO E 552 -20.43 6.04 39.52
CA PRO E 552 -21.83 6.25 39.15
C PRO E 552 -22.02 7.47 38.24
N CYS E 553 -22.92 7.35 37.28
CA CYS E 553 -23.16 8.42 36.33
C CYS E 553 -24.56 8.29 35.78
N VAL E 554 -25.04 9.37 35.17
CA VAL E 554 -26.37 9.42 34.60
C VAL E 554 -26.22 9.77 33.12
N LEU E 555 -26.36 8.78 32.27
CA LEU E 555 -26.35 9.03 30.83
C LEU E 555 -27.65 9.70 30.42
N PHE E 556 -27.54 10.80 29.69
CA PHE E 556 -28.70 11.57 29.28
C PHE E 556 -28.84 11.53 27.77
N PHE E 557 -30.09 11.43 27.31
CA PHE E 557 -30.41 11.48 25.89
C PHE E 557 -31.39 12.60 25.64
N ASP E 558 -31.05 13.47 24.69
CA ASP E 558 -31.92 14.55 24.26
C ASP E 558 -32.28 14.35 22.80
N GLU E 559 -33.53 14.69 22.47
CA GLU E 559 -34.06 14.48 21.13
C GLU E 559 -33.91 13.01 20.72
N LEU E 560 -34.43 12.14 21.58
CA LEU E 560 -34.42 10.72 21.29
C LEU E 560 -35.33 10.36 20.13
N ASP E 561 -36.26 11.25 19.79
CA ASP E 561 -37.18 11.03 18.69
C ASP E 561 -36.60 11.46 17.35
N SER E 562 -35.37 11.98 17.32
CA SER E 562 -34.76 12.38 16.06
C SER E 562 -34.69 11.20 15.10
N ILE E 563 -34.18 10.06 15.58
CA ILE E 563 -34.22 8.84 14.76
C ILE E 563 -35.67 8.46 14.46
N ALA E 564 -36.56 8.66 15.43
CA ALA E 564 -37.98 8.49 15.17
C ALA E 564 -38.46 9.52 14.16
N LYS E 565 -37.95 10.76 14.23
CA LYS E 565 -38.30 11.77 13.24
C LYS E 565 -37.79 11.36 11.86
N ALA E 566 -36.57 10.82 11.80
CA ALA E 566 -36.11 10.23 10.55
C ALA E 566 -36.84 8.93 10.24
N ARG E 567 -37.46 8.31 11.25
CA ARG E 567 -38.29 7.13 11.02
C ARG E 567 -39.44 7.47 10.09
N GLY E 568 -40.20 8.51 10.42
CA GLY E 568 -41.23 9.03 9.56
C GLY E 568 -41.11 10.52 9.36
N GLY E 569 -40.80 10.95 8.13
CA GLY E 569 -40.64 12.36 7.86
C GLY E 569 -40.68 12.70 6.38
N ASN E 570 -39.85 13.65 5.97
CA ASN E 570 -39.81 14.07 4.57
C ASN E 570 -38.86 13.24 3.72
N ILE E 571 -38.18 12.26 4.31
CA ILE E 571 -37.30 11.38 3.56
C ILE E 571 -37.78 9.94 3.72
N GLY E 572 -37.74 9.42 4.94
CA GLY E 572 -38.20 8.06 5.21
C GLY E 572 -37.48 7.00 4.41
N ASP E 573 -36.16 7.16 4.22
CA ASP E 573 -35.37 6.24 3.40
C ASP E 573 -34.23 5.59 4.17
N GLY E 574 -34.09 5.86 5.47
CA GLY E 574 -33.00 5.32 6.24
C GLY E 574 -33.40 4.20 7.18
N GLY E 575 -34.21 3.26 6.67
CA GLY E 575 -34.70 2.19 7.52
C GLY E 575 -33.60 1.31 8.07
N GLY E 576 -32.62 0.95 7.24
CA GLY E 576 -31.54 0.09 7.71
C GLY E 576 -30.67 0.75 8.76
N ALA E 577 -30.30 2.02 8.54
CA ALA E 577 -29.48 2.73 9.52
C ALA E 577 -30.23 2.92 10.83
N ALA E 578 -31.53 3.25 10.74
CA ALA E 578 -32.32 3.41 11.96
C ALA E 578 -32.45 2.09 12.71
N ASP E 579 -32.65 0.99 11.98
CA ASP E 579 -32.70 -0.32 12.62
C ASP E 579 -31.38 -0.63 13.30
N ARG E 580 -30.25 -0.33 12.64
CA ARG E 580 -28.96 -0.57 13.25
C ARG E 580 -28.77 0.27 14.51
N VAL E 581 -29.21 1.53 14.47
CA VAL E 581 -29.14 2.39 15.64
C VAL E 581 -29.94 1.79 16.79
N ILE E 582 -31.16 1.36 16.49
CA ILE E 582 -32.03 0.80 17.53
C ILE E 582 -31.42 -0.46 18.11
N ASN E 583 -30.90 -1.34 17.24
CA ASN E 583 -30.28 -2.57 17.71
C ASN E 583 -29.11 -2.27 18.62
N GLN E 584 -28.23 -1.35 18.19
CA GLN E 584 -27.05 -1.05 18.99
C GLN E 584 -27.44 -0.49 20.34
N ILE E 585 -28.34 0.49 20.36
CA ILE E 585 -28.68 1.14 21.62
C ILE E 585 -29.38 0.14 22.56
N LEU E 586 -30.29 -0.67 22.01
CA LEU E 586 -30.97 -1.66 22.85
C LEU E 586 -29.99 -2.68 23.41
N THR E 587 -29.08 -3.18 22.56
CA THR E 587 -28.14 -4.19 23.00
C THR E 587 -27.19 -3.64 24.05
N GLU E 588 -26.84 -2.37 23.93
CA GLU E 588 -25.98 -1.78 24.96
C GLU E 588 -26.75 -1.55 26.25
N MET E 589 -27.99 -1.07 26.17
CA MET E 589 -28.69 -0.68 27.38
C MET E 589 -29.17 -1.88 28.17
N ASP E 590 -29.63 -2.94 27.49
CA ASP E 590 -30.09 -4.10 28.23
C ASP E 590 -28.92 -4.93 28.76
N GLY E 591 -27.73 -4.79 28.17
CA GLY E 591 -26.60 -5.59 28.59
C GLY E 591 -25.89 -5.12 29.84
N MET E 592 -26.20 -3.92 30.32
CA MET E 592 -25.52 -3.41 31.50
C MET E 592 -25.91 -4.20 32.74
N SER E 593 -24.97 -4.32 33.66
CA SER E 593 -25.21 -5.04 34.90
C SER E 593 -26.05 -4.20 35.85
N THR E 594 -26.97 -4.86 36.55
CA THR E 594 -27.80 -4.16 37.52
C THR E 594 -27.00 -3.61 38.69
N LYS E 595 -25.78 -4.12 38.89
CA LYS E 595 -24.94 -3.62 39.98
C LYS E 595 -24.55 -2.16 39.76
N LYS E 596 -24.24 -1.80 38.52
CA LYS E 596 -23.73 -0.47 38.23
C LYS E 596 -24.73 0.61 38.62
N ASN E 597 -24.23 1.65 39.27
CA ASN E 597 -25.04 2.81 39.64
C ASN E 597 -25.12 3.79 38.48
N VAL E 598 -25.56 3.27 37.35
CA VAL E 598 -25.70 4.03 36.12
C VAL E 598 -27.17 4.06 35.72
N PHE E 599 -27.70 5.26 35.52
CA PHE E 599 -29.09 5.43 35.17
C PHE E 599 -29.21 6.09 33.81
N ILE E 600 -30.27 5.73 33.09
CA ILE E 600 -30.51 6.24 31.74
C ILE E 600 -31.75 7.11 31.76
N ILE E 601 -31.66 8.27 31.13
CA ILE E 601 -32.76 9.23 31.06
C ILE E 601 -33.01 9.57 29.60
N GLY E 602 -34.26 9.43 29.17
CA GLY E 602 -34.66 9.79 27.82
C GLY E 602 -35.59 10.98 27.84
N ALA E 603 -35.45 11.85 26.85
CA ALA E 603 -36.27 13.05 26.75
C ALA E 603 -36.75 13.22 25.32
N THR E 604 -38.00 13.66 25.19
CA THR E 604 -38.60 13.89 23.89
C THR E 604 -39.83 14.77 24.05
N ASN E 605 -40.30 15.32 22.93
CA ASN E 605 -41.55 16.05 22.89
C ASN E 605 -42.52 15.45 21.89
N ARG E 606 -42.24 14.25 21.37
CA ARG E 606 -43.10 13.57 20.40
C ARG E 606 -43.32 12.14 20.86
N PRO E 607 -44.05 11.93 21.95
CA PRO E 607 -44.29 10.56 22.43
C PRO E 607 -45.12 9.74 21.47
N ASP E 608 -45.83 10.36 20.54
CA ASP E 608 -46.69 9.65 19.60
C ASP E 608 -45.92 8.94 18.49
N ILE E 609 -44.66 9.31 18.26
CA ILE E 609 -43.89 8.72 17.16
C ILE E 609 -42.89 7.67 17.64
N ILE E 610 -42.61 7.61 18.93
CA ILE E 610 -41.62 6.65 19.44
C ILE E 610 -42.17 5.24 19.30
N ASP E 611 -41.37 4.36 18.72
CA ASP E 611 -41.76 2.96 18.61
C ASP E 611 -41.81 2.35 20.00
N PRO E 612 -42.92 1.69 20.38
CA PRO E 612 -42.99 1.07 21.71
C PRO E 612 -42.03 -0.08 21.93
N ALA E 613 -41.16 -0.38 20.95
CA ALA E 613 -40.16 -1.42 21.17
C ALA E 613 -39.26 -1.08 22.34
N ILE E 614 -38.86 0.19 22.45
CA ILE E 614 -38.12 0.64 23.62
C ILE E 614 -39.00 0.54 24.87
N LEU E 615 -40.29 0.81 24.71
CA LEU E 615 -41.21 0.78 25.85
C LEU E 615 -41.49 -0.65 26.27
N ARG E 616 -40.78 -1.12 27.29
CA ARG E 616 -40.93 -2.49 27.76
C ARG E 616 -40.28 -2.63 29.13
N PRO E 617 -40.82 -3.47 30.01
CA PRO E 617 -40.11 -3.81 31.25
C PRO E 617 -38.74 -4.37 30.94
N GLY E 618 -37.76 -4.00 31.75
CA GLY E 618 -36.38 -4.25 31.42
C GLY E 618 -35.79 -3.24 30.47
N ARG E 619 -36.54 -2.21 30.09
CA ARG E 619 -36.08 -1.17 29.19
C ARG E 619 -36.60 0.16 29.73
N LEU E 620 -36.57 1.20 28.90
CA LEU E 620 -37.23 2.45 29.23
C LEU E 620 -38.71 2.21 29.38
N ASP E 621 -39.20 2.19 30.62
CA ASP E 621 -40.60 1.87 30.86
C ASP E 621 -41.28 2.95 31.69
N GLN E 622 -40.55 3.51 32.66
CA GLN E 622 -41.10 4.60 33.45
C GLN E 622 -41.28 5.83 32.57
N LEU E 623 -42.45 6.46 32.64
CA LEU E 623 -42.80 7.60 31.80
C LEU E 623 -43.29 8.73 32.68
N ILE E 624 -42.88 9.96 32.35
CA ILE E 624 -43.32 11.13 33.09
C ILE E 624 -43.70 12.23 32.11
N TYR E 625 -44.90 12.76 32.24
CA TYR E 625 -45.29 13.95 31.50
C TYR E 625 -44.86 15.19 32.25
N ILE E 626 -44.43 16.21 31.50
CA ILE E 626 -43.99 17.47 32.07
C ILE E 626 -45.09 18.50 31.80
N PRO E 627 -45.84 18.91 32.81
CA PRO E 627 -46.85 19.95 32.60
C PRO E 627 -46.23 21.29 32.27
N LEU E 628 -46.98 22.08 31.51
CA LEU E 628 -46.53 23.42 31.15
C LEU E 628 -46.51 24.33 32.38
N PRO E 629 -45.63 25.33 32.39
CA PRO E 629 -45.55 26.23 33.55
C PRO E 629 -46.87 26.96 33.77
N ASP E 630 -47.21 27.16 35.05
CA ASP E 630 -48.50 27.74 35.39
C ASP E 630 -48.37 28.67 36.59
N GLU E 631 -48.85 29.89 36.43
CA GLU E 631 -49.04 30.86 37.51
C GLU E 631 -47.77 31.06 38.34
N LYS E 632 -47.83 30.66 39.61
CA LYS E 632 -46.70 30.86 40.50
C LYS E 632 -45.43 30.25 39.94
N SER E 633 -45.54 29.10 39.26
CA SER E 633 -44.39 28.50 38.62
C SER E 633 -43.70 29.50 37.70
N ARG E 634 -44.48 30.13 36.81
CA ARG E 634 -43.91 31.18 35.97
C ARG E 634 -43.28 32.26 36.83
N VAL E 635 -43.96 32.67 37.90
CA VAL E 635 -43.39 33.63 38.82
C VAL E 635 -42.04 33.14 39.33
N ALA E 636 -41.98 31.87 39.73
CA ALA E 636 -40.71 31.30 40.16
C ALA E 636 -39.70 31.36 39.02
N ILE E 637 -40.13 31.00 37.82
CA ILE E 637 -39.27 31.18 36.65
C ILE E 637 -38.91 32.65 36.50
N LEU E 638 -39.90 33.53 36.63
CA LEU E 638 -39.64 34.96 36.59
C LEU E 638 -38.65 35.37 37.68
N LYS E 639 -38.66 34.66 38.81
CA LYS E 639 -37.65 34.90 39.82
C LYS E 639 -36.31 34.32 39.40
N ALA E 640 -36.32 33.09 38.86
CA ALA E 640 -35.07 32.38 38.59
C ALA E 640 -34.22 33.14 37.58
N ASN E 641 -34.80 33.46 36.43
CA ASN E 641 -34.08 34.25 35.44
C ASN E 641 -33.78 35.66 35.92
N LEU E 642 -34.42 36.10 37.00
CA LEU E 642 -34.12 37.39 37.59
C LEU E 642 -32.94 37.34 38.54
N ARG E 643 -32.39 36.15 38.80
CA ARG E 643 -31.18 36.06 39.60
C ARG E 643 -30.07 36.89 38.97
N LYS E 644 -29.66 36.49 37.76
CA LYS E 644 -28.86 37.28 36.82
C LYS E 644 -27.98 38.33 37.47
N SER E 645 -28.43 39.59 37.40
CA SER E 645 -27.69 40.74 37.93
C SER E 645 -28.56 41.99 38.04
N PRO E 646 -29.32 42.40 37.02
CA PRO E 646 -30.01 43.69 37.07
C PRO E 646 -31.21 43.63 38.00
N VAL E 647 -31.80 44.81 38.24
CA VAL E 647 -32.98 44.96 39.09
C VAL E 647 -34.04 45.71 38.31
N ALA E 648 -35.30 45.32 38.51
CA ALA E 648 -36.43 45.93 37.81
C ALA E 648 -37.57 46.15 38.79
N LYS E 649 -37.25 46.68 39.97
CA LYS E 649 -38.26 46.86 41.02
C LYS E 649 -39.20 48.02 40.67
N ASP E 650 -40.04 47.82 39.67
CA ASP E 650 -41.05 48.82 39.32
C ASP E 650 -42.42 48.19 39.16
N VAL E 651 -42.46 46.94 38.72
CA VAL E 651 -43.70 46.26 38.37
C VAL E 651 -43.76 44.92 39.08
N ASP E 652 -44.95 44.51 39.49
CA ASP E 652 -45.15 43.21 40.11
C ASP E 652 -44.89 42.09 39.11
N LEU E 653 -44.08 41.11 39.52
CA LEU E 653 -43.86 39.94 38.69
C LEU E 653 -45.14 39.11 38.56
N GLU E 654 -45.90 39.01 39.65
CA GLU E 654 -47.16 38.26 39.61
C GLU E 654 -48.14 38.89 38.63
N PHE E 655 -48.13 40.21 38.53
CA PHE E 655 -48.98 40.88 37.55
C PHE E 655 -48.62 40.45 36.14
N LEU E 656 -47.32 40.46 35.82
CA LEU E 656 -46.87 40.05 34.49
C LEU E 656 -47.22 38.59 34.23
N ALA E 657 -47.07 37.74 35.24
CA ALA E 657 -47.51 36.36 35.11
C ALA E 657 -48.99 36.28 34.81
N LYS E 658 -49.78 37.17 35.41
CA LYS E 658 -51.20 37.21 35.13
C LYS E 658 -51.47 37.57 33.67
N MET E 659 -50.73 38.54 33.12
CA MET E 659 -50.89 38.80 31.68
C MET E 659 -50.36 37.66 30.83
N THR E 660 -49.34 36.94 31.31
CA THR E 660 -48.69 35.89 30.52
C THR E 660 -49.21 34.51 30.88
N ASN E 661 -50.49 34.39 31.21
CA ASN E 661 -51.05 33.10 31.56
C ASN E 661 -51.11 32.18 30.34
N GLY E 662 -50.82 30.91 30.55
CA GLY E 662 -50.77 29.94 29.47
C GLY E 662 -49.59 30.13 28.52
N PHE E 663 -48.41 30.42 29.06
CA PHE E 663 -47.22 30.64 28.26
C PHE E 663 -46.12 29.66 28.68
N SER E 664 -45.27 29.31 27.72
CA SER E 664 -44.20 28.37 27.99
C SER E 664 -43.07 29.05 28.78
N GLY E 665 -42.34 28.24 29.55
CA GLY E 665 -41.25 28.78 30.35
C GLY E 665 -40.15 29.39 29.50
N ALA E 666 -39.82 28.73 28.39
CA ALA E 666 -38.88 29.32 27.44
C ALA E 666 -39.37 30.66 26.93
N ASP E 667 -40.69 30.81 26.76
CA ASP E 667 -41.22 32.10 26.38
C ASP E 667 -40.99 33.15 27.46
N LEU E 668 -41.14 32.77 28.73
CA LEU E 668 -40.86 33.70 29.82
C LEU E 668 -39.39 34.10 29.82
N THR E 669 -38.50 33.13 29.59
CA THR E 669 -37.07 33.46 29.50
C THR E 669 -36.82 34.41 28.34
N GLU E 670 -37.49 34.18 27.21
CA GLU E 670 -37.37 35.09 26.08
C GLU E 670 -37.87 36.49 26.42
N ILE E 671 -38.96 36.56 27.19
CA ILE E 671 -39.49 37.87 27.61
C ILE E 671 -38.47 38.60 28.46
N CYS E 672 -37.89 37.89 29.43
CA CYS E 672 -36.87 38.50 30.28
C CYS E 672 -35.67 38.92 29.45
N GLN E 673 -35.26 38.10 28.49
CA GLN E 673 -34.13 38.44 27.63
C GLN E 673 -34.42 39.69 26.81
N ARG E 674 -35.62 39.77 26.24
CA ARG E 674 -35.98 40.95 25.46
C ARG E 674 -36.00 42.20 26.31
N ALA E 675 -36.54 42.09 27.53
CA ALA E 675 -36.55 43.23 28.43
C ALA E 675 -35.13 43.67 28.78
N CYS E 676 -34.23 42.71 29.02
CA CYS E 676 -32.85 43.06 29.32
C CYS E 676 -32.15 43.64 28.10
N LYS E 677 -32.50 43.18 26.90
CA LYS E 677 -31.98 43.79 25.69
C LYS E 677 -32.42 45.24 25.57
N LEU E 678 -33.68 45.51 25.88
CA LEU E 678 -34.17 46.89 25.86
C LEU E 678 -33.45 47.73 26.90
N ALA E 679 -33.20 47.16 28.08
CA ALA E 679 -32.46 47.89 29.12
C ALA E 679 -31.03 48.18 28.67
N ILE E 680 -30.38 47.21 28.03
CA ILE E 680 -29.04 47.42 27.51
C ILE E 680 -29.05 48.51 26.44
N ARG E 681 -30.05 48.49 25.57
CA ARG E 681 -30.19 49.52 24.55
C ARG E 681 -30.36 50.89 25.19
N GLU E 682 -31.18 50.97 26.24
CA GLU E 682 -31.39 52.23 26.94
C GLU E 682 -30.09 52.73 27.55
N SER E 683 -29.33 51.84 28.20
CA SER E 683 -28.05 52.24 28.77
C SER E 683 -27.10 52.72 27.69
N ILE E 684 -27.04 52.00 26.56
CA ILE E 684 -26.13 52.35 25.49
C ILE E 684 -26.48 53.72 24.92
N GLU E 685 -27.78 53.96 24.66
CA GLU E 685 -28.17 55.23 24.08
C GLU E 685 -27.97 56.38 25.05
N SER E 686 -28.20 56.13 26.34
CA SER E 686 -27.95 57.17 27.34
C SER E 686 -26.47 57.52 27.40
N GLU E 687 -25.60 56.51 27.39
CA GLU E 687 -24.17 56.76 27.40
C GLU E 687 -23.74 57.50 26.14
N ILE E 688 -24.29 57.12 24.99
CA ILE E 688 -23.95 57.79 23.75
C ILE E 688 -24.39 59.25 23.79
N ARG E 689 -25.60 59.49 24.29
CA ARG E 689 -26.09 60.86 24.39
C ARG E 689 -25.21 61.70 25.33
N ARG E 690 -24.84 61.13 26.47
CA ARG E 690 -24.05 61.91 27.42
C ARG E 690 -22.64 62.17 26.89
N GLU E 691 -22.01 61.20 26.23
CA GLU E 691 -20.70 61.47 25.64
C GLU E 691 -20.81 62.47 24.49
N ARG E 692 -21.90 62.39 23.71
CA ARG E 692 -22.07 63.34 22.62
C ARG E 692 -22.25 64.76 23.14
N GLU E 693 -23.04 64.94 24.20
CA GLU E 693 -23.21 66.27 24.75
C GLU E 693 -21.96 66.76 25.48
N ARG E 694 -21.16 65.83 26.00
CA ARG E 694 -19.89 66.21 26.60
C ARG E 694 -18.82 66.55 25.57
N GLN E 695 -18.91 66.01 24.36
CA GLN E 695 -17.94 66.28 23.31
C GLN E 695 -18.32 67.45 22.43
N THR E 696 -19.61 67.67 22.17
CA THR E 696 -20.03 68.87 21.44
C THR E 696 -19.62 70.12 22.19
N ASN E 697 -19.83 70.13 23.51
CA ASN E 697 -19.14 71.08 24.36
C ASN E 697 -17.65 70.74 24.33
N PRO E 698 -16.77 71.70 24.10
CA PRO E 698 -15.37 71.35 23.81
C PRO E 698 -14.67 70.68 24.98
N SER E 699 -14.40 69.37 24.83
CA SER E 699 -13.68 68.58 25.83
C SER E 699 -14.22 68.84 27.24
N ALA E 700 -15.54 68.83 27.37
CA ALA E 700 -16.21 69.25 28.60
C ALA E 700 -16.33 68.07 29.56
N MET E 701 -15.65 68.18 30.69
CA MET E 701 -15.81 67.27 31.83
C MET E 701 -16.33 68.11 32.98
N GLU E 702 -17.64 68.33 32.99
CA GLU E 702 -18.29 69.13 34.03
C GLU E 702 -18.89 68.26 35.14
N VAL E 703 -19.84 67.41 34.79
CA VAL E 703 -20.42 66.43 35.70
C VAL E 703 -20.52 65.10 34.97
N GLU E 704 -19.95 64.06 35.56
CA GLU E 704 -20.04 62.73 34.97
C GLU E 704 -21.39 62.12 35.32
N GLU E 705 -22.13 61.71 34.30
CA GLU E 705 -23.42 61.06 34.49
C GLU E 705 -23.14 59.60 34.80
N ASP E 706 -23.34 59.22 36.07
CA ASP E 706 -23.08 57.85 36.48
C ASP E 706 -23.98 56.90 35.73
N ASP E 707 -23.46 55.73 35.42
CA ASP E 707 -24.21 54.74 34.67
C ASP E 707 -25.47 54.37 35.45
N PRO E 708 -26.66 54.54 34.88
CA PRO E 708 -27.89 54.31 35.65
C PRO E 708 -27.98 52.87 36.15
N VAL E 709 -28.47 52.72 37.38
CA VAL E 709 -28.78 51.43 37.95
C VAL E 709 -29.90 50.83 37.11
N PRO E 710 -29.93 49.51 36.90
CA PRO E 710 -31.07 48.90 36.21
C PRO E 710 -32.40 49.37 36.76
N GLU E 711 -33.16 50.09 35.94
CA GLU E 711 -34.37 50.78 36.35
C GLU E 711 -35.49 50.53 35.36
N ILE E 712 -35.67 49.25 34.99
CA ILE E 712 -36.64 48.90 33.96
C ILE E 712 -38.04 49.24 34.45
N ARG E 713 -38.81 49.91 33.59
CA ARG E 713 -40.17 50.33 33.91
C ARG E 713 -41.17 49.33 33.36
N ARG E 714 -42.45 49.66 33.53
CA ARG E 714 -43.51 48.91 32.89
C ARG E 714 -43.48 49.05 31.39
N ASP E 715 -42.84 50.10 30.87
CA ASP E 715 -42.82 50.34 29.43
C ASP E 715 -42.13 49.21 28.68
N HIS E 716 -40.92 48.84 29.11
CA HIS E 716 -40.16 47.82 28.42
C HIS E 716 -40.86 46.46 28.51
N PHE E 717 -41.39 46.15 29.70
CA PHE E 717 -42.10 44.89 29.88
C PHE E 717 -43.34 44.83 29.01
N GLU E 718 -44.10 45.92 28.95
CA GLU E 718 -45.29 45.95 28.11
C GLU E 718 -44.93 45.81 26.64
N GLU E 719 -43.87 46.49 26.20
CA GLU E 719 -43.45 46.37 24.82
C GLU E 719 -43.01 44.95 24.49
N ALA E 720 -42.28 44.31 25.41
CA ALA E 720 -41.86 42.93 25.20
C ALA E 720 -43.07 42.01 25.11
N MET E 721 -44.04 42.20 26.00
CA MET E 721 -45.24 41.37 25.97
C MET E 721 -46.02 41.60 24.69
N ARG E 722 -46.02 42.83 24.18
CA ARG E 722 -46.72 43.12 22.94
C ARG E 722 -46.13 42.34 21.77
N PHE E 723 -44.84 42.56 21.50
CA PHE E 723 -44.21 41.92 20.35
C PHE E 723 -43.50 40.62 20.75
N ALA E 724 -44.23 39.79 21.50
CA ALA E 724 -43.81 38.43 21.82
C ALA E 724 -44.98 37.69 22.47
N ARG E 725 -45.33 36.52 21.96
CA ARG E 725 -46.49 35.78 22.42
C ARG E 725 -46.11 34.33 22.68
N ARG E 726 -47.06 33.57 23.19
CA ARG E 726 -46.85 32.15 23.50
C ARG E 726 -46.68 31.38 22.20
N SER E 727 -45.44 30.97 21.90
CA SER E 727 -45.19 30.26 20.66
C SER E 727 -45.94 28.93 20.61
N VAL E 728 -46.21 28.33 21.76
CA VAL E 728 -46.98 27.10 21.81
C VAL E 728 -48.45 27.42 21.72
N SER E 729 -49.13 26.81 20.75
CA SER E 729 -50.57 26.99 20.58
C SER E 729 -51.34 25.90 21.30
N ASP E 730 -52.61 26.17 21.56
CA ASP E 730 -53.45 25.26 22.34
C ASP E 730 -53.67 23.93 21.62
N ASN E 731 -53.51 23.89 20.30
CA ASN E 731 -53.62 22.62 19.60
C ASN E 731 -52.53 21.64 20.05
N ASP E 732 -51.31 22.14 20.22
CA ASP E 732 -50.24 21.28 20.72
C ASP E 732 -50.57 20.76 22.11
N ILE E 733 -51.08 21.63 22.98
CA ILE E 733 -51.41 21.24 24.34
C ILE E 733 -52.50 20.17 24.34
N ARG E 734 -53.55 20.39 23.54
CA ARG E 734 -54.63 19.41 23.51
C ARG E 734 -54.16 18.08 22.94
N LYS E 735 -53.29 18.11 21.93
CA LYS E 735 -52.74 16.87 21.40
C LYS E 735 -51.91 16.14 22.45
N TYR E 736 -51.07 16.87 23.18
CA TYR E 736 -50.27 16.25 24.22
C TYR E 736 -51.14 15.62 25.29
N GLU E 737 -52.19 16.34 25.73
CA GLU E 737 -53.01 15.82 26.82
C GLU E 737 -53.87 14.64 26.34
N MET E 738 -54.39 14.69 25.11
CA MET E 738 -55.18 13.57 24.64
C MET E 738 -54.31 12.33 24.45
N PHE E 739 -53.10 12.50 23.93
CA PHE E 739 -52.21 11.34 23.82
C PHE E 739 -51.81 10.83 25.19
N ALA E 740 -51.62 11.74 26.14
CA ALA E 740 -51.28 11.33 27.50
C ALA E 740 -52.39 10.49 28.10
N GLN E 741 -53.64 10.93 27.93
CA GLN E 741 -54.76 10.16 28.47
C GLN E 741 -54.94 8.84 27.72
N THR E 742 -54.71 8.84 26.41
CA THR E 742 -54.81 7.62 25.63
C THR E 742 -53.78 6.60 26.09
N LEU E 743 -52.54 7.04 26.31
CA LEU E 743 -51.52 6.12 26.80
C LEU E 743 -51.76 5.75 28.25
N GLN E 744 -52.39 6.65 29.02
CA GLN E 744 -52.69 6.37 30.42
C GLN E 744 -53.70 5.24 30.56
N GLN E 745 -54.81 5.35 29.84
CA GLN E 745 -55.88 4.35 29.95
C GLN E 745 -55.71 3.19 28.98
N SER E 746 -54.75 3.26 28.06
CA SER E 746 -54.45 2.12 27.20
C SER E 746 -53.47 1.16 27.85
N ARG E 747 -52.82 1.58 28.94
CA ARG E 747 -51.91 0.71 29.66
C ARG E 747 -52.55 0.29 30.98
N ARG F 3 21.78 58.03 29.69
CA ARG F 3 22.54 58.80 28.72
C ARG F 3 21.64 59.35 27.62
N PRO F 4 21.62 60.68 27.48
CA PRO F 4 20.75 61.29 26.45
C PRO F 4 21.41 61.31 25.09
N ASN F 5 22.00 60.19 24.68
CA ASN F 5 22.55 60.04 23.35
C ASN F 5 22.33 58.64 22.77
N ARG F 6 21.75 57.72 23.53
CA ARG F 6 21.49 56.38 23.06
C ARG F 6 20.07 56.30 22.51
N LEU F 7 19.95 55.96 21.24
CA LEU F 7 18.66 55.85 20.58
C LEU F 7 18.53 54.50 19.93
N ILE F 8 17.35 53.90 20.05
CA ILE F 8 17.09 52.60 19.44
C ILE F 8 16.84 52.80 17.95
N VAL F 9 17.55 52.03 17.13
CA VAL F 9 17.44 52.21 15.69
C VAL F 9 16.05 51.80 15.21
N ASP F 10 15.57 52.51 14.20
CA ASP F 10 14.26 52.24 13.63
C ASP F 10 14.27 52.63 12.16
N GLU F 11 13.32 52.08 11.43
CA GLU F 11 13.23 52.35 9.99
C GLU F 11 12.90 53.81 9.74
N ALA F 12 13.46 54.35 8.66
CA ALA F 12 13.25 55.73 8.26
C ALA F 12 12.23 55.78 7.13
N ILE F 13 11.19 56.59 7.30
CA ILE F 13 10.22 56.79 6.24
C ILE F 13 10.87 57.46 5.04
N ASN F 14 11.82 58.36 5.30
CA ASN F 14 12.57 58.99 4.23
C ASN F 14 13.40 57.95 3.49
N GLU F 15 13.41 58.05 2.16
CA GLU F 15 14.13 57.11 1.31
C GLU F 15 15.55 57.57 0.99
N ASP F 16 15.95 58.75 1.46
CA ASP F 16 17.30 59.21 1.20
C ASP F 16 18.32 58.35 1.96
N ASN F 17 19.50 58.23 1.37
CA ASN F 17 20.57 57.43 1.94
C ASN F 17 21.52 58.23 2.81
N SER F 18 21.22 59.51 3.04
CA SER F 18 22.11 60.35 3.83
C SER F 18 21.34 61.26 4.76
N VAL F 19 20.17 60.81 5.24
CA VAL F 19 19.36 61.61 6.15
C VAL F 19 18.99 60.76 7.37
N VAL F 20 18.65 61.44 8.44
CA VAL F 20 18.18 60.81 9.67
C VAL F 20 16.99 61.60 10.19
N SER F 21 15.99 60.89 10.71
CA SER F 21 14.78 61.48 11.23
C SER F 21 14.76 61.35 12.75
N LEU F 22 14.52 62.48 13.43
CA LEU F 22 14.58 62.53 14.88
C LEU F 22 13.31 63.17 15.44
N SER F 23 13.00 62.81 16.69
CA SER F 23 11.91 63.48 17.39
C SER F 23 12.31 64.91 17.74
N GLN F 24 11.30 65.77 17.87
CA GLN F 24 11.56 67.18 18.13
C GLN F 24 12.38 67.45 19.39
N PRO F 25 12.14 66.81 20.54
CA PRO F 25 12.99 67.11 21.70
C PRO F 25 14.45 66.75 21.46
N LYS F 26 14.75 65.84 20.53
CA LYS F 26 16.14 65.55 20.21
C LYS F 26 16.83 66.76 19.62
N MET F 27 16.19 67.44 18.66
CA MET F 27 16.75 68.67 18.14
C MET F 27 16.76 69.76 19.21
N ASP F 28 15.73 69.80 20.05
CA ASP F 28 15.67 70.82 21.10
C ASP F 28 16.84 70.69 22.06
N GLU F 29 17.15 69.46 22.49
CA GLU F 29 18.21 69.23 23.46
C GLU F 29 19.59 69.29 22.81
N LEU F 30 19.75 68.68 21.64
CA LEU F 30 21.05 68.53 21.01
C LEU F 30 21.43 69.73 20.15
N GLN F 31 20.59 70.75 20.07
CA GLN F 31 20.83 71.94 19.27
C GLN F 31 21.14 71.58 17.82
N LEU F 32 20.17 70.91 17.20
CA LEU F 32 20.32 70.41 15.84
C LEU F 32 19.47 71.23 14.88
N PHE F 33 20.10 71.67 13.79
CA PHE F 33 19.41 72.37 12.72
C PHE F 33 19.01 71.39 11.63
N ARG F 34 18.17 71.84 10.71
CA ARG F 34 17.76 70.99 9.61
C ARG F 34 18.95 70.76 8.67
N GLY F 35 19.20 69.50 8.33
CA GLY F 35 20.32 69.18 7.46
C GLY F 35 21.66 69.15 8.15
N ASP F 36 21.70 69.15 9.47
CA ASP F 36 22.97 69.12 10.19
C ASP F 36 23.67 67.78 9.97
N THR F 37 25.01 67.84 9.92
CA THR F 37 25.83 66.64 9.85
C THR F 37 26.18 66.21 11.27
N VAL F 38 25.75 65.02 11.64
CA VAL F 38 25.96 64.48 12.98
C VAL F 38 26.71 63.16 12.87
N LEU F 39 27.74 63.02 13.70
CA LEU F 39 28.52 61.79 13.72
C LEU F 39 27.81 60.74 14.59
N LEU F 40 27.83 59.50 14.11
CA LEU F 40 27.14 58.40 14.77
C LEU F 40 28.13 57.32 15.17
N LYS F 41 27.76 56.55 16.19
CA LYS F 41 28.59 55.48 16.70
C LYS F 41 27.79 54.19 16.74
N GLY F 42 28.50 53.08 16.64
CA GLY F 42 27.84 51.80 16.67
C GLY F 42 28.83 50.64 16.65
N LYS F 43 28.34 49.48 16.25
CA LYS F 43 29.15 48.29 16.18
C LYS F 43 30.25 48.44 15.14
N LYS F 44 31.29 47.63 15.29
CA LYS F 44 32.47 47.61 14.43
C LYS F 44 33.19 48.95 14.43
N ARG F 45 32.86 49.85 15.35
CA ARG F 45 33.41 51.20 15.40
C ARG F 45 33.28 51.89 14.04
N ARG F 46 32.04 51.97 13.57
CA ARG F 46 31.73 52.62 12.31
C ARG F 46 31.13 53.99 12.59
N GLU F 47 31.68 55.01 11.93
CA GLU F 47 31.27 56.39 12.16
C GLU F 47 31.04 57.07 10.83
N ALA F 48 29.94 57.81 10.74
CA ALA F 48 29.57 58.53 9.52
C ALA F 48 28.66 59.67 9.91
N VAL F 49 28.26 60.46 8.91
CA VAL F 49 27.39 61.61 9.11
C VAL F 49 26.25 61.56 8.11
N CYS F 50 25.16 62.24 8.45
CA CYS F 50 23.96 62.24 7.63
C CYS F 50 23.31 63.61 7.72
N ILE F 51 22.06 63.70 7.29
CA ILE F 51 21.30 64.94 7.29
C ILE F 51 20.25 64.85 8.39
N VAL F 52 20.25 65.85 9.27
CA VAL F 52 19.29 65.89 10.36
C VAL F 52 17.96 66.41 9.83
N LEU F 53 16.90 65.62 10.00
CA LEU F 53 15.58 65.99 9.55
C LEU F 53 14.59 65.83 10.69
N SER F 54 13.70 66.80 10.84
CA SER F 54 12.70 66.74 11.89
C SER F 54 11.59 65.74 11.54
N ASP F 55 11.27 64.89 12.51
CA ASP F 55 10.20 63.89 12.31
C ASP F 55 9.65 63.54 13.68
N ASP F 56 8.50 64.13 14.03
CA ASP F 56 7.88 63.89 15.32
C ASP F 56 7.24 62.51 15.43
N THR F 57 7.14 61.78 14.31
CA THR F 57 6.51 60.46 14.35
C THR F 57 7.28 59.51 15.25
N CYS F 58 8.61 59.50 15.15
CA CYS F 58 9.42 58.64 15.99
C CYS F 58 9.45 59.19 17.41
N SER F 59 9.52 58.28 18.38
CA SER F 59 9.61 58.68 19.77
C SER F 59 10.99 59.25 20.07
N ASP F 60 11.15 59.74 21.30
CA ASP F 60 12.41 60.38 21.68
C ASP F 60 13.58 59.40 21.60
N GLU F 61 13.38 58.18 22.11
CA GLU F 61 14.41 57.16 22.04
C GLU F 61 14.50 56.52 20.66
N LYS F 62 13.49 56.71 19.80
CA LYS F 62 13.45 56.09 18.49
C LYS F 62 14.18 56.96 17.48
N ILE F 63 15.11 56.37 16.74
CA ILE F 63 15.81 57.04 15.66
C ILE F 63 15.47 56.34 14.35
N ARG F 64 15.02 57.12 13.38
CA ARG F 64 14.63 56.58 12.07
C ARG F 64 15.80 56.67 11.12
N MET F 65 16.18 55.53 10.56
CA MET F 65 17.44 55.44 9.82
C MET F 65 17.43 54.14 9.03
N ASN F 66 17.73 54.26 7.73
CA ASN F 66 17.34 53.28 6.73
C ASN F 66 18.33 52.11 6.65
N ARG F 67 18.18 51.30 5.61
CA ARG F 67 18.94 50.06 5.49
C ARG F 67 20.39 50.31 5.13
N VAL F 68 20.63 51.23 4.18
CA VAL F 68 21.99 51.43 3.69
C VAL F 68 22.88 51.99 4.79
N VAL F 69 22.39 52.95 5.55
CA VAL F 69 23.21 53.50 6.64
C VAL F 69 23.31 52.49 7.78
N ARG F 70 22.27 51.67 7.97
CA ARG F 70 22.39 50.56 8.92
C ARG F 70 23.56 49.67 8.56
N ASN F 71 23.69 49.33 7.28
CA ASN F 71 24.82 48.54 6.83
C ASN F 71 26.13 49.29 7.05
N ASN F 72 26.15 50.58 6.72
CA ASN F 72 27.36 51.37 6.90
C ASN F 72 27.81 51.36 8.35
N LEU F 73 26.87 51.37 9.28
CA LEU F 73 27.19 51.30 10.69
C LEU F 73 27.35 49.87 11.21
N ARG F 74 27.06 48.87 10.36
CA ARG F 74 27.18 47.47 10.72
C ARG F 74 26.38 47.13 11.97
N VAL F 75 25.15 47.66 12.03
CA VAL F 75 24.25 47.42 13.16
C VAL F 75 22.90 46.95 12.62
N ARG F 76 22.18 46.22 13.45
CA ARG F 76 20.87 45.69 13.11
C ARG F 76 19.79 46.42 13.87
N LEU F 77 18.54 46.12 13.53
CA LEU F 77 17.41 46.77 14.16
C LEU F 77 17.33 46.42 15.64
N GLY F 78 16.80 47.35 16.42
CA GLY F 78 16.71 47.19 17.85
C GLY F 78 17.96 47.56 18.62
N ASP F 79 19.01 48.02 17.93
CA ASP F 79 20.25 48.40 18.59
C ASP F 79 20.24 49.88 18.96
N VAL F 80 21.06 50.22 19.94
CA VAL F 80 21.18 51.60 20.43
C VAL F 80 22.45 52.22 19.88
N ILE F 81 22.33 53.45 19.40
CA ILE F 81 23.45 54.16 18.80
C ILE F 81 23.73 55.44 19.57
N SER F 82 24.87 56.06 19.29
CA SER F 82 25.26 57.31 19.93
C SER F 82 25.39 58.39 18.87
N ILE F 83 24.85 59.57 19.16
CA ILE F 83 24.79 60.68 18.22
C ILE F 83 25.52 61.88 18.81
N GLN F 84 26.29 62.57 17.96
CA GLN F 84 26.94 63.80 18.41
C GLN F 84 26.98 64.80 17.28
N PRO F 85 26.61 66.05 17.51
CA PRO F 85 26.66 67.05 16.44
C PRO F 85 28.08 67.34 16.00
N CYS F 86 28.23 67.64 14.72
CA CYS F 86 29.53 67.99 14.14
C CYS F 86 29.31 68.80 12.88
N PRO F 87 28.92 70.06 13.03
CA PRO F 87 28.65 70.92 11.85
C PRO F 87 29.89 71.54 11.23
N ASP F 88 31.09 71.08 11.60
CA ASP F 88 32.34 71.63 11.10
C ASP F 88 32.75 71.04 9.75
N VAL F 89 31.79 70.48 9.00
CA VAL F 89 32.12 69.88 7.71
C VAL F 89 32.43 70.97 6.68
N LYS F 90 33.12 70.56 5.62
CA LYS F 90 33.53 71.46 4.55
C LYS F 90 33.16 70.86 3.21
N TYR F 91 32.88 71.74 2.24
CA TYR F 91 32.49 71.29 0.92
C TYR F 91 33.61 70.49 0.25
N GLY F 92 33.25 69.37 -0.36
CA GLY F 92 34.22 68.58 -1.08
C GLY F 92 34.71 69.31 -2.32
N LYS F 93 35.98 69.12 -2.63
CA LYS F 93 36.61 69.73 -3.80
C LYS F 93 36.85 68.71 -4.91
N ARG F 94 37.58 67.65 -4.61
CA ARG F 94 37.84 66.57 -5.57
C ARG F 94 37.77 65.25 -4.83
N ILE F 95 36.93 64.35 -5.31
CA ILE F 95 36.70 63.07 -4.66
C ILE F 95 36.79 61.96 -5.70
N HIS F 96 37.61 60.95 -5.41
CA HIS F 96 37.73 59.77 -6.24
C HIS F 96 36.84 58.68 -5.66
N VAL F 97 35.85 58.25 -6.45
CA VAL F 97 34.93 57.20 -6.05
C VAL F 97 34.95 56.11 -7.12
N LEU F 98 34.61 54.91 -6.71
CA LEU F 98 34.62 53.77 -7.61
C LEU F 98 33.44 52.85 -7.30
N PRO F 99 32.97 52.09 -8.28
CA PRO F 99 31.91 51.12 -8.03
C PRO F 99 32.44 49.76 -7.64
N ILE F 100 31.64 49.04 -6.85
CA ILE F 100 31.98 47.69 -6.47
C ILE F 100 31.85 46.79 -7.69
N ASP F 101 32.78 45.84 -7.82
CA ASP F 101 32.90 45.07 -9.06
C ASP F 101 31.65 44.25 -9.33
N ASP F 102 31.12 43.57 -8.33
CA ASP F 102 30.06 42.59 -8.61
C ASP F 102 28.70 43.26 -8.72
N THR F 103 28.64 44.38 -9.44
CA THR F 103 27.39 44.88 -10.01
C THR F 103 27.57 45.47 -11.39
N VAL F 104 28.81 45.78 -11.80
CA VAL F 104 29.06 46.49 -13.05
C VAL F 104 29.01 45.58 -14.25
N GLU F 105 28.94 44.27 -14.03
CA GLU F 105 29.04 43.27 -15.09
C GLU F 105 28.12 43.57 -16.26
N GLY F 106 28.71 43.83 -17.43
CA GLY F 106 27.95 44.09 -18.62
C GLY F 106 27.14 45.37 -18.58
N ILE F 107 27.82 46.52 -18.53
CA ILE F 107 27.16 47.81 -18.51
C ILE F 107 27.63 48.72 -19.64
N THR F 108 28.94 48.82 -19.87
CA THR F 108 29.55 49.60 -20.95
C THR F 108 28.91 50.99 -21.06
N GLY F 109 29.12 51.78 -20.00
CA GLY F 109 28.57 53.12 -19.98
C GLY F 109 29.29 53.98 -18.98
N ASN F 110 29.06 55.29 -19.10
CA ASN F 110 29.66 56.27 -18.20
C ASN F 110 28.76 56.44 -16.98
N LEU F 111 29.23 55.98 -15.82
CA LEU F 111 28.44 56.09 -14.61
C LEU F 111 28.25 57.53 -14.19
N PHE F 112 29.20 58.41 -14.55
CA PHE F 112 29.18 59.78 -14.07
C PHE F 112 27.90 60.49 -14.48
N GLU F 113 27.57 60.46 -15.77
CA GLU F 113 26.41 61.19 -16.25
C GLU F 113 25.14 60.38 -16.10
N VAL F 114 25.20 59.08 -16.39
CA VAL F 114 24.00 58.26 -16.34
C VAL F 114 23.53 58.07 -14.91
N TYR F 115 24.46 57.85 -13.99
CA TYR F 115 24.12 57.54 -12.60
C TYR F 115 24.52 58.64 -11.64
N LEU F 116 25.79 59.04 -11.63
CA LEU F 116 26.28 59.93 -10.60
C LEU F 116 25.72 61.34 -10.75
N LYS F 117 25.67 61.84 -11.98
CA LYS F 117 25.22 63.22 -12.20
C LYS F 117 23.80 63.47 -11.70
N PRO F 118 22.80 62.66 -12.05
CA PRO F 118 21.45 62.97 -11.53
C PRO F 118 21.31 62.68 -10.05
N TYR F 119 21.92 61.59 -9.58
CA TYR F 119 21.79 61.24 -8.16
C TYR F 119 22.42 62.29 -7.27
N PHE F 120 23.58 62.80 -7.65
CA PHE F 120 24.33 63.74 -6.82
C PHE F 120 24.20 65.17 -7.31
N LEU F 121 23.04 65.54 -7.85
CA LEU F 121 22.84 66.90 -8.34
C LEU F 121 22.69 67.83 -7.14
N GLU F 122 23.79 68.47 -6.75
CA GLU F 122 23.89 69.41 -5.63
C GLU F 122 23.08 68.94 -4.43
N ALA F 123 23.09 67.63 -4.18
CA ALA F 123 22.30 67.07 -3.10
C ALA F 123 22.89 67.36 -1.72
N TYR F 124 24.10 67.91 -1.67
CA TYR F 124 24.73 68.31 -0.41
C TYR F 124 24.89 67.11 0.52
N ARG F 125 25.14 65.95 -0.05
CA ARG F 125 25.22 64.73 0.75
C ARG F 125 26.53 64.69 1.53
N PRO F 126 26.50 64.65 2.86
CA PRO F 126 27.74 64.53 3.62
C PRO F 126 28.30 63.13 3.49
N ILE F 127 29.53 63.03 2.99
CA ILE F 127 30.14 61.74 2.70
C ILE F 127 31.51 61.67 3.35
N ARG F 128 32.00 60.44 3.49
CA ARG F 128 33.26 60.16 4.16
C ARG F 128 34.05 59.15 3.35
N LYS F 129 35.35 59.09 3.61
CA LYS F 129 36.20 58.14 2.92
C LYS F 129 35.86 56.71 3.35
N GLY F 130 35.93 55.79 2.39
CA GLY F 130 35.67 54.40 2.70
C GLY F 130 34.22 54.06 2.93
N ASP F 131 33.29 54.87 2.43
CA ASP F 131 31.88 54.60 2.59
C ASP F 131 31.35 53.76 1.44
N ILE F 132 30.16 53.18 1.64
CA ILE F 132 29.49 52.37 0.64
C ILE F 132 28.08 52.91 0.46
N PHE F 133 27.64 53.02 -0.79
CA PHE F 133 26.28 53.47 -1.04
C PHE F 133 25.78 52.87 -2.33
N LEU F 134 24.46 52.99 -2.54
CA LEU F 134 23.78 52.38 -3.67
C LEU F 134 23.05 53.44 -4.48
N VAL F 135 23.08 53.27 -5.81
CA VAL F 135 22.41 54.16 -6.74
C VAL F 135 21.50 53.33 -7.62
N ARG F 136 20.23 53.71 -7.68
CA ARG F 136 19.27 53.04 -8.54
C ARG F 136 19.59 53.29 -10.01
N GLY F 137 19.18 52.34 -10.85
CA GLY F 137 19.33 52.47 -12.27
C GLY F 137 18.10 51.99 -13.00
N GLY F 138 18.11 52.20 -14.33
CA GLY F 138 16.98 51.79 -15.14
C GLY F 138 16.74 50.29 -15.12
N MET F 139 17.78 49.52 -14.91
CA MET F 139 17.65 48.06 -14.83
C MET F 139 18.28 47.48 -13.58
N ARG F 140 19.41 48.00 -13.13
CA ARG F 140 20.12 47.48 -11.98
C ARG F 140 20.14 48.51 -10.87
N ALA F 141 20.66 48.09 -9.72
CA ALA F 141 20.87 48.96 -8.57
C ALA F 141 22.36 48.85 -8.22
N VAL F 142 23.16 49.74 -8.78
CA VAL F 142 24.60 49.65 -8.66
C VAL F 142 25.03 50.18 -7.30
N GLU F 143 26.28 49.92 -6.93
CA GLU F 143 26.83 50.40 -5.68
C GLU F 143 28.22 50.97 -5.92
N PHE F 144 28.56 51.99 -5.14
CA PHE F 144 29.84 52.66 -5.25
C PHE F 144 30.45 52.82 -3.87
N LYS F 145 31.76 52.99 -3.86
CA LYS F 145 32.53 53.24 -2.65
C LYS F 145 33.39 54.48 -2.85
N VAL F 146 33.46 55.32 -1.82
CA VAL F 146 34.37 56.46 -1.81
C VAL F 146 35.76 55.94 -1.47
N VAL F 147 36.69 56.08 -2.40
CA VAL F 147 38.05 55.58 -2.20
C VAL F 147 39.03 56.69 -1.86
N GLU F 148 38.70 57.95 -2.11
CA GLU F 148 39.64 59.03 -1.85
C GLU F 148 38.85 60.33 -1.76
N THR F 149 39.10 61.13 -0.73
CA THR F 149 38.29 62.30 -0.46
C THR F 149 39.16 63.54 -0.24
N ASP F 150 38.58 64.70 -0.54
CA ASP F 150 39.21 66.00 -0.33
C ASP F 150 38.12 67.05 -0.14
N PRO F 151 37.93 67.58 1.07
CA PRO F 151 38.72 67.32 2.29
C PRO F 151 38.48 65.94 2.91
N SER F 152 39.42 65.50 3.74
CA SER F 152 39.40 64.18 4.35
C SER F 152 39.17 64.29 5.85
N PRO F 153 38.40 63.36 6.44
CA PRO F 153 37.70 62.31 5.70
C PRO F 153 36.30 62.72 5.27
N TYR F 154 35.76 63.74 5.93
CA TYR F 154 34.41 64.20 5.68
C TYR F 154 34.41 65.32 4.64
N CYS F 155 33.41 65.30 3.77
CA CYS F 155 33.24 66.36 2.79
C CYS F 155 31.76 66.42 2.38
N ILE F 156 31.40 67.51 1.70
CA ILE F 156 30.02 67.79 1.34
C ILE F 156 29.92 67.90 -0.16
N VAL F 157 28.81 67.39 -0.70
CA VAL F 157 28.55 67.54 -2.13
C VAL F 157 28.38 69.01 -2.45
N ALA F 158 29.21 69.51 -3.38
CA ALA F 158 29.21 70.90 -3.79
C ALA F 158 29.33 70.96 -5.30
N PRO F 159 28.87 72.05 -5.92
CA PRO F 159 29.02 72.17 -7.39
C PRO F 159 30.46 72.05 -7.84
N ASP F 160 31.41 72.56 -7.05
CA ASP F 160 32.83 72.37 -7.34
C ASP F 160 33.26 71.05 -6.72
N THR F 161 32.96 69.97 -7.43
CA THR F 161 33.30 68.62 -6.96
C THR F 161 33.87 67.85 -8.16
N VAL F 162 35.20 67.86 -8.28
CA VAL F 162 35.86 67.11 -9.33
C VAL F 162 35.78 65.63 -8.99
N ILE F 163 34.90 64.92 -9.68
CA ILE F 163 34.57 63.53 -9.33
C ILE F 163 35.40 62.60 -10.21
N HIS F 164 36.39 61.95 -9.60
CA HIS F 164 37.17 60.91 -10.29
C HIS F 164 36.35 59.63 -10.23
N CYS F 165 35.64 59.33 -11.32
CA CYS F 165 34.68 58.23 -11.32
C CYS F 165 35.15 57.02 -12.10
N GLU F 166 36.31 57.08 -12.74
CA GLU F 166 36.78 56.01 -13.61
C GLU F 166 37.94 55.29 -12.96
N GLY F 167 37.92 53.96 -13.02
CA GLY F 167 39.00 53.17 -12.44
C GLY F 167 38.61 51.70 -12.40
N GLU F 168 39.49 50.93 -11.76
CA GLU F 168 39.27 49.50 -11.64
C GLU F 168 38.09 49.22 -10.71
N PRO F 169 37.20 48.31 -11.08
CA PRO F 169 36.08 47.95 -10.19
C PRO F 169 36.59 47.36 -8.88
N ILE F 170 35.89 47.67 -7.80
CA ILE F 170 36.30 47.27 -6.47
C ILE F 170 35.81 45.86 -6.18
N LYS F 171 36.72 44.99 -5.81
CA LYS F 171 36.35 43.63 -5.43
C LYS F 171 35.63 43.65 -4.09
N ARG F 172 34.79 42.65 -3.87
CA ARG F 172 34.00 42.58 -2.64
C ARG F 172 34.90 42.62 -1.41
N GLU F 173 34.47 43.39 -0.41
CA GLU F 173 35.27 43.63 0.78
C GLU F 173 35.51 42.38 1.62
N ASP F 174 35.06 41.21 1.16
CA ASP F 174 35.25 39.91 1.80
C ASP F 174 34.53 39.79 3.14
N GLU F 175 33.80 40.81 3.57
CA GLU F 175 32.95 40.72 4.74
C GLU F 175 31.47 40.75 4.37
N GLU F 176 31.16 40.56 3.09
CA GLU F 176 29.82 40.67 2.51
C GLU F 176 29.13 41.99 2.91
N GLU F 177 28.28 41.95 3.94
CA GLU F 177 27.33 43.00 4.27
C GLU F 177 26.66 43.56 3.02
N SER F 178 26.38 42.68 2.06
CA SER F 178 25.83 43.12 0.78
C SER F 178 24.42 43.66 0.96
N LEU F 179 24.05 44.62 0.10
CA LEU F 179 22.69 45.13 0.07
C LEU F 179 21.77 44.24 -0.75
N ASN F 180 22.30 43.20 -1.37
CA ASN F 180 21.51 42.28 -2.18
C ASN F 180 20.58 41.42 -1.35
N GLU F 181 20.70 41.46 -0.03
CA GLU F 181 19.84 40.66 0.83
C GLU F 181 18.39 41.15 0.74
N VAL F 182 17.51 40.46 1.45
CA VAL F 182 16.08 40.76 1.44
C VAL F 182 15.68 41.20 2.84
N GLY F 183 14.94 42.30 2.92
CA GLY F 183 14.50 42.85 4.18
C GLY F 183 12.98 42.95 4.28
N TYR F 184 12.53 43.51 5.40
CA TYR F 184 11.09 43.68 5.62
C TYR F 184 10.49 44.54 4.52
N ASP F 185 11.24 45.51 4.01
CA ASP F 185 10.77 46.37 2.94
C ASP F 185 10.48 45.60 1.66
N ASP F 186 11.00 44.38 1.54
CA ASP F 186 10.87 43.60 0.32
C ASP F 186 9.63 42.72 0.31
N ILE F 187 8.78 42.84 1.32
CA ILE F 187 7.59 42.00 1.45
C ILE F 187 6.37 42.91 1.51
N GLY F 188 5.36 42.59 0.73
CA GLY F 188 4.13 43.37 0.69
C GLY F 188 2.92 42.53 1.04
N GLY F 189 1.96 43.15 1.71
CA GLY F 189 0.69 42.50 2.00
C GLY F 189 0.71 41.46 3.09
N CYS F 190 1.66 41.53 4.02
CA CYS F 190 1.71 40.58 5.13
C CYS F 190 2.05 41.29 6.42
N ARG F 191 1.52 42.50 6.60
CA ARG F 191 1.92 43.34 7.73
C ARG F 191 1.53 42.71 9.06
N LYS F 192 0.32 42.15 9.15
CA LYS F 192 -0.12 41.55 10.41
C LYS F 192 0.74 40.36 10.78
N GLN F 193 0.91 39.43 9.83
CA GLN F 193 1.70 38.24 10.09
C GLN F 193 3.15 38.58 10.37
N LEU F 194 3.71 39.53 9.61
CA LEU F 194 5.08 39.96 9.84
C LEU F 194 5.24 40.54 11.23
N ALA F 195 4.26 41.35 11.67
CA ALA F 195 4.31 41.91 13.01
C ALA F 195 4.25 40.80 14.05
N GLN F 196 3.39 39.81 13.84
CA GLN F 196 3.27 38.71 14.81
C GLN F 196 4.58 37.95 14.91
N ILE F 197 5.21 37.65 13.77
CA ILE F 197 6.46 36.90 13.80
C ILE F 197 7.56 37.73 14.45
N LYS F 198 7.65 39.01 14.09
CA LYS F 198 8.66 39.86 14.67
C LYS F 198 8.46 39.99 16.18
N GLU F 199 7.21 39.97 16.62
CA GLU F 199 6.92 39.89 18.05
C GLU F 199 7.50 38.62 18.65
N MET F 200 6.99 37.47 18.23
CA MET F 200 7.39 36.22 18.87
C MET F 200 8.56 35.54 18.17
N VAL F 201 9.57 36.32 17.78
CA VAL F 201 10.88 35.74 17.47
C VAL F 201 11.97 36.54 18.16
N GLU F 202 11.59 37.72 18.67
CA GLU F 202 12.59 38.71 19.10
C GLU F 202 13.50 38.15 20.18
N LEU F 203 12.93 37.81 21.34
CA LEU F 203 13.75 37.44 22.49
C LEU F 203 14.64 36.22 22.23
N PRO F 204 14.14 35.12 21.67
CA PRO F 204 15.01 33.95 21.51
C PRO F 204 16.21 34.18 20.62
N LEU F 205 16.17 35.18 19.74
CA LEU F 205 17.26 35.42 18.82
C LEU F 205 18.15 36.61 19.18
N ARG F 206 17.60 37.62 19.84
CA ARG F 206 18.38 38.82 20.09
C ARG F 206 19.15 38.77 21.40
N HIS F 207 18.54 38.25 22.46
CA HIS F 207 19.17 38.18 23.78
C HIS F 207 19.03 36.77 24.32
N PRO F 208 19.72 35.81 23.71
CA PRO F 208 19.64 34.43 24.20
C PRO F 208 20.12 34.28 25.62
N ALA F 209 21.16 35.02 26.02
CA ALA F 209 21.69 34.89 27.37
C ALA F 209 20.69 35.36 28.39
N LEU F 210 20.11 36.54 28.18
CA LEU F 210 19.14 37.09 29.12
C LEU F 210 17.92 36.19 29.23
N PHE F 211 17.37 35.77 28.09
CA PHE F 211 16.19 34.92 28.11
C PHE F 211 16.47 33.58 28.77
N LYS F 212 17.64 33.00 28.49
CA LYS F 212 18.01 31.75 29.15
C LYS F 212 18.13 31.93 30.65
N ALA F 213 18.74 33.04 31.08
CA ALA F 213 18.84 33.31 32.51
C ALA F 213 17.47 33.51 33.13
N ILE F 214 16.50 33.99 32.37
CA ILE F 214 15.15 34.11 32.89
C ILE F 214 14.58 32.73 33.22
N GLY F 215 14.78 31.76 32.34
CA GLY F 215 14.31 30.42 32.59
C GLY F 215 12.87 30.18 32.18
N VAL F 216 12.55 30.52 30.94
CA VAL F 216 11.22 30.29 30.38
C VAL F 216 11.39 29.57 29.05
N LYS F 217 10.56 28.57 28.81
CA LYS F 217 10.64 27.82 27.57
C LYS F 217 10.11 28.67 26.41
N PRO F 218 10.91 28.93 25.39
CA PRO F 218 10.43 29.71 24.26
C PRO F 218 9.66 28.85 23.28
N PRO F 219 8.88 29.44 22.38
CA PRO F 219 8.25 28.66 21.32
C PRO F 219 9.30 28.04 20.42
N ARG F 220 8.99 26.85 19.91
CA ARG F 220 9.92 26.11 19.07
C ARG F 220 9.35 25.65 17.75
N GLY F 221 8.03 25.62 17.59
CA GLY F 221 7.43 25.14 16.36
C GLY F 221 6.48 26.12 15.71
N ILE F 222 6.82 26.56 14.50
CA ILE F 222 6.02 27.53 13.76
C ILE F 222 5.72 26.95 12.39
N LEU F 223 4.45 27.00 11.99
CA LEU F 223 3.99 26.43 10.72
C LEU F 223 3.44 27.57 9.88
N LEU F 224 4.21 27.98 8.87
CA LEU F 224 3.74 28.89 7.85
C LEU F 224 3.07 28.07 6.77
N TYR F 225 1.80 28.35 6.48
CA TYR F 225 1.13 27.58 5.45
C TYR F 225 0.28 28.51 4.59
N GLY F 226 0.18 28.16 3.31
CA GLY F 226 -0.56 28.95 2.35
C GLY F 226 -0.33 28.46 0.95
N PRO F 227 -0.85 29.19 -0.04
CA PRO F 227 -0.68 28.78 -1.42
C PRO F 227 0.79 28.85 -1.82
N PRO F 228 1.21 28.00 -2.75
CA PRO F 228 2.62 28.02 -3.17
C PRO F 228 2.97 29.30 -3.92
N GLY F 229 4.25 29.63 -3.90
CA GLY F 229 4.72 30.79 -4.63
C GLY F 229 4.31 32.12 -4.02
N THR F 230 4.08 32.16 -2.72
CA THR F 230 3.67 33.39 -2.04
C THR F 230 4.80 34.03 -1.26
N GLY F 231 6.03 33.56 -1.43
CA GLY F 231 7.17 34.18 -0.78
C GLY F 231 7.43 33.76 0.64
N LYS F 232 6.91 32.60 1.07
CA LYS F 232 7.15 32.14 2.43
C LYS F 232 8.64 31.95 2.68
N THR F 233 9.32 31.26 1.77
CA THR F 233 10.76 31.12 1.88
C THR F 233 11.45 32.47 1.84
N LEU F 234 10.95 33.37 1.01
CA LEU F 234 11.46 34.74 0.98
C LEU F 234 11.31 35.39 2.35
N ILE F 235 10.15 35.20 2.98
CA ILE F 235 9.91 35.80 4.30
C ILE F 235 10.89 35.26 5.31
N ALA F 236 11.08 33.94 5.32
CA ALA F 236 11.99 33.34 6.29
C ALA F 236 13.41 33.83 6.08
N ARG F 237 13.86 33.88 4.83
CA ARG F 237 15.21 34.35 4.55
C ARG F 237 15.37 35.81 4.95
N ALA F 238 14.36 36.63 4.69
CA ALA F 238 14.45 38.04 5.07
C ALA F 238 14.56 38.19 6.58
N VAL F 239 13.76 37.44 7.32
CA VAL F 239 13.82 37.51 8.78
C VAL F 239 15.20 37.08 9.28
N ALA F 240 15.71 35.98 8.72
CA ALA F 240 17.02 35.49 9.14
C ALA F 240 18.11 36.52 8.87
N ASN F 241 18.07 37.15 7.70
CA ASN F 241 19.06 38.18 7.38
C ASN F 241 18.91 39.37 8.31
N GLU F 242 17.67 39.76 8.62
CA GLU F 242 17.44 40.93 9.45
C GLU F 242 17.99 40.72 10.86
N THR F 243 17.62 39.60 11.49
CA THR F 243 18.08 39.36 12.85
C THR F 243 19.53 38.94 12.88
N GLY F 244 19.95 38.10 11.94
CA GLY F 244 21.30 37.59 11.93
C GLY F 244 21.40 36.24 12.60
N ALA F 245 21.57 35.19 11.81
CA ALA F 245 21.60 33.84 12.34
C ALA F 245 22.36 32.95 11.35
N PHE F 246 22.23 31.64 11.51
CA PHE F 246 22.92 30.68 10.66
C PHE F 246 21.89 29.93 9.83
N PHE F 247 20.97 30.68 9.23
CA PHE F 247 19.87 30.16 8.43
C PHE F 247 20.30 29.00 7.56
N PHE F 248 19.63 27.86 7.74
CA PHE F 248 19.92 26.65 6.98
C PHE F 248 18.64 26.17 6.33
N LEU F 249 18.70 25.88 5.04
CA LEU F 249 17.53 25.52 4.26
C LEU F 249 17.57 24.04 3.91
N ILE F 250 16.42 23.39 3.99
CA ILE F 250 16.26 21.98 3.63
C ILE F 250 15.05 21.85 2.72
N ASN F 251 15.22 21.15 1.60
CA ASN F 251 14.13 20.88 0.68
C ASN F 251 13.70 19.43 0.79
N GLY F 252 12.42 19.20 0.54
CA GLY F 252 11.85 17.88 0.66
C GLY F 252 12.43 16.88 -0.33
N PRO F 253 12.16 17.08 -1.62
CA PRO F 253 12.62 16.11 -2.62
C PRO F 253 14.11 15.90 -2.61
N GLU F 254 14.89 16.96 -2.37
CA GLU F 254 16.34 16.82 -2.36
C GLU F 254 16.83 15.88 -1.27
N ILE F 255 16.01 15.62 -0.27
CA ILE F 255 16.39 14.76 0.85
C ILE F 255 15.72 13.40 0.78
N MET F 256 14.40 13.38 0.58
CA MET F 256 13.68 12.11 0.65
C MET F 256 14.15 11.15 -0.42
N SER F 257 14.38 11.64 -1.63
CA SER F 257 14.97 10.82 -2.69
C SER F 257 16.47 11.04 -2.77
N LYS F 258 17.17 10.87 -1.65
CA LYS F 258 18.61 11.01 -1.69
C LYS F 258 19.28 9.71 -2.15
N LEU F 259 19.22 8.68 -1.30
CA LEU F 259 19.73 7.36 -1.63
C LEU F 259 19.40 6.41 -0.48
N ALA F 260 18.95 5.21 -0.83
CA ALA F 260 18.82 4.10 0.12
C ALA F 260 18.18 4.52 1.45
N GLY F 261 19.00 4.64 2.49
CA GLY F 261 18.50 4.99 3.80
C GLY F 261 19.40 5.89 4.62
N GLU F 262 20.46 6.42 4.00
CA GLU F 262 21.39 7.29 4.71
C GLU F 262 20.90 8.73 4.78
N SER F 263 19.77 9.04 4.14
CA SER F 263 19.25 10.40 4.13
C SER F 263 19.13 10.95 5.55
N GLU F 264 18.71 10.10 6.50
CA GLU F 264 18.57 10.53 7.88
C GLU F 264 19.82 11.22 8.38
N SER F 265 21.00 10.67 8.07
CA SER F 265 22.25 11.27 8.51
C SER F 265 22.30 12.74 8.13
N ASN F 266 21.95 13.06 6.89
CA ASN F 266 21.94 14.44 6.45
C ASN F 266 21.12 15.30 7.40
N LEU F 267 19.89 14.87 7.69
CA LEU F 267 19.08 15.59 8.67
C LEU F 267 19.85 15.74 9.97
N ARG F 268 20.34 14.63 10.51
CA ARG F 268 21.17 14.69 11.71
C ARG F 268 22.29 15.70 11.52
N LYS F 269 22.99 15.61 10.39
CA LYS F 269 24.05 16.56 10.10
C LYS F 269 23.55 17.98 10.26
N ALA F 270 22.44 18.31 9.59
CA ALA F 270 21.90 19.65 9.69
C ALA F 270 21.76 20.05 11.15
N PHE F 271 21.11 19.20 11.94
CA PHE F 271 20.84 19.58 13.32
C PHE F 271 22.13 19.82 14.08
N GLU F 272 23.11 18.94 13.93
CA GLU F 272 24.32 19.11 14.73
C GLU F 272 25.02 20.40 14.35
N GLU F 273 24.91 20.79 13.08
CA GLU F 273 25.55 22.04 12.66
C GLU F 273 24.95 23.22 13.41
N ALA F 274 23.64 23.23 13.60
CA ALA F 274 23.02 24.28 14.40
C ALA F 274 23.59 24.30 15.81
N GLU F 275 23.87 23.11 16.35
CA GLU F 275 24.44 23.04 17.70
C GLU F 275 25.79 23.76 17.75
N LYS F 276 26.54 23.72 16.66
CA LYS F 276 27.83 24.40 16.62
C LYS F 276 27.72 25.83 16.15
N ASN F 277 26.52 26.31 15.84
CA ASN F 277 26.37 27.58 15.15
C ASN F 277 25.31 28.44 15.82
N ALA F 278 25.35 28.51 17.15
CA ALA F 278 24.61 29.52 17.89
C ALA F 278 23.09 29.38 17.69
N PRO F 279 22.28 30.27 18.25
CA PRO F 279 20.89 30.39 17.78
C PRO F 279 20.82 30.52 16.28
N ALA F 280 20.21 29.53 15.62
CA ALA F 280 20.10 29.52 14.18
C ALA F 280 18.70 29.12 13.78
N ILE F 281 18.31 29.53 12.58
CA ILE F 281 17.00 29.23 12.02
C ILE F 281 17.10 28.02 11.13
N ILE F 282 16.25 27.03 11.37
CA ILE F 282 16.17 25.84 10.53
C ILE F 282 14.86 25.88 9.77
N PHE F 283 14.95 26.01 8.45
CA PHE F 283 13.80 26.08 7.58
C PHE F 283 13.74 24.83 6.71
N ILE F 284 12.57 24.22 6.64
CA ILE F 284 12.34 23.02 5.86
C ILE F 284 11.10 23.22 5.00
N ASP F 285 11.15 22.74 3.77
CA ASP F 285 10.17 23.07 2.75
C ASP F 285 9.43 21.83 2.28
N GLU F 286 8.15 22.01 1.96
CA GLU F 286 7.31 20.97 1.36
C GLU F 286 7.25 19.74 2.25
N LEU F 287 6.71 19.93 3.44
CA LEU F 287 6.63 18.84 4.41
C LEU F 287 5.66 17.76 3.96
N ASP F 288 4.52 18.18 3.38
CA ASP F 288 3.54 17.21 2.92
C ASP F 288 4.13 16.25 1.90
N ALA F 289 5.09 16.71 1.10
CA ALA F 289 5.77 15.84 0.17
C ALA F 289 6.57 14.75 0.88
N ILE F 290 6.98 14.99 2.12
CA ILE F 290 7.75 14.01 2.89
C ILE F 290 7.03 13.56 4.14
N ALA F 291 6.02 14.28 4.61
CA ALA F 291 5.28 13.92 5.82
C ALA F 291 3.79 13.96 5.55
N PRO F 292 3.28 13.01 4.76
CA PRO F 292 1.84 12.95 4.54
C PRO F 292 1.15 12.18 5.65
N LYS F 293 -0.16 11.98 5.51
CA LYS F 293 -0.88 11.16 6.47
C LYS F 293 -0.54 9.69 6.26
N ARG F 294 -0.70 8.90 7.33
CA ARG F 294 -0.32 7.49 7.26
C ARG F 294 -1.18 6.72 6.28
N GLU F 295 -2.38 7.23 5.97
CA GLU F 295 -3.20 6.59 4.95
C GLU F 295 -2.49 6.61 3.60
N LYS F 296 -1.89 7.74 3.23
CA LYS F 296 -1.18 7.83 1.96
C LYS F 296 0.11 7.03 1.98
N THR F 297 0.71 6.87 3.15
CA THR F 297 1.96 6.10 3.27
C THR F 297 1.72 4.64 2.88
N HIS F 298 2.28 4.23 1.74
CA HIS F 298 2.17 2.85 1.28
C HIS F 298 3.43 2.04 1.55
N GLY F 299 4.61 2.64 1.37
CA GLY F 299 5.85 1.98 1.67
C GLY F 299 6.18 2.06 3.14
N GLU F 300 7.38 1.57 3.48
CA GLU F 300 7.84 1.54 4.85
C GLU F 300 8.87 2.63 5.15
N VAL F 301 9.68 3.01 4.17
CA VAL F 301 10.80 3.92 4.42
C VAL F 301 10.28 5.26 4.91
N GLU F 302 9.15 5.72 4.38
CA GLU F 302 8.59 7.00 4.81
C GLU F 302 8.28 6.98 6.31
N ARG F 303 7.78 5.85 6.81
CA ARG F 303 7.52 5.74 8.24
C ARG F 303 8.80 5.91 9.04
N ARG F 304 9.89 5.29 8.59
CA ARG F 304 11.16 5.45 9.26
C ARG F 304 11.62 6.91 9.22
N ILE F 305 11.44 7.57 8.07
CA ILE F 305 11.86 8.97 7.95
C ILE F 305 11.08 9.83 8.93
N VAL F 306 9.77 9.65 8.99
CA VAL F 306 8.93 10.46 9.86
C VAL F 306 9.29 10.22 11.31
N SER F 307 9.48 8.95 11.68
CA SER F 307 9.86 8.66 13.06
C SER F 307 11.20 9.28 13.41
N GLN F 308 12.16 9.20 12.50
CA GLN F 308 13.47 9.77 12.77
C GLN F 308 13.39 11.28 12.94
N LEU F 309 12.64 11.95 12.07
CA LEU F 309 12.55 13.41 12.20
C LEU F 309 11.82 13.79 13.48
N LEU F 310 10.77 13.05 13.84
CA LEU F 310 10.05 13.34 15.07
C LEU F 310 10.97 13.18 16.28
N THR F 311 11.75 12.10 16.31
CA THR F 311 12.68 11.90 17.41
C THR F 311 13.71 13.01 17.45
N LEU F 312 14.22 13.41 16.28
CA LEU F 312 15.24 14.46 16.24
C LEU F 312 14.69 15.77 16.76
N MET F 313 13.48 16.15 16.34
CA MET F 313 12.96 17.46 16.70
C MET F 313 12.44 17.49 18.13
N ASP F 314 11.90 16.37 18.62
CA ASP F 314 11.42 16.34 20.00
C ASP F 314 12.57 16.37 21.00
N GLY F 315 13.74 15.89 20.62
CA GLY F 315 14.90 15.96 21.47
C GLY F 315 15.58 17.31 21.48
N LEU F 316 14.98 18.32 20.83
CA LEU F 316 15.54 19.66 20.77
C LEU F 316 15.24 20.48 22.00
N LYS F 317 14.81 19.86 23.10
CA LYS F 317 14.56 20.60 24.33
C LYS F 317 15.85 21.20 24.86
N GLN F 318 15.77 22.45 25.31
CA GLN F 318 16.93 23.23 25.69
C GLN F 318 17.92 23.31 24.53
N ARG F 319 18.92 22.44 24.51
CA ARG F 319 19.99 22.47 23.51
C ARG F 319 20.55 23.88 23.37
N ALA F 320 20.11 24.59 22.34
CA ALA F 320 20.48 25.98 22.12
C ALA F 320 19.22 26.75 21.78
N HIS F 321 19.39 28.01 21.40
CA HIS F 321 18.26 28.86 21.06
C HIS F 321 17.96 28.78 19.56
N VAL F 322 17.79 27.55 19.10
CA VAL F 322 17.56 27.25 17.69
C VAL F 322 16.06 27.13 17.46
N ILE F 323 15.56 27.86 16.47
CA ILE F 323 14.15 27.85 16.12
C ILE F 323 13.99 27.19 14.75
N VAL F 324 12.96 26.35 14.63
CA VAL F 324 12.70 25.59 13.42
C VAL F 324 11.30 25.90 12.95
N MET F 325 11.16 26.19 11.65
CA MET F 325 9.84 26.37 11.07
C MET F 325 9.78 25.65 9.73
N ALA F 326 8.56 25.33 9.31
CA ALA F 326 8.31 24.52 8.14
C ALA F 326 7.34 25.22 7.21
N ALA F 327 7.44 24.88 5.93
CA ALA F 327 6.56 25.43 4.90
C ALA F 327 5.70 24.32 4.34
N THR F 328 4.41 24.57 4.22
CA THR F 328 3.47 23.60 3.67
C THR F 328 2.30 24.33 3.06
N ASN F 329 1.34 23.58 2.53
CA ASN F 329 0.15 24.14 1.90
C ASN F 329 -1.11 23.93 2.71
N ARG F 330 -1.38 22.69 3.12
CA ARG F 330 -2.60 22.36 3.84
C ARG F 330 -2.25 21.57 5.10
N PRO F 331 -2.59 22.07 6.29
CA PRO F 331 -2.38 21.28 7.50
C PRO F 331 -3.16 19.99 7.54
N ASN F 332 -4.23 19.88 6.74
CA ASN F 332 -4.97 18.62 6.68
C ASN F 332 -4.10 17.51 6.12
N SER F 333 -3.31 17.80 5.09
CA SER F 333 -2.41 16.81 4.52
C SER F 333 -1.30 16.40 5.47
N ILE F 334 -1.06 17.17 6.53
CA ILE F 334 0.02 16.87 7.46
C ILE F 334 -0.45 15.84 8.47
N ASP F 335 0.44 14.95 8.86
CA ASP F 335 0.12 13.93 9.83
C ASP F 335 -0.17 14.58 11.18
N PRO F 336 -1.28 14.24 11.84
CA PRO F 336 -1.62 14.89 13.11
C PRO F 336 -0.59 14.69 14.20
N ALA F 337 0.17 13.59 14.15
CA ALA F 337 1.15 13.33 15.20
C ALA F 337 2.14 14.47 15.35
N LEU F 338 2.39 15.21 14.27
CA LEU F 338 3.21 16.41 14.34
C LEU F 338 2.34 17.63 14.64
N ARG F 339 1.54 17.52 15.69
CA ARG F 339 0.73 18.63 16.16
C ARG F 339 0.73 18.77 17.68
N ARG F 340 1.42 17.88 18.40
CA ARG F 340 1.42 17.93 19.84
C ARG F 340 2.17 19.15 20.36
N PHE F 341 2.09 19.35 21.67
CA PHE F 341 2.84 20.41 22.32
C PHE F 341 4.33 20.08 22.33
N GLY F 342 5.15 21.12 22.30
CA GLY F 342 6.57 20.98 22.10
C GLY F 342 6.95 20.83 20.64
N ARG F 343 6.06 20.27 19.83
CA ARG F 343 6.23 20.23 18.39
C ARG F 343 5.62 21.49 17.79
N PHE F 344 5.43 21.50 16.47
CA PHE F 344 4.83 22.64 15.78
C PHE F 344 3.45 22.93 16.34
N ASP F 345 3.32 24.08 16.99
CA ASP F 345 2.06 24.48 17.61
C ASP F 345 1.64 25.86 17.13
N ARG F 346 2.61 26.74 16.91
CA ARG F 346 2.32 28.05 16.35
C ARG F 346 1.89 27.90 14.90
N GLU F 347 0.80 28.55 14.53
CA GLU F 347 0.22 28.41 13.19
C GLU F 347 0.04 29.79 12.59
N VAL F 348 0.59 30.00 11.39
CA VAL F 348 0.45 31.26 10.68
C VAL F 348 0.07 30.96 9.24
N ASP F 349 -0.96 31.64 8.75
CA ASP F 349 -1.42 31.51 7.37
C ASP F 349 -1.15 32.81 6.62
N ILE F 350 -0.78 32.67 5.35
CA ILE F 350 -0.55 33.79 4.47
C ILE F 350 -1.67 33.82 3.45
N GLY F 351 -2.56 34.79 3.57
CA GLY F 351 -3.68 34.90 2.65
C GLY F 351 -3.29 35.55 1.34
N ILE F 352 -4.22 35.50 0.40
CA ILE F 352 -4.01 36.13 -0.90
C ILE F 352 -4.16 37.63 -0.75
N PRO F 353 -3.19 38.42 -1.20
CA PRO F 353 -3.28 39.88 -1.03
C PRO F 353 -4.42 40.47 -1.84
N ASP F 354 -4.93 41.60 -1.35
CA ASP F 354 -5.99 42.32 -2.03
C ASP F 354 -5.38 43.14 -3.18
N ALA F 355 -6.18 44.04 -3.75
CA ALA F 355 -5.66 44.93 -4.79
C ALA F 355 -4.57 45.82 -4.24
N THR F 356 -4.74 46.31 -3.01
CA THR F 356 -3.73 47.20 -2.42
C THR F 356 -2.40 46.48 -2.28
N GLY F 357 -2.42 45.27 -1.72
CA GLY F 357 -1.18 44.52 -1.58
C GLY F 357 -0.53 44.27 -2.93
N ARG F 358 -1.33 44.00 -3.95
CA ARG F 358 -0.81 43.93 -5.31
C ARG F 358 -0.14 45.24 -5.68
N LEU F 359 -0.70 46.37 -5.25
CA LEU F 359 -0.10 47.66 -5.57
C LEU F 359 1.27 47.80 -4.94
N GLU F 360 1.40 47.45 -3.66
CA GLU F 360 2.74 47.57 -3.05
C GLU F 360 3.72 46.60 -3.69
N ILE F 361 3.26 45.40 -4.04
CA ILE F 361 4.15 44.44 -4.69
C ILE F 361 4.65 45.00 -6.02
N LEU F 362 3.74 45.58 -6.80
CA LEU F 362 4.14 46.18 -8.08
C LEU F 362 5.11 47.33 -7.85
N GLN F 363 4.86 48.15 -6.83
CA GLN F 363 5.77 49.26 -6.53
C GLN F 363 7.16 48.73 -6.20
N ILE F 364 7.21 47.64 -5.44
CA ILE F 364 8.49 47.04 -5.09
C ILE F 364 9.21 46.54 -6.34
N HIS F 365 8.47 45.82 -7.19
CA HIS F 365 9.10 45.19 -8.35
C HIS F 365 9.43 46.17 -9.46
N THR F 366 8.81 47.35 -9.46
CA THR F 366 9.04 48.35 -10.50
C THR F 366 9.98 49.44 -10.05
N LYS F 367 10.77 49.19 -8.99
CA LYS F 367 11.64 50.23 -8.46
C LYS F 367 12.69 50.65 -9.49
N ASN F 368 13.29 49.68 -10.18
CA ASN F 368 14.31 50.00 -11.17
C ASN F 368 13.72 50.49 -12.49
N MET F 369 12.49 50.10 -12.80
CA MET F 369 11.95 50.37 -14.13
C MET F 369 11.65 51.85 -14.34
N LYS F 370 11.87 52.32 -15.56
CA LYS F 370 11.60 53.70 -15.95
C LYS F 370 10.21 53.73 -16.58
N LEU F 371 9.19 53.82 -15.74
CA LEU F 371 7.82 53.83 -16.23
C LEU F 371 7.52 55.16 -16.93
N ALA F 372 6.80 55.08 -18.04
CA ALA F 372 6.35 56.28 -18.71
C ALA F 372 5.16 56.88 -17.97
N ASP F 373 4.77 58.09 -18.38
CA ASP F 373 3.70 58.79 -17.69
C ASP F 373 2.34 58.33 -18.19
N ASP F 374 2.11 57.02 -18.18
CA ASP F 374 0.82 56.46 -18.54
C ASP F 374 0.43 55.29 -17.64
N VAL F 375 1.17 55.05 -16.57
CA VAL F 375 1.02 53.84 -15.76
C VAL F 375 0.02 54.11 -14.65
N ASP F 376 -1.01 53.28 -14.58
CA ASP F 376 -2.00 53.31 -13.51
C ASP F 376 -1.88 51.98 -12.76
N LEU F 377 -0.96 51.94 -11.80
CA LEU F 377 -0.71 50.71 -11.07
C LEU F 377 -1.97 50.25 -10.34
N GLU F 378 -2.77 51.20 -9.85
CA GLU F 378 -3.99 50.86 -9.16
C GLU F 378 -4.96 50.13 -10.08
N GLN F 379 -5.07 50.61 -11.32
CA GLN F 379 -5.95 49.95 -12.29
C GLN F 379 -5.50 48.51 -12.55
N VAL F 380 -4.20 48.30 -12.71
CA VAL F 380 -3.68 46.96 -12.94
C VAL F 380 -3.96 46.08 -11.73
N ALA F 381 -3.75 46.61 -10.52
CA ALA F 381 -4.00 45.84 -9.32
C ALA F 381 -5.48 45.44 -9.24
N ASN F 382 -6.37 46.35 -9.60
CA ASN F 382 -7.79 46.01 -9.63
C ASN F 382 -8.07 44.91 -10.64
N GLU F 383 -7.45 45.00 -11.82
CA GLU F 383 -7.71 44.03 -12.87
C GLU F 383 -7.05 42.68 -12.62
N THR F 384 -6.12 42.60 -11.67
CA THR F 384 -5.33 41.40 -11.44
C THR F 384 -5.78 40.64 -10.20
N HIS F 385 -7.08 40.61 -9.94
CA HIS F 385 -7.59 39.80 -8.84
C HIS F 385 -7.37 38.32 -9.14
N GLY F 386 -6.98 37.57 -8.12
CA GLY F 386 -6.75 36.16 -8.26
C GLY F 386 -5.32 35.76 -8.56
N HIS F 387 -4.37 36.69 -8.47
CA HIS F 387 -2.97 36.41 -8.75
C HIS F 387 -2.18 36.41 -7.43
N VAL F 388 -0.88 36.15 -7.53
CA VAL F 388 0.01 36.08 -6.39
C VAL F 388 1.26 36.89 -6.69
N GLY F 389 2.19 36.89 -5.73
CA GLY F 389 3.41 37.65 -5.90
C GLY F 389 4.24 37.19 -7.08
N ALA F 390 4.35 35.87 -7.28
CA ALA F 390 5.07 35.36 -8.43
C ALA F 390 4.40 35.79 -9.72
N ASP F 391 3.07 35.81 -9.75
CA ASP F 391 2.35 36.28 -10.93
C ASP F 391 2.74 37.70 -11.28
N LEU F 392 2.75 38.59 -10.27
CA LEU F 392 3.07 39.98 -10.54
C LEU F 392 4.53 40.14 -10.94
N ALA F 393 5.43 39.38 -10.33
CA ALA F 393 6.83 39.45 -10.70
C ALA F 393 7.03 39.04 -12.15
N ALA F 394 6.39 37.94 -12.56
CA ALA F 394 6.48 37.50 -13.95
C ALA F 394 5.86 38.55 -14.88
N LEU F 395 4.74 39.14 -14.47
CA LEU F 395 4.11 40.16 -15.29
C LEU F 395 5.06 41.32 -15.52
N CYS F 396 5.69 41.81 -14.46
CA CYS F 396 6.63 42.92 -14.61
C CYS F 396 7.82 42.52 -15.49
N SER F 397 8.36 41.32 -15.26
CA SER F 397 9.54 40.90 -16.00
C SER F 397 9.27 40.83 -17.50
N GLU F 398 8.20 40.12 -17.89
CA GLU F 398 7.90 40.03 -19.32
C GLU F 398 7.29 41.31 -19.88
N ALA F 399 6.74 42.19 -19.06
CA ALA F 399 6.36 43.51 -19.57
C ALA F 399 7.61 44.29 -19.98
N ALA F 400 8.62 44.29 -19.12
CA ALA F 400 9.88 44.92 -19.48
C ALA F 400 10.51 44.26 -20.70
N LEU F 401 10.41 42.92 -20.77
CA LEU F 401 10.95 42.21 -21.92
C LEU F 401 10.25 42.62 -23.20
N GLN F 402 8.92 42.75 -23.16
CA GLN F 402 8.17 43.19 -24.33
C GLN F 402 8.57 44.60 -24.72
N ALA F 403 8.70 45.49 -23.74
CA ALA F 403 9.09 46.86 -24.05
C ALA F 403 10.46 46.90 -24.72
N ILE F 404 11.40 46.10 -24.22
CA ILE F 404 12.73 46.05 -24.82
C ILE F 404 12.68 45.45 -26.22
N ARG F 405 11.97 44.34 -26.36
CA ARG F 405 11.90 43.65 -27.65
C ARG F 405 11.25 44.52 -28.71
N LYS F 406 10.39 45.44 -28.29
CA LYS F 406 9.84 46.40 -29.25
C LYS F 406 10.88 47.32 -29.82
N LYS F 407 12.09 47.36 -29.24
CA LYS F 407 13.15 48.26 -29.67
C LYS F 407 14.41 47.50 -30.07
N MET F 408 14.27 46.25 -30.52
CA MET F 408 15.40 45.51 -31.06
C MET F 408 16.10 46.28 -32.18
N ASP F 409 15.32 46.94 -33.02
CA ASP F 409 15.92 47.79 -34.05
C ASP F 409 16.71 48.92 -33.42
N LEU F 410 16.17 49.54 -32.38
CA LEU F 410 16.84 50.67 -31.74
C LEU F 410 18.16 50.25 -31.11
N ILE F 411 18.15 49.14 -30.38
CA ILE F 411 19.36 48.70 -29.69
C ILE F 411 20.28 48.02 -30.70
N ASP F 412 21.55 48.42 -30.69
CA ASP F 412 22.55 47.70 -31.46
C ASP F 412 22.69 46.29 -30.92
N LEU F 413 22.39 45.30 -31.77
CA LEU F 413 22.51 43.91 -31.33
C LEU F 413 23.94 43.58 -30.96
N GLU F 414 24.91 44.04 -31.78
CA GLU F 414 26.34 43.95 -31.53
C GLU F 414 26.80 42.62 -30.93
N ASP F 415 27.97 42.61 -30.27
CA ASP F 415 28.59 41.33 -29.93
C ASP F 415 29.29 41.30 -28.57
N GLU F 416 28.94 42.19 -27.66
CA GLU F 416 29.60 42.24 -26.36
C GLU F 416 28.60 42.74 -25.32
N THR F 417 29.11 43.28 -24.22
CA THR F 417 28.23 43.90 -23.24
C THR F 417 27.55 45.12 -23.83
N ILE F 418 26.25 45.26 -23.54
CA ILE F 418 25.43 46.30 -24.16
C ILE F 418 25.77 47.66 -23.58
N ASP F 419 25.30 48.72 -24.23
CA ASP F 419 25.47 50.07 -23.75
C ASP F 419 24.55 50.36 -22.57
N ALA F 420 24.97 51.29 -21.72
CA ALA F 420 24.17 51.74 -20.59
C ALA F 420 23.26 52.92 -20.93
N GLU F 421 23.76 53.87 -21.73
CA GLU F 421 22.94 55.02 -22.11
C GLU F 421 21.71 54.59 -22.90
N VAL F 422 21.89 53.66 -23.83
CA VAL F 422 20.74 53.11 -24.56
C VAL F 422 19.78 52.44 -23.60
N MET F 423 20.32 51.66 -22.66
CA MET F 423 19.49 51.07 -21.62
C MET F 423 18.76 52.14 -20.83
N ASN F 424 19.47 53.21 -20.44
CA ASN F 424 18.84 54.27 -19.68
C ASN F 424 17.75 54.99 -20.49
N SER F 425 17.88 54.98 -21.82
CA SER F 425 16.89 55.65 -22.65
C SER F 425 15.57 54.89 -22.74
N LEU F 426 15.52 53.64 -22.30
CA LEU F 426 14.32 52.84 -22.45
C LEU F 426 13.26 53.24 -21.43
N ALA F 427 12.00 53.25 -21.87
CA ALA F 427 10.86 53.55 -21.03
C ALA F 427 9.78 52.52 -21.25
N VAL F 428 8.98 52.28 -20.22
CA VAL F 428 7.95 51.25 -20.24
C VAL F 428 6.59 51.92 -20.42
N THR F 429 5.82 51.44 -21.39
CA THR F 429 4.52 52.01 -21.72
C THR F 429 3.42 51.15 -21.14
N MET F 430 2.26 51.79 -20.91
CA MET F 430 1.10 51.07 -20.39
C MET F 430 0.58 50.04 -21.38
N ASP F 431 0.80 50.26 -22.68
CA ASP F 431 0.42 49.26 -23.67
C ASP F 431 1.17 47.96 -23.46
N ASP F 432 2.44 48.05 -23.05
CA ASP F 432 3.21 46.86 -22.73
C ASP F 432 2.55 46.09 -21.59
N PHE F 433 2.10 46.80 -20.55
CA PHE F 433 1.44 46.15 -19.43
C PHE F 433 0.13 45.52 -19.87
N ARG F 434 -0.63 46.20 -20.71
CA ARG F 434 -1.88 45.64 -21.22
C ARG F 434 -1.62 44.35 -21.99
N TRP F 435 -0.61 44.37 -22.86
CA TRP F 435 -0.28 43.18 -23.62
C TRP F 435 0.18 42.05 -22.71
N ALA F 436 0.97 42.39 -21.68
CA ALA F 436 1.39 41.37 -20.72
C ALA F 436 0.19 40.76 -20.02
N LEU F 437 -0.78 41.59 -19.66
CA LEU F 437 -2.03 41.07 -19.12
C LEU F 437 -2.70 40.13 -20.10
N SER F 438 -2.72 40.50 -21.38
CA SER F 438 -3.34 39.66 -22.39
C SER F 438 -2.68 38.29 -22.45
N GLN F 439 -1.36 38.25 -22.45
CA GLN F 439 -0.61 36.99 -22.47
C GLN F 439 -0.28 36.56 -21.04
N SER F 440 -1.32 36.35 -20.24
CA SER F 440 -1.13 36.01 -18.85
C SER F 440 -2.32 35.19 -18.35
N ASN F 441 -2.09 34.49 -17.24
CA ASN F 441 -3.12 33.77 -16.53
C ASN F 441 -2.72 33.55 -15.07
N PRO F 442 -3.61 33.75 -14.12
CA PRO F 442 -3.27 33.51 -12.72
C PRO F 442 -3.31 32.04 -12.38
N SER F 443 -3.07 31.71 -11.11
CA SER F 443 -3.06 30.32 -10.68
C SER F 443 -4.01 30.09 -9.52
N ALA F 444 -4.26 31.13 -8.72
CA ALA F 444 -5.15 30.99 -7.58
C ALA F 444 -6.58 30.81 -8.04
N LEU F 445 -7.12 31.83 -8.71
CA LEU F 445 -8.42 31.75 -9.36
C LEU F 445 -9.50 31.18 -8.44
N ARG F 446 -9.78 29.89 -8.60
CA ARG F 446 -10.84 29.22 -7.84
C ARG F 446 -10.35 28.99 -6.41
N GLU F 447 -10.41 30.07 -5.63
CA GLU F 447 -9.99 30.03 -4.25
C GLU F 447 -10.76 31.09 -3.46
N THR F 448 -11.21 30.71 -2.27
CA THR F 448 -11.98 31.63 -1.44
C THR F 448 -11.10 32.81 -1.01
N VAL F 449 -11.68 34.00 -1.05
CA VAL F 449 -10.99 35.22 -0.67
C VAL F 449 -11.67 35.80 0.57
N VAL F 450 -10.86 36.26 1.51
CA VAL F 450 -11.34 36.83 2.76
C VAL F 450 -10.85 38.26 2.84
N GLU F 451 -11.78 39.20 3.02
CA GLU F 451 -11.43 40.62 3.02
C GLU F 451 -12.54 41.40 3.69
N VAL F 452 -12.34 42.71 3.77
CA VAL F 452 -13.38 43.65 4.19
C VAL F 452 -14.04 44.21 2.94
N PRO F 453 -15.33 44.04 2.75
CA PRO F 453 -15.98 44.54 1.53
C PRO F 453 -15.96 46.06 1.47
N GLN F 454 -16.27 46.57 0.28
CA GLN F 454 -16.21 48.00 0.01
C GLN F 454 -17.57 48.69 0.01
N VAL F 455 -18.67 47.95 -0.09
CA VAL F 455 -19.98 48.56 -0.17
C VAL F 455 -20.27 49.31 1.12
N THR F 456 -20.65 50.58 0.98
CA THR F 456 -20.92 51.44 2.11
C THR F 456 -22.42 51.50 2.40
N TRP F 457 -22.79 52.34 3.38
CA TRP F 457 -24.19 52.43 3.78
C TRP F 457 -25.03 53.09 2.70
N GLU F 458 -24.56 54.20 2.15
CA GLU F 458 -25.35 54.97 1.18
C GLU F 458 -25.58 54.22 -0.12
N ASP F 459 -24.86 53.12 -0.37
CA ASP F 459 -25.03 52.37 -1.60
C ASP F 459 -26.43 51.78 -1.69
N ILE F 460 -27.08 51.54 -0.56
CA ILE F 460 -28.43 51.01 -0.52
C ILE F 460 -29.31 52.01 0.24
N GLY F 461 -30.40 52.42 -0.38
CA GLY F 461 -31.34 53.32 0.26
C GLY F 461 -32.43 52.60 1.03
N GLY F 462 -33.11 53.35 1.89
CA GLY F 462 -34.18 52.79 2.68
C GLY F 462 -33.67 51.89 3.78
N LEU F 463 -34.61 51.19 4.42
CA LEU F 463 -34.31 50.22 5.47
C LEU F 463 -33.53 50.85 6.62
N GLU F 464 -33.91 52.08 6.97
CA GLU F 464 -33.24 52.76 8.08
C GLU F 464 -33.43 51.99 9.38
N ASP F 465 -34.64 51.51 9.63
CA ASP F 465 -34.87 50.69 10.83
C ASP F 465 -34.07 49.41 10.77
N VAL F 466 -33.98 48.80 9.58
CA VAL F 466 -33.20 47.57 9.43
C VAL F 466 -31.73 47.86 9.72
N LYS F 467 -31.21 48.95 9.18
CA LYS F 467 -29.81 49.31 9.44
C LYS F 467 -29.59 49.56 10.93
N ARG F 468 -30.51 50.26 11.58
CA ARG F 468 -30.38 50.53 13.01
C ARG F 468 -30.38 49.23 13.80
N GLU F 469 -31.28 48.31 13.45
CA GLU F 469 -31.34 47.03 14.16
C GLU F 469 -30.07 46.23 13.96
N LEU F 470 -29.55 46.19 12.73
CA LEU F 470 -28.32 45.44 12.50
C LEU F 470 -27.15 46.05 13.27
N GLN F 471 -27.06 47.38 13.28
CA GLN F 471 -26.00 48.03 14.03
C GLN F 471 -26.13 47.71 15.51
N GLU F 472 -27.35 47.75 16.04
CA GLU F 472 -27.57 47.45 17.45
C GLU F 472 -27.16 46.01 17.76
N LEU F 473 -27.51 45.08 16.86
CA LEU F 473 -27.23 43.67 17.11
C LEU F 473 -25.74 43.37 17.01
N VAL F 474 -25.01 44.07 16.15
CA VAL F 474 -23.64 43.70 15.82
C VAL F 474 -22.62 44.59 16.54
N GLN F 475 -22.66 45.89 16.29
CA GLN F 475 -21.53 46.74 16.65
C GLN F 475 -21.41 46.93 18.17
N TYR F 476 -22.53 47.23 18.83
CA TYR F 476 -22.46 47.54 20.25
C TYR F 476 -21.96 46.41 21.13
N PRO F 477 -22.40 45.15 20.98
CA PRO F 477 -21.90 44.10 21.88
C PRO F 477 -20.39 43.97 21.85
N VAL F 478 -19.76 44.11 20.68
CA VAL F 478 -18.31 44.10 20.63
C VAL F 478 -17.76 45.47 21.00
N GLU F 479 -18.54 46.54 20.78
CA GLU F 479 -18.12 47.87 21.20
C GLU F 479 -18.06 47.97 22.71
N HIS F 480 -19.11 47.51 23.39
CA HIS F 480 -19.28 47.70 24.83
C HIS F 480 -19.57 46.36 25.49
N PRO F 481 -18.56 45.47 25.56
CA PRO F 481 -18.77 44.22 26.30
C PRO F 481 -18.96 44.44 27.80
N ASP F 482 -18.46 45.56 28.32
CA ASP F 482 -18.55 45.83 29.75
C ASP F 482 -20.00 45.94 30.20
N LYS F 483 -20.86 46.57 29.40
CA LYS F 483 -22.27 46.67 29.77
C LYS F 483 -22.93 45.30 29.82
N PHE F 484 -22.60 44.42 28.85
CA PHE F 484 -23.11 43.07 28.89
C PHE F 484 -22.62 42.32 30.13
N LEU F 485 -21.34 42.50 30.47
CA LEU F 485 -20.81 41.86 31.68
C LEU F 485 -21.54 42.35 32.92
N LYS F 486 -21.80 43.65 32.99
CA LYS F 486 -22.57 44.19 34.11
C LYS F 486 -23.97 43.59 34.15
N PHE F 487 -24.62 43.48 33.00
CA PHE F 487 -25.94 42.89 32.91
C PHE F 487 -25.91 41.37 32.85
N GLY F 488 -24.74 40.77 32.72
CA GLY F 488 -24.63 39.32 32.66
C GLY F 488 -25.35 38.72 31.48
N MET F 489 -25.16 39.30 30.30
CA MET F 489 -25.91 38.91 29.12
C MET F 489 -24.99 38.38 28.02
N THR F 490 -25.48 37.41 27.27
CA THR F 490 -24.80 36.92 26.08
C THR F 490 -25.48 37.47 24.83
N PRO F 491 -24.73 38.10 23.93
CA PRO F 491 -25.33 38.60 22.70
C PRO F 491 -25.73 37.47 21.77
N SER F 492 -26.73 37.75 20.94
CA SER F 492 -27.15 36.78 19.93
C SER F 492 -26.15 36.75 18.77
N LYS F 493 -26.15 35.64 18.04
CA LYS F 493 -25.23 35.47 16.93
C LYS F 493 -25.91 35.03 15.63
N GLY F 494 -27.01 34.28 15.70
CA GLY F 494 -27.65 33.76 14.52
C GLY F 494 -28.78 34.63 14.04
N VAL F 495 -28.52 35.40 12.99
CA VAL F 495 -29.49 36.32 12.41
C VAL F 495 -29.84 35.83 11.01
N LEU F 496 -31.14 35.76 10.73
CA LEU F 496 -31.64 35.22 9.46
C LEU F 496 -32.48 36.27 8.75
N PHE F 497 -32.36 36.27 7.42
CA PHE F 497 -33.12 37.17 6.56
C PHE F 497 -34.11 36.38 5.72
N TYR F 498 -35.32 36.89 5.63
CA TYR F 498 -36.38 36.28 4.83
C TYR F 498 -37.16 37.37 4.12
N GLY F 499 -37.46 37.14 2.85
CA GLY F 499 -38.20 38.09 2.05
C GLY F 499 -38.13 37.77 0.57
N PRO F 500 -38.68 38.65 -0.25
CA PRO F 500 -38.66 38.45 -1.70
C PRO F 500 -37.23 38.45 -2.21
N PRO F 501 -36.92 37.58 -3.17
CA PRO F 501 -35.55 37.55 -3.73
C PRO F 501 -35.27 38.75 -4.62
N GLY F 502 -34.03 39.25 -4.57
CA GLY F 502 -33.63 40.31 -5.46
C GLY F 502 -33.55 41.66 -4.79
N CYS F 503 -33.57 41.67 -3.46
CA CYS F 503 -33.54 42.90 -2.70
C CYS F 503 -32.14 43.30 -2.25
N GLY F 504 -31.11 42.60 -2.72
CA GLY F 504 -29.75 42.93 -2.34
C GLY F 504 -29.43 42.65 -0.89
N LYS F 505 -29.90 41.51 -0.38
CA LYS F 505 -29.55 41.12 0.98
C LYS F 505 -28.05 40.92 1.12
N THR F 506 -27.42 40.33 0.11
CA THR F 506 -25.97 40.22 0.09
C THR F 506 -25.33 41.61 0.17
N LEU F 507 -25.94 42.60 -0.48
CA LEU F 507 -25.44 43.96 -0.38
C LEU F 507 -25.53 44.47 1.05
N LEU F 508 -26.61 44.14 1.75
CA LEU F 508 -26.74 44.53 3.14
C LEU F 508 -25.64 43.90 3.99
N ALA F 509 -25.39 42.61 3.76
CA ALA F 509 -24.32 41.93 4.51
C ALA F 509 -22.97 42.58 4.24
N LYS F 510 -22.70 42.90 2.97
CA LYS F 510 -21.43 43.55 2.63
C LYS F 510 -21.34 44.92 3.29
N ALA F 511 -22.44 45.67 3.30
CA ALA F 511 -22.42 46.99 3.91
C ALA F 511 -22.14 46.91 5.41
N ILE F 512 -22.80 45.99 6.10
CA ILE F 512 -22.61 45.90 7.54
C ILE F 512 -21.21 45.39 7.86
N ALA F 513 -20.68 44.46 7.07
CA ALA F 513 -19.32 44.01 7.28
C ALA F 513 -18.33 45.14 7.05
N ASN F 514 -18.56 45.94 6.02
CA ASN F 514 -17.69 47.10 5.76
C ASN F 514 -17.74 48.08 6.93
N GLU F 515 -18.94 48.34 7.44
CA GLU F 515 -19.07 49.25 8.58
C GLU F 515 -18.31 48.71 9.79
N CYS F 516 -18.48 47.42 10.08
CA CYS F 516 -17.80 46.83 11.23
C CYS F 516 -16.29 46.73 11.01
N GLN F 517 -15.83 46.88 9.77
CA GLN F 517 -14.41 46.84 9.44
C GLN F 517 -13.78 45.52 9.91
N ALA F 518 -14.36 44.43 9.43
CA ALA F 518 -13.86 43.09 9.74
C ALA F 518 -13.87 42.26 8.48
N ASN F 519 -13.25 41.09 8.57
CA ASN F 519 -13.19 40.19 7.43
C ASN F 519 -14.57 39.68 7.06
N PHE F 520 -14.76 39.38 5.78
CA PHE F 520 -16.01 38.85 5.27
C PHE F 520 -15.76 37.54 4.57
N ILE F 521 -16.58 36.54 4.88
CA ILE F 521 -16.52 35.24 4.24
C ILE F 521 -17.89 34.92 3.68
N SER F 522 -17.94 34.53 2.41
CA SER F 522 -19.18 34.24 1.71
C SER F 522 -19.24 32.77 1.33
N ILE F 523 -20.34 32.12 1.69
CA ILE F 523 -20.60 30.74 1.31
C ILE F 523 -21.88 30.70 0.50
N LYS F 524 -21.81 30.11 -0.68
CA LYS F 524 -22.94 30.05 -1.58
C LYS F 524 -23.61 28.67 -1.52
N GLY F 525 -24.91 28.66 -1.84
CA GLY F 525 -25.63 27.42 -1.99
C GLY F 525 -25.06 26.48 -3.01
N PRO F 526 -24.59 26.96 -4.17
CA PRO F 526 -23.86 26.06 -5.08
C PRO F 526 -22.72 25.31 -4.42
N GLU F 527 -21.90 26.00 -3.63
CA GLU F 527 -20.80 25.33 -2.94
C GLU F 527 -21.33 24.28 -1.98
N LEU F 528 -22.41 24.62 -1.25
CA LEU F 528 -22.99 23.69 -0.29
C LEU F 528 -23.49 22.43 -0.98
N LEU F 529 -24.25 22.60 -2.05
CA LEU F 529 -24.78 21.44 -2.77
C LEU F 529 -23.67 20.63 -3.41
N THR F 530 -22.59 21.29 -3.82
CA THR F 530 -21.42 20.55 -4.29
C THR F 530 -20.83 19.71 -3.17
N MET F 531 -20.78 20.28 -1.97
CA MET F 531 -20.24 19.59 -0.81
C MET F 531 -21.21 18.56 -0.24
N TRP F 532 -22.45 18.51 -0.76
CA TRP F 532 -23.42 17.52 -0.30
C TRP F 532 -22.89 16.11 -0.40
N PHE F 533 -22.62 15.66 -1.63
CA PHE F 533 -22.28 14.27 -1.90
C PHE F 533 -20.82 14.04 -1.55
N GLY F 534 -20.59 13.30 -0.48
CA GLY F 534 -19.23 12.95 -0.09
C GLY F 534 -18.58 13.97 0.82
N GLU F 535 -17.76 14.85 0.24
CA GLU F 535 -16.94 15.77 1.02
C GLU F 535 -17.78 16.87 1.66
N SER F 536 -18.28 16.61 2.86
CA SER F 536 -19.07 17.58 3.61
C SER F 536 -18.47 17.92 4.97
N GLU F 537 -18.12 16.90 5.75
CA GLU F 537 -17.72 17.14 7.14
C GLU F 537 -16.43 17.95 7.22
N ALA F 538 -15.38 17.48 6.54
CA ALA F 538 -14.09 18.13 6.63
C ALA F 538 -14.15 19.55 6.09
N ASN F 539 -14.89 19.75 5.00
CA ASN F 539 -14.98 21.08 4.41
C ASN F 539 -15.67 22.06 5.34
N VAL F 540 -16.76 21.64 5.97
CA VAL F 540 -17.43 22.52 6.94
C VAL F 540 -16.52 22.81 8.11
N ARG F 541 -15.82 21.78 8.61
CA ARG F 541 -14.93 21.97 9.75
C ARG F 541 -13.83 22.97 9.41
N GLU F 542 -13.20 22.81 8.25
CA GLU F 542 -12.13 23.74 7.90
C GLU F 542 -12.67 25.13 7.60
N ILE F 543 -13.90 25.22 7.08
CA ILE F 543 -14.50 26.54 6.86
C ILE F 543 -14.64 27.27 8.17
N PHE F 544 -15.19 26.59 9.19
CA PHE F 544 -15.34 27.25 10.48
C PHE F 544 -13.99 27.51 11.13
N ASP F 545 -13.01 26.63 10.92
CA ASP F 545 -11.68 26.88 11.45
C ASP F 545 -11.07 28.13 10.84
N LYS F 546 -11.22 28.29 9.53
CA LYS F 546 -10.73 29.49 8.86
C LYS F 546 -11.46 30.73 9.37
N ALA F 547 -12.78 30.63 9.54
CA ALA F 547 -13.54 31.77 10.06
C ALA F 547 -13.05 32.16 11.44
N ARG F 548 -12.85 31.18 12.32
CA ARG F 548 -12.30 31.47 13.64
C ARG F 548 -10.90 32.06 13.53
N GLN F 549 -10.12 31.62 12.54
CA GLN F 549 -8.78 32.15 12.37
C GLN F 549 -8.80 33.63 12.02
N ALA F 550 -9.73 34.04 11.15
CA ALA F 550 -9.81 35.43 10.70
C ALA F 550 -10.74 36.27 11.58
N ALA F 551 -10.94 35.88 12.83
CA ALA F 551 -11.77 36.67 13.73
C ALA F 551 -11.10 38.01 14.01
N PRO F 552 -11.86 39.11 14.10
CA PRO F 552 -13.32 39.14 13.91
C PRO F 552 -13.71 39.11 12.44
N CYS F 553 -14.83 38.45 12.14
CA CYS F 553 -15.27 38.33 10.76
C CYS F 553 -16.75 37.99 10.74
N VAL F 554 -17.34 38.14 9.57
CA VAL F 554 -18.75 37.86 9.34
C VAL F 554 -18.85 36.77 8.29
N LEU F 555 -19.47 35.66 8.65
CA LEU F 555 -19.72 34.56 7.73
C LEU F 555 -21.14 34.67 7.19
N PHE F 556 -21.30 34.41 5.90
CA PHE F 556 -22.58 34.51 5.23
C PHE F 556 -22.97 33.18 4.61
N PHE F 557 -24.28 32.91 4.61
CA PHE F 557 -24.83 31.72 3.98
C PHE F 557 -25.89 32.13 2.99
N ASP F 558 -25.94 31.42 1.86
CA ASP F 558 -26.87 31.74 0.79
C ASP F 558 -27.58 30.48 0.33
N GLU F 559 -28.82 30.65 -0.15
CA GLU F 559 -29.62 29.56 -0.70
C GLU F 559 -29.76 28.42 0.30
N LEU F 560 -30.03 28.78 1.56
CA LEU F 560 -30.18 27.75 2.59
C LEU F 560 -31.36 26.84 2.31
N ASP F 561 -32.47 27.42 1.84
CA ASP F 561 -33.65 26.63 1.53
C ASP F 561 -33.39 25.58 0.46
N SER F 562 -32.34 25.76 -0.35
CA SER F 562 -31.98 24.75 -1.34
C SER F 562 -31.72 23.40 -0.69
N ILE F 563 -31.33 23.42 0.59
CA ILE F 563 -31.15 22.18 1.34
C ILE F 563 -32.43 21.34 1.26
N ALA F 564 -33.58 21.98 1.50
CA ALA F 564 -34.85 21.28 1.40
C ALA F 564 -35.26 21.04 -0.05
N LYS F 565 -34.76 21.85 -0.99
CA LYS F 565 -35.26 21.77 -2.37
C LYS F 565 -35.00 20.40 -2.98
N ALA F 566 -33.79 19.87 -2.79
CA ALA F 566 -33.52 18.48 -3.16
C ALA F 566 -33.99 17.50 -2.11
N ARG F 567 -34.17 17.95 -0.87
CA ARG F 567 -34.66 17.07 0.19
C ARG F 567 -36.13 16.74 -0.02
N GLY F 568 -36.97 17.77 -0.04
CA GLY F 568 -38.38 17.60 -0.35
C GLY F 568 -38.76 18.27 -1.65
N GLY F 569 -39.03 17.49 -2.69
CA GLY F 569 -39.37 18.06 -3.98
C GLY F 569 -39.52 17.03 -5.08
N ASN F 570 -39.29 17.46 -6.32
CA ASN F 570 -39.44 16.58 -7.47
C ASN F 570 -38.38 15.47 -7.50
N ILE F 571 -37.32 15.58 -6.71
CA ILE F 571 -36.27 14.56 -6.65
C ILE F 571 -36.42 13.68 -5.42
N GLY F 572 -36.36 14.27 -4.23
CA GLY F 572 -36.50 13.50 -3.00
C GLY F 572 -35.47 12.42 -2.84
N ASP F 573 -34.24 12.64 -3.29
CA ASP F 573 -33.18 11.64 -3.23
C ASP F 573 -31.93 12.11 -2.50
N GLY F 574 -31.73 13.40 -2.31
CA GLY F 574 -30.60 13.92 -1.57
C GLY F 574 -30.78 13.95 -0.07
N GLY F 575 -31.60 13.06 0.49
CA GLY F 575 -31.87 13.10 1.91
C GLY F 575 -30.63 12.85 2.75
N GLY F 576 -29.81 11.87 2.36
CA GLY F 576 -28.62 11.57 3.14
C GLY F 576 -27.62 12.70 3.15
N ALA F 577 -27.34 13.27 1.97
CA ALA F 577 -26.40 14.38 1.89
C ALA F 577 -26.93 15.61 2.62
N ALA F 578 -28.21 15.90 2.48
CA ALA F 578 -28.80 17.04 3.17
C ALA F 578 -28.73 16.85 4.68
N ASP F 579 -29.03 15.64 5.16
CA ASP F 579 -28.93 15.37 6.58
C ASP F 579 -27.49 15.52 7.07
N ARG F 580 -26.53 15.01 6.31
CA ARG F 580 -25.14 15.15 6.68
C ARG F 580 -24.75 16.63 6.79
N VAL F 581 -25.13 17.42 5.78
CA VAL F 581 -24.75 18.83 5.76
C VAL F 581 -25.39 19.57 6.92
N ILE F 582 -26.69 19.37 7.13
CA ILE F 582 -27.41 20.09 8.17
C ILE F 582 -26.86 19.70 9.54
N ASN F 583 -26.64 18.41 9.75
CA ASN F 583 -26.10 17.95 11.03
C ASN F 583 -24.71 18.51 11.27
N GLN F 584 -23.86 18.52 10.24
CA GLN F 584 -22.54 19.09 10.39
C GLN F 584 -22.62 20.55 10.79
N ILE F 585 -23.48 21.30 10.09
CA ILE F 585 -23.60 22.73 10.37
C ILE F 585 -24.05 22.95 11.81
N LEU F 586 -25.09 22.22 12.23
CA LEU F 586 -25.62 22.41 13.57
C LEU F 586 -24.60 22.01 14.63
N THR F 587 -23.95 20.86 14.46
CA THR F 587 -23.00 20.37 15.43
C THR F 587 -21.76 21.26 15.51
N GLU F 588 -21.43 21.97 14.44
CA GLU F 588 -20.23 22.79 14.49
C GLU F 588 -20.50 24.22 14.92
N MET F 589 -21.64 24.80 14.53
CA MET F 589 -21.88 26.20 14.80
C MET F 589 -22.08 26.46 16.29
N ASP F 590 -22.76 25.55 16.99
CA ASP F 590 -22.98 25.73 18.42
C ASP F 590 -21.68 25.61 19.20
N GLY F 591 -20.65 25.04 18.59
CA GLY F 591 -19.35 24.97 19.24
C GLY F 591 -18.59 26.26 19.28
N MET F 592 -19.08 27.29 18.58
CA MET F 592 -18.45 28.59 18.62
C MET F 592 -18.56 29.19 20.02
N SER F 593 -17.46 29.78 20.48
CA SER F 593 -17.40 30.39 21.80
C SER F 593 -17.59 31.90 21.67
N THR F 594 -18.19 32.49 22.72
CA THR F 594 -18.39 33.93 22.74
C THR F 594 -17.09 34.72 22.75
N LYS F 595 -15.98 34.09 23.11
CA LYS F 595 -14.69 34.77 23.04
C LYS F 595 -14.36 35.17 21.60
N LYS F 596 -14.65 34.28 20.66
CA LYS F 596 -14.45 34.60 19.25
C LYS F 596 -15.44 35.68 18.83
N ASN F 597 -14.93 36.72 18.17
CA ASN F 597 -15.77 37.81 17.68
C ASN F 597 -16.19 37.55 16.23
N VAL F 598 -16.74 36.37 16.01
CA VAL F 598 -17.21 35.96 14.68
C VAL F 598 -18.73 35.95 14.67
N PHE F 599 -19.31 36.48 13.61
CA PHE F 599 -20.75 36.53 13.48
C PHE F 599 -21.21 35.68 12.30
N ILE F 600 -22.43 35.17 12.40
CA ILE F 600 -23.00 34.29 11.39
C ILE F 600 -24.31 34.91 10.90
N ILE F 601 -24.48 34.94 9.58
CA ILE F 601 -25.69 35.49 8.97
C ILE F 601 -26.23 34.48 7.97
N GLY F 602 -27.51 34.17 8.08
CA GLY F 602 -28.19 33.29 7.14
C GLY F 602 -29.25 34.05 6.37
N ALA F 603 -29.48 33.65 5.12
CA ALA F 603 -30.46 34.32 4.29
C ALA F 603 -31.19 33.30 3.44
N THR F 604 -32.50 33.48 3.30
CA THR F 604 -33.30 32.61 2.45
C THR F 604 -34.56 33.36 2.04
N ASN F 605 -35.21 32.85 1.01
CA ASN F 605 -36.46 33.41 0.52
C ASN F 605 -37.63 32.45 0.63
N ARG F 606 -37.44 31.30 1.27
CA ARG F 606 -38.50 30.33 1.51
C ARG F 606 -38.49 29.94 2.98
N PRO F 607 -38.94 30.85 3.86
CA PRO F 607 -38.89 30.55 5.30
C PRO F 607 -39.78 29.39 5.73
N ASP F 608 -40.81 29.05 4.94
CA ASP F 608 -41.71 27.99 5.33
C ASP F 608 -41.02 26.64 5.37
N ILE F 609 -40.14 26.37 4.40
CA ILE F 609 -39.54 25.05 4.25
C ILE F 609 -38.32 24.85 5.14
N ILE F 610 -37.89 25.88 5.87
CA ILE F 610 -36.71 25.78 6.72
C ILE F 610 -36.99 24.81 7.87
N ASP F 611 -36.00 23.98 8.18
CA ASP F 611 -36.15 23.02 9.26
C ASP F 611 -36.28 23.75 10.59
N PRO F 612 -37.23 23.34 11.43
CA PRO F 612 -37.44 24.06 12.71
C PRO F 612 -36.29 23.93 13.69
N ALA F 613 -35.42 22.94 13.53
CA ALA F 613 -34.33 22.75 14.49
C ALA F 613 -33.42 23.95 14.55
N ILE F 614 -33.20 24.61 13.41
CA ILE F 614 -32.37 25.82 13.40
C ILE F 614 -33.01 26.90 14.27
N LEU F 615 -34.34 26.98 14.25
CA LEU F 615 -35.07 27.98 15.03
C LEU F 615 -35.03 27.58 16.51
N ARG F 616 -33.86 27.71 17.10
CA ARG F 616 -33.62 27.37 18.48
C ARG F 616 -32.71 28.42 19.10
N PRO F 617 -32.92 28.77 20.37
CA PRO F 617 -32.01 29.69 21.04
C PRO F 617 -30.58 29.17 21.03
N GLY F 618 -29.63 30.08 20.88
CA GLY F 618 -28.24 29.74 20.66
C GLY F 618 -27.94 29.61 19.19
N ARG F 619 -28.87 29.02 18.44
CA ARG F 619 -28.77 28.94 16.99
C ARG F 619 -29.40 30.21 16.39
N LEU F 620 -29.67 30.17 15.08
CA LEU F 620 -30.30 31.30 14.41
C LEU F 620 -31.67 31.57 14.99
N ASP F 621 -31.82 32.71 15.65
CA ASP F 621 -33.06 33.11 16.31
C ASP F 621 -33.60 34.44 15.81
N GLN F 622 -32.73 35.42 15.59
CA GLN F 622 -33.17 36.71 15.12
C GLN F 622 -33.68 36.61 13.68
N LEU F 623 -34.88 37.10 13.45
CA LEU F 623 -35.51 37.03 12.14
C LEU F 623 -35.89 38.44 11.71
N ILE F 624 -35.49 38.81 10.50
CA ILE F 624 -35.78 40.13 9.95
C ILE F 624 -36.38 39.97 8.57
N TYR F 625 -37.59 40.49 8.39
CA TYR F 625 -38.23 40.48 7.09
C TYR F 625 -37.54 41.48 6.16
N ILE F 626 -37.70 41.24 4.85
CA ILE F 626 -37.13 42.14 3.85
C ILE F 626 -38.26 42.85 3.13
N PRO F 627 -38.60 44.07 3.52
CA PRO F 627 -39.68 44.79 2.84
C PRO F 627 -39.21 45.37 1.51
N LEU F 628 -40.18 45.58 0.62
CA LEU F 628 -39.88 46.16 -0.68
C LEU F 628 -39.68 47.66 -0.57
N PRO F 629 -38.79 48.23 -1.37
CA PRO F 629 -38.66 49.70 -1.42
C PRO F 629 -39.93 50.31 -1.99
N ASP F 630 -40.21 51.54 -1.54
CA ASP F 630 -41.44 52.22 -1.91
C ASP F 630 -41.16 53.65 -2.31
N GLU F 631 -41.44 53.97 -3.57
CA GLU F 631 -41.43 55.35 -4.07
C GLU F 631 -40.10 56.02 -3.80
N LYS F 632 -40.04 56.81 -2.71
CA LYS F 632 -38.80 57.49 -2.36
C LYS F 632 -37.66 56.51 -2.15
N SER F 633 -37.94 55.36 -1.55
CA SER F 633 -36.93 54.31 -1.48
C SER F 633 -36.54 53.84 -2.87
N ARG F 634 -37.54 53.65 -3.74
CA ARG F 634 -37.25 53.25 -5.12
C ARG F 634 -36.44 54.34 -5.83
N VAL F 635 -36.78 55.60 -5.60
CA VAL F 635 -36.03 56.70 -6.21
C VAL F 635 -34.59 56.69 -5.70
N ALA F 636 -34.41 56.43 -4.42
CA ALA F 636 -33.06 56.38 -3.85
C ALA F 636 -32.25 55.26 -4.48
N ILE F 637 -32.86 54.08 -4.65
CA ILE F 637 -32.16 52.98 -5.29
C ILE F 637 -31.81 53.33 -6.74
N LEU F 638 -32.75 53.96 -7.45
CA LEU F 638 -32.48 54.37 -8.83
C LEU F 638 -31.34 55.37 -8.90
N LYS F 639 -31.30 56.30 -7.95
CA LYS F 639 -30.21 57.27 -7.91
C LYS F 639 -28.88 56.58 -7.62
N ALA F 640 -28.88 55.61 -6.69
CA ALA F 640 -27.66 54.89 -6.37
C ALA F 640 -27.14 54.14 -7.59
N ASN F 641 -28.03 53.46 -8.31
CA ASN F 641 -27.63 52.79 -9.55
C ASN F 641 -27.41 53.77 -10.69
N LEU F 642 -27.75 55.04 -10.50
CA LEU F 642 -27.71 55.99 -11.60
C LEU F 642 -26.34 56.64 -11.74
N ARG F 643 -25.55 56.66 -10.68
CA ARG F 643 -24.28 57.39 -10.71
C ARG F 643 -23.37 56.83 -11.79
N LYS F 644 -22.91 55.59 -11.61
CA LYS F 644 -22.08 54.87 -12.57
C LYS F 644 -21.16 55.78 -13.36
N SER F 645 -21.62 56.22 -14.53
CA SER F 645 -20.91 57.17 -15.38
C SER F 645 -21.90 58.03 -16.17
N PRO F 646 -22.88 57.45 -16.87
CA PRO F 646 -23.84 58.30 -17.59
C PRO F 646 -24.78 59.00 -16.64
N VAL F 647 -25.32 60.13 -17.09
CA VAL F 647 -26.27 60.92 -16.30
C VAL F 647 -27.08 61.77 -17.27
N ALA F 648 -28.40 61.77 -17.07
CA ALA F 648 -29.29 62.53 -17.95
C ALA F 648 -30.57 62.86 -17.17
N LYS F 649 -30.71 64.12 -16.76
CA LYS F 649 -31.91 64.59 -16.08
C LYS F 649 -32.77 65.32 -17.10
N ASP F 650 -33.45 64.54 -17.94
CA ASP F 650 -34.37 65.07 -18.93
C ASP F 650 -35.80 64.56 -18.78
N VAL F 651 -35.99 63.44 -18.09
CA VAL F 651 -37.31 62.87 -17.81
C VAL F 651 -37.40 62.63 -16.31
N ASP F 652 -38.57 62.90 -15.73
CA ASP F 652 -38.75 62.75 -14.29
C ASP F 652 -38.55 61.30 -13.86
N LEU F 653 -37.46 61.05 -13.13
CA LEU F 653 -37.18 59.70 -12.63
C LEU F 653 -38.20 59.29 -11.57
N GLU F 654 -38.67 60.25 -10.77
CA GLU F 654 -39.68 59.95 -9.76
C GLU F 654 -40.98 59.50 -10.41
N PHE F 655 -41.33 60.09 -11.56
CA PHE F 655 -42.49 59.65 -12.30
C PHE F 655 -42.36 58.17 -12.69
N LEU F 656 -41.23 57.82 -13.30
CA LEU F 656 -41.01 56.44 -13.71
C LEU F 656 -41.01 55.50 -12.51
N ALA F 657 -40.52 55.98 -11.37
CA ALA F 657 -40.61 55.21 -10.14
C ALA F 657 -42.07 54.99 -9.75
N LYS F 658 -42.90 56.02 -9.92
CA LYS F 658 -44.29 55.92 -9.50
C LYS F 658 -45.11 55.02 -10.42
N MET F 659 -44.79 54.94 -11.72
CA MET F 659 -45.49 53.92 -12.49
C MET F 659 -44.98 52.51 -12.19
N THR F 660 -43.80 52.38 -11.59
CA THR F 660 -43.19 51.09 -11.32
C THR F 660 -43.34 50.69 -9.87
N ASN F 661 -44.47 51.03 -9.25
CA ASN F 661 -44.69 50.66 -7.86
C ASN F 661 -44.88 49.16 -7.73
N GLY F 662 -44.47 48.64 -6.59
CA GLY F 662 -44.46 47.19 -6.38
C GLY F 662 -43.45 46.47 -7.25
N PHE F 663 -42.27 47.05 -7.45
CA PHE F 663 -41.22 46.47 -8.27
C PHE F 663 -40.00 46.17 -7.40
N SER F 664 -39.37 45.03 -7.66
CA SER F 664 -38.19 44.65 -6.90
C SER F 664 -36.99 45.50 -7.29
N GLY F 665 -36.05 45.64 -6.35
CA GLY F 665 -34.86 46.42 -6.63
C GLY F 665 -34.03 45.85 -7.76
N ALA F 666 -33.93 44.52 -7.82
CA ALA F 666 -33.22 43.88 -8.92
C ALA F 666 -33.88 44.21 -10.25
N ASP F 667 -35.20 44.25 -10.28
CA ASP F 667 -35.91 44.63 -11.50
C ASP F 667 -35.58 46.07 -11.90
N LEU F 668 -35.50 46.97 -10.93
CA LEU F 668 -35.17 48.36 -11.23
C LEU F 668 -33.75 48.46 -11.77
N THR F 669 -32.82 47.71 -11.18
CA THR F 669 -31.45 47.71 -11.70
C THR F 669 -31.41 47.15 -13.12
N GLU F 670 -32.21 46.11 -13.39
CA GLU F 670 -32.31 45.58 -14.74
C GLU F 670 -32.84 46.62 -15.71
N ILE F 671 -33.84 47.39 -15.29
CA ILE F 671 -34.37 48.46 -16.13
C ILE F 671 -33.30 49.50 -16.40
N CYS F 672 -32.55 49.87 -15.37
CA CYS F 672 -31.47 50.84 -15.57
C CYS F 672 -30.44 50.32 -16.55
N GLN F 673 -30.06 49.05 -16.43
CA GLN F 673 -29.07 48.50 -17.35
C GLN F 673 -29.63 48.37 -18.76
N ARG F 674 -30.92 48.08 -18.90
CA ARG F 674 -31.55 48.07 -20.22
C ARG F 674 -31.50 49.46 -20.85
N ALA F 675 -31.80 50.49 -20.08
CA ALA F 675 -31.68 51.85 -20.59
C ALA F 675 -30.24 52.17 -20.95
N CYS F 676 -29.29 51.69 -20.17
CA CYS F 676 -27.88 51.88 -20.50
C CYS F 676 -27.53 51.19 -21.80
N LYS F 677 -28.07 49.99 -22.03
CA LYS F 677 -27.83 49.29 -23.29
C LYS F 677 -28.43 50.05 -24.46
N LEU F 678 -29.59 50.66 -24.26
CA LEU F 678 -30.17 51.48 -25.32
C LEU F 678 -29.33 52.72 -25.58
N ALA F 679 -28.77 53.31 -24.53
CA ALA F 679 -27.87 54.43 -24.71
C ALA F 679 -26.62 54.03 -25.48
N ILE F 680 -26.09 52.84 -25.18
CA ILE F 680 -24.96 52.30 -25.94
C ILE F 680 -25.38 52.06 -27.38
N ARG F 681 -26.63 51.64 -27.59
CA ARG F 681 -27.13 51.47 -28.96
C ARG F 681 -27.14 52.81 -29.69
N GLU F 682 -27.55 53.87 -29.00
CA GLU F 682 -27.53 55.21 -29.60
C GLU F 682 -26.10 55.64 -29.92
N SER F 683 -25.17 55.36 -29.01
CA SER F 683 -23.77 55.71 -29.27
C SER F 683 -23.21 54.92 -30.44
N ILE F 684 -23.59 53.65 -30.55
CA ILE F 684 -23.19 52.85 -31.70
C ILE F 684 -23.79 53.42 -32.97
N GLU F 685 -25.03 53.89 -32.90
CA GLU F 685 -25.63 54.56 -34.04
C GLU F 685 -24.82 55.78 -34.44
N SER F 686 -24.38 56.56 -33.45
CA SER F 686 -23.60 57.76 -33.72
C SER F 686 -22.29 57.42 -34.42
N GLU F 687 -21.54 56.46 -33.86
CA GLU F 687 -20.26 56.12 -34.47
C GLU F 687 -20.45 55.44 -35.83
N ILE F 688 -21.55 54.71 -36.00
CA ILE F 688 -21.83 54.07 -37.29
C ILE F 688 -22.14 55.12 -38.34
N ARG F 689 -22.93 56.14 -37.98
CA ARG F 689 -23.18 57.21 -38.94
C ARG F 689 -21.91 57.99 -39.24
N ARG F 690 -21.04 58.14 -38.23
CA ARG F 690 -19.75 58.77 -38.49
C ARG F 690 -18.95 57.99 -39.53
N GLU F 691 -18.80 56.68 -39.29
CA GLU F 691 -17.99 55.85 -40.18
C GLU F 691 -18.65 55.64 -41.53
N ARG F 692 -19.97 55.85 -41.64
CA ARG F 692 -20.64 55.74 -42.92
C ARG F 692 -20.52 57.02 -43.73
N GLU F 693 -20.78 58.17 -43.11
CA GLU F 693 -20.80 59.42 -43.85
C GLU F 693 -19.41 60.00 -44.06
N ARG F 694 -18.39 59.46 -43.37
CA ARG F 694 -17.09 59.93 -43.87
C ARG F 694 -16.55 59.04 -44.97
N GLN F 695 -17.23 57.93 -45.28
CA GLN F 695 -17.01 57.25 -46.55
C GLN F 695 -17.56 58.07 -47.71
N THR F 696 -18.74 58.67 -47.53
CA THR F 696 -19.32 59.50 -48.59
C THR F 696 -18.47 60.74 -48.83
N ASN F 697 -18.12 61.45 -47.78
CA ASN F 697 -17.21 62.58 -47.86
C ASN F 697 -15.86 62.16 -47.27
N PRO F 698 -14.81 62.01 -48.07
CA PRO F 698 -13.54 61.46 -47.55
C PRO F 698 -13.00 62.22 -46.37
N SER F 699 -12.91 61.53 -45.23
CA SER F 699 -12.47 62.12 -43.96
C SER F 699 -13.31 63.34 -43.62
N ALA F 700 -14.61 63.12 -43.52
CA ALA F 700 -15.55 64.19 -43.18
C ALA F 700 -15.55 64.44 -41.68
N MET F 701 -14.37 64.67 -41.11
CA MET F 701 -14.23 64.89 -39.67
C MET F 701 -13.42 66.16 -39.53
N GLU F 702 -14.09 67.31 -39.61
CA GLU F 702 -13.44 68.60 -39.46
C GLU F 702 -13.64 69.18 -38.06
N VAL F 703 -14.88 69.17 -37.57
CA VAL F 703 -15.17 69.47 -36.18
C VAL F 703 -15.19 68.14 -35.42
N GLU F 704 -15.00 68.22 -34.10
CA GLU F 704 -14.95 67.03 -33.27
C GLU F 704 -16.38 66.56 -32.99
N GLU F 705 -16.75 65.42 -33.59
CA GLU F 705 -18.03 64.78 -33.33
C GLU F 705 -17.83 63.78 -32.20
N ASP F 706 -18.16 64.20 -30.98
CA ASP F 706 -17.91 63.40 -29.81
C ASP F 706 -19.00 62.34 -29.64
N ASP F 707 -18.81 61.44 -28.68
CA ASP F 707 -19.86 60.52 -28.31
C ASP F 707 -21.06 61.31 -27.76
N PRO F 708 -22.28 60.88 -28.06
CA PRO F 708 -23.44 61.59 -27.51
C PRO F 708 -23.37 61.68 -25.99
N VAL F 709 -23.55 62.90 -25.48
CA VAL F 709 -23.56 63.14 -24.05
C VAL F 709 -24.72 62.31 -23.48
N PRO F 710 -24.56 61.68 -22.31
CA PRO F 710 -25.68 60.91 -21.76
C PRO F 710 -26.96 61.74 -21.71
N GLU F 711 -27.90 61.38 -22.58
CA GLU F 711 -29.17 62.08 -22.75
C GLU F 711 -30.29 61.07 -22.91
N ILE F 712 -30.28 60.04 -22.04
CA ILE F 712 -31.22 58.94 -22.13
C ILE F 712 -32.63 59.50 -22.20
N ARG F 713 -33.29 59.29 -23.33
CA ARG F 713 -34.56 59.93 -23.61
C ARG F 713 -35.71 59.08 -23.09
N ARG F 714 -36.90 59.69 -23.05
CA ARG F 714 -38.08 58.97 -22.62
C ARG F 714 -38.38 57.78 -23.51
N ASP F 715 -37.80 57.74 -24.71
CA ASP F 715 -37.95 56.57 -25.57
C ASP F 715 -37.42 55.31 -24.88
N HIS F 716 -36.24 55.42 -24.25
CA HIS F 716 -35.64 54.26 -23.60
C HIS F 716 -36.48 53.82 -22.41
N PHE F 717 -36.99 54.76 -21.62
CA PHE F 717 -37.82 54.40 -20.48
C PHE F 717 -39.15 53.82 -20.94
N GLU F 718 -39.68 54.30 -22.07
CA GLU F 718 -40.91 53.73 -22.61
C GLU F 718 -40.66 52.32 -23.12
N GLU F 719 -39.48 52.07 -23.69
CA GLU F 719 -39.10 50.69 -24.01
C GLU F 719 -39.03 49.85 -22.75
N ALA F 720 -38.47 50.40 -21.68
CA ALA F 720 -38.34 49.66 -20.43
C ALA F 720 -39.70 49.30 -19.85
N MET F 721 -40.63 50.25 -19.85
CA MET F 721 -41.97 49.96 -19.36
C MET F 721 -42.76 49.09 -20.32
N ARG F 722 -42.39 49.09 -21.61
CA ARG F 722 -43.03 48.17 -22.55
C ARG F 722 -42.72 46.73 -22.17
N PHE F 723 -41.48 46.44 -21.80
CA PHE F 723 -41.09 45.13 -21.27
C PHE F 723 -40.81 45.34 -19.79
N ALA F 724 -41.88 45.34 -19.00
CA ALA F 724 -41.80 45.58 -17.57
C ALA F 724 -42.20 44.32 -16.84
N ARG F 725 -41.30 43.81 -16.00
CA ARG F 725 -41.49 42.52 -15.33
C ARG F 725 -41.68 42.77 -13.84
N ARG F 726 -42.85 42.39 -13.32
CA ARG F 726 -43.06 42.36 -11.88
C ARG F 726 -42.43 41.07 -11.39
N SER F 727 -41.12 41.13 -11.14
CA SER F 727 -40.38 39.93 -10.73
C SER F 727 -40.95 39.36 -9.44
N VAL F 728 -41.28 40.23 -8.48
CA VAL F 728 -41.99 39.77 -7.29
C VAL F 728 -43.41 39.36 -7.67
N SER F 729 -43.81 38.19 -7.20
CA SER F 729 -45.13 37.63 -7.49
C SER F 729 -46.02 37.82 -6.27
N ASP F 730 -47.25 38.29 -6.51
CA ASP F 730 -48.12 38.70 -5.41
C ASP F 730 -48.46 37.52 -4.50
N ASN F 731 -48.58 36.32 -5.06
CA ASN F 731 -48.87 35.15 -4.22
C ASN F 731 -47.75 34.92 -3.21
N ASP F 732 -46.50 35.04 -3.64
CA ASP F 732 -45.39 34.88 -2.72
C ASP F 732 -45.34 36.01 -1.69
N ILE F 733 -45.72 37.22 -2.09
CA ILE F 733 -45.80 38.32 -1.14
C ILE F 733 -46.84 38.02 -0.06
N ARG F 734 -47.99 37.50 -0.47
CA ARG F 734 -49.03 37.15 0.49
C ARG F 734 -48.55 36.02 1.40
N LYS F 735 -47.81 35.06 0.85
CA LYS F 735 -47.28 33.99 1.68
C LYS F 735 -46.27 34.52 2.69
N TYR F 736 -45.42 35.46 2.27
CA TYR F 736 -44.49 36.09 3.19
C TYR F 736 -45.22 36.81 4.31
N GLU F 737 -46.26 37.56 3.96
CA GLU F 737 -47.04 38.28 4.97
C GLU F 737 -47.73 37.31 5.90
N MET F 738 -48.23 36.19 5.36
CA MET F 738 -48.87 35.18 6.18
C MET F 738 -47.87 34.60 7.18
N PHE F 739 -46.66 34.28 6.72
CA PHE F 739 -45.64 33.75 7.62
C PHE F 739 -45.27 34.77 8.70
N ALA F 740 -45.11 36.04 8.30
CA ALA F 740 -44.76 37.08 9.26
C ALA F 740 -45.84 37.26 10.30
N GLN F 741 -47.11 37.26 9.88
CA GLN F 741 -48.20 37.42 10.82
C GLN F 741 -48.37 36.19 11.70
N THR F 742 -48.10 35.00 11.16
CA THR F 742 -48.12 33.80 11.98
C THR F 742 -47.07 33.88 13.08
N LEU F 743 -45.88 34.34 12.74
CA LEU F 743 -44.85 34.51 13.76
C LEU F 743 -45.23 35.60 14.75
N GLN F 744 -45.81 36.70 14.26
CA GLN F 744 -46.17 37.81 15.15
C GLN F 744 -47.24 37.40 16.15
N GLN F 745 -48.24 36.65 15.70
CA GLN F 745 -49.29 36.20 16.61
C GLN F 745 -48.79 35.08 17.52
N SER F 746 -48.02 34.14 16.98
CA SER F 746 -47.48 33.07 17.81
C SER F 746 -46.44 33.60 18.79
N ARG F 747 -45.58 34.51 18.33
CA ARG F 747 -44.56 35.10 19.19
C ARG F 747 -44.38 36.57 18.87
N PRO G 4 0.78 -62.14 42.95
CA PRO G 4 0.29 -61.03 43.79
C PRO G 4 -1.06 -60.53 43.32
N ASN G 5 -1.90 -60.08 44.26
CA ASN G 5 -3.20 -59.55 43.89
C ASN G 5 -3.04 -58.22 43.16
N ARG G 6 -3.75 -58.08 42.04
CA ARG G 6 -3.66 -56.91 41.20
C ARG G 6 -4.73 -55.90 41.58
N LEU G 7 -4.34 -54.63 41.61
CA LEU G 7 -5.25 -53.54 41.93
C LEU G 7 -5.06 -52.41 40.92
N ILE G 8 -6.12 -51.63 40.71
CA ILE G 8 -6.10 -50.47 39.83
C ILE G 8 -6.29 -49.23 40.70
N VAL G 9 -5.33 -48.31 40.63
CA VAL G 9 -5.34 -47.16 41.50
C VAL G 9 -6.32 -46.11 40.99
N ASP G 10 -6.90 -45.37 41.92
CA ASP G 10 -7.83 -44.29 41.62
C ASP G 10 -7.71 -43.24 42.70
N GLU G 11 -8.19 -42.04 42.41
CA GLU G 11 -8.11 -40.95 43.36
C GLU G 11 -9.03 -41.21 44.56
N ALA G 12 -8.53 -40.91 45.75
CA ALA G 12 -9.29 -41.05 46.98
C ALA G 12 -9.86 -39.69 47.37
N ILE G 13 -11.15 -39.66 47.70
CA ILE G 13 -11.79 -38.41 48.09
C ILE G 13 -11.16 -37.86 49.36
N ASN G 14 -10.88 -38.73 50.33
CA ASN G 14 -10.17 -38.31 51.53
C ASN G 14 -8.79 -37.82 51.17
N GLU G 15 -8.42 -36.66 51.72
CA GLU G 15 -7.15 -36.02 51.40
C GLU G 15 -6.01 -36.48 52.29
N ASP G 16 -6.29 -37.32 53.28
CA ASP G 16 -5.22 -37.81 54.16
C ASP G 16 -4.26 -38.69 53.39
N ASN G 17 -2.97 -38.48 53.62
CA ASN G 17 -1.96 -39.34 53.02
C ASN G 17 -1.98 -40.74 53.62
N SER G 18 -2.53 -40.89 54.82
CA SER G 18 -2.58 -42.17 55.50
C SER G 18 -3.87 -42.95 55.25
N VAL G 19 -4.75 -42.41 54.42
CA VAL G 19 -6.05 -43.03 54.14
C VAL G 19 -6.01 -43.63 52.75
N VAL G 20 -6.25 -44.94 52.67
CA VAL G 20 -6.40 -45.65 51.41
C VAL G 20 -7.76 -46.33 51.41
N SER G 21 -8.50 -46.18 50.31
CA SER G 21 -9.87 -46.67 50.23
C SER G 21 -9.93 -47.85 49.27
N LEU G 22 -10.53 -48.94 49.73
CA LEU G 22 -10.69 -50.16 48.94
C LEU G 22 -12.13 -50.64 49.02
N SER G 23 -12.52 -51.44 48.05
CA SER G 23 -13.85 -52.02 48.03
C SER G 23 -14.02 -52.99 49.19
N GLN G 24 -15.27 -53.15 49.61
CA GLN G 24 -15.58 -54.13 50.66
C GLN G 24 -15.18 -55.55 50.28
N PRO G 25 -15.51 -56.06 49.09
CA PRO G 25 -15.06 -57.43 48.75
C PRO G 25 -13.55 -57.59 48.77
N LYS G 26 -12.81 -56.57 48.34
CA LYS G 26 -11.36 -56.68 48.31
C LYS G 26 -10.77 -56.74 49.72
N MET G 27 -11.22 -55.85 50.60
CA MET G 27 -10.74 -55.88 51.98
C MET G 27 -11.16 -57.17 52.69
N ASP G 28 -12.35 -57.68 52.37
CA ASP G 28 -12.75 -58.99 52.91
C ASP G 28 -11.82 -60.08 52.41
N GLU G 29 -11.46 -60.03 51.12
CA GLU G 29 -10.63 -61.08 50.52
C GLU G 29 -9.24 -61.13 51.15
N LEU G 30 -8.63 -59.97 51.37
CA LEU G 30 -7.24 -59.93 51.82
C LEU G 30 -7.10 -60.02 53.33
N GLN G 31 -8.14 -60.49 54.03
CA GLN G 31 -8.10 -60.67 55.48
C GLN G 31 -7.72 -59.38 56.19
N LEU G 32 -8.29 -58.27 55.74
CA LEU G 32 -8.03 -56.97 56.31
C LEU G 32 -9.34 -56.29 56.68
N PHE G 33 -9.29 -55.43 57.69
CA PHE G 33 -10.45 -54.70 58.16
C PHE G 33 -10.17 -53.20 58.10
N ARG G 34 -11.25 -52.42 58.15
CA ARG G 34 -11.12 -50.97 58.10
C ARG G 34 -10.29 -50.47 59.27
N GLY G 35 -9.37 -49.56 58.97
CA GLY G 35 -8.48 -49.01 59.98
C GLY G 35 -7.20 -49.81 60.21
N ASP G 36 -7.03 -50.94 59.53
CA ASP G 36 -5.83 -51.73 59.71
C ASP G 36 -4.64 -51.06 59.02
N THR G 37 -3.44 -51.33 59.53
CA THR G 37 -2.23 -50.81 58.92
C THR G 37 -1.78 -51.74 57.80
N VAL G 38 -1.49 -51.16 56.64
CA VAL G 38 -1.19 -51.93 55.44
C VAL G 38 0.09 -51.41 54.80
N LEU G 39 0.75 -52.30 54.05
CA LEU G 39 1.96 -51.99 53.32
C LEU G 39 1.69 -52.10 51.82
N LEU G 40 2.00 -51.03 51.09
CA LEU G 40 1.79 -50.95 49.66
C LEU G 40 3.14 -51.01 48.95
N LYS G 41 3.19 -51.80 47.86
CA LYS G 41 4.42 -52.01 47.10
C LYS G 41 4.28 -51.37 45.74
N GLY G 42 5.28 -50.59 45.34
CA GLY G 42 5.26 -49.92 44.06
C GLY G 42 6.49 -50.16 43.22
N LYS G 43 6.62 -49.44 42.12
CA LYS G 43 7.76 -49.59 41.24
C LYS G 43 9.01 -48.98 41.86
N LYS G 44 10.16 -49.38 41.31
CA LYS G 44 11.46 -48.86 41.74
C LYS G 44 11.70 -49.11 43.23
N ARG G 45 11.18 -50.23 43.72
CA ARG G 45 11.32 -50.63 45.12
C ARG G 45 10.83 -49.53 46.06
N ARG G 46 9.78 -48.85 45.66
CA ARG G 46 9.16 -47.82 46.48
C ARG G 46 7.97 -48.42 47.20
N GLU G 47 7.99 -48.36 48.53
CA GLU G 47 6.94 -48.93 49.36
C GLU G 47 6.43 -47.87 50.32
N ALA G 48 5.18 -48.05 50.75
CA ALA G 48 4.52 -47.10 51.64
C ALA G 48 3.77 -47.85 52.72
N VAL G 49 3.55 -47.16 53.84
CA VAL G 49 2.76 -47.69 54.95
C VAL G 49 1.57 -46.76 55.15
N CYS G 50 0.37 -47.34 55.17
CA CYS G 50 -0.85 -46.53 55.25
C CYS G 50 -1.85 -47.26 56.12
N ILE G 51 -3.07 -46.72 56.18
CA ILE G 51 -4.16 -47.29 56.96
C ILE G 51 -5.32 -47.55 56.01
N VAL G 52 -5.80 -48.79 56.00
CA VAL G 52 -6.80 -49.20 55.03
C VAL G 52 -8.19 -48.84 55.54
N LEU G 53 -9.02 -48.31 54.64
CA LEU G 53 -10.42 -48.04 54.91
C LEU G 53 -11.26 -48.65 53.80
N SER G 54 -12.40 -49.21 54.16
CA SER G 54 -13.30 -49.80 53.17
C SER G 54 -14.09 -48.71 52.47
N ASP G 55 -14.15 -48.77 51.14
CA ASP G 55 -14.89 -47.82 50.34
C ASP G 55 -16.03 -48.54 49.63
N ASP G 56 -17.24 -48.00 49.76
CA ASP G 56 -18.41 -48.62 49.16
C ASP G 56 -18.39 -48.50 47.64
N THR G 57 -18.09 -47.30 47.13
CA THR G 57 -18.17 -47.05 45.70
C THR G 57 -16.96 -47.56 44.93
N CYS G 58 -15.88 -47.93 45.62
CA CYS G 58 -14.70 -48.42 44.93
C CYS G 58 -14.97 -49.78 44.30
N SER G 59 -14.41 -49.99 43.12
CA SER G 59 -14.55 -51.27 42.45
C SER G 59 -13.74 -52.35 43.17
N ASP G 60 -14.12 -53.60 42.93
CA ASP G 60 -13.48 -54.72 43.63
C ASP G 60 -11.99 -54.78 43.33
N GLU G 61 -11.61 -54.54 42.08
CA GLU G 61 -10.21 -54.50 41.68
C GLU G 61 -9.59 -53.13 41.85
N LYS G 62 -10.37 -52.14 42.29
CA LYS G 62 -9.90 -50.77 42.40
C LYS G 62 -9.48 -50.43 43.82
N ILE G 63 -8.67 -49.38 43.93
CA ILE G 63 -8.19 -48.88 45.20
C ILE G 63 -8.08 -47.36 45.10
N ARG G 64 -8.92 -46.65 45.85
CA ARG G 64 -8.85 -45.20 45.89
C ARG G 64 -7.70 -44.77 46.78
N MET G 65 -6.80 -43.94 46.25
CA MET G 65 -5.58 -43.60 46.95
C MET G 65 -4.95 -42.41 46.24
N ASN G 66 -4.49 -41.43 47.02
CA ASN G 66 -4.22 -40.08 46.53
C ASN G 66 -2.90 -40.03 45.76
N ARG G 67 -2.59 -38.88 45.19
CA ARG G 67 -1.44 -38.79 44.29
C ARG G 67 -0.11 -38.75 45.04
N VAL G 68 -0.07 -38.13 46.22
CA VAL G 68 1.21 -37.97 46.90
C VAL G 68 1.81 -39.33 47.23
N VAL G 69 1.00 -40.26 47.70
CA VAL G 69 1.50 -41.61 47.95
C VAL G 69 1.76 -42.35 46.65
N ARG G 70 1.10 -41.97 45.56
CA ARG G 70 1.48 -42.51 44.25
C ARG G 70 2.90 -42.11 43.90
N ASN G 71 3.25 -40.84 44.12
CA ASN G 71 4.62 -40.38 43.86
C ASN G 71 5.59 -41.05 44.80
N ASN G 72 5.21 -41.23 46.06
CA ASN G 72 6.05 -41.96 47.00
C ASN G 72 6.29 -43.39 46.52
N LEU G 73 5.25 -44.03 45.98
CA LEU G 73 5.36 -45.35 45.39
C LEU G 73 5.88 -45.31 43.96
N ARG G 74 6.06 -44.11 43.39
CA ARG G 74 6.51 -43.94 42.02
C ARG G 74 5.63 -44.70 41.03
N VAL G 75 4.31 -44.58 41.21
CA VAL G 75 3.33 -45.24 40.37
C VAL G 75 2.37 -44.19 39.83
N ARG G 76 1.75 -44.51 38.71
CA ARG G 76 0.83 -43.61 38.02
C ARG G 76 -0.58 -44.20 38.05
N LEU G 77 -1.49 -43.50 37.38
CA LEU G 77 -2.90 -43.90 37.38
C LEU G 77 -3.10 -45.21 36.62
N GLY G 78 -4.05 -46.00 37.10
CA GLY G 78 -4.39 -47.24 36.44
C GLY G 78 -3.30 -48.29 36.48
N ASP G 79 -2.34 -48.16 37.37
CA ASP G 79 -1.24 -49.12 37.45
C ASP G 79 -1.64 -50.31 38.31
N VAL G 80 -0.71 -51.25 38.47
CA VAL G 80 -0.92 -52.46 39.24
C VAL G 80 -0.07 -52.39 40.49
N ILE G 81 -0.69 -52.59 41.65
CA ILE G 81 -0.01 -52.52 42.93
C ILE G 81 -0.30 -53.79 43.72
N SER G 82 0.44 -53.96 44.81
CA SER G 82 0.22 -55.05 45.74
C SER G 82 0.18 -54.48 47.16
N ILE G 83 -0.64 -55.09 48.01
CA ILE G 83 -0.87 -54.62 49.36
C ILE G 83 -0.88 -55.81 50.30
N GLN G 84 -0.26 -55.65 51.47
CA GLN G 84 -0.22 -56.70 52.47
C GLN G 84 -0.60 -56.14 53.84
N PRO G 85 -1.15 -56.97 54.71
CA PRO G 85 -1.37 -56.53 56.10
C PRO G 85 -0.05 -56.30 56.81
N CYS G 86 0.02 -55.19 57.56
CA CYS G 86 1.20 -54.84 58.34
C CYS G 86 0.77 -54.40 59.73
N PRO G 87 0.28 -55.34 60.55
CA PRO G 87 -0.14 -54.99 61.92
C PRO G 87 0.97 -55.00 62.94
N ASP G 88 2.24 -55.07 62.53
CA ASP G 88 3.37 -55.14 63.43
C ASP G 88 4.15 -53.83 63.49
N VAL G 89 3.55 -52.72 63.09
CA VAL G 89 4.22 -51.43 63.14
C VAL G 89 4.24 -50.92 64.57
N LYS G 90 5.42 -50.53 65.05
CA LYS G 90 5.59 -50.04 66.40
C LYS G 90 5.50 -48.52 66.43
N TYR G 91 5.18 -47.98 67.60
CA TYR G 91 5.10 -46.54 67.77
C TYR G 91 6.48 -45.91 67.63
N GLY G 92 6.53 -44.79 66.91
CA GLY G 92 7.79 -44.11 66.70
C GLY G 92 8.25 -43.41 67.96
N LYS G 93 9.44 -43.76 68.45
CA LYS G 93 10.00 -43.03 69.59
C LYS G 93 10.46 -41.65 69.18
N ARG G 94 11.16 -41.54 68.05
CA ARG G 94 11.64 -40.26 67.56
C ARG G 94 11.77 -40.31 66.06
N ILE G 95 11.34 -39.23 65.41
CA ILE G 95 11.41 -39.09 63.97
C ILE G 95 12.02 -37.73 63.65
N HIS G 96 12.85 -37.70 62.61
CA HIS G 96 13.40 -36.45 62.11
C HIS G 96 12.83 -36.19 60.72
N VAL G 97 12.19 -35.03 60.56
CA VAL G 97 11.65 -34.59 59.29
C VAL G 97 12.21 -33.20 59.02
N LEU G 98 12.06 -32.75 57.78
CA LEU G 98 12.56 -31.42 57.46
C LEU G 98 11.78 -30.85 56.29
N PRO G 99 11.48 -29.56 56.29
CA PRO G 99 10.82 -28.95 55.14
C PRO G 99 11.73 -28.91 53.92
N ILE G 100 11.11 -28.91 52.75
CA ILE G 100 11.86 -28.86 51.51
C ILE G 100 12.34 -27.44 51.25
N ASP G 101 13.43 -27.32 50.50
CA ASP G 101 14.09 -26.02 50.32
C ASP G 101 13.18 -25.02 49.63
N ASP G 102 12.52 -25.44 48.56
CA ASP G 102 11.64 -24.53 47.83
C ASP G 102 10.40 -24.18 48.64
N THR G 103 9.95 -25.08 49.51
CA THR G 103 8.70 -24.89 50.22
C THR G 103 8.79 -23.82 51.32
N VAL G 104 9.99 -23.50 51.80
CA VAL G 104 10.12 -22.56 52.91
C VAL G 104 10.98 -21.37 52.51
N GLU G 105 10.96 -21.02 51.22
CA GLU G 105 11.70 -19.87 50.77
C GLU G 105 11.14 -18.60 51.41
N GLY G 106 12.03 -17.76 51.92
CA GLY G 106 11.63 -16.58 52.65
C GLY G 106 12.04 -16.63 54.11
N ILE G 107 11.28 -15.98 54.98
CA ILE G 107 11.56 -15.93 56.40
C ILE G 107 10.51 -16.74 57.14
N THR G 108 10.96 -17.66 58.00
CA THR G 108 10.09 -18.63 58.63
C THR G 108 10.29 -18.61 60.15
N GLY G 109 9.19 -18.75 60.87
CA GLY G 109 9.24 -18.86 62.31
C GLY G 109 9.34 -20.30 62.78
N ASN G 110 8.32 -20.77 63.50
CA ASN G 110 8.29 -22.15 63.99
C ASN G 110 7.26 -22.94 63.20
N LEU G 111 7.75 -23.86 62.36
CA LEU G 111 6.84 -24.73 61.62
C LEU G 111 6.22 -25.78 62.53
N PHE G 112 6.89 -26.13 63.62
CA PHE G 112 6.43 -27.22 64.47
C PHE G 112 5.07 -26.88 65.08
N GLU G 113 4.96 -25.70 65.70
CA GLU G 113 3.69 -25.29 66.29
C GLU G 113 2.64 -25.07 65.23
N VAL G 114 3.01 -24.37 64.16
CA VAL G 114 2.02 -23.97 63.16
C VAL G 114 1.53 -25.17 62.37
N TYR G 115 2.46 -26.02 61.94
CA TYR G 115 2.12 -27.12 61.03
C TYR G 115 2.30 -28.49 61.66
N LEU G 116 3.47 -28.78 62.23
CA LEU G 116 3.72 -30.11 62.75
C LEU G 116 2.80 -30.43 63.93
N LYS G 117 2.55 -29.44 64.79
CA LYS G 117 1.66 -29.67 65.92
C LYS G 117 0.26 -30.08 65.50
N PRO G 118 -0.42 -29.38 64.57
CA PRO G 118 -1.75 -29.86 64.16
C PRO G 118 -1.69 -31.07 63.25
N TYR G 119 -0.72 -31.13 62.33
CA TYR G 119 -0.64 -32.23 61.39
C TYR G 119 -0.39 -33.55 62.11
N PHE G 120 0.45 -33.55 63.13
CA PHE G 120 0.78 -34.74 63.88
C PHE G 120 0.00 -34.86 65.18
N LEU G 121 -1.16 -34.21 65.26
CA LEU G 121 -1.96 -34.21 66.48
C LEU G 121 -2.93 -35.38 66.42
N GLU G 122 -2.58 -36.49 67.07
CA GLU G 122 -3.42 -37.68 67.22
C GLU G 122 -3.73 -38.35 65.88
N ALA G 123 -3.15 -37.86 64.78
CA ALA G 123 -3.48 -38.40 63.46
C ALA G 123 -3.05 -39.86 63.34
N TYR G 124 -2.10 -40.31 64.16
CA TYR G 124 -1.57 -41.67 64.10
C TYR G 124 -1.06 -41.99 62.69
N ARG G 125 -0.30 -41.07 62.13
CA ARG G 125 0.16 -41.21 60.76
C ARG G 125 1.26 -42.26 60.68
N PRO G 126 1.08 -43.34 59.93
CA PRO G 126 2.16 -44.32 59.75
C PRO G 126 3.15 -43.82 58.70
N ILE G 127 4.31 -43.40 59.17
CA ILE G 127 5.31 -42.81 58.29
C ILE G 127 6.41 -43.84 58.04
N ARG G 128 7.16 -43.61 56.98
CA ARG G 128 8.23 -44.50 56.55
C ARG G 128 9.43 -43.66 56.14
N LYS G 129 10.60 -44.29 56.14
CA LYS G 129 11.82 -43.58 55.78
C LYS G 129 11.75 -43.10 54.33
N GLY G 130 12.16 -41.85 54.11
CA GLY G 130 12.17 -41.28 52.78
C GLY G 130 10.83 -40.81 52.26
N ASP G 131 9.81 -40.76 53.12
CA ASP G 131 8.48 -40.36 52.68
C ASP G 131 8.42 -38.87 52.38
N ILE G 132 7.46 -38.50 51.55
CA ILE G 132 7.18 -37.11 51.20
C ILE G 132 5.73 -36.81 51.56
N PHE G 133 5.51 -35.71 52.26
CA PHE G 133 4.13 -35.33 52.56
C PHE G 133 4.00 -33.81 52.50
N LEU G 134 2.77 -33.34 52.32
CA LEU G 134 2.49 -31.94 52.10
C LEU G 134 1.46 -31.44 53.10
N VAL G 135 1.69 -30.24 53.64
CA VAL G 135 0.73 -29.55 54.48
C VAL G 135 0.58 -28.13 53.94
N ARG G 136 -0.66 -27.73 53.66
CA ARG G 136 -0.90 -26.39 53.17
C ARG G 136 -0.63 -25.35 54.26
N GLY G 137 -0.11 -24.20 53.85
CA GLY G 137 0.18 -23.13 54.76
C GLY G 137 -0.72 -21.92 54.56
N GLY G 138 -1.21 -21.75 53.33
CA GLY G 138 -2.06 -20.62 53.04
C GLY G 138 -1.36 -19.29 53.23
N MET G 139 -0.39 -18.97 52.38
CA MET G 139 -0.17 -19.73 51.16
C MET G 139 1.15 -20.51 51.15
N ARG G 140 1.96 -20.34 52.19
CA ARG G 140 3.22 -21.06 52.25
C ARG G 140 2.96 -22.54 52.49
N ALA G 141 2.44 -23.24 51.49
CA ALA G 141 2.26 -24.68 51.58
C ALA G 141 3.62 -25.36 51.55
N VAL G 142 3.87 -26.24 52.51
CA VAL G 142 5.20 -26.78 52.73
C VAL G 142 5.15 -28.30 52.68
N GLU G 143 6.13 -28.89 52.01
CA GLU G 143 6.34 -30.32 52.01
C GLU G 143 7.48 -30.68 52.95
N PHE G 144 7.43 -31.91 53.45
CA PHE G 144 8.41 -32.42 54.40
C PHE G 144 8.79 -33.84 54.03
N LYS G 145 10.04 -34.18 54.31
CA LYS G 145 10.62 -35.48 53.98
C LYS G 145 11.23 -36.10 55.23
N VAL G 146 10.86 -37.34 55.51
CA VAL G 146 11.37 -38.05 56.67
C VAL G 146 12.72 -38.66 56.32
N VAL G 147 13.70 -38.48 57.22
CA VAL G 147 15.04 -38.98 56.97
C VAL G 147 15.28 -40.28 57.74
N GLU G 148 14.71 -40.39 58.93
CA GLU G 148 14.96 -41.55 59.77
C GLU G 148 13.86 -41.66 60.83
N THR G 149 13.48 -42.90 61.13
CA THR G 149 12.43 -43.18 62.10
C THR G 149 12.97 -44.13 63.16
N ASP G 150 12.49 -44.00 64.39
CA ASP G 150 12.82 -44.93 65.46
C ASP G 150 11.53 -45.51 66.03
N PRO G 151 11.20 -46.77 65.71
CA PRO G 151 11.99 -47.72 64.91
C PRO G 151 11.96 -47.44 63.41
N SER G 152 12.96 -47.98 62.70
CA SER G 152 13.25 -47.91 61.28
C SER G 152 12.72 -49.15 60.55
N PRO G 153 12.31 -49.02 59.28
CA PRO G 153 12.24 -47.76 58.54
C PRO G 153 10.88 -47.08 58.60
N TYR G 154 9.91 -47.72 59.25
CA TYR G 154 8.57 -47.19 59.35
C TYR G 154 8.09 -47.27 60.79
N CYS G 155 7.25 -46.32 61.17
CA CYS G 155 6.74 -46.25 62.53
C CYS G 155 5.48 -45.39 62.55
N ILE G 156 4.71 -45.54 63.62
CA ILE G 156 3.48 -44.79 63.83
C ILE G 156 3.83 -43.48 64.53
N VAL G 157 3.25 -42.39 64.07
CA VAL G 157 3.41 -41.09 64.71
C VAL G 157 2.39 -41.02 65.85
N ALA G 158 2.90 -40.86 67.07
CA ALA G 158 2.11 -40.83 68.29
C ALA G 158 2.65 -39.75 69.20
N PRO G 159 1.87 -39.33 70.21
CA PRO G 159 2.35 -38.28 71.12
C PRO G 159 3.68 -38.60 71.78
N ASP G 160 4.02 -39.89 71.95
CA ASP G 160 5.32 -40.26 72.48
C ASP G 160 6.46 -39.85 71.56
N THR G 161 6.19 -39.69 70.27
CA THR G 161 7.26 -39.44 69.31
C THR G 161 7.92 -38.09 69.54
N VAL G 162 9.25 -38.08 69.48
CA VAL G 162 10.03 -36.85 69.57
C VAL G 162 10.34 -36.39 68.15
N ILE G 163 9.96 -35.15 67.85
CA ILE G 163 10.05 -34.61 66.50
C ILE G 163 11.35 -33.84 66.38
N HIS G 164 12.04 -34.01 65.25
CA HIS G 164 13.26 -33.27 64.96
C HIS G 164 13.11 -32.57 63.62
N CYS G 165 13.69 -31.38 63.52
CA CYS G 165 13.77 -30.65 62.26
C CYS G 165 15.06 -29.85 62.23
N GLU G 166 15.71 -29.83 61.07
CA GLU G 166 17.02 -29.20 60.97
C GLU G 166 17.20 -28.34 59.73
N GLY G 167 16.20 -28.23 58.86
CA GLY G 167 16.35 -27.38 57.69
C GLY G 167 15.79 -27.96 56.41
N GLU G 168 16.64 -28.10 55.40
CA GLU G 168 16.23 -28.36 54.04
C GLU G 168 16.94 -29.58 53.47
N PRO G 169 16.35 -30.24 52.47
CA PRO G 169 16.94 -31.47 51.95
C PRO G 169 17.97 -31.23 50.86
N ILE G 170 18.51 -32.31 50.30
CA ILE G 170 19.54 -32.19 49.28
C ILE G 170 18.96 -31.61 47.99
N LYS G 171 17.82 -32.12 47.56
CA LYS G 171 17.25 -31.70 46.28
C LYS G 171 15.73 -31.80 46.37
N ARG G 172 15.06 -31.54 45.25
CA ARG G 172 13.61 -31.63 45.15
C ARG G 172 13.23 -32.28 43.83
N GLU G 173 12.17 -33.07 43.85
CA GLU G 173 11.65 -33.73 42.65
C GLU G 173 10.34 -33.07 42.22
N ASP G 174 10.38 -32.40 41.07
CA ASP G 174 9.15 -31.87 40.47
C ASP G 174 8.45 -30.86 41.36
N GLU G 175 8.95 -29.63 41.43
CA GLU G 175 8.51 -28.62 42.41
C GLU G 175 7.02 -28.71 42.76
N GLU G 176 6.74 -28.87 44.06
CA GLU G 176 5.40 -29.11 44.61
C GLU G 176 4.74 -30.34 43.98
N GLU G 177 5.56 -31.37 43.76
CA GLU G 177 5.17 -32.53 42.96
C GLU G 177 4.64 -32.08 41.61
N SER G 178 5.36 -31.11 41.03
CA SER G 178 4.96 -30.43 39.80
C SER G 178 3.57 -29.81 39.95
N LEU G 179 3.41 -29.02 41.01
CA LEU G 179 2.14 -28.35 41.33
C LEU G 179 0.99 -29.35 41.34
N ASN G 180 1.21 -30.46 42.04
CA ASN G 180 0.30 -31.60 42.07
C ASN G 180 0.07 -32.15 40.66
N GLU G 181 1.14 -32.20 39.87
CA GLU G 181 1.11 -32.64 38.48
C GLU G 181 0.16 -31.76 37.69
N VAL G 182 -0.08 -30.55 38.20
CA VAL G 182 -1.28 -29.78 37.93
C VAL G 182 -2.41 -30.76 37.61
N GLY G 183 -2.85 -31.49 38.63
CA GLY G 183 -3.66 -32.67 38.41
C GLY G 183 -5.07 -32.36 37.97
N TYR G 184 -5.78 -33.42 37.59
CA TYR G 184 -7.16 -33.28 37.13
C TYR G 184 -8.06 -32.68 38.19
N ASP G 185 -7.71 -32.82 39.46
CA ASP G 185 -8.45 -32.16 40.52
C ASP G 185 -8.31 -30.64 40.46
N ASP G 186 -7.27 -30.14 39.80
CA ASP G 186 -7.03 -28.71 39.72
C ASP G 186 -7.84 -28.02 38.63
N ILE G 187 -8.61 -28.78 37.86
CA ILE G 187 -9.43 -28.23 36.78
C ILE G 187 -10.88 -28.61 37.05
N GLY G 188 -11.80 -27.66 36.85
CA GLY G 188 -13.21 -27.91 37.04
C GLY G 188 -14.03 -27.23 35.97
N GLY G 189 -15.30 -27.61 35.91
CA GLY G 189 -16.21 -27.04 34.94
C GLY G 189 -16.06 -27.57 33.54
N CYS G 190 -15.32 -28.68 33.36
CA CYS G 190 -15.12 -29.25 32.03
C CYS G 190 -15.23 -30.76 32.08
N ARG G 191 -16.26 -31.26 32.79
CA ARG G 191 -16.36 -32.70 33.02
C ARG G 191 -16.50 -33.46 31.70
N LYS G 192 -17.46 -33.06 30.86
CA LYS G 192 -17.67 -33.75 29.60
C LYS G 192 -16.45 -33.62 28.71
N GLN G 193 -15.92 -32.40 28.59
CA GLN G 193 -14.78 -32.17 27.72
C GLN G 193 -13.56 -32.96 28.19
N LEU G 194 -13.30 -32.94 29.51
CA LEU G 194 -12.14 -33.66 30.03
C LEU G 194 -12.30 -35.17 29.85
N ALA G 195 -13.51 -35.68 30.07
CA ALA G 195 -13.76 -37.10 29.85
C ALA G 195 -13.53 -37.47 28.40
N GLN G 196 -14.03 -36.64 27.48
CA GLN G 196 -13.82 -36.92 26.06
C GLN G 196 -12.35 -36.88 25.69
N ILE G 197 -11.62 -35.91 26.26
CA ILE G 197 -10.19 -35.81 25.98
C ILE G 197 -9.47 -37.05 26.46
N LYS G 198 -9.80 -37.51 27.67
CA LYS G 198 -9.24 -38.76 28.17
C LYS G 198 -9.53 -39.91 27.22
N GLU G 199 -10.81 -40.08 26.86
CA GLU G 199 -11.25 -41.33 26.23
C GLU G 199 -10.49 -41.65 24.97
N MET G 200 -9.93 -40.64 24.31
CA MET G 200 -9.17 -40.82 23.08
C MET G 200 -7.67 -40.81 23.31
N VAL G 201 -7.21 -40.87 24.56
CA VAL G 201 -5.81 -40.73 24.87
C VAL G 201 -5.23 -41.93 25.62
N GLU G 202 -6.05 -42.66 26.38
CA GLU G 202 -5.53 -43.73 27.23
C GLU G 202 -4.75 -44.75 26.41
N LEU G 203 -5.37 -45.29 25.36
CA LEU G 203 -4.72 -46.34 24.59
C LEU G 203 -3.47 -45.86 23.87
N PRO G 204 -3.47 -44.75 23.13
CA PRO G 204 -2.25 -44.37 22.40
C PRO G 204 -1.04 -44.12 23.29
N LEU G 205 -1.24 -43.66 24.52
CA LEU G 205 -0.13 -43.31 25.40
C LEU G 205 0.22 -44.43 26.37
N ARG G 206 -0.77 -44.94 27.11
CA ARG G 206 -0.51 -46.02 28.04
C ARG G 206 -0.06 -47.28 27.30
N HIS G 207 -0.64 -47.54 26.13
CA HIS G 207 -0.38 -48.76 25.38
C HIS G 207 -0.04 -48.42 23.94
N PRO G 208 1.09 -47.80 23.70
CA PRO G 208 1.47 -47.47 22.32
C PRO G 208 1.81 -48.72 21.54
N ALA G 209 2.64 -49.58 22.13
CA ALA G 209 3.10 -50.78 21.43
C ALA G 209 1.93 -51.70 21.11
N LEU G 210 1.03 -51.91 22.07
CA LEU G 210 -0.12 -52.76 21.83
C LEU G 210 -1.02 -52.19 20.74
N PHE G 211 -1.25 -50.87 20.76
CA PHE G 211 -2.08 -50.25 19.75
C PHE G 211 -1.47 -50.39 18.36
N LYS G 212 -0.15 -50.19 18.26
CA LYS G 212 0.52 -50.39 16.97
C LYS G 212 0.43 -51.85 16.54
N ALA G 213 0.54 -52.78 17.49
CA ALA G 213 0.42 -54.20 17.18
C ALA G 213 -0.96 -54.51 16.62
N ILE G 214 -2.00 -53.87 17.17
CA ILE G 214 -3.35 -54.05 16.63
C ILE G 214 -3.40 -53.58 15.18
N GLY G 215 -2.74 -52.47 14.89
CA GLY G 215 -2.65 -51.97 13.53
C GLY G 215 -3.73 -50.96 13.17
N VAL G 216 -3.96 -49.98 14.03
CA VAL G 216 -4.96 -48.95 13.81
C VAL G 216 -4.27 -47.60 13.86
N LYS G 217 -4.69 -46.69 12.99
CA LYS G 217 -4.14 -45.34 13.02
C LYS G 217 -4.75 -44.57 14.18
N PRO G 218 -3.96 -44.09 15.12
CA PRO G 218 -4.50 -43.29 16.22
C PRO G 218 -4.83 -41.88 15.75
N PRO G 219 -5.70 -41.17 16.46
CA PRO G 219 -5.92 -39.76 16.14
C PRO G 219 -4.63 -38.96 16.28
N ARG G 220 -4.45 -37.99 15.39
CA ARG G 220 -3.21 -37.23 15.33
C ARG G 220 -3.45 -35.73 15.34
N GLY G 221 -4.61 -35.28 15.82
CA GLY G 221 -4.87 -33.86 15.87
C GLY G 221 -6.12 -33.49 16.65
N ILE G 222 -5.98 -32.54 17.58
CA ILE G 222 -7.10 -32.05 18.36
C ILE G 222 -7.01 -30.54 18.42
N LEU G 223 -8.13 -29.87 18.19
CA LEU G 223 -8.21 -28.41 18.22
C LEU G 223 -9.00 -27.98 19.44
N LEU G 224 -8.31 -27.43 20.44
CA LEU G 224 -8.95 -26.89 21.63
C LEU G 224 -9.29 -25.43 21.35
N TYR G 225 -10.57 -25.13 21.22
CA TYR G 225 -10.97 -23.76 20.92
C TYR G 225 -11.89 -23.23 22.00
N GLY G 226 -11.68 -21.97 22.37
CA GLY G 226 -12.44 -21.33 23.42
C GLY G 226 -11.88 -19.98 23.77
N PRO G 227 -12.55 -19.27 24.70
CA PRO G 227 -12.09 -17.94 25.07
C PRO G 227 -10.75 -18.02 25.78
N PRO G 228 -9.97 -16.95 25.76
CA PRO G 228 -8.67 -16.97 26.44
C PRO G 228 -8.84 -17.02 27.95
N GLY G 229 -7.78 -17.49 28.61
CA GLY G 229 -7.76 -17.54 30.06
C GLY G 229 -8.63 -18.60 30.67
N THR G 230 -8.96 -19.65 29.91
CA THR G 230 -9.77 -20.75 30.42
C THR G 230 -8.95 -21.98 30.77
N GLY G 231 -7.63 -21.87 30.79
CA GLY G 231 -6.79 -22.97 31.20
C GLY G 231 -6.58 -24.04 30.16
N LYS G 232 -6.81 -23.75 28.88
CA LYS G 232 -6.62 -24.75 27.84
C LYS G 232 -5.19 -25.25 27.83
N THR G 233 -4.23 -24.33 27.83
CA THR G 233 -2.83 -24.72 27.96
C THR G 233 -2.61 -25.45 29.27
N LEU G 234 -3.22 -24.95 30.34
CA LEU G 234 -3.14 -25.62 31.63
C LEU G 234 -3.71 -27.03 31.55
N ILE G 235 -4.82 -27.19 30.82
CA ILE G 235 -5.44 -28.51 30.70
C ILE G 235 -4.52 -29.47 29.96
N ALA G 236 -3.93 -29.01 28.86
CA ALA G 236 -3.04 -29.86 28.09
C ALA G 236 -1.82 -30.25 28.92
N ARG G 237 -1.22 -29.28 29.62
CA ARG G 237 -0.10 -29.59 30.49
C ARG G 237 -0.51 -30.57 31.58
N ALA G 238 -1.73 -30.40 32.11
CA ALA G 238 -2.24 -31.30 33.13
C ALA G 238 -2.28 -32.74 32.62
N VAL G 239 -2.87 -32.94 31.45
CA VAL G 239 -2.98 -34.28 30.90
C VAL G 239 -1.60 -34.86 30.65
N ALA G 240 -0.72 -34.07 30.03
CA ALA G 240 0.60 -34.56 29.69
C ALA G 240 1.37 -34.98 30.94
N ASN G 241 1.33 -34.15 31.98
CA ASN G 241 2.05 -34.48 33.21
C ASN G 241 1.41 -35.69 33.89
N GLU G 242 0.09 -35.73 33.95
CA GLU G 242 -0.59 -36.79 34.67
C GLU G 242 -0.32 -38.15 34.04
N THR G 243 -0.48 -38.25 32.72
CA THR G 243 -0.24 -39.53 32.07
C THR G 243 1.24 -39.85 31.93
N GLY G 244 2.11 -38.84 31.99
CA GLY G 244 3.52 -39.06 31.77
C GLY G 244 3.84 -38.95 30.30
N ALA G 245 4.67 -37.97 29.93
CA ALA G 245 4.92 -37.72 28.51
C ALA G 245 6.22 -36.94 28.39
N PHE G 246 6.45 -36.37 27.21
CA PHE G 246 7.61 -35.55 26.92
C PHE G 246 7.14 -34.19 26.44
N PHE G 247 6.23 -33.59 27.20
CA PHE G 247 5.57 -32.34 26.81
C PHE G 247 6.58 -31.30 26.32
N PHE G 248 6.43 -30.92 25.06
CA PHE G 248 7.25 -29.86 24.46
C PHE G 248 6.32 -28.77 23.98
N LEU G 249 6.58 -27.54 24.42
CA LEU G 249 5.70 -26.42 24.16
C LEU G 249 6.26 -25.53 23.06
N ILE G 250 5.38 -25.06 22.19
CA ILE G 250 5.74 -24.13 21.12
C ILE G 250 4.80 -22.95 21.18
N ASN G 251 5.36 -21.74 21.13
CA ASN G 251 4.58 -20.52 21.21
C ASN G 251 4.73 -19.72 19.92
N GLY G 252 3.61 -19.28 19.36
CA GLY G 252 3.56 -18.66 18.06
C GLY G 252 4.38 -17.39 17.92
N PRO G 253 4.08 -16.38 18.73
CA PRO G 253 4.84 -15.12 18.65
C PRO G 253 6.33 -15.32 18.85
N GLU G 254 6.71 -16.31 19.65
CA GLU G 254 8.13 -16.67 19.77
C GLU G 254 8.68 -17.11 18.43
N ILE G 255 7.92 -17.92 17.70
CA ILE G 255 8.41 -18.42 16.42
C ILE G 255 8.49 -17.29 15.39
N MET G 256 7.46 -16.46 15.31
CA MET G 256 7.47 -15.39 14.32
C MET G 256 8.62 -14.43 14.52
N SER G 257 8.75 -13.90 15.72
CA SER G 257 9.71 -12.82 15.97
C SER G 257 11.06 -13.36 16.41
N LYS G 258 11.61 -14.34 15.69
CA LYS G 258 13.03 -14.65 15.88
C LYS G 258 13.87 -13.97 14.81
N LEU G 259 13.73 -14.41 13.56
CA LEU G 259 14.38 -13.78 12.43
C LEU G 259 13.96 -14.44 11.12
N ALA G 260 13.69 -13.63 10.09
CA ALA G 260 13.54 -14.05 8.71
C ALA G 260 12.90 -15.42 8.52
N GLY G 261 13.64 -16.36 7.94
CA GLY G 261 13.09 -17.64 7.55
C GLY G 261 13.62 -18.86 8.27
N GLU G 262 14.56 -18.66 9.18
CA GLU G 262 15.14 -19.79 9.91
C GLU G 262 14.27 -20.27 11.05
N SER G 263 13.21 -19.52 11.37
CA SER G 263 12.41 -19.82 12.56
C SER G 263 11.88 -21.25 12.52
N GLU G 264 11.30 -21.66 11.38
CA GLU G 264 10.73 -23.00 11.28
C GLU G 264 11.76 -24.08 11.51
N SER G 265 13.05 -23.78 11.29
CA SER G 265 14.08 -24.75 11.63
C SER G 265 13.92 -25.24 13.05
N ASN G 266 13.75 -24.32 14.00
CA ASN G 266 13.51 -24.71 15.38
C ASN G 266 12.27 -25.58 15.48
N LEU G 267 11.18 -25.18 14.80
CA LEU G 267 10.02 -26.06 14.71
C LEU G 267 10.43 -27.43 14.19
N ARG G 268 11.14 -27.43 13.06
CA ARG G 268 11.70 -28.68 12.55
C ARG G 268 12.53 -29.36 13.63
N LYS G 269 13.40 -28.58 14.28
CA LYS G 269 14.16 -29.11 15.40
C LYS G 269 13.23 -29.77 16.41
N ALA G 270 12.18 -29.06 16.82
CA ALA G 270 11.22 -29.64 17.74
C ALA G 270 10.74 -30.99 17.24
N PHE G 271 10.31 -31.05 15.98
CA PHE G 271 9.82 -32.32 15.46
C PHE G 271 10.92 -33.37 15.47
N GLU G 272 12.13 -32.99 15.08
CA GLU G 272 13.20 -33.98 15.02
C GLU G 272 13.60 -34.43 16.41
N GLU G 273 13.24 -33.65 17.43
CA GLU G 273 13.50 -34.13 18.79
C GLU G 273 12.24 -34.71 19.41
N ALA G 274 11.08 -34.43 18.80
CA ALA G 274 9.83 -34.91 19.38
C ALA G 274 9.73 -36.43 19.31
N GLU G 275 9.98 -37.00 18.13
CA GLU G 275 9.85 -38.46 18.00
C GLU G 275 10.99 -39.18 18.70
N LYS G 276 12.18 -38.58 18.69
CA LYS G 276 13.36 -39.19 19.30
C LYS G 276 13.39 -39.04 20.81
N ASN G 277 12.26 -38.74 21.42
CA ASN G 277 12.15 -38.58 22.87
C ASN G 277 10.94 -39.34 23.38
N ALA G 278 10.81 -40.60 22.96
CA ALA G 278 9.74 -41.49 23.39
C ALA G 278 8.39 -40.92 22.94
N PRO G 279 7.27 -41.57 23.26
CA PRO G 279 5.97 -40.91 23.07
C PRO G 279 5.97 -39.53 23.70
N ALA G 280 5.45 -38.55 22.95
CA ALA G 280 5.53 -37.16 23.36
C ALA G 280 4.28 -36.43 22.89
N ILE G 281 4.06 -35.26 23.47
CA ILE G 281 2.92 -34.41 23.15
C ILE G 281 3.44 -33.03 22.80
N ILE G 282 2.90 -32.44 21.74
CA ILE G 282 3.32 -31.14 21.25
C ILE G 282 2.16 -30.19 21.33
N PHE G 283 2.38 -29.04 21.98
CA PHE G 283 1.36 -28.01 22.13
C PHE G 283 1.74 -26.79 21.30
N ILE G 284 0.75 -26.21 20.63
CA ILE G 284 0.91 -25.00 19.86
C ILE G 284 0.05 -23.91 20.50
N ASP G 285 0.67 -22.77 20.80
CA ASP G 285 -0.01 -21.68 21.48
C ASP G 285 -0.45 -20.64 20.47
N GLU G 286 -1.72 -20.26 20.51
CA GLU G 286 -2.29 -19.22 19.67
C GLU G 286 -2.09 -19.55 18.19
N LEU G 287 -2.67 -20.68 17.78
CA LEU G 287 -2.48 -21.16 16.41
C LEU G 287 -2.97 -20.14 15.39
N ASP G 288 -4.12 -19.52 15.65
CA ASP G 288 -4.67 -18.55 14.71
C ASP G 288 -3.69 -17.42 14.41
N ALA G 289 -2.83 -17.10 15.37
CA ALA G 289 -1.77 -16.14 15.10
C ALA G 289 -0.77 -16.64 14.08
N ILE G 290 -0.68 -17.95 13.88
CA ILE G 290 0.24 -18.50 12.89
C ILE G 290 -0.45 -18.72 11.55
N ALA G 291 -1.69 -19.21 11.56
CA ALA G 291 -2.38 -19.63 10.34
C ALA G 291 -3.70 -18.90 10.24
N PRO G 292 -3.69 -17.63 9.82
CA PRO G 292 -4.95 -16.96 9.48
C PRO G 292 -5.43 -17.39 8.11
N LYS G 293 -6.51 -16.79 7.62
CA LYS G 293 -7.00 -17.14 6.31
C LYS G 293 -6.00 -16.69 5.23
N ARG G 294 -6.02 -17.41 4.11
CA ARG G 294 -5.02 -17.17 3.07
C ARG G 294 -5.09 -15.75 2.51
N GLU G 295 -6.30 -15.25 2.28
CA GLU G 295 -6.43 -13.90 1.73
C GLU G 295 -5.91 -12.85 2.70
N LYS G 296 -6.09 -13.07 4.00
CA LYS G 296 -5.68 -12.07 4.99
C LYS G 296 -4.16 -11.93 5.06
N THR G 297 -3.43 -12.93 4.57
CA THR G 297 -1.97 -12.84 4.52
C THR G 297 -1.55 -11.73 3.57
N HIS G 298 -0.49 -11.03 3.92
CA HIS G 298 -0.03 -9.88 3.15
C HIS G 298 1.39 -10.02 2.63
N GLY G 299 2.28 -10.60 3.42
CA GLY G 299 3.67 -10.78 3.02
C GLY G 299 3.87 -12.10 2.31
N GLU G 300 5.08 -12.62 2.42
CA GLU G 300 5.42 -13.90 1.81
C GLU G 300 5.98 -14.92 2.79
N VAL G 301 6.64 -14.48 3.86
CA VAL G 301 7.24 -15.42 4.80
C VAL G 301 6.15 -16.23 5.50
N GLU G 302 5.01 -15.61 5.79
CA GLU G 302 3.96 -16.31 6.51
C GLU G 302 3.42 -17.49 5.71
N ARG G 303 3.29 -17.33 4.40
CA ARG G 303 2.82 -18.43 3.56
C ARG G 303 3.84 -19.58 3.57
N ARG G 304 5.13 -19.24 3.50
CA ARG G 304 6.15 -20.26 3.61
C ARG G 304 6.07 -21.00 4.93
N ILE G 305 5.85 -20.26 6.02
CA ILE G 305 5.76 -20.88 7.34
C ILE G 305 4.57 -21.82 7.41
N VAL G 306 3.43 -21.37 6.90
CA VAL G 306 2.22 -22.19 6.95
C VAL G 306 2.41 -23.46 6.15
N SER G 307 2.96 -23.34 4.94
CA SER G 307 3.18 -24.51 4.11
C SER G 307 4.18 -25.47 4.75
N GLN G 308 5.24 -24.92 5.33
CA GLN G 308 6.22 -25.76 6.01
C GLN G 308 5.58 -26.51 7.17
N LEU G 309 4.74 -25.81 7.95
CA LEU G 309 4.06 -26.47 9.06
C LEU G 309 3.17 -27.58 8.56
N LEU G 310 2.39 -27.33 7.51
CA LEU G 310 1.50 -28.34 6.98
C LEU G 310 2.28 -29.56 6.50
N THR G 311 3.36 -29.33 5.75
CA THR G 311 4.15 -30.44 5.25
C THR G 311 4.76 -31.23 6.39
N LEU G 312 5.31 -30.54 7.39
CA LEU G 312 5.94 -31.23 8.52
C LEU G 312 4.93 -32.07 9.28
N MET G 313 3.74 -31.51 9.54
CA MET G 313 2.79 -32.25 10.35
C MET G 313 2.13 -33.38 9.58
N ASP G 314 1.99 -33.24 8.27
CA ASP G 314 1.44 -34.33 7.47
C ASP G 314 2.46 -35.44 7.23
N GLY G 315 3.75 -35.09 7.11
CA GLY G 315 4.74 -36.09 6.80
C GLY G 315 5.14 -37.00 7.93
N LEU G 316 4.73 -36.68 9.16
CA LEU G 316 5.13 -37.46 10.33
C LEU G 316 4.21 -38.64 10.62
N LYS G 317 3.43 -39.09 9.63
CA LYS G 317 2.49 -40.18 9.88
C LYS G 317 3.21 -41.45 10.30
N GLN G 318 4.00 -42.04 9.38
CA GLN G 318 4.74 -43.29 9.58
C GLN G 318 4.09 -44.20 10.62
N ARG G 319 4.85 -44.60 11.63
CA ARG G 319 4.28 -45.21 12.83
C ARG G 319 4.04 -44.16 13.90
N ALA G 320 5.10 -43.48 14.34
CA ALA G 320 5.03 -42.28 15.18
C ALA G 320 4.43 -42.52 16.56
N HIS G 321 4.77 -41.65 17.50
CA HIS G 321 4.17 -41.71 18.83
C HIS G 321 3.90 -40.32 19.39
N VAL G 322 3.72 -39.32 18.53
CA VAL G 322 3.60 -37.92 18.95
C VAL G 322 2.20 -37.42 18.60
N ILE G 323 1.56 -36.76 19.56
CA ILE G 323 0.26 -36.17 19.37
C ILE G 323 0.40 -34.65 19.37
N VAL G 324 -0.47 -33.98 18.63
CA VAL G 324 -0.38 -32.55 18.39
C VAL G 324 -1.50 -31.85 19.13
N MET G 325 -1.14 -30.80 19.87
CA MET G 325 -2.10 -29.95 20.56
C MET G 325 -2.06 -28.55 19.96
N ALA G 326 -3.21 -28.02 19.58
CA ALA G 326 -3.33 -26.67 19.07
C ALA G 326 -4.52 -26.00 19.73
N ALA G 327 -4.29 -24.79 20.25
CA ALA G 327 -5.31 -24.04 20.95
C ALA G 327 -5.60 -22.74 20.22
N THR G 328 -6.87 -22.35 20.23
CA THR G 328 -7.29 -21.13 19.54
C THR G 328 -8.55 -20.60 20.18
N ASN G 329 -8.89 -19.36 19.82
CA ASN G 329 -10.11 -18.72 20.29
C ASN G 329 -11.23 -18.84 19.27
N ARG G 330 -10.96 -18.44 18.03
CA ARG G 330 -11.97 -18.50 16.98
C ARG G 330 -11.66 -19.67 16.05
N PRO G 331 -12.43 -20.75 16.08
CA PRO G 331 -12.12 -21.89 15.22
C PRO G 331 -12.15 -21.55 13.73
N ASN G 332 -13.05 -20.67 13.32
CA ASN G 332 -13.16 -20.34 11.89
C ASN G 332 -12.04 -19.41 11.44
N SER G 333 -11.41 -18.68 12.36
CA SER G 333 -10.40 -17.71 11.98
C SER G 333 -9.19 -18.38 11.34
N ILE G 334 -8.92 -19.63 11.69
CA ILE G 334 -7.77 -20.35 11.16
C ILE G 334 -8.00 -20.66 9.69
N ASP G 335 -6.95 -21.08 9.00
CA ASP G 335 -7.08 -21.45 7.60
C ASP G 335 -7.81 -22.78 7.48
N PRO G 336 -8.91 -22.86 6.74
CA PRO G 336 -9.68 -24.11 6.69
C PRO G 336 -8.94 -25.26 6.05
N ALA G 337 -7.88 -25.00 5.28
CA ALA G 337 -7.21 -26.07 4.54
C ALA G 337 -6.65 -27.13 5.48
N LEU G 338 -6.20 -26.73 6.67
CA LEU G 338 -5.62 -27.67 7.60
C LEU G 338 -6.68 -28.40 8.42
N ARG G 339 -7.70 -28.92 7.74
CA ARG G 339 -8.75 -29.69 8.38
C ARG G 339 -9.02 -31.02 7.69
N ARG G 340 -8.16 -31.43 6.77
CA ARG G 340 -8.31 -32.72 6.13
C ARG G 340 -7.96 -33.83 7.12
N PHE G 341 -8.28 -35.07 6.71
CA PHE G 341 -7.90 -36.22 7.50
C PHE G 341 -6.39 -36.37 7.55
N GLY G 342 -5.89 -36.82 8.69
CA GLY G 342 -4.47 -36.79 8.99
C GLY G 342 -4.09 -35.47 9.64
N ARG G 343 -4.75 -34.39 9.21
CA ARG G 343 -4.60 -33.10 9.85
C ARG G 343 -5.59 -32.98 10.99
N PHE G 344 -5.76 -31.77 11.52
CA PHE G 344 -6.71 -31.55 12.60
C PHE G 344 -8.12 -31.88 12.15
N ASP G 345 -8.77 -32.78 12.87
CA ASP G 345 -10.11 -33.22 12.54
C ASP G 345 -11.07 -33.25 13.72
N ARG G 346 -10.57 -33.29 14.95
CA ARG G 346 -11.41 -33.39 16.14
C ARG G 346 -11.30 -32.09 16.92
N GLU G 347 -12.45 -31.43 17.11
CA GLU G 347 -12.51 -30.13 17.76
C GLU G 347 -13.18 -30.26 19.11
N VAL G 348 -12.58 -29.64 20.13
CA VAL G 348 -13.13 -29.61 21.47
C VAL G 348 -13.31 -28.16 21.88
N ASP G 349 -14.55 -27.79 22.20
CA ASP G 349 -14.87 -26.45 22.67
C ASP G 349 -14.75 -26.40 24.18
N ILE G 350 -14.17 -25.32 24.68
CA ILE G 350 -14.05 -25.09 26.11
C ILE G 350 -14.82 -23.81 26.42
N GLY G 351 -16.08 -23.96 26.76
CA GLY G 351 -16.89 -22.81 27.12
C GLY G 351 -16.62 -22.34 28.53
N ILE G 352 -17.22 -21.21 28.87
CA ILE G 352 -17.07 -20.64 30.21
C ILE G 352 -17.80 -21.51 31.21
N PRO G 353 -17.36 -21.58 32.46
CA PRO G 353 -18.04 -22.43 33.45
C PRO G 353 -19.36 -21.86 33.90
N ASP G 354 -20.03 -22.56 34.80
CA ASP G 354 -21.31 -22.13 35.35
C ASP G 354 -21.15 -21.87 36.85
N ALA G 355 -22.26 -21.51 37.49
CA ALA G 355 -22.23 -21.19 38.92
C ALA G 355 -21.67 -22.35 39.73
N THR G 356 -22.08 -23.58 39.41
CA THR G 356 -21.47 -24.74 40.04
C THR G 356 -19.98 -24.81 39.73
N GLY G 357 -19.63 -24.64 38.45
CA GLY G 357 -18.23 -24.64 38.08
C GLY G 357 -17.47 -23.48 38.70
N ARG G 358 -18.10 -22.31 38.76
CA ARG G 358 -17.46 -21.15 39.38
C ARG G 358 -17.17 -21.42 40.85
N LEU G 359 -18.15 -21.99 41.57
CA LEU G 359 -17.95 -22.32 42.96
C LEU G 359 -16.84 -23.34 43.14
N GLU G 360 -16.83 -24.37 42.29
CA GLU G 360 -15.79 -25.39 42.37
C GLU G 360 -14.41 -24.78 42.14
N ILE G 361 -14.29 -23.91 41.14
CA ILE G 361 -13.00 -23.29 40.85
C ILE G 361 -12.56 -22.41 42.01
N LEU G 362 -13.51 -21.67 42.60
CA LEU G 362 -13.17 -20.86 43.76
C LEU G 362 -12.66 -21.74 44.91
N GLN G 363 -13.32 -22.87 45.13
CA GLN G 363 -12.82 -23.81 46.13
C GLN G 363 -11.41 -24.27 45.79
N ILE G 364 -11.16 -24.52 44.51
CA ILE G 364 -9.84 -25.00 44.09
C ILE G 364 -8.78 -23.96 44.39
N HIS G 365 -9.06 -22.70 44.07
CA HIS G 365 -8.08 -21.64 44.31
C HIS G 365 -7.93 -21.33 45.78
N THR G 366 -9.00 -21.54 46.56
CA THR G 366 -9.01 -21.21 47.98
C THR G 366 -8.88 -22.44 48.86
N LYS G 367 -8.37 -23.55 48.32
CA LYS G 367 -8.25 -24.76 49.12
C LYS G 367 -7.28 -24.57 50.28
N ASN G 368 -6.27 -23.71 50.11
CA ASN G 368 -5.32 -23.44 51.18
C ASN G 368 -5.64 -22.19 51.98
N MET G 369 -6.68 -21.44 51.61
CA MET G 369 -7.02 -20.24 52.36
C MET G 369 -7.52 -20.58 53.75
N LYS G 370 -7.03 -19.82 54.73
CA LYS G 370 -7.51 -19.91 56.10
C LYS G 370 -8.59 -18.85 56.30
N LEU G 371 -9.61 -18.93 55.45
CA LEU G 371 -10.69 -17.95 55.44
C LEU G 371 -11.54 -18.08 56.70
N ALA G 372 -12.14 -16.97 57.10
CA ALA G 372 -13.08 -16.97 58.21
C ALA G 372 -14.41 -17.58 57.78
N ASP G 373 -15.12 -18.14 58.76
CA ASP G 373 -16.38 -18.84 58.49
C ASP G 373 -17.54 -17.84 58.40
N ASP G 374 -17.40 -16.91 57.46
CA ASP G 374 -18.43 -15.90 57.24
C ASP G 374 -18.67 -15.61 55.77
N VAL G 375 -18.21 -16.47 54.86
CA VAL G 375 -18.26 -16.22 53.43
C VAL G 375 -19.29 -17.12 52.79
N ASP G 376 -20.10 -16.55 51.90
CA ASP G 376 -21.11 -17.29 51.14
C ASP G 376 -20.58 -17.46 49.72
N LEU G 377 -19.80 -18.53 49.52
CA LEU G 377 -19.20 -18.77 48.22
C LEU G 377 -20.26 -18.92 47.13
N GLU G 378 -21.41 -19.51 47.48
CA GLU G 378 -22.47 -19.69 46.51
C GLU G 378 -23.00 -18.35 46.01
N GLN G 379 -23.21 -17.40 46.93
CA GLN G 379 -23.68 -16.08 46.53
C GLN G 379 -22.68 -15.40 45.60
N VAL G 380 -21.39 -15.51 45.92
CA VAL G 380 -20.36 -14.93 45.06
C VAL G 380 -20.40 -15.57 43.69
N ALA G 381 -20.50 -16.91 43.65
CA ALA G 381 -20.49 -17.62 42.38
C ALA G 381 -21.67 -17.21 41.52
N ASN G 382 -22.85 -17.10 42.11
CA ASN G 382 -24.01 -16.60 41.37
C ASN G 382 -23.80 -15.15 40.95
N GLU G 383 -23.06 -14.38 41.74
CA GLU G 383 -22.84 -12.98 41.43
C GLU G 383 -21.84 -12.77 40.30
N THR G 384 -20.87 -13.67 40.15
CA THR G 384 -19.76 -13.48 39.22
C THR G 384 -19.98 -14.18 37.89
N HIS G 385 -21.23 -14.23 37.42
CA HIS G 385 -21.49 -14.80 36.11
C HIS G 385 -20.82 -13.95 35.03
N GLY G 386 -20.46 -14.59 33.92
CA GLY G 386 -19.76 -13.91 32.86
C GLY G 386 -18.29 -13.70 33.11
N HIS G 387 -17.66 -14.59 33.86
CA HIS G 387 -16.24 -14.51 34.19
C HIS G 387 -15.53 -15.77 33.70
N VAL G 388 -14.24 -15.87 34.01
CA VAL G 388 -13.40 -17.00 33.63
C VAL G 388 -12.55 -17.39 34.83
N GLY G 389 -11.81 -18.49 34.66
CA GLY G 389 -10.95 -18.96 35.74
C GLY G 389 -9.89 -17.95 36.12
N ALA G 390 -9.34 -17.26 35.12
CA ALA G 390 -8.37 -16.20 35.43
C ALA G 390 -9.01 -15.10 36.26
N ASP G 391 -10.26 -14.75 35.95
CA ASP G 391 -10.95 -13.73 36.73
C ASP G 391 -11.10 -14.16 38.18
N LEU G 392 -11.48 -15.41 38.42
CA LEU G 392 -11.67 -15.88 39.77
C LEU G 392 -10.34 -15.93 40.53
N ALA G 393 -9.27 -16.36 39.85
CA ALA G 393 -7.96 -16.37 40.49
C ALA G 393 -7.53 -14.95 40.87
N ALA G 394 -7.74 -13.99 39.97
CA ALA G 394 -7.41 -12.60 40.27
C ALA G 394 -8.25 -12.10 41.43
N LEU G 395 -9.53 -12.47 41.47
CA LEU G 395 -10.38 -12.07 42.58
C LEU G 395 -9.87 -12.62 43.91
N CYS G 396 -9.46 -13.88 43.92
CA CYS G 396 -8.91 -14.44 45.14
C CYS G 396 -7.63 -13.72 45.56
N SER G 397 -6.76 -13.43 44.59
CA SER G 397 -5.51 -12.74 44.90
C SER G 397 -5.78 -11.36 45.48
N GLU G 398 -6.70 -10.61 44.87
CA GLU G 398 -6.96 -9.27 45.36
C GLU G 398 -7.70 -9.28 46.68
N ALA G 399 -8.54 -10.29 46.92
CA ALA G 399 -9.18 -10.41 48.23
C ALA G 399 -8.15 -10.67 49.31
N ALA G 400 -7.17 -11.54 49.04
CA ALA G 400 -6.10 -11.77 50.00
C ALA G 400 -5.29 -10.50 50.22
N LEU G 401 -5.02 -9.77 49.14
CA LEU G 401 -4.28 -8.51 49.27
C LEU G 401 -5.04 -7.51 50.12
N GLN G 402 -6.35 -7.41 49.92
CA GLN G 402 -7.15 -6.51 50.73
C GLN G 402 -7.15 -6.92 52.19
N ALA G 403 -7.27 -8.22 52.46
CA ALA G 403 -7.26 -8.68 53.84
C ALA G 403 -5.93 -8.37 54.51
N ILE G 404 -4.83 -8.53 53.79
CA ILE G 404 -3.53 -8.21 54.36
C ILE G 404 -3.39 -6.71 54.55
N ARG G 405 -3.90 -5.92 53.60
CA ARG G 405 -3.79 -4.48 53.67
C ARG G 405 -4.55 -3.90 54.84
N LYS G 406 -5.73 -4.46 55.14
CA LYS G 406 -6.53 -3.96 56.25
C LYS G 406 -5.85 -4.16 57.59
N LYS G 407 -4.79 -4.96 57.64
CA LYS G 407 -4.11 -5.24 58.90
C LYS G 407 -2.60 -5.09 58.77
N MET G 408 -2.14 -4.12 57.98
CA MET G 408 -0.70 -3.84 57.87
C MET G 408 -0.08 -3.38 59.18
N ASP G 409 -0.81 -2.63 60.00
CA ASP G 409 -0.15 -1.89 61.09
C ASP G 409 0.53 -2.84 62.08
N LEU G 410 -0.14 -3.91 62.48
CA LEU G 410 0.41 -4.76 63.53
C LEU G 410 1.51 -5.67 63.00
N ILE G 411 1.45 -6.06 61.73
CA ILE G 411 2.45 -6.97 61.19
C ILE G 411 3.79 -6.24 61.11
N ASP G 412 4.87 -7.00 60.94
CA ASP G 412 6.21 -6.41 61.01
C ASP G 412 6.57 -5.67 59.73
N LEU G 413 5.80 -4.63 59.40
CA LEU G 413 6.20 -3.76 58.31
C LEU G 413 7.48 -3.00 58.66
N GLU G 414 7.65 -2.67 59.94
CA GLU G 414 8.84 -1.96 60.38
C GLU G 414 10.09 -2.81 60.19
N ASP G 415 10.00 -4.11 60.45
CA ASP G 415 11.11 -5.02 60.27
C ASP G 415 11.06 -5.62 58.87
N GLU G 416 11.84 -6.67 58.64
CA GLU G 416 11.77 -7.42 57.40
C GLU G 416 10.48 -8.26 57.40
N THR G 417 10.32 -9.10 56.38
CA THR G 417 9.04 -9.78 56.18
C THR G 417 8.72 -10.70 57.36
N ILE G 418 7.43 -11.02 57.49
CA ILE G 418 6.96 -11.81 58.63
C ILE G 418 7.58 -13.19 58.59
N ASP G 419 7.78 -13.77 59.78
CA ASP G 419 8.34 -15.10 59.94
C ASP G 419 7.29 -16.17 59.68
N ALA G 420 6.21 -15.78 59.01
CA ALA G 420 5.15 -16.68 58.56
C ALA G 420 4.34 -17.26 59.71
N GLU G 421 4.26 -16.56 60.85
CA GLU G 421 3.38 -16.96 61.94
C GLU G 421 2.31 -15.94 62.25
N VAL G 422 2.59 -14.64 62.08
CA VAL G 422 1.55 -13.63 62.19
C VAL G 422 0.51 -13.84 61.10
N MET G 423 0.97 -14.13 59.88
CA MET G 423 0.07 -14.40 58.77
C MET G 423 -0.84 -15.58 59.05
N ASN G 424 -0.43 -16.48 59.95
CA ASN G 424 -1.32 -17.55 60.37
C ASN G 424 -2.55 -16.99 61.09
N SER G 425 -2.35 -15.93 61.88
CA SER G 425 -3.48 -15.28 62.52
C SER G 425 -4.36 -14.52 61.53
N LEU G 426 -3.88 -14.28 60.32
CA LEU G 426 -4.64 -13.52 59.35
C LEU G 426 -5.85 -14.31 58.86
N ALA G 427 -6.91 -13.58 58.51
CA ALA G 427 -8.12 -14.17 57.97
C ALA G 427 -8.80 -13.16 57.06
N VAL G 428 -9.69 -13.65 56.22
CA VAL G 428 -10.39 -12.82 55.25
C VAL G 428 -11.86 -12.72 55.66
N THR G 429 -12.57 -11.80 55.01
CA THR G 429 -13.99 -11.59 55.25
C THR G 429 -14.73 -11.56 53.92
N MET G 430 -16.01 -11.90 53.97
CA MET G 430 -16.85 -11.77 52.77
C MET G 430 -16.94 -10.32 52.34
N ASP G 431 -16.83 -9.38 53.27
CA ASP G 431 -16.81 -7.97 52.91
C ASP G 431 -15.62 -7.65 52.02
N ASP G 432 -14.47 -8.26 52.29
CA ASP G 432 -13.32 -8.09 51.41
C ASP G 432 -13.65 -8.62 50.02
N PHE G 433 -14.39 -9.73 49.93
CA PHE G 433 -14.77 -10.26 48.64
C PHE G 433 -15.69 -9.29 47.89
N ARG G 434 -16.65 -8.70 48.61
CA ARG G 434 -17.53 -7.73 47.97
C ARG G 434 -16.74 -6.52 47.49
N TRP G 435 -15.81 -6.04 48.32
CA TRP G 435 -14.97 -4.91 47.94
C TRP G 435 -14.15 -5.22 46.70
N ALA G 436 -13.58 -6.43 46.65
CA ALA G 436 -12.82 -6.85 45.47
C ALA G 436 -13.73 -6.92 44.24
N LEU G 437 -14.94 -7.43 44.41
CA LEU G 437 -15.91 -7.47 43.32
C LEU G 437 -16.22 -6.07 42.82
N SER G 438 -16.21 -5.08 43.72
CA SER G 438 -16.42 -3.71 43.29
C SER G 438 -15.35 -3.26 42.30
N GLN G 439 -14.09 -3.59 42.60
CA GLN G 439 -12.98 -3.26 41.71
C GLN G 439 -12.65 -4.44 40.80
N SER G 440 -13.66 -4.88 40.05
CA SER G 440 -13.52 -6.03 39.18
C SER G 440 -14.16 -5.72 37.83
N ASN G 441 -13.74 -6.46 36.81
CA ASN G 441 -14.30 -6.30 35.48
C ASN G 441 -14.38 -7.63 34.76
N PRO G 442 -15.59 -8.12 34.48
CA PRO G 442 -15.72 -9.38 33.73
C PRO G 442 -15.26 -9.22 32.30
N SER G 443 -14.92 -10.36 31.69
CA SER G 443 -14.41 -10.37 30.32
C SER G 443 -15.35 -11.00 29.31
N ALA G 444 -16.22 -11.92 29.73
CA ALA G 444 -17.09 -12.60 28.78
C ALA G 444 -18.10 -11.64 28.17
N LEU G 445 -18.97 -11.07 29.01
CA LEU G 445 -19.97 -10.11 28.59
C LEU G 445 -20.73 -10.57 27.36
N ARG G 446 -20.37 -10.02 26.19
CA ARG G 446 -21.02 -10.41 24.95
C ARG G 446 -20.56 -11.80 24.55
N GLU G 447 -21.35 -12.81 24.93
CA GLU G 447 -21.00 -14.19 24.64
C GLU G 447 -22.26 -15.03 24.77
N THR G 448 -22.46 -15.95 23.83
CA THR G 448 -23.60 -16.85 23.89
C THR G 448 -23.47 -17.76 25.11
N VAL G 449 -24.62 -18.10 25.68
CA VAL G 449 -24.67 -18.94 26.87
C VAL G 449 -25.37 -20.24 26.52
N VAL G 450 -24.76 -21.36 26.92
CA VAL G 450 -25.30 -22.69 26.67
C VAL G 450 -25.39 -23.40 28.01
N GLU G 451 -26.61 -23.71 28.44
CA GLU G 451 -26.83 -24.29 29.76
C GLU G 451 -28.27 -24.76 29.84
N VAL G 452 -28.55 -25.52 30.88
CA VAL G 452 -29.91 -25.95 31.21
C VAL G 452 -30.51 -24.88 32.14
N PRO G 453 -31.63 -24.28 31.77
CA PRO G 453 -32.25 -23.27 32.65
C PRO G 453 -32.81 -23.92 33.91
N GLN G 454 -33.18 -23.06 34.86
CA GLN G 454 -33.64 -23.50 36.17
C GLN G 454 -35.12 -23.20 36.40
N VAL G 455 -35.84 -22.75 35.39
CA VAL G 455 -37.25 -22.42 35.54
C VAL G 455 -38.05 -23.72 35.60
N THR G 456 -38.81 -23.89 36.69
CA THR G 456 -39.61 -25.08 36.88
C THR G 456 -41.06 -24.82 36.50
N TRP G 457 -41.83 -25.91 36.42
CA TRP G 457 -43.25 -25.79 36.11
C TRP G 457 -44.03 -25.12 37.22
N GLU G 458 -43.48 -25.08 38.43
CA GLU G 458 -44.08 -24.28 39.49
C GLU G 458 -44.06 -22.79 39.15
N ASP G 459 -43.07 -22.34 38.40
CA ASP G 459 -42.97 -20.94 38.04
C ASP G 459 -44.10 -20.48 37.12
N ILE G 460 -44.82 -21.41 36.50
CA ILE G 460 -45.85 -21.07 35.53
C ILE G 460 -47.18 -21.67 36.00
N GLY G 461 -48.25 -20.91 35.82
CA GLY G 461 -49.59 -21.36 36.15
C GLY G 461 -50.47 -21.43 34.91
N GLY G 462 -51.34 -22.43 34.88
CA GLY G 462 -52.27 -22.58 33.78
C GLY G 462 -51.68 -23.29 32.58
N LEU G 463 -52.49 -23.35 31.52
CA LEU G 463 -52.09 -23.95 30.25
C LEU G 463 -51.63 -25.40 30.43
N GLU G 464 -52.36 -26.14 31.26
CA GLU G 464 -52.00 -27.53 31.52
C GLU G 464 -52.10 -28.36 30.24
N ASP G 465 -53.13 -28.12 29.44
CA ASP G 465 -53.23 -28.79 28.16
C ASP G 465 -52.07 -28.42 27.24
N VAL G 466 -51.69 -27.14 27.24
CA VAL G 466 -50.55 -26.72 26.45
C VAL G 466 -49.28 -27.40 26.93
N LYS G 467 -49.12 -27.50 28.25
CA LYS G 467 -47.95 -28.19 28.81
C LYS G 467 -47.93 -29.65 28.39
N ARG G 468 -49.09 -30.32 28.42
CA ARG G 468 -49.15 -31.71 28.00
C ARG G 468 -48.79 -31.87 26.53
N GLU G 469 -49.32 -30.98 25.69
CA GLU G 469 -49.01 -31.04 24.27
C GLU G 469 -47.52 -30.85 24.02
N LEU G 470 -46.92 -29.85 24.69
CA LEU G 470 -45.49 -29.63 24.55
C LEU G 470 -44.71 -30.85 25.01
N GLN G 471 -45.12 -31.46 26.11
CA GLN G 471 -44.46 -32.66 26.60
C GLN G 471 -44.50 -33.75 25.56
N GLU G 472 -45.67 -33.99 25.00
CA GLU G 472 -45.83 -35.05 24.00
C GLU G 472 -44.96 -34.78 22.78
N LEU G 473 -44.86 -33.52 22.36
CA LEU G 473 -44.01 -33.21 21.22
C LEU G 473 -42.54 -33.44 21.52
N VAL G 474 -42.05 -32.96 22.66
CA VAL G 474 -40.59 -32.90 22.84
C VAL G 474 -40.07 -34.14 23.57
N GLN G 475 -40.65 -34.51 24.71
CA GLN G 475 -40.07 -35.60 25.49
C GLN G 475 -40.29 -36.94 24.81
N TYR G 476 -41.52 -37.19 24.35
CA TYR G 476 -41.96 -38.53 23.98
C TYR G 476 -41.04 -39.26 23.00
N PRO G 477 -40.52 -38.64 21.94
CA PRO G 477 -39.75 -39.43 20.95
C PRO G 477 -38.54 -40.14 21.51
N VAL G 478 -37.86 -39.55 22.51
CA VAL G 478 -36.59 -40.11 22.94
C VAL G 478 -36.77 -41.44 23.65
N GLU G 479 -37.83 -41.56 24.47
CA GLU G 479 -37.99 -42.79 25.25
C GLU G 479 -38.40 -43.97 24.40
N HIS G 480 -39.30 -43.79 23.43
CA HIS G 480 -39.84 -44.89 22.63
C HIS G 480 -39.67 -44.59 21.15
N PRO G 481 -38.43 -44.56 20.66
CA PRO G 481 -38.23 -44.41 19.21
C PRO G 481 -38.48 -45.69 18.44
N ASP G 482 -38.58 -46.83 19.13
CA ASP G 482 -38.83 -48.09 18.45
C ASP G 482 -40.18 -48.09 17.76
N LYS G 483 -41.21 -47.62 18.45
CA LYS G 483 -42.52 -47.53 17.82
C LYS G 483 -42.56 -46.42 16.77
N PHE G 484 -41.76 -45.37 16.98
CA PHE G 484 -41.65 -44.30 15.98
C PHE G 484 -41.14 -44.85 14.65
N LEU G 485 -40.09 -45.67 14.71
CA LEU G 485 -39.56 -46.27 13.50
C LEU G 485 -40.47 -47.38 12.98
N LYS G 486 -41.17 -48.06 13.89
CA LYS G 486 -42.11 -49.09 13.47
C LYS G 486 -43.24 -48.50 12.64
N PHE G 487 -43.76 -47.36 13.05
CA PHE G 487 -44.84 -46.69 12.33
C PHE G 487 -44.33 -45.72 11.28
N GLY G 488 -43.02 -45.58 11.13
CA GLY G 488 -42.47 -44.62 10.19
C GLY G 488 -42.74 -43.18 10.55
N MET G 489 -42.59 -42.84 11.83
CA MET G 489 -42.86 -41.50 12.32
C MET G 489 -41.55 -40.76 12.58
N THR G 490 -41.38 -39.61 11.92
CA THR G 490 -40.31 -38.68 12.22
C THR G 490 -40.91 -37.42 12.81
N PRO G 491 -40.73 -37.16 14.10
CA PRO G 491 -41.35 -35.96 14.68
C PRO G 491 -40.83 -34.69 14.02
N SER G 492 -41.74 -33.72 13.86
CA SER G 492 -41.35 -32.45 13.26
C SER G 492 -40.53 -31.64 14.24
N LYS G 493 -39.47 -31.01 13.73
CA LYS G 493 -38.58 -30.18 14.54
C LYS G 493 -38.95 -28.73 14.28
N GLY G 494 -39.95 -28.24 15.00
CA GLY G 494 -40.36 -26.86 14.86
C GLY G 494 -41.74 -26.56 15.43
N VAL G 495 -41.87 -25.39 16.06
CA VAL G 495 -43.14 -24.98 16.65
C VAL G 495 -43.16 -23.46 16.69
N LEU G 496 -44.36 -22.89 16.61
CA LEU G 496 -44.56 -21.45 16.61
C LEU G 496 -45.57 -21.08 17.68
N PHE G 497 -45.33 -19.97 18.36
CA PHE G 497 -46.22 -19.46 19.39
C PHE G 497 -46.73 -18.10 18.99
N TYR G 498 -48.03 -17.86 19.16
CA TYR G 498 -48.60 -16.56 18.91
C TYR G 498 -49.62 -16.23 19.99
N GLY G 499 -49.62 -14.96 20.42
CA GLY G 499 -50.50 -14.51 21.46
C GLY G 499 -50.12 -13.12 21.95
N PRO G 500 -50.81 -12.66 23.00
CA PRO G 500 -50.50 -11.33 23.55
C PRO G 500 -49.11 -11.31 24.16
N PRO G 501 -48.44 -10.16 24.13
CA PRO G 501 -47.08 -10.08 24.66
C PRO G 501 -47.04 -10.29 26.16
N GLY G 502 -45.89 -10.77 26.64
CA GLY G 502 -45.66 -10.92 28.07
C GLY G 502 -46.60 -11.90 28.73
N CYS G 503 -46.90 -13.01 28.05
CA CYS G 503 -47.78 -14.04 28.57
C CYS G 503 -47.06 -15.39 28.44
N GLY G 504 -46.22 -15.68 29.44
CA GLY G 504 -45.50 -16.94 29.55
C GLY G 504 -44.98 -17.53 28.26
N LYS G 505 -44.19 -16.77 27.52
CA LYS G 505 -43.61 -17.27 26.26
C LYS G 505 -42.17 -17.68 26.45
N THR G 506 -41.30 -16.78 26.89
CA THR G 506 -39.94 -17.16 27.24
C THR G 506 -39.92 -18.09 28.45
N LEU G 507 -40.82 -17.83 29.40
CA LEU G 507 -40.92 -18.67 30.58
C LEU G 507 -41.26 -20.11 30.19
N LEU G 508 -42.14 -20.27 29.21
CA LEU G 508 -42.52 -21.60 28.75
C LEU G 508 -41.33 -22.35 28.19
N ALA G 509 -40.55 -21.69 27.33
CA ALA G 509 -39.38 -22.34 26.75
C ALA G 509 -38.36 -22.70 27.83
N LYS G 510 -38.14 -21.79 28.77
CA LYS G 510 -37.20 -22.07 29.85
C LYS G 510 -37.65 -23.27 30.67
N ALA G 511 -38.95 -23.32 30.99
CA ALA G 511 -39.45 -24.43 31.80
C ALA G 511 -39.34 -25.76 31.07
N ILE G 512 -39.69 -25.77 29.78
CA ILE G 512 -39.64 -27.04 29.05
C ILE G 512 -38.20 -27.50 28.87
N ALA G 513 -37.28 -26.55 28.63
CA ALA G 513 -35.87 -26.93 28.53
C ALA G 513 -35.36 -27.46 29.85
N ASN G 514 -35.77 -26.85 30.96
CA ASN G 514 -35.36 -27.35 32.27
C ASN G 514 -35.87 -28.76 32.50
N GLU G 515 -37.15 -29.00 32.19
CA GLU G 515 -37.70 -30.34 32.38
C GLU G 515 -36.99 -31.36 31.52
N CYS G 516 -36.74 -31.01 30.26
CA CYS G 516 -35.98 -31.89 29.38
C CYS G 516 -34.53 -32.04 29.83
N GLN G 517 -34.05 -31.15 30.71
CA GLN G 517 -32.69 -31.20 31.23
C GLN G 517 -31.67 -31.18 30.09
N ALA G 518 -31.93 -30.34 29.10
CA ALA G 518 -31.05 -30.14 27.98
C ALA G 518 -30.60 -28.69 27.92
N ASN G 519 -29.58 -28.44 27.12
CA ASN G 519 -29.05 -27.08 27.01
C ASN G 519 -30.06 -26.18 26.29
N PHE G 520 -29.85 -24.88 26.43
CA PHE G 520 -30.75 -23.88 25.88
C PHE G 520 -29.95 -22.77 25.20
N ILE G 521 -30.44 -22.32 24.05
CA ILE G 521 -29.85 -21.20 23.34
C ILE G 521 -30.98 -20.30 22.86
N SER G 522 -30.84 -19.01 23.07
CA SER G 522 -31.86 -18.03 22.70
C SER G 522 -31.26 -16.96 21.80
N ILE G 523 -32.08 -16.45 20.89
CA ILE G 523 -31.73 -15.28 20.10
C ILE G 523 -33.01 -14.51 19.81
N LYS G 524 -32.93 -13.19 19.87
CA LYS G 524 -34.11 -12.35 19.74
C LYS G 524 -34.02 -11.50 18.47
N GLY G 525 -35.13 -10.79 18.21
CA GLY G 525 -35.23 -9.92 17.06
C GLY G 525 -34.19 -8.83 16.96
N PRO G 526 -33.82 -8.18 18.07
CA PRO G 526 -32.72 -7.20 17.99
C PRO G 526 -31.45 -7.78 17.38
N GLU G 527 -31.09 -9.01 17.74
CA GLU G 527 -29.91 -9.62 17.14
C GLU G 527 -30.12 -9.85 15.65
N LEU G 528 -31.31 -10.32 15.27
CA LEU G 528 -31.59 -10.58 13.87
C LEU G 528 -31.47 -9.31 13.03
N LEU G 529 -32.02 -8.21 13.54
CA LEU G 529 -31.89 -6.94 12.84
C LEU G 529 -30.47 -6.38 12.95
N THR G 530 -29.70 -6.82 13.94
CA THR G 530 -28.28 -6.48 13.96
C THR G 530 -27.54 -7.17 12.82
N MET G 531 -27.86 -8.43 12.56
CA MET G 531 -27.32 -9.11 11.40
C MET G 531 -28.00 -8.70 10.10
N TRP G 532 -29.07 -7.90 10.17
CA TRP G 532 -29.71 -7.40 8.96
C TRP G 532 -28.71 -6.64 8.09
N PHE G 533 -28.19 -5.52 8.58
CA PHE G 533 -27.10 -4.78 7.94
C PHE G 533 -25.86 -4.83 8.82
N GLY G 534 -24.82 -4.13 8.39
CA GLY G 534 -23.53 -4.25 9.04
C GLY G 534 -22.91 -5.58 8.74
N GLU G 535 -22.87 -6.47 9.73
CA GLU G 535 -22.46 -7.85 9.49
C GLU G 535 -23.62 -8.64 8.86
N SER G 536 -23.96 -8.28 7.62
CA SER G 536 -25.08 -8.91 6.95
C SER G 536 -24.79 -10.38 6.67
N GLU G 537 -25.74 -11.25 7.04
CA GLU G 537 -25.67 -12.68 6.80
C GLU G 537 -24.39 -13.30 7.36
N ALA G 538 -24.07 -14.51 6.90
CA ALA G 538 -22.85 -15.23 7.30
C ALA G 538 -22.76 -15.37 8.82
N ASN G 539 -23.87 -15.34 9.51
CA ASN G 539 -23.85 -15.45 10.96
C ASN G 539 -24.74 -16.57 11.47
N VAL G 540 -25.91 -16.78 10.87
CA VAL G 540 -26.77 -17.88 11.29
C VAL G 540 -26.08 -19.21 11.07
N ARG G 541 -25.17 -19.27 10.09
CA ARG G 541 -24.48 -20.50 9.78
C ARG G 541 -23.70 -21.01 10.98
N GLU G 542 -22.85 -20.16 11.55
CA GLU G 542 -22.03 -20.61 12.68
C GLU G 542 -22.86 -20.85 13.92
N ILE G 543 -23.96 -20.12 14.09
CA ILE G 543 -24.84 -20.36 15.24
C ILE G 543 -25.45 -21.74 15.14
N PHE G 544 -25.98 -22.09 13.95
CA PHE G 544 -26.57 -23.41 13.79
C PHE G 544 -25.50 -24.50 13.87
N ASP G 545 -24.29 -24.23 13.39
CA ASP G 545 -23.22 -25.21 13.54
C ASP G 545 -22.90 -25.43 15.01
N LYS G 546 -22.84 -24.35 15.79
CA LYS G 546 -22.60 -24.47 17.22
C LYS G 546 -23.69 -25.29 17.89
N ALA G 547 -24.94 -25.03 17.53
CA ALA G 547 -26.04 -25.82 18.09
C ALA G 547 -25.91 -27.29 17.69
N ARG G 548 -25.57 -27.55 16.43
CA ARG G 548 -25.51 -28.92 15.92
C ARG G 548 -24.41 -29.71 16.60
N GLN G 549 -23.22 -29.12 16.73
CA GLN G 549 -22.14 -29.82 17.42
C GLN G 549 -22.44 -29.95 18.91
N ALA G 550 -23.25 -29.04 19.45
CA ALA G 550 -23.58 -29.09 20.86
C ALA G 550 -24.49 -30.28 21.16
N ALA G 551 -24.74 -30.49 22.44
CA ALA G 551 -25.62 -31.56 22.86
C ALA G 551 -27.05 -31.27 22.37
N PRO G 552 -27.88 -32.31 22.26
CA PRO G 552 -29.30 -32.08 21.92
C PRO G 552 -29.91 -31.03 22.82
N CYS G 553 -30.28 -29.90 22.23
CA CYS G 553 -30.67 -28.72 22.99
C CYS G 553 -31.86 -28.07 22.31
N VAL G 554 -32.16 -26.84 22.72
CA VAL G 554 -33.30 -26.10 22.22
C VAL G 554 -32.82 -24.75 21.70
N LEU G 555 -33.35 -24.33 20.55
CA LEU G 555 -33.08 -23.02 19.99
C LEU G 555 -34.35 -22.19 20.06
N PHE G 556 -34.23 -20.95 20.50
CA PHE G 556 -35.37 -20.06 20.66
C PHE G 556 -35.20 -18.83 19.79
N PHE G 557 -36.26 -18.46 19.08
CA PHE G 557 -36.27 -17.32 18.16
C PHE G 557 -37.37 -16.37 18.63
N ASP G 558 -36.99 -15.39 19.43
CA ASP G 558 -37.92 -14.37 19.86
C ASP G 558 -37.99 -13.23 18.85
N GLU G 559 -39.16 -12.62 18.74
CA GLU G 559 -39.40 -11.53 17.79
C GLU G 559 -39.04 -11.96 16.38
N LEU G 560 -39.43 -13.18 16.03
CA LEU G 560 -39.19 -13.67 14.68
C LEU G 560 -39.89 -12.80 13.64
N ASP G 561 -41.04 -12.23 14.00
CA ASP G 561 -41.80 -11.37 13.11
C ASP G 561 -41.10 -10.05 12.82
N SER G 562 -40.03 -9.71 13.56
CA SER G 562 -39.38 -8.42 13.38
C SER G 562 -38.97 -8.19 11.93
N ILE G 563 -38.32 -9.19 11.32
CA ILE G 563 -37.97 -9.09 9.90
C ILE G 563 -39.23 -8.93 9.07
N ALA G 564 -40.26 -9.74 9.35
CA ALA G 564 -41.54 -9.56 8.68
C ALA G 564 -42.12 -8.19 8.98
N LYS G 565 -41.86 -7.66 10.18
CA LYS G 565 -42.28 -6.31 10.51
C LYS G 565 -41.42 -5.28 9.78
N ALA G 566 -40.19 -5.64 9.44
CA ALA G 566 -39.26 -4.69 8.85
C ALA G 566 -39.16 -4.78 7.34
N ARG G 567 -39.58 -5.89 6.74
CA ARG G 567 -39.41 -6.05 5.30
C ARG G 567 -40.25 -5.03 4.52
N GLY G 568 -41.49 -4.83 4.93
CA GLY G 568 -42.35 -3.86 4.28
C GLY G 568 -43.32 -3.18 5.23
N GLY G 569 -43.00 -3.22 6.52
CA GLY G 569 -43.96 -2.80 7.54
C GLY G 569 -44.34 -1.34 7.53
N ASN G 570 -43.44 -0.46 7.97
CA ASN G 570 -43.79 0.94 8.14
C ASN G 570 -42.72 1.91 7.65
N ILE G 571 -41.59 1.44 7.16
CA ILE G 571 -40.50 2.33 6.78
C ILE G 571 -40.24 2.37 5.29
N GLY G 572 -40.50 1.28 4.56
CA GLY G 572 -40.12 1.22 3.16
C GLY G 572 -38.63 0.99 3.00
N ASP G 573 -38.17 -0.17 3.45
CA ASP G 573 -36.75 -0.48 3.46
C ASP G 573 -36.23 -0.70 2.04
N GLY G 574 -34.94 -1.00 1.93
CA GLY G 574 -34.26 -1.20 0.66
C GLY G 574 -34.31 -2.58 0.08
N GLY G 575 -35.06 -3.50 0.68
CA GLY G 575 -35.16 -4.85 0.16
C GLY G 575 -33.85 -5.62 0.21
N GLY G 576 -33.15 -5.56 1.34
CA GLY G 576 -31.87 -6.20 1.48
C GLY G 576 -31.95 -7.52 2.24
N ALA G 577 -31.64 -7.48 3.54
CA ALA G 577 -31.63 -8.68 4.36
C ALA G 577 -33.01 -9.29 4.54
N ALA G 578 -34.08 -8.59 4.17
CA ALA G 578 -35.43 -9.10 4.35
C ALA G 578 -35.57 -10.49 3.76
N ASP G 579 -35.04 -10.71 2.56
CA ASP G 579 -35.01 -12.03 1.97
C ASP G 579 -33.74 -12.79 2.33
N ARG G 580 -32.63 -12.09 2.51
CA ARG G 580 -31.34 -12.75 2.73
C ARG G 580 -31.37 -13.59 4.00
N VAL G 581 -31.77 -12.98 5.12
CA VAL G 581 -31.76 -13.69 6.40
C VAL G 581 -32.69 -14.87 6.37
N ILE G 582 -33.90 -14.67 5.83
CA ILE G 582 -34.89 -15.74 5.81
C ILE G 582 -34.41 -16.89 4.92
N ASN G 583 -33.85 -16.57 3.76
CA ASN G 583 -33.36 -17.62 2.87
C ASN G 583 -32.22 -18.39 3.50
N GLN G 584 -31.29 -17.68 4.15
CA GLN G 584 -30.20 -18.37 4.81
C GLN G 584 -30.71 -19.28 5.92
N ILE G 585 -31.66 -18.78 6.70
CA ILE G 585 -32.23 -19.57 7.80
C ILE G 585 -32.89 -20.82 7.25
N LEU G 586 -33.71 -20.66 6.21
CA LEU G 586 -34.41 -21.81 5.64
C LEU G 586 -33.43 -22.82 5.07
N THR G 587 -32.41 -22.33 4.36
CA THR G 587 -31.43 -23.24 3.80
C THR G 587 -30.70 -24.01 4.88
N GLU G 588 -30.32 -23.32 5.97
CA GLU G 588 -29.57 -23.97 7.03
C GLU G 588 -30.43 -24.99 7.78
N MET G 589 -31.68 -24.63 8.07
CA MET G 589 -32.54 -25.56 8.79
C MET G 589 -32.93 -26.74 7.92
N ASP G 590 -33.06 -26.53 6.61
CA ASP G 590 -33.31 -27.65 5.71
C ASP G 590 -32.13 -28.61 5.69
N GLY G 591 -30.93 -28.13 5.99
CA GLY G 591 -29.78 -29.00 6.10
C GLY G 591 -29.76 -29.85 7.36
N MET G 592 -30.65 -29.57 8.31
CA MET G 592 -30.75 -30.38 9.52
C MET G 592 -31.32 -31.74 9.18
N SER G 593 -30.44 -32.73 9.01
CA SER G 593 -30.86 -34.07 8.58
C SER G 593 -31.06 -34.99 9.79
N THR G 594 -32.01 -34.61 10.65
CA THR G 594 -32.42 -35.38 11.82
C THR G 594 -31.19 -35.68 12.66
N LYS G 595 -30.94 -36.94 13.03
CA LYS G 595 -29.78 -37.33 13.83
C LYS G 595 -29.76 -36.57 15.14
N LYS G 596 -29.04 -35.46 15.19
CA LYS G 596 -29.00 -34.63 16.40
C LYS G 596 -30.40 -34.19 16.78
N ASN G 597 -30.73 -34.33 18.07
CA ASN G 597 -32.07 -34.07 18.54
C ASN G 597 -32.16 -32.66 19.15
N VAL G 598 -32.04 -31.68 18.26
CA VAL G 598 -32.18 -30.27 18.63
C VAL G 598 -33.50 -29.76 18.07
N PHE G 599 -34.24 -29.05 18.90
CA PHE G 599 -35.55 -28.52 18.51
C PHE G 599 -35.46 -27.02 18.31
N ILE G 600 -36.36 -26.50 17.48
CA ILE G 600 -36.42 -25.09 17.13
C ILE G 600 -37.78 -24.55 17.52
N ILE G 601 -37.80 -23.40 18.19
CA ILE G 601 -39.02 -22.78 18.65
C ILE G 601 -39.01 -21.32 18.20
N GLY G 602 -40.16 -20.83 17.71
CA GLY G 602 -40.29 -19.44 17.32
C GLY G 602 -41.46 -18.79 18.05
N ALA G 603 -41.30 -17.51 18.37
CA ALA G 603 -42.32 -16.74 19.05
C ALA G 603 -42.67 -15.51 18.22
N THR G 604 -43.95 -15.17 18.20
CA THR G 604 -44.39 -14.00 17.44
C THR G 604 -45.62 -13.40 18.12
N ASN G 605 -45.82 -12.10 17.89
CA ASN G 605 -47.00 -11.40 18.35
C ASN G 605 -47.86 -10.85 17.22
N ARG G 606 -47.34 -10.77 16.00
CA ARG G 606 -48.11 -10.38 14.83
C ARG G 606 -47.91 -11.42 13.74
N PRO G 607 -48.44 -12.63 13.93
CA PRO G 607 -48.18 -13.71 12.97
C PRO G 607 -48.77 -13.46 11.59
N ASP G 608 -49.71 -12.52 11.47
CA ASP G 608 -50.35 -12.29 10.17
C ASP G 608 -49.36 -11.80 9.11
N ILE G 609 -48.25 -11.19 9.53
CA ILE G 609 -47.29 -10.66 8.56
C ILE G 609 -46.34 -11.73 8.06
N ILE G 610 -46.28 -12.89 8.72
CA ILE G 610 -45.32 -13.92 8.34
C ILE G 610 -45.72 -14.52 7.00
N ASP G 611 -44.75 -14.57 6.07
CA ASP G 611 -45.00 -15.22 4.79
C ASP G 611 -45.09 -16.74 4.98
N PRO G 612 -45.93 -17.40 4.17
CA PRO G 612 -46.17 -18.84 4.39
C PRO G 612 -45.00 -19.73 4.02
N ALA G 613 -43.88 -19.17 3.56
CA ALA G 613 -42.74 -20.00 3.18
C ALA G 613 -42.23 -20.80 4.37
N ILE G 614 -42.12 -20.16 5.54
CA ILE G 614 -41.73 -20.89 6.74
C ILE G 614 -42.83 -21.85 7.16
N LEU G 615 -44.08 -21.43 7.02
CA LEU G 615 -45.23 -22.26 7.42
C LEU G 615 -45.46 -23.35 6.37
N ARG G 616 -44.51 -24.28 6.31
CA ARG G 616 -44.57 -25.38 5.38
C ARG G 616 -44.20 -26.67 6.11
N PRO G 617 -44.82 -27.80 5.75
CA PRO G 617 -44.43 -29.07 6.36
C PRO G 617 -42.96 -29.37 6.13
N GLY G 618 -42.32 -29.95 7.14
CA GLY G 618 -40.88 -30.10 7.17
C GLY G 618 -40.22 -28.92 7.83
N ARG G 619 -40.77 -27.73 7.60
CA ARG G 619 -40.36 -26.52 8.30
C ARG G 619 -41.21 -26.36 9.55
N LEU G 620 -41.18 -25.18 10.15
CA LEU G 620 -42.04 -24.88 11.29
C LEU G 620 -43.50 -25.04 10.90
N ASP G 621 -44.17 -26.01 11.50
CA ASP G 621 -45.56 -26.31 11.14
C ASP G 621 -46.50 -26.26 12.32
N GLN G 622 -46.08 -26.74 13.49
CA GLN G 622 -46.95 -26.72 14.66
C GLN G 622 -47.20 -25.28 15.09
N LEU G 623 -48.47 -24.97 15.38
CA LEU G 623 -48.87 -23.62 15.76
C LEU G 623 -49.61 -23.68 17.08
N ILE G 624 -49.28 -22.78 17.99
CA ILE G 624 -49.91 -22.75 19.31
C ILE G 624 -50.31 -21.31 19.64
N TYR G 625 -51.59 -21.13 19.95
CA TYR G 625 -52.09 -19.86 20.46
C TYR G 625 -52.00 -19.84 21.98
N ILE G 626 -51.60 -18.70 22.52
CA ILE G 626 -51.50 -18.50 23.96
C ILE G 626 -52.65 -17.59 24.38
N PRO G 627 -53.65 -18.10 25.08
CA PRO G 627 -54.76 -17.25 25.53
C PRO G 627 -54.39 -16.50 26.81
N LEU G 628 -55.29 -15.60 27.22
CA LEU G 628 -55.09 -14.86 28.44
C LEU G 628 -55.39 -15.74 29.66
N PRO G 629 -54.77 -15.44 30.80
CA PRO G 629 -55.04 -16.23 32.01
C PRO G 629 -56.47 -16.03 32.49
N ASP G 630 -56.97 -17.03 33.21
CA ASP G 630 -58.38 -17.10 33.60
C ASP G 630 -58.50 -17.16 35.12
N GLU G 631 -58.58 -15.98 35.75
CA GLU G 631 -58.90 -15.85 37.18
C GLU G 631 -58.10 -16.80 38.05
N LYS G 632 -58.54 -18.05 38.15
CA LYS G 632 -57.79 -19.04 38.91
C LYS G 632 -56.40 -19.22 38.34
N SER G 633 -56.29 -19.22 37.01
CA SER G 633 -54.97 -19.15 36.39
C SER G 633 -54.26 -17.86 36.77
N ARG G 634 -54.99 -16.73 36.75
CA ARG G 634 -54.42 -15.47 37.20
C ARG G 634 -54.00 -15.55 38.66
N VAL G 635 -54.81 -16.21 39.49
CA VAL G 635 -54.49 -16.33 40.91
C VAL G 635 -53.20 -17.13 41.08
N ALA G 636 -53.09 -18.25 40.36
CA ALA G 636 -51.87 -19.07 40.46
C ALA G 636 -50.65 -18.30 39.97
N ILE G 637 -50.81 -17.54 38.90
CA ILE G 637 -49.71 -16.72 38.38
C ILE G 637 -49.28 -15.70 39.42
N LEU G 638 -50.25 -15.03 40.04
CA LEU G 638 -49.92 -14.05 41.08
C LEU G 638 -49.20 -14.71 42.24
N LYS G 639 -49.69 -15.88 42.67
CA LYS G 639 -49.01 -16.59 43.75
C LYS G 639 -47.58 -16.92 43.38
N ALA G 640 -47.35 -17.35 42.14
CA ALA G 640 -46.00 -17.61 41.68
C ALA G 640 -45.14 -16.35 41.72
N ASN G 641 -45.71 -15.21 41.28
CA ASN G 641 -44.96 -13.96 41.35
C ASN G 641 -44.80 -13.49 42.78
N LEU G 642 -45.69 -13.89 43.68
CA LEU G 642 -45.69 -13.41 45.05
C LEU G 642 -44.88 -14.28 45.99
N ARG G 643 -43.86 -14.97 45.49
CA ARG G 643 -42.91 -15.64 46.38
C ARG G 643 -42.27 -14.63 47.30
N LYS G 644 -41.48 -13.73 46.72
CA LYS G 644 -40.91 -12.54 47.37
C LYS G 644 -40.55 -12.74 48.82
N SER G 645 -41.07 -11.88 49.69
CA SER G 645 -40.80 -11.91 51.13
C SER G 645 -42.03 -11.49 51.93
N PRO G 646 -42.62 -10.32 51.69
CA PRO G 646 -43.80 -9.93 52.48
C PRO G 646 -45.01 -10.79 52.15
N VAL G 647 -45.91 -10.90 53.12
CA VAL G 647 -47.11 -11.73 52.99
C VAL G 647 -48.32 -10.89 53.38
N ALA G 648 -49.37 -10.94 52.55
CA ALA G 648 -50.62 -10.26 52.83
C ALA G 648 -51.53 -11.21 53.59
N LYS G 649 -51.65 -10.99 54.90
CA LYS G 649 -52.42 -11.91 55.74
C LYS G 649 -53.92 -11.66 55.63
N ASP G 650 -54.36 -10.45 55.97
CA ASP G 650 -55.79 -10.17 56.02
C ASP G 650 -56.44 -10.32 54.65
N VAL G 651 -55.88 -9.65 53.64
CA VAL G 651 -56.43 -9.65 52.30
C VAL G 651 -55.38 -10.26 51.40
N ASP G 652 -55.56 -11.54 51.05
CA ASP G 652 -54.61 -12.24 50.20
C ASP G 652 -54.98 -12.14 48.73
N LEU G 653 -55.28 -10.91 48.28
CA LEU G 653 -55.50 -10.59 46.88
C LEU G 653 -56.45 -11.59 46.21
N GLU G 654 -57.70 -11.55 46.66
CA GLU G 654 -58.72 -12.45 46.11
C GLU G 654 -59.79 -11.70 45.34
N PHE G 655 -60.50 -10.76 45.99
CA PHE G 655 -61.54 -10.03 45.27
C PHE G 655 -60.94 -9.10 44.24
N LEU G 656 -59.78 -8.51 44.56
CA LEU G 656 -59.06 -7.73 43.55
C LEU G 656 -58.58 -8.63 42.42
N ALA G 657 -58.12 -9.84 42.74
CA ALA G 657 -57.76 -10.78 41.70
C ALA G 657 -58.96 -11.15 40.84
N LYS G 658 -60.16 -11.11 41.42
CA LYS G 658 -61.37 -11.41 40.66
C LYS G 658 -61.61 -10.38 39.56
N MET G 659 -61.37 -9.11 39.86
CA MET G 659 -61.66 -8.04 38.91
C MET G 659 -60.54 -7.80 37.90
N THR G 660 -59.51 -8.65 37.90
CA THR G 660 -58.39 -8.50 36.96
C THR G 660 -58.65 -9.21 35.64
N ASN G 661 -59.90 -9.40 35.27
CA ASN G 661 -60.21 -10.02 33.99
C ASN G 661 -59.69 -9.18 32.83
N GLY G 662 -59.09 -9.85 31.85
CA GLY G 662 -58.55 -9.17 30.70
C GLY G 662 -57.14 -8.66 30.85
N PHE G 663 -56.46 -8.96 31.95
CA PHE G 663 -55.08 -8.53 32.14
C PHE G 663 -54.11 -9.68 31.85
N SER G 664 -52.87 -9.31 31.55
CA SER G 664 -51.84 -10.29 31.27
C SER G 664 -51.02 -10.58 32.53
N GLY G 665 -50.23 -11.65 32.46
CA GLY G 665 -49.34 -11.97 33.55
C GLY G 665 -48.33 -10.87 33.80
N ALA G 666 -47.87 -10.22 32.73
CA ALA G 666 -46.97 -9.08 32.87
C ALA G 666 -47.65 -7.96 33.67
N ASP G 667 -48.95 -7.76 33.45
CA ASP G 667 -49.68 -6.75 34.22
C ASP G 667 -49.69 -7.08 35.70
N LEU G 668 -49.93 -8.35 36.03
CA LEU G 668 -49.92 -8.78 37.42
C LEU G 668 -48.55 -8.59 38.05
N THR G 669 -47.50 -8.95 37.32
CA THR G 669 -46.15 -8.76 37.83
C THR G 669 -45.86 -7.27 38.05
N GLU G 670 -46.32 -6.42 37.13
CA GLU G 670 -46.15 -4.99 37.29
C GLU G 670 -46.85 -4.49 38.54
N ILE G 671 -48.08 -4.95 38.77
CA ILE G 671 -48.81 -4.52 39.96
C ILE G 671 -48.10 -4.96 41.22
N CYS G 672 -47.62 -6.21 41.24
CA CYS G 672 -46.89 -6.70 42.41
C CYS G 672 -45.63 -5.90 42.65
N GLN G 673 -44.89 -5.60 41.59
CA GLN G 673 -43.66 -4.83 41.73
C GLN G 673 -43.95 -3.41 42.20
N ARG G 674 -45.01 -2.80 41.70
CA ARG G 674 -45.38 -1.46 42.15
C ARG G 674 -45.74 -1.48 43.64
N ALA G 675 -46.52 -2.48 44.07
CA ALA G 675 -46.85 -2.58 45.48
C ALA G 675 -45.59 -2.77 46.32
N CYS G 676 -44.69 -3.63 45.88
CA CYS G 676 -43.46 -3.90 46.63
C CYS G 676 -42.61 -2.64 46.74
N LYS G 677 -42.43 -1.92 45.63
CA LYS G 677 -41.60 -0.73 45.66
C LYS G 677 -42.24 0.37 46.49
N LEU G 678 -43.57 0.48 46.47
CA LEU G 678 -44.21 1.50 47.29
C LEU G 678 -44.12 1.16 48.77
N ALA G 679 -44.21 -0.13 49.10
CA ALA G 679 -43.98 -0.54 50.48
C ALA G 679 -42.54 -0.26 50.91
N ILE G 680 -41.59 -0.49 50.01
CA ILE G 680 -40.19 -0.18 50.30
C ILE G 680 -40.02 1.32 50.55
N ARG G 681 -40.66 2.14 49.71
CA ARG G 681 -40.62 3.59 49.91
C ARG G 681 -41.21 3.96 51.26
N GLU G 682 -42.33 3.33 51.63
CA GLU G 682 -42.92 3.60 52.93
C GLU G 682 -41.96 3.24 54.06
N SER G 683 -41.28 2.10 53.94
CA SER G 683 -40.30 1.72 54.94
C SER G 683 -39.16 2.73 55.02
N ILE G 684 -38.67 3.18 53.87
CA ILE G 684 -37.59 4.16 53.84
C ILE G 684 -38.01 5.42 54.56
N GLU G 685 -39.19 5.95 54.22
CA GLU G 685 -39.61 7.21 54.82
C GLU G 685 -39.89 7.05 56.30
N SER G 686 -40.46 5.91 56.71
CA SER G 686 -40.71 5.69 58.14
C SER G 686 -39.40 5.61 58.92
N GLU G 687 -38.42 4.88 58.37
CA GLU G 687 -37.13 4.78 59.06
C GLU G 687 -36.43 6.13 59.11
N ILE G 688 -36.52 6.90 58.02
CA ILE G 688 -35.91 8.23 58.01
C ILE G 688 -36.57 9.13 59.04
N ARG G 689 -37.91 9.09 59.11
CA ARG G 689 -38.63 9.81 60.14
C ARG G 689 -38.13 9.44 61.53
N ARG G 690 -38.07 8.14 61.80
CA ARG G 690 -37.61 7.69 63.11
C ARG G 690 -36.23 8.22 63.42
N GLU G 691 -35.31 8.13 62.46
CA GLU G 691 -33.94 8.49 62.77
C GLU G 691 -33.77 9.99 62.96
N ARG G 692 -34.35 10.82 62.10
CA ARG G 692 -34.09 12.24 62.34
C ARG G 692 -34.90 12.75 63.51
N GLU G 693 -36.00 12.10 63.87
CA GLU G 693 -36.64 12.40 65.15
C GLU G 693 -35.71 12.06 66.31
N ARG G 694 -35.02 10.91 66.21
CA ARG G 694 -34.11 10.51 67.27
C ARG G 694 -32.92 11.45 67.43
N GLN G 695 -32.34 11.91 66.31
CA GLN G 695 -31.19 12.81 66.43
C GLN G 695 -31.61 14.23 66.77
N THR G 696 -32.74 14.71 66.23
CA THR G 696 -33.19 16.06 66.56
C THR G 696 -33.48 16.19 68.04
N ASN G 697 -34.23 15.25 68.59
CA ASN G 697 -34.37 15.17 70.04
C ASN G 697 -33.02 14.77 70.63
N PRO G 698 -32.59 15.38 71.73
CA PRO G 698 -31.27 15.03 72.28
C PRO G 698 -31.20 13.62 72.83
N SER G 699 -31.33 12.64 71.92
CA SER G 699 -31.17 11.22 72.25
C SER G 699 -32.10 10.79 73.39
N ALA G 700 -33.33 11.33 73.38
CA ALA G 700 -34.31 10.91 74.37
C ALA G 700 -34.69 9.45 74.19
N MET G 701 -34.88 9.01 72.94
CA MET G 701 -35.21 7.64 72.64
C MET G 701 -34.21 7.06 71.65
N GLU G 702 -33.94 5.75 71.78
CA GLU G 702 -33.03 5.07 70.88
C GLU G 702 -33.49 3.67 70.49
N VAL G 703 -34.71 3.27 70.84
CA VAL G 703 -35.18 1.93 70.55
C VAL G 703 -35.33 1.74 69.05
N GLU G 704 -35.03 0.53 68.58
CA GLU G 704 -35.11 0.18 67.16
C GLU G 704 -35.94 -1.09 67.02
N GLU G 705 -37.26 -0.93 66.90
CA GLU G 705 -38.15 -2.05 66.65
C GLU G 705 -38.47 -2.13 65.16
N ASP G 706 -38.52 -3.34 64.64
CA ASP G 706 -38.76 -3.54 63.21
C ASP G 706 -40.18 -3.14 62.84
N ASP G 707 -40.28 -2.32 61.79
CA ASP G 707 -41.57 -1.87 61.31
C ASP G 707 -42.32 -3.01 60.62
N PRO G 708 -43.65 -2.91 60.52
CA PRO G 708 -44.45 -4.01 59.95
C PRO G 708 -44.38 -4.07 58.43
N VAL G 709 -43.39 -3.39 57.84
CA VAL G 709 -43.30 -3.34 56.37
C VAL G 709 -43.22 -4.71 55.72
N PRO G 710 -42.43 -5.70 56.21
CA PRO G 710 -42.26 -6.91 55.39
C PRO G 710 -43.49 -7.81 55.43
N GLU G 711 -44.65 -7.20 55.27
CA GLU G 711 -45.92 -7.91 55.19
C GLU G 711 -46.85 -7.02 54.37
N ILE G 712 -47.28 -7.51 53.20
CA ILE G 712 -48.12 -6.69 52.34
C ILE G 712 -49.42 -6.35 53.06
N ARG G 713 -49.74 -5.07 53.12
CA ARG G 713 -50.93 -4.59 53.80
C ARG G 713 -51.98 -4.19 52.78
N ARG G 714 -53.23 -4.18 53.23
CA ARG G 714 -54.35 -3.91 52.32
C ARG G 714 -54.26 -2.51 51.73
N ASP G 715 -53.86 -1.52 52.54
CA ASP G 715 -53.75 -0.16 52.05
C ASP G 715 -52.89 -0.10 50.79
N HIS G 716 -51.82 -0.89 50.76
CA HIS G 716 -51.05 -1.05 49.53
C HIS G 716 -51.94 -1.55 48.40
N PHE G 717 -52.88 -2.44 48.71
CA PHE G 717 -53.75 -2.96 47.66
C PHE G 717 -54.67 -1.89 47.09
N GLU G 718 -55.31 -1.08 47.94
CA GLU G 718 -56.12 0.01 47.38
C GLU G 718 -55.26 0.99 46.60
N GLU G 719 -54.12 1.39 47.16
CA GLU G 719 -53.34 2.41 46.46
C GLU G 719 -52.78 1.86 45.15
N ALA G 720 -52.59 0.55 45.05
CA ALA G 720 -52.19 -0.06 43.79
C ALA G 720 -53.36 -0.10 42.80
N MET G 721 -54.54 -0.49 43.28
CA MET G 721 -55.67 -0.63 42.36
C MET G 721 -56.25 0.71 41.93
N ARG G 722 -55.96 1.79 42.66
CA ARG G 722 -56.36 3.11 42.19
C ARG G 722 -55.65 3.43 40.88
N PHE G 723 -54.38 3.09 40.78
CA PHE G 723 -53.63 3.24 39.54
C PHE G 723 -53.65 1.94 38.74
N ALA G 724 -54.87 1.47 38.49
CA ALA G 724 -55.05 0.22 37.77
C ALA G 724 -54.78 0.42 36.28
N ARG G 725 -54.08 -0.54 35.68
CA ARG G 725 -53.64 -0.45 34.31
C ARG G 725 -54.39 -1.47 33.45
N ARG G 726 -55.10 -0.99 32.45
CA ARG G 726 -55.75 -1.85 31.45
C ARG G 726 -54.83 -1.95 30.24
N SER G 727 -53.76 -2.72 30.41
CA SER G 727 -52.73 -2.80 29.37
C SER G 727 -53.21 -3.59 28.16
N VAL G 728 -53.84 -4.74 28.40
CA VAL G 728 -54.25 -5.59 27.29
C VAL G 728 -55.47 -4.99 26.61
N SER G 729 -55.39 -4.85 25.28
CA SER G 729 -56.47 -4.30 24.48
C SER G 729 -57.27 -5.42 23.83
N ASP G 730 -58.60 -5.34 23.94
CA ASP G 730 -59.47 -6.37 23.39
C ASP G 730 -59.38 -6.45 21.87
N ASN G 731 -58.97 -5.38 21.20
CA ASN G 731 -58.81 -5.43 19.76
C ASN G 731 -57.73 -6.43 19.37
N ASP G 732 -56.62 -6.45 20.11
CA ASP G 732 -55.57 -7.43 19.84
C ASP G 732 -56.08 -8.85 20.06
N ILE G 733 -56.89 -9.07 21.09
CA ILE G 733 -57.45 -10.38 21.34
C ILE G 733 -58.36 -10.81 20.20
N ARG G 734 -59.20 -9.88 19.71
CA ARG G 734 -60.09 -10.23 18.61
C ARG G 734 -59.31 -10.50 17.34
N LYS G 735 -58.22 -9.75 17.12
CA LYS G 735 -57.37 -10.03 15.97
C LYS G 735 -56.74 -11.41 16.09
N TYR G 736 -56.27 -11.77 17.28
CA TYR G 736 -55.69 -13.09 17.49
C TYR G 736 -56.72 -14.18 17.21
N GLU G 737 -57.94 -14.02 17.71
CA GLU G 737 -58.94 -15.06 17.54
C GLU G 737 -59.41 -15.16 16.08
N MET G 738 -59.53 -14.02 15.40
CA MET G 738 -59.96 -14.08 14.00
C MET G 738 -58.86 -14.67 13.12
N PHE G 739 -57.60 -14.40 13.45
CA PHE G 739 -56.52 -15.04 12.70
C PHE G 739 -56.43 -16.53 13.01
N ALA G 740 -56.70 -16.90 14.26
CA ALA G 740 -56.74 -18.32 14.61
C ALA G 740 -57.84 -19.04 13.84
N GLN G 741 -59.01 -18.41 13.73
CA GLN G 741 -60.08 -18.99 12.92
C GLN G 741 -59.73 -18.96 11.43
N THR G 742 -58.91 -17.99 11.01
CA THR G 742 -58.44 -17.96 9.63
C THR G 742 -57.59 -19.19 9.33
N LEU G 743 -56.74 -19.57 10.26
CA LEU G 743 -55.96 -20.80 10.17
C LEU G 743 -56.52 -21.88 11.09
N GLN G 744 -57.84 -21.90 11.26
CA GLN G 744 -58.47 -22.88 12.14
C GLN G 744 -58.30 -24.28 11.56
N GLN G 745 -57.81 -25.20 12.39
CA GLN G 745 -57.67 -26.57 11.93
C GLN G 745 -59.02 -27.20 11.64
N SER G 746 -60.04 -26.86 12.43
CA SER G 746 -61.40 -27.26 12.14
C SER G 746 -61.92 -26.45 10.96
N ARG G 747 -62.20 -27.11 9.85
CA ARG G 747 -62.65 -26.46 8.64
C ARG G 747 -64.01 -25.78 8.84
N ARG H 3 25.81 52.16 -43.23
CA ARG H 3 26.80 51.54 -44.08
C ARG H 3 26.16 50.59 -45.08
N PRO H 4 26.50 50.75 -46.37
CA PRO H 4 25.96 49.88 -47.43
C PRO H 4 26.73 48.57 -47.59
N ASN H 5 27.09 47.95 -46.48
CA ASN H 5 27.77 46.66 -46.50
C ASN H 5 26.93 45.55 -45.88
N ARG H 6 26.56 45.69 -44.61
CA ARG H 6 25.87 44.61 -43.92
C ARG H 6 24.39 44.62 -44.25
N LEU H 7 23.81 43.43 -44.31
CA LEU H 7 22.36 43.28 -44.50
C LEU H 7 21.93 42.00 -43.80
N ILE H 8 21.03 42.13 -42.83
CA ILE H 8 20.58 40.97 -42.08
C ILE H 8 19.80 40.03 -42.99
N VAL H 9 19.86 38.74 -42.68
CA VAL H 9 19.30 37.71 -43.55
C VAL H 9 17.84 37.45 -43.18
N ASP H 10 17.14 36.80 -44.10
CA ASP H 10 15.74 36.46 -43.92
C ASP H 10 15.42 35.31 -44.87
N GLU H 11 14.34 34.60 -44.57
CA GLU H 11 13.92 33.50 -45.44
C GLU H 11 13.57 34.02 -46.82
N ALA H 12 13.83 33.19 -47.83
CA ALA H 12 13.58 33.55 -49.22
C ALA H 12 12.23 33.00 -49.66
N ILE H 13 11.50 33.81 -50.43
CA ILE H 13 10.27 33.35 -51.05
C ILE H 13 10.52 32.72 -52.41
N ASN H 14 11.52 33.21 -53.15
CA ASN H 14 11.89 32.62 -54.42
C ASN H 14 12.45 31.21 -54.22
N GLU H 15 12.07 30.30 -55.13
CA GLU H 15 12.45 28.90 -55.03
C GLU H 15 13.75 28.58 -55.75
N ASP H 16 14.29 29.51 -56.54
CA ASP H 16 15.54 29.26 -57.22
C ASP H 16 16.70 29.27 -56.23
N ASN H 17 17.66 28.37 -56.44
CA ASN H 17 18.74 28.19 -55.48
C ASN H 17 19.75 29.33 -55.55
N SER H 18 20.08 29.79 -56.74
CA SER H 18 21.22 30.68 -56.95
C SER H 18 20.83 32.14 -57.04
N VAL H 19 19.60 32.50 -56.69
CA VAL H 19 19.15 33.89 -56.74
C VAL H 19 18.57 34.25 -55.38
N VAL H 20 18.51 35.56 -55.12
CA VAL H 20 17.93 36.10 -53.90
C VAL H 20 17.06 37.30 -54.26
N SER H 21 16.18 37.66 -53.33
CA SER H 21 15.23 38.74 -53.54
C SER H 21 15.78 40.05 -52.97
N LEU H 22 15.79 41.09 -53.80
CA LEU H 22 16.31 42.40 -53.43
C LEU H 22 15.23 43.45 -53.61
N SER H 23 15.15 44.38 -52.66
CA SER H 23 14.25 45.52 -52.80
C SER H 23 14.88 46.58 -53.70
N GLN H 24 14.01 47.42 -54.28
CA GLN H 24 14.48 48.41 -55.24
C GLN H 24 15.48 49.41 -54.65
N PRO H 25 15.23 50.03 -53.50
CA PRO H 25 16.23 50.98 -52.96
C PRO H 25 17.57 50.33 -52.70
N LYS H 26 17.60 49.07 -52.27
CA LYS H 26 18.88 48.42 -52.03
C LYS H 26 19.64 48.19 -53.32
N MET H 27 18.97 47.75 -54.39
CA MET H 27 19.67 47.60 -55.66
C MET H 27 20.16 48.95 -56.17
N ASP H 28 19.36 50.01 -56.00
CA ASP H 28 19.80 51.33 -56.43
C ASP H 28 21.01 51.80 -55.64
N GLU H 29 21.01 51.57 -54.33
CA GLU H 29 22.10 52.04 -53.47
C GLU H 29 23.37 51.24 -53.73
N LEU H 30 23.26 49.92 -53.89
CA LEU H 30 24.40 49.07 -54.18
C LEU H 30 24.77 49.05 -55.64
N GLN H 31 23.90 49.55 -56.53
CA GLN H 31 24.12 49.56 -57.97
C GLN H 31 24.29 48.15 -58.52
N LEU H 32 23.24 47.34 -58.30
CA LEU H 32 23.15 46.00 -58.85
C LEU H 32 21.85 45.86 -59.63
N PHE H 33 21.88 45.02 -60.66
CA PHE H 33 20.70 44.79 -61.49
C PHE H 33 20.43 43.30 -61.66
N ARG H 34 19.45 42.96 -62.49
CA ARG H 34 19.04 41.57 -62.64
C ARG H 34 20.15 40.76 -63.31
N GLY H 35 20.42 39.57 -62.75
CA GLY H 35 21.42 38.69 -63.30
C GLY H 35 22.84 38.99 -62.91
N ASP H 36 23.07 40.06 -62.16
CA ASP H 36 24.43 40.40 -61.73
C ASP H 36 24.83 39.53 -60.54
N THR H 37 26.07 39.04 -60.60
CA THR H 37 26.59 38.20 -59.53
C THR H 37 27.09 39.05 -58.38
N VAL H 38 26.81 38.59 -57.16
CA VAL H 38 27.24 39.25 -55.94
C VAL H 38 27.93 38.25 -55.04
N LEU H 39 28.99 38.71 -54.39
CA LEU H 39 29.80 37.87 -53.50
C LEU H 39 29.37 38.11 -52.07
N LEU H 40 28.51 37.24 -51.55
CA LEU H 40 28.11 37.28 -50.15
C LEU H 40 29.25 36.69 -49.33
N LYS H 41 29.79 37.49 -48.44
CA LYS H 41 30.84 37.05 -47.52
C LYS H 41 30.24 36.87 -46.14
N GLY H 42 30.36 35.66 -45.60
CA GLY H 42 29.79 35.37 -44.30
C GLY H 42 30.82 35.00 -43.26
N LYS H 43 30.54 33.97 -42.48
CA LYS H 43 31.44 33.52 -41.43
C LYS H 43 32.36 32.43 -41.97
N LYS H 44 33.37 32.08 -41.16
CA LYS H 44 34.28 30.97 -41.45
C LYS H 44 34.99 31.16 -42.79
N ARG H 45 35.24 32.42 -43.17
CA ARG H 45 35.87 32.75 -44.44
C ARG H 45 35.12 32.11 -45.61
N ARG H 46 33.80 32.19 -45.57
CA ARG H 46 32.96 31.60 -46.60
C ARG H 46 32.48 32.69 -47.56
N GLU H 47 32.71 32.46 -48.85
CA GLU H 47 32.31 33.39 -49.90
C GLU H 47 31.41 32.65 -50.88
N ALA H 48 30.27 33.24 -51.20
CA ALA H 48 29.31 32.61 -52.10
C ALA H 48 28.94 33.58 -53.20
N VAL H 49 28.70 33.04 -54.39
CA VAL H 49 28.29 33.80 -55.55
C VAL H 49 26.79 33.60 -55.76
N CYS H 50 26.05 34.70 -55.83
CA CYS H 50 24.60 34.64 -55.96
C CYS H 50 24.16 35.63 -57.02
N ILE H 51 22.87 35.58 -57.35
CA ILE H 51 22.30 36.37 -58.44
C ILE H 51 21.26 37.33 -57.85
N VAL H 52 21.29 38.57 -58.32
CA VAL H 52 20.35 39.59 -57.84
C VAL H 52 19.04 39.48 -58.61
N LEU H 53 17.93 39.54 -57.88
CA LEU H 53 16.60 39.57 -58.47
C LEU H 53 15.82 40.71 -57.86
N SER H 54 14.86 41.23 -58.62
CA SER H 54 14.06 42.39 -58.22
C SER H 54 12.82 41.91 -57.47
N ASP H 55 12.70 42.30 -56.21
CA ASP H 55 11.54 41.95 -55.41
C ASP H 55 11.40 42.98 -54.29
N ASP H 56 10.48 43.93 -54.47
CA ASP H 56 10.24 44.95 -53.46
C ASP H 56 9.48 44.41 -52.26
N THR H 57 9.01 43.16 -52.32
CA THR H 57 8.29 42.59 -51.18
C THR H 57 9.18 42.55 -49.93
N CYS H 58 10.44 42.17 -50.10
CA CYS H 58 11.38 42.18 -48.99
C CYS H 58 11.69 43.61 -48.57
N SER H 59 11.83 43.81 -47.26
CA SER H 59 12.24 45.12 -46.77
C SER H 59 13.70 45.37 -47.08
N ASP H 60 14.10 46.65 -46.99
CA ASP H 60 15.47 47.02 -47.35
C ASP H 60 16.49 46.34 -46.44
N GLU H 61 16.22 46.32 -45.13
CA GLU H 61 17.21 45.80 -44.19
C GLU H 61 17.35 44.29 -44.24
N LYS H 62 16.39 43.58 -44.82
CA LYS H 62 16.38 42.13 -44.84
C LYS H 62 16.65 41.63 -46.25
N ILE H 63 17.57 40.68 -46.38
CA ILE H 63 17.87 40.02 -47.65
C ILE H 63 17.26 38.62 -47.61
N ARG H 64 16.35 38.36 -48.56
CA ARG H 64 15.72 37.05 -48.62
C ARG H 64 16.74 36.02 -49.09
N MET H 65 16.79 34.88 -48.41
CA MET H 65 17.86 33.92 -48.63
C MET H 65 17.42 32.58 -48.05
N ASN H 66 17.38 31.54 -48.89
CA ASN H 66 16.76 30.28 -48.54
C ASN H 66 17.77 29.32 -47.91
N ARG H 67 17.36 28.07 -47.71
CA ARG H 67 18.15 27.13 -46.94
C ARG H 67 19.47 26.80 -47.62
N VAL H 68 19.45 26.60 -48.94
CA VAL H 68 20.66 26.18 -49.63
C VAL H 68 21.73 27.27 -49.55
N VAL H 69 21.35 28.53 -49.74
CA VAL H 69 22.32 29.61 -49.64
C VAL H 69 22.79 29.76 -48.20
N ARG H 70 21.90 29.54 -47.23
CA ARG H 70 22.32 29.57 -45.83
C ARG H 70 23.37 28.51 -45.55
N ASN H 71 23.17 27.30 -46.08
CA ASN H 71 24.15 26.24 -45.91
C ASN H 71 25.47 26.61 -46.57
N ASN H 72 25.41 27.17 -47.78
CA ASN H 72 26.63 27.55 -48.48
C ASN H 72 27.40 28.62 -47.71
N LEU H 73 26.69 29.61 -47.18
CA LEU H 73 27.31 30.67 -46.40
C LEU H 73 27.69 30.22 -45.00
N ARG H 74 27.20 29.06 -44.56
CA ARG H 74 27.51 28.50 -43.24
C ARG H 74 27.09 29.47 -42.13
N VAL H 75 25.84 29.91 -42.21
CA VAL H 75 25.29 30.90 -41.29
C VAL H 75 23.90 30.45 -40.85
N ARG H 76 23.24 31.28 -40.06
CA ARG H 76 21.89 31.04 -39.58
C ARG H 76 21.03 32.27 -39.85
N LEU H 77 19.79 32.22 -39.38
CA LEU H 77 18.89 33.35 -39.55
C LEU H 77 19.25 34.48 -38.60
N GLY H 78 19.02 35.71 -39.05
CA GLY H 78 19.35 36.88 -38.27
C GLY H 78 20.81 37.24 -38.24
N ASP H 79 21.64 36.56 -39.01
CA ASP H 79 23.07 36.83 -39.01
C ASP H 79 23.38 38.07 -39.84
N VAL H 80 24.65 38.48 -39.80
CA VAL H 80 25.11 39.67 -40.51
C VAL H 80 26.03 39.21 -41.63
N ILE H 81 25.76 39.70 -42.84
CA ILE H 81 26.55 39.38 -44.02
C ILE H 81 26.72 40.65 -44.84
N SER H 82 27.94 40.88 -45.31
CA SER H 82 28.23 42.03 -46.16
C SER H 82 27.94 41.69 -47.61
N ILE H 83 27.15 42.55 -48.26
CA ILE H 83 26.79 42.39 -49.66
C ILE H 83 27.38 43.57 -50.45
N GLN H 84 28.18 43.25 -51.46
CA GLN H 84 28.86 44.23 -52.27
C GLN H 84 28.77 43.82 -53.73
N PRO H 85 28.86 44.78 -54.66
CA PRO H 85 28.90 44.41 -56.08
C PRO H 85 30.12 43.57 -56.40
N CYS H 86 29.92 42.58 -57.27
CA CYS H 86 31.01 41.71 -57.71
C CYS H 86 30.63 40.99 -59.00
N PRO H 87 30.51 41.70 -60.12
CA PRO H 87 30.09 41.07 -61.38
C PRO H 87 31.22 40.51 -62.23
N ASP H 88 32.42 40.32 -61.68
CA ASP H 88 33.58 39.90 -62.46
C ASP H 88 33.75 38.38 -62.52
N VAL H 89 32.67 37.62 -62.41
CA VAL H 89 32.76 36.17 -62.55
C VAL H 89 33.12 35.84 -63.99
N LYS H 90 33.83 34.73 -64.18
CA LYS H 90 34.33 34.34 -65.48
C LYS H 90 33.77 32.98 -65.87
N TYR H 91 33.51 32.81 -67.18
CA TYR H 91 33.03 31.55 -67.71
C TYR H 91 34.00 30.42 -67.36
N GLY H 92 33.45 29.28 -66.93
CA GLY H 92 34.26 28.16 -66.54
C GLY H 92 34.56 27.21 -67.68
N LYS H 93 35.53 26.33 -67.45
CA LYS H 93 35.91 25.30 -68.41
C LYS H 93 35.61 23.90 -67.90
N ARG H 94 36.13 23.54 -66.73
CA ARG H 94 35.92 22.22 -66.15
C ARG H 94 35.48 22.37 -64.70
N ILE H 95 34.67 21.42 -64.26
CA ILE H 95 34.31 21.31 -62.84
C ILE H 95 34.34 19.83 -62.45
N HIS H 96 35.13 19.52 -61.45
CA HIS H 96 35.14 18.19 -60.85
C HIS H 96 34.30 18.23 -59.58
N VAL H 97 33.23 17.45 -59.56
CA VAL H 97 32.20 17.53 -58.55
C VAL H 97 31.94 16.13 -57.99
N LEU H 98 31.76 16.05 -56.68
CA LEU H 98 31.46 14.79 -56.03
C LEU H 98 30.20 14.93 -55.20
N PRO H 99 29.21 14.07 -55.41
CA PRO H 99 27.96 14.18 -54.64
C PRO H 99 28.15 13.69 -53.21
N ILE H 100 27.06 13.76 -52.44
CA ILE H 100 27.05 13.18 -51.10
C ILE H 100 27.20 11.68 -51.21
N ASP H 101 27.88 11.09 -50.22
CA ASP H 101 28.01 9.63 -50.20
C ASP H 101 26.70 8.95 -49.87
N ASP H 102 25.74 9.66 -49.28
CA ASP H 102 24.47 9.08 -48.88
C ASP H 102 23.44 9.16 -50.00
N THR H 103 23.84 8.72 -51.19
CA THR H 103 22.93 8.67 -52.33
C THR H 103 23.06 7.41 -53.17
N VAL H 104 24.06 6.58 -52.94
CA VAL H 104 24.29 5.39 -53.76
C VAL H 104 23.64 4.19 -53.08
N GLU H 105 22.69 4.47 -52.18
CA GLU H 105 22.04 3.43 -51.39
C GLU H 105 21.12 2.64 -52.31
N GLY H 106 21.70 1.65 -52.98
CA GLY H 106 20.96 0.82 -53.92
C GLY H 106 20.50 1.54 -55.16
N ILE H 107 21.33 2.41 -55.73
CA ILE H 107 20.98 3.11 -56.96
C ILE H 107 22.03 2.80 -58.02
N THR H 108 23.28 3.19 -57.76
CA THR H 108 24.40 2.95 -58.67
C THR H 108 24.10 3.48 -60.07
N GLY H 109 23.48 4.66 -60.13
CA GLY H 109 23.18 5.31 -61.38
C GLY H 109 24.16 6.41 -61.72
N ASN H 110 23.90 7.08 -62.83
CA ASN H 110 24.70 8.21 -63.29
C ASN H 110 23.91 9.50 -63.04
N LEU H 111 24.42 10.32 -62.12
CA LEU H 111 23.75 11.57 -61.77
C LEU H 111 23.81 12.58 -62.90
N PHE H 112 24.67 12.36 -63.90
CA PHE H 112 24.85 13.33 -64.96
C PHE H 112 23.57 13.54 -65.75
N GLU H 113 22.88 12.45 -66.10
CA GLU H 113 21.69 12.57 -66.92
C GLU H 113 20.43 12.69 -66.06
N VAL H 114 20.35 11.88 -65.00
CA VAL H 114 19.14 11.84 -64.18
C VAL H 114 18.97 13.16 -63.43
N TYR H 115 20.07 13.77 -62.99
CA TYR H 115 20.00 14.94 -62.13
C TYR H 115 20.62 16.17 -62.75
N LEU H 116 21.85 16.07 -63.26
CA LEU H 116 22.54 17.26 -63.74
C LEU H 116 21.85 17.86 -64.95
N LYS H 117 21.43 17.04 -65.91
CA LYS H 117 20.72 17.56 -67.08
C LYS H 117 19.43 18.26 -66.71
N PRO H 118 18.52 17.68 -65.92
CA PRO H 118 17.30 18.43 -65.56
C PRO H 118 17.58 19.69 -64.77
N TYR H 119 18.62 19.70 -63.93
CA TYR H 119 18.84 20.83 -63.04
C TYR H 119 19.54 21.99 -63.73
N PHE H 120 20.46 21.69 -64.66
CA PHE H 120 21.31 22.71 -65.25
C PHE H 120 21.02 22.94 -66.73
N LEU H 121 19.84 22.55 -67.20
CA LEU H 121 19.48 22.85 -68.59
C LEU H 121 19.24 24.35 -68.72
N GLU H 122 20.15 25.04 -69.39
CA GLU H 122 20.07 26.48 -69.60
C GLU H 122 19.89 27.22 -68.29
N ALA H 123 20.67 26.82 -67.27
CA ALA H 123 20.53 27.39 -65.94
C ALA H 123 21.40 28.63 -65.73
N TYR H 124 22.64 28.58 -66.20
CA TYR H 124 23.59 29.68 -66.02
C TYR H 124 23.79 30.00 -64.53
N ARG H 125 23.79 28.97 -63.70
CA ARG H 125 24.07 29.16 -62.29
C ARG H 125 25.55 29.49 -62.08
N PRO H 126 25.86 30.34 -61.11
CA PRO H 126 27.26 30.57 -60.75
C PRO H 126 27.77 29.55 -59.76
N ILE H 127 29.03 29.17 -59.93
CA ILE H 127 29.63 28.09 -59.16
C ILE H 127 30.94 28.57 -58.55
N ARG H 128 31.17 28.20 -57.29
CA ARG H 128 32.40 28.50 -56.59
C ARG H 128 32.89 27.24 -55.89
N LYS H 129 34.21 27.17 -55.68
CA LYS H 129 34.81 25.97 -55.10
C LYS H 129 34.25 25.66 -53.72
N GLY H 130 33.95 24.39 -53.50
CA GLY H 130 33.47 23.93 -52.22
C GLY H 130 32.01 24.18 -51.94
N ASP H 131 31.27 24.72 -52.90
CA ASP H 131 29.87 25.03 -52.66
C ASP H 131 29.04 23.76 -52.57
N ILE H 132 27.90 23.87 -51.88
CA ILE H 132 27.01 22.75 -51.61
C ILE H 132 25.65 23.09 -52.20
N PHE H 133 25.09 22.17 -53.00
CA PHE H 133 23.75 22.40 -53.51
C PHE H 133 23.00 21.08 -53.60
N LEU H 134 21.73 21.17 -53.98
CA LEU H 134 20.82 20.03 -53.95
C LEU H 134 20.04 19.94 -55.26
N VAL H 135 19.76 18.71 -55.69
CA VAL H 135 18.90 18.45 -56.83
C VAL H 135 17.87 17.40 -56.42
N ARG H 136 16.60 17.73 -56.56
CA ARG H 136 15.53 16.78 -56.26
C ARG H 136 15.34 15.82 -57.42
N GLY H 137 15.19 14.54 -57.09
CA GLY H 137 14.99 13.53 -58.11
C GLY H 137 13.68 12.79 -57.96
N GLY H 138 13.65 11.52 -58.36
CA GLY H 138 12.43 10.74 -58.22
C GLY H 138 12.00 10.59 -56.77
N MET H 139 12.94 10.27 -55.89
CA MET H 139 12.66 10.21 -54.46
C MET H 139 13.71 10.89 -53.59
N ARG H 140 14.94 11.04 -54.05
CA ARG H 140 16.04 11.52 -53.23
C ARG H 140 16.41 12.94 -53.62
N ALA H 141 16.50 13.82 -52.62
CA ALA H 141 17.03 15.17 -52.81
C ALA H 141 18.54 15.08 -52.68
N VAL H 142 19.18 14.69 -53.78
CA VAL H 142 20.60 14.34 -53.74
C VAL H 142 21.45 15.61 -53.64
N GLU H 143 22.39 15.61 -52.71
CA GLU H 143 23.30 16.73 -52.54
C GLU H 143 24.52 16.58 -53.43
N PHE H 144 25.18 17.70 -53.70
CA PHE H 144 26.34 17.74 -54.57
C PHE H 144 27.30 18.82 -54.10
N LYS H 145 28.58 18.47 -54.08
CA LYS H 145 29.65 19.40 -53.74
C LYS H 145 30.66 19.45 -54.87
N VAL H 146 30.89 20.64 -55.42
CA VAL H 146 31.94 20.85 -56.40
C VAL H 146 33.25 21.03 -55.66
N VAL H 147 34.24 20.22 -55.99
CA VAL H 147 35.55 20.29 -55.33
C VAL H 147 36.64 20.88 -56.21
N GLU H 148 36.40 21.02 -57.51
CA GLU H 148 37.38 21.65 -58.39
C GLU H 148 36.66 22.43 -59.48
N THR H 149 37.17 23.62 -59.80
CA THR H 149 36.63 24.40 -60.89
C THR H 149 37.78 25.06 -61.65
N ASP H 150 37.49 25.41 -62.90
CA ASP H 150 38.46 26.09 -63.75
C ASP H 150 37.72 27.10 -64.63
N PRO H 151 37.96 28.41 -64.46
CA PRO H 151 38.90 29.00 -63.49
C PRO H 151 38.39 28.99 -62.05
N SER H 152 39.33 29.07 -61.10
CA SER H 152 39.14 29.09 -59.66
C SER H 152 38.99 30.52 -59.16
N PRO H 153 37.97 30.80 -58.33
CA PRO H 153 36.93 29.82 -58.00
C PRO H 153 35.64 30.04 -58.77
N TYR H 154 35.61 31.09 -59.59
CA TYR H 154 34.38 31.57 -60.20
C TYR H 154 34.14 30.88 -61.55
N CYS H 155 32.95 30.36 -61.73
CA CYS H 155 32.53 29.80 -63.01
C CYS H 155 31.01 29.74 -63.02
N ILE H 156 30.44 29.81 -64.23
CA ILE H 156 29.00 29.87 -64.43
C ILE H 156 28.59 28.73 -65.34
N VAL H 157 27.38 28.21 -65.12
CA VAL H 157 26.85 27.16 -65.99
C VAL H 157 26.79 27.69 -67.41
N ALA H 158 27.41 26.95 -68.34
CA ALA H 158 27.57 27.43 -69.70
C ALA H 158 27.87 26.23 -70.59
N PRO H 159 27.68 26.35 -71.91
CA PRO H 159 28.00 25.23 -72.80
C PRO H 159 29.44 24.76 -72.71
N ASP H 160 30.39 25.64 -72.41
CA ASP H 160 31.79 25.26 -72.37
C ASP H 160 32.17 24.67 -71.02
N THR H 161 31.40 23.71 -70.54
CA THR H 161 31.62 23.08 -69.24
C THR H 161 31.75 21.57 -69.41
N VAL H 162 32.79 21.02 -68.80
CA VAL H 162 33.00 19.58 -68.75
C VAL H 162 33.08 19.17 -67.28
N ILE H 163 32.32 18.14 -66.91
CA ILE H 163 32.23 17.73 -65.52
C ILE H 163 33.02 16.45 -65.32
N HIS H 164 33.65 16.35 -64.16
CA HIS H 164 34.27 15.13 -63.67
C HIS H 164 33.45 14.70 -62.45
N CYS H 165 32.47 13.83 -62.70
CA CYS H 165 31.59 13.31 -61.67
C CYS H 165 31.92 11.87 -61.32
N GLU H 166 33.19 11.48 -61.45
CA GLU H 166 33.61 10.11 -61.30
C GLU H 166 34.44 9.97 -60.03
N GLY H 167 34.15 8.96 -59.25
CA GLY H 167 34.81 8.73 -57.98
C GLY H 167 33.78 8.43 -56.90
N GLU H 168 34.25 7.84 -55.82
CA GLU H 168 33.37 7.54 -54.70
C GLU H 168 32.85 8.84 -54.11
N PRO H 169 31.54 9.02 -54.00
CA PRO H 169 31.00 10.29 -53.48
C PRO H 169 31.50 10.55 -52.07
N ILE H 170 31.82 11.80 -51.80
CA ILE H 170 32.39 12.19 -50.51
C ILE H 170 31.29 12.19 -49.46
N LYS H 171 31.72 12.06 -48.20
CA LYS H 171 30.78 12.15 -47.09
C LYS H 171 30.34 13.60 -46.90
N ARG H 172 29.30 13.78 -46.10
CA ARG H 172 28.81 15.11 -45.78
C ARG H 172 29.86 15.88 -44.98
N GLU H 173 29.85 17.20 -45.14
CA GLU H 173 30.94 18.06 -44.66
C GLU H 173 30.75 18.39 -43.19
N ASP H 174 31.11 17.44 -42.32
CA ASP H 174 31.13 17.64 -40.87
C ASP H 174 29.83 18.24 -40.34
N GLU H 175 29.85 19.55 -40.10
CA GLU H 175 28.69 20.23 -39.51
C GLU H 175 27.46 20.07 -40.37
N GLU H 176 27.64 19.83 -41.68
CA GLU H 176 26.50 19.70 -42.58
C GLU H 176 25.79 18.36 -42.43
N GLU H 177 26.32 17.45 -41.62
CA GLU H 177 25.68 16.14 -41.43
C GLU H 177 24.23 16.29 -40.99
N SER H 178 23.97 17.20 -40.05
CA SER H 178 22.61 17.46 -39.61
C SER H 178 21.85 18.36 -40.56
N LEU H 179 22.53 18.95 -41.54
CA LEU H 179 21.91 19.87 -42.50
C LEU H 179 21.28 19.13 -43.67
N ASN H 180 21.04 17.83 -43.50
CA ASN H 180 20.34 17.04 -44.51
C ASN H 180 18.85 17.33 -44.54
N GLU H 181 18.23 17.45 -43.37
CA GLU H 181 16.80 17.73 -43.26
C GLU H 181 16.58 18.57 -42.00
N VAL H 182 15.33 18.62 -41.55
CA VAL H 182 14.93 19.26 -40.30
C VAL H 182 15.03 20.78 -40.44
N GLY H 183 13.87 21.44 -40.52
CA GLY H 183 13.82 22.88 -40.64
C GLY H 183 12.40 23.37 -40.42
N TYR H 184 12.27 24.70 -40.39
CA TYR H 184 10.96 25.30 -40.15
C TYR H 184 9.97 24.96 -41.24
N ASP H 185 10.44 24.77 -42.46
CA ASP H 185 9.56 24.44 -43.57
C ASP H 185 8.92 23.08 -43.42
N ASP H 186 9.40 22.26 -42.50
CA ASP H 186 8.97 20.88 -42.36
C ASP H 186 7.74 20.72 -41.48
N ILE H 187 7.06 21.82 -41.16
CA ILE H 187 5.93 21.80 -40.25
C ILE H 187 4.73 22.44 -40.92
N GLY H 188 3.55 21.86 -40.72
CA GLY H 188 2.34 22.36 -41.31
C GLY H 188 1.25 22.55 -40.28
N GLY H 189 0.45 23.60 -40.49
CA GLY H 189 -0.71 23.86 -39.64
C GLY H 189 -0.38 24.20 -38.21
N CYS H 190 0.73 24.89 -37.96
CA CYS H 190 1.11 25.28 -36.61
C CYS H 190 1.65 26.70 -36.59
N ARG H 191 1.00 27.61 -37.31
CA ARG H 191 1.52 28.97 -37.44
C ARG H 191 1.60 29.66 -36.09
N LYS H 192 0.50 29.65 -35.34
CA LYS H 192 0.46 30.41 -34.09
C LYS H 192 1.41 29.82 -33.05
N GLN H 193 1.40 28.50 -32.90
CA GLN H 193 2.25 27.86 -31.90
C GLN H 193 3.72 28.10 -32.23
N LEU H 194 4.10 27.91 -33.50
CA LEU H 194 5.48 28.16 -33.89
C LEU H 194 5.85 29.61 -33.69
N ALA H 195 4.93 30.53 -34.00
CA ALA H 195 5.21 31.95 -33.79
C ALA H 195 5.48 32.24 -32.33
N GLN H 196 4.65 31.70 -31.44
CA GLN H 196 4.86 31.92 -30.01
C GLN H 196 6.20 31.36 -29.56
N ILE H 197 6.50 30.13 -30.00
CA ILE H 197 7.73 29.48 -29.56
C ILE H 197 8.94 30.28 -30.04
N LYS H 198 8.94 30.69 -31.29
CA LYS H 198 10.03 31.50 -31.80
C LYS H 198 10.15 32.79 -31.02
N GLU H 199 9.02 33.46 -30.78
CA GLU H 199 9.04 34.74 -30.09
C GLU H 199 9.67 34.62 -28.71
N MET H 200 9.32 33.57 -27.98
CA MET H 200 9.79 33.46 -26.60
C MET H 200 11.00 32.54 -26.45
N VAL H 201 11.61 32.11 -27.55
CA VAL H 201 12.85 31.32 -27.42
C VAL H 201 14.02 32.01 -28.11
N GLU H 202 13.76 32.78 -29.17
CA GLU H 202 14.85 33.27 -30.00
C GLU H 202 15.76 34.22 -29.23
N LEU H 203 15.18 35.19 -28.54
CA LEU H 203 15.99 36.19 -27.85
C LEU H 203 16.91 35.58 -26.79
N PRO H 204 16.45 34.71 -25.88
CA PRO H 204 17.40 34.10 -24.93
C PRO H 204 18.49 33.30 -25.60
N LEU H 205 18.18 32.61 -26.70
CA LEU H 205 19.18 31.74 -27.31
C LEU H 205 20.14 32.51 -28.21
N ARG H 206 19.61 33.45 -29.02
CA ARG H 206 20.48 34.17 -29.93
C ARG H 206 21.46 35.06 -29.18
N HIS H 207 21.02 35.69 -28.10
CA HIS H 207 21.85 36.62 -27.33
C HIS H 207 21.79 36.22 -25.86
N PRO H 208 22.44 35.12 -25.49
CA PRO H 208 22.38 34.67 -24.10
C PRO H 208 23.15 35.60 -23.18
N ALA H 209 24.36 35.98 -23.57
CA ALA H 209 25.17 36.86 -22.74
C ALA H 209 24.50 38.21 -22.57
N LEU H 210 23.94 38.76 -23.66
CA LEU H 210 23.25 40.04 -23.57
C LEU H 210 22.07 39.95 -22.62
N PHE H 211 21.26 38.90 -22.75
CA PHE H 211 20.09 38.73 -21.91
C PHE H 211 20.48 38.60 -20.44
N LYS H 212 21.53 37.83 -20.17
CA LYS H 212 21.98 37.68 -18.79
C LYS H 212 22.52 39.00 -18.24
N ALA H 213 23.23 39.76 -19.07
CA ALA H 213 23.72 41.07 -18.65
C ALA H 213 22.58 42.03 -18.34
N ILE H 214 21.47 41.90 -19.07
CA ILE H 214 20.29 42.71 -18.75
C ILE H 214 19.82 42.40 -17.34
N GLY H 215 19.67 41.12 -17.02
CA GLY H 215 19.20 40.74 -15.70
C GLY H 215 17.73 40.44 -15.64
N VAL H 216 17.20 39.81 -16.67
CA VAL H 216 15.81 39.37 -16.72
C VAL H 216 15.79 37.85 -16.73
N LYS H 217 14.95 37.27 -15.88
CA LYS H 217 14.88 35.81 -15.80
C LYS H 217 14.37 35.24 -17.12
N PRO H 218 14.99 34.17 -17.62
CA PRO H 218 14.46 33.51 -18.81
C PRO H 218 13.43 32.47 -18.44
N PRO H 219 12.38 32.30 -19.24
CA PRO H 219 11.44 31.21 -18.99
C PRO H 219 12.15 29.87 -19.10
N ARG H 220 11.77 28.94 -18.22
CA ARG H 220 12.41 27.64 -18.14
C ARG H 220 11.46 26.47 -18.26
N GLY H 221 10.14 26.70 -18.21
CA GLY H 221 9.22 25.59 -18.27
C GLY H 221 8.26 25.65 -19.43
N ILE H 222 8.47 24.76 -20.40
CA ILE H 222 7.64 24.68 -21.59
C ILE H 222 7.16 23.25 -21.75
N LEU H 223 5.83 23.09 -21.76
CA LEU H 223 5.19 21.79 -21.90
C LEU H 223 4.33 21.82 -23.15
N LEU H 224 4.26 20.70 -23.85
CA LEU H 224 3.42 20.57 -25.02
C LEU H 224 2.60 19.30 -24.90
N TYR H 225 1.30 19.41 -25.15
CA TYR H 225 0.41 18.27 -24.99
C TYR H 225 -0.48 18.16 -26.21
N GLY H 226 -0.71 16.92 -26.65
CA GLY H 226 -1.53 16.65 -27.80
C GLY H 226 -1.50 15.18 -28.14
N PRO H 227 -2.20 14.80 -29.21
CA PRO H 227 -2.21 13.40 -29.60
C PRO H 227 -0.83 12.94 -30.04
N PRO H 228 -0.51 11.67 -29.87
CA PRO H 228 0.81 11.18 -30.31
C PRO H 228 0.94 11.23 -31.81
N GLY H 229 2.18 11.40 -32.27
CA GLY H 229 2.46 11.48 -33.68
C GLY H 229 2.23 12.83 -34.31
N THR H 230 1.93 13.86 -33.52
CA THR H 230 1.68 15.19 -34.04
C THR H 230 2.95 15.96 -34.35
N GLY H 231 4.11 15.32 -34.28
CA GLY H 231 5.35 15.99 -34.65
C GLY H 231 5.95 16.85 -33.56
N LYS H 232 5.59 16.60 -32.30
CA LYS H 232 6.15 17.40 -31.21
C LYS H 232 7.66 17.27 -31.15
N THR H 233 8.16 16.04 -31.21
CA THR H 233 9.61 15.84 -31.29
C THR H 233 10.19 16.50 -32.53
N LEU H 234 9.47 16.41 -33.65
CA LEU H 234 9.91 17.09 -34.86
C LEU H 234 9.99 18.59 -34.64
N ILE H 235 9.00 19.16 -33.95
CA ILE H 235 9.00 20.59 -33.69
C ILE H 235 10.20 20.98 -32.85
N ALA H 236 10.44 20.24 -31.77
CA ALA H 236 11.57 20.55 -30.90
C ALA H 236 12.89 20.45 -31.64
N ARG H 237 13.04 19.38 -32.43
CA ARG H 237 14.27 19.19 -33.19
C ARG H 237 14.47 20.31 -34.19
N ALA H 238 13.40 20.71 -34.88
CA ALA H 238 13.53 21.79 -35.86
C ALA H 238 13.91 23.09 -35.20
N VAL H 239 13.30 23.41 -34.06
CA VAL H 239 13.61 24.66 -33.38
C VAL H 239 15.07 24.66 -32.92
N ALA H 240 15.50 23.55 -32.31
CA ALA H 240 16.87 23.48 -31.83
C ALA H 240 17.86 23.57 -32.97
N ASN H 241 17.56 22.90 -34.09
CA ASN H 241 18.46 22.95 -35.24
C ASN H 241 18.53 24.35 -35.82
N GLU H 242 17.39 25.03 -35.90
CA GLU H 242 17.39 26.37 -36.48
C GLU H 242 18.13 27.37 -35.60
N THR H 243 17.80 27.40 -34.31
CA THR H 243 18.42 28.39 -33.43
C THR H 243 19.91 28.14 -33.26
N GLY H 244 20.31 26.89 -33.09
CA GLY H 244 21.71 26.58 -32.85
C GLY H 244 21.98 26.32 -31.38
N ALA H 245 22.08 25.05 -31.01
CA ALA H 245 22.22 24.67 -29.61
C ALA H 245 22.82 23.26 -29.57
N PHE H 246 22.68 22.60 -28.43
CA PHE H 246 23.17 21.24 -28.26
C PHE H 246 22.01 20.34 -27.87
N PHE H 247 20.95 20.36 -28.66
CA PHE H 247 19.79 19.49 -28.47
C PHE H 247 20.22 18.09 -28.07
N PHE H 248 19.73 17.65 -26.92
CA PHE H 248 20.13 16.37 -26.33
C PHE H 248 18.87 15.61 -25.97
N LEU H 249 18.44 14.72 -26.87
CA LEU H 249 17.23 13.96 -26.65
C LEU H 249 17.40 13.03 -25.45
N ILE H 250 16.34 12.89 -24.67
CA ILE H 250 16.27 11.90 -23.61
C ILE H 250 14.96 11.14 -23.79
N ASN H 251 15.06 9.85 -24.06
CA ASN H 251 13.87 9.02 -24.24
C ASN H 251 13.26 8.67 -22.89
N GLY H 252 11.97 8.34 -22.91
CA GLY H 252 11.25 8.03 -21.70
C GLY H 252 11.42 6.62 -21.18
N PRO H 253 10.93 5.63 -21.94
CA PRO H 253 10.79 4.27 -21.36
C PRO H 253 12.10 3.67 -20.88
N GLU H 254 13.19 3.89 -21.62
CA GLU H 254 14.45 3.25 -21.25
C GLU H 254 14.94 3.75 -19.90
N ILE H 255 14.57 4.98 -19.53
CA ILE H 255 15.11 5.59 -18.33
C ILE H 255 14.74 4.77 -17.10
N MET H 256 13.49 4.33 -17.02
CA MET H 256 13.07 3.53 -15.88
C MET H 256 13.82 2.21 -15.82
N SER H 257 13.81 1.46 -16.92
CA SER H 257 14.33 0.10 -16.94
C SER H 257 15.76 0.06 -17.49
N LYS H 258 16.66 0.85 -16.90
CA LYS H 258 18.09 0.65 -17.18
C LYS H 258 18.68 -0.40 -16.23
N LEU H 259 18.74 -0.08 -14.94
CA LEU H 259 19.24 -1.03 -13.94
C LEU H 259 18.77 -0.56 -12.57
N ALA H 260 17.72 -1.20 -12.05
CA ALA H 260 17.24 -0.96 -10.70
C ALA H 260 17.11 0.53 -10.39
N GLY H 261 18.05 1.07 -9.61
CA GLY H 261 18.01 2.46 -9.23
C GLY H 261 19.24 3.24 -9.63
N GLU H 262 19.78 2.94 -10.81
CA GLU H 262 20.91 3.67 -11.34
C GLU H 262 20.50 4.78 -12.29
N SER H 263 19.21 4.94 -12.55
CA SER H 263 18.75 5.86 -13.57
C SER H 263 19.16 7.30 -13.26
N GLU H 264 19.04 7.71 -12.01
CA GLU H 264 19.37 9.08 -11.63
C GLU H 264 20.82 9.41 -11.91
N SER H 265 21.70 8.41 -11.85
CA SER H 265 23.10 8.64 -12.21
C SER H 265 23.21 9.12 -13.65
N ASN H 266 22.58 8.40 -14.58
CA ASN H 266 22.60 8.80 -15.98
C ASN H 266 21.90 10.14 -16.16
N LEU H 267 20.81 10.35 -15.43
CA LEU H 267 20.07 11.60 -15.56
C LEU H 267 20.93 12.79 -15.19
N ARG H 268 21.57 12.73 -14.02
CA ARG H 268 22.41 13.84 -13.59
C ARG H 268 23.66 13.95 -14.45
N LYS H 269 24.14 12.83 -14.98
CA LYS H 269 25.26 12.89 -15.92
C LYS H 269 24.86 13.67 -17.15
N ALA H 270 23.68 13.40 -17.69
CA ALA H 270 23.19 14.14 -18.85
C ALA H 270 23.01 15.61 -18.52
N PHE H 271 22.45 15.91 -17.34
CA PHE H 271 22.27 17.31 -16.96
C PHE H 271 23.61 18.03 -16.86
N GLU H 272 24.61 17.38 -16.27
CA GLU H 272 25.92 17.98 -16.14
C GLU H 272 26.53 18.25 -17.51
N GLU H 273 26.56 17.23 -18.37
CA GLU H 273 27.19 17.41 -19.67
C GLU H 273 26.47 18.46 -20.50
N ALA H 274 25.14 18.55 -20.36
CA ALA H 274 24.42 19.63 -21.03
C ALA H 274 24.85 20.99 -20.47
N GLU H 275 24.98 21.08 -19.15
CA GLU H 275 25.53 22.29 -18.56
C GLU H 275 26.97 22.52 -18.98
N LYS H 276 27.68 21.47 -19.36
CA LYS H 276 29.06 21.58 -19.77
C LYS H 276 29.21 22.02 -21.22
N ASN H 277 28.14 22.01 -22.00
CA ASN H 277 28.23 22.16 -23.45
C ASN H 277 27.37 23.32 -23.93
N ALA H 278 27.53 24.48 -23.29
CA ALA H 278 26.99 25.74 -23.80
C ALA H 278 25.47 25.75 -23.74
N PRO H 279 24.81 26.89 -24.05
CA PRO H 279 23.34 26.88 -24.15
C PRO H 279 22.80 25.74 -24.99
N ALA H 280 22.00 24.88 -24.37
CA ALA H 280 21.47 23.70 -25.03
C ALA H 280 20.01 23.52 -24.62
N ILE H 281 19.27 22.82 -25.45
CA ILE H 281 17.87 22.50 -25.21
C ILE H 281 17.78 21.03 -24.81
N ILE H 282 17.26 20.76 -23.63
CA ILE H 282 17.15 19.41 -23.11
C ILE H 282 15.71 18.95 -23.24
N PHE H 283 15.50 17.87 -23.99
CA PHE H 283 14.16 17.40 -24.33
C PHE H 283 13.82 16.13 -23.58
N ILE H 284 12.61 16.08 -23.04
CA ILE H 284 12.08 14.92 -22.35
C ILE H 284 10.73 14.58 -22.96
N ASP H 285 10.50 13.28 -23.17
CA ASP H 285 9.30 12.80 -23.80
C ASP H 285 8.50 11.92 -22.84
N GLU H 286 7.20 11.81 -23.10
CA GLU H 286 6.25 10.98 -22.36
C GLU H 286 6.50 11.06 -20.85
N LEU H 287 6.38 12.28 -20.34
CA LEU H 287 6.66 12.52 -18.91
C LEU H 287 5.73 11.70 -18.02
N ASP H 288 4.55 11.34 -18.52
CA ASP H 288 3.64 10.52 -17.73
C ASP H 288 4.26 9.18 -17.38
N ALA H 289 4.96 8.58 -18.34
CA ALA H 289 5.66 7.32 -18.07
C ALA H 289 6.74 7.48 -17.02
N ILE H 290 7.24 8.69 -16.81
CA ILE H 290 8.22 8.97 -15.78
C ILE H 290 7.57 9.54 -14.53
N ALA H 291 6.68 10.52 -14.69
CA ALA H 291 6.04 11.22 -13.57
C ALA H 291 4.53 11.16 -13.75
N PRO H 292 3.92 10.03 -13.44
CA PRO H 292 2.46 9.96 -13.46
C PRO H 292 1.85 10.62 -12.23
N LYS H 293 0.54 10.48 -12.05
CA LYS H 293 -0.09 10.97 -10.84
C LYS H 293 0.45 10.21 -9.63
N ARG H 294 0.53 10.92 -8.50
CA ARG H 294 1.18 10.36 -7.32
C ARG H 294 0.45 9.13 -6.80
N GLU H 295 -0.88 9.19 -6.75
CA GLU H 295 -1.65 8.04 -6.28
C GLU H 295 -1.66 6.89 -7.28
N LYS H 296 -1.34 7.15 -8.54
CA LYS H 296 -1.12 6.04 -9.48
C LYS H 296 0.11 5.22 -9.12
N THR H 297 1.10 5.84 -8.48
CA THR H 297 2.34 5.13 -8.16
C THR H 297 2.06 3.98 -7.20
N HIS H 298 2.75 2.86 -7.45
CA HIS H 298 2.60 1.66 -6.64
C HIS H 298 3.80 1.40 -5.75
N GLY H 299 5.00 1.44 -6.30
CA GLY H 299 6.22 1.21 -5.56
C GLY H 299 6.78 2.49 -4.98
N GLU H 300 8.09 2.50 -4.79
CA GLU H 300 8.79 3.65 -4.22
C GLU H 300 9.88 4.21 -5.11
N VAL H 301 10.53 3.35 -5.91
CA VAL H 301 11.63 3.81 -6.74
C VAL H 301 11.16 4.87 -7.72
N GLU H 302 9.94 4.74 -8.23
CA GLU H 302 9.40 5.76 -9.12
C GLU H 302 9.27 7.10 -8.40
N ARG H 303 8.85 7.08 -7.13
CA ARG H 303 8.78 8.31 -6.35
C ARG H 303 10.17 8.91 -6.18
N ARG H 304 11.17 8.06 -5.92
CA ARG H 304 12.53 8.56 -5.81
C ARG H 304 12.98 9.22 -7.11
N ILE H 305 12.68 8.59 -8.25
CA ILE H 305 13.07 9.16 -9.53
C ILE H 305 12.38 10.49 -9.76
N VAL H 306 11.09 10.56 -9.44
CA VAL H 306 10.33 11.79 -9.65
C VAL H 306 10.91 12.92 -8.81
N SER H 307 11.21 12.64 -7.55
CA SER H 307 11.76 13.67 -6.68
C SER H 307 13.16 14.06 -7.12
N GLN H 308 13.95 13.10 -7.60
CA GLN H 308 15.28 13.43 -8.13
C GLN H 308 15.17 14.37 -9.31
N LEU H 309 14.22 14.09 -10.21
CA LEU H 309 14.01 14.98 -11.34
C LEU H 309 13.58 16.36 -10.88
N LEU H 310 12.67 16.42 -9.92
CA LEU H 310 12.25 17.70 -9.36
C LEU H 310 13.44 18.50 -8.87
N THR H 311 14.30 17.86 -8.07
CA THR H 311 15.44 18.55 -7.50
C THR H 311 16.39 19.01 -8.61
N LEU H 312 16.66 18.14 -9.58
CA LEU H 312 17.59 18.50 -10.65
C LEU H 312 17.08 19.70 -11.45
N MET H 313 15.80 19.69 -11.80
CA MET H 313 15.30 20.78 -12.62
C MET H 313 15.13 22.06 -11.83
N ASP H 314 14.84 21.96 -10.53
CA ASP H 314 14.74 23.15 -9.70
C ASP H 314 16.09 23.74 -9.37
N GLY H 315 17.15 22.93 -9.37
CA GLY H 315 18.46 23.45 -9.09
C GLY H 315 19.13 24.19 -10.21
N LEU H 316 18.49 24.25 -11.38
CA LEU H 316 19.06 24.91 -12.54
C LEU H 316 18.57 26.34 -12.71
N LYS H 317 18.19 27.01 -11.62
CA LYS H 317 17.79 28.41 -11.71
C LYS H 317 18.96 29.26 -12.16
N GLN H 318 18.75 30.09 -13.18
CA GLN H 318 19.82 30.81 -13.86
C GLN H 318 20.87 29.84 -14.39
N ARG H 319 21.98 29.70 -13.67
CA ARG H 319 23.09 28.85 -14.09
C ARG H 319 23.51 29.15 -15.52
N ALA H 320 23.06 28.33 -16.46
CA ALA H 320 23.34 28.52 -17.87
C ALA H 320 22.04 28.67 -18.64
N HIS H 321 22.16 29.03 -19.90
CA HIS H 321 21.01 29.25 -20.77
C HIS H 321 20.55 27.91 -21.34
N VAL H 322 20.01 27.09 -20.46
CA VAL H 322 19.52 25.75 -20.80
C VAL H 322 18.00 25.76 -20.64
N ILE H 323 17.30 25.27 -21.65
CA ILE H 323 15.85 25.31 -21.69
C ILE H 323 15.32 23.88 -21.70
N VAL H 324 14.34 23.62 -20.86
CA VAL H 324 13.71 22.31 -20.74
C VAL H 324 12.53 22.24 -21.69
N MET H 325 12.49 21.19 -22.50
CA MET H 325 11.43 20.95 -23.46
C MET H 325 10.72 19.68 -23.01
N ALA H 326 9.41 19.73 -22.89
CA ALA H 326 8.65 18.60 -22.37
C ALA H 326 7.56 18.21 -23.34
N ALA H 327 7.37 16.91 -23.52
CA ALA H 327 6.32 16.39 -24.39
C ALA H 327 5.45 15.42 -23.60
N THR H 328 4.16 15.47 -23.88
CA THR H 328 3.19 14.59 -23.22
C THR H 328 1.91 14.58 -24.04
N ASN H 329 0.92 13.82 -23.55
CA ASN H 329 -0.37 13.72 -24.20
C ASN H 329 -1.46 14.50 -23.47
N ARG H 330 -1.64 14.23 -22.18
CA ARG H 330 -2.68 14.87 -21.39
C ARG H 330 -2.07 15.58 -20.19
N PRO H 331 -2.35 16.87 -20.00
CA PRO H 331 -1.80 17.58 -18.83
C PRO H 331 -2.28 17.02 -17.50
N ASN H 332 -3.44 16.38 -17.46
CA ASN H 332 -3.98 15.92 -16.19
C ASN H 332 -3.18 14.75 -15.63
N SER H 333 -2.72 13.85 -16.50
CA SER H 333 -1.99 12.68 -16.04
C SER H 333 -0.69 13.03 -15.36
N ILE H 334 -0.14 14.21 -15.63
CA ILE H 334 1.12 14.61 -15.02
C ILE H 334 0.89 15.04 -13.57
N ASP H 335 1.88 14.78 -12.73
CA ASP H 335 1.80 15.21 -11.34
C ASP H 335 1.69 16.73 -11.28
N PRO H 336 0.67 17.28 -10.62
CA PRO H 336 0.55 18.75 -10.53
C PRO H 336 1.71 19.42 -9.82
N ALA H 337 2.48 18.68 -9.03
CA ALA H 337 3.64 19.28 -8.36
C ALA H 337 4.58 19.93 -9.36
N LEU H 338 4.63 19.41 -10.58
CA LEU H 338 5.40 20.04 -11.65
C LEU H 338 4.56 21.08 -12.40
N ARG H 339 3.93 21.97 -11.64
CA ARG H 339 3.23 23.10 -12.23
C ARG H 339 3.51 24.41 -11.52
N ARG H 340 4.40 24.42 -10.54
CA ARG H 340 4.71 25.65 -9.82
C ARG H 340 5.55 26.58 -10.68
N PHE H 341 5.58 27.85 -10.27
CA PHE H 341 6.44 28.81 -10.93
C PHE H 341 7.90 28.47 -10.67
N GLY H 342 8.74 28.74 -11.67
CA GLY H 342 10.09 28.21 -11.70
C GLY H 342 10.15 26.82 -12.29
N ARG H 343 9.13 26.01 -12.08
CA ARG H 343 8.96 24.74 -12.77
C ARG H 343 8.22 25.00 -14.09
N PHE H 344 7.73 23.94 -14.71
CA PHE H 344 6.97 24.08 -15.94
C PHE H 344 5.77 24.99 -15.73
N ASP H 345 5.70 26.05 -16.53
CA ASP H 345 4.66 27.06 -16.38
C ASP H 345 3.96 27.45 -17.67
N ARG H 346 4.58 27.25 -18.83
CA ARG H 346 3.98 27.63 -20.11
C ARG H 346 3.65 26.39 -20.90
N GLU H 347 2.37 26.24 -21.27
CA GLU H 347 1.86 25.02 -21.87
C GLU H 347 1.24 25.35 -23.23
N VAL H 348 1.47 24.46 -24.18
CA VAL H 348 0.96 24.62 -25.55
C VAL H 348 0.26 23.34 -25.96
N ASP H 349 -0.94 23.49 -26.54
CA ASP H 349 -1.71 22.38 -27.06
C ASP H 349 -1.43 22.23 -28.55
N ILE H 350 -1.29 20.98 -28.99
CA ILE H 350 -1.09 20.70 -30.40
C ILE H 350 -2.37 20.10 -30.97
N GLY H 351 -3.22 20.95 -31.54
CA GLY H 351 -4.48 20.47 -32.07
C GLY H 351 -4.32 19.74 -33.38
N ILE H 352 -5.36 18.99 -33.73
CA ILE H 352 -5.37 18.25 -35.00
C ILE H 352 -5.53 19.25 -36.14
N PRO H 353 -4.68 19.20 -37.16
CA PRO H 353 -4.79 20.16 -38.27
C PRO H 353 -6.09 19.97 -39.04
N ASP H 354 -6.58 21.08 -39.59
CA ASP H 354 -7.82 21.08 -40.35
C ASP H 354 -7.55 20.63 -41.78
N ALA H 355 -8.53 20.83 -42.66
CA ALA H 355 -8.37 20.44 -44.07
C ALA H 355 -7.22 21.21 -44.71
N THR H 356 -7.12 22.51 -44.46
CA THR H 356 -6.00 23.27 -44.98
C THR H 356 -4.68 22.77 -44.43
N GLY H 357 -4.63 22.49 -43.13
CA GLY H 357 -3.43 21.91 -42.55
C GLY H 357 -3.11 20.55 -43.13
N ARG H 358 -4.13 19.73 -43.36
CA ARG H 358 -3.91 18.42 -43.97
C ARG H 358 -3.33 18.58 -45.38
N LEU H 359 -3.87 19.52 -46.15
CA LEU H 359 -3.34 19.77 -47.49
C LEU H 359 -1.89 20.23 -47.42
N GLU H 360 -1.57 21.11 -46.46
CA GLU H 360 -0.20 21.58 -46.30
C GLU H 360 0.73 20.43 -45.97
N ILE H 361 0.31 19.55 -45.06
CA ILE H 361 1.13 18.40 -44.68
C ILE H 361 1.35 17.50 -45.88
N LEU H 362 0.29 17.22 -46.63
CA LEU H 362 0.43 16.37 -47.81
C LEU H 362 1.38 16.99 -48.83
N GLN H 363 1.24 18.29 -49.06
CA GLN H 363 2.13 18.98 -49.98
C GLN H 363 3.58 18.87 -49.52
N ILE H 364 3.81 19.01 -48.22
CA ILE H 364 5.17 18.86 -47.69
C ILE H 364 5.68 17.45 -47.96
N HIS H 365 4.86 16.44 -47.68
CA HIS H 365 5.29 15.07 -47.89
C HIS H 365 5.39 14.75 -49.38
N THR H 366 4.40 15.18 -50.17
CA THR H 366 4.38 14.91 -51.60
C THR H 366 5.26 15.94 -52.32
N LYS H 367 6.57 15.79 -52.13
CA LYS H 367 7.53 16.71 -52.71
C LYS H 367 8.49 16.04 -53.67
N ASN H 368 9.18 14.98 -53.25
CA ASN H 368 10.17 14.35 -54.11
C ASN H 368 9.53 13.59 -55.25
N MET H 369 8.49 12.82 -54.95
CA MET H 369 7.84 12.01 -55.97
C MET H 369 7.05 12.89 -56.94
N LYS H 370 7.03 12.48 -58.20
CA LYS H 370 6.27 13.17 -59.24
C LYS H 370 4.97 12.41 -59.46
N LEU H 371 3.86 12.97 -58.95
CA LEU H 371 2.57 12.33 -59.09
C LEU H 371 2.01 12.58 -60.49
N ALA H 372 0.98 11.80 -60.83
CA ALA H 372 0.33 11.99 -62.11
C ALA H 372 -0.46 13.29 -62.13
N ASP H 373 -0.77 13.75 -63.34
CA ASP H 373 -1.42 15.05 -63.51
C ASP H 373 -2.92 14.95 -63.29
N ASP H 374 -3.33 14.37 -62.17
CA ASP H 374 -4.74 14.28 -61.82
C ASP H 374 -4.98 14.51 -60.33
N VAL H 375 -3.94 14.90 -59.58
CA VAL H 375 -4.04 14.95 -58.13
C VAL H 375 -5.01 16.05 -57.71
N ASP H 376 -5.97 15.69 -56.86
CA ASP H 376 -6.95 16.62 -56.30
C ASP H 376 -6.99 16.44 -54.79
N LEU H 377 -6.05 17.11 -54.11
CA LEU H 377 -5.86 16.90 -52.68
C LEU H 377 -6.95 17.55 -51.84
N GLU H 378 -7.82 18.35 -52.44
CA GLU H 378 -8.75 19.16 -51.66
C GLU H 378 -9.80 18.30 -50.96
N GLN H 379 -10.63 17.61 -51.74
CA GLN H 379 -11.62 16.74 -51.14
C GLN H 379 -10.97 15.57 -50.40
N VAL H 380 -9.76 15.19 -50.79
CA VAL H 380 -9.03 14.16 -50.04
C VAL H 380 -8.76 14.63 -48.63
N ALA H 381 -8.28 15.87 -48.48
CA ALA H 381 -8.09 16.44 -47.15
C ALA H 381 -9.42 16.59 -46.43
N ASN H 382 -10.46 17.00 -47.16
CA ASN H 382 -11.76 17.21 -46.54
C ASN H 382 -12.30 15.91 -45.93
N GLU H 383 -12.19 14.81 -46.66
CA GLU H 383 -12.74 13.55 -46.19
C GLU H 383 -11.87 12.88 -45.13
N THR H 384 -10.61 13.28 -45.01
CA THR H 384 -9.66 12.62 -44.13
C THR H 384 -9.51 13.33 -42.78
N HIS H 385 -10.58 13.97 -42.30
CA HIS H 385 -10.54 14.53 -40.97
C HIS H 385 -10.41 13.42 -39.93
N GLY H 386 -9.77 13.74 -38.81
CA GLY H 386 -9.48 12.75 -37.80
C GLY H 386 -8.15 12.06 -37.97
N HIS H 387 -7.23 12.63 -38.74
CA HIS H 387 -5.92 12.04 -38.98
C HIS H 387 -4.84 13.02 -38.59
N VAL H 388 -3.64 12.50 -38.36
CA VAL H 388 -2.50 13.31 -37.96
C VAL H 388 -1.43 13.25 -39.04
N GLY H 389 -0.34 13.98 -38.82
CA GLY H 389 0.73 13.98 -39.81
C GLY H 389 1.31 12.61 -40.06
N ALA H 390 1.41 11.80 -39.01
CA ALA H 390 1.89 10.43 -39.18
C ALA H 390 0.95 9.64 -40.09
N ASP H 391 -0.35 9.80 -39.92
CA ASP H 391 -1.31 9.10 -40.77
C ASP H 391 -1.13 9.48 -42.23
N LEU H 392 -0.96 10.78 -42.50
CA LEU H 392 -0.82 11.22 -43.89
C LEU H 392 0.50 10.77 -44.48
N ALA H 393 1.57 10.78 -43.68
CA ALA H 393 2.84 10.26 -44.17
C ALA H 393 2.73 8.77 -44.51
N ALA H 394 2.07 8.01 -43.65
CA ALA H 394 1.85 6.60 -43.92
C ALA H 394 1.03 6.41 -45.18
N LEU H 395 0.01 7.25 -45.36
CA LEU H 395 -0.81 7.16 -46.56
C LEU H 395 0.02 7.43 -47.81
N CYS H 396 0.89 8.44 -47.76
CA CYS H 396 1.74 8.75 -48.90
C CYS H 396 2.67 7.59 -49.21
N SER H 397 3.29 7.01 -48.19
CA SER H 397 4.19 5.88 -48.41
C SER H 397 3.44 4.70 -48.99
N GLU H 398 2.24 4.42 -48.46
CA GLU H 398 1.44 3.31 -48.94
C GLU H 398 1.01 3.52 -50.39
N ALA H 399 0.63 4.76 -50.75
CA ALA H 399 0.27 5.04 -52.13
C ALA H 399 1.46 4.87 -53.05
N ALA H 400 2.64 5.29 -52.61
CA ALA H 400 3.85 5.07 -53.41
C ALA H 400 4.11 3.59 -53.64
N LEU H 401 3.98 2.79 -52.58
CA LEU H 401 4.20 1.35 -52.74
C LEU H 401 3.14 0.72 -53.64
N GLN H 402 1.89 1.17 -53.52
CA GLN H 402 0.83 0.65 -54.38
C GLN H 402 1.10 0.99 -55.83
N ALA H 403 1.57 2.21 -56.11
CA ALA H 403 1.94 2.55 -57.48
C ALA H 403 3.10 1.70 -57.96
N ILE H 404 4.07 1.43 -57.07
CA ILE H 404 5.21 0.61 -57.45
C ILE H 404 4.76 -0.78 -57.86
N ARG H 405 3.87 -1.38 -57.06
CA ARG H 405 3.39 -2.71 -57.40
C ARG H 405 2.43 -2.68 -58.58
N LYS H 406 1.79 -1.53 -58.82
CA LYS H 406 0.98 -1.36 -60.02
C LYS H 406 1.86 -1.25 -61.27
N LYS H 407 3.12 -0.89 -61.08
CA LYS H 407 4.10 -1.04 -62.15
C LYS H 407 4.45 -2.52 -62.34
N MET H 408 4.26 -3.32 -61.30
CA MET H 408 4.60 -4.74 -61.26
C MET H 408 6.10 -4.97 -61.33
N ASP H 409 6.56 -6.05 -60.70
CA ASP H 409 7.96 -6.44 -60.77
C ASP H 409 8.23 -6.93 -62.19
N LEU H 410 8.79 -6.07 -63.04
CA LEU H 410 8.79 -6.34 -64.48
C LEU H 410 9.79 -7.41 -64.88
N ILE H 411 9.65 -8.60 -64.31
CA ILE H 411 10.44 -9.78 -64.68
C ILE H 411 11.93 -9.43 -64.74
N ASP H 412 12.49 -9.05 -63.59
CA ASP H 412 13.91 -8.77 -63.50
C ASP H 412 14.44 -9.28 -62.16
N LEU H 413 15.74 -9.52 -62.10
CA LEU H 413 16.44 -9.65 -60.82
C LEU H 413 16.93 -8.25 -60.46
N GLU H 414 16.01 -7.47 -59.90
CA GLU H 414 16.23 -6.03 -59.70
C GLU H 414 17.26 -5.85 -58.59
N ASP H 415 18.51 -6.04 -58.95
CA ASP H 415 19.66 -5.81 -58.07
C ASP H 415 20.52 -4.75 -58.73
N GLU H 416 20.17 -3.49 -58.50
CA GLU H 416 20.87 -2.34 -59.09
C GLU H 416 20.92 -2.44 -60.61
N THR H 417 19.82 -2.89 -61.22
CA THR H 417 19.77 -3.06 -62.67
C THR H 417 18.71 -2.23 -63.36
N ILE H 418 17.54 -2.04 -62.73
CA ILE H 418 16.45 -1.28 -63.34
C ILE H 418 16.07 -0.05 -62.52
N ASP H 419 16.79 0.21 -61.42
CA ASP H 419 16.36 1.25 -60.48
C ASP H 419 16.30 2.62 -61.14
N ALA H 420 17.31 2.99 -61.92
CA ALA H 420 17.34 4.30 -62.54
C ALA H 420 16.18 4.49 -63.51
N GLU H 421 15.89 3.47 -64.31
CA GLU H 421 14.79 3.56 -65.26
C GLU H 421 13.44 3.70 -64.56
N VAL H 422 13.23 2.98 -63.47
CA VAL H 422 11.96 3.04 -62.78
C VAL H 422 11.80 4.39 -62.08
N MET H 423 12.85 4.84 -61.38
CA MET H 423 12.70 6.00 -60.51
C MET H 423 12.37 7.27 -61.29
N ASN H 424 13.01 7.48 -62.44
CA ASN H 424 12.74 8.68 -63.22
C ASN H 424 11.46 8.57 -64.03
N SER H 425 10.81 7.41 -64.04
CA SER H 425 9.56 7.20 -64.76
C SER H 425 8.52 6.70 -63.77
N LEU H 426 7.85 7.62 -63.09
CA LEU H 426 6.83 7.26 -62.11
C LEU H 426 5.71 8.28 -62.13
N ALA H 427 4.54 7.83 -61.69
CA ALA H 427 3.37 8.69 -61.52
C ALA H 427 2.46 8.05 -60.50
N VAL H 428 1.62 8.87 -59.88
CA VAL H 428 0.72 8.43 -58.82
C VAL H 428 -0.71 8.64 -59.27
N THR H 429 -1.47 7.56 -59.35
CA THR H 429 -2.84 7.60 -59.82
C THR H 429 -3.80 7.85 -58.65
N MET H 430 -4.98 8.36 -58.99
CA MET H 430 -6.00 8.59 -57.98
C MET H 430 -6.52 7.28 -57.38
N ASP H 431 -6.52 6.19 -58.15
CA ASP H 431 -6.93 4.91 -57.60
C ASP H 431 -6.03 4.49 -56.45
N ASP H 432 -4.75 4.89 -56.49
CA ASP H 432 -3.87 4.64 -55.37
C ASP H 432 -4.40 5.33 -54.11
N PHE H 433 -4.85 6.58 -54.25
CA PHE H 433 -5.40 7.30 -53.12
C PHE H 433 -6.72 6.69 -52.66
N ARG H 434 -7.53 6.21 -53.60
CA ARG H 434 -8.77 5.54 -53.22
C ARG H 434 -8.47 4.30 -52.38
N TRP H 435 -7.49 3.50 -52.82
CA TRP H 435 -7.15 2.29 -52.09
C TRP H 435 -6.54 2.63 -50.74
N ALA H 436 -5.76 3.70 -50.68
CA ALA H 436 -5.25 4.16 -49.38
C ALA H 436 -6.38 4.56 -48.46
N LEU H 437 -7.40 5.25 -49.00
CA LEU H 437 -8.57 5.59 -48.21
C LEU H 437 -9.26 4.33 -47.70
N SER H 438 -9.35 3.30 -48.54
CA SER H 438 -9.91 2.03 -48.09
C SER H 438 -9.08 1.44 -46.96
N GLN H 439 -7.76 1.47 -47.10
CA GLN H 439 -6.87 0.96 -46.07
C GLN H 439 -6.38 2.09 -45.16
N SER H 440 -7.34 2.79 -44.57
CA SER H 440 -7.06 3.93 -43.72
C SER H 440 -7.73 3.73 -42.37
N ASN H 441 -6.97 3.94 -41.29
CA ASN H 441 -7.47 3.81 -39.93
C ASN H 441 -7.09 5.06 -39.15
N PRO H 442 -7.95 6.07 -39.14
CA PRO H 442 -7.64 7.30 -38.40
C PRO H 442 -7.47 7.01 -36.92
N SER H 443 -6.54 7.73 -36.29
CA SER H 443 -6.25 7.51 -34.88
C SER H 443 -7.08 8.40 -33.97
N ALA H 444 -7.37 9.63 -34.38
CA ALA H 444 -8.15 10.54 -33.54
C ALA H 444 -9.57 10.03 -33.35
N LEU H 445 -10.32 9.92 -34.46
CA LEU H 445 -11.68 9.40 -34.43
C LEU H 445 -12.54 10.09 -33.40
N ARG H 446 -12.73 9.43 -32.26
CA ARG H 446 -13.61 9.93 -31.20
C ARG H 446 -12.83 10.91 -30.33
N GLU H 447 -12.71 12.14 -30.82
CA GLU H 447 -12.04 13.19 -30.06
C GLU H 447 -12.56 14.53 -30.53
N THR H 448 -12.73 15.45 -29.58
CA THR H 448 -13.30 16.75 -29.89
C THR H 448 -12.36 17.57 -30.77
N VAL H 449 -12.95 18.44 -31.58
CA VAL H 449 -12.20 19.33 -32.47
C VAL H 449 -12.76 20.74 -32.31
N VAL H 450 -11.87 21.71 -32.24
CA VAL H 450 -12.23 23.12 -32.10
C VAL H 450 -11.75 23.86 -33.34
N GLU H 451 -12.65 24.59 -33.97
CA GLU H 451 -12.36 25.24 -35.25
C GLU H 451 -13.48 26.24 -35.53
N VAL H 452 -13.36 26.92 -36.68
CA VAL H 452 -14.31 27.95 -37.07
C VAL H 452 -15.28 27.35 -38.07
N PRO H 453 -16.57 27.27 -37.75
CA PRO H 453 -17.52 26.62 -38.68
C PRO H 453 -17.69 27.35 -39.99
N GLN H 454 -18.53 26.81 -40.88
CA GLN H 454 -18.64 27.30 -42.24
C GLN H 454 -19.98 27.93 -42.58
N VAL H 455 -21.01 27.72 -41.76
CA VAL H 455 -22.34 28.22 -42.07
C VAL H 455 -22.34 29.74 -42.09
N THR H 456 -22.93 30.34 -43.12
CA THR H 456 -23.00 31.77 -43.29
C THR H 456 -24.41 32.27 -42.98
N TRP H 457 -24.58 33.59 -42.99
CA TRP H 457 -25.88 34.18 -42.72
C TRP H 457 -26.90 33.80 -43.78
N GLU H 458 -26.50 33.90 -45.06
CA GLU H 458 -27.41 33.56 -46.13
C GLU H 458 -27.78 32.08 -46.12
N ASP H 459 -26.96 31.25 -45.48
CA ASP H 459 -27.27 29.82 -45.40
C ASP H 459 -28.56 29.57 -44.64
N ILE H 460 -28.85 30.40 -43.64
CA ILE H 460 -30.05 30.23 -42.83
C ILE H 460 -31.26 30.68 -43.61
N GLY H 461 -31.31 31.96 -43.96
CA GLY H 461 -32.44 32.48 -44.69
C GLY H 461 -33.71 32.56 -43.85
N GLY H 462 -33.72 33.44 -42.86
CA GLY H 462 -34.89 33.62 -42.02
C GLY H 462 -34.61 34.28 -40.69
N LEU H 463 -35.55 35.11 -40.23
CA LEU H 463 -35.44 35.80 -38.95
C LEU H 463 -34.16 36.62 -38.88
N GLU H 464 -34.05 37.60 -39.77
CA GLU H 464 -32.90 38.48 -39.76
C GLU H 464 -32.87 39.37 -38.52
N ASP H 465 -34.01 39.55 -37.86
CA ASP H 465 -34.05 40.32 -36.62
C ASP H 465 -33.20 39.66 -35.55
N VAL H 466 -33.34 38.34 -35.41
CA VAL H 466 -32.57 37.61 -34.41
C VAL H 466 -31.09 37.68 -34.72
N LYS H 467 -30.73 37.56 -36.01
CA LYS H 467 -29.34 37.70 -36.40
C LYS H 467 -28.81 39.08 -36.06
N ARG H 468 -29.61 40.11 -36.31
CA ARG H 468 -29.21 41.47 -35.98
C ARG H 468 -28.96 41.62 -34.48
N GLU H 469 -29.86 41.09 -33.66
CA GLU H 469 -29.69 41.20 -32.23
C GLU H 469 -28.46 40.42 -31.75
N LEU H 470 -28.24 39.24 -32.31
CA LEU H 470 -27.11 38.42 -31.89
C LEU H 470 -25.79 39.11 -32.24
N GLN H 471 -25.67 39.59 -33.47
CA GLN H 471 -24.44 40.30 -33.83
C GLN H 471 -24.28 41.58 -33.03
N GLU H 472 -25.38 42.28 -32.73
CA GLU H 472 -25.32 43.44 -31.87
C GLU H 472 -24.75 43.08 -30.49
N LEU H 473 -25.22 41.98 -29.93
CA LEU H 473 -24.81 41.58 -28.59
C LEU H 473 -23.42 40.95 -28.55
N VAL H 474 -22.91 40.46 -29.66
CA VAL H 474 -21.64 39.75 -29.70
C VAL H 474 -20.51 40.62 -30.22
N GLN H 475 -20.64 41.12 -31.46
CA GLN H 475 -19.52 41.81 -32.08
C GLN H 475 -19.26 43.16 -31.43
N TYR H 476 -20.33 43.88 -31.07
CA TYR H 476 -20.17 45.26 -30.60
C TYR H 476 -19.28 45.38 -29.37
N PRO H 477 -19.48 44.59 -28.30
CA PRO H 477 -18.64 44.80 -27.11
C PRO H 477 -17.16 44.58 -27.36
N VAL H 478 -16.79 43.52 -28.08
CA VAL H 478 -15.38 43.24 -28.29
C VAL H 478 -14.74 44.28 -29.21
N GLU H 479 -15.44 44.69 -30.26
CA GLU H 479 -14.90 45.68 -31.18
C GLU H 479 -14.96 47.09 -30.63
N HIS H 480 -15.88 47.36 -29.71
CA HIS H 480 -16.07 48.70 -29.15
C HIS H 480 -16.07 48.63 -27.63
N PRO H 481 -14.92 48.34 -27.02
CA PRO H 481 -14.85 48.39 -25.56
C PRO H 481 -14.83 49.80 -25.02
N ASP H 482 -14.51 50.79 -25.86
CA ASP H 482 -14.43 52.17 -25.42
C ASP H 482 -15.78 52.67 -24.91
N LYS H 483 -16.86 52.38 -25.63
CA LYS H 483 -18.17 52.81 -25.18
C LYS H 483 -18.54 52.15 -23.86
N PHE H 484 -18.26 50.86 -23.72
CA PHE H 484 -18.60 50.15 -22.50
C PHE H 484 -17.84 50.71 -21.30
N LEU H 485 -16.55 50.97 -21.47
CA LEU H 485 -15.78 51.52 -20.36
C LEU H 485 -16.19 52.95 -20.05
N LYS H 486 -16.54 53.72 -21.09
CA LYS H 486 -17.02 55.08 -20.85
C LYS H 486 -18.33 55.08 -20.07
N PHE H 487 -19.23 54.17 -20.40
CA PHE H 487 -20.52 54.09 -19.73
C PHE H 487 -20.50 53.18 -18.51
N GLY H 488 -19.70 52.11 -18.53
CA GLY H 488 -19.48 51.31 -17.33
C GLY H 488 -20.53 50.29 -17.01
N MET H 489 -20.76 49.34 -17.91
CA MET H 489 -21.60 48.18 -17.63
C MET H 489 -20.93 46.91 -18.12
N THR H 490 -21.21 45.81 -17.43
CA THR H 490 -20.66 44.52 -17.80
C THR H 490 -21.51 43.91 -18.91
N PRO H 491 -20.93 43.58 -20.06
CA PRO H 491 -21.71 42.93 -21.11
C PRO H 491 -22.15 41.54 -20.70
N SER H 492 -23.27 41.10 -21.26
CA SER H 492 -23.78 39.77 -20.97
C SER H 492 -22.86 38.69 -21.56
N LYS H 493 -22.93 37.51 -20.99
CA LYS H 493 -22.09 36.40 -21.39
C LYS H 493 -22.85 35.19 -21.91
N GLY H 494 -24.04 34.93 -21.42
CA GLY H 494 -24.80 33.75 -21.83
C GLY H 494 -26.17 34.11 -22.36
N VAL H 495 -26.52 33.51 -23.50
CA VAL H 495 -27.81 33.73 -24.13
C VAL H 495 -28.45 32.38 -24.40
N LEU H 496 -29.73 32.26 -24.05
CA LEU H 496 -30.48 31.04 -24.22
C LEU H 496 -31.39 31.14 -25.44
N PHE H 497 -31.60 30.00 -26.10
CA PHE H 497 -32.53 29.89 -27.21
C PHE H 497 -33.62 28.89 -26.87
N TYR H 498 -34.87 29.27 -27.12
CA TYR H 498 -35.97 28.35 -26.89
C TYR H 498 -36.99 28.49 -28.01
N GLY H 499 -37.66 27.39 -28.31
CA GLY H 499 -38.66 27.38 -29.36
C GLY H 499 -38.99 25.96 -29.81
N PRO H 500 -39.73 25.85 -30.91
CA PRO H 500 -40.02 24.52 -31.43
C PRO H 500 -38.76 23.81 -31.87
N PRO H 501 -38.72 22.50 -31.77
CA PRO H 501 -37.52 21.76 -32.18
C PRO H 501 -37.38 21.73 -33.69
N GLY H 502 -36.19 21.34 -34.14
CA GLY H 502 -35.93 21.24 -35.56
C GLY H 502 -35.87 22.56 -36.29
N CYS H 503 -35.57 23.65 -35.58
CA CYS H 503 -35.54 24.97 -36.17
C CYS H 503 -34.14 25.48 -36.43
N GLY H 504 -33.13 24.62 -36.36
CA GLY H 504 -31.76 25.01 -36.67
C GLY H 504 -31.14 25.98 -35.70
N LYS H 505 -31.39 25.77 -34.40
CA LYS H 505 -30.73 26.57 -33.39
C LYS H 505 -29.21 26.39 -33.46
N THR H 506 -28.75 25.15 -33.59
CA THR H 506 -27.34 24.89 -33.80
C THR H 506 -26.87 25.51 -35.11
N LEU H 507 -27.74 25.56 -36.11
CA LEU H 507 -27.37 26.21 -37.36
C LEU H 507 -27.07 27.69 -37.13
N LEU H 508 -27.91 28.37 -36.36
CA LEU H 508 -27.66 29.77 -36.03
C LEU H 508 -26.39 29.92 -35.20
N ALA H 509 -26.16 29.00 -34.26
CA ALA H 509 -24.94 29.07 -33.45
C ALA H 509 -23.70 28.95 -34.33
N LYS H 510 -23.71 28.01 -35.26
CA LYS H 510 -22.57 27.85 -36.16
C LYS H 510 -22.42 29.07 -37.06
N ALA H 511 -23.54 29.64 -37.52
CA ALA H 511 -23.46 30.81 -38.39
C ALA H 511 -22.83 32.00 -37.66
N ILE H 512 -23.26 32.25 -36.42
CA ILE H 512 -22.72 33.39 -35.68
C ILE H 512 -21.27 33.13 -35.31
N ALA H 513 -20.92 31.88 -34.99
CA ALA H 513 -19.52 31.58 -34.71
C ALA H 513 -18.65 31.82 -35.93
N ASN H 514 -19.13 31.40 -37.11
CA ASN H 514 -18.38 31.63 -38.34
C ASN H 514 -18.23 33.12 -38.61
N GLU H 515 -19.31 33.87 -38.47
CA GLU H 515 -19.24 35.31 -38.72
C GLU H 515 -18.26 35.98 -37.78
N CYS H 516 -18.30 35.62 -36.50
CA CYS H 516 -17.38 36.18 -35.53
C CYS H 516 -15.94 35.73 -35.74
N GLN H 517 -15.72 34.73 -36.60
CA GLN H 517 -14.39 34.21 -36.89
C GLN H 517 -13.70 33.73 -35.61
N ALA H 518 -14.47 33.06 -34.75
CA ALA H 518 -13.98 32.59 -33.47
C ALA H 518 -14.12 31.07 -33.38
N ASN H 519 -13.37 30.48 -32.46
CA ASN H 519 -13.40 29.05 -32.28
C ASN H 519 -14.75 28.58 -31.75
N PHE H 520 -15.15 27.39 -32.16
CA PHE H 520 -16.44 26.83 -31.79
C PHE H 520 -16.26 25.49 -31.10
N ILE H 521 -17.07 25.25 -30.07
CA ILE H 521 -17.07 23.99 -29.35
C ILE H 521 -18.51 23.53 -29.18
N SER H 522 -18.78 22.29 -29.55
CA SER H 522 -20.10 21.69 -29.44
C SER H 522 -20.10 20.68 -28.30
N ILE H 523 -21.10 20.78 -27.42
CA ILE H 523 -21.27 19.86 -26.32
C ILE H 523 -22.64 19.20 -26.47
N LYS H 524 -22.65 17.87 -26.51
CA LYS H 524 -23.88 17.11 -26.70
C LYS H 524 -24.41 16.61 -25.37
N GLY H 525 -25.74 16.60 -25.23
CA GLY H 525 -26.39 16.13 -24.04
C GLY H 525 -26.13 14.69 -23.67
N PRO H 526 -26.17 13.75 -24.63
CA PRO H 526 -25.83 12.36 -24.28
C PRO H 526 -24.45 12.23 -23.65
N GLU H 527 -23.47 12.98 -24.14
CA GLU H 527 -22.15 12.96 -23.51
C GLU H 527 -22.21 13.46 -22.09
N LEU H 528 -22.99 14.52 -21.85
CA LEU H 528 -23.14 15.05 -20.50
C LEU H 528 -23.76 14.01 -19.59
N LEU H 529 -24.81 13.34 -20.06
CA LEU H 529 -25.48 12.32 -19.25
C LEU H 529 -24.56 11.14 -18.98
N THR H 530 -23.71 10.79 -19.95
CA THR H 530 -22.68 9.79 -19.69
C THR H 530 -21.74 10.26 -18.59
N MET H 531 -21.35 11.54 -18.64
CA MET H 531 -20.44 12.09 -17.65
C MET H 531 -21.12 12.29 -16.29
N TRP H 532 -22.44 12.15 -16.21
CA TRP H 532 -23.12 12.26 -14.93
C TRP H 532 -22.55 11.30 -13.90
N PHE H 533 -22.39 10.04 -14.29
CA PHE H 533 -21.98 8.98 -13.37
C PHE H 533 -20.46 8.86 -13.40
N GLY H 534 -19.82 9.29 -12.31
CA GLY H 534 -18.39 9.18 -12.20
C GLY H 534 -17.63 10.37 -12.73
N GLU H 535 -17.15 10.27 -13.97
CA GLU H 535 -16.28 11.29 -14.55
C GLU H 535 -17.07 12.55 -14.89
N SER H 536 -17.19 13.46 -13.93
CA SER H 536 -17.90 14.73 -14.15
C SER H 536 -17.01 15.94 -13.90
N GLU H 537 -16.32 15.99 -12.77
CA GLU H 537 -15.60 17.20 -12.38
C GLU H 537 -14.45 17.50 -13.33
N ALA H 538 -13.60 16.51 -13.59
CA ALA H 538 -12.43 16.73 -14.42
C ALA H 538 -12.83 17.12 -15.83
N ASN H 539 -13.88 16.49 -16.36
CA ASN H 539 -14.33 16.81 -17.71
C ASN H 539 -14.77 18.26 -17.82
N VAL H 540 -15.55 18.72 -16.84
CA VAL H 540 -16.01 20.11 -16.84
C VAL H 540 -14.82 21.06 -16.74
N ARG H 541 -13.90 20.76 -15.83
CA ARG H 541 -12.74 21.63 -15.65
C ARG H 541 -11.93 21.71 -16.93
N GLU H 542 -11.66 20.56 -17.56
CA GLU H 542 -10.82 20.55 -18.75
C GLU H 542 -11.53 21.22 -19.91
N ILE H 543 -12.85 21.04 -20.05
CA ILE H 543 -13.53 21.65 -21.18
C ILE H 543 -13.56 23.16 -21.03
N PHE H 544 -13.80 23.66 -19.81
CA PHE H 544 -13.78 25.11 -19.63
C PHE H 544 -12.38 25.67 -19.80
N ASP H 545 -11.35 24.95 -19.32
CA ASP H 545 -10.00 25.44 -19.53
C ASP H 545 -9.65 25.46 -21.01
N LYS H 546 -10.04 24.43 -21.75
CA LYS H 546 -9.76 24.37 -23.18
C LYS H 546 -10.47 25.50 -23.90
N ALA H 547 -11.71 25.79 -23.53
CA ALA H 547 -12.39 26.95 -24.10
C ALA H 547 -11.65 28.23 -23.75
N ARG H 548 -11.18 28.34 -22.52
CA ARG H 548 -10.55 29.57 -22.05
C ARG H 548 -9.26 29.85 -22.81
N GLN H 549 -8.42 28.83 -22.99
CA GLN H 549 -7.17 29.03 -23.69
C GLN H 549 -7.38 29.37 -25.17
N ALA H 550 -8.50 28.94 -25.74
CA ALA H 550 -8.81 29.24 -27.13
C ALA H 550 -9.59 30.54 -27.29
N ALA H 551 -9.48 31.46 -26.34
CA ALA H 551 -10.21 32.71 -26.43
C ALA H 551 -9.69 33.52 -27.61
N PRO H 552 -10.58 34.21 -28.35
CA PRO H 552 -12.02 34.18 -28.13
C PRO H 552 -12.67 32.94 -28.73
N CYS H 553 -13.75 32.47 -28.11
CA CYS H 553 -14.46 31.31 -28.64
C CYS H 553 -15.90 31.34 -28.15
N VAL H 554 -16.73 30.54 -28.79
CA VAL H 554 -18.16 30.50 -28.52
C VAL H 554 -18.48 29.07 -28.07
N LEU H 555 -18.54 28.87 -26.76
CA LEU H 555 -18.96 27.58 -26.23
C LEU H 555 -20.44 27.38 -26.52
N PHE H 556 -20.82 26.15 -26.87
CA PHE H 556 -22.19 25.82 -27.20
C PHE H 556 -22.63 24.59 -26.41
N PHE H 557 -23.93 24.53 -26.13
CA PHE H 557 -24.50 23.43 -25.38
C PHE H 557 -25.71 22.88 -26.12
N ASP H 558 -25.93 21.58 -25.98
CA ASP H 558 -27.06 20.89 -26.59
C ASP H 558 -27.77 20.07 -25.54
N GLU H 559 -29.06 19.80 -25.79
CA GLU H 559 -29.90 19.01 -24.89
C GLU H 559 -29.90 19.62 -23.49
N LEU H 560 -29.97 20.95 -23.42
CA LEU H 560 -29.94 21.63 -22.13
C LEU H 560 -31.14 21.27 -21.27
N ASP H 561 -32.22 20.75 -21.87
CA ASP H 561 -33.38 20.29 -21.13
C ASP H 561 -33.31 18.81 -20.79
N SER H 562 -32.32 18.09 -21.28
CA SER H 562 -32.18 16.67 -20.95
C SER H 562 -31.94 16.48 -19.46
N ILE H 563 -31.20 17.41 -18.84
CA ILE H 563 -30.96 17.33 -17.41
C ILE H 563 -32.27 17.35 -16.63
N ALA H 564 -33.18 18.27 -17.01
CA ALA H 564 -34.47 18.33 -16.33
C ALA H 564 -35.38 17.20 -16.79
N LYS H 565 -35.22 16.73 -18.03
CA LYS H 565 -36.03 15.62 -18.51
C LYS H 565 -35.75 14.36 -17.70
N ALA H 566 -34.47 14.09 -17.39
CA ALA H 566 -34.13 13.01 -16.50
C ALA H 566 -34.39 13.36 -15.03
N ARG H 567 -34.41 14.65 -14.69
CA ARG H 567 -34.72 15.05 -13.32
C ARG H 567 -36.13 14.63 -12.92
N GLY H 568 -37.10 14.85 -13.80
CA GLY H 568 -38.47 14.45 -13.53
C GLY H 568 -38.96 13.40 -14.49
N GLY H 569 -39.27 12.21 -13.97
CA GLY H 569 -39.71 11.12 -14.82
C GLY H 569 -39.78 9.82 -14.03
N ASN H 570 -39.73 8.72 -14.77
CA ASN H 570 -39.84 7.39 -14.20
C ASN H 570 -38.48 6.77 -13.89
N ILE H 571 -37.41 7.55 -13.98
CA ILE H 571 -36.07 7.01 -13.73
C ILE H 571 -35.65 7.34 -12.31
N GLY H 572 -35.50 8.62 -12.00
CA GLY H 572 -35.12 9.05 -10.67
C GLY H 572 -33.81 8.45 -10.17
N ASP H 573 -32.83 8.33 -11.05
CA ASP H 573 -31.55 7.72 -10.71
C ASP H 573 -30.39 8.70 -10.77
N GLY H 574 -30.22 9.38 -11.90
CA GLY H 574 -29.14 10.33 -12.08
C GLY H 574 -29.44 11.72 -11.56
N GLY H 575 -30.50 11.88 -10.77
CA GLY H 575 -30.85 13.20 -10.27
C GLY H 575 -29.77 13.83 -9.42
N GLY H 576 -29.15 13.04 -8.54
CA GLY H 576 -28.03 13.54 -7.77
C GLY H 576 -26.84 13.89 -8.65
N ALA H 577 -26.49 12.99 -9.59
CA ALA H 577 -25.41 13.27 -10.52
C ALA H 577 -25.74 14.48 -11.40
N ALA H 578 -26.98 14.58 -11.85
CA ALA H 578 -27.39 15.73 -12.65
C ALA H 578 -27.25 17.03 -11.87
N ASP H 579 -27.71 17.02 -10.62
CA ASP H 579 -27.61 18.22 -9.79
C ASP H 579 -26.15 18.59 -9.54
N ARG H 580 -25.30 17.58 -9.30
CA ARG H 580 -23.88 17.84 -9.13
C ARG H 580 -23.29 18.46 -10.38
N VAL H 581 -23.64 17.92 -11.55
CA VAL H 581 -23.11 18.42 -12.81
C VAL H 581 -23.52 19.87 -13.03
N ILE H 582 -24.81 20.15 -12.81
CA ILE H 582 -25.31 21.49 -13.07
C ILE H 582 -24.74 22.48 -12.07
N ASN H 583 -24.58 22.06 -10.81
CA ASN H 583 -23.95 22.91 -9.82
C ASN H 583 -22.52 23.22 -10.20
N GLN H 584 -21.78 22.20 -10.67
CA GLN H 584 -20.41 22.43 -11.13
C GLN H 584 -20.38 23.42 -12.28
N ILE H 585 -21.30 23.25 -13.23
CA ILE H 585 -21.34 24.14 -14.38
C ILE H 585 -21.61 25.57 -13.94
N LEU H 586 -22.59 25.75 -13.04
CA LEU H 586 -22.94 27.08 -12.58
C LEU H 586 -21.77 27.73 -11.85
N THR H 587 -21.14 26.98 -10.94
CA THR H 587 -20.03 27.54 -10.19
C THR H 587 -18.87 27.92 -11.11
N GLU H 588 -18.53 27.04 -12.05
CA GLU H 588 -17.40 27.31 -12.93
C GLU H 588 -17.67 28.49 -13.85
N MET H 589 -18.90 28.59 -14.39
CA MET H 589 -19.20 29.74 -15.23
C MET H 589 -19.28 31.02 -14.40
N ASP H 590 -19.60 30.90 -13.11
CA ASP H 590 -19.46 32.05 -12.22
C ASP H 590 -17.99 32.38 -12.01
N GLY H 591 -17.11 31.40 -12.17
CA GLY H 591 -15.69 31.60 -11.94
C GLY H 591 -14.91 32.26 -13.05
N MET H 592 -15.50 32.50 -14.21
CA MET H 592 -14.76 33.10 -15.31
C MET H 592 -14.47 34.57 -15.04
N SER H 593 -13.39 35.07 -15.63
CA SER H 593 -13.08 36.48 -15.57
C SER H 593 -13.55 37.17 -16.84
N THR H 594 -14.01 38.41 -16.70
CA THR H 594 -14.50 39.15 -17.86
C THR H 594 -13.40 39.44 -18.87
N LYS H 595 -12.13 39.27 -18.48
CA LYS H 595 -11.03 39.46 -19.41
C LYS H 595 -11.14 38.52 -20.60
N LYS H 596 -11.49 37.26 -20.34
CA LYS H 596 -11.59 36.27 -21.40
C LYS H 596 -12.83 36.55 -22.24
N ASN H 597 -12.61 36.85 -23.53
CA ASN H 597 -13.71 37.19 -24.44
C ASN H 597 -14.30 35.91 -25.05
N VAL H 598 -14.81 35.05 -24.17
CA VAL H 598 -15.42 33.79 -24.55
C VAL H 598 -16.89 33.86 -24.22
N PHE H 599 -17.73 33.61 -25.22
CA PHE H 599 -19.17 33.66 -25.04
C PHE H 599 -19.74 32.26 -24.90
N ILE H 600 -20.94 32.18 -24.30
CA ILE H 600 -21.60 30.92 -24.03
C ILE H 600 -22.99 30.99 -24.64
N ILE H 601 -23.39 29.91 -25.32
CA ILE H 601 -24.71 29.81 -25.93
C ILE H 601 -25.37 28.52 -25.48
N GLY H 602 -26.58 28.63 -24.94
CA GLY H 602 -27.36 27.48 -24.55
C GLY H 602 -28.62 27.39 -25.41
N ALA H 603 -29.01 26.17 -25.74
CA ALA H 603 -30.16 25.95 -26.60
C ALA H 603 -31.05 24.86 -26.00
N THR H 604 -32.35 25.05 -26.15
CA THR H 604 -33.33 24.08 -25.69
C THR H 604 -34.64 24.34 -26.42
N ASN H 605 -35.54 23.36 -26.34
CA ASN H 605 -36.86 23.48 -26.92
C ASN H 605 -37.97 23.33 -25.90
N ARG H 606 -37.63 23.08 -24.63
CA ARG H 606 -38.61 22.91 -23.55
C ARG H 606 -38.18 23.79 -22.39
N PRO H 607 -38.31 25.12 -22.53
CA PRO H 607 -37.73 26.03 -21.54
C PRO H 607 -38.41 26.02 -20.19
N ASP H 608 -39.65 25.52 -20.11
CA ASP H 608 -40.38 25.58 -18.85
C ASP H 608 -39.71 24.73 -17.78
N ILE H 609 -39.21 23.56 -18.16
CA ILE H 609 -38.70 22.58 -17.19
C ILE H 609 -37.34 23.01 -16.67
N ILE H 610 -36.76 24.05 -17.26
CA ILE H 610 -35.42 24.49 -16.87
C ILE H 610 -35.44 25.04 -15.45
N ASP H 611 -34.42 24.70 -14.68
CA ASP H 611 -34.33 25.17 -13.31
C ASP H 611 -34.17 26.68 -13.29
N PRO H 612 -34.88 27.39 -12.40
CA PRO H 612 -34.75 28.87 -12.38
C PRO H 612 -33.37 29.37 -12.00
N ALA H 613 -32.55 28.54 -11.34
CA ALA H 613 -31.21 28.99 -10.96
C ALA H 613 -30.38 29.36 -12.17
N ILE H 614 -30.60 28.70 -13.30
CA ILE H 614 -29.91 29.07 -14.53
C ILE H 614 -30.35 30.45 -14.98
N LEU H 615 -31.64 30.75 -14.86
CA LEU H 615 -32.18 32.05 -15.27
C LEU H 615 -31.97 33.03 -14.13
N ARG H 616 -30.73 33.47 -13.98
CA ARG H 616 -30.34 34.37 -12.91
C ARG H 616 -29.38 35.41 -13.46
N PRO H 617 -29.28 36.58 -12.81
CA PRO H 617 -28.28 37.56 -13.23
C PRO H 617 -26.87 36.98 -13.12
N GLY H 618 -26.02 37.37 -14.06
CA GLY H 618 -24.70 36.78 -14.16
C GLY H 618 -24.76 35.47 -14.93
N ARG H 619 -25.76 34.66 -14.62
CA ARG H 619 -26.03 33.44 -15.36
C ARG H 619 -26.75 33.78 -16.65
N LEU H 620 -27.30 32.77 -17.31
CA LEU H 620 -28.08 32.99 -18.53
C LEU H 620 -29.28 33.87 -18.22
N ASP H 621 -29.26 35.09 -18.76
CA ASP H 621 -30.33 36.06 -18.55
C ASP H 621 -31.01 36.45 -19.86
N GLN H 622 -30.24 36.70 -20.91
CA GLN H 622 -30.83 37.03 -22.19
C GLN H 622 -31.41 35.78 -22.84
N LEU H 623 -32.68 35.85 -23.23
CA LEU H 623 -33.41 34.71 -23.78
C LEU H 623 -34.04 35.11 -25.10
N ILE H 624 -33.98 34.20 -26.08
CA ILE H 624 -34.52 34.46 -27.41
C ILE H 624 -35.42 33.29 -27.81
N TYR H 625 -36.63 33.62 -28.23
CA TYR H 625 -37.54 32.64 -28.80
C TYR H 625 -37.33 32.55 -30.31
N ILE H 626 -37.49 31.33 -30.82
CA ILE H 626 -37.32 31.05 -32.25
C ILE H 626 -38.69 30.74 -32.84
N PRO H 627 -39.32 31.69 -33.53
CA PRO H 627 -40.61 31.40 -34.16
C PRO H 627 -40.45 30.47 -35.35
N LEU H 628 -41.54 29.77 -35.65
CA LEU H 628 -41.54 28.83 -36.77
C LEU H 628 -41.39 29.59 -38.09
N PRO H 629 -40.72 28.98 -39.07
CA PRO H 629 -40.62 29.62 -40.39
C PRO H 629 -41.97 29.67 -41.07
N ASP H 630 -42.14 30.65 -41.95
CA ASP H 630 -43.40 30.82 -42.66
C ASP H 630 -43.17 31.55 -43.97
N GLU H 631 -43.50 30.89 -45.08
CA GLU H 631 -43.58 31.54 -46.38
C GLU H 631 -42.26 32.17 -46.79
N LYS H 632 -42.05 33.45 -46.49
CA LYS H 632 -40.74 34.07 -46.72
C LYS H 632 -39.62 33.25 -46.11
N SER H 633 -39.76 32.88 -44.84
CA SER H 633 -38.76 32.01 -44.23
C SER H 633 -38.72 30.65 -44.91
N ARG H 634 -39.89 30.09 -45.23
CA ARG H 634 -39.94 28.80 -45.89
C ARG H 634 -39.30 28.86 -47.28
N VAL H 635 -39.64 29.89 -48.05
CA VAL H 635 -39.05 30.02 -49.38
C VAL H 635 -37.55 30.23 -49.28
N ALA H 636 -37.11 31.03 -48.30
CA ALA H 636 -35.70 31.30 -48.13
C ALA H 636 -34.93 30.02 -47.78
N ILE H 637 -35.45 29.23 -46.86
CA ILE H 637 -34.75 27.99 -46.49
C ILE H 637 -34.77 27.00 -47.64
N LEU H 638 -35.88 27.00 -48.40
CA LEU H 638 -35.96 26.11 -49.57
C LEU H 638 -34.90 26.48 -50.60
N LYS H 639 -34.79 27.76 -50.92
CA LYS H 639 -33.81 28.21 -51.90
C LYS H 639 -32.40 28.17 -51.38
N ALA H 640 -32.21 28.13 -50.06
CA ALA H 640 -30.89 27.98 -49.48
C ALA H 640 -30.43 26.53 -49.41
N ASN H 641 -31.36 25.59 -49.30
CA ASN H 641 -31.02 24.17 -49.27
C ASN H 641 -31.04 23.52 -50.64
N LEU H 642 -31.64 24.17 -51.63
CA LEU H 642 -31.79 23.55 -52.94
C LEU H 642 -30.60 23.82 -53.84
N ARG H 643 -29.39 23.48 -53.38
CA ARG H 643 -28.24 23.70 -54.26
C ARG H 643 -28.09 22.55 -55.24
N LYS H 644 -27.70 21.38 -54.74
CA LYS H 644 -27.57 20.14 -55.51
C LYS H 644 -26.90 20.26 -56.88
N SER H 645 -26.65 19.14 -57.54
CA SER H 645 -26.40 19.16 -58.97
C SER H 645 -27.69 19.14 -59.79
N PRO H 646 -28.66 18.24 -59.51
CA PRO H 646 -29.85 18.20 -60.38
C PRO H 646 -30.95 19.19 -59.97
N VAL H 647 -30.76 20.46 -60.37
CA VAL H 647 -31.74 21.48 -60.03
C VAL H 647 -33.01 21.36 -60.86
N ALA H 648 -32.95 20.69 -62.01
CA ALA H 648 -34.07 20.63 -62.97
C ALA H 648 -34.42 22.07 -63.33
N LYS H 649 -35.70 22.42 -63.46
CA LYS H 649 -36.10 23.81 -63.64
C LYS H 649 -37.03 24.30 -62.55
N ASP H 650 -37.57 23.42 -61.71
CA ASP H 650 -38.32 23.77 -60.51
C ASP H 650 -39.60 24.54 -60.82
N VAL H 651 -40.31 24.93 -59.76
CA VAL H 651 -41.51 25.74 -59.85
C VAL H 651 -41.42 26.85 -58.80
N ASP H 652 -42.49 27.61 -58.67
CA ASP H 652 -42.52 28.70 -57.71
C ASP H 652 -42.41 28.16 -56.28
N LEU H 653 -41.46 28.70 -55.52
CA LEU H 653 -41.28 28.26 -54.14
C LEU H 653 -42.36 28.81 -53.23
N GLU H 654 -43.00 29.92 -53.62
CA GLU H 654 -43.98 30.57 -52.75
C GLU H 654 -45.20 29.67 -52.52
N PHE H 655 -45.70 29.04 -53.59
CA PHE H 655 -46.87 28.19 -53.43
C PHE H 655 -46.50 26.89 -52.73
N LEU H 656 -45.24 26.45 -52.90
CA LEU H 656 -44.74 25.33 -52.12
C LEU H 656 -44.74 25.64 -50.64
N ALA H 657 -44.35 26.86 -50.27
CA ALA H 657 -44.47 27.28 -48.89
C ALA H 657 -45.92 27.38 -48.47
N LYS H 658 -46.79 27.79 -49.39
CA LYS H 658 -48.21 27.92 -49.07
C LYS H 658 -48.83 26.58 -48.71
N MET H 659 -48.51 25.53 -49.46
CA MET H 659 -49.10 24.22 -49.16
C MET H 659 -48.61 23.66 -47.84
N THR H 660 -47.38 24.01 -47.45
CA THR H 660 -46.74 23.45 -46.26
C THR H 660 -46.74 24.44 -45.11
N ASN H 661 -47.82 25.22 -44.95
CA ASN H 661 -47.86 26.22 -43.89
C ASN H 661 -47.86 25.55 -42.52
N GLY H 662 -47.24 26.23 -41.56
CA GLY H 662 -47.11 25.69 -40.22
C GLY H 662 -46.20 24.48 -40.14
N PHE H 663 -45.14 24.45 -40.93
CA PHE H 663 -44.19 23.34 -40.94
C PHE H 663 -42.79 23.88 -40.73
N SER H 664 -41.98 23.11 -40.00
CA SER H 664 -40.60 23.50 -39.75
C SER H 664 -39.74 23.26 -40.99
N GLY H 665 -38.52 23.81 -40.95
CA GLY H 665 -37.59 23.59 -42.03
C GLY H 665 -37.20 22.13 -42.17
N ALA H 666 -37.30 21.37 -41.08
CA ALA H 666 -37.03 19.94 -41.15
C ALA H 666 -37.98 19.25 -42.11
N ASP H 667 -39.26 19.64 -42.08
CA ASP H 667 -40.22 19.08 -43.01
C ASP H 667 -39.82 19.36 -44.47
N LEU H 668 -39.41 20.59 -44.75
CA LEU H 668 -39.02 20.95 -46.11
C LEU H 668 -37.79 20.17 -46.55
N THR H 669 -36.79 20.06 -45.67
CA THR H 669 -35.59 19.33 -46.01
C THR H 669 -35.89 17.86 -46.25
N GLU H 670 -36.74 17.26 -45.41
CA GLU H 670 -37.11 15.87 -45.59
C GLU H 670 -37.86 15.66 -46.89
N ILE H 671 -38.75 16.60 -47.24
CA ILE H 671 -39.48 16.49 -48.49
C ILE H 671 -38.53 16.55 -49.67
N CYS H 672 -37.57 17.48 -49.62
CA CYS H 672 -36.58 17.58 -50.70
C CYS H 672 -35.77 16.30 -50.81
N GLN H 673 -35.34 15.74 -49.67
CA GLN H 673 -34.55 14.52 -49.71
C GLN H 673 -35.36 13.34 -50.22
N ARG H 674 -36.64 13.27 -49.86
CA ARG H 674 -37.49 12.19 -50.38
C ARG H 674 -37.67 12.32 -51.88
N ALA H 675 -37.86 13.54 -52.37
CA ALA H 675 -37.96 13.75 -53.82
C ALA H 675 -36.67 13.34 -54.51
N CYS H 676 -35.52 13.68 -53.91
CA CYS H 676 -34.24 13.26 -54.48
C CYS H 676 -34.11 11.75 -54.47
N LYS H 677 -34.60 11.10 -53.42
CA LYS H 677 -34.57 9.65 -53.35
C LYS H 677 -35.40 9.04 -54.47
N LEU H 678 -36.59 9.57 -54.71
CA LEU H 678 -37.41 9.07 -55.81
C LEU H 678 -36.75 9.33 -57.16
N ALA H 679 -36.10 10.48 -57.31
CA ALA H 679 -35.39 10.76 -58.55
C ALA H 679 -34.27 9.76 -58.77
N ILE H 680 -33.53 9.44 -57.72
CA ILE H 680 -32.48 8.44 -57.82
C ILE H 680 -33.07 7.09 -58.18
N ARG H 681 -34.18 6.72 -57.54
CA ARG H 681 -34.80 5.44 -57.86
C ARG H 681 -35.21 5.37 -59.32
N GLU H 682 -35.80 6.46 -59.83
CA GLU H 682 -36.19 6.52 -61.23
C GLU H 682 -34.99 6.41 -62.15
N SER H 683 -33.91 7.13 -61.84
CA SER H 683 -32.72 7.06 -62.67
C SER H 683 -32.13 5.66 -62.65
N ILE H 684 -32.09 5.03 -61.48
CA ILE H 684 -31.52 3.69 -61.35
C ILE H 684 -32.35 2.69 -62.15
N GLU H 685 -33.68 2.76 -62.01
CA GLU H 685 -34.52 1.80 -62.73
C GLU H 685 -34.46 2.03 -64.23
N SER H 686 -34.38 3.29 -64.67
CA SER H 686 -34.26 3.55 -66.10
C SER H 686 -32.93 3.05 -66.64
N GLU H 687 -31.84 3.26 -65.90
CA GLU H 687 -30.55 2.75 -66.33
C GLU H 687 -30.55 1.23 -66.38
N ILE H 688 -31.19 0.59 -65.40
CA ILE H 688 -31.26 -0.87 -65.39
C ILE H 688 -32.08 -1.38 -66.56
N ARG H 689 -33.20 -0.70 -66.87
CA ARG H 689 -34.01 -1.08 -68.02
C ARG H 689 -33.24 -0.92 -69.32
N ARG H 690 -32.47 0.17 -69.43
CA ARG H 690 -31.65 0.37 -70.62
C ARG H 690 -30.59 -0.71 -70.74
N GLU H 691 -29.96 -1.09 -69.62
CA GLU H 691 -29.03 -2.21 -69.65
C GLU H 691 -29.72 -3.50 -70.06
N ARG H 692 -30.94 -3.71 -69.59
CA ARG H 692 -31.69 -4.91 -69.94
C ARG H 692 -31.97 -4.97 -71.44
N GLU H 693 -32.36 -3.85 -72.02
CA GLU H 693 -32.62 -3.84 -73.46
C GLU H 693 -31.33 -3.86 -74.28
N ARG H 694 -30.19 -3.46 -73.72
CA ARG H 694 -28.92 -3.70 -74.38
C ARG H 694 -28.56 -5.18 -74.38
N GLN H 695 -28.72 -5.85 -73.24
CA GLN H 695 -28.31 -7.24 -73.16
C GLN H 695 -29.27 -8.17 -73.90
N THR H 696 -30.57 -7.85 -73.89
CA THR H 696 -31.51 -8.64 -74.68
C THR H 696 -31.39 -8.32 -76.16
N ASN H 697 -31.22 -7.05 -76.50
CA ASN H 697 -31.05 -6.59 -77.88
C ASN H 697 -29.66 -5.99 -78.01
N PRO H 698 -28.69 -6.75 -78.51
CA PRO H 698 -27.34 -6.19 -78.66
C PRO H 698 -27.33 -5.03 -79.65
N SER H 699 -26.56 -4.00 -79.30
CA SER H 699 -26.44 -2.78 -80.11
C SER H 699 -27.81 -2.18 -80.42
N ALA H 700 -28.69 -2.18 -79.42
CA ALA H 700 -30.04 -1.65 -79.61
C ALA H 700 -30.03 -0.13 -79.72
N MET H 701 -29.10 0.51 -79.00
CA MET H 701 -29.03 1.97 -78.91
C MET H 701 -27.65 2.46 -79.31
N GLU H 702 -27.20 2.02 -80.49
CA GLU H 702 -25.87 2.39 -80.99
C GLU H 702 -25.67 3.90 -81.03
N VAL H 703 -26.74 4.66 -81.21
CA VAL H 703 -26.64 6.11 -81.11
C VAL H 703 -26.30 6.49 -79.68
N GLU H 704 -25.29 7.34 -79.51
CA GLU H 704 -24.79 7.66 -78.18
C GLU H 704 -25.69 8.68 -77.48
N GLU H 705 -26.72 8.18 -76.78
CA GLU H 705 -27.59 9.05 -76.01
C GLU H 705 -27.16 9.03 -74.54
N ASP H 706 -27.11 10.21 -73.93
CA ASP H 706 -26.61 10.34 -72.57
C ASP H 706 -27.55 9.63 -71.59
N ASP H 707 -27.14 9.61 -70.32
CA ASP H 707 -27.96 9.05 -69.27
C ASP H 707 -29.24 9.87 -69.13
N PRO H 708 -30.32 9.25 -68.62
CA PRO H 708 -31.58 9.99 -68.45
C PRO H 708 -31.38 11.24 -67.62
N VAL H 709 -32.00 12.33 -68.06
CA VAL H 709 -31.80 13.64 -67.46
C VAL H 709 -32.26 13.63 -66.02
N PRO H 710 -31.53 14.26 -65.11
CA PRO H 710 -31.97 14.30 -63.71
C PRO H 710 -33.05 15.36 -63.50
N GLU H 711 -34.17 15.19 -64.19
CA GLU H 711 -35.28 16.13 -64.11
C GLU H 711 -36.18 15.74 -62.94
N ILE H 712 -36.03 16.45 -61.82
CA ILE H 712 -36.94 16.30 -60.71
C ILE H 712 -38.21 17.07 -61.05
N ARG H 713 -39.23 16.35 -61.51
CA ARG H 713 -40.44 16.97 -62.01
C ARG H 713 -41.47 17.06 -60.88
N ARG H 714 -42.53 17.84 -61.13
CA ARG H 714 -43.56 18.07 -60.12
C ARG H 714 -44.19 16.78 -59.63
N ASP H 715 -44.16 15.73 -60.44
CA ASP H 715 -44.62 14.42 -59.98
C ASP H 715 -43.76 13.92 -58.82
N HIS H 716 -42.44 14.14 -58.91
CA HIS H 716 -41.56 13.78 -57.81
C HIS H 716 -41.91 14.60 -56.57
N PHE H 717 -42.23 15.87 -56.76
CA PHE H 717 -42.66 16.68 -55.62
C PHE H 717 -43.93 16.13 -55.00
N GLU H 718 -44.87 15.68 -55.84
CA GLU H 718 -46.12 15.12 -55.33
C GLU H 718 -45.87 13.87 -54.51
N GLU H 719 -45.10 12.93 -55.07
CA GLU H 719 -44.77 11.73 -54.31
C GLU H 719 -43.91 12.06 -53.10
N ALA H 720 -43.33 13.26 -53.07
CA ALA H 720 -42.63 13.71 -51.86
C ALA H 720 -43.61 14.16 -50.79
N MET H 721 -44.42 15.19 -51.07
CA MET H 721 -45.28 15.69 -49.98
C MET H 721 -46.55 14.88 -49.83
N ARG H 722 -46.63 13.70 -50.45
CA ARG H 722 -47.60 12.72 -49.96
C ARG H 722 -47.44 12.52 -48.46
N PHE H 723 -46.20 12.48 -47.99
CA PHE H 723 -45.89 12.42 -46.56
C PHE H 723 -45.61 13.82 -46.01
N ALA H 724 -46.60 14.70 -46.10
CA ALA H 724 -46.47 16.08 -45.63
C ALA H 724 -46.53 16.06 -44.11
N ARG H 725 -45.35 15.97 -43.50
CA ARG H 725 -45.28 15.68 -42.07
C ARG H 725 -45.62 16.91 -41.24
N ARG H 726 -46.53 16.73 -40.27
CA ARG H 726 -46.74 17.69 -39.20
C ARG H 726 -45.75 17.34 -38.09
N SER H 727 -44.50 17.73 -38.30
CA SER H 727 -43.43 17.37 -37.39
C SER H 727 -43.68 17.95 -36.01
N VAL H 728 -44.05 19.22 -35.93
CA VAL H 728 -44.29 19.89 -34.67
C VAL H 728 -45.76 19.74 -34.31
N SER H 729 -46.01 19.47 -33.03
CA SER H 729 -47.38 19.43 -32.54
C SER H 729 -47.97 20.84 -32.54
N ASP H 730 -49.29 20.91 -32.36
CA ASP H 730 -49.99 22.19 -32.44
C ASP H 730 -50.16 22.83 -31.06
N ASN H 731 -50.72 22.09 -30.11
CA ASN H 731 -50.99 22.65 -28.79
C ASN H 731 -49.70 23.12 -28.12
N ASP H 732 -48.61 22.39 -28.32
CA ASP H 732 -47.35 22.75 -27.69
C ASP H 732 -46.86 24.12 -28.18
N ILE H 733 -47.24 24.52 -29.38
CA ILE H 733 -46.92 25.87 -29.84
C ILE H 733 -47.60 26.90 -28.95
N ARG H 734 -48.89 26.68 -28.67
CA ARG H 734 -49.59 27.56 -27.74
C ARG H 734 -48.98 27.51 -26.34
N LYS H 735 -48.54 26.34 -25.90
CA LYS H 735 -47.88 26.26 -24.59
C LYS H 735 -46.61 27.09 -24.57
N TYR H 736 -45.81 27.00 -25.63
CA TYR H 736 -44.55 27.75 -25.69
C TYR H 736 -44.81 29.26 -25.72
N GLU H 737 -45.76 29.70 -26.55
CA GLU H 737 -46.03 31.13 -26.60
C GLU H 737 -46.66 31.62 -25.30
N MET H 738 -47.47 30.77 -24.64
CA MET H 738 -48.02 31.13 -23.34
C MET H 738 -46.91 31.28 -22.32
N PHE H 739 -45.92 30.39 -22.34
CA PHE H 739 -44.78 30.52 -21.44
C PHE H 739 -44.00 31.80 -21.72
N ALA H 740 -43.82 32.12 -23.00
CA ALA H 740 -43.13 33.36 -23.35
C ALA H 740 -43.89 34.57 -22.85
N GLN H 741 -45.21 34.57 -23.02
CA GLN H 741 -46.03 35.68 -22.53
C GLN H 741 -46.02 35.76 -21.01
N THR H 742 -45.97 34.61 -20.34
CA THR H 742 -45.79 34.61 -18.89
C THR H 742 -44.47 35.27 -18.52
N LEU H 743 -43.41 34.97 -19.27
CA LEU H 743 -42.17 35.73 -19.13
C LEU H 743 -42.37 37.17 -19.56
N GLN H 744 -43.19 37.41 -20.59
CA GLN H 744 -43.46 38.75 -21.10
C GLN H 744 -44.49 39.42 -20.18
N GLN H 745 -44.05 39.77 -18.99
CA GLN H 745 -44.93 40.39 -18.00
C GLN H 745 -45.25 41.83 -18.36
N ARG I 3 -1.04 -69.90 -31.72
CA ARG I 3 -0.94 -70.07 -30.28
C ARG I 3 -2.30 -69.90 -29.60
N PRO I 4 -3.22 -70.84 -29.84
CA PRO I 4 -4.56 -70.71 -29.24
C PRO I 4 -4.63 -71.27 -27.83
N ASN I 5 -3.65 -70.94 -27.01
CA ASN I 5 -3.65 -71.38 -25.61
C ASN I 5 -3.42 -70.25 -24.64
N ARG I 6 -2.57 -69.28 -24.97
CA ARG I 6 -2.33 -68.16 -24.08
C ARG I 6 -3.54 -67.26 -24.03
N LEU I 7 -3.94 -66.89 -22.81
CA LEU I 7 -5.15 -66.11 -22.58
C LEU I 7 -4.81 -64.84 -21.82
N ILE I 8 -5.44 -63.73 -22.21
CA ILE I 8 -5.22 -62.46 -21.53
C ILE I 8 -5.79 -62.53 -20.12
N VAL I 9 -5.05 -62.02 -19.15
CA VAL I 9 -5.44 -62.15 -17.75
C VAL I 9 -6.62 -61.24 -17.45
N ASP I 10 -7.40 -61.62 -16.44
CA ASP I 10 -8.51 -60.83 -15.92
C ASP I 10 -8.72 -61.22 -14.47
N GLU I 11 -9.39 -60.34 -13.73
CA GLU I 11 -9.54 -60.55 -12.30
C GLU I 11 -10.37 -61.81 -12.01
N ALA I 12 -10.00 -62.49 -10.93
CA ALA I 12 -10.73 -63.66 -10.46
C ALA I 12 -11.57 -63.25 -9.26
N ILE I 13 -12.89 -63.27 -9.42
CA ILE I 13 -13.79 -62.84 -8.35
C ILE I 13 -13.72 -63.79 -7.17
N ASN I 14 -13.52 -65.08 -7.43
CA ASN I 14 -13.47 -66.07 -6.35
C ASN I 14 -12.35 -65.76 -5.37
N GLU I 15 -12.68 -65.87 -4.08
CA GLU I 15 -11.69 -65.58 -3.05
C GLU I 15 -10.57 -66.62 -3.03
N ASP I 16 -10.86 -67.85 -3.47
CA ASP I 16 -9.85 -68.90 -3.47
C ASP I 16 -8.65 -68.49 -4.31
N ASN I 17 -7.46 -68.68 -3.75
CA ASN I 17 -6.25 -68.19 -4.39
C ASN I 17 -5.90 -69.00 -5.64
N SER I 18 -6.13 -70.31 -5.60
CA SER I 18 -5.68 -71.23 -6.64
C SER I 18 -6.80 -71.68 -7.56
N VAL I 19 -7.75 -70.81 -7.87
CA VAL I 19 -8.83 -71.14 -8.80
C VAL I 19 -8.79 -70.18 -9.97
N VAL I 20 -8.94 -70.73 -11.17
CA VAL I 20 -8.97 -69.95 -12.41
C VAL I 20 -10.14 -70.42 -13.25
N SER I 21 -10.91 -69.48 -13.78
CA SER I 21 -12.11 -69.79 -14.54
C SER I 21 -11.76 -69.92 -16.02
N LEU I 22 -12.10 -71.06 -16.61
CA LEU I 22 -11.80 -71.35 -18.00
C LEU I 22 -13.08 -71.66 -18.77
N SER I 23 -13.08 -71.30 -20.05
CA SER I 23 -14.14 -71.70 -20.95
C SER I 23 -13.95 -73.15 -21.37
N GLN I 24 -15.06 -73.82 -21.70
CA GLN I 24 -15.00 -75.22 -22.06
C GLN I 24 -14.13 -75.53 -23.29
N PRO I 25 -14.15 -74.74 -24.38
CA PRO I 25 -13.26 -75.09 -25.50
C PRO I 25 -11.78 -75.03 -25.12
N LYS I 26 -11.40 -74.06 -24.29
CA LYS I 26 -10.02 -74.00 -23.82
C LYS I 26 -9.70 -75.17 -22.91
N MET I 27 -10.66 -75.57 -22.07
CA MET I 27 -10.46 -76.72 -21.19
C MET I 27 -10.25 -78.00 -21.99
N ASP I 28 -11.03 -78.18 -23.06
CA ASP I 28 -10.87 -79.38 -23.88
C ASP I 28 -9.60 -79.34 -24.72
N GLU I 29 -9.26 -78.16 -25.24
CA GLU I 29 -8.08 -78.04 -26.12
C GLU I 29 -6.79 -78.33 -25.35
N LEU I 30 -6.68 -77.83 -24.12
CA LEU I 30 -5.49 -78.01 -23.32
C LEU I 30 -5.45 -79.35 -22.60
N GLN I 31 -6.35 -80.28 -22.96
CA GLN I 31 -6.36 -81.64 -22.40
C GLN I 31 -6.45 -81.62 -20.88
N LEU I 32 -7.32 -80.78 -20.36
CA LEU I 32 -7.48 -80.63 -18.91
C LEU I 32 -8.74 -81.36 -18.44
N PHE I 33 -8.69 -81.80 -17.19
CA PHE I 33 -9.82 -82.48 -16.58
C PHE I 33 -10.80 -81.43 -16.05
N ARG I 34 -11.78 -81.87 -15.26
CA ARG I 34 -12.72 -80.98 -14.60
C ARG I 34 -12.27 -80.76 -13.17
N GLY I 35 -11.98 -79.50 -12.82
CA GLY I 35 -11.48 -79.19 -11.50
C GLY I 35 -10.05 -79.58 -11.24
N ASP I 36 -9.29 -79.92 -12.27
CA ASP I 36 -7.91 -80.34 -12.11
C ASP I 36 -7.01 -79.11 -11.94
N THR I 37 -5.70 -79.32 -12.03
CA THR I 37 -4.72 -78.27 -11.83
C THR I 37 -3.96 -78.00 -13.12
N VAL I 38 -3.73 -76.73 -13.40
CA VAL I 38 -2.98 -76.27 -14.56
C VAL I 38 -1.70 -75.61 -14.09
N LEU I 39 -0.70 -75.65 -14.96
CA LEU I 39 0.61 -75.06 -14.70
C LEU I 39 0.80 -73.84 -15.60
N LEU I 40 1.07 -72.70 -14.97
CA LEU I 40 1.21 -71.44 -15.68
C LEU I 40 2.61 -70.87 -15.48
N LYS I 41 3.22 -70.44 -16.57
CA LYS I 41 4.50 -69.76 -16.59
C LYS I 41 4.30 -68.32 -17.05
N GLY I 42 5.05 -67.41 -16.44
CA GLY I 42 5.04 -66.02 -16.84
C GLY I 42 6.43 -65.47 -17.02
N LYS I 43 6.73 -64.37 -16.33
CA LYS I 43 8.09 -63.83 -16.35
C LYS I 43 9.04 -64.79 -15.66
N LYS I 44 10.25 -64.91 -16.22
CA LYS I 44 11.30 -65.79 -15.71
C LYS I 44 10.88 -67.26 -15.69
N ARG I 45 9.86 -67.61 -16.46
CA ARG I 45 9.34 -68.98 -16.55
C ARG I 45 8.94 -69.52 -15.18
N ARG I 46 8.48 -68.66 -14.29
CA ARG I 46 8.05 -69.12 -12.97
C ARG I 46 6.77 -69.93 -13.08
N GLU I 47 6.76 -71.12 -12.50
CA GLU I 47 5.65 -72.04 -12.63
C GLU I 47 4.74 -71.93 -11.42
N ALA I 48 3.44 -71.91 -11.67
CA ALA I 48 2.42 -71.90 -10.64
C ALA I 48 1.35 -72.92 -10.96
N VAL I 49 0.88 -73.62 -9.94
CA VAL I 49 -0.14 -74.65 -10.09
C VAL I 49 -1.44 -74.13 -9.51
N CYS I 50 -2.51 -74.21 -10.30
CA CYS I 50 -3.80 -73.65 -9.89
C CYS I 50 -4.92 -74.58 -10.28
N ILE I 51 -5.86 -74.79 -9.35
CA ILE I 51 -7.03 -75.61 -9.62
C ILE I 51 -7.90 -74.93 -10.66
N VAL I 52 -8.35 -75.71 -11.65
CA VAL I 52 -9.29 -75.17 -12.64
C VAL I 52 -10.64 -74.95 -11.99
N LEU I 53 -11.14 -73.73 -12.08
CA LEU I 53 -12.43 -73.36 -11.50
C LEU I 53 -13.55 -73.55 -12.51
N SER I 54 -14.69 -74.04 -12.03
CA SER I 54 -15.84 -74.32 -12.86
C SER I 54 -16.60 -73.02 -13.10
N ASP I 55 -16.15 -72.24 -14.09
CA ASP I 55 -16.82 -70.99 -14.42
C ASP I 55 -16.43 -70.59 -15.84
N ASP I 56 -17.43 -70.45 -16.71
CA ASP I 56 -17.23 -70.00 -18.09
C ASP I 56 -17.71 -68.57 -18.30
N THR I 57 -17.90 -67.80 -17.23
CA THR I 57 -18.42 -66.45 -17.37
C THR I 57 -17.47 -65.56 -18.19
N CYS I 58 -16.18 -65.66 -17.93
CA CYS I 58 -15.21 -64.88 -18.69
C CYS I 58 -15.13 -65.37 -20.13
N SER I 59 -14.71 -64.49 -21.03
CA SER I 59 -14.57 -64.85 -22.43
C SER I 59 -13.49 -65.91 -22.60
N ASP I 60 -13.59 -66.67 -23.69
CA ASP I 60 -12.64 -67.76 -23.92
C ASP I 60 -11.22 -67.23 -24.08
N GLU I 61 -11.07 -66.07 -24.74
CA GLU I 61 -9.76 -65.46 -24.84
C GLU I 61 -9.24 -64.93 -23.50
N LYS I 62 -10.12 -64.76 -22.52
CA LYS I 62 -9.75 -64.25 -21.21
C LYS I 62 -9.62 -65.40 -20.21
N ILE I 63 -8.76 -65.19 -19.21
CA ILE I 63 -8.56 -66.14 -18.13
C ILE I 63 -8.72 -65.41 -16.80
N ARG I 64 -9.64 -65.88 -15.97
CA ARG I 64 -9.82 -65.28 -14.64
C ARG I 64 -8.67 -65.69 -13.74
N MET I 65 -8.04 -64.71 -13.11
CA MET I 65 -6.76 -64.93 -12.44
C MET I 65 -6.49 -63.76 -11.52
N ASN I 66 -6.50 -64.01 -10.21
CA ASN I 66 -6.52 -62.96 -9.22
C ASN I 66 -5.11 -62.44 -8.94
N ARG I 67 -5.02 -61.55 -7.95
CA ARG I 67 -3.77 -60.87 -7.66
C ARG I 67 -2.69 -61.83 -7.18
N VAL I 68 -3.07 -62.85 -6.40
CA VAL I 68 -2.07 -63.73 -5.80
C VAL I 68 -1.34 -64.52 -6.89
N VAL I 69 -2.06 -65.06 -7.86
CA VAL I 69 -1.41 -65.77 -8.95
C VAL I 69 -0.64 -64.80 -9.83
N ARG I 70 -1.17 -63.59 -10.00
CA ARG I 70 -0.47 -62.57 -10.80
C ARG I 70 0.89 -62.26 -10.21
N ASN I 71 0.97 -62.12 -8.89
CA ASN I 71 2.26 -61.99 -8.24
C ASN I 71 3.06 -63.27 -8.34
N ASN I 72 2.38 -64.42 -8.35
CA ASN I 72 3.08 -65.68 -8.55
C ASN I 72 3.67 -65.77 -9.95
N LEU I 73 2.97 -65.25 -10.94
CA LEU I 73 3.43 -65.30 -12.33
C LEU I 73 4.25 -64.09 -12.73
N ARG I 74 4.50 -63.15 -11.80
CA ARG I 74 5.30 -61.95 -12.06
C ARG I 74 4.76 -61.17 -13.26
N VAL I 75 3.45 -60.97 -13.28
CA VAL I 75 2.77 -60.26 -14.35
C VAL I 75 1.84 -59.22 -13.74
N ARG I 76 1.25 -58.41 -14.61
CA ARG I 76 0.31 -57.37 -14.23
C ARG I 76 -1.04 -57.60 -14.90
N LEU I 77 -1.97 -56.68 -14.69
CA LEU I 77 -3.29 -56.80 -15.29
C LEU I 77 -3.22 -56.50 -16.78
N GLY I 78 -4.06 -57.21 -17.55
CA GLY I 78 -4.04 -57.11 -18.99
C GLY I 78 -2.94 -57.89 -19.67
N ASP I 79 -2.11 -58.60 -18.90
CA ASP I 79 -1.00 -59.37 -19.47
C ASP I 79 -1.52 -60.71 -19.97
N VAL I 80 -0.60 -61.61 -20.28
CA VAL I 80 -0.95 -62.94 -20.78
C VAL I 80 -0.41 -63.99 -19.82
N ILE I 81 -0.74 -65.24 -20.10
CA ILE I 81 -0.29 -66.39 -19.31
C ILE I 81 0.31 -67.42 -20.25
N SER I 82 1.16 -68.27 -19.69
CA SER I 82 1.68 -69.43 -20.40
C SER I 82 1.11 -70.67 -19.72
N ILE I 83 -0.11 -71.04 -20.11
CA ILE I 83 -0.80 -72.17 -19.50
C ILE I 83 -0.48 -73.43 -20.30
N GLN I 84 -0.02 -74.46 -19.61
CA GLN I 84 0.43 -75.68 -20.25
C GLN I 84 -0.15 -76.90 -19.53
N PRO I 85 -0.39 -77.99 -20.26
CA PRO I 85 -1.09 -79.14 -19.68
C PRO I 85 -0.27 -79.80 -18.59
N CYS I 86 -0.82 -79.86 -17.38
CA CYS I 86 -0.19 -80.56 -16.27
C CYS I 86 -1.23 -80.97 -15.24
N PRO I 87 -2.16 -81.87 -15.58
CA PRO I 87 -3.17 -82.32 -14.61
C PRO I 87 -2.73 -83.48 -13.73
N ASP I 88 -1.45 -83.87 -13.79
CA ASP I 88 -0.92 -84.98 -13.01
C ASP I 88 -0.25 -84.52 -11.72
N VAL I 89 -0.76 -83.46 -11.10
CA VAL I 89 -0.18 -82.97 -9.86
C VAL I 89 -0.24 -84.04 -8.79
N LYS I 90 0.78 -84.07 -7.95
CA LYS I 90 0.95 -85.10 -6.93
C LYS I 90 0.45 -84.59 -5.58
N TYR I 91 0.12 -85.54 -4.72
CA TYR I 91 -0.34 -85.22 -3.37
C TYR I 91 0.81 -84.70 -2.52
N GLY I 92 0.48 -83.90 -1.51
CA GLY I 92 1.49 -83.37 -0.62
C GLY I 92 2.04 -84.43 0.32
N LYS I 93 3.32 -84.29 0.65
CA LYS I 93 3.98 -85.16 1.61
C LYS I 93 4.41 -84.41 2.85
N ARG I 94 5.20 -83.34 2.70
CA ARG I 94 5.56 -82.47 3.80
C ARG I 94 5.52 -81.02 3.31
N ILE I 95 5.18 -80.12 4.22
CA ILE I 95 5.03 -78.70 3.91
C ILE I 95 5.99 -77.91 4.79
N HIS I 96 6.83 -77.11 4.14
CA HIS I 96 7.84 -76.30 4.82
C HIS I 96 7.60 -74.85 4.43
N VAL I 97 6.69 -74.19 5.15
CA VAL I 97 6.32 -72.80 4.89
C VAL I 97 6.54 -72.00 6.16
N LEU I 98 7.16 -70.83 6.02
CA LEU I 98 7.38 -69.94 7.16
C LEU I 98 6.94 -68.53 6.80
N PRO I 99 6.43 -67.77 7.76
CA PRO I 99 5.97 -66.41 7.45
C PRO I 99 7.11 -65.48 7.13
N ILE I 100 6.80 -64.45 6.36
CA ILE I 100 7.75 -63.37 6.14
C ILE I 100 7.91 -62.59 7.45
N ASP I 101 9.08 -61.97 7.62
CA ASP I 101 9.36 -61.29 8.88
C ASP I 101 8.38 -60.16 9.14
N ASP I 102 8.12 -59.34 8.11
CA ASP I 102 7.25 -58.17 8.28
C ASP I 102 5.80 -58.47 7.91
N THR I 103 5.25 -59.55 8.48
CA THR I 103 3.82 -59.81 8.34
C THR I 103 3.15 -60.28 9.62
N VAL I 104 3.90 -60.64 10.67
CA VAL I 104 3.31 -61.17 11.89
C VAL I 104 3.89 -60.41 13.08
N GLU I 105 4.51 -59.27 12.81
CA GLU I 105 5.10 -58.47 13.88
C GLU I 105 4.01 -57.98 14.83
N GLY I 106 4.32 -58.00 16.12
CA GLY I 106 3.35 -57.62 17.13
C GLY I 106 2.15 -58.51 17.22
N ILE I 107 2.34 -59.82 17.01
CA ILE I 107 1.24 -60.77 17.11
C ILE I 107 1.60 -61.86 18.11
N THR I 108 2.73 -62.53 17.87
CA THR I 108 3.24 -63.58 18.75
C THR I 108 2.20 -64.68 18.97
N GLY I 109 1.84 -65.34 17.87
CA GLY I 109 0.85 -66.40 17.91
C GLY I 109 1.24 -67.52 16.95
N ASN I 110 0.35 -68.51 16.86
CA ASN I 110 0.55 -69.66 15.99
C ASN I 110 -0.34 -69.51 14.76
N LEU I 111 0.31 -69.43 13.59
CA LEU I 111 -0.44 -69.29 12.34
C LEU I 111 -1.10 -70.61 11.94
N PHE I 112 -0.49 -71.73 12.30
CA PHE I 112 -0.93 -73.03 11.79
C PHE I 112 -2.35 -73.35 12.23
N GLU I 113 -2.62 -73.26 13.53
CA GLU I 113 -3.94 -73.60 14.03
C GLU I 113 -4.94 -72.48 13.82
N VAL I 114 -4.57 -71.25 14.18
CA VAL I 114 -5.51 -70.14 14.14
C VAL I 114 -5.85 -69.77 12.70
N TYR I 115 -4.84 -69.73 11.83
CA TYR I 115 -5.01 -69.24 10.47
C TYR I 115 -4.91 -70.33 9.42
N LEU I 116 -3.83 -71.11 9.42
CA LEU I 116 -3.61 -72.07 8.35
C LEU I 116 -4.61 -73.22 8.40
N LYS I 117 -5.01 -73.65 9.60
CA LYS I 117 -5.91 -74.79 9.70
C LYS I 117 -7.25 -74.56 9.04
N PRO I 118 -7.96 -73.44 9.26
CA PRO I 118 -9.21 -73.22 8.51
C PRO I 118 -8.94 -72.85 7.06
N TYR I 119 -7.77 -72.26 6.81
CA TYR I 119 -7.42 -71.86 5.44
C TYR I 119 -7.31 -73.05 4.52
N PHE I 120 -6.69 -74.14 5.00
CA PHE I 120 -6.46 -75.33 4.20
C PHE I 120 -7.47 -76.43 4.47
N LEU I 121 -8.56 -76.12 5.18
CA LEU I 121 -9.58 -77.13 5.49
C LEU I 121 -10.48 -77.31 4.28
N GLU I 122 -10.35 -78.45 3.61
CA GLU I 122 -11.13 -78.79 2.41
C GLU I 122 -10.99 -77.70 1.34
N ALA I 123 -9.77 -77.19 1.19
CA ALA I 123 -9.43 -76.26 0.12
C ALA I 123 -8.62 -76.92 -0.99
N TYR I 124 -7.73 -77.84 -0.62
CA TYR I 124 -6.95 -78.62 -1.59
C TYR I 124 -6.15 -77.73 -2.52
N ARG I 125 -5.62 -76.64 -1.99
CA ARG I 125 -4.91 -75.67 -2.80
C ARG I 125 -3.61 -76.28 -3.31
N PRO I 126 -3.39 -76.34 -4.62
CA PRO I 126 -2.11 -76.84 -5.13
C PRO I 126 -0.98 -75.87 -4.82
N ILE I 127 -0.04 -76.28 -3.98
CA ILE I 127 1.06 -75.42 -3.58
C ILE I 127 2.34 -75.95 -4.20
N ARG I 128 3.09 -75.05 -4.83
CA ARG I 128 4.30 -75.41 -5.55
C ARG I 128 5.50 -74.82 -4.84
N LYS I 129 6.65 -75.47 -5.02
CA LYS I 129 7.91 -74.95 -4.48
C LYS I 129 8.16 -73.55 -5.02
N GLY I 130 8.11 -72.56 -4.14
CA GLY I 130 8.22 -71.17 -4.53
C GLY I 130 6.92 -70.42 -4.66
N ASP I 131 5.79 -71.10 -4.54
CA ASP I 131 4.50 -70.45 -4.66
C ASP I 131 4.23 -69.56 -3.45
N ILE I 132 3.44 -68.51 -3.67
CA ILE I 132 3.06 -67.57 -2.63
C ILE I 132 1.57 -67.76 -2.37
N PHE I 133 1.20 -67.99 -1.11
CA PHE I 133 -0.20 -68.08 -0.74
C PHE I 133 -0.47 -67.24 0.51
N LEU I 134 -1.61 -66.55 0.50
CA LEU I 134 -1.98 -65.61 1.54
C LEU I 134 -3.23 -66.09 2.26
N VAL I 135 -3.27 -65.88 3.57
CA VAL I 135 -4.46 -66.12 4.38
C VAL I 135 -4.83 -64.84 5.10
N ARG I 136 -6.09 -64.45 5.01
CA ARG I 136 -6.58 -63.23 5.64
C ARG I 136 -7.30 -63.60 6.93
N GLY I 137 -6.86 -63.00 8.04
CA GLY I 137 -7.32 -63.44 9.34
C GLY I 137 -8.16 -62.43 10.10
N GLY I 138 -7.91 -62.34 11.41
CA GLY I 138 -8.75 -61.51 12.26
C GLY I 138 -8.69 -60.04 11.90
N MET I 139 -7.48 -59.53 11.66
CA MET I 139 -7.34 -58.16 11.20
C MET I 139 -6.30 -57.97 10.11
N ARG I 140 -5.38 -58.91 9.90
CA ARG I 140 -4.30 -58.75 8.95
C ARG I 140 -4.33 -59.90 7.95
N ALA I 141 -3.46 -59.81 6.94
CA ALA I 141 -3.28 -60.85 5.94
C ALA I 141 -1.83 -61.29 5.96
N VAL I 142 -1.60 -62.59 6.04
CA VAL I 142 -0.26 -63.16 6.21
C VAL I 142 0.07 -63.97 4.96
N GLU I 143 1.26 -63.74 4.41
CA GLU I 143 1.75 -64.45 3.24
C GLU I 143 2.68 -65.56 3.65
N PHE I 144 2.79 -66.57 2.78
CA PHE I 144 3.72 -67.67 2.98
C PHE I 144 4.25 -68.12 1.63
N LYS I 145 5.45 -68.69 1.65
CA LYS I 145 6.10 -69.20 0.46
C LYS I 145 6.54 -70.64 0.72
N VAL I 146 6.32 -71.51 -0.28
CA VAL I 146 6.76 -72.89 -0.21
C VAL I 146 8.18 -72.91 -0.75
N VAL I 147 9.15 -72.64 0.14
CA VAL I 147 10.54 -72.55 -0.28
C VAL I 147 11.04 -73.90 -0.80
N GLU I 148 10.63 -74.99 -0.16
CA GLU I 148 11.01 -76.33 -0.58
C GLU I 148 9.99 -77.33 -0.03
N THR I 149 9.67 -78.32 -0.85
CA THR I 149 8.63 -79.28 -0.50
C THR I 149 8.85 -80.57 -1.28
N ASP I 150 8.09 -81.59 -0.88
CA ASP I 150 8.08 -82.88 -1.55
C ASP I 150 6.65 -83.22 -1.95
N PRO I 151 6.37 -83.58 -3.20
CA PRO I 151 7.36 -83.67 -4.28
C PRO I 151 7.71 -82.33 -4.93
N SER I 152 8.77 -82.31 -5.71
CA SER I 152 9.26 -81.13 -6.42
C SER I 152 8.64 -81.04 -7.81
N PRO I 153 8.12 -79.86 -8.18
CA PRO I 153 8.07 -78.69 -7.31
C PRO I 153 6.72 -78.51 -6.61
N TYR I 154 5.66 -79.10 -7.18
CA TYR I 154 4.31 -78.86 -6.69
C TYR I 154 3.78 -80.06 -5.92
N CYS I 155 2.72 -79.80 -5.16
CA CYS I 155 2.03 -80.82 -4.38
C CYS I 155 0.61 -80.34 -4.13
N ILE I 156 -0.25 -81.27 -3.72
CA ILE I 156 -1.66 -81.01 -3.49
C ILE I 156 -1.93 -81.07 -2.00
N VAL I 157 -2.65 -80.07 -1.49
CA VAL I 157 -3.13 -80.12 -0.12
C VAL I 157 -4.02 -81.33 0.04
N ALA I 158 -3.62 -82.27 0.89
CA ALA I 158 -4.29 -83.54 1.06
C ALA I 158 -4.35 -83.87 2.54
N PRO I 159 -5.26 -84.76 2.96
CA PRO I 159 -5.35 -85.10 4.38
C PRO I 159 -4.04 -85.63 4.96
N ASP I 160 -3.27 -86.40 4.20
CA ASP I 160 -1.96 -86.88 4.67
C ASP I 160 -0.96 -85.73 4.52
N THR I 161 -1.05 -84.80 5.46
CA THR I 161 -0.28 -83.57 5.41
C THR I 161 0.69 -83.49 6.58
N VAL I 162 1.89 -82.98 6.32
CA VAL I 162 2.91 -82.77 7.34
C VAL I 162 3.41 -81.33 7.15
N ILE I 163 2.84 -80.40 7.91
CA ILE I 163 3.17 -78.98 7.79
C ILE I 163 4.08 -78.62 8.94
N HIS I 164 5.28 -78.13 8.62
CA HIS I 164 6.25 -77.68 9.62
C HIS I 164 6.16 -76.16 9.72
N CYS I 165 5.33 -75.69 10.65
CA CYS I 165 5.16 -74.27 10.90
C CYS I 165 5.92 -73.82 12.15
N GLU I 166 7.01 -74.50 12.48
CA GLU I 166 7.82 -74.20 13.65
C GLU I 166 9.19 -73.74 13.20
N GLY I 167 9.63 -72.61 13.72
CA GLY I 167 10.94 -72.04 13.41
C GLY I 167 10.85 -70.55 13.19
N GLU I 168 12.02 -69.94 12.98
CA GLU I 168 12.09 -68.51 12.78
C GLU I 168 11.39 -68.13 11.47
N PRO I 169 10.64 -67.03 11.44
CA PRO I 169 9.99 -66.61 10.20
C PRO I 169 11.01 -66.35 9.10
N ILE I 170 10.64 -66.71 7.86
CA ILE I 170 11.55 -66.59 6.74
C ILE I 170 11.81 -65.13 6.44
N LYS I 171 12.97 -64.86 5.84
CA LYS I 171 13.37 -63.51 5.47
C LYS I 171 12.78 -63.14 4.11
N ARG I 172 13.19 -61.99 3.58
CA ARG I 172 12.69 -61.53 2.30
C ARG I 172 13.30 -62.36 1.17
N GLU I 173 12.46 -62.76 0.22
CA GLU I 173 12.89 -63.52 -0.95
C GLU I 173 13.37 -62.63 -2.07
N ASP I 174 13.29 -61.31 -1.91
CA ASP I 174 13.82 -60.28 -2.81
C ASP I 174 13.06 -60.16 -4.13
N GLU I 175 11.96 -60.91 -4.31
CA GLU I 175 11.12 -60.75 -5.49
C GLU I 175 9.88 -59.92 -5.22
N GLU I 176 9.74 -59.38 -4.00
CA GLU I 176 8.55 -58.65 -3.58
C GLU I 176 7.30 -59.50 -3.74
N GLU I 177 6.52 -59.23 -4.80
CA GLU I 177 5.24 -59.90 -5.03
C GLU I 177 4.34 -59.80 -3.81
N SER I 178 4.30 -58.61 -3.21
CA SER I 178 3.54 -58.36 -2.00
C SER I 178 2.17 -57.81 -2.36
N LEU I 179 1.12 -58.41 -1.78
CA LEU I 179 -0.26 -58.01 -2.05
C LEU I 179 -0.77 -56.95 -1.09
N ASN I 180 0.05 -56.49 -0.14
CA ASN I 180 -0.39 -55.47 0.79
C ASN I 180 -0.55 -54.10 0.14
N GLU I 181 -0.09 -53.93 -1.09
CA GLU I 181 -0.22 -52.67 -1.79
C GLU I 181 -1.62 -52.57 -2.39
N VAL I 182 -1.83 -51.57 -3.23
CA VAL I 182 -3.16 -51.22 -3.69
C VAL I 182 -3.41 -51.81 -5.07
N GLY I 183 -4.67 -51.83 -5.48
CA GLY I 183 -5.06 -52.35 -6.78
C GLY I 183 -6.44 -51.87 -7.16
N TYR I 184 -6.90 -52.32 -8.33
CA TYR I 184 -8.21 -51.91 -8.81
C TYR I 184 -9.32 -52.35 -7.86
N ASP I 185 -9.23 -53.57 -7.35
CA ASP I 185 -10.27 -54.11 -6.48
C ASP I 185 -10.36 -53.41 -5.14
N ASP I 186 -9.37 -52.58 -4.80
CA ASP I 186 -9.35 -51.90 -3.51
C ASP I 186 -10.09 -50.57 -3.53
N ILE I 187 -10.72 -50.21 -4.64
CA ILE I 187 -11.44 -48.96 -4.77
C ILE I 187 -12.87 -49.28 -5.18
N GLY I 188 -13.83 -48.62 -4.53
CA GLY I 188 -15.24 -48.84 -4.81
C GLY I 188 -15.97 -47.52 -5.03
N GLY I 189 -17.12 -47.63 -5.67
CA GLY I 189 -17.99 -46.50 -5.91
C GLY I 189 -17.65 -45.65 -7.13
N CYS I 190 -16.71 -46.08 -7.96
CA CYS I 190 -16.28 -45.29 -9.11
C CYS I 190 -16.13 -46.17 -10.34
N ARG I 191 -17.15 -46.98 -10.62
CA ARG I 191 -17.09 -47.89 -11.76
C ARG I 191 -16.92 -47.14 -13.07
N LYS I 192 -17.78 -46.16 -13.32
CA LYS I 192 -17.72 -45.43 -14.57
C LYS I 192 -16.41 -44.67 -14.71
N GLN I 193 -16.00 -43.98 -13.64
CA GLN I 193 -14.76 -43.21 -13.69
C GLN I 193 -13.56 -44.12 -13.89
N LEU I 194 -13.55 -45.28 -13.21
CA LEU I 194 -12.45 -46.22 -13.38
C LEU I 194 -12.42 -46.74 -14.82
N ALA I 195 -13.59 -47.03 -15.39
CA ALA I 195 -13.62 -47.48 -16.78
C ALA I 195 -13.07 -46.42 -17.71
N GLN I 196 -13.45 -45.17 -17.51
CA GLN I 196 -12.93 -44.09 -18.34
C GLN I 196 -11.42 -43.97 -18.22
N ILE I 197 -10.91 -44.01 -16.99
CA ILE I 197 -9.47 -43.87 -16.78
C ILE I 197 -8.73 -45.02 -17.45
N LYS I 198 -9.22 -46.25 -17.27
CA LYS I 198 -8.62 -47.38 -17.95
C LYS I 198 -8.60 -47.16 -19.46
N GLU I 199 -9.74 -46.73 -20.02
CA GLU I 199 -9.82 -46.55 -21.46
C GLU I 199 -8.79 -45.55 -21.96
N MET I 200 -8.71 -44.38 -21.32
CA MET I 200 -7.82 -43.34 -21.82
C MET I 200 -6.39 -43.44 -21.30
N VAL I 201 -6.06 -44.46 -20.50
CA VAL I 201 -4.72 -44.59 -19.97
C VAL I 201 -4.01 -45.84 -20.48
N GLU I 202 -4.71 -46.97 -20.60
CA GLU I 202 -4.01 -48.24 -20.78
C GLU I 202 -3.23 -48.29 -22.08
N LEU I 203 -3.78 -47.75 -23.18
CA LEU I 203 -3.16 -47.95 -24.48
C LEU I 203 -1.74 -47.42 -24.57
N PRO I 204 -1.45 -46.16 -24.22
CA PRO I 204 -0.05 -45.71 -24.30
C PRO I 204 0.88 -46.50 -23.41
N LEU I 205 0.41 -46.96 -22.25
CA LEU I 205 1.25 -47.71 -21.33
C LEU I 205 1.38 -49.17 -21.74
N ARG I 206 0.29 -49.78 -22.20
CA ARG I 206 0.35 -51.18 -22.61
C ARG I 206 1.26 -51.37 -23.81
N HIS I 207 1.14 -50.49 -24.82
CA HIS I 207 1.93 -50.60 -26.04
C HIS I 207 2.53 -49.24 -26.37
N PRO I 208 3.60 -48.86 -25.69
CA PRO I 208 4.23 -47.56 -25.96
C PRO I 208 4.90 -47.51 -27.32
N ALA I 209 5.75 -48.50 -27.62
CA ALA I 209 6.44 -48.51 -28.90
C ALA I 209 5.45 -48.65 -30.05
N LEU I 210 4.44 -49.51 -29.89
CA LEU I 210 3.41 -49.65 -30.90
C LEU I 210 2.66 -48.35 -31.11
N PHE I 211 2.36 -47.64 -30.03
CA PHE I 211 1.61 -46.39 -30.16
C PHE I 211 2.48 -45.31 -30.82
N LYS I 212 3.78 -45.33 -30.56
CA LYS I 212 4.69 -44.45 -31.29
C LYS I 212 4.71 -44.80 -32.77
N ALA I 213 4.71 -46.09 -33.09
CA ALA I 213 4.59 -46.53 -34.48
C ALA I 213 3.28 -46.07 -35.10
N ILE I 214 2.25 -45.90 -34.27
CA ILE I 214 1.02 -45.27 -34.74
C ILE I 214 1.27 -43.80 -35.08
N GLY I 215 2.06 -43.11 -34.26
CA GLY I 215 2.37 -41.72 -34.51
C GLY I 215 1.18 -40.79 -34.39
N VAL I 216 0.39 -40.97 -33.34
CA VAL I 216 -0.78 -40.15 -33.08
C VAL I 216 -0.63 -39.55 -31.68
N LYS I 217 -0.95 -38.28 -31.54
CA LYS I 217 -0.74 -37.60 -30.27
C LYS I 217 -1.70 -38.13 -29.21
N PRO I 218 -1.19 -38.60 -28.07
CA PRO I 218 -2.06 -39.08 -27.00
C PRO I 218 -2.44 -37.94 -26.07
N PRO I 219 -3.48 -38.12 -25.27
CA PRO I 219 -3.76 -37.14 -24.22
C PRO I 219 -2.60 -37.04 -23.24
N ARG I 220 -2.33 -35.83 -22.79
CA ARG I 220 -1.25 -35.59 -21.85
C ARG I 220 -1.66 -34.88 -20.57
N GLY I 221 -2.76 -34.12 -20.57
CA GLY I 221 -3.17 -33.43 -19.37
C GLY I 221 -4.53 -33.86 -18.87
N ILE I 222 -4.54 -34.54 -17.72
CA ILE I 222 -5.77 -35.08 -17.14
C ILE I 222 -5.89 -34.60 -15.71
N LEU I 223 -7.08 -34.16 -15.34
CA LEU I 223 -7.37 -33.69 -13.99
C LEU I 223 -8.49 -34.52 -13.38
N LEU I 224 -8.38 -34.81 -12.09
CA LEU I 224 -9.51 -35.25 -11.27
C LEU I 224 -9.81 -34.16 -10.26
N TYR I 225 -11.07 -33.74 -10.22
CA TYR I 225 -11.49 -32.72 -9.28
C TYR I 225 -12.68 -33.23 -8.48
N GLY I 226 -12.70 -32.90 -7.19
CA GLY I 226 -13.73 -33.36 -6.30
C GLY I 226 -13.42 -33.02 -4.86
N PRO I 227 -14.32 -33.43 -3.94
CA PRO I 227 -14.08 -33.13 -2.53
C PRO I 227 -12.87 -33.89 -2.01
N PRO I 228 -12.20 -33.37 -0.99
CA PRO I 228 -10.99 -34.02 -0.50
C PRO I 228 -11.31 -35.31 0.24
N GLY I 229 -10.27 -36.12 0.43
CA GLY I 229 -10.42 -37.38 1.12
C GLY I 229 -11.19 -38.44 0.37
N THR I 230 -11.32 -38.31 -0.94
CA THR I 230 -12.06 -39.26 -1.76
C THR I 230 -11.17 -40.32 -2.38
N GLY I 231 -9.88 -40.34 -2.06
CA GLY I 231 -8.98 -41.35 -2.59
C GLY I 231 -8.40 -41.05 -3.94
N LYS I 232 -8.33 -39.78 -4.35
CA LYS I 232 -7.73 -39.45 -5.64
C LYS I 232 -6.28 -39.91 -5.68
N THR I 233 -5.53 -39.64 -4.62
CA THR I 233 -4.17 -40.18 -4.51
C THR I 233 -4.21 -41.69 -4.52
N LEU I 234 -5.17 -42.28 -3.81
CA LEU I 234 -5.35 -43.73 -3.83
C LEU I 234 -5.61 -44.22 -5.25
N ILE I 235 -6.46 -43.52 -5.99
CA ILE I 235 -6.79 -43.94 -7.35
C ILE I 235 -5.56 -43.92 -8.23
N ALA I 236 -4.82 -42.81 -8.20
CA ALA I 236 -3.64 -42.69 -9.05
C ALA I 236 -2.60 -43.73 -8.69
N ARG I 237 -2.36 -43.94 -7.40
CA ARG I 237 -1.37 -44.92 -6.98
C ARG I 237 -1.77 -46.32 -7.41
N ALA I 238 -3.04 -46.68 -7.23
CA ALA I 238 -3.49 -48.02 -7.62
C ALA I 238 -3.35 -48.22 -9.12
N VAL I 239 -3.74 -47.22 -9.91
CA VAL I 239 -3.65 -47.35 -11.36
C VAL I 239 -2.18 -47.52 -11.78
N ALA I 240 -1.30 -46.69 -11.23
CA ALA I 240 0.10 -46.76 -11.61
C ALA I 240 0.71 -48.09 -11.22
N ASN I 241 0.40 -48.58 -10.02
CA ASN I 241 0.97 -49.85 -9.58
C ASN I 241 0.44 -51.00 -10.41
N GLU I 242 -0.85 -50.98 -10.76
CA GLU I 242 -1.43 -52.09 -11.49
C GLU I 242 -0.94 -52.13 -12.93
N THR I 243 -0.89 -50.98 -13.59
CA THR I 243 -0.43 -50.95 -14.98
C THR I 243 1.04 -51.30 -15.08
N GLY I 244 1.86 -50.78 -14.16
CA GLY I 244 3.29 -50.97 -14.24
C GLY I 244 3.98 -49.73 -14.77
N ALA I 245 4.53 -48.93 -13.87
CA ALA I 245 5.11 -47.64 -14.22
C ALA I 245 6.03 -47.19 -13.09
N PHE I 246 6.40 -45.92 -13.12
CA PHE I 246 7.30 -45.34 -12.13
C PHE I 246 6.64 -44.14 -11.47
N PHE I 247 5.44 -44.35 -10.93
CA PHE I 247 4.65 -43.32 -10.27
C PHE I 247 5.52 -42.38 -9.45
N PHE I 248 5.35 -41.08 -9.69
CA PHE I 248 6.08 -40.04 -8.98
C PHE I 248 5.08 -39.05 -8.40
N LEU I 249 5.32 -38.64 -7.15
CA LEU I 249 4.42 -37.75 -6.44
C LEU I 249 5.10 -36.43 -6.15
N ILE I 250 4.34 -35.35 -6.26
CA ILE I 250 4.80 -34.01 -5.91
C ILE I 250 3.69 -33.32 -5.12
N ASN I 251 4.04 -32.72 -4.00
CA ASN I 251 3.08 -32.00 -3.18
C ASN I 251 3.37 -30.51 -3.23
N GLY I 252 2.28 -29.72 -3.22
CA GLY I 252 2.38 -28.28 -3.30
C GLY I 252 3.18 -27.68 -2.17
N PRO I 253 2.64 -27.75 -0.95
CA PRO I 253 3.31 -27.11 0.19
C PRO I 253 4.73 -27.61 0.41
N GLU I 254 4.97 -28.90 0.19
CA GLU I 254 6.31 -29.44 0.37
C GLU I 254 7.31 -28.85 -0.61
N ILE I 255 6.83 -28.27 -1.71
CA ILE I 255 7.70 -27.77 -2.76
C ILE I 255 7.81 -26.26 -2.72
N MET I 256 6.67 -25.57 -2.67
CA MET I 256 6.69 -24.12 -2.79
C MET I 256 7.43 -23.48 -1.62
N SER I 257 7.24 -23.99 -0.41
CA SER I 257 7.96 -23.45 0.74
C SER I 257 9.24 -24.22 1.04
N LYS I 258 10.08 -24.43 0.03
CA LYS I 258 11.40 -25.02 0.28
C LYS I 258 12.40 -23.93 0.65
N LEU I 259 12.73 -23.07 -0.31
CA LEU I 259 13.51 -21.86 -0.08
C LEU I 259 13.55 -21.00 -1.33
N ALA I 260 13.21 -19.72 -1.19
CA ALA I 260 13.29 -18.75 -2.28
C ALA I 260 12.74 -19.30 -3.59
N GLY I 261 13.60 -19.42 -4.59
CA GLY I 261 13.25 -19.98 -5.88
C GLY I 261 13.72 -21.39 -6.12
N GLU I 262 14.21 -22.09 -5.09
CA GLU I 262 14.71 -23.45 -5.28
C GLU I 262 13.62 -24.42 -5.71
N SER I 263 12.35 -24.08 -5.44
CA SER I 263 11.25 -24.93 -5.87
C SER I 263 11.29 -25.15 -7.38
N GLU I 264 11.73 -24.13 -8.13
CA GLU I 264 11.89 -24.31 -9.57
C GLU I 264 12.89 -25.42 -9.87
N SER I 265 14.02 -25.42 -9.16
CA SER I 265 15.02 -26.46 -9.35
C SER I 265 14.45 -27.82 -8.98
N ASN I 266 13.70 -27.89 -7.89
CA ASN I 266 13.12 -29.17 -7.46
C ASN I 266 12.16 -29.71 -8.51
N LEU I 267 11.27 -28.86 -9.00
CA LEU I 267 10.28 -29.28 -9.97
C LEU I 267 10.94 -29.71 -11.28
N ARG I 268 11.92 -28.93 -11.74
CA ARG I 268 12.70 -29.32 -12.90
C ARG I 268 13.31 -30.69 -12.69
N LYS I 269 14.11 -30.84 -11.63
CA LYS I 269 14.77 -32.11 -11.35
C LYS I 269 13.77 -33.26 -11.37
N ALA I 270 12.58 -33.04 -10.82
CA ALA I 270 11.54 -34.06 -10.90
C ALA I 270 11.21 -34.40 -12.34
N PHE I 271 11.05 -33.39 -13.19
CA PHE I 271 10.69 -33.66 -14.58
C PHE I 271 11.77 -34.45 -15.30
N GLU I 272 13.02 -33.99 -15.28
CA GLU I 272 14.01 -34.75 -16.04
C GLU I 272 14.31 -36.09 -15.38
N GLU I 273 14.10 -36.22 -14.07
CA GLU I 273 14.25 -37.52 -13.44
C GLU I 273 13.21 -38.49 -13.98
N ALA I 274 11.95 -38.05 -14.05
CA ALA I 274 10.91 -38.92 -14.56
C ALA I 274 11.15 -39.27 -16.02
N GLU I 275 11.58 -38.29 -16.81
CA GLU I 275 11.78 -38.54 -18.24
C GLU I 275 12.92 -39.51 -18.50
N LYS I 276 13.79 -39.72 -17.52
CA LYS I 276 15.00 -40.51 -17.73
C LYS I 276 14.87 -41.95 -17.25
N ASN I 277 13.69 -42.40 -16.86
CA ASN I 277 13.55 -43.73 -16.29
C ASN I 277 12.75 -44.68 -17.19
N ALA I 278 11.50 -44.34 -17.48
CA ALA I 278 10.60 -45.26 -18.16
C ALA I 278 9.29 -44.53 -18.44
N PRO I 279 8.39 -45.11 -19.25
CA PRO I 279 7.02 -44.58 -19.30
C PRO I 279 6.42 -44.57 -17.90
N ALA I 280 6.13 -43.38 -17.37
CA ALA I 280 5.72 -43.23 -15.99
C ALA I 280 4.61 -42.19 -15.90
N ILE I 281 4.16 -41.96 -14.67
CA ILE I 281 3.13 -40.98 -14.38
C ILE I 281 3.65 -40.06 -13.28
N ILE I 282 3.47 -38.75 -13.49
CA ILE I 282 3.85 -37.75 -12.49
C ILE I 282 2.59 -37.20 -11.87
N PHE I 283 2.44 -37.39 -10.56
CA PHE I 283 1.25 -36.96 -9.84
C PHE I 283 1.52 -35.67 -9.08
N ILE I 284 0.60 -34.73 -9.19
CA ILE I 284 0.66 -33.45 -8.50
C ILE I 284 -0.57 -33.32 -7.62
N ASP I 285 -0.37 -32.92 -6.38
CA ASP I 285 -1.45 -32.79 -5.41
C ASP I 285 -1.58 -31.33 -4.97
N GLU I 286 -2.82 -30.84 -4.88
CA GLU I 286 -3.10 -29.49 -4.42
C GLU I 286 -2.34 -28.44 -5.24
N LEU I 287 -2.47 -28.55 -6.56
CA LEU I 287 -1.81 -27.58 -7.42
C LEU I 287 -2.36 -26.17 -7.20
N ASP I 288 -3.63 -26.07 -6.81
CA ASP I 288 -4.22 -24.76 -6.57
C ASP I 288 -3.47 -24.00 -5.48
N ALA I 289 -2.84 -24.73 -4.55
CA ALA I 289 -1.98 -24.09 -3.57
C ALA I 289 -0.82 -23.36 -4.23
N ILE I 290 -0.38 -23.84 -5.40
CA ILE I 290 0.66 -23.17 -6.18
C ILE I 290 0.12 -22.63 -7.49
N ALA I 291 -1.15 -22.81 -7.79
CA ALA I 291 -1.76 -22.28 -9.01
C ALA I 291 -3.06 -21.57 -8.65
N PRO I 292 -2.97 -20.41 -8.00
CA PRO I 292 -4.18 -19.67 -7.67
C PRO I 292 -4.68 -18.86 -8.84
N LYS I 293 -5.70 -18.04 -8.61
CA LYS I 293 -6.21 -17.17 -9.65
C LYS I 293 -5.22 -16.05 -9.94
N ARG I 294 -5.34 -15.46 -11.13
CA ARG I 294 -4.42 -14.40 -11.53
C ARG I 294 -4.50 -13.21 -10.59
N GLU I 295 -5.72 -12.79 -10.25
CA GLU I 295 -5.86 -11.72 -9.26
C GLU I 295 -5.38 -12.16 -7.89
N LYS I 296 -5.53 -13.45 -7.57
CA LYS I 296 -5.11 -13.96 -6.28
C LYS I 296 -3.59 -13.93 -6.12
N THR I 297 -2.85 -13.80 -7.22
CA THR I 297 -1.40 -13.76 -7.15
C THR I 297 -0.94 -12.42 -6.60
N HIS I 298 -1.16 -12.19 -5.30
CA HIS I 298 -0.77 -10.93 -4.69
C HIS I 298 0.74 -10.74 -4.74
N GLY I 299 1.49 -11.80 -4.51
CA GLY I 299 2.94 -11.73 -4.57
C GLY I 299 3.46 -11.79 -5.98
N GLU I 300 4.78 -11.97 -6.08
CA GLU I 300 5.47 -12.02 -7.37
C GLU I 300 6.10 -13.37 -7.66
N VAL I 301 6.71 -14.00 -6.65
CA VAL I 301 7.40 -15.27 -6.87
C VAL I 301 6.42 -16.34 -7.34
N GLU I 302 5.16 -16.24 -6.92
CA GLU I 302 4.15 -17.21 -7.34
C GLU I 302 3.98 -17.18 -8.86
N ARG I 303 3.98 -15.98 -9.44
CA ARG I 303 3.88 -15.87 -10.89
C ARG I 303 5.09 -16.52 -11.56
N ARG I 304 6.28 -16.31 -10.99
CA ARG I 304 7.46 -16.95 -11.53
C ARG I 304 7.35 -18.47 -11.49
N ILE I 305 6.84 -19.00 -10.37
CA ILE I 305 6.71 -20.44 -10.23
C ILE I 305 5.71 -20.99 -11.24
N VAL I 306 4.59 -20.30 -11.40
CA VAL I 306 3.58 -20.75 -12.36
C VAL I 306 4.13 -20.73 -13.77
N SER I 307 4.85 -19.67 -14.12
CA SER I 307 5.45 -19.59 -15.45
C SER I 307 6.46 -20.71 -15.65
N GLN I 308 7.28 -20.98 -14.65
CA GLN I 308 8.26 -22.06 -14.76
C GLN I 308 7.56 -23.39 -14.97
N LEU I 309 6.50 -23.65 -14.22
CA LEU I 309 5.77 -24.90 -14.37
C LEU I 309 5.19 -25.01 -15.77
N LEU I 310 4.56 -23.95 -16.26
CA LEU I 310 3.95 -24.00 -17.58
C LEU I 310 4.99 -24.25 -18.66
N THR I 311 6.12 -23.54 -18.58
CA THR I 311 7.18 -23.71 -19.56
C THR I 311 7.71 -25.13 -19.53
N LEU I 312 7.93 -25.67 -18.33
CA LEU I 312 8.50 -27.00 -18.21
C LEU I 312 7.55 -28.05 -18.74
N MET I 313 6.27 -27.97 -18.39
CA MET I 313 5.34 -28.99 -18.83
C MET I 313 5.05 -28.90 -20.32
N ASP I 314 5.07 -27.68 -20.87
CA ASP I 314 4.85 -27.52 -22.30
C ASP I 314 6.01 -28.07 -23.14
N GLY I 315 7.15 -28.35 -22.54
CA GLY I 315 8.28 -28.90 -23.27
C GLY I 315 8.20 -30.41 -23.40
N LEU I 316 6.98 -30.92 -23.59
CA LEU I 316 6.73 -32.35 -23.71
C LEU I 316 6.47 -32.77 -25.15
N LYS I 317 7.22 -32.18 -26.09
CA LYS I 317 7.02 -32.35 -27.52
C LYS I 317 6.78 -33.81 -27.90
N GLN I 318 5.68 -34.03 -28.64
CA GLN I 318 5.22 -35.32 -29.15
C GLN I 318 5.79 -36.53 -28.42
N ARG I 319 7.07 -36.81 -28.62
CA ARG I 319 7.69 -37.95 -27.98
C ARG I 319 7.72 -37.74 -26.46
N ALA I 320 6.83 -38.41 -25.76
CA ALA I 320 6.80 -38.35 -24.30
C ALA I 320 6.03 -39.56 -23.81
N HIS I 321 6.73 -40.50 -23.19
CA HIS I 321 6.07 -41.66 -22.60
C HIS I 321 5.60 -41.38 -21.18
N VAL I 322 5.79 -40.16 -20.69
CA VAL I 322 5.38 -39.79 -19.34
C VAL I 322 4.06 -39.04 -19.44
N ILE I 323 3.10 -39.42 -18.61
CA ILE I 323 1.82 -38.74 -18.51
C ILE I 323 1.81 -37.97 -17.20
N VAL I 324 1.10 -36.85 -17.18
CA VAL I 324 1.00 -36.01 -16.00
C VAL I 324 -0.42 -36.08 -15.46
N MET I 325 -0.55 -36.53 -14.21
CA MET I 325 -1.81 -36.52 -13.51
C MET I 325 -1.78 -35.49 -12.39
N ALA I 326 -2.82 -34.67 -12.30
CA ALA I 326 -2.88 -33.60 -11.31
C ALA I 326 -4.27 -33.59 -10.68
N ALA I 327 -4.31 -33.45 -9.36
CA ALA I 327 -5.56 -33.48 -8.61
C ALA I 327 -5.71 -32.21 -7.79
N THR I 328 -6.95 -31.75 -7.66
CA THR I 328 -7.28 -30.53 -6.93
C THR I 328 -8.78 -30.53 -6.68
N ASN I 329 -9.27 -29.42 -6.13
CA ASN I 329 -10.70 -29.22 -5.93
C ASN I 329 -11.33 -28.76 -7.25
N ARG I 330 -12.55 -28.25 -7.17
CA ARG I 330 -13.33 -27.73 -8.29
C ARG I 330 -12.48 -26.90 -9.24
N PRO I 331 -12.63 -27.09 -10.55
CA PRO I 331 -11.79 -26.35 -11.50
C PRO I 331 -12.16 -24.89 -11.61
N ASN I 332 -12.10 -24.17 -10.48
CA ASN I 332 -12.42 -22.75 -10.45
C ASN I 332 -11.21 -21.89 -10.12
N SER I 333 -10.55 -22.15 -9.00
CA SER I 333 -9.39 -21.36 -8.61
C SER I 333 -8.21 -21.57 -9.54
N ILE I 334 -8.18 -22.68 -10.28
CA ILE I 334 -7.07 -22.97 -11.17
C ILE I 334 -7.02 -21.92 -12.27
N ASP I 335 -5.81 -21.51 -12.63
CA ASP I 335 -5.64 -20.50 -13.66
C ASP I 335 -6.18 -21.01 -14.99
N PRO I 336 -6.95 -20.21 -15.73
CA PRO I 336 -7.58 -20.70 -16.97
C PRO I 336 -6.60 -21.18 -18.02
N ALA I 337 -5.41 -20.57 -18.12
CA ALA I 337 -4.49 -20.94 -19.18
C ALA I 337 -4.02 -22.38 -19.08
N LEU I 338 -4.12 -22.99 -17.90
CA LEU I 338 -3.75 -24.39 -17.76
C LEU I 338 -4.72 -25.32 -18.48
N ARG I 339 -5.92 -24.83 -18.80
CA ARG I 339 -6.94 -25.64 -19.47
C ARG I 339 -6.82 -25.60 -20.98
N ARG I 340 -5.64 -25.32 -21.51
CA ARG I 340 -5.44 -25.25 -22.95
C ARG I 340 -5.03 -26.60 -23.52
N PHE I 341 -5.00 -26.67 -24.84
CA PHE I 341 -4.58 -27.88 -25.52
C PHE I 341 -3.08 -28.09 -25.38
N GLY I 342 -2.67 -29.36 -25.31
CA GLY I 342 -1.31 -29.68 -24.96
C GLY I 342 -1.14 -29.69 -23.45
N ARG I 343 -1.87 -28.78 -22.80
CA ARG I 343 -1.93 -28.73 -21.35
C ARG I 343 -3.12 -29.56 -20.88
N PHE I 344 -3.51 -29.39 -19.62
CA PHE I 344 -4.62 -30.13 -19.07
C PHE I 344 -5.89 -29.87 -19.88
N ASP I 345 -6.37 -30.89 -20.54
CA ASP I 345 -7.60 -30.79 -21.32
C ASP I 345 -8.65 -31.81 -20.90
N ARG I 346 -8.24 -32.98 -20.45
CA ARG I 346 -9.19 -33.98 -19.97
C ARG I 346 -9.53 -33.69 -18.51
N GLU I 347 -10.81 -33.66 -18.20
CA GLU I 347 -11.28 -33.34 -16.85
C GLU I 347 -12.27 -34.41 -16.41
N VAL I 348 -12.08 -34.91 -15.18
CA VAL I 348 -12.91 -35.97 -14.62
C VAL I 348 -13.31 -35.58 -13.21
N ASP I 349 -14.56 -35.81 -12.88
CA ASP I 349 -15.09 -35.57 -11.54
C ASP I 349 -15.23 -36.89 -10.79
N ILE I 350 -15.02 -36.83 -9.49
CA ILE I 350 -15.17 -37.98 -8.61
C ILE I 350 -16.26 -37.62 -7.61
N GLY I 351 -17.49 -37.99 -7.92
CA GLY I 351 -18.62 -37.63 -7.08
C GLY I 351 -18.69 -38.46 -5.82
N ILE I 352 -19.56 -38.02 -4.91
CA ILE I 352 -19.78 -38.74 -3.66
C ILE I 352 -20.58 -40.01 -3.94
N PRO I 353 -20.12 -41.18 -3.52
CA PRO I 353 -20.88 -42.41 -3.79
C PRO I 353 -22.21 -42.43 -3.04
N ASP I 354 -23.14 -43.21 -3.58
CA ASP I 354 -24.47 -43.32 -3.01
C ASP I 354 -24.44 -44.29 -1.83
N ALA I 355 -25.62 -44.69 -1.37
CA ALA I 355 -25.70 -45.68 -0.30
C ALA I 355 -25.06 -47.00 -0.73
N THR I 356 -25.28 -47.40 -1.98
CA THR I 356 -24.64 -48.61 -2.47
C THR I 356 -23.12 -48.47 -2.49
N GLY I 357 -22.64 -47.33 -2.97
CA GLY I 357 -21.20 -47.07 -2.95
C GLY I 357 -20.65 -47.11 -1.55
N ARG I 358 -21.38 -46.52 -0.59
CA ARG I 358 -21.00 -46.63 0.81
C ARG I 358 -20.96 -48.09 1.25
N LEU I 359 -21.88 -48.91 0.75
CA LEU I 359 -21.88 -50.32 1.08
C LEU I 359 -20.61 -50.99 0.62
N GLU I 360 -20.20 -50.74 -0.63
CA GLU I 360 -18.97 -51.37 -1.09
C GLU I 360 -17.75 -50.83 -0.35
N ILE I 361 -17.75 -49.55 -0.01
CA ILE I 361 -16.63 -48.98 0.73
C ILE I 361 -16.51 -49.65 2.09
N LEU I 362 -17.64 -49.82 2.77
CA LEU I 362 -17.62 -50.52 4.06
C LEU I 362 -17.15 -51.95 3.88
N GLN I 363 -17.63 -52.62 2.84
CA GLN I 363 -17.27 -54.02 2.63
C GLN I 363 -15.77 -54.17 2.41
N ILE I 364 -15.19 -53.30 1.58
CA ILE I 364 -13.76 -53.40 1.34
C ILE I 364 -12.96 -52.91 2.54
N HIS I 365 -13.58 -52.12 3.41
CA HIS I 365 -12.89 -51.69 4.61
C HIS I 365 -13.06 -52.70 5.74
N THR I 366 -14.28 -53.17 5.96
CA THR I 366 -14.56 -54.12 7.03
C THR I 366 -14.24 -55.55 6.63
N LYS I 367 -13.54 -55.76 5.53
CA LYS I 367 -13.27 -57.11 5.07
C LYS I 367 -12.44 -57.89 6.10
N ASN I 368 -11.42 -57.25 6.67
CA ASN I 368 -10.54 -57.95 7.60
C ASN I 368 -11.21 -58.19 8.94
N MET I 369 -11.93 -57.20 9.46
CA MET I 369 -12.51 -57.32 10.79
C MET I 369 -13.59 -58.40 10.83
N LYS I 370 -13.63 -59.13 11.93
CA LYS I 370 -14.62 -60.17 12.14
C LYS I 370 -15.92 -59.51 12.61
N LEU I 371 -16.94 -59.55 11.77
CA LEU I 371 -18.22 -58.96 12.11
C LEU I 371 -19.00 -59.87 13.06
N ALA I 372 -19.93 -59.27 13.78
CA ALA I 372 -20.85 -60.02 14.61
C ALA I 372 -22.01 -60.50 13.73
N ASP I 373 -23.05 -61.04 14.36
CA ASP I 373 -24.22 -61.51 13.64
C ASP I 373 -25.28 -60.44 13.49
N ASP I 374 -25.01 -59.22 13.96
CA ASP I 374 -25.95 -58.10 13.87
C ASP I 374 -25.58 -57.16 12.73
N VAL I 375 -25.11 -57.72 11.62
CA VAL I 375 -24.63 -56.91 10.50
C VAL I 375 -25.82 -56.24 9.82
N ASP I 376 -25.76 -54.91 9.71
CA ASP I 376 -26.75 -54.11 9.01
C ASP I 376 -26.05 -53.09 8.12
N LEU I 377 -25.07 -53.57 7.34
CA LEU I 377 -24.28 -52.68 6.49
C LEU I 377 -25.17 -51.83 5.60
N GLU I 378 -26.24 -52.43 5.07
CA GLU I 378 -27.17 -51.65 4.26
C GLU I 378 -27.82 -50.55 5.08
N GLN I 379 -28.22 -50.85 6.32
CA GLN I 379 -28.83 -49.85 7.17
C GLN I 379 -27.85 -48.73 7.50
N VAL I 380 -26.59 -49.09 7.78
CA VAL I 380 -25.59 -48.08 8.07
C VAL I 380 -25.37 -47.19 6.86
N ALA I 381 -25.22 -47.80 5.68
CA ALA I 381 -25.05 -47.03 4.46
C ALA I 381 -26.23 -46.11 4.23
N ASN I 382 -27.43 -46.56 4.60
CA ASN I 382 -28.60 -45.69 4.55
C ASN I 382 -28.43 -44.51 5.50
N GLU I 383 -27.89 -44.77 6.69
CA GLU I 383 -27.81 -43.73 7.71
C GLU I 383 -26.70 -42.71 7.46
N THR I 384 -25.69 -43.05 6.66
CA THR I 384 -24.44 -42.28 6.58
C THR I 384 -24.40 -41.34 5.39
N HIS I 385 -25.52 -40.69 5.06
CA HIS I 385 -25.48 -39.66 4.04
C HIS I 385 -24.51 -38.55 4.44
N GLY I 386 -23.74 -38.07 3.47
CA GLY I 386 -22.80 -36.99 3.74
C GLY I 386 -21.45 -37.45 4.24
N HIS I 387 -20.97 -38.60 3.77
CA HIS I 387 -19.68 -39.12 4.19
C HIS I 387 -18.92 -39.62 2.97
N VAL I 388 -17.59 -39.68 3.11
CA VAL I 388 -16.72 -40.12 2.03
C VAL I 388 -15.98 -41.39 2.45
N GLY I 389 -15.14 -41.91 1.56
CA GLY I 389 -14.42 -43.14 1.87
C GLY I 389 -13.57 -43.03 3.11
N ALA I 390 -12.87 -41.89 3.27
CA ALA I 390 -12.10 -41.67 4.48
C ALA I 390 -13.01 -41.62 5.70
N ASP I 391 -14.18 -40.98 5.57
CA ASP I 391 -15.12 -40.95 6.68
C ASP I 391 -15.53 -42.35 7.10
N LEU I 392 -15.86 -43.20 6.13
CA LEU I 392 -16.29 -44.55 6.46
C LEU I 392 -15.15 -45.38 7.03
N ALA I 393 -13.93 -45.21 6.50
CA ALA I 393 -12.79 -45.92 7.05
C ALA I 393 -12.55 -45.53 8.51
N ALA I 394 -12.60 -44.23 8.80
CA ALA I 394 -12.44 -43.79 10.19
C ALA I 394 -13.57 -44.31 11.07
N LEU I 395 -14.79 -44.32 10.54
CA LEU I 395 -15.93 -44.85 11.28
C LEU I 395 -15.70 -46.30 11.66
N CYS I 396 -15.28 -47.12 10.70
CA CYS I 396 -15.01 -48.51 10.98
C CYS I 396 -13.89 -48.65 12.00
N SER I 397 -12.84 -47.85 11.85
CA SER I 397 -11.72 -47.93 12.78
C SER I 397 -12.17 -47.66 14.21
N GLU I 398 -12.85 -46.53 14.43
CA GLU I 398 -13.19 -46.18 15.80
C GLU I 398 -14.31 -47.04 16.35
N ALA I 399 -15.15 -47.60 15.47
CA ALA I 399 -16.09 -48.63 15.94
C ALA I 399 -15.34 -49.85 16.44
N ALA I 400 -14.27 -50.24 15.74
CA ALA I 400 -13.46 -51.36 16.20
C ALA I 400 -12.81 -51.04 17.54
N LEU I 401 -12.30 -49.82 17.70
CA LEU I 401 -11.75 -49.43 19.01
C LEU I 401 -12.80 -49.46 20.10
N GLN I 402 -14.00 -48.98 19.81
CA GLN I 402 -15.07 -49.04 20.80
C GLN I 402 -15.38 -50.47 21.19
N ALA I 403 -15.47 -51.36 20.20
CA ALA I 403 -15.76 -52.77 20.48
C ALA I 403 -14.66 -53.41 21.31
N ILE I 404 -13.40 -53.16 20.94
CA ILE I 404 -12.28 -53.77 21.66
C ILE I 404 -12.22 -53.24 23.09
N ARG I 405 -12.36 -51.92 23.24
CA ARG I 405 -12.25 -51.28 24.53
C ARG I 405 -13.28 -51.80 25.53
N LYS I 406 -14.38 -52.36 25.04
CA LYS I 406 -15.39 -52.91 25.95
C LYS I 406 -14.83 -54.03 26.81
N LYS I 407 -13.73 -54.65 26.39
CA LYS I 407 -13.10 -55.71 27.18
C LYS I 407 -11.60 -55.38 27.31
N MET I 408 -11.28 -54.51 28.27
CA MET I 408 -9.92 -54.24 28.72
C MET I 408 -9.62 -54.85 30.07
N ASP I 409 -10.58 -54.82 30.99
CA ASP I 409 -10.34 -55.36 32.33
C ASP I 409 -10.30 -56.88 32.32
N LEU I 410 -11.18 -57.52 31.54
CA LEU I 410 -11.22 -58.97 31.50
C LEU I 410 -9.91 -59.54 30.95
N ILE I 411 -9.40 -58.94 29.87
CA ILE I 411 -8.15 -59.40 29.27
C ILE I 411 -6.99 -58.82 30.05
N ASP I 412 -5.93 -59.61 30.22
CA ASP I 412 -4.72 -59.12 30.85
C ASP I 412 -4.03 -58.18 29.86
N LEU I 413 -4.25 -56.88 30.05
CA LEU I 413 -3.74 -55.88 29.12
C LEU I 413 -2.22 -55.93 29.00
N GLU I 414 -1.52 -55.92 30.13
CA GLU I 414 -0.06 -55.92 30.18
C GLU I 414 0.48 -54.83 29.24
N ASP I 415 1.74 -54.96 28.82
CA ASP I 415 2.27 -54.10 27.77
C ASP I 415 3.20 -54.83 26.81
N GLU I 416 3.45 -56.13 27.00
CA GLU I 416 4.47 -56.81 26.21
C GLU I 416 3.94 -57.25 24.86
N THR I 417 2.97 -58.17 24.84
CA THR I 417 2.46 -58.73 23.61
C THR I 417 0.95 -58.92 23.72
N ILE I 418 0.37 -59.52 22.68
CA ILE I 418 -1.05 -59.84 22.63
C ILE I 418 -1.21 -61.27 22.16
N ASP I 419 -2.40 -61.82 22.39
CA ASP I 419 -2.74 -63.16 21.94
C ASP I 419 -3.69 -63.06 20.75
N ALA I 420 -3.39 -63.83 19.71
CA ALA I 420 -4.22 -63.79 18.50
C ALA I 420 -5.64 -64.26 18.79
N GLU I 421 -5.81 -65.16 19.75
CA GLU I 421 -7.16 -65.59 20.11
C GLU I 421 -7.97 -64.43 20.66
N VAL I 422 -7.34 -63.53 21.40
CA VAL I 422 -8.06 -62.41 21.98
C VAL I 422 -8.61 -61.50 20.90
N MET I 423 -7.78 -61.13 19.93
CA MET I 423 -8.24 -60.28 18.84
C MET I 423 -9.21 -61.02 17.93
N ASN I 424 -9.06 -62.34 17.81
CA ASN I 424 -10.01 -63.12 17.02
C ASN I 424 -11.38 -63.15 17.68
N SER I 425 -11.43 -63.23 19.01
CA SER I 425 -12.70 -63.34 19.71
C SER I 425 -13.55 -62.10 19.51
N LEU I 426 -12.95 -60.92 19.57
CA LEU I 426 -13.71 -59.68 19.50
C LEU I 426 -14.38 -59.54 18.15
N ALA I 427 -15.66 -59.17 18.17
CA ALA I 427 -16.44 -58.94 16.95
C ALA I 427 -17.19 -57.63 17.09
N VAL I 428 -17.31 -56.91 15.97
CA VAL I 428 -17.96 -55.61 15.97
C VAL I 428 -19.47 -55.81 15.91
N THR I 429 -20.18 -55.25 16.87
CA THR I 429 -21.63 -55.39 16.96
C THR I 429 -22.30 -54.12 16.44
N MET I 430 -23.58 -54.28 16.09
CA MET I 430 -24.36 -53.13 15.62
C MET I 430 -24.52 -52.09 16.70
N ASP I 431 -24.48 -52.50 17.97
CA ASP I 431 -24.45 -51.53 19.06
C ASP I 431 -23.21 -50.66 18.97
N ASP I 432 -22.07 -51.28 18.66
CA ASP I 432 -20.83 -50.52 18.47
C ASP I 432 -20.99 -49.53 17.32
N PHE I 433 -21.65 -49.95 16.25
CA PHE I 433 -21.88 -49.05 15.12
C PHE I 433 -22.78 -47.89 15.51
N ARG I 434 -23.82 -48.17 16.31
CA ARG I 434 -24.70 -47.09 16.76
C ARG I 434 -23.93 -46.10 17.62
N TRP I 435 -23.10 -46.61 18.53
CA TRP I 435 -22.28 -45.72 19.34
C TRP I 435 -21.34 -44.89 18.48
N ALA I 436 -20.73 -45.52 17.47
CA ALA I 436 -19.81 -44.83 16.59
C ALA I 436 -20.52 -43.72 15.82
N LEU I 437 -21.71 -44.02 15.29
CA LEU I 437 -22.46 -43.01 14.55
C LEU I 437 -22.94 -41.91 15.47
N SER I 438 -23.19 -42.22 16.75
CA SER I 438 -23.61 -41.20 17.70
C SER I 438 -22.56 -40.10 17.80
N GLN I 439 -21.29 -40.48 17.89
CA GLN I 439 -20.18 -39.53 17.92
C GLN I 439 -19.52 -39.56 16.55
N SER I 440 -20.09 -38.79 15.63
CA SER I 440 -19.63 -38.78 14.25
C SER I 440 -19.78 -37.39 13.66
N ASN I 441 -19.08 -37.15 12.56
CA ASN I 441 -19.08 -35.85 11.90
C ASN I 441 -19.11 -36.01 10.39
N PRO I 442 -20.28 -35.88 9.77
CA PRO I 442 -20.32 -35.88 8.30
C PRO I 442 -19.62 -34.66 7.74
N SER I 443 -19.09 -34.82 6.52
CA SER I 443 -18.24 -33.81 5.90
C SER I 443 -18.91 -33.07 4.77
N ALA I 444 -19.62 -33.77 3.87
CA ALA I 444 -20.18 -33.17 2.68
C ALA I 444 -21.10 -32.00 3.02
N LEU I 445 -22.22 -32.30 3.70
CA LEU I 445 -23.10 -31.28 4.24
C LEU I 445 -23.50 -30.24 3.21
N ARG I 446 -22.84 -29.08 3.24
CA ARG I 446 -23.17 -27.96 2.37
C ARG I 446 -22.55 -28.19 1.00
N GLU I 447 -23.18 -29.08 0.23
CA GLU I 447 -22.69 -29.42 -1.10
C GLU I 447 -23.80 -30.12 -1.85
N THR I 448 -24.08 -29.66 -3.07
CA THR I 448 -25.16 -30.21 -3.86
C THR I 448 -24.84 -31.65 -4.27
N VAL I 449 -25.86 -32.50 -4.22
CA VAL I 449 -25.72 -33.92 -4.50
C VAL I 449 -26.39 -34.22 -5.84
N VAL I 450 -25.72 -35.03 -6.67
CA VAL I 450 -26.24 -35.48 -7.93
C VAL I 450 -26.42 -36.99 -7.88
N GLU I 451 -27.60 -37.47 -8.25
CA GLU I 451 -27.94 -38.87 -8.08
C GLU I 451 -29.25 -39.16 -8.80
N VAL I 452 -29.42 -40.40 -9.21
CA VAL I 452 -30.70 -40.84 -9.78
C VAL I 452 -31.72 -40.97 -8.65
N PRO I 453 -32.89 -40.35 -8.74
CA PRO I 453 -33.89 -40.46 -7.68
C PRO I 453 -34.49 -41.85 -7.63
N GLN I 454 -35.28 -42.10 -6.58
CA GLN I 454 -35.85 -43.41 -6.32
C GLN I 454 -37.37 -43.39 -6.22
N VAL I 455 -38.01 -42.38 -6.77
CA VAL I 455 -39.47 -42.29 -6.74
C VAL I 455 -40.04 -43.14 -7.87
N THR I 456 -40.96 -44.03 -7.52
CA THR I 456 -41.63 -44.87 -8.50
C THR I 456 -43.04 -44.35 -8.80
N TRP I 457 -43.62 -44.87 -9.88
CA TRP I 457 -44.88 -44.35 -10.41
C TRP I 457 -46.06 -44.55 -9.48
N GLU I 458 -46.14 -45.69 -8.77
CA GLU I 458 -47.30 -45.95 -7.92
C GLU I 458 -47.33 -45.05 -6.70
N ASP I 459 -46.25 -44.30 -6.44
CA ASP I 459 -46.26 -43.36 -5.33
C ASP I 459 -47.32 -42.28 -5.53
N ILE I 460 -47.52 -41.86 -6.77
CA ILE I 460 -48.52 -40.85 -7.11
C ILE I 460 -49.65 -41.55 -7.85
N GLY I 461 -50.89 -41.31 -7.41
CA GLY I 461 -52.06 -41.90 -8.03
C GLY I 461 -52.69 -40.93 -9.03
N GLY I 462 -53.18 -41.49 -10.13
CA GLY I 462 -53.87 -40.71 -11.14
C GLY I 462 -52.90 -40.05 -12.11
N LEU I 463 -53.49 -39.23 -12.99
CA LEU I 463 -52.75 -38.48 -13.99
C LEU I 463 -51.92 -39.39 -14.88
N GLU I 464 -52.47 -40.57 -15.20
CA GLU I 464 -51.73 -41.52 -16.02
C GLU I 464 -51.58 -41.02 -17.45
N ASP I 465 -52.58 -40.29 -17.96
CA ASP I 465 -52.46 -39.71 -19.29
C ASP I 465 -51.33 -38.70 -19.33
N VAL I 466 -51.25 -37.83 -18.33
CA VAL I 466 -50.16 -36.86 -18.26
C VAL I 466 -48.82 -37.57 -18.12
N LYS I 467 -48.80 -38.66 -17.36
CA LYS I 467 -47.58 -39.44 -17.24
C LYS I 467 -47.15 -40.00 -18.59
N ARG I 468 -48.10 -40.50 -19.37
CA ARG I 468 -47.78 -41.01 -20.70
C ARG I 468 -47.29 -39.88 -21.62
N GLU I 469 -47.88 -38.69 -21.49
CA GLU I 469 -47.42 -37.57 -22.29
C GLU I 469 -45.98 -37.22 -21.96
N LEU I 470 -45.66 -37.17 -20.66
CA LEU I 470 -44.27 -36.92 -20.27
C LEU I 470 -43.35 -38.01 -20.77
N GLN I 471 -43.84 -39.26 -20.74
CA GLN I 471 -43.06 -40.36 -21.31
C GLN I 471 -42.75 -40.11 -22.77
N GLU I 472 -43.76 -39.69 -23.54
CA GLU I 472 -43.56 -39.39 -24.95
C GLU I 472 -42.54 -38.27 -25.13
N LEU I 473 -42.63 -37.23 -24.32
CA LEU I 473 -41.73 -36.08 -24.50
C LEU I 473 -40.31 -36.40 -24.08
N VAL I 474 -40.12 -37.28 -23.11
CA VAL I 474 -38.82 -37.51 -22.50
C VAL I 474 -38.17 -38.79 -23.01
N GLN I 475 -38.80 -39.94 -22.77
CA GLN I 475 -38.15 -41.21 -23.07
C GLN I 475 -38.11 -41.46 -24.57
N TYR I 476 -39.18 -41.11 -25.27
CA TYR I 476 -39.29 -41.44 -26.69
C TYR I 476 -38.19 -40.82 -27.54
N PRO I 477 -37.84 -39.53 -27.39
CA PRO I 477 -36.78 -38.98 -28.25
C PRO I 477 -35.45 -39.70 -28.13
N VAL I 478 -35.09 -40.15 -26.93
CA VAL I 478 -33.89 -40.95 -26.81
C VAL I 478 -34.18 -42.41 -27.16
N GLU I 479 -35.42 -42.86 -26.96
CA GLU I 479 -35.80 -44.20 -27.38
C GLU I 479 -35.81 -44.31 -28.90
N HIS I 480 -36.41 -43.32 -29.57
CA HIS I 480 -36.56 -43.35 -31.02
C HIS I 480 -36.09 -42.03 -31.62
N PRO I 481 -34.80 -41.73 -31.54
CA PRO I 481 -34.27 -40.60 -32.32
C PRO I 481 -34.35 -40.83 -33.81
N ASP I 482 -34.49 -42.10 -34.23
CA ASP I 482 -34.59 -42.43 -35.64
C ASP I 482 -35.82 -41.79 -36.27
N LYS I 483 -36.96 -41.84 -35.59
CA LYS I 483 -38.16 -41.20 -36.11
C LYS I 483 -37.97 -39.69 -36.20
N PHE I 484 -37.33 -39.09 -35.18
CA PHE I 484 -37.12 -37.65 -35.17
C PHE I 484 -36.25 -37.21 -36.33
N LEU I 485 -35.17 -37.95 -36.60
CA LEU I 485 -34.32 -37.58 -37.72
C LEU I 485 -34.98 -37.90 -39.05
N LYS I 486 -35.80 -38.95 -39.11
CA LYS I 486 -36.52 -39.27 -40.33
C LYS I 486 -37.49 -38.16 -40.70
N PHE I 487 -38.15 -37.58 -39.71
CA PHE I 487 -38.94 -36.38 -39.94
C PHE I 487 -38.12 -35.10 -39.80
N GLY I 488 -36.88 -35.19 -39.32
CA GLY I 488 -36.06 -34.00 -39.16
C GLY I 488 -36.66 -32.98 -38.22
N MET I 489 -37.22 -33.42 -37.10
CA MET I 489 -37.91 -32.54 -36.16
C MET I 489 -37.22 -32.64 -34.81
N THR I 490 -36.98 -31.48 -34.18
CA THR I 490 -36.25 -31.36 -32.93
C THR I 490 -37.20 -31.47 -31.74
N PRO I 491 -36.90 -32.33 -30.76
CA PRO I 491 -37.79 -32.47 -29.61
C PRO I 491 -37.85 -31.21 -28.78
N SER I 492 -38.90 -31.09 -27.99
CA SER I 492 -39.08 -29.92 -27.14
C SER I 492 -37.97 -29.82 -26.12
N LYS I 493 -37.52 -28.59 -25.86
CA LYS I 493 -36.40 -28.39 -24.95
C LYS I 493 -36.77 -28.69 -23.51
N GLY I 494 -37.90 -28.16 -23.04
CA GLY I 494 -38.27 -28.33 -21.64
C GLY I 494 -39.76 -28.17 -21.44
N VAL I 495 -40.19 -28.52 -20.23
CA VAL I 495 -41.60 -28.54 -19.86
C VAL I 495 -41.79 -27.74 -18.58
N LEU I 496 -42.93 -27.06 -18.48
CA LEU I 496 -43.28 -26.29 -17.30
C LEU I 496 -44.58 -26.80 -16.71
N PHE I 497 -44.68 -26.75 -15.39
CA PHE I 497 -45.86 -27.21 -14.67
C PHE I 497 -46.47 -26.06 -13.88
N TYR I 498 -47.80 -26.05 -13.79
CA TYR I 498 -48.49 -25.07 -12.99
C TYR I 498 -49.74 -25.71 -12.39
N GLY I 499 -50.01 -25.39 -11.13
CA GLY I 499 -51.16 -25.93 -10.44
C GLY I 499 -51.12 -25.67 -8.95
N PRO I 500 -52.15 -26.10 -8.24
CA PRO I 500 -52.19 -25.90 -6.79
C PRO I 500 -51.04 -26.61 -6.11
N PRO I 501 -50.50 -26.03 -5.04
CA PRO I 501 -49.40 -26.69 -4.31
C PRO I 501 -49.90 -27.93 -3.59
N GLY I 502 -48.95 -28.75 -3.18
CA GLY I 502 -49.27 -30.01 -2.53
C GLY I 502 -49.64 -31.14 -3.46
N CYS I 503 -49.45 -30.96 -4.77
CA CYS I 503 -49.75 -32.00 -5.74
C CYS I 503 -48.53 -32.84 -6.09
N GLY I 504 -47.39 -32.58 -5.46
CA GLY I 504 -46.21 -33.40 -5.65
C GLY I 504 -45.64 -33.35 -7.06
N LYS I 505 -45.55 -32.15 -7.63
CA LYS I 505 -44.94 -32.00 -8.94
C LYS I 505 -43.48 -32.45 -8.91
N THR I 506 -42.75 -32.09 -7.85
CA THR I 506 -41.39 -32.56 -7.68
C THR I 506 -41.35 -34.08 -7.60
N LEU I 507 -42.36 -34.68 -6.98
CA LEU I 507 -42.44 -36.14 -6.95
C LEU I 507 -42.56 -36.70 -8.35
N LEU I 508 -43.37 -36.07 -9.20
CA LEU I 508 -43.49 -36.50 -10.58
C LEU I 508 -42.17 -36.37 -11.33
N ALA I 509 -41.46 -35.27 -11.09
CA ALA I 509 -40.17 -35.08 -11.73
C ALA I 509 -39.19 -36.17 -11.31
N LYS I 510 -39.15 -36.49 -10.02
CA LYS I 510 -38.27 -37.55 -9.54
C LYS I 510 -38.68 -38.90 -10.13
N ALA I 511 -39.98 -39.15 -10.23
CA ALA I 511 -40.45 -40.41 -10.78
C ALA I 511 -40.02 -40.57 -12.24
N ILE I 512 -40.22 -39.53 -13.04
CA ILE I 512 -39.86 -39.62 -14.45
C ILE I 512 -38.36 -39.71 -14.63
N ALA I 513 -37.59 -39.02 -13.78
CA ALA I 513 -36.13 -39.14 -13.85
C ALA I 513 -35.69 -40.55 -13.50
N ASN I 514 -36.29 -41.14 -12.47
CA ASN I 514 -35.94 -42.50 -12.09
C ASN I 514 -36.30 -43.49 -13.19
N GLU I 515 -37.46 -43.30 -13.81
CA GLU I 515 -37.83 -44.15 -14.94
C GLU I 515 -36.85 -44.00 -16.10
N CYS I 516 -36.43 -42.76 -16.36
CA CYS I 516 -35.45 -42.51 -17.42
C CYS I 516 -34.05 -42.98 -17.06
N GLN I 517 -33.80 -43.25 -15.77
CA GLN I 517 -32.49 -43.67 -15.29
C GLN I 517 -31.44 -42.60 -15.62
N ALA I 518 -31.71 -41.39 -15.16
CA ALA I 518 -30.80 -40.27 -15.31
C ALA I 518 -30.69 -39.54 -13.98
N ASN I 519 -29.60 -38.81 -13.81
CA ASN I 519 -29.36 -38.11 -12.56
C ASN I 519 -30.36 -36.96 -12.40
N PHE I 520 -30.58 -36.58 -11.15
CA PHE I 520 -31.51 -35.52 -10.80
C PHE I 520 -30.74 -34.36 -10.18
N ILE I 521 -31.18 -33.14 -10.50
CA ILE I 521 -30.62 -31.93 -9.93
C ILE I 521 -31.75 -31.09 -9.37
N SER I 522 -31.60 -30.63 -8.13
CA SER I 522 -32.63 -29.87 -7.44
C SER I 522 -32.21 -28.42 -7.29
N ILE I 523 -33.16 -27.52 -7.54
CA ILE I 523 -32.95 -26.09 -7.39
C ILE I 523 -34.01 -25.55 -6.44
N LYS I 524 -33.59 -24.77 -5.46
CA LYS I 524 -34.49 -24.22 -4.45
C LYS I 524 -34.61 -22.71 -4.61
N GLY I 525 -35.83 -22.21 -4.40
CA GLY I 525 -36.09 -20.80 -4.46
C GLY I 525 -35.27 -19.99 -3.48
N PRO I 526 -35.21 -20.44 -2.22
CA PRO I 526 -34.27 -19.79 -1.28
C PRO I 526 -32.84 -19.80 -1.78
N GLU I 527 -32.40 -20.90 -2.38
CA GLU I 527 -31.05 -20.96 -2.94
C GLU I 527 -30.89 -19.95 -4.06
N LEU I 528 -31.90 -19.83 -4.93
CA LEU I 528 -31.83 -18.88 -6.02
C LEU I 528 -31.75 -17.45 -5.49
N LEU I 529 -32.58 -17.12 -4.50
CA LEU I 529 -32.58 -15.77 -3.95
C LEU I 529 -31.26 -15.49 -3.23
N THR I 530 -30.67 -16.52 -2.62
CA THR I 530 -29.32 -16.36 -2.09
C THR I 530 -28.34 -16.04 -3.21
N MET I 531 -28.50 -16.70 -4.35
CA MET I 531 -27.66 -16.45 -5.50
C MET I 531 -27.91 -15.11 -6.15
N TRP I 532 -29.02 -14.45 -5.79
CA TRP I 532 -29.30 -13.11 -6.33
C TRP I 532 -28.16 -12.16 -6.05
N PHE I 533 -27.69 -12.13 -4.81
CA PHE I 533 -26.77 -11.10 -4.34
C PHE I 533 -25.37 -11.69 -4.22
N GLY I 534 -24.41 -11.04 -4.85
CA GLY I 534 -23.03 -11.51 -4.84
C GLY I 534 -22.76 -12.42 -6.02
N GLU I 535 -22.36 -13.65 -5.74
CA GLU I 535 -22.03 -14.63 -6.79
C GLU I 535 -23.32 -15.08 -7.47
N SER I 536 -23.58 -14.54 -8.65
CA SER I 536 -24.79 -14.87 -9.40
C SER I 536 -24.49 -15.61 -10.69
N GLU I 537 -23.70 -15.02 -11.58
CA GLU I 537 -23.44 -15.64 -12.88
C GLU I 537 -22.66 -16.93 -12.74
N ALA I 538 -21.62 -16.93 -11.89
CA ALA I 538 -20.71 -18.06 -11.83
C ALA I 538 -21.44 -19.33 -11.41
N ASN I 539 -22.32 -19.24 -10.42
CA ASN I 539 -23.05 -20.41 -9.97
C ASN I 539 -23.94 -20.98 -11.06
N VAL I 540 -24.64 -20.10 -11.79
CA VAL I 540 -25.49 -20.57 -12.87
C VAL I 540 -24.65 -21.25 -13.95
N ARG I 541 -23.53 -20.63 -14.30
CA ARG I 541 -22.67 -21.19 -15.34
C ARG I 541 -22.16 -22.57 -14.92
N GLU I 542 -21.70 -22.68 -13.68
CA GLU I 542 -21.11 -23.95 -13.26
C GLU I 542 -22.16 -25.04 -13.12
N ILE I 543 -23.36 -24.70 -12.66
CA ILE I 543 -24.39 -25.73 -12.54
C ILE I 543 -24.85 -26.16 -13.92
N PHE I 544 -24.97 -25.23 -14.86
CA PHE I 544 -25.32 -25.59 -16.23
C PHE I 544 -24.25 -26.49 -16.84
N ASP I 545 -22.98 -26.16 -16.63
CA ASP I 545 -21.91 -26.97 -17.19
C ASP I 545 -21.90 -28.36 -16.56
N LYS I 546 -22.10 -28.44 -15.24
CA LYS I 546 -22.13 -29.73 -14.57
C LYS I 546 -23.28 -30.58 -15.10
N ALA I 547 -24.46 -29.99 -15.28
CA ALA I 547 -25.59 -30.73 -15.82
C ALA I 547 -25.30 -31.20 -17.24
N ARG I 548 -24.73 -30.32 -18.06
CA ARG I 548 -24.42 -30.70 -19.44
C ARG I 548 -23.39 -31.82 -19.49
N GLN I 549 -22.42 -31.80 -18.57
CA GLN I 549 -21.43 -32.86 -18.51
C GLN I 549 -22.07 -34.20 -18.17
N ALA I 550 -23.02 -34.21 -17.23
CA ALA I 550 -23.56 -35.45 -16.68
C ALA I 550 -24.80 -35.92 -17.41
N ALA I 551 -24.93 -35.61 -18.70
CA ALA I 551 -26.05 -36.11 -19.47
C ALA I 551 -25.96 -37.63 -19.57
N PRO I 552 -27.10 -38.35 -19.51
CA PRO I 552 -28.44 -37.78 -19.33
C PRO I 552 -28.72 -37.35 -17.90
N CYS I 553 -29.45 -36.25 -17.75
CA CYS I 553 -29.78 -35.73 -16.43
C CYS I 553 -31.03 -34.89 -16.54
N VAL I 554 -31.67 -34.66 -15.40
CA VAL I 554 -32.88 -33.85 -15.31
C VAL I 554 -32.54 -32.62 -14.48
N LEU I 555 -32.66 -31.45 -15.10
CA LEU I 555 -32.40 -30.18 -14.42
C LEU I 555 -33.73 -29.63 -13.96
N PHE I 556 -34.04 -29.82 -12.67
CA PHE I 556 -35.31 -29.40 -12.11
C PHE I 556 -35.18 -28.05 -11.44
N PHE I 557 -36.26 -27.27 -11.52
CA PHE I 557 -36.35 -25.97 -10.88
C PHE I 557 -37.60 -25.94 -10.03
N ASP I 558 -37.47 -25.46 -8.80
CA ASP I 558 -38.61 -25.30 -7.91
C ASP I 558 -38.76 -23.83 -7.52
N GLU I 559 -40.01 -23.43 -7.29
CA GLU I 559 -40.34 -22.06 -6.92
C GLU I 559 -39.79 -21.08 -7.95
N LEU I 560 -39.98 -21.40 -9.23
CA LEU I 560 -39.54 -20.51 -10.29
C LEU I 560 -40.22 -19.16 -10.22
N ASP I 561 -41.45 -19.13 -9.70
CA ASP I 561 -42.18 -17.87 -9.53
C ASP I 561 -41.56 -16.97 -8.48
N SER I 562 -40.62 -17.48 -7.68
CA SER I 562 -40.04 -16.67 -6.61
C SER I 562 -39.41 -15.40 -7.16
N ILE I 563 -38.91 -15.45 -8.40
CA ILE I 563 -38.35 -14.25 -9.03
C ILE I 563 -39.39 -13.14 -9.04
N ALA I 564 -40.61 -13.45 -9.49
CA ALA I 564 -41.67 -12.45 -9.49
C ALA I 564 -42.19 -12.17 -8.09
N LYS I 565 -41.94 -13.08 -7.14
CA LYS I 565 -42.43 -12.87 -5.78
C LYS I 565 -41.75 -11.68 -5.11
N ALA I 566 -40.45 -11.53 -5.33
CA ALA I 566 -39.72 -10.40 -4.74
C ALA I 566 -39.61 -9.23 -5.70
N ARG I 567 -39.41 -9.49 -6.99
CA ARG I 567 -39.37 -8.40 -7.97
C ARG I 567 -40.72 -7.71 -8.05
N GLY I 568 -41.76 -8.45 -8.44
CA GLY I 568 -43.09 -7.89 -8.46
C GLY I 568 -43.69 -7.77 -7.07
N GLY I 569 -44.73 -6.95 -6.98
CA GLY I 569 -45.42 -6.76 -5.72
C GLY I 569 -45.05 -5.48 -5.00
N ASN I 570 -45.08 -5.51 -3.68
CA ASN I 570 -44.81 -4.34 -2.86
C ASN I 570 -43.34 -4.20 -2.48
N ILE I 571 -42.48 -5.10 -2.96
CA ILE I 571 -41.06 -5.01 -2.63
C ILE I 571 -40.34 -4.10 -3.62
N GLY I 572 -40.29 -4.50 -4.89
CA GLY I 572 -39.73 -3.66 -5.94
C GLY I 572 -38.28 -3.25 -5.71
N ASP I 573 -37.52 -4.04 -4.96
CA ASP I 573 -36.14 -3.70 -4.64
C ASP I 573 -35.14 -4.70 -5.19
N GLY I 574 -35.36 -5.99 -4.97
CA GLY I 574 -34.45 -7.01 -5.48
C GLY I 574 -34.67 -7.30 -6.95
N GLY I 575 -35.30 -6.36 -7.66
CA GLY I 575 -35.57 -6.57 -9.07
C GLY I 575 -34.31 -6.64 -9.91
N GLY I 576 -33.28 -5.88 -9.53
CA GLY I 576 -32.04 -5.91 -10.29
C GLY I 576 -31.36 -7.27 -10.26
N ALA I 577 -31.22 -7.84 -9.07
CA ALA I 577 -30.61 -9.16 -8.94
C ALA I 577 -31.48 -10.23 -9.59
N ALA I 578 -32.80 -10.11 -9.43
CA ALA I 578 -33.72 -11.05 -10.07
C ALA I 578 -33.57 -11.03 -11.58
N ASP I 579 -33.50 -9.84 -12.17
CA ASP I 579 -33.31 -9.75 -13.60
C ASP I 579 -31.94 -10.25 -14.03
N ARG I 580 -30.91 -10.01 -13.21
CA ARG I 580 -29.59 -10.59 -13.48
C ARG I 580 -29.70 -12.10 -13.59
N VAL I 581 -30.34 -12.73 -12.59
CA VAL I 581 -30.46 -14.18 -12.57
C VAL I 581 -31.27 -14.67 -13.76
N ILE I 582 -32.37 -13.97 -14.07
CA ILE I 582 -33.24 -14.39 -15.17
C ILE I 582 -32.49 -14.31 -16.49
N ASN I 583 -31.75 -13.22 -16.71
CA ASN I 583 -30.99 -13.07 -17.95
C ASN I 583 -29.92 -14.13 -18.05
N GLN I 584 -29.23 -14.42 -16.94
CA GLN I 584 -28.22 -15.48 -16.96
C GLN I 584 -28.85 -16.81 -17.32
N ILE I 585 -30.00 -17.12 -16.72
CA ILE I 585 -30.68 -18.38 -16.99
C ILE I 585 -31.06 -18.47 -18.46
N LEU I 586 -31.62 -17.38 -19.00
CA LEU I 586 -32.04 -17.36 -20.39
C LEU I 586 -30.84 -17.58 -21.32
N THR I 587 -29.75 -16.88 -21.05
CA THR I 587 -28.55 -17.04 -21.88
C THR I 587 -28.03 -18.47 -21.82
N GLU I 588 -27.95 -19.04 -20.62
CA GLU I 588 -27.42 -20.39 -20.49
C GLU I 588 -28.30 -21.40 -21.20
N MET I 589 -29.62 -21.28 -21.04
CA MET I 589 -30.51 -22.26 -21.67
C MET I 589 -30.52 -22.09 -23.18
N ASP I 590 -30.41 -20.86 -23.67
CA ASP I 590 -30.32 -20.66 -25.11
C ASP I 590 -29.03 -21.23 -25.66
N GLY I 591 -27.94 -21.14 -24.90
CA GLY I 591 -26.69 -21.75 -25.32
C GLY I 591 -26.70 -23.27 -25.31
N MET I 592 -27.68 -23.88 -24.64
CA MET I 592 -27.74 -25.33 -24.59
C MET I 592 -28.08 -25.90 -25.96
N SER I 593 -27.54 -27.09 -26.23
CA SER I 593 -27.77 -27.78 -27.49
C SER I 593 -28.70 -28.96 -27.28
N THR I 594 -29.60 -29.18 -28.24
CA THR I 594 -30.51 -30.32 -28.17
C THR I 594 -29.77 -31.65 -28.21
N LYS I 595 -28.52 -31.65 -28.71
CA LYS I 595 -27.71 -32.86 -28.69
C LYS I 595 -27.54 -33.38 -27.27
N LYS I 596 -27.28 -32.48 -26.32
CA LYS I 596 -27.12 -32.88 -24.93
C LYS I 596 -28.45 -33.36 -24.37
N ASN I 597 -28.42 -34.51 -23.70
CA ASN I 597 -29.63 -35.12 -23.16
C ASN I 597 -29.95 -34.54 -21.79
N VAL I 598 -30.30 -33.26 -21.79
CA VAL I 598 -30.61 -32.52 -20.58
C VAL I 598 -32.00 -31.89 -20.76
N PHE I 599 -32.85 -32.08 -19.77
CA PHE I 599 -34.19 -31.51 -19.77
C PHE I 599 -34.31 -30.46 -18.68
N ILE I 600 -34.84 -29.30 -19.04
CA ILE I 600 -35.08 -28.22 -18.09
C ILE I 600 -36.54 -28.30 -17.66
N ILE I 601 -36.77 -28.36 -16.36
CA ILE I 601 -38.11 -28.49 -15.81
C ILE I 601 -38.32 -27.38 -14.80
N GLY I 602 -39.36 -26.59 -15.00
CA GLY I 602 -39.73 -25.54 -14.06
C GLY I 602 -41.13 -25.77 -13.52
N ALA I 603 -41.29 -25.58 -12.22
CA ALA I 603 -42.56 -25.79 -11.55
C ALA I 603 -42.97 -24.54 -10.81
N THR I 604 -44.28 -24.30 -10.77
CA THR I 604 -44.82 -23.13 -10.08
C THR I 604 -46.27 -23.40 -9.70
N ASN I 605 -46.73 -22.63 -8.73
CA ASN I 605 -48.14 -22.63 -8.34
C ASN I 605 -48.80 -21.28 -8.61
N ARG I 606 -48.08 -20.34 -9.20
CA ARG I 606 -48.61 -19.01 -9.50
C ARG I 606 -48.32 -18.67 -10.96
N PRO I 607 -49.00 -19.34 -11.89
CA PRO I 607 -48.68 -19.13 -13.31
C PRO I 607 -48.94 -17.72 -13.80
N ASP I 608 -49.93 -17.03 -13.22
CA ASP I 608 -50.27 -15.69 -13.70
C ASP I 608 -49.12 -14.72 -13.49
N ILE I 609 -48.45 -14.78 -12.34
CA ILE I 609 -47.37 -13.85 -12.02
C ILE I 609 -46.11 -14.12 -12.83
N ILE I 610 -46.07 -15.24 -13.56
CA ILE I 610 -44.87 -15.61 -14.30
C ILE I 610 -44.58 -14.59 -15.40
N ASP I 611 -43.32 -14.21 -15.52
CA ASP I 611 -42.92 -13.30 -16.58
C ASP I 611 -43.11 -13.94 -17.94
N PRO I 612 -43.60 -13.21 -18.94
CA PRO I 612 -43.88 -13.80 -20.25
C PRO I 612 -42.65 -13.94 -21.14
N ALA I 613 -41.46 -13.59 -20.68
CA ALA I 613 -40.27 -13.71 -21.51
C ALA I 613 -40.01 -15.16 -21.89
N ILE I 614 -40.15 -16.08 -20.92
CA ILE I 614 -39.97 -17.50 -21.21
C ILE I 614 -41.05 -18.02 -22.14
N LEU I 615 -42.18 -17.33 -22.23
CA LEU I 615 -43.30 -17.77 -23.07
C LEU I 615 -42.99 -17.50 -24.54
N ARG I 616 -41.90 -18.10 -25.00
CA ARG I 616 -41.43 -17.95 -26.37
C ARG I 616 -40.93 -19.30 -26.86
N PRO I 617 -40.95 -19.53 -28.17
CA PRO I 617 -40.45 -20.80 -28.69
C PRO I 617 -38.97 -20.98 -28.39
N GLY I 618 -38.57 -22.24 -28.24
CA GLY I 618 -37.21 -22.56 -27.84
C GLY I 618 -37.07 -22.57 -26.34
N ARG I 619 -37.86 -21.75 -25.67
CA ARG I 619 -37.89 -21.70 -24.22
C ARG I 619 -38.96 -22.67 -23.71
N LEU I 620 -39.28 -22.58 -22.43
CA LEU I 620 -40.33 -23.43 -21.86
C LEU I 620 -41.68 -23.05 -22.47
N ASP I 621 -42.21 -23.93 -23.32
CA ASP I 621 -43.47 -23.71 -24.01
C ASP I 621 -44.54 -24.71 -23.65
N GLN I 622 -44.16 -25.97 -23.41
CA GLN I 622 -45.12 -27.00 -23.04
C GLN I 622 -45.53 -26.81 -21.58
N LEU I 623 -46.67 -26.17 -21.37
CA LEU I 623 -47.17 -25.87 -20.04
C LEU I 623 -48.28 -26.85 -19.70
N ILE I 624 -48.18 -27.47 -18.53
CA ILE I 624 -49.12 -28.50 -18.11
C ILE I 624 -49.76 -28.10 -16.80
N TYR I 625 -51.09 -28.10 -16.78
CA TYR I 625 -51.82 -27.86 -15.54
C TYR I 625 -51.87 -29.13 -14.70
N ILE I 626 -51.85 -28.95 -13.39
CA ILE I 626 -51.88 -30.05 -12.43
C ILE I 626 -53.24 -30.00 -11.75
N PRO I 627 -54.20 -30.84 -12.12
CA PRO I 627 -55.51 -30.82 -11.47
C PRO I 627 -55.41 -31.31 -10.03
N LEU I 628 -56.35 -30.84 -9.21
CA LEU I 628 -56.43 -31.27 -7.83
C LEU I 628 -57.26 -32.54 -7.73
N PRO I 629 -56.70 -33.66 -7.28
CA PRO I 629 -57.45 -34.92 -7.26
C PRO I 629 -58.42 -34.95 -6.07
N ASP I 630 -59.70 -35.17 -6.37
CA ASP I 630 -60.70 -35.36 -5.35
C ASP I 630 -61.60 -36.54 -5.72
N GLU I 631 -61.94 -37.34 -4.72
CA GLU I 631 -62.72 -38.57 -4.90
C GLU I 631 -61.93 -39.46 -5.87
N LYS I 632 -62.57 -40.08 -6.86
CA LYS I 632 -61.94 -40.99 -7.82
C LYS I 632 -60.83 -41.82 -7.22
N SER I 633 -59.58 -41.55 -7.61
CA SER I 633 -58.43 -42.34 -7.20
C SER I 633 -57.78 -41.80 -5.93
N ARG I 634 -58.45 -40.88 -5.23
CA ARG I 634 -57.89 -40.35 -3.99
C ARG I 634 -57.49 -41.46 -3.04
N VAL I 635 -58.36 -42.44 -2.84
CA VAL I 635 -58.05 -43.56 -1.95
C VAL I 635 -56.79 -44.27 -2.40
N ALA I 636 -56.62 -44.44 -3.71
CA ALA I 636 -55.38 -45.01 -4.22
C ALA I 636 -54.18 -44.22 -3.72
N ILE I 637 -54.24 -42.89 -3.87
CA ILE I 637 -53.21 -42.03 -3.30
C ILE I 637 -53.08 -42.30 -1.81
N LEU I 638 -54.21 -42.38 -1.12
CA LEU I 638 -54.19 -42.77 0.29
C LEU I 638 -53.46 -44.08 0.47
N LYS I 639 -53.83 -45.10 -0.31
CA LYS I 639 -53.12 -46.37 -0.24
C LYS I 639 -51.64 -46.18 -0.48
N ALA I 640 -51.28 -45.31 -1.43
CA ALA I 640 -49.88 -45.04 -1.71
C ALA I 640 -49.17 -44.50 -0.47
N ASN I 641 -49.82 -43.61 0.26
CA ASN I 641 -49.23 -43.11 1.50
C ASN I 641 -49.60 -43.97 2.69
N LEU I 642 -50.45 -44.97 2.52
CA LEU I 642 -50.82 -45.85 3.61
C LEU I 642 -50.13 -47.20 3.54
N ARG I 643 -49.62 -47.60 2.38
CA ARG I 643 -48.90 -48.85 2.26
C ARG I 643 -47.56 -48.82 2.99
N LYS I 644 -47.12 -47.63 3.42
CA LYS I 644 -45.85 -47.54 4.15
C LYS I 644 -45.90 -48.35 5.44
N SER I 645 -46.99 -48.23 6.18
CA SER I 645 -47.15 -48.92 7.45
C SER I 645 -48.46 -49.67 7.47
N PRO I 646 -48.54 -50.79 8.19
CA PRO I 646 -49.78 -51.56 8.22
C PRO I 646 -50.93 -50.78 8.84
N VAL I 647 -52.14 -51.07 8.36
CA VAL I 647 -53.35 -50.52 8.95
C VAL I 647 -54.35 -51.59 9.35
N ALA I 648 -54.31 -52.77 8.75
CA ALA I 648 -55.17 -53.90 9.12
C ALA I 648 -56.65 -53.53 9.15
N LYS I 649 -57.19 -53.35 10.34
CA LYS I 649 -58.62 -53.07 10.49
C LYS I 649 -58.92 -51.64 10.05
N ASP I 650 -59.91 -51.51 9.16
CA ASP I 650 -60.41 -50.22 8.72
C ASP I 650 -61.90 -50.35 8.42
N VAL I 651 -62.62 -49.23 8.55
CA VAL I 651 -64.06 -49.26 8.29
C VAL I 651 -64.33 -49.10 6.80
N ASP I 652 -63.78 -48.04 6.18
CA ASP I 652 -63.91 -47.82 4.75
C ASP I 652 -62.99 -46.69 4.34
N LEU I 653 -62.29 -46.88 3.22
CA LEU I 653 -61.54 -45.77 2.63
C LEU I 653 -62.40 -44.93 1.71
N GLU I 654 -63.38 -45.56 1.05
CA GLU I 654 -64.26 -44.82 0.16
C GLU I 654 -65.06 -43.77 0.92
N PHE I 655 -65.58 -44.12 2.10
CA PHE I 655 -66.28 -43.15 2.92
C PHE I 655 -65.35 -42.00 3.31
N LEU I 656 -64.11 -42.33 3.67
CA LEU I 656 -63.14 -41.31 4.02
C LEU I 656 -62.93 -40.34 2.86
N ALA I 657 -62.82 -40.89 1.64
CA ALA I 657 -62.76 -40.03 0.46
C ALA I 657 -64.05 -39.24 0.31
N LYS I 658 -65.18 -39.78 0.77
CA LYS I 658 -66.45 -39.09 0.62
C LYS I 658 -66.51 -37.84 1.48
N MET I 659 -66.16 -37.94 2.78
CA MET I 659 -66.23 -36.74 3.60
C MET I 659 -65.27 -35.67 3.11
N THR I 660 -64.05 -36.06 2.76
CA THR I 660 -63.10 -35.07 2.27
C THR I 660 -63.42 -34.72 0.82
N ASN I 661 -62.95 -33.55 0.41
CA ASN I 661 -63.15 -33.07 -0.95
C ASN I 661 -62.24 -31.88 -1.19
N GLY I 662 -61.62 -31.85 -2.36
CA GLY I 662 -60.70 -30.78 -2.67
C GLY I 662 -59.49 -30.74 -1.77
N PHE I 663 -58.95 -31.89 -1.42
CA PHE I 663 -57.79 -32.01 -0.55
C PHE I 663 -56.62 -32.56 -1.34
N SER I 664 -55.48 -31.90 -1.25
CA SER I 664 -54.29 -32.29 -2.00
C SER I 664 -53.65 -33.50 -1.35
N GLY I 665 -52.45 -33.86 -1.80
CA GLY I 665 -51.69 -34.89 -1.12
C GLY I 665 -51.16 -34.42 0.21
N ALA I 666 -50.91 -33.12 0.35
CA ALA I 666 -50.29 -32.58 1.57
C ALA I 666 -51.20 -32.79 2.78
N ASP I 667 -52.44 -32.33 2.69
CA ASP I 667 -53.33 -32.45 3.84
C ASP I 667 -53.79 -33.88 4.06
N LEU I 668 -53.87 -34.68 3.00
CA LEU I 668 -54.18 -36.09 3.17
C LEU I 668 -53.07 -36.80 3.95
N THR I 669 -51.82 -36.57 3.56
CA THR I 669 -50.70 -37.12 4.32
C THR I 669 -50.66 -36.55 5.73
N GLU I 670 -51.04 -35.29 5.89
CA GLU I 670 -51.09 -34.70 7.22
C GLU I 670 -52.12 -35.43 8.09
N ILE I 671 -53.28 -35.76 7.52
CA ILE I 671 -54.29 -36.48 8.25
C ILE I 671 -53.80 -37.88 8.62
N CYS I 672 -53.10 -38.53 7.69
CA CYS I 672 -52.52 -39.83 8.00
C CYS I 672 -51.52 -39.74 9.13
N GLN I 673 -50.67 -38.70 9.10
CA GLN I 673 -49.71 -38.49 10.17
C GLN I 673 -50.38 -38.19 11.50
N ARG I 674 -51.49 -37.44 11.47
CA ARG I 674 -52.23 -37.17 12.70
C ARG I 674 -52.81 -38.45 13.27
N ALA I 675 -53.37 -39.31 12.42
CA ALA I 675 -53.90 -40.58 12.89
C ALA I 675 -52.79 -41.43 13.50
N CYS I 676 -51.64 -41.48 12.84
CA CYS I 676 -50.51 -42.22 13.39
C CYS I 676 -50.04 -41.63 14.71
N LYS I 677 -50.08 -40.30 14.83
CA LYS I 677 -49.70 -39.64 16.07
C LYS I 677 -50.66 -40.00 17.20
N LEU I 678 -51.95 -40.01 16.92
CA LEU I 678 -52.91 -40.42 17.93
C LEU I 678 -52.71 -41.87 18.33
N ALA I 679 -52.44 -42.74 17.35
CA ALA I 679 -52.17 -44.15 17.68
C ALA I 679 -50.94 -44.29 18.55
N ILE I 680 -49.88 -43.55 18.23
CA ILE I 680 -48.66 -43.57 19.04
C ILE I 680 -48.95 -43.06 20.44
N ARG I 681 -49.75 -42.00 20.54
CA ARG I 681 -50.10 -41.46 21.84
C ARG I 681 -50.85 -42.48 22.68
N GLU I 682 -51.82 -43.18 22.07
CA GLU I 682 -52.58 -44.19 22.79
C GLU I 682 -51.68 -45.32 23.24
N SER I 683 -50.80 -45.79 22.36
CA SER I 683 -49.89 -46.87 22.75
C SER I 683 -48.97 -46.44 23.89
N ILE I 684 -48.43 -45.22 23.80
CA ILE I 684 -47.50 -44.73 24.81
C ILE I 684 -48.21 -44.55 26.14
N GLU I 685 -49.42 -43.99 26.13
CA GLU I 685 -50.13 -43.81 27.39
C GLU I 685 -50.56 -45.14 27.99
N SER I 686 -50.96 -46.11 27.17
CA SER I 686 -51.27 -47.43 27.70
C SER I 686 -50.04 -48.07 28.33
N GLU I 687 -48.89 -47.95 27.66
CA GLU I 687 -47.65 -48.46 28.23
C GLU I 687 -47.35 -47.78 29.56
N ILE I 688 -47.41 -46.46 29.60
CA ILE I 688 -47.11 -45.70 30.81
C ILE I 688 -48.06 -46.12 31.93
N ARG I 689 -49.31 -46.38 31.58
CA ARG I 689 -50.25 -46.94 32.55
C ARG I 689 -49.77 -48.30 33.04
N ARG I 690 -49.19 -49.11 32.15
CA ARG I 690 -48.71 -50.43 32.56
C ARG I 690 -47.61 -50.31 33.61
N GLU I 691 -46.63 -49.42 33.40
CA GLU I 691 -45.63 -49.25 34.46
C GLU I 691 -46.19 -48.52 35.67
N ARG I 692 -47.14 -47.61 35.49
CA ARG I 692 -47.74 -46.95 36.65
C ARG I 692 -48.61 -47.90 37.45
N GLU I 693 -48.91 -49.08 36.89
CA GLU I 693 -49.43 -50.19 37.66
C GLU I 693 -48.31 -51.04 38.25
N ARG I 694 -47.21 -51.19 37.53
CA ARG I 694 -46.12 -52.07 37.94
C ARG I 694 -45.09 -51.40 38.84
N GLN I 695 -45.21 -50.10 39.09
CA GLN I 695 -44.22 -49.45 39.95
C GLN I 695 -44.37 -49.90 41.40
N THR I 696 -45.59 -50.24 41.81
CA THR I 696 -45.87 -50.74 43.15
C THR I 696 -46.24 -52.21 43.15
N ASN I 697 -46.07 -52.90 42.03
CA ASN I 697 -46.46 -54.28 41.86
C ASN I 697 -45.29 -55.06 41.28
N PRO I 698 -45.28 -56.38 41.46
CA PRO I 698 -44.26 -57.19 40.78
C PRO I 698 -44.47 -57.23 39.28
N SER I 699 -43.67 -58.02 38.57
CA SER I 699 -43.77 -58.11 37.12
C SER I 699 -45.18 -58.55 36.72
N ALA I 700 -45.92 -57.64 36.07
CA ALA I 700 -47.30 -57.88 35.67
C ALA I 700 -47.42 -58.24 34.20
N MET I 701 -46.44 -58.98 33.68
CA MET I 701 -46.43 -59.46 32.29
C MET I 701 -46.48 -58.29 31.31
N GLU I 702 -45.40 -57.50 31.31
CA GLU I 702 -45.21 -56.44 30.33
C GLU I 702 -44.92 -57.07 28.98
N VAL I 703 -45.95 -57.31 28.19
CA VAL I 703 -45.82 -57.97 26.90
C VAL I 703 -46.60 -57.21 25.84
N GLU I 704 -46.70 -57.79 24.64
CA GLU I 704 -47.23 -57.15 23.44
C GLU I 704 -48.64 -56.58 23.65
N GLU I 705 -49.29 -56.90 24.77
CA GLU I 705 -50.65 -56.43 25.03
C GLU I 705 -50.60 -54.93 25.34
N ASP I 706 -50.26 -54.16 24.31
CA ASP I 706 -50.24 -52.71 24.41
C ASP I 706 -50.80 -52.06 23.14
N ASP I 707 -51.45 -52.82 22.28
CA ASP I 707 -51.85 -52.38 20.95
C ASP I 707 -50.71 -51.69 20.20
N PRO I 708 -49.56 -52.35 20.03
CA PRO I 708 -48.45 -51.75 19.29
C PRO I 708 -48.43 -52.11 17.82
N VAL I 709 -49.32 -52.98 17.36
CA VAL I 709 -49.37 -53.34 15.95
C VAL I 709 -49.83 -52.12 15.16
N PRO I 710 -49.31 -51.89 13.94
CA PRO I 710 -49.80 -50.76 13.15
C PRO I 710 -51.20 -51.01 12.66
N GLU I 711 -52.18 -50.38 13.32
CA GLU I 711 -53.58 -50.59 12.98
C GLU I 711 -54.35 -49.38 13.50
N ILE I 712 -54.83 -48.54 12.59
CA ILE I 712 -55.49 -47.30 12.96
C ILE I 712 -56.99 -47.59 13.07
N ARG I 713 -57.54 -47.36 14.26
CA ARG I 713 -58.96 -47.58 14.49
C ARG I 713 -59.77 -46.42 13.91
N ARG I 714 -61.09 -46.63 13.85
CA ARG I 714 -61.97 -45.59 13.33
C ARG I 714 -61.97 -44.35 14.21
N ASP I 715 -61.63 -44.48 15.49
CA ASP I 715 -61.60 -43.34 16.38
C ASP I 715 -60.57 -42.31 15.94
N HIS I 716 -59.38 -42.76 15.56
CA HIS I 716 -58.35 -41.84 15.08
C HIS I 716 -58.77 -41.14 13.80
N PHE I 717 -59.40 -41.89 12.89
CA PHE I 717 -59.89 -41.29 11.66
C PHE I 717 -60.95 -40.24 11.94
N GLU I 718 -61.86 -40.54 12.88
CA GLU I 718 -62.90 -39.58 13.24
C GLU I 718 -62.30 -38.35 13.89
N GLU I 719 -61.28 -38.52 14.73
CA GLU I 719 -60.61 -37.37 15.31
C GLU I 719 -59.93 -36.53 14.24
N ALA I 720 -59.30 -37.18 13.27
CA ALA I 720 -58.64 -36.45 12.19
C ALA I 720 -59.64 -35.65 11.37
N MET I 721 -60.78 -36.26 11.04
CA MET I 721 -61.78 -35.57 10.24
C MET I 721 -62.59 -34.57 11.06
N ARG I 722 -62.50 -34.63 12.40
CA ARG I 722 -63.15 -33.62 13.23
C ARG I 722 -62.58 -32.25 12.95
N PHE I 723 -61.26 -32.15 12.81
CA PHE I 723 -60.56 -30.89 12.59
C PHE I 723 -59.52 -31.10 11.50
N ALA I 724 -59.84 -30.62 10.30
CA ALA I 724 -58.96 -30.74 9.14
C ALA I 724 -59.35 -29.65 8.14
N ARG I 725 -58.48 -28.67 7.98
CA ARG I 725 -58.77 -27.50 7.15
C ARG I 725 -58.39 -27.79 5.69
N ARG I 726 -59.20 -27.29 4.77
CA ARG I 726 -58.90 -27.41 3.35
C ARG I 726 -57.64 -26.60 3.03
N SER I 727 -56.71 -27.22 2.31
CA SER I 727 -55.46 -26.54 1.98
C SER I 727 -55.68 -25.45 0.95
N VAL I 728 -56.49 -25.72 -0.07
CA VAL I 728 -56.69 -24.79 -1.18
C VAL I 728 -57.99 -24.04 -0.96
N SER I 729 -57.97 -22.74 -1.27
CA SER I 729 -59.19 -21.94 -1.24
C SER I 729 -59.85 -21.96 -2.61
N ASP I 730 -61.18 -21.88 -2.60
CA ASP I 730 -61.93 -21.98 -3.86
C ASP I 730 -61.59 -20.85 -4.81
N ASN I 731 -61.35 -19.65 -4.28
CA ASN I 731 -61.00 -18.53 -5.15
C ASN I 731 -59.68 -18.76 -5.84
N ASP I 732 -58.73 -19.44 -5.19
CA ASP I 732 -57.49 -19.81 -5.85
C ASP I 732 -57.76 -20.72 -7.03
N ILE I 733 -58.70 -21.66 -6.86
CA ILE I 733 -59.13 -22.48 -7.99
C ILE I 733 -59.75 -21.61 -9.07
N ARG I 734 -60.43 -20.54 -8.67
CA ARG I 734 -60.98 -19.61 -9.65
C ARG I 734 -59.88 -18.94 -10.45
N LYS I 735 -58.80 -18.52 -9.78
CA LYS I 735 -57.69 -17.95 -10.56
C LYS I 735 -57.04 -18.99 -11.45
N TYR I 736 -56.93 -20.24 -10.98
CA TYR I 736 -56.37 -21.28 -11.83
C TYR I 736 -57.21 -21.49 -13.08
N GLU I 737 -58.54 -21.52 -12.91
CA GLU I 737 -59.42 -21.63 -14.07
C GLU I 737 -59.35 -20.38 -14.93
N MET I 738 -59.13 -19.21 -14.33
CA MET I 738 -58.97 -17.99 -15.10
C MET I 738 -57.72 -18.05 -15.96
N PHE I 739 -56.63 -18.61 -15.44
CA PHE I 739 -55.43 -18.79 -16.24
C PHE I 739 -55.65 -19.83 -17.33
N ALA I 740 -56.42 -20.88 -17.03
CA ALA I 740 -56.80 -21.84 -18.06
C ALA I 740 -57.59 -21.17 -19.18
N GLN I 741 -58.53 -20.30 -18.81
CA GLN I 741 -59.26 -19.54 -19.82
C GLN I 741 -58.36 -18.55 -20.54
N THR I 742 -57.33 -18.04 -19.86
CA THR I 742 -56.38 -17.14 -20.51
C THR I 742 -55.60 -17.87 -21.59
N LEU I 743 -55.13 -19.07 -21.30
CA LEU I 743 -54.45 -19.86 -22.32
C LEU I 743 -55.41 -20.36 -23.38
N GLN I 744 -56.69 -20.52 -23.03
CA GLN I 744 -57.70 -20.83 -24.04
C GLN I 744 -57.90 -19.65 -24.99
N GLN I 745 -57.89 -18.43 -24.46
CA GLN I 745 -57.99 -17.24 -25.30
C GLN I 745 -56.76 -17.08 -26.17
N SER I 746 -55.57 -17.33 -25.60
CA SER I 746 -54.35 -17.38 -26.40
C SER I 746 -54.49 -18.43 -27.51
N ARG I 747 -55.13 -19.55 -27.19
CA ARG I 747 -55.58 -20.47 -28.22
C ARG I 747 -56.63 -19.81 -29.11
N GLY I 748 -57.68 -19.26 -28.49
CA GLY I 748 -58.74 -18.64 -29.25
C GLY I 748 -59.60 -19.66 -29.97
N PHE I 749 -58.96 -20.50 -30.78
CA PHE I 749 -59.63 -21.52 -31.56
C PHE I 749 -59.41 -22.92 -30.99
N GLY I 750 -60.47 -23.50 -30.44
CA GLY I 750 -60.46 -24.88 -30.01
C GLY I 750 -61.55 -25.72 -30.65
N SER I 751 -62.44 -25.08 -31.40
CA SER I 751 -63.57 -25.78 -32.00
C SER I 751 -63.11 -26.62 -33.19
N PHE I 752 -64.08 -27.23 -33.88
CA PHE I 752 -63.81 -28.15 -34.97
C PHE I 752 -64.36 -27.60 -36.29
N ARG I 753 -63.47 -27.45 -37.26
CA ARG I 753 -63.82 -27.04 -38.62
C ARG I 753 -63.18 -28.01 -39.61
N PHE I 754 -63.98 -28.47 -40.57
CA PHE I 754 -63.55 -29.52 -41.49
C PHE I 754 -62.63 -28.96 -42.56
N PRO I 755 -61.45 -29.55 -42.78
CA PRO I 755 -60.52 -29.16 -43.84
C PRO I 755 -60.89 -29.75 -45.20
N ARG J 3 12.25 -13.05 -73.68
CA ARG J 3 12.65 -14.45 -73.65
C ARG J 3 11.59 -15.30 -72.96
N PRO J 4 10.68 -15.88 -73.76
CA PRO J 4 9.60 -16.73 -73.23
C PRO J 4 10.05 -18.17 -72.99
N ASN J 5 11.24 -18.33 -72.46
CA ASN J 5 11.76 -19.65 -72.12
C ASN J 5 12.17 -19.75 -70.66
N ARG J 6 12.76 -18.69 -70.10
CA ARG J 6 12.90 -18.60 -68.66
C ARG J 6 11.55 -18.25 -68.04
N LEU J 7 11.26 -18.91 -66.92
CA LEU J 7 9.96 -18.74 -66.27
C LEU J 7 10.17 -18.44 -64.79
N ILE J 8 9.36 -17.53 -64.28
CA ILE J 8 9.40 -17.17 -62.88
C ILE J 8 8.53 -18.15 -62.10
N VAL J 9 9.13 -18.85 -61.16
CA VAL J 9 8.43 -19.88 -60.41
C VAL J 9 7.61 -19.23 -59.30
N ASP J 10 6.41 -19.77 -59.08
CA ASP J 10 5.49 -19.25 -58.07
C ASP J 10 4.78 -20.42 -57.41
N GLU J 11 3.76 -20.09 -56.63
CA GLU J 11 2.95 -21.12 -55.99
C GLU J 11 2.15 -21.89 -57.04
N ALA J 12 1.82 -23.13 -56.70
CA ALA J 12 1.15 -24.05 -57.62
C ALA J 12 -0.21 -24.46 -57.08
N ILE J 13 -0.98 -25.10 -57.95
CA ILE J 13 -2.28 -25.64 -57.61
C ILE J 13 -2.26 -27.16 -57.53
N ASN J 14 -1.71 -27.81 -58.56
CA ASN J 14 -1.63 -29.27 -58.56
C ASN J 14 -0.60 -29.74 -57.54
N GLU J 15 -1.00 -30.72 -56.72
CA GLU J 15 -0.14 -31.27 -55.69
C GLU J 15 0.60 -32.52 -56.14
N ASP J 16 0.43 -32.93 -57.39
CA ASP J 16 1.11 -34.11 -57.89
C ASP J 16 2.62 -33.87 -57.94
N ASN J 17 3.38 -34.95 -57.78
CA ASN J 17 4.84 -34.85 -57.66
C ASN J 17 5.53 -34.59 -59.01
N SER J 18 4.81 -34.67 -60.12
CA SER J 18 5.42 -34.60 -61.45
C SER J 18 4.62 -33.68 -62.36
N VAL J 19 4.30 -32.48 -61.90
CA VAL J 19 3.53 -31.52 -62.67
C VAL J 19 4.29 -30.21 -62.78
N VAL J 20 4.45 -29.71 -64.00
CA VAL J 20 4.79 -28.32 -64.26
C VAL J 20 3.68 -27.75 -65.14
N SER J 21 2.99 -26.73 -64.65
CA SER J 21 1.76 -26.25 -65.27
C SER J 21 2.08 -25.15 -66.28
N LEU J 22 1.69 -25.38 -67.53
CA LEU J 22 1.91 -24.41 -68.60
C LEU J 22 0.61 -24.14 -69.33
N SER J 23 0.44 -22.89 -69.75
CA SER J 23 -0.73 -22.50 -70.51
C SER J 23 -0.65 -23.05 -71.92
N GLN J 24 -1.81 -23.15 -72.58
CA GLN J 24 -1.83 -23.66 -73.95
C GLN J 24 -1.00 -22.84 -74.93
N PRO J 25 -0.92 -21.50 -74.85
CA PRO J 25 0.05 -20.81 -75.73
C PRO J 25 1.48 -21.25 -75.50
N LYS J 26 1.83 -21.60 -74.26
CA LYS J 26 3.16 -22.14 -74.00
C LYS J 26 3.35 -23.51 -74.62
N MET J 27 2.29 -24.33 -74.62
CA MET J 27 2.35 -25.59 -75.34
C MET J 27 2.58 -25.36 -76.83
N ASP J 28 1.92 -24.35 -77.39
CA ASP J 28 2.10 -24.03 -78.80
C ASP J 28 3.50 -23.49 -79.06
N GLU J 29 4.09 -22.79 -78.10
CA GLU J 29 5.38 -22.16 -78.31
C GLU J 29 6.49 -23.19 -78.55
N LEU J 30 6.62 -24.16 -77.65
CA LEU J 30 7.70 -25.13 -77.72
C LEU J 30 7.31 -26.40 -78.48
N GLN J 31 6.04 -26.51 -78.89
CA GLN J 31 5.54 -27.71 -79.59
C GLN J 31 5.81 -28.97 -78.77
N LEU J 32 5.67 -28.86 -77.45
CA LEU J 32 5.90 -29.99 -76.57
C LEU J 32 4.71 -30.93 -76.59
N PHE J 33 4.95 -32.18 -76.26
CA PHE J 33 3.90 -33.19 -76.14
C PHE J 33 3.34 -33.12 -74.73
N ARG J 34 2.34 -33.95 -74.45
CA ARG J 34 1.80 -34.08 -73.10
C ARG J 34 2.28 -35.39 -72.50
N GLY J 35 2.85 -35.33 -71.30
CA GLY J 35 3.49 -36.47 -70.69
C GLY J 35 4.96 -36.61 -71.02
N ASP J 36 5.51 -35.73 -71.85
CA ASP J 36 6.94 -35.78 -72.16
C ASP J 36 7.75 -35.23 -70.99
N THR J 37 9.02 -35.62 -70.96
CA THR J 37 9.94 -35.15 -69.92
C THR J 37 10.60 -33.86 -70.37
N VAL J 38 10.67 -32.90 -69.45
CA VAL J 38 11.31 -31.62 -69.70
C VAL J 38 12.37 -31.38 -68.64
N LEU J 39 13.43 -30.69 -69.03
CA LEU J 39 14.59 -30.42 -68.20
C LEU J 39 14.46 -29.05 -67.55
N LEU J 40 14.70 -28.99 -66.24
CA LEU J 40 14.59 -27.77 -65.45
C LEU J 40 15.95 -27.45 -64.85
N LYS J 41 16.39 -26.20 -65.04
CA LYS J 41 17.65 -25.71 -64.51
C LYS J 41 17.37 -24.54 -63.58
N GLY J 42 18.05 -24.53 -62.44
CA GLY J 42 17.82 -23.48 -61.45
C GLY J 42 19.05 -23.13 -60.64
N LYS J 43 18.83 -22.58 -59.45
CA LYS J 43 19.93 -22.17 -58.59
C LYS J 43 20.61 -23.39 -57.98
N LYS J 44 21.81 -23.16 -57.43
CA LYS J 44 22.66 -24.20 -56.84
C LYS J 44 23.12 -25.22 -57.85
N ARG J 45 23.06 -24.87 -59.15
CA ARG J 45 23.47 -25.74 -60.24
C ARG J 45 22.73 -27.08 -60.18
N ARG J 46 21.45 -27.02 -59.86
CA ARG J 46 20.62 -28.21 -59.76
C ARG J 46 19.97 -28.52 -61.10
N GLU J 47 19.63 -29.79 -61.28
CA GLU J 47 19.01 -30.27 -62.50
C GLU J 47 17.78 -31.08 -62.15
N ALA J 48 16.72 -30.92 -62.95
CA ALA J 48 15.48 -31.62 -62.67
C ALA J 48 14.85 -32.10 -63.97
N VAL J 49 14.03 -33.14 -63.84
CA VAL J 49 13.24 -33.68 -64.94
C VAL J 49 11.79 -33.79 -64.47
N CYS J 50 10.87 -33.31 -65.31
CA CYS J 50 9.48 -33.24 -64.89
C CYS J 50 8.56 -33.45 -66.09
N ILE J 51 7.25 -33.41 -65.83
CA ILE J 51 6.22 -33.68 -66.82
C ILE J 51 5.36 -32.43 -66.99
N VAL J 52 5.14 -32.02 -68.23
CA VAL J 52 4.36 -30.82 -68.53
C VAL J 52 2.87 -31.14 -68.48
N LEU J 53 2.12 -30.33 -67.74
CA LEU J 53 0.68 -30.46 -67.64
C LEU J 53 0.03 -29.14 -68.03
N SER J 54 -1.23 -29.22 -68.42
CA SER J 54 -1.97 -28.06 -68.90
C SER J 54 -2.64 -27.32 -67.76
N ASP J 55 -2.54 -26.00 -67.79
CA ASP J 55 -3.22 -25.14 -66.81
C ASP J 55 -3.35 -23.75 -67.41
N ASP J 56 -4.59 -23.34 -67.67
CA ASP J 56 -4.86 -22.01 -68.22
C ASP J 56 -4.85 -20.92 -67.17
N THR J 57 -4.87 -21.28 -65.88
CA THR J 57 -4.84 -20.26 -64.83
C THR J 57 -3.52 -19.50 -64.84
N CYS J 58 -2.41 -20.20 -65.04
CA CYS J 58 -1.10 -19.55 -65.07
C CYS J 58 -0.98 -18.65 -66.30
N SER J 59 -0.23 -17.57 -66.14
CA SER J 59 0.04 -16.70 -67.27
C SER J 59 1.12 -17.31 -68.16
N ASP J 60 1.37 -16.65 -69.28
CA ASP J 60 2.39 -17.14 -70.21
C ASP J 60 3.77 -17.14 -69.57
N GLU J 61 4.08 -16.11 -68.80
CA GLU J 61 5.36 -16.01 -68.12
C GLU J 61 5.39 -16.76 -66.80
N LYS J 62 4.28 -17.37 -66.40
CA LYS J 62 4.17 -18.05 -65.12
C LYS J 62 4.31 -19.56 -65.29
N ILE J 63 5.04 -20.17 -64.36
CA ILE J 63 5.13 -21.62 -64.24
C ILE J 63 4.62 -22.01 -62.87
N ARG J 64 3.73 -23.00 -62.82
CA ARG J 64 3.16 -23.49 -61.57
C ARG J 64 3.69 -24.89 -61.31
N MET J 65 4.28 -25.08 -60.13
CA MET J 65 5.06 -26.26 -59.85
C MET J 65 5.21 -26.40 -58.34
N ASN J 66 5.06 -27.64 -57.86
CA ASN J 66 4.78 -27.89 -56.45
C ASN J 66 6.06 -27.81 -55.62
N ARG J 67 5.96 -28.22 -54.36
CA ARG J 67 7.06 -28.14 -53.42
C ARG J 67 8.16 -29.15 -53.68
N VAL J 68 7.81 -30.37 -54.10
CA VAL J 68 8.80 -31.45 -54.15
C VAL J 68 9.87 -31.17 -55.20
N VAL J 69 9.46 -30.80 -56.41
CA VAL J 69 10.44 -30.56 -57.46
C VAL J 69 11.08 -29.19 -57.29
N ARG J 70 10.35 -28.25 -56.68
CA ARG J 70 10.94 -26.96 -56.37
C ARG J 70 12.10 -27.11 -55.40
N ASN J 71 11.93 -27.99 -54.41
CA ASN J 71 13.04 -28.35 -53.54
C ASN J 71 14.08 -29.19 -54.28
N ASN J 72 13.66 -29.95 -55.29
CA ASN J 72 14.62 -30.72 -56.07
C ASN J 72 15.62 -29.79 -56.76
N LEU J 73 15.18 -28.60 -57.16
CA LEU J 73 16.09 -27.57 -57.62
C LEU J 73 16.63 -26.71 -56.49
N ARG J 74 16.23 -26.98 -55.25
CA ARG J 74 16.66 -26.19 -54.08
C ARG J 74 16.32 -24.71 -54.27
N VAL J 75 15.10 -24.44 -54.76
CA VAL J 75 14.64 -23.09 -55.01
C VAL J 75 13.27 -22.90 -54.37
N ARG J 76 12.93 -21.64 -54.12
CA ARG J 76 11.62 -21.26 -53.60
C ARG J 76 10.84 -20.51 -54.66
N LEU J 77 9.61 -20.13 -54.29
CA LEU J 77 8.76 -19.36 -55.20
C LEU J 77 9.35 -17.98 -55.43
N GLY J 78 9.05 -17.40 -56.58
CA GLY J 78 9.52 -16.07 -56.93
C GLY J 78 10.84 -16.04 -57.66
N ASP J 79 11.52 -17.16 -57.83
CA ASP J 79 12.81 -17.21 -58.51
C ASP J 79 12.59 -17.45 -60.01
N VAL J 80 13.68 -17.60 -60.74
CA VAL J 80 13.64 -17.82 -62.18
C VAL J 80 14.29 -19.17 -62.49
N ILE J 81 13.65 -19.94 -63.36
CA ILE J 81 14.15 -21.24 -63.77
C ILE J 81 14.15 -21.29 -65.29
N SER J 82 14.90 -22.24 -65.83
CA SER J 82 14.97 -22.48 -67.26
C SER J 82 14.33 -23.83 -67.57
N ILE J 83 13.35 -23.83 -68.46
CA ILE J 83 12.65 -25.03 -68.89
C ILE J 83 13.01 -25.31 -70.34
N GLN J 84 13.40 -26.55 -70.64
CA GLN J 84 13.74 -26.91 -72.00
C GLN J 84 13.16 -28.28 -72.30
N PRO J 85 12.88 -28.59 -73.56
CA PRO J 85 12.45 -29.95 -73.91
C PRO J 85 13.54 -30.96 -73.60
N CYS J 86 13.12 -32.14 -73.14
CA CYS J 86 14.01 -33.27 -72.88
C CYS J 86 13.39 -34.53 -73.45
N PRO J 87 13.28 -34.63 -74.79
CA PRO J 87 12.66 -35.82 -75.39
C PRO J 87 13.57 -37.02 -75.47
N ASP J 88 14.87 -36.87 -75.21
CA ASP J 88 15.83 -37.95 -75.33
C ASP J 88 15.79 -38.92 -74.16
N VAL J 89 14.79 -38.82 -73.29
CA VAL J 89 14.67 -39.70 -72.14
C VAL J 89 14.19 -41.07 -72.59
N LYS J 90 14.63 -42.10 -71.89
CA LYS J 90 14.27 -43.49 -72.21
C LYS J 90 13.94 -44.25 -70.93
N TYR J 91 13.31 -45.40 -71.10
CA TYR J 91 12.78 -46.16 -69.98
C TYR J 91 13.91 -46.65 -69.07
N GLY J 92 13.69 -46.53 -67.77
CA GLY J 92 14.69 -46.92 -66.80
C GLY J 92 14.88 -48.42 -66.73
N LYS J 93 15.99 -48.82 -66.11
CA LYS J 93 16.36 -50.23 -65.98
C LYS J 93 16.35 -50.69 -64.54
N ARG J 94 17.09 -50.00 -63.66
CA ARG J 94 17.11 -50.33 -62.24
C ARG J 94 17.15 -49.04 -61.43
N ILE J 95 16.52 -49.08 -60.26
CA ILE J 95 16.48 -47.94 -59.34
C ILE J 95 16.80 -48.44 -57.94
N HIS J 96 17.83 -47.86 -57.32
CA HIS J 96 18.16 -48.11 -55.94
C HIS J 96 17.90 -46.85 -55.14
N VAL J 97 16.90 -46.90 -54.27
CA VAL J 97 16.55 -45.78 -53.41
C VAL J 97 16.95 -46.12 -51.98
N LEU J 98 16.92 -45.11 -51.12
CA LEU J 98 17.33 -45.31 -49.75
C LEU J 98 16.47 -44.41 -48.86
N PRO J 99 15.68 -44.97 -47.96
CA PRO J 99 14.80 -44.16 -47.13
C PRO J 99 15.60 -43.26 -46.20
N ILE J 100 15.02 -42.09 -45.92
CA ILE J 100 15.64 -41.14 -45.02
C ILE J 100 15.61 -41.70 -43.61
N ASP J 101 16.49 -41.19 -42.75
CA ASP J 101 16.59 -41.73 -41.39
C ASP J 101 15.31 -41.50 -40.60
N ASP J 102 14.84 -40.25 -40.55
CA ASP J 102 13.64 -39.92 -39.77
C ASP J 102 12.38 -39.93 -40.61
N THR J 103 12.14 -41.01 -41.35
CA THR J 103 10.89 -41.12 -42.11
C THR J 103 10.24 -42.49 -42.06
N VAL J 104 10.92 -43.52 -41.59
CA VAL J 104 10.40 -44.88 -41.62
C VAL J 104 10.31 -45.48 -40.22
N GLU J 105 10.46 -44.66 -39.19
CA GLU J 105 10.40 -45.13 -37.81
C GLU J 105 9.04 -45.72 -37.49
N GLY J 106 9.01 -46.98 -37.05
CA GLY J 106 7.78 -47.63 -36.65
C GLY J 106 6.90 -48.06 -37.79
N ILE J 107 7.46 -48.84 -38.73
CA ILE J 107 6.70 -49.33 -39.86
C ILE J 107 6.73 -50.85 -39.88
N THR J 108 7.94 -51.41 -40.02
CA THR J 108 8.15 -52.86 -40.08
C THR J 108 7.25 -53.51 -41.13
N GLY J 109 7.50 -53.13 -42.39
CA GLY J 109 6.70 -53.63 -43.48
C GLY J 109 7.45 -53.66 -44.79
N ASN J 110 6.85 -54.32 -45.78
CA ASN J 110 7.43 -54.43 -47.11
C ASN J 110 7.13 -53.17 -47.92
N LEU J 111 8.15 -52.33 -48.11
CA LEU J 111 7.94 -51.06 -48.80
C LEU J 111 7.46 -51.25 -50.23
N PHE J 112 7.71 -52.42 -50.82
CA PHE J 112 7.33 -52.65 -52.21
C PHE J 112 5.81 -52.70 -52.37
N GLU J 113 5.13 -53.47 -51.52
CA GLU J 113 3.72 -53.78 -51.79
C GLU J 113 2.76 -52.79 -51.15
N VAL J 114 3.25 -51.82 -50.39
CA VAL J 114 2.39 -50.81 -49.78
C VAL J 114 2.61 -49.44 -50.39
N TYR J 115 3.86 -49.05 -50.62
CA TYR J 115 4.20 -47.70 -51.08
C TYR J 115 4.73 -47.67 -52.50
N LEU J 116 5.74 -48.49 -52.79
CA LEU J 116 6.41 -48.43 -54.08
C LEU J 116 5.47 -48.82 -55.21
N LYS J 117 4.72 -49.91 -55.04
CA LYS J 117 3.86 -50.40 -56.11
C LYS J 117 2.77 -49.42 -56.51
N PRO J 118 1.99 -48.83 -55.60
CA PRO J 118 0.92 -47.93 -56.06
C PRO J 118 1.43 -46.60 -56.59
N TYR J 119 2.38 -45.98 -55.89
CA TYR J 119 2.86 -44.66 -56.31
C TYR J 119 3.55 -44.73 -57.66
N PHE J 120 4.39 -45.74 -57.88
CA PHE J 120 5.12 -45.87 -59.13
C PHE J 120 4.28 -46.44 -60.26
N LEU J 121 3.07 -46.88 -59.97
CA LEU J 121 2.23 -47.50 -61.00
C LEU J 121 1.70 -46.45 -61.96
N GLU J 122 1.85 -46.73 -63.26
CA GLU J 122 1.36 -45.91 -64.37
C GLU J 122 1.59 -44.42 -64.16
N ALA J 123 2.71 -44.06 -63.55
CA ALA J 123 3.07 -42.66 -63.33
C ALA J 123 4.07 -42.11 -64.32
N TYR J 124 5.09 -42.90 -64.67
CA TYR J 124 6.13 -42.49 -65.63
C TYR J 124 6.78 -41.18 -65.21
N ARG J 125 7.01 -41.03 -63.91
CA ARG J 125 7.62 -39.82 -63.38
C ARG J 125 9.13 -39.86 -63.66
N PRO J 126 9.66 -38.90 -64.40
CA PRO J 126 11.11 -38.87 -64.60
C PRO J 126 11.81 -38.47 -63.31
N ILE J 127 12.87 -39.22 -62.97
CA ILE J 127 13.61 -38.99 -61.74
C ILE J 127 15.09 -38.90 -62.05
N ARG J 128 15.76 -37.98 -61.36
CA ARG J 128 17.19 -37.76 -61.53
C ARG J 128 17.89 -38.00 -60.19
N LYS J 129 19.12 -38.52 -60.27
CA LYS J 129 19.86 -38.84 -59.06
C LYS J 129 20.01 -37.62 -58.17
N GLY J 130 19.75 -37.80 -56.88
CA GLY J 130 19.79 -36.72 -55.91
C GLY J 130 18.44 -36.17 -55.51
N ASP J 131 17.36 -36.56 -56.18
CA ASP J 131 16.05 -36.05 -55.83
C ASP J 131 15.45 -36.81 -54.65
N ILE J 132 14.44 -36.22 -54.05
CA ILE J 132 13.69 -36.83 -52.96
C ILE J 132 12.21 -36.76 -53.30
N PHE J 133 11.50 -37.87 -53.10
CA PHE J 133 10.08 -37.92 -53.41
C PHE J 133 9.31 -38.49 -52.23
N LEU J 134 8.15 -37.88 -51.98
CA LEU J 134 7.28 -38.24 -50.86
C LEU J 134 6.14 -39.11 -51.36
N VAL J 135 5.81 -40.15 -50.60
CA VAL J 135 4.75 -41.09 -50.94
C VAL J 135 3.76 -41.16 -49.79
N ARG J 136 2.48 -40.96 -50.09
CA ARG J 136 1.42 -41.17 -49.12
C ARG J 136 1.21 -42.67 -48.91
N GLY J 137 0.91 -43.04 -47.67
CA GLY J 137 0.75 -44.44 -47.31
C GLY J 137 -0.57 -44.68 -46.60
N GLY J 138 -0.55 -45.61 -45.65
CA GLY J 138 -1.73 -45.94 -44.88
C GLY J 138 -2.26 -44.76 -44.09
N MET J 139 -1.44 -44.24 -43.18
CA MET J 139 -1.72 -42.96 -42.54
C MET J 139 -0.49 -42.10 -42.36
N ARG J 140 0.66 -42.51 -42.89
CA ARG J 140 1.87 -41.70 -42.84
C ARG J 140 2.37 -41.48 -44.26
N ALA J 141 3.17 -40.42 -44.43
CA ALA J 141 3.83 -40.12 -45.69
C ALA J 141 5.34 -40.27 -45.49
N VAL J 142 5.99 -40.99 -46.40
CA VAL J 142 7.39 -41.37 -46.25
C VAL J 142 8.19 -40.84 -47.43
N GLU J 143 9.36 -40.27 -47.15
CA GLU J 143 10.25 -39.75 -48.17
C GLU J 143 11.25 -40.82 -48.57
N PHE J 144 11.60 -40.84 -49.85
CA PHE J 144 12.65 -41.70 -50.37
C PHE J 144 13.57 -40.89 -51.27
N LYS J 145 14.88 -41.14 -51.14
CA LYS J 145 15.90 -40.47 -51.94
C LYS J 145 16.44 -41.45 -52.97
N VAL J 146 16.27 -41.13 -54.24
CA VAL J 146 16.83 -41.96 -55.31
C VAL J 146 18.33 -41.75 -55.35
N VAL J 147 19.09 -42.73 -54.88
CA VAL J 147 20.54 -42.61 -54.80
C VAL J 147 21.27 -43.29 -55.95
N GLU J 148 20.60 -44.19 -56.68
CA GLU J 148 21.22 -44.81 -57.84
C GLU J 148 20.14 -45.15 -58.85
N THR J 149 20.44 -44.97 -60.13
CA THR J 149 19.47 -45.27 -61.16
C THR J 149 20.17 -45.52 -62.49
N ASP J 150 19.50 -46.27 -63.36
CA ASP J 150 20.00 -46.53 -64.71
C ASP J 150 18.93 -46.09 -65.71
N PRO J 151 19.22 -45.11 -66.59
CA PRO J 151 20.50 -44.41 -66.67
C PRO J 151 20.66 -43.34 -65.59
N SER J 152 21.91 -42.96 -65.33
CA SER J 152 22.23 -41.98 -64.32
C SER J 152 22.73 -40.69 -64.97
N PRO J 153 22.35 -39.51 -64.44
CA PRO J 153 21.49 -39.38 -63.27
C PRO J 153 19.99 -39.35 -63.60
N TYR J 154 19.63 -38.79 -64.75
CA TYR J 154 18.22 -38.70 -65.13
C TYR J 154 17.76 -40.00 -65.79
N CYS J 155 16.50 -40.36 -65.54
CA CYS J 155 15.92 -41.58 -66.07
C CYS J 155 14.42 -41.48 -65.97
N ILE J 156 13.74 -42.46 -66.57
CA ILE J 156 12.28 -42.55 -66.58
C ILE J 156 11.87 -43.75 -65.74
N VAL J 157 10.93 -43.52 -64.82
CA VAL J 157 10.30 -44.64 -64.13
C VAL J 157 9.50 -45.46 -65.13
N ALA J 158 9.84 -46.74 -65.23
CA ALA J 158 9.25 -47.63 -66.22
C ALA J 158 8.78 -48.91 -65.56
N PRO J 159 7.84 -49.63 -66.17
CA PRO J 159 7.46 -50.94 -65.63
C PRO J 159 8.63 -51.92 -65.56
N ASP J 160 9.60 -51.79 -66.46
CA ASP J 160 10.76 -52.66 -66.48
C ASP J 160 11.90 -52.12 -65.60
N THR J 161 11.58 -51.82 -64.35
CA THR J 161 12.55 -51.30 -63.39
C THR J 161 12.52 -52.13 -62.11
N VAL J 162 13.69 -52.59 -61.69
CA VAL J 162 13.83 -53.29 -60.42
C VAL J 162 14.24 -52.29 -59.35
N ILE J 163 13.51 -52.28 -58.24
CA ILE J 163 13.67 -51.28 -57.20
C ILE J 163 14.29 -51.93 -55.98
N HIS J 164 15.38 -51.34 -55.48
CA HIS J 164 16.09 -51.83 -54.31
C HIS J 164 16.06 -50.75 -53.25
N CYS J 165 15.41 -51.05 -52.13
CA CYS J 165 15.27 -50.11 -51.02
C CYS J 165 15.71 -50.76 -49.71
N GLU J 166 16.89 -51.39 -49.74
CA GLU J 166 17.42 -52.10 -48.60
C GLU J 166 18.76 -51.50 -48.20
N GLY J 167 18.96 -51.32 -46.90
CA GLY J 167 20.21 -50.78 -46.40
C GLY J 167 20.04 -49.78 -45.27
N GLU J 168 21.14 -49.27 -44.75
CA GLU J 168 21.08 -48.27 -43.69
C GLU J 168 20.46 -46.99 -44.22
N PRO J 169 19.57 -46.35 -43.47
CA PRO J 169 18.98 -45.09 -43.93
C PRO J 169 20.06 -44.03 -44.17
N ILE J 170 19.86 -43.24 -45.21
CA ILE J 170 20.86 -42.24 -45.60
C ILE J 170 20.90 -41.13 -44.57
N LYS J 171 22.10 -40.63 -44.31
CA LYS J 171 22.27 -39.51 -43.39
C LYS J 171 21.59 -38.26 -43.96
N ARG J 172 20.98 -37.48 -43.07
CA ARG J 172 20.24 -36.30 -43.49
C ARG J 172 21.18 -35.29 -44.15
N GLU J 173 20.66 -34.60 -45.16
CA GLU J 173 21.42 -33.59 -45.88
C GLU J 173 21.34 -32.27 -45.13
N ASP J 174 21.85 -31.20 -45.73
CA ASP J 174 21.87 -29.88 -45.11
C ASP J 174 20.97 -28.88 -45.83
N GLU J 175 21.18 -28.69 -47.13
CA GLU J 175 20.39 -27.75 -47.92
C GLU J 175 19.23 -28.43 -48.63
N GLU J 176 18.91 -29.67 -48.26
CA GLU J 176 17.85 -30.42 -48.90
C GLU J 176 16.46 -29.85 -48.65
N GLU J 177 16.32 -28.92 -47.69
CA GLU J 177 15.04 -28.29 -47.37
C GLU J 177 13.97 -29.36 -47.10
N SER J 178 14.19 -30.09 -46.01
CA SER J 178 13.39 -31.26 -45.69
C SER J 178 11.90 -30.93 -45.66
N LEU J 179 11.11 -31.80 -46.26
CA LEU J 179 9.66 -31.63 -46.32
C LEU J 179 9.02 -32.03 -45.00
N ASN J 180 7.70 -32.21 -45.01
CA ASN J 180 6.89 -32.44 -43.82
C ASN J 180 6.82 -31.21 -42.93
N GLU J 181 7.25 -30.08 -43.45
CA GLU J 181 7.14 -28.80 -42.78
C GLU J 181 5.86 -28.10 -43.23
N VAL J 182 5.47 -27.09 -42.47
CA VAL J 182 4.21 -26.41 -42.69
C VAL J 182 4.30 -25.53 -43.93
N GLY J 183 3.22 -25.51 -44.71
CA GLY J 183 3.14 -24.69 -45.91
C GLY J 183 1.83 -23.94 -45.98
N TYR J 184 1.67 -23.20 -47.08
CA TYR J 184 0.45 -22.42 -47.27
C TYR J 184 -0.76 -23.33 -47.37
N ASP J 185 -0.62 -24.48 -48.04
CA ASP J 185 -1.74 -25.41 -48.16
C ASP J 185 -2.17 -25.94 -46.80
N ASP J 186 -1.26 -25.98 -45.84
CA ASP J 186 -1.54 -26.59 -44.54
C ASP J 186 -2.48 -25.75 -43.69
N ILE J 187 -3.03 -24.67 -44.23
CA ILE J 187 -3.93 -23.79 -43.49
C ILE J 187 -5.25 -23.73 -44.25
N GLY J 188 -6.35 -23.90 -43.53
CA GLY J 188 -7.66 -23.85 -44.14
C GLY J 188 -8.57 -22.87 -43.43
N GLY J 189 -9.50 -22.31 -44.19
CA GLY J 189 -10.54 -21.46 -43.64
C GLY J 189 -10.15 -20.03 -43.39
N CYS J 190 -8.98 -19.59 -43.85
CA CYS J 190 -8.54 -18.21 -43.62
C CYS J 190 -7.90 -17.65 -44.87
N ARG J 191 -8.53 -17.87 -46.04
CA ARG J 191 -7.95 -17.41 -47.29
C ARG J 191 -7.84 -15.90 -47.34
N LYS J 192 -8.87 -15.19 -46.86
CA LYS J 192 -8.88 -13.74 -46.96
C LYS J 192 -7.73 -13.12 -46.18
N GLN J 193 -7.62 -13.49 -44.89
CA GLN J 193 -6.55 -12.96 -44.06
C GLN J 193 -5.18 -13.43 -44.55
N LEU J 194 -5.10 -14.66 -45.05
CA LEU J 194 -3.84 -15.16 -45.59
C LEU J 194 -3.38 -14.31 -46.76
N ALA J 195 -4.28 -13.99 -47.68
CA ALA J 195 -3.93 -13.12 -48.80
C ALA J 195 -3.54 -11.74 -48.30
N GLN J 196 -4.29 -11.21 -47.33
CA GLN J 196 -4.00 -9.87 -46.81
C GLN J 196 -2.59 -9.81 -46.24
N ILE J 197 -2.22 -10.82 -45.45
CA ILE J 197 -0.90 -10.80 -44.84
C ILE J 197 0.19 -11.07 -45.87
N LYS J 198 -0.09 -11.94 -46.85
CA LYS J 198 0.91 -12.24 -47.86
C LYS J 198 1.23 -11.03 -48.71
N GLU J 199 0.21 -10.23 -49.05
CA GLU J 199 0.42 -9.11 -49.95
C GLU J 199 1.39 -8.10 -49.37
N MET J 200 1.30 -7.82 -48.07
CA MET J 200 2.04 -6.73 -47.46
C MET J 200 3.24 -7.21 -46.63
N VAL J 201 3.66 -8.46 -46.80
CA VAL J 201 4.84 -8.94 -46.10
C VAL J 201 5.87 -9.49 -47.08
N GLU J 202 5.39 -10.01 -48.21
CA GLU J 202 6.30 -10.70 -49.12
C GLU J 202 7.26 -9.74 -49.79
N LEU J 203 6.77 -8.57 -50.18
CA LEU J 203 7.60 -7.64 -50.95
C LEU J 203 8.84 -7.18 -50.18
N PRO J 204 8.75 -6.70 -48.94
CA PRO J 204 9.98 -6.25 -48.25
C PRO J 204 10.98 -7.37 -48.04
N LEU J 205 10.51 -8.57 -47.69
CA LEU J 205 11.43 -9.66 -47.39
C LEU J 205 12.09 -10.18 -48.66
N ARG J 206 11.32 -10.39 -49.72
CA ARG J 206 11.88 -10.95 -50.94
C ARG J 206 12.81 -9.96 -51.63
N HIS J 207 12.57 -8.66 -51.43
CA HIS J 207 13.35 -7.61 -52.07
C HIS J 207 13.80 -6.63 -51.01
N PRO J 208 14.75 -7.04 -50.16
CA PRO J 208 15.18 -6.15 -49.07
C PRO J 208 15.78 -4.84 -49.52
N ALA J 209 16.41 -4.82 -50.70
CA ALA J 209 17.04 -3.61 -51.19
C ALA J 209 16.15 -2.81 -52.14
N LEU J 210 15.17 -3.45 -52.77
CA LEU J 210 14.34 -2.75 -53.75
C LEU J 210 13.56 -1.63 -53.11
N PHE J 211 12.82 -1.93 -52.04
CA PHE J 211 12.05 -0.89 -51.38
C PHE J 211 12.95 0.06 -50.61
N LYS J 212 14.13 -0.42 -50.17
CA LYS J 212 15.11 0.49 -49.61
C LYS J 212 15.55 1.52 -50.64
N ALA J 213 15.76 1.10 -51.88
CA ALA J 213 16.01 2.04 -52.96
C ALA J 213 14.81 2.96 -53.16
N ILE J 214 13.60 2.40 -53.10
CA ILE J 214 12.40 3.24 -53.12
C ILE J 214 12.34 4.13 -51.88
N GLY J 215 12.96 3.72 -50.79
CA GLY J 215 12.97 4.52 -49.58
C GLY J 215 11.62 4.72 -48.93
N VAL J 216 10.78 3.68 -48.92
CA VAL J 216 9.48 3.71 -48.29
C VAL J 216 9.54 2.87 -47.02
N LYS J 217 9.15 3.45 -45.90
CA LYS J 217 9.27 2.76 -44.63
C LYS J 217 8.34 1.54 -44.58
N PRO J 218 8.86 0.35 -44.36
CA PRO J 218 8.00 -0.83 -44.23
C PRO J 218 7.40 -0.89 -42.84
N PRO J 219 6.34 -1.66 -42.64
CA PRO J 219 5.83 -1.89 -41.29
C PRO J 219 6.83 -2.69 -40.47
N ARG J 220 6.78 -2.48 -39.16
CA ARG J 220 7.66 -3.19 -38.24
C ARG J 220 6.95 -4.11 -37.27
N GLY J 221 5.68 -3.86 -36.96
CA GLY J 221 4.97 -4.69 -36.01
C GLY J 221 3.54 -4.99 -36.42
N ILE J 222 3.15 -6.25 -36.34
CA ILE J 222 1.82 -6.68 -36.71
C ILE J 222 1.23 -7.49 -35.57
N LEU J 223 -0.02 -7.21 -35.24
CA LEU J 223 -0.73 -7.90 -34.17
C LEU J 223 -1.69 -8.91 -34.79
N LEU J 224 -1.73 -10.11 -34.21
CA LEU J 224 -2.70 -11.14 -34.59
C LEU J 224 -3.43 -11.56 -33.33
N TYR J 225 -4.75 -11.48 -33.36
CA TYR J 225 -5.53 -11.79 -32.17
C TYR J 225 -6.72 -12.67 -32.53
N GLY J 226 -7.10 -13.53 -31.59
CA GLY J 226 -8.17 -14.46 -31.77
C GLY J 226 -8.18 -15.52 -30.69
N PRO J 227 -9.02 -16.54 -30.85
CA PRO J 227 -9.04 -17.62 -29.88
C PRO J 227 -7.74 -18.39 -29.88
N PRO J 228 -7.35 -18.97 -28.75
CA PRO J 228 -6.09 -19.73 -28.72
C PRO J 228 -6.20 -21.03 -29.49
N GLY J 229 -5.05 -21.50 -29.97
CA GLY J 229 -4.98 -22.77 -30.66
C GLY J 229 -5.55 -22.76 -32.06
N THR J 230 -5.80 -21.58 -32.64
CA THR J 230 -6.38 -21.50 -33.97
C THR J 230 -5.34 -21.60 -35.08
N GLY J 231 -4.06 -21.66 -34.74
CA GLY J 231 -3.01 -21.80 -35.72
C GLY J 231 -2.17 -20.56 -35.99
N LYS J 232 -2.18 -19.58 -35.08
CA LYS J 232 -1.38 -18.38 -35.30
C LYS J 232 0.10 -18.73 -35.40
N THR J 233 0.59 -19.56 -34.46
CA THR J 233 1.95 -20.06 -34.57
C THR J 233 2.13 -20.85 -35.84
N LEU J 234 1.11 -21.63 -36.22
CA LEU J 234 1.16 -22.37 -37.47
C LEU J 234 1.30 -21.42 -38.65
N ILE J 235 0.55 -20.32 -38.64
CA ILE J 235 0.62 -19.36 -39.74
C ILE J 235 2.00 -18.75 -39.84
N ALA J 236 2.55 -18.33 -38.69
CA ALA J 236 3.88 -17.73 -38.70
C ALA J 236 4.93 -18.71 -39.21
N ARG J 237 4.87 -19.95 -38.73
CA ARG J 237 5.84 -20.94 -39.15
C ARG J 237 5.72 -21.24 -40.64
N ALA J 238 4.48 -21.33 -41.14
CA ALA J 238 4.27 -21.59 -42.56
C ALA J 238 4.81 -20.46 -43.41
N VAL J 239 4.56 -19.22 -43.01
CA VAL J 239 5.07 -18.08 -43.76
C VAL J 239 6.59 -18.09 -43.78
N ALA J 240 7.20 -18.34 -42.61
CA ALA J 240 8.66 -18.38 -42.55
C ALA J 240 9.22 -19.48 -43.44
N ASN J 241 8.60 -20.66 -43.42
CA ASN J 241 9.08 -21.76 -44.23
C ASN J 241 8.94 -21.45 -45.72
N GLU J 242 7.81 -20.84 -46.12
CA GLU J 242 7.53 -20.67 -47.53
C GLU J 242 8.35 -19.52 -48.12
N THR J 243 8.26 -18.33 -47.52
CA THR J 243 8.95 -17.18 -48.08
C THR J 243 10.46 -17.34 -47.98
N GLY J 244 10.95 -17.94 -46.90
CA GLY J 244 12.37 -18.06 -46.70
C GLY J 244 12.90 -16.95 -45.81
N ALA J 245 13.20 -17.28 -44.56
CA ALA J 245 13.57 -16.27 -43.58
C ALA J 245 14.35 -16.94 -42.47
N PHE J 246 14.50 -16.27 -41.33
CA PHE J 246 15.26 -16.77 -40.20
C PHE J 246 14.38 -16.81 -38.96
N PHE J 247 13.23 -17.46 -39.06
CA PHE J 247 12.26 -17.57 -37.98
C PHE J 247 12.93 -17.79 -36.63
N PHE J 248 12.55 -16.94 -35.67
CA PHE J 248 13.11 -16.99 -34.33
C PHE J 248 11.96 -16.87 -33.33
N LEU J 249 11.59 -17.98 -32.72
CA LEU J 249 10.47 -18.01 -31.79
C LEU J 249 10.93 -17.75 -30.37
N ILE J 250 10.19 -16.91 -29.67
CA ILE J 250 10.44 -16.63 -28.26
C ILE J 250 9.11 -16.66 -27.52
N ASN J 251 9.11 -17.24 -26.32
CA ASN J 251 7.90 -17.44 -25.55
C ASN J 251 7.94 -16.63 -24.27
N GLY J 252 6.83 -15.99 -23.94
CA GLY J 252 6.70 -15.17 -22.76
C GLY J 252 6.92 -15.91 -21.44
N PRO J 253 6.28 -17.07 -21.27
CA PRO J 253 6.53 -17.85 -20.05
C PRO J 253 7.99 -18.22 -19.85
N GLU J 254 8.73 -18.46 -20.93
CA GLU J 254 10.16 -18.70 -20.78
C GLU J 254 10.85 -17.50 -20.16
N ILE J 255 10.49 -16.29 -20.61
CA ILE J 255 11.07 -15.08 -20.05
C ILE J 255 10.68 -14.94 -18.59
N MET J 256 9.41 -15.16 -18.28
CA MET J 256 8.94 -15.01 -16.91
C MET J 256 9.58 -16.02 -15.98
N SER J 257 9.95 -17.19 -16.50
CA SER J 257 10.57 -18.21 -15.66
C SER J 257 11.93 -17.78 -15.13
N LYS J 258 12.65 -16.94 -15.87
CA LYS J 258 13.98 -16.52 -15.42
C LYS J 258 13.86 -15.60 -14.21
N LEU J 259 15.01 -15.26 -13.64
CA LEU J 259 15.06 -14.45 -12.43
C LEU J 259 15.40 -13.01 -12.86
N ALA J 260 14.37 -12.26 -13.22
CA ALA J 260 14.47 -10.83 -13.45
C ALA J 260 15.46 -10.45 -14.55
N GLY J 261 16.65 -9.98 -14.14
CA GLY J 261 17.50 -9.22 -15.03
C GLY J 261 17.89 -9.96 -16.30
N GLU J 262 18.35 -11.21 -16.15
CA GLU J 262 18.75 -11.99 -17.32
C GLU J 262 17.63 -12.07 -18.34
N SER J 263 16.38 -12.15 -17.89
CA SER J 263 15.24 -12.10 -18.79
C SER J 263 15.41 -10.98 -19.81
N GLU J 264 15.53 -9.74 -19.32
CA GLU J 264 15.73 -8.61 -20.22
C GLU J 264 16.96 -8.83 -21.09
N SER J 265 18.07 -9.27 -20.47
CA SER J 265 19.26 -9.59 -21.26
C SER J 265 18.92 -10.57 -22.37
N ASN J 266 18.22 -11.66 -22.03
CA ASN J 266 17.80 -12.61 -23.06
C ASN J 266 17.02 -11.90 -24.14
N LEU J 267 16.05 -11.06 -23.75
CA LEU J 267 15.31 -10.28 -24.72
C LEU J 267 16.27 -9.50 -25.61
N ARG J 268 17.19 -8.77 -24.99
CA ARG J 268 18.20 -8.06 -25.76
C ARG J 268 18.91 -9.01 -26.71
N LYS J 269 19.39 -10.14 -26.18
CA LYS J 269 20.06 -11.13 -27.02
C LYS J 269 19.21 -11.47 -28.23
N ALA J 270 17.93 -11.74 -28.01
CA ALA J 270 17.06 -12.15 -29.11
C ALA J 270 17.17 -11.16 -30.25
N PHE J 271 17.01 -9.87 -29.96
CA PHE J 271 17.04 -8.89 -31.04
C PHE J 271 18.41 -8.84 -31.69
N GLU J 272 19.48 -8.82 -30.89
CA GLU J 272 20.80 -8.78 -31.52
C GLU J 272 21.09 -10.07 -32.25
N GLU J 273 20.33 -11.12 -31.96
CA GLU J 273 20.46 -12.35 -32.73
C GLU J 273 19.84 -12.19 -34.11
N ALA J 274 18.66 -11.56 -34.16
CA ALA J 274 17.91 -11.51 -35.42
C ALA J 274 18.53 -10.53 -36.40
N GLU J 275 18.98 -9.37 -35.91
CA GLU J 275 19.47 -8.32 -36.79
C GLU J 275 20.70 -8.75 -37.57
N LYS J 276 21.59 -9.52 -36.95
CA LYS J 276 22.85 -9.90 -37.56
C LYS J 276 22.72 -11.11 -38.48
N ASN J 277 21.53 -11.70 -38.57
CA ASN J 277 21.30 -12.91 -39.36
C ASN J 277 20.45 -12.64 -40.59
N ALA J 278 20.69 -11.51 -41.28
CA ALA J 278 20.00 -11.16 -42.52
C ALA J 278 18.54 -10.84 -42.21
N PRO J 279 17.75 -10.34 -43.18
CA PRO J 279 16.32 -10.19 -42.95
C PRO J 279 15.71 -11.42 -42.30
N ALA J 280 15.23 -11.26 -41.07
CA ALA J 280 14.68 -12.33 -40.26
C ALA J 280 13.29 -11.97 -39.78
N ILE J 281 12.60 -12.95 -39.22
CA ILE J 281 11.24 -12.75 -38.74
C ILE J 281 11.21 -13.17 -37.27
N ILE J 282 10.52 -12.39 -36.46
CA ILE J 282 10.42 -12.65 -35.02
C ILE J 282 8.94 -12.80 -34.67
N PHE J 283 8.63 -13.88 -33.95
CA PHE J 283 7.28 -14.13 -33.48
C PHE J 283 7.31 -14.19 -31.96
N ILE J 284 6.44 -13.41 -31.32
CA ILE J 284 6.32 -13.40 -29.88
C ILE J 284 4.89 -13.74 -29.50
N ASP J 285 4.73 -14.61 -28.51
CA ASP J 285 3.44 -15.15 -28.15
C ASP J 285 3.08 -14.77 -26.71
N GLU J 286 1.77 -14.66 -26.47
CA GLU J 286 1.22 -14.40 -25.14
C GLU J 286 1.76 -13.10 -24.56
N LEU J 287 1.48 -12.01 -25.29
CA LEU J 287 2.00 -10.70 -24.90
C LEU J 287 1.34 -10.21 -23.63
N ASP J 288 0.02 -10.38 -23.52
CA ASP J 288 -0.69 -9.97 -22.31
C ASP J 288 -0.12 -10.66 -21.08
N ALA J 289 0.42 -11.88 -21.26
CA ALA J 289 1.07 -12.57 -20.16
C ALA J 289 2.32 -11.84 -19.67
N ILE J 290 2.92 -11.00 -20.51
CA ILE J 290 4.12 -10.27 -20.12
C ILE J 290 3.87 -8.78 -20.21
N ALA J 291 2.91 -8.37 -21.03
CA ALA J 291 2.57 -6.97 -21.23
C ALA J 291 1.06 -6.77 -21.12
N PRO J 292 0.50 -6.90 -19.93
CA PRO J 292 -0.93 -6.63 -19.76
C PRO J 292 -1.19 -5.14 -19.56
N LYS J 293 -2.44 -4.78 -19.27
CA LYS J 293 -2.74 -3.40 -18.94
C LYS J 293 -1.98 -2.97 -17.69
N ARG J 294 -1.54 -1.72 -17.67
CA ARG J 294 -0.67 -1.26 -16.59
C ARG J 294 -1.37 -1.33 -15.24
N GLU J 295 -2.70 -1.18 -15.22
CA GLU J 295 -3.42 -1.36 -13.95
C GLU J 295 -3.38 -2.80 -13.49
N LYS J 296 -3.42 -3.75 -14.43
CA LYS J 296 -3.26 -5.15 -14.06
C LYS J 296 -1.88 -5.39 -13.47
N THR J 297 -0.86 -4.72 -13.99
CA THR J 297 0.48 -4.84 -13.45
C THR J 297 0.51 -4.39 -11.99
N HIS J 298 1.16 -5.17 -11.15
CA HIS J 298 1.19 -4.92 -9.72
C HIS J 298 2.57 -4.54 -9.21
N GLY J 299 3.58 -5.35 -9.49
CA GLY J 299 4.94 -5.07 -9.06
C GLY J 299 5.68 -4.19 -10.04
N GLU J 300 6.99 -4.06 -9.80
CA GLU J 300 7.83 -3.23 -10.64
C GLU J 300 8.60 -4.01 -11.69
N VAL J 301 8.82 -5.31 -11.47
CA VAL J 301 9.61 -6.10 -12.41
C VAL J 301 8.94 -6.14 -13.77
N GLU J 302 7.63 -6.39 -13.79
CA GLU J 302 6.91 -6.44 -15.06
C GLU J 302 6.95 -5.10 -15.77
N ARG J 303 6.85 -4.00 -15.01
CA ARG J 303 6.95 -2.68 -15.62
C ARG J 303 8.33 -2.48 -16.23
N ARG J 304 9.37 -2.95 -15.53
CA ARG J 304 10.72 -2.86 -16.09
C ARG J 304 10.83 -3.65 -17.38
N ILE J 305 10.26 -4.86 -17.42
CA ILE J 305 10.32 -5.67 -18.62
C ILE J 305 9.59 -4.99 -19.77
N VAL J 306 8.43 -4.41 -19.47
CA VAL J 306 7.64 -3.74 -20.51
C VAL J 306 8.43 -2.56 -21.08
N SER J 307 9.02 -1.74 -20.20
CA SER J 307 9.81 -0.62 -20.66
C SER J 307 10.99 -1.10 -21.49
N GLN J 308 11.64 -2.18 -21.05
CA GLN J 308 12.79 -2.70 -21.76
C GLN J 308 12.41 -3.14 -23.17
N LEU J 309 11.31 -3.87 -23.30
CA LEU J 309 10.93 -4.35 -24.62
C LEU J 309 10.47 -3.20 -25.51
N LEU J 310 9.77 -2.21 -24.93
CA LEU J 310 9.39 -1.05 -25.72
C LEU J 310 10.62 -0.33 -26.27
N THR J 311 11.61 -0.09 -25.41
CA THR J 311 12.82 0.57 -25.86
C THR J 311 13.54 -0.25 -26.91
N LEU J 312 13.63 -1.56 -26.69
CA LEU J 312 14.34 -2.42 -27.64
C LEU J 312 13.66 -2.39 -29.01
N MET J 313 12.34 -2.48 -29.03
CA MET J 313 11.64 -2.54 -30.31
C MET J 313 11.62 -1.19 -30.99
N ASP J 314 11.58 -0.10 -30.23
CA ASP J 314 11.59 1.22 -30.85
C ASP J 314 12.98 1.58 -31.36
N GLY J 315 14.02 1.13 -30.68
CA GLY J 315 15.38 1.47 -31.06
C GLY J 315 15.89 0.80 -32.30
N LEU J 316 15.16 -0.20 -32.81
CA LEU J 316 15.50 -0.88 -34.06
C LEU J 316 14.70 -0.37 -35.24
N LYS J 317 14.41 0.93 -35.28
CA LYS J 317 13.53 1.48 -36.30
C LYS J 317 14.12 1.32 -37.68
N GLN J 318 13.58 0.37 -38.44
CA GLN J 318 14.07 0.01 -39.78
C GLN J 318 15.52 -0.45 -39.66
N ARG J 319 16.48 0.21 -40.31
CA ARG J 319 17.82 -0.34 -40.49
C ARG J 319 17.74 -1.79 -40.97
N ALA J 320 17.93 -2.73 -40.05
CA ALA J 320 17.82 -4.14 -40.40
C ALA J 320 16.39 -4.46 -40.84
N HIS J 321 16.28 -5.44 -41.73
CA HIS J 321 15.01 -5.81 -42.32
C HIS J 321 14.21 -6.77 -41.45
N VAL J 322 14.49 -6.83 -40.16
CA VAL J 322 13.77 -7.73 -39.28
C VAL J 322 12.36 -7.20 -39.06
N ILE J 323 11.39 -8.10 -39.05
CA ILE J 323 10.00 -7.78 -38.81
C ILE J 323 9.50 -8.66 -37.68
N VAL J 324 8.69 -8.08 -36.79
CA VAL J 324 8.21 -8.78 -35.60
C VAL J 324 6.69 -8.76 -35.59
N MET J 325 6.08 -9.90 -35.28
CA MET J 325 4.67 -9.94 -34.98
C MET J 325 4.42 -10.66 -33.67
N ALA J 326 3.22 -10.42 -33.13
CA ALA J 326 2.82 -10.88 -31.82
C ALA J 326 1.48 -11.59 -31.91
N ALA J 327 1.27 -12.52 -31.01
CA ALA J 327 0.03 -13.27 -30.91
C ALA J 327 -0.59 -13.03 -29.54
N THR J 328 -1.89 -12.75 -29.53
CA THR J 328 -2.61 -12.53 -28.27
C THR J 328 -4.06 -12.95 -28.48
N ASN J 329 -4.84 -12.83 -27.41
CA ASN J 329 -6.25 -13.21 -27.49
C ASN J 329 -7.09 -12.09 -28.07
N ARG J 330 -7.08 -10.93 -27.44
CA ARG J 330 -7.88 -9.80 -27.87
C ARG J 330 -7.07 -8.52 -27.77
N PRO J 331 -7.31 -7.56 -28.65
CA PRO J 331 -6.54 -6.31 -28.60
C PRO J 331 -7.15 -5.31 -27.62
N ASN J 332 -7.48 -5.78 -26.43
CA ASN J 332 -8.04 -4.91 -25.41
C ASN J 332 -7.46 -5.17 -24.03
N SER J 333 -6.58 -6.15 -23.88
CA SER J 333 -5.98 -6.47 -22.60
C SER J 333 -4.55 -6.00 -22.46
N ILE J 334 -3.84 -5.83 -23.57
CA ILE J 334 -2.45 -5.39 -23.55
C ILE J 334 -2.40 -3.91 -23.20
N ASP J 335 -1.22 -3.41 -22.87
CA ASP J 335 -1.06 -2.00 -22.59
C ASP J 335 -1.26 -1.18 -23.87
N PRO J 336 -2.02 -0.09 -23.82
CA PRO J 336 -2.31 0.66 -25.04
C PRO J 336 -1.10 1.29 -25.69
N ALA J 337 -0.01 1.47 -24.94
CA ALA J 337 1.16 2.13 -25.51
C ALA J 337 1.76 1.36 -26.68
N LEU J 338 1.45 0.08 -26.81
CA LEU J 338 1.95 -0.72 -27.92
C LEU J 338 1.06 -0.58 -29.15
N ARG J 339 0.75 0.67 -29.50
CA ARG J 339 -0.06 0.95 -30.68
C ARG J 339 0.41 2.16 -31.46
N ARG J 340 1.52 2.77 -31.09
CA ARG J 340 1.96 4.00 -31.72
C ARG J 340 2.52 3.72 -33.11
N PHE J 341 2.67 4.79 -33.88
CA PHE J 341 3.28 4.67 -35.20
C PHE J 341 4.70 4.17 -35.07
N GLY J 342 5.04 3.17 -35.87
CA GLY J 342 6.29 2.47 -35.72
C GLY J 342 6.22 1.29 -34.78
N ARG J 343 5.23 1.26 -33.90
CA ARG J 343 4.95 0.09 -33.08
C ARG J 343 3.92 -0.78 -33.78
N PHE J 344 3.38 -1.75 -33.06
CA PHE J 344 2.33 -2.60 -33.61
C PHE J 344 1.14 -1.77 -34.04
N ASP J 345 0.88 -1.71 -35.34
CA ASP J 345 -0.17 -0.87 -35.89
C ASP J 345 -1.16 -1.65 -36.75
N ARG J 346 -0.69 -2.59 -37.56
CA ARG J 346 -1.59 -3.38 -38.39
C ARG J 346 -2.05 -4.59 -37.60
N GLU J 347 -3.36 -4.71 -37.41
CA GLU J 347 -3.95 -5.73 -36.56
C GLU J 347 -4.85 -6.62 -37.39
N VAL J 348 -4.82 -7.93 -37.11
CA VAL J 348 -5.58 -8.92 -37.85
C VAL J 348 -6.31 -9.81 -36.85
N ASP J 349 -7.57 -10.10 -37.15
CA ASP J 349 -8.35 -11.10 -36.43
C ASP J 349 -8.36 -12.40 -37.21
N ILE J 350 -8.31 -13.51 -36.49
CA ILE J 350 -8.45 -14.83 -37.08
C ILE J 350 -9.80 -15.36 -36.63
N GLY J 351 -10.80 -15.23 -37.49
CA GLY J 351 -12.14 -15.67 -37.14
C GLY J 351 -12.24 -17.17 -37.05
N ILE J 352 -13.30 -17.60 -36.37
CA ILE J 352 -13.56 -19.03 -36.20
C ILE J 352 -13.94 -19.63 -37.54
N PRO J 353 -13.27 -20.69 -37.99
CA PRO J 353 -13.68 -21.35 -39.23
C PRO J 353 -15.09 -21.90 -39.09
N ASP J 354 -15.85 -21.81 -40.17
CA ASP J 354 -17.25 -22.20 -40.13
C ASP J 354 -17.64 -22.89 -41.42
N ALA J 355 -18.44 -23.94 -41.29
CA ALA J 355 -19.00 -24.66 -42.43
C ALA J 355 -17.90 -25.10 -43.39
N THR J 356 -17.68 -24.31 -44.43
CA THR J 356 -16.70 -24.67 -45.45
C THR J 356 -15.31 -24.80 -44.86
N GLY J 357 -14.86 -23.77 -44.14
CA GLY J 357 -13.50 -23.80 -43.59
C GLY J 357 -13.27 -25.00 -42.72
N ARG J 358 -14.28 -25.37 -41.92
CA ARG J 358 -14.18 -26.61 -41.17
C ARG J 358 -14.02 -27.80 -42.09
N LEU J 359 -14.69 -27.77 -43.24
CA LEU J 359 -14.56 -28.88 -44.19
C LEU J 359 -13.14 -28.99 -44.72
N GLU J 360 -12.53 -27.86 -45.11
CA GLU J 360 -11.15 -27.94 -45.57
C GLU J 360 -10.21 -28.35 -44.44
N ILE J 361 -10.48 -27.91 -43.21
CA ILE J 361 -9.64 -28.33 -42.09
C ILE J 361 -9.70 -29.85 -41.93
N LEU J 362 -10.91 -30.40 -41.99
CA LEU J 362 -11.05 -31.85 -41.90
C LEU J 362 -10.33 -32.54 -43.04
N GLN J 363 -10.48 -32.04 -44.26
CA GLN J 363 -9.82 -32.65 -45.40
C GLN J 363 -8.31 -32.63 -45.24
N ILE J 364 -7.78 -31.53 -44.72
CA ILE J 364 -6.34 -31.45 -44.46
C ILE J 364 -5.93 -32.48 -43.44
N HIS J 365 -6.69 -32.60 -42.35
CA HIS J 365 -6.37 -33.61 -41.35
C HIS J 365 -6.72 -35.01 -41.82
N THR J 366 -7.88 -35.16 -42.47
CA THR J 366 -8.28 -36.46 -43.02
C THR J 366 -7.74 -36.58 -44.45
N LYS J 367 -6.42 -36.75 -44.53
CA LYS J 367 -5.75 -36.90 -45.81
C LYS J 367 -5.05 -38.23 -45.95
N ASN J 368 -4.30 -38.65 -44.93
CA ASN J 368 -3.48 -39.85 -45.04
C ASN J 368 -4.25 -41.11 -44.69
N MET J 369 -4.88 -41.16 -43.53
CA MET J 369 -5.60 -42.36 -43.10
C MET J 369 -6.73 -42.67 -44.07
N LYS J 370 -6.90 -43.94 -44.38
CA LYS J 370 -7.89 -44.37 -45.35
C LYS J 370 -9.27 -44.34 -44.71
N LEU J 371 -10.24 -43.76 -45.42
CA LEU J 371 -11.60 -43.64 -44.92
C LEU J 371 -12.53 -44.57 -45.70
N ALA J 372 -13.62 -44.96 -45.05
CA ALA J 372 -14.63 -45.73 -45.74
C ALA J 372 -15.48 -44.83 -46.63
N ASP J 373 -16.19 -45.46 -47.56
CA ASP J 373 -17.10 -44.73 -48.45
C ASP J 373 -18.28 -44.12 -47.70
N ASP J 374 -18.51 -44.53 -46.46
CA ASP J 374 -19.58 -43.97 -45.64
C ASP J 374 -19.29 -42.54 -45.20
N VAL J 375 -18.08 -42.03 -45.46
CA VAL J 375 -17.67 -40.75 -44.92
C VAL J 375 -18.52 -39.64 -45.52
N ASP J 376 -19.12 -38.81 -44.66
CA ASP J 376 -19.92 -37.66 -45.06
C ASP J 376 -19.39 -36.47 -44.26
N LEU J 377 -18.35 -35.83 -44.78
CA LEU J 377 -17.72 -34.73 -44.04
C LEU J 377 -18.63 -33.54 -43.93
N GLU J 378 -19.52 -33.32 -44.90
CA GLU J 378 -20.36 -32.13 -44.89
C GLU J 378 -21.29 -32.11 -43.69
N GLN J 379 -21.91 -33.23 -43.38
CA GLN J 379 -22.78 -33.29 -42.21
C GLN J 379 -21.99 -33.03 -40.94
N VAL J 380 -20.80 -33.60 -40.85
CA VAL J 380 -19.96 -33.40 -39.66
C VAL J 380 -19.63 -31.92 -39.50
N ALA J 381 -19.24 -31.27 -40.59
CA ALA J 381 -18.94 -29.84 -40.52
C ALA J 381 -20.17 -29.03 -40.14
N ASN J 382 -21.34 -29.45 -40.64
CA ASN J 382 -22.57 -28.75 -40.29
C ASN J 382 -22.85 -28.83 -38.80
N GLU J 383 -22.83 -30.05 -38.25
CA GLU J 383 -23.19 -30.22 -36.85
C GLU J 383 -22.12 -29.64 -35.92
N THR J 384 -20.85 -29.74 -36.29
CA THR J 384 -19.76 -29.31 -35.44
C THR J 384 -19.53 -27.82 -35.64
N HIS J 385 -19.71 -27.04 -34.57
CA HIS J 385 -19.41 -25.62 -34.59
C HIS J 385 -19.07 -25.19 -33.18
N GLY J 386 -18.36 -24.07 -33.08
CA GLY J 386 -17.75 -23.71 -31.82
C GLY J 386 -16.47 -24.44 -31.55
N HIS J 387 -15.80 -24.95 -32.59
CA HIS J 387 -14.56 -25.69 -32.47
C HIS J 387 -13.46 -24.97 -33.25
N VAL J 388 -12.23 -25.42 -33.04
CA VAL J 388 -11.08 -24.86 -33.73
C VAL J 388 -10.35 -25.96 -34.49
N GLY J 389 -9.28 -25.59 -35.19
CA GLY J 389 -8.51 -26.59 -35.90
C GLY J 389 -7.94 -27.65 -34.97
N ALA J 390 -7.48 -27.23 -33.78
CA ALA J 390 -7.02 -28.20 -32.80
C ALA J 390 -8.15 -29.12 -32.36
N ASP J 391 -9.36 -28.55 -32.19
CA ASP J 391 -10.50 -29.38 -31.78
C ASP J 391 -10.80 -30.45 -32.81
N LEU J 392 -10.83 -30.07 -34.09
CA LEU J 392 -11.14 -31.03 -35.13
C LEU J 392 -10.02 -32.05 -35.28
N ALA J 393 -8.76 -31.62 -35.11
CA ALA J 393 -7.65 -32.55 -35.14
C ALA J 393 -7.78 -33.58 -34.03
N ALA J 394 -8.13 -33.13 -32.82
CA ALA J 394 -8.30 -34.05 -31.70
C ALA J 394 -9.47 -35.00 -31.96
N LEU J 395 -10.56 -34.50 -32.54
CA LEU J 395 -11.69 -35.37 -32.84
C LEU J 395 -11.32 -36.42 -33.87
N CYS J 396 -10.56 -36.03 -34.91
CA CYS J 396 -10.10 -37.02 -35.88
C CYS J 396 -9.19 -38.05 -35.23
N SER J 397 -8.31 -37.59 -34.34
CA SER J 397 -7.41 -38.50 -33.64
C SER J 397 -8.20 -39.52 -32.81
N GLU J 398 -9.19 -39.04 -32.05
CA GLU J 398 -9.98 -39.96 -31.23
C GLU J 398 -10.84 -40.88 -32.09
N ALA J 399 -11.31 -40.40 -33.24
CA ALA J 399 -12.05 -41.28 -34.14
C ALA J 399 -11.16 -42.40 -34.68
N ALA J 400 -9.93 -42.06 -35.05
CA ALA J 400 -8.99 -43.10 -35.50
C ALA J 400 -8.68 -44.08 -34.37
N LEU J 401 -8.52 -43.55 -33.16
CA LEU J 401 -8.26 -44.42 -32.01
C LEU J 401 -9.43 -45.36 -31.74
N GLN J 402 -10.65 -44.86 -31.86
CA GLN J 402 -11.80 -45.73 -31.70
C GLN J 402 -11.85 -46.78 -32.80
N ALA J 403 -11.56 -46.37 -34.04
CA ALA J 403 -11.60 -47.31 -35.15
C ALA J 403 -10.59 -48.44 -34.96
N ILE J 404 -9.37 -48.11 -34.55
CA ILE J 404 -8.38 -49.16 -34.32
C ILE J 404 -8.75 -49.98 -33.10
N ARG J 405 -9.29 -49.34 -32.05
CA ARG J 405 -9.54 -50.03 -30.80
C ARG J 405 -10.51 -51.18 -30.96
N LYS J 406 -11.58 -50.97 -31.73
CA LYS J 406 -12.59 -52.01 -31.87
C LYS J 406 -12.04 -53.24 -32.57
N LYS J 407 -10.89 -53.12 -33.24
CA LYS J 407 -10.25 -54.26 -33.91
C LYS J 407 -8.97 -54.59 -33.14
N MET J 408 -9.12 -55.37 -32.08
CA MET J 408 -8.00 -55.96 -31.35
C MET J 408 -7.75 -57.40 -31.76
N ASP J 409 -8.82 -58.19 -31.88
CA ASP J 409 -8.67 -59.58 -32.28
C ASP J 409 -8.08 -59.70 -33.68
N LEU J 410 -8.60 -58.89 -34.62
CA LEU J 410 -8.11 -58.94 -35.98
C LEU J 410 -6.70 -58.35 -36.12
N ILE J 411 -6.37 -57.35 -35.31
CA ILE J 411 -5.08 -56.68 -35.42
C ILE J 411 -4.10 -57.17 -34.36
N ASP J 412 -4.29 -58.39 -33.87
CA ASP J 412 -3.33 -59.05 -32.97
C ASP J 412 -3.03 -58.17 -31.75
N LEU J 413 -4.07 -58.01 -30.94
CA LEU J 413 -4.04 -57.15 -29.76
C LEU J 413 -2.78 -57.29 -28.92
N GLU J 414 -2.16 -58.47 -28.96
CA GLU J 414 -0.94 -58.70 -28.18
C GLU J 414 0.17 -57.76 -28.62
N ASP J 415 0.67 -57.92 -29.85
CA ASP J 415 1.75 -57.11 -30.40
C ASP J 415 2.14 -57.61 -31.79
N GLU J 416 3.35 -58.16 -31.90
CA GLU J 416 3.88 -58.69 -33.15
C GLU J 416 3.94 -57.63 -34.25
N THR J 417 4.21 -56.39 -33.86
CA THR J 417 4.54 -55.26 -34.74
C THR J 417 3.69 -55.27 -36.01
N ILE J 418 2.38 -55.10 -35.82
CA ILE J 418 1.37 -55.17 -36.87
C ILE J 418 1.82 -54.45 -38.13
N ASP J 419 1.68 -55.12 -39.28
CA ASP J 419 2.14 -54.57 -40.54
C ASP J 419 1.19 -53.46 -41.02
N ALA J 420 1.67 -52.71 -42.02
CA ALA J 420 0.94 -51.55 -42.51
C ALA J 420 -0.37 -51.96 -43.17
N GLU J 421 -0.38 -53.08 -43.91
CA GLU J 421 -1.59 -53.47 -44.60
C GLU J 421 -2.69 -53.92 -43.62
N VAL J 422 -2.31 -54.46 -42.47
CA VAL J 422 -3.30 -54.89 -41.49
C VAL J 422 -4.01 -53.68 -40.91
N MET J 423 -3.24 -52.65 -40.52
CA MET J 423 -3.85 -51.42 -40.01
C MET J 423 -4.54 -50.65 -41.12
N ASN J 424 -4.15 -50.88 -42.38
CA ASN J 424 -4.82 -50.23 -43.50
C ASN J 424 -6.28 -50.61 -43.60
N SER J 425 -6.67 -51.78 -43.07
CA SER J 425 -8.04 -52.24 -43.16
C SER J 425 -9.01 -51.41 -42.30
N LEU J 426 -8.49 -50.54 -41.44
CA LEU J 426 -9.33 -49.76 -40.53
C LEU J 426 -10.03 -48.65 -41.32
N ALA J 427 -11.12 -49.03 -41.99
CA ALA J 427 -11.95 -48.05 -42.66
C ALA J 427 -12.73 -47.25 -41.62
N VAL J 428 -12.51 -45.93 -41.62
CA VAL J 428 -13.16 -45.09 -40.63
C VAL J 428 -14.64 -44.99 -40.94
N THR J 429 -15.48 -45.24 -39.94
CA THR J 429 -16.92 -45.33 -40.13
C THR J 429 -17.63 -44.18 -39.42
N MET J 430 -18.85 -43.91 -39.89
CA MET J 430 -19.70 -42.92 -39.23
C MET J 430 -20.03 -43.33 -37.80
N ASP J 431 -19.96 -44.63 -37.49
CA ASP J 431 -20.07 -45.05 -36.10
C ASP J 431 -18.92 -44.46 -35.29
N ASP J 432 -17.71 -44.51 -35.82
CA ASP J 432 -16.56 -43.93 -35.12
C ASP J 432 -16.75 -42.43 -34.94
N PHE J 433 -17.22 -41.75 -35.98
CA PHE J 433 -17.40 -40.31 -35.88
C PHE J 433 -18.48 -39.94 -34.87
N ARG J 434 -19.59 -40.68 -34.88
CA ARG J 434 -20.66 -40.41 -33.91
C ARG J 434 -20.19 -40.68 -32.49
N TRP J 435 -19.44 -41.76 -32.29
CA TRP J 435 -18.89 -42.04 -30.97
C TRP J 435 -17.94 -40.95 -30.52
N ALA J 436 -17.09 -40.46 -31.43
CA ALA J 436 -16.20 -39.35 -31.10
C ALA J 436 -16.98 -38.10 -30.76
N LEU J 437 -18.03 -37.80 -31.52
CA LEU J 437 -18.87 -36.65 -31.23
C LEU J 437 -19.57 -36.81 -29.89
N SER J 438 -19.87 -38.05 -29.50
CA SER J 438 -20.44 -38.29 -28.17
C SER J 438 -19.46 -37.84 -27.10
N GLN J 439 -18.18 -38.19 -27.26
CA GLN J 439 -17.14 -37.75 -26.34
C GLN J 439 -16.41 -36.55 -26.93
N SER J 440 -17.14 -35.45 -27.09
CA SER J 440 -16.61 -34.25 -27.71
C SER J 440 -16.93 -33.04 -26.84
N ASN J 441 -16.04 -32.06 -26.86
CA ASN J 441 -16.22 -30.84 -26.09
C ASN J 441 -15.76 -29.65 -26.93
N PRO J 442 -16.64 -28.74 -27.32
CA PRO J 442 -16.21 -27.54 -28.03
C PRO J 442 -15.52 -26.57 -27.09
N SER J 443 -14.89 -25.57 -27.68
CA SER J 443 -14.14 -24.58 -26.93
C SER J 443 -14.73 -23.19 -26.99
N ALA J 444 -15.12 -22.73 -28.18
CA ALA J 444 -15.66 -21.38 -28.34
C ALA J 444 -16.96 -21.22 -27.54
N LEU J 445 -18.00 -21.96 -27.92
CA LEU J 445 -19.28 -21.94 -27.24
C LEU J 445 -19.80 -20.51 -27.05
N ARG J 446 -19.64 -19.97 -25.85
CA ARG J 446 -20.10 -18.61 -25.54
C ARG J 446 -19.14 -17.62 -26.19
N GLU J 447 -19.28 -17.49 -27.51
CA GLU J 447 -18.43 -16.61 -28.28
C GLU J 447 -19.21 -16.01 -29.43
N THR J 448 -19.01 -14.73 -29.68
CA THR J 448 -19.68 -14.06 -30.79
C THR J 448 -19.16 -14.61 -32.12
N VAL J 449 -20.07 -14.81 -33.05
CA VAL J 449 -19.75 -15.36 -34.37
C VAL J 449 -20.25 -14.40 -35.44
N VAL J 450 -19.41 -14.13 -36.42
CA VAL J 450 -19.74 -13.24 -37.54
C VAL J 450 -19.68 -14.07 -38.82
N GLU J 451 -20.76 -14.04 -39.57
CA GLU J 451 -20.89 -14.90 -40.76
C GLU J 451 -21.97 -14.32 -41.66
N VAL J 452 -22.24 -15.04 -42.74
CA VAL J 452 -23.30 -14.72 -43.69
C VAL J 452 -24.36 -15.81 -43.59
N PRO J 453 -25.59 -15.50 -43.18
CA PRO J 453 -26.62 -16.53 -43.06
C PRO J 453 -27.03 -17.05 -44.42
N GLN J 454 -27.85 -18.10 -44.40
CA GLN J 454 -28.28 -18.79 -45.61
C GLN J 454 -29.79 -18.85 -45.73
N VAL J 455 -30.47 -17.73 -45.48
CA VAL J 455 -31.93 -17.65 -45.57
C VAL J 455 -32.31 -17.07 -46.93
N THR J 456 -33.18 -17.78 -47.64
CA THR J 456 -33.60 -17.37 -48.98
C THR J 456 -34.84 -16.49 -48.91
N TRP J 457 -35.15 -15.85 -50.04
CA TRP J 457 -36.29 -14.94 -50.09
C TRP J 457 -37.60 -15.71 -50.08
N GLU J 458 -37.63 -16.89 -50.70
CA GLU J 458 -38.85 -17.69 -50.72
C GLU J 458 -39.20 -18.24 -49.35
N ASP J 459 -38.30 -18.14 -48.37
CA ASP J 459 -38.56 -18.61 -47.02
C ASP J 459 -39.70 -17.86 -46.35
N ILE J 460 -40.08 -16.70 -46.85
CA ILE J 460 -41.09 -15.85 -46.25
C ILE J 460 -42.22 -15.70 -47.27
N GLY J 461 -43.37 -15.21 -46.80
CA GLY J 461 -44.46 -14.86 -47.69
C GLY J 461 -44.02 -13.87 -48.74
N GLY J 462 -43.16 -12.93 -48.35
CA GLY J 462 -42.42 -12.13 -49.29
C GLY J 462 -42.45 -10.63 -49.08
N LEU J 463 -43.61 -10.09 -48.74
CA LEU J 463 -43.81 -8.66 -48.52
C LEU J 463 -43.05 -7.85 -49.57
N GLU J 464 -43.43 -8.08 -50.82
CA GLU J 464 -42.62 -7.66 -51.96
C GLU J 464 -42.33 -6.17 -51.94
N ASP J 465 -43.27 -5.37 -51.44
CA ASP J 465 -43.02 -3.94 -51.28
C ASP J 465 -41.85 -3.70 -50.34
N VAL J 466 -41.84 -4.39 -49.19
CA VAL J 466 -40.78 -4.21 -48.23
C VAL J 466 -39.46 -4.75 -48.77
N LYS J 467 -39.52 -5.87 -49.50
CA LYS J 467 -38.32 -6.41 -50.15
C LYS J 467 -37.71 -5.39 -51.10
N ARG J 468 -38.54 -4.79 -51.96
CA ARG J 468 -38.05 -3.79 -52.89
C ARG J 468 -37.50 -2.58 -52.15
N GLU J 469 -38.19 -2.15 -51.10
CA GLU J 469 -37.73 -0.99 -50.35
C GLU J 469 -36.37 -1.25 -49.72
N LEU J 470 -36.18 -2.43 -49.12
CA LEU J 470 -34.89 -2.76 -48.52
C LEU J 470 -33.80 -2.86 -49.59
N GLN J 471 -34.14 -3.43 -50.75
CA GLN J 471 -33.19 -3.46 -51.84
C GLN J 471 -32.74 -2.06 -52.21
N GLU J 472 -33.70 -1.14 -52.33
CA GLU J 472 -33.38 0.25 -52.63
C GLU J 472 -32.50 0.85 -51.54
N LEU J 473 -32.82 0.55 -50.28
CA LEU J 473 -32.08 1.14 -49.17
C LEU J 473 -30.64 0.67 -49.16
N VAL J 474 -30.39 -0.60 -49.49
CA VAL J 474 -29.08 -1.19 -49.25
C VAL J 474 -28.28 -1.36 -50.54
N GLN J 475 -28.79 -2.15 -51.47
CA GLN J 475 -27.94 -2.64 -52.56
C GLN J 475 -27.53 -1.51 -53.49
N TYR J 476 -28.47 -0.72 -53.97
CA TYR J 476 -28.15 0.33 -54.92
C TYR J 476 -27.19 1.39 -54.37
N PRO J 477 -27.32 1.86 -53.12
CA PRO J 477 -26.36 2.86 -52.64
C PRO J 477 -24.90 2.45 -52.76
N VAL J 478 -24.59 1.19 -52.48
CA VAL J 478 -23.21 0.74 -52.62
C VAL J 478 -22.92 0.34 -54.06
N GLU J 479 -23.90 -0.22 -54.75
CA GLU J 479 -23.69 -0.63 -56.14
C GLU J 479 -23.42 0.57 -57.04
N HIS J 480 -24.18 1.64 -56.86
CA HIS J 480 -24.10 2.81 -57.74
C HIS J 480 -23.98 4.07 -56.91
N PRO J 481 -22.80 4.31 -56.31
CA PRO J 481 -22.60 5.55 -55.57
C PRO J 481 -22.54 6.78 -56.46
N ASP J 482 -22.40 6.58 -57.78
CA ASP J 482 -22.30 7.72 -58.69
C ASP J 482 -23.54 8.59 -58.64
N LYS J 483 -24.71 7.96 -58.60
CA LYS J 483 -25.96 8.72 -58.56
C LYS J 483 -26.03 9.60 -57.32
N PHE J 484 -25.65 9.06 -56.16
CA PHE J 484 -25.67 9.86 -54.94
C PHE J 484 -24.64 10.97 -54.99
N LEU J 485 -23.41 10.66 -55.40
CA LEU J 485 -22.38 11.70 -55.39
C LEU J 485 -22.72 12.82 -56.37
N LYS J 486 -23.36 12.48 -57.49
CA LYS J 486 -23.86 13.53 -58.37
C LYS J 486 -24.98 14.31 -57.69
N PHE J 487 -25.97 13.61 -57.15
CA PHE J 487 -27.10 14.27 -56.52
C PHE J 487 -26.74 14.87 -55.17
N GLY J 488 -25.70 14.36 -54.51
CA GLY J 488 -25.33 14.86 -53.20
C GLY J 488 -26.20 14.37 -52.08
N MET J 489 -26.75 13.16 -52.18
CA MET J 489 -27.63 12.61 -51.16
C MET J 489 -26.88 11.58 -50.34
N THR J 490 -27.01 11.67 -49.02
CA THR J 490 -26.35 10.75 -48.10
C THR J 490 -27.35 9.68 -47.66
N PRO J 491 -27.07 8.41 -47.89
CA PRO J 491 -28.03 7.36 -47.49
C PRO J 491 -28.19 7.30 -45.99
N SER J 492 -29.38 6.89 -45.56
CA SER J 492 -29.66 6.72 -44.15
C SER J 492 -28.91 5.52 -43.60
N LYS J 493 -28.95 5.36 -42.28
CA LYS J 493 -28.21 4.30 -41.61
C LYS J 493 -29.05 3.44 -40.68
N GLY J 494 -30.02 4.01 -39.98
CA GLY J 494 -30.79 3.29 -38.97
C GLY J 494 -32.20 3.01 -39.45
N VAL J 495 -32.54 1.73 -39.50
CA VAL J 495 -33.86 1.27 -39.93
C VAL J 495 -34.51 0.52 -38.78
N LEU J 496 -35.80 0.74 -38.58
CA LEU J 496 -36.54 0.12 -37.49
C LEU J 496 -37.76 -0.59 -38.02
N PHE J 497 -38.12 -1.69 -37.36
CA PHE J 497 -39.30 -2.46 -37.69
C PHE J 497 -40.22 -2.55 -36.48
N TYR J 498 -41.51 -2.72 -36.76
CA TYR J 498 -42.50 -2.84 -35.70
C TYR J 498 -43.69 -3.63 -36.22
N GLY J 499 -44.27 -4.46 -35.34
CA GLY J 499 -45.40 -5.27 -35.70
C GLY J 499 -45.63 -6.37 -34.69
N PRO J 500 -46.34 -7.41 -35.09
CA PRO J 500 -46.60 -8.53 -34.19
C PRO J 500 -45.31 -9.21 -33.79
N PRO J 501 -45.26 -9.79 -32.58
CA PRO J 501 -44.02 -10.43 -32.12
C PRO J 501 -43.53 -11.50 -33.07
N GLY J 502 -42.35 -11.31 -33.62
CA GLY J 502 -41.79 -12.25 -34.56
C GLY J 502 -42.25 -11.94 -35.97
N CYS J 503 -42.78 -12.96 -36.64
CA CYS J 503 -43.35 -12.83 -37.99
C CYS J 503 -42.36 -12.27 -38.99
N GLY J 504 -41.13 -12.80 -39.00
CA GLY J 504 -40.23 -12.55 -40.10
C GLY J 504 -39.13 -11.53 -39.90
N LYS J 505 -39.21 -10.74 -38.83
CA LYS J 505 -38.25 -9.67 -38.61
C LYS J 505 -36.81 -10.17 -38.67
N THR J 506 -36.46 -11.09 -37.77
CA THR J 506 -35.14 -11.71 -37.82
C THR J 506 -34.96 -12.48 -39.13
N LEU J 507 -36.03 -13.09 -39.63
CA LEU J 507 -35.95 -13.77 -40.91
C LEU J 507 -35.64 -12.79 -42.03
N LEU J 508 -36.26 -11.61 -42.00
CA LEU J 508 -35.95 -10.59 -43.00
C LEU J 508 -34.50 -10.14 -42.91
N ALA J 509 -34.01 -9.93 -41.69
CA ALA J 509 -32.63 -9.51 -41.53
C ALA J 509 -31.67 -10.55 -42.08
N LYS J 510 -31.91 -11.83 -41.76
CA LYS J 510 -31.05 -12.89 -42.25
C LYS J 510 -31.12 -13.01 -43.77
N ALA J 511 -32.33 -12.88 -44.33
CA ALA J 511 -32.47 -13.00 -45.77
C ALA J 511 -31.75 -11.87 -46.50
N ILE J 512 -31.89 -10.64 -46.01
CA ILE J 512 -31.22 -9.53 -46.67
C ILE J 512 -29.71 -9.64 -46.51
N ALA J 513 -29.24 -10.13 -45.36
CA ALA J 513 -27.81 -10.35 -45.19
C ALA J 513 -27.30 -11.40 -46.17
N ASN J 514 -28.07 -12.48 -46.36
CA ASN J 514 -27.67 -13.53 -47.28
C ASN J 514 -27.64 -13.02 -48.72
N GLU J 515 -28.67 -12.27 -49.11
CA GLU J 515 -28.74 -11.77 -50.49
C GLU J 515 -27.65 -10.76 -50.76
N CYS J 516 -27.49 -9.78 -49.87
CA CYS J 516 -26.48 -8.74 -50.05
C CYS J 516 -25.06 -9.27 -49.97
N GLN J 517 -24.88 -10.51 -49.51
CA GLN J 517 -23.57 -11.14 -49.38
C GLN J 517 -22.68 -10.31 -48.45
N ALA J 518 -23.19 -10.08 -47.25
CA ALA J 518 -22.48 -9.30 -46.24
C ALA J 518 -22.57 -10.01 -44.90
N ASN J 519 -21.62 -9.70 -44.04
CA ASN J 519 -21.58 -10.30 -42.72
C ASN J 519 -22.77 -9.85 -41.89
N PHE J 520 -23.17 -10.70 -40.95
CA PHE J 520 -24.32 -10.43 -40.09
C PHE J 520 -23.89 -10.51 -38.63
N ILE J 521 -24.27 -9.50 -37.86
CA ILE J 521 -24.01 -9.49 -36.42
C ILE J 521 -25.35 -9.27 -35.72
N SER J 522 -25.62 -10.09 -34.70
CA SER J 522 -26.88 -10.05 -33.99
C SER J 522 -26.64 -9.67 -32.53
N ILE J 523 -27.53 -8.83 -32.00
CA ILE J 523 -27.48 -8.40 -30.60
C ILE J 523 -28.83 -8.70 -29.98
N LYS J 524 -28.85 -9.52 -28.94
CA LYS J 524 -30.08 -10.01 -28.37
C LYS J 524 -30.48 -9.21 -27.14
N GLY J 525 -31.79 -9.05 -26.96
CA GLY J 525 -32.34 -8.38 -25.81
C GLY J 525 -31.95 -9.00 -24.48
N PRO J 526 -32.05 -10.33 -24.35
CA PRO J 526 -31.62 -10.95 -23.08
C PRO J 526 -30.19 -10.65 -22.71
N GLU J 527 -29.24 -10.83 -23.64
CA GLU J 527 -27.86 -10.51 -23.32
C GLU J 527 -27.65 -9.00 -23.20
N LEU J 528 -28.47 -8.21 -23.88
CA LEU J 528 -28.45 -6.77 -23.67
C LEU J 528 -28.76 -6.41 -22.23
N LEU J 529 -29.80 -7.04 -21.67
CA LEU J 529 -30.15 -6.80 -20.27
C LEU J 529 -29.14 -7.43 -19.33
N THR J 530 -28.49 -8.52 -19.76
CA THR J 530 -27.39 -9.07 -18.98
C THR J 530 -26.27 -8.05 -18.83
N MET J 531 -25.88 -7.42 -19.94
CA MET J 531 -24.91 -6.35 -19.89
C MET J 531 -25.46 -5.15 -19.12
N TRP J 532 -26.78 -4.97 -19.14
CA TRP J 532 -27.39 -3.78 -18.57
C TRP J 532 -27.02 -3.62 -17.09
N PHE J 533 -26.81 -4.73 -16.39
CA PHE J 533 -26.29 -4.72 -15.02
C PHE J 533 -24.78 -4.82 -15.09
N GLY J 534 -24.10 -3.67 -14.99
CA GLY J 534 -22.66 -3.67 -15.00
C GLY J 534 -22.05 -2.94 -16.17
N GLU J 535 -21.42 -3.67 -17.08
CA GLU J 535 -20.75 -3.06 -18.21
C GLU J 535 -21.78 -2.49 -19.19
N SER J 536 -21.71 -1.17 -19.39
CA SER J 536 -22.66 -0.50 -20.28
C SER J 536 -22.00 0.48 -21.24
N GLU J 537 -20.71 0.80 -21.08
CA GLU J 537 -20.05 1.79 -21.91
C GLU J 537 -18.91 1.20 -22.72
N ALA J 538 -17.98 0.49 -22.09
CA ALA J 538 -16.90 -0.13 -22.84
C ALA J 538 -17.43 -1.23 -23.76
N ASN J 539 -18.33 -2.08 -23.24
CA ASN J 539 -18.76 -3.25 -23.98
C ASN J 539 -19.31 -2.87 -25.35
N VAL J 540 -20.17 -1.85 -25.39
CA VAL J 540 -20.66 -1.35 -26.65
C VAL J 540 -19.52 -0.86 -27.52
N ARG J 541 -18.49 -0.28 -26.89
CA ARG J 541 -17.35 0.22 -27.66
C ARG J 541 -16.68 -0.90 -28.42
N GLU J 542 -16.30 -1.99 -27.75
CA GLU J 542 -15.62 -3.04 -28.53
C GLU J 542 -16.60 -3.75 -29.46
N ILE J 543 -17.89 -3.80 -29.11
CA ILE J 543 -18.86 -4.42 -30.01
C ILE J 543 -18.88 -3.67 -31.34
N PHE J 544 -18.96 -2.34 -31.27
CA PHE J 544 -19.02 -1.56 -32.50
C PHE J 544 -17.67 -1.52 -33.20
N ASP J 545 -16.57 -1.62 -32.45
CA ASP J 545 -15.26 -1.75 -33.10
C ASP J 545 -15.19 -3.03 -33.91
N LYS J 546 -15.66 -4.15 -33.33
CA LYS J 546 -15.70 -5.41 -34.07
C LYS J 546 -16.59 -5.29 -35.29
N ALA J 547 -17.75 -4.64 -35.14
CA ALA J 547 -18.64 -4.46 -36.28
C ALA J 547 -17.96 -3.64 -37.37
N ARG J 548 -17.26 -2.57 -36.99
CA ARG J 548 -16.56 -1.74 -37.95
C ARG J 548 -15.48 -2.53 -38.68
N GLN J 549 -14.76 -3.38 -37.95
CA GLN J 549 -13.70 -4.16 -38.58
C GLN J 549 -14.23 -5.09 -39.66
N ALA J 550 -15.43 -5.64 -39.47
CA ALA J 550 -16.00 -6.60 -40.40
C ALA J 550 -16.80 -5.92 -41.52
N ALA J 551 -16.50 -4.66 -41.83
CA ALA J 551 -17.20 -3.97 -42.90
C ALA J 551 -16.85 -4.59 -44.24
N PRO J 552 -17.82 -4.74 -45.16
CA PRO J 552 -19.24 -4.39 -44.94
C PRO J 552 -19.97 -5.46 -44.13
N CYS J 553 -20.92 -5.02 -43.31
CA CYS J 553 -21.69 -5.93 -42.47
C CYS J 553 -22.97 -5.23 -42.05
N VAL J 554 -23.89 -6.01 -41.51
CA VAL J 554 -25.18 -5.52 -41.05
C VAL J 554 -25.35 -5.88 -39.58
N LEU J 555 -25.67 -4.88 -38.77
CA LEU J 555 -25.92 -5.08 -37.35
C LEU J 555 -27.42 -5.12 -37.09
N PHE J 556 -27.84 -6.09 -36.28
CA PHE J 556 -29.24 -6.29 -35.95
C PHE J 556 -29.43 -6.22 -34.45
N PHE J 557 -30.52 -5.57 -34.03
CA PHE J 557 -30.89 -5.43 -32.64
C PHE J 557 -32.25 -6.05 -32.42
N ASP J 558 -32.33 -6.95 -31.45
CA ASP J 558 -33.57 -7.66 -31.15
C ASP J 558 -34.18 -7.11 -29.88
N GLU J 559 -35.43 -6.64 -29.98
CA GLU J 559 -36.19 -6.14 -28.84
C GLU J 559 -35.42 -5.04 -28.10
N LEU J 560 -35.22 -3.93 -28.81
CA LEU J 560 -34.63 -2.77 -28.17
C LEU J 560 -35.52 -2.23 -27.06
N ASP J 561 -36.84 -2.30 -27.23
CA ASP J 561 -37.78 -1.82 -26.23
C ASP J 561 -37.63 -2.55 -24.90
N SER J 562 -37.02 -3.74 -24.89
CA SER J 562 -36.71 -4.40 -23.64
C SER J 562 -35.94 -3.49 -22.69
N ILE J 563 -35.03 -2.69 -23.23
CA ILE J 563 -34.33 -1.71 -22.39
C ILE J 563 -35.34 -0.76 -21.75
N ALA J 564 -36.23 -0.18 -22.56
CA ALA J 564 -37.29 0.65 -22.01
C ALA J 564 -38.25 -0.16 -21.16
N LYS J 565 -38.32 -1.49 -21.37
CA LYS J 565 -39.09 -2.34 -20.47
C LYS J 565 -38.56 -2.23 -19.05
N ALA J 566 -37.23 -2.12 -18.90
CA ALA J 566 -36.67 -1.80 -17.60
C ALA J 566 -37.02 -0.37 -17.20
N ARG J 567 -36.97 0.56 -18.16
CA ARG J 567 -37.36 1.94 -17.87
C ARG J 567 -38.83 2.02 -17.51
N GLY J 568 -39.70 1.46 -18.35
CA GLY J 568 -41.11 1.38 -18.03
C GLY J 568 -41.54 -0.04 -17.76
N GLY J 569 -41.79 -0.36 -16.51
CA GLY J 569 -42.17 -1.71 -16.13
C GLY J 569 -42.66 -1.76 -14.70
N ASN J 570 -42.55 -2.93 -14.10
CA ASN J 570 -43.01 -3.14 -12.72
C ASN J 570 -42.03 -2.65 -11.68
N ILE J 571 -40.84 -2.21 -12.09
CA ILE J 571 -39.84 -1.66 -11.17
C ILE J 571 -39.57 -0.19 -11.45
N GLY J 572 -39.05 0.12 -12.63
CA GLY J 572 -38.78 1.50 -12.99
C GLY J 572 -37.82 2.21 -12.07
N ASP J 573 -36.75 1.53 -11.65
CA ASP J 573 -35.80 2.10 -10.71
C ASP J 573 -34.34 1.94 -11.12
N GLY J 574 -34.02 1.10 -12.09
CA GLY J 574 -32.65 0.91 -12.52
C GLY J 574 -32.30 1.73 -13.74
N GLY J 575 -33.06 2.79 -13.98
CA GLY J 575 -32.99 3.54 -15.23
C GLY J 575 -31.64 4.20 -15.51
N GLY J 576 -30.75 4.26 -14.52
CA GLY J 576 -29.43 4.82 -14.78
C GLY J 576 -28.65 4.00 -15.80
N ALA J 577 -28.73 2.67 -15.68
CA ALA J 577 -28.07 1.81 -16.66
C ALA J 577 -28.67 1.97 -18.04
N ALA J 578 -29.99 2.13 -18.11
CA ALA J 578 -30.64 2.34 -19.41
C ALA J 578 -30.21 3.67 -20.01
N ASP J 579 -30.07 4.69 -19.16
CA ASP J 579 -29.53 5.96 -19.62
C ASP J 579 -28.12 5.78 -20.17
N ARG J 580 -27.29 5.00 -19.47
CA ARG J 580 -25.93 4.76 -19.94
C ARG J 580 -25.95 4.07 -21.30
N VAL J 581 -26.78 3.05 -21.45
CA VAL J 581 -26.85 2.31 -22.70
C VAL J 581 -27.30 3.21 -23.84
N ILE J 582 -28.35 4.00 -23.60
CA ILE J 582 -28.88 4.88 -24.64
C ILE J 582 -27.86 5.94 -25.00
N ASN J 583 -27.18 6.51 -24.01
CA ASN J 583 -26.15 7.50 -24.28
C ASN J 583 -25.03 6.91 -25.11
N GLN J 584 -24.60 5.69 -24.77
CA GLN J 584 -23.55 5.05 -25.55
C GLN J 584 -24.00 4.82 -26.98
N ILE J 585 -25.23 4.34 -27.16
CA ILE J 585 -25.72 4.05 -28.51
C ILE J 585 -25.78 5.33 -29.33
N LEU J 586 -26.32 6.40 -28.75
CA LEU J 586 -26.44 7.66 -29.48
C LEU J 586 -25.07 8.24 -29.78
N THR J 587 -24.14 8.15 -28.83
CA THR J 587 -22.79 8.66 -29.06
C THR J 587 -22.11 7.91 -30.20
N GLU J 588 -22.26 6.59 -30.22
CA GLU J 588 -21.66 5.82 -31.30
C GLU J 588 -22.32 6.14 -32.63
N MET J 589 -23.64 6.28 -32.66
CA MET J 589 -24.32 6.62 -33.90
C MET J 589 -23.84 7.96 -34.43
N ASP J 590 -23.67 8.94 -33.55
CA ASP J 590 -23.07 10.21 -33.96
C ASP J 590 -21.62 10.01 -34.39
N GLY J 591 -20.95 9.00 -33.86
CA GLY J 591 -19.59 8.69 -34.24
C GLY J 591 -19.43 7.85 -35.48
N MET J 592 -20.54 7.41 -36.07
CA MET J 592 -20.48 6.60 -37.28
C MET J 592 -20.17 7.49 -38.49
N SER J 593 -19.01 7.27 -39.11
CA SER J 593 -18.64 8.02 -40.29
C SER J 593 -19.44 7.56 -41.49
N THR J 594 -19.63 8.47 -42.45
CA THR J 594 -20.37 8.13 -43.66
C THR J 594 -19.62 7.15 -44.55
N LYS J 595 -18.29 7.11 -44.46
CA LYS J 595 -17.52 6.21 -45.31
C LYS J 595 -17.83 4.75 -45.01
N LYS J 596 -17.99 4.43 -43.73
CA LYS J 596 -18.31 3.05 -43.35
C LYS J 596 -19.66 2.64 -43.91
N ASN J 597 -19.72 1.47 -44.51
CA ASN J 597 -20.94 0.91 -45.09
C ASN J 597 -21.43 -0.21 -44.18
N VAL J 598 -22.17 0.16 -43.14
CA VAL J 598 -22.71 -0.79 -42.18
C VAL J 598 -24.11 -0.34 -41.81
N PHE J 599 -25.12 -1.09 -42.25
CA PHE J 599 -26.49 -0.79 -41.88
C PHE J 599 -26.81 -1.33 -40.49
N ILE J 600 -27.74 -0.65 -39.84
CA ILE J 600 -28.18 -0.99 -38.49
C ILE J 600 -29.70 -1.13 -38.50
N ILE J 601 -30.19 -2.25 -38.00
CA ILE J 601 -31.61 -2.57 -38.00
C ILE J 601 -32.03 -2.84 -36.56
N GLY J 602 -33.22 -2.37 -36.20
CA GLY J 602 -33.74 -2.59 -34.87
C GLY J 602 -35.18 -3.06 -34.85
N ALA J 603 -35.46 -4.15 -34.15
CA ALA J 603 -36.80 -4.71 -34.05
C ALA J 603 -37.39 -4.36 -32.69
N THR J 604 -38.55 -3.71 -32.69
CA THR J 604 -39.24 -3.31 -31.48
C THR J 604 -40.71 -3.67 -31.59
N ASN J 605 -41.25 -4.34 -30.56
CA ASN J 605 -42.66 -4.66 -30.55
C ASN J 605 -43.51 -3.43 -30.24
N ARG J 606 -43.06 -2.61 -29.30
CA ARG J 606 -43.81 -1.43 -28.84
C ARG J 606 -43.01 -0.17 -29.09
N PRO J 607 -43.21 0.52 -30.22
CA PRO J 607 -42.46 1.76 -30.46
C PRO J 607 -42.85 2.90 -29.52
N ASP J 608 -44.00 2.80 -28.86
CA ASP J 608 -44.46 3.91 -28.03
C ASP J 608 -43.64 4.06 -26.75
N ILE J 609 -43.34 2.95 -26.07
CA ILE J 609 -42.60 3.05 -24.81
C ILE J 609 -41.18 3.56 -25.06
N ILE J 610 -40.56 3.16 -26.17
CA ILE J 610 -39.18 3.53 -26.41
C ILE J 610 -39.05 5.05 -26.53
N ASP J 611 -37.85 5.55 -26.27
CA ASP J 611 -37.60 6.98 -26.27
C ASP J 611 -37.70 7.54 -27.69
N PRO J 612 -38.55 8.54 -27.93
CA PRO J 612 -38.58 9.17 -29.26
C PRO J 612 -37.31 9.90 -29.63
N ALA J 613 -36.42 10.16 -28.67
CA ALA J 613 -35.18 10.88 -28.98
C ALA J 613 -34.35 10.15 -30.03
N ILE J 614 -34.47 8.82 -30.09
CA ILE J 614 -33.78 8.07 -31.14
C ILE J 614 -34.33 8.45 -32.50
N LEU J 615 -35.65 8.64 -32.60
CA LEU J 615 -36.31 8.91 -33.87
C LEU J 615 -36.00 10.34 -34.29
N ARG J 616 -34.80 10.54 -34.82
CA ARG J 616 -34.37 11.83 -35.31
C ARG J 616 -33.41 11.61 -36.47
N PRO J 617 -33.26 12.59 -37.36
CA PRO J 617 -32.31 12.45 -38.47
C PRO J 617 -30.90 12.20 -37.97
N GLY J 618 -30.16 11.42 -38.74
CA GLY J 618 -28.89 10.91 -38.29
C GLY J 618 -28.97 9.67 -37.43
N ARG J 619 -30.17 9.14 -37.23
CA ARG J 619 -30.39 7.96 -36.41
C ARG J 619 -31.42 7.10 -37.13
N LEU J 620 -32.01 6.15 -36.39
CA LEU J 620 -33.07 5.33 -36.95
C LEU J 620 -34.23 6.22 -37.38
N ASP J 621 -34.59 6.12 -38.65
CA ASP J 621 -35.61 7.01 -39.21
C ASP J 621 -36.72 6.26 -39.94
N GLN J 622 -36.40 5.17 -40.62
CA GLN J 622 -37.37 4.46 -41.45
C GLN J 622 -38.06 3.41 -40.59
N LEU J 623 -39.37 3.58 -40.38
CA LEU J 623 -40.18 2.63 -39.63
C LEU J 623 -41.07 1.88 -40.60
N ILE J 624 -41.04 0.56 -40.54
CA ILE J 624 -41.81 -0.30 -41.44
C ILE J 624 -42.73 -1.16 -40.60
N TYR J 625 -44.02 -1.10 -40.92
CA TYR J 625 -44.99 -1.93 -40.22
C TYR J 625 -44.93 -3.37 -40.74
N ILE J 626 -45.26 -4.31 -39.85
CA ILE J 626 -45.30 -5.72 -40.22
C ILE J 626 -46.76 -6.17 -40.26
N PRO J 627 -47.32 -6.39 -41.45
CA PRO J 627 -48.68 -6.92 -41.52
C PRO J 627 -48.72 -8.41 -41.20
N LEU J 628 -49.90 -8.85 -40.76
CA LEU J 628 -50.09 -10.27 -40.50
C LEU J 628 -50.09 -11.05 -41.81
N PRO J 629 -49.63 -12.30 -41.78
CA PRO J 629 -49.70 -13.14 -43.00
C PRO J 629 -51.15 -13.32 -43.45
N ASP J 630 -51.34 -13.33 -44.75
CA ASP J 630 -52.68 -13.33 -45.35
C ASP J 630 -52.74 -14.34 -46.49
N GLU J 631 -53.41 -15.46 -46.22
CA GLU J 631 -53.76 -16.44 -47.25
C GLU J 631 -52.55 -16.91 -48.03
N LYS J 632 -52.29 -16.28 -49.17
CA LYS J 632 -51.18 -16.69 -50.02
C LYS J 632 -49.86 -16.62 -49.28
N SER J 633 -49.69 -15.59 -48.44
CA SER J 633 -48.53 -15.53 -47.57
C SER J 633 -48.49 -16.73 -46.63
N ARG J 634 -49.64 -17.04 -46.02
CA ARG J 634 -49.72 -18.22 -45.16
C ARG J 634 -49.47 -19.49 -45.95
N VAL J 635 -49.97 -19.54 -47.19
CA VAL J 635 -49.75 -20.73 -48.02
C VAL J 635 -48.26 -20.93 -48.27
N ALA J 636 -47.56 -19.85 -48.63
CA ALA J 636 -46.13 -19.95 -48.88
C ALA J 636 -45.37 -20.33 -47.61
N ILE J 637 -45.78 -19.77 -46.47
CA ILE J 637 -45.13 -20.11 -45.20
C ILE J 637 -45.30 -21.59 -44.90
N LEU J 638 -46.52 -22.10 -45.09
CA LEU J 638 -46.77 -23.51 -44.85
C LEU J 638 -45.99 -24.39 -45.80
N LYS J 639 -45.87 -23.97 -47.06
CA LYS J 639 -45.07 -24.73 -48.02
C LYS J 639 -43.61 -24.78 -47.58
N ALA J 640 -43.08 -23.64 -47.14
CA ALA J 640 -41.70 -23.60 -46.67
C ALA J 640 -41.51 -24.51 -45.47
N ASN J 641 -42.47 -24.51 -44.54
CA ASN J 641 -42.39 -25.40 -43.39
C ASN J 641 -42.43 -26.85 -43.83
N LEU J 642 -43.31 -27.19 -44.78
CA LEU J 642 -43.42 -28.56 -45.25
C LEU J 642 -42.20 -29.01 -46.04
N ARG J 643 -41.40 -28.06 -46.54
CA ARG J 643 -40.18 -28.42 -47.26
C ARG J 643 -39.24 -29.33 -46.47
N LYS J 644 -39.46 -29.47 -45.15
CA LYS J 644 -38.53 -30.25 -44.34
C LYS J 644 -38.51 -31.71 -44.76
N SER J 645 -39.68 -32.35 -44.83
CA SER J 645 -39.72 -33.77 -45.18
C SER J 645 -41.12 -34.23 -45.62
N PRO J 646 -42.14 -34.12 -44.77
CA PRO J 646 -43.44 -34.73 -45.13
C PRO J 646 -44.17 -33.91 -46.18
N VAL J 647 -45.27 -34.48 -46.66
CA VAL J 647 -46.12 -33.80 -47.62
C VAL J 647 -47.52 -33.69 -47.02
N ALA J 648 -48.28 -32.71 -47.53
CA ALA J 648 -49.61 -32.39 -47.03
C ALA J 648 -50.63 -32.52 -48.16
N LYS J 649 -50.54 -33.60 -48.93
CA LYS J 649 -51.43 -33.81 -50.06
C LYS J 649 -52.74 -34.45 -49.61
N ASP J 650 -53.38 -33.88 -48.59
CA ASP J 650 -54.66 -34.38 -48.12
C ASP J 650 -55.63 -33.28 -47.74
N VAL J 651 -55.25 -32.01 -47.86
CA VAL J 651 -56.07 -30.87 -47.48
C VAL J 651 -55.83 -29.74 -48.47
N ASP J 652 -56.52 -28.63 -48.24
CA ASP J 652 -56.35 -27.41 -49.02
C ASP J 652 -55.72 -26.35 -48.12
N LEU J 653 -54.47 -25.99 -48.44
CA LEU J 653 -53.73 -25.06 -47.58
C LEU J 653 -54.41 -23.70 -47.53
N GLU J 654 -54.78 -23.17 -48.69
CA GLU J 654 -55.44 -21.87 -48.73
C GLU J 654 -56.79 -21.91 -48.03
N PHE J 655 -57.48 -23.04 -48.08
CA PHE J 655 -58.69 -23.22 -47.30
C PHE J 655 -58.41 -23.00 -45.82
N LEU J 656 -57.37 -23.66 -45.30
CA LEU J 656 -56.99 -23.50 -43.91
C LEU J 656 -56.61 -22.06 -43.61
N ALA J 657 -55.90 -21.40 -44.53
CA ALA J 657 -55.58 -20.00 -44.35
C ALA J 657 -56.85 -19.15 -44.25
N LYS J 658 -57.86 -19.48 -45.06
CA LYS J 658 -59.13 -18.76 -44.98
C LYS J 658 -59.76 -18.93 -43.61
N MET J 659 -59.81 -20.15 -43.09
CA MET J 659 -60.41 -20.33 -41.77
C MET J 659 -59.52 -19.77 -40.67
N THR J 660 -58.20 -19.81 -40.85
CA THR J 660 -57.27 -19.43 -39.79
C THR J 660 -56.80 -17.99 -39.90
N ASN J 661 -57.67 -17.09 -40.36
CA ASN J 661 -57.30 -15.69 -40.48
C ASN J 661 -56.95 -15.11 -39.12
N GLY J 662 -56.00 -14.18 -39.11
CA GLY J 662 -55.55 -13.59 -37.87
C GLY J 662 -54.54 -14.41 -37.10
N PHE J 663 -53.89 -15.38 -37.74
CA PHE J 663 -52.90 -16.22 -37.10
C PHE J 663 -51.51 -15.85 -37.63
N SER J 664 -50.57 -15.66 -36.72
CA SER J 664 -49.21 -15.32 -37.10
C SER J 664 -48.50 -16.52 -37.71
N GLY J 665 -47.45 -16.24 -38.49
CA GLY J 665 -46.69 -17.31 -39.10
C GLY J 665 -46.06 -18.25 -38.07
N ALA J 666 -45.69 -17.69 -36.92
CA ALA J 666 -45.20 -18.53 -35.84
C ALA J 666 -46.24 -19.55 -35.42
N ASP J 667 -47.51 -19.14 -35.36
CA ASP J 667 -48.57 -20.09 -35.03
C ASP J 667 -48.71 -21.16 -36.10
N LEU J 668 -48.57 -20.79 -37.37
CA LEU J 668 -48.65 -21.80 -38.43
C LEU J 668 -47.50 -22.81 -38.31
N THR J 669 -46.30 -22.32 -38.02
CA THR J 669 -45.18 -23.23 -37.81
C THR J 669 -45.42 -24.13 -36.61
N GLU J 670 -46.00 -23.58 -35.54
CA GLU J 670 -46.33 -24.39 -34.37
C GLU J 670 -47.35 -25.46 -34.71
N ILE J 671 -48.33 -25.12 -35.54
CA ILE J 671 -49.33 -26.08 -35.97
C ILE J 671 -48.68 -27.19 -36.78
N CYS J 672 -47.76 -26.83 -37.67
CA CYS J 672 -47.02 -27.84 -38.43
C CYS J 672 -46.24 -28.75 -37.49
N GLN J 673 -45.61 -28.16 -36.46
CA GLN J 673 -44.86 -28.97 -35.50
C GLN J 673 -45.78 -29.91 -34.74
N ARG J 674 -46.97 -29.42 -34.37
CA ARG J 674 -47.94 -30.28 -33.68
C ARG J 674 -48.36 -31.44 -34.56
N ALA J 675 -48.62 -31.17 -35.84
CA ALA J 675 -48.98 -32.23 -36.76
C ALA J 675 -47.85 -33.23 -36.90
N CYS J 676 -46.61 -32.74 -36.94
CA CYS J 676 -45.45 -33.63 -37.00
C CYS J 676 -45.38 -34.50 -35.76
N LYS J 677 -45.69 -33.92 -34.59
CA LYS J 677 -45.67 -34.69 -33.35
C LYS J 677 -46.74 -35.79 -33.39
N LEU J 678 -47.94 -35.45 -33.86
CA LEU J 678 -48.97 -36.47 -34.02
C LEU J 678 -48.52 -37.57 -34.97
N ALA J 679 -47.89 -37.21 -36.08
CA ALA J 679 -47.42 -38.22 -37.02
C ALA J 679 -46.35 -39.10 -36.39
N ILE J 680 -45.45 -38.50 -35.60
CA ILE J 680 -44.42 -39.28 -34.92
C ILE J 680 -45.04 -40.26 -33.93
N ARG J 681 -46.03 -39.78 -33.17
CA ARG J 681 -46.70 -40.67 -32.23
C ARG J 681 -47.42 -41.80 -32.96
N GLU J 682 -48.03 -41.48 -34.11
CA GLU J 682 -48.69 -42.51 -34.89
C GLU J 682 -47.70 -43.57 -35.38
N SER J 683 -46.53 -43.12 -35.85
CA SER J 683 -45.51 -44.07 -36.27
C SER J 683 -45.03 -44.91 -35.10
N ILE J 684 -44.88 -44.29 -33.92
CA ILE J 684 -44.41 -45.02 -32.75
C ILE J 684 -45.42 -46.07 -32.35
N GLU J 685 -46.71 -45.72 -32.32
CA GLU J 685 -47.71 -46.70 -31.94
C GLU J 685 -47.86 -47.80 -32.99
N SER J 686 -47.69 -47.47 -34.27
CA SER J 686 -47.69 -48.50 -35.30
C SER J 686 -46.53 -49.48 -35.09
N GLU J 687 -45.35 -48.94 -34.80
CA GLU J 687 -44.22 -49.80 -34.49
C GLU J 687 -44.45 -50.63 -33.23
N ILE J 688 -45.15 -50.07 -32.25
CA ILE J 688 -45.45 -50.81 -31.04
C ILE J 688 -46.42 -51.95 -31.33
N ARG J 689 -47.41 -51.70 -32.20
CA ARG J 689 -48.30 -52.77 -32.63
C ARG J 689 -47.55 -53.86 -33.38
N ARG J 690 -46.61 -53.46 -34.24
CA ARG J 690 -45.77 -54.44 -34.92
C ARG J 690 -44.96 -55.26 -33.92
N GLU J 691 -44.41 -54.60 -32.90
CA GLU J 691 -43.69 -55.32 -31.85
C GLU J 691 -44.61 -56.30 -31.13
N ARG J 692 -45.83 -55.85 -30.81
CA ARG J 692 -46.77 -56.70 -30.09
C ARG J 692 -47.10 -57.95 -30.90
N GLU J 693 -47.41 -57.79 -32.18
CA GLU J 693 -47.69 -58.95 -33.01
C GLU J 693 -46.44 -59.79 -33.21
N ARG J 694 -45.26 -59.19 -33.08
CA ARG J 694 -44.03 -59.98 -33.11
C ARG J 694 -43.90 -60.86 -31.88
N GLN J 695 -44.22 -60.33 -30.69
CA GLN J 695 -44.14 -61.17 -29.50
C GLN J 695 -45.24 -62.22 -29.47
N THR J 696 -46.44 -61.88 -29.95
CA THR J 696 -47.51 -62.88 -30.01
C THR J 696 -47.14 -64.04 -30.93
N ASN J 697 -46.57 -63.72 -32.09
CA ASN J 697 -46.09 -64.74 -33.01
C ASN J 697 -44.64 -64.43 -33.39
N PRO J 698 -43.67 -65.12 -32.79
CA PRO J 698 -42.26 -64.81 -33.08
C PRO J 698 -41.93 -65.04 -34.55
N SER J 699 -41.23 -64.07 -35.13
CA SER J 699 -40.79 -64.14 -36.52
C SER J 699 -41.95 -64.40 -37.46
N ALA J 700 -43.10 -63.77 -37.18
CA ALA J 700 -44.26 -63.93 -38.04
C ALA J 700 -44.08 -63.20 -39.36
N MET J 701 -43.90 -61.88 -39.30
CA MET J 701 -43.70 -61.05 -40.48
C MET J 701 -42.97 -59.78 -40.06
N GLU J 702 -42.00 -59.36 -40.87
CA GLU J 702 -41.13 -58.25 -40.51
C GLU J 702 -41.02 -57.16 -41.58
N VAL J 703 -41.71 -57.31 -42.71
CA VAL J 703 -41.62 -56.30 -43.76
C VAL J 703 -42.30 -55.01 -43.30
N GLU J 704 -41.93 -53.90 -43.94
CA GLU J 704 -42.42 -52.58 -43.59
C GLU J 704 -43.92 -52.53 -43.87
N GLU J 705 -44.71 -52.39 -42.79
CA GLU J 705 -46.16 -52.34 -42.90
C GLU J 705 -46.59 -50.98 -43.42
N ASP J 706 -47.90 -50.71 -43.40
CA ASP J 706 -48.40 -49.39 -43.77
C ASP J 706 -48.35 -48.45 -42.56
N ASP J 707 -47.17 -48.41 -41.95
CA ASP J 707 -46.95 -47.52 -40.82
C ASP J 707 -46.75 -46.08 -41.33
N PRO J 708 -47.05 -45.09 -40.49
CA PRO J 708 -46.87 -43.69 -40.92
C PRO J 708 -45.47 -43.41 -41.45
N VAL J 709 -45.40 -43.11 -42.75
CA VAL J 709 -44.18 -42.68 -43.41
C VAL J 709 -44.31 -41.17 -43.54
N PRO J 710 -43.29 -40.43 -44.03
CA PRO J 710 -43.43 -38.96 -44.00
C PRO J 710 -44.48 -38.40 -44.93
N GLU J 711 -45.62 -38.05 -44.36
CA GLU J 711 -46.67 -37.24 -44.96
C GLU J 711 -47.66 -36.92 -43.84
N ILE J 712 -48.44 -35.86 -44.00
CA ILE J 712 -49.41 -35.46 -42.99
C ILE J 712 -50.79 -35.83 -43.51
N ARG J 713 -51.33 -36.93 -42.99
CA ARG J 713 -52.71 -37.29 -43.30
C ARG J 713 -53.67 -36.33 -42.60
N ARG J 714 -54.91 -36.33 -43.06
CA ARG J 714 -55.87 -35.33 -42.60
C ARG J 714 -56.10 -35.43 -41.10
N ASP J 715 -56.21 -36.66 -40.58
CA ASP J 715 -56.48 -36.85 -39.15
C ASP J 715 -55.48 -36.07 -38.30
N HIS J 716 -54.20 -36.15 -38.65
CA HIS J 716 -53.20 -35.32 -37.99
C HIS J 716 -53.53 -33.84 -38.15
N PHE J 717 -54.16 -33.48 -39.26
CA PHE J 717 -54.47 -32.07 -39.48
C PHE J 717 -55.57 -31.60 -38.55
N GLU J 718 -56.63 -32.41 -38.34
CA GLU J 718 -57.62 -32.03 -37.34
C GLU J 718 -56.99 -32.00 -35.94
N GLU J 719 -56.10 -32.95 -35.64
CA GLU J 719 -55.45 -32.94 -34.34
C GLU J 719 -54.66 -31.65 -34.13
N ALA J 720 -53.95 -31.20 -35.17
CA ALA J 720 -53.15 -29.98 -35.04
C ALA J 720 -54.04 -28.74 -34.96
N MET J 721 -55.03 -28.62 -35.85
CA MET J 721 -55.90 -27.46 -35.83
C MET J 721 -56.71 -27.33 -34.55
N ARG J 722 -57.00 -28.45 -33.87
CA ARG J 722 -57.76 -28.34 -32.64
C ARG J 722 -57.04 -27.48 -31.61
N PHE J 723 -55.72 -27.64 -31.50
CA PHE J 723 -54.91 -26.81 -30.62
C PHE J 723 -54.22 -25.72 -31.44
N ALA J 724 -55.03 -24.79 -31.93
CA ALA J 724 -54.56 -23.66 -32.71
C ALA J 724 -54.63 -22.39 -31.87
N ARG J 725 -53.56 -21.60 -31.90
CA ARG J 725 -53.39 -20.47 -31.00
C ARG J 725 -53.64 -19.16 -31.75
N ARG J 726 -54.43 -18.28 -31.14
CA ARG J 726 -54.53 -16.89 -31.58
C ARG J 726 -53.51 -16.10 -30.78
N SER J 727 -52.30 -15.98 -31.31
CA SER J 727 -51.20 -15.38 -30.57
C SER J 727 -51.47 -13.92 -30.27
N VAL J 728 -52.00 -13.19 -31.24
CA VAL J 728 -52.18 -11.74 -31.14
C VAL J 728 -53.62 -11.44 -30.75
N SER J 729 -53.79 -10.61 -29.72
CA SER J 729 -55.11 -10.17 -29.32
C SER J 729 -55.50 -8.92 -30.12
N ASP J 730 -56.82 -8.68 -30.18
CA ASP J 730 -57.33 -7.61 -31.04
C ASP J 730 -56.83 -6.25 -30.60
N ASN J 731 -56.67 -6.02 -29.29
CA ASN J 731 -56.17 -4.73 -28.83
C ASN J 731 -54.76 -4.47 -29.33
N ASP J 732 -53.98 -5.53 -29.57
CA ASP J 732 -52.66 -5.34 -30.16
C ASP J 732 -52.76 -4.75 -31.56
N ILE J 733 -53.68 -5.28 -32.37
CA ILE J 733 -53.93 -4.70 -33.70
C ILE J 733 -54.44 -3.28 -33.56
N ARG J 734 -55.30 -3.04 -32.56
CA ARG J 734 -55.81 -1.70 -32.34
C ARG J 734 -54.68 -0.72 -32.05
N LYS J 735 -53.71 -1.12 -31.24
CA LYS J 735 -52.63 -0.22 -30.90
C LYS J 735 -51.64 -0.06 -32.06
N TYR J 736 -51.40 -1.13 -32.81
CA TYR J 736 -50.56 -1.00 -34.00
C TYR J 736 -51.17 -0.05 -35.00
N GLU J 737 -52.48 -0.17 -35.25
CA GLU J 737 -53.14 0.73 -36.17
C GLU J 737 -53.24 2.14 -35.58
N MET J 738 -53.32 2.25 -34.26
CA MET J 738 -53.29 3.57 -33.62
C MET J 738 -51.96 4.25 -33.89
N PHE J 739 -50.85 3.53 -33.73
CA PHE J 739 -49.55 4.11 -34.01
C PHE J 739 -49.39 4.42 -35.49
N ALA J 740 -49.90 3.55 -36.36
CA ALA J 740 -49.84 3.81 -37.79
C ALA J 740 -50.62 5.06 -38.16
N GLN J 741 -51.80 5.24 -37.57
CA GLN J 741 -52.59 6.44 -37.84
C GLN J 741 -51.96 7.66 -37.20
N THR J 742 -51.27 7.51 -36.07
CA THR J 742 -50.52 8.61 -35.51
C THR J 742 -49.43 9.07 -36.46
N LEU J 743 -48.72 8.11 -37.07
CA LEU J 743 -47.72 8.46 -38.07
C LEU J 743 -48.35 9.10 -39.30
N GLN J 744 -49.49 8.57 -39.74
CA GLN J 744 -50.14 9.07 -40.95
C GLN J 744 -50.70 10.47 -40.75
N GLN J 745 -51.21 10.76 -39.55
CA GLN J 745 -51.76 12.08 -39.27
C GLN J 745 -50.69 13.15 -39.34
N SER J 746 -49.50 12.86 -38.82
CA SER J 746 -48.38 13.78 -38.97
C SER J 746 -48.09 14.02 -40.44
N ARG J 747 -47.90 12.95 -41.20
CA ARG J 747 -47.70 13.03 -42.65
C ARG J 747 -49.03 13.00 -43.39
N GLY J 748 -49.95 13.86 -42.95
CA GLY J 748 -51.30 13.83 -43.49
C GLY J 748 -51.58 14.93 -44.49
N PHE J 749 -51.70 14.57 -45.76
CA PHE J 749 -52.02 15.52 -46.82
C PHE J 749 -53.01 14.82 -47.75
N GLY J 750 -54.29 15.17 -47.65
CA GLY J 750 -55.33 14.50 -48.40
C GLY J 750 -55.26 14.73 -49.90
N SER J 751 -54.87 13.69 -50.63
CA SER J 751 -54.81 13.70 -52.09
C SER J 751 -53.94 14.87 -52.56
N PHE J 752 -54.26 15.44 -53.71
CA PHE J 752 -53.49 16.54 -54.28
C PHE J 752 -54.39 17.37 -55.17
N ARG J 753 -53.79 18.40 -55.77
CA ARG J 753 -54.48 19.24 -56.75
C ARG J 753 -53.55 19.58 -57.91
N PHE J 754 -52.42 18.89 -58.04
CA PHE J 754 -51.36 19.22 -58.97
C PHE J 754 -50.95 20.67 -58.78
N PRO J 755 -50.25 20.98 -57.69
CA PRO J 755 -50.01 22.39 -57.34
C PRO J 755 -49.11 23.07 -58.35
N SER J 756 -49.18 24.41 -58.36
CA SER J 756 -48.41 25.24 -59.29
C SER J 756 -48.72 24.89 -60.74
N GLY J 757 -49.99 24.55 -61.01
CA GLY J 757 -50.41 24.19 -62.35
C GLY J 757 -50.93 25.37 -63.15
PG ATP K . 2.51 13.04 26.14
O1G ATP K . 2.74 11.68 25.58
O2G ATP K . 3.71 13.98 26.00
O3G ATP K . 1.26 13.75 25.60
PB ATP K . 2.08 13.91 28.95
O1B ATP K . 0.67 14.26 29.15
O2B ATP K . 2.77 13.24 30.13
O3B ATP K . 2.26 12.96 27.71
PA ATP K . 4.42 15.69 28.79
O1A ATP K . 5.29 15.50 27.61
O2A ATP K . 4.91 15.03 30.07
O3A ATP K . 2.95 15.17 28.53
O5' ATP K . 4.20 17.23 29.08
C5' ATP K . 3.75 17.68 30.38
C4' ATP K . 3.64 19.18 30.35
O4' ATP K . 2.29 19.57 30.67
C3' ATP K . 4.51 19.90 31.37
O3' ATP K . 4.79 21.23 30.96
C2' ATP K . 3.61 19.88 32.61
O2' ATP K . 3.89 20.97 33.49
C1' ATP K . 2.22 20.04 32.00
N9 ATP K . 1.18 19.30 32.70
C8 ATP K . 0.35 18.35 32.17
N7 ATP K . -0.50 17.84 33.03
C5 ATP K . -0.21 18.50 34.21
C6 ATP K . -0.74 18.42 35.51
N6 ATP K . -1.74 17.60 35.85
N1 ATP K . -0.22 19.23 36.46
C2 ATP K . 0.78 20.04 36.13
N3 ATP K . 1.36 20.21 34.94
C4 ATP K . 0.83 19.41 34.02
PB ADP L . -36.16 21.02 25.24
O1B ADP L . -35.03 20.02 25.26
O2B ADP L . -35.84 22.32 24.53
O3B ADP L . -37.50 20.43 24.89
PA ADP L . -35.01 21.89 27.62
O1A ADP L . -33.90 22.18 26.64
O2A ADP L . -34.81 20.94 28.77
O3A ADP L . -36.31 21.46 26.78
O5' ADP L . -35.49 23.31 28.19
C5' ADP L . -34.53 24.34 28.40
C4' ADP L . -35.30 25.65 28.39
O4' ADP L . -36.15 25.73 29.53
C3' ADP L . -34.39 26.86 28.43
O3' ADP L . -34.22 27.39 27.12
C2' ADP L . -35.12 27.87 29.31
O2' ADP L . -35.62 28.93 28.50
C1' ADP L . -36.29 27.10 29.91
N9 ADP L . -36.26 27.25 31.39
C8 ADP L . -35.29 27.88 32.09
N7 ADP L . -35.57 27.85 33.41
C5 ADP L . -36.74 27.20 33.57
C6 ADP L . -37.60 26.82 34.70
N6 ADP L . -37.25 27.13 35.97
N1 ADP L . -38.74 26.15 34.43
C2 ADP L . -39.08 25.82 33.18
N3 ADP L . -38.35 26.14 32.09
C4 ADP L . -37.19 26.82 32.22
PG ATP M . 8.84 28.15 -2.71
O1G ATP M . 10.16 28.07 -2.01
O2G ATP M . 8.96 28.61 -4.17
O3G ATP M . 8.02 26.87 -2.65
PB ATP M . 7.90 30.81 -1.77
O1B ATP M . 6.63 31.42 -2.19
O2B ATP M . 8.30 31.03 -0.31
O3B ATP M . 7.92 29.26 -2.03
PA ATP M . 9.31 32.06 -4.02
O1A ATP M . 8.96 31.22 -5.18
O2A ATP M . 10.74 32.61 -4.02
O3A ATP M . 9.12 31.28 -2.66
O5' ATP M . 8.31 33.27 -3.86
C5' ATP M . 7.44 33.66 -4.93
C4' ATP M . 7.98 34.91 -5.56
O4' ATP M . 6.92 35.88 -5.71
C3' ATP M . 9.08 35.61 -4.77
O3' ATP M . 10.36 35.13 -5.14
C2' ATP M . 8.88 37.07 -5.17
O2' ATP M . 9.50 37.36 -6.42
C1' ATP M . 7.37 37.16 -5.28
N9 ATP M . 6.69 37.48 -4.03
C8 ATP M . 5.82 36.69 -3.33
N7 ATP M . 5.36 37.24 -2.24
C5 ATP M . 5.96 38.48 -2.22
C6 ATP M . 5.89 39.56 -1.31
N6 ATP M . 5.14 39.56 -0.21
N1 ATP M . 6.62 40.66 -1.59
C2 ATP M . 7.37 40.67 -2.70
N3 ATP M . 7.52 39.72 -3.61
C4 ATP M . 6.79 38.65 -3.32
PB ADP N . -31.72 37.52 -2.76
O1B ADP N . -30.53 36.80 -2.17
O2B ADP N . -32.89 37.68 -1.82
O3B ADP N . -32.09 37.09 -4.16
PA ADP N . -29.73 39.27 -3.58
O1A ADP N . -28.77 39.61 -2.46
O2A ADP N . -29.44 38.16 -4.54
O3A ADP N . -31.19 39.02 -2.94
O5' ADP N . -30.00 40.60 -4.44
C5' ADP N . -29.08 41.00 -5.44
C4' ADP N . -29.84 41.94 -6.37
O4' ADP N . -30.21 43.13 -5.66
C3' ADP N . -28.99 42.39 -7.55
O3' ADP N . -29.37 41.66 -8.72
C2' ADP N . -29.30 43.86 -7.73
O2' ADP N . -29.96 44.08 -8.98
C1' ADP N . -30.23 44.22 -6.59
N9 ADP N . -29.77 45.47 -5.95
C8 ADP N . -28.60 46.10 -6.18
N7 ADP N . -28.48 47.23 -5.45
C5 ADP N . -29.62 47.36 -4.74
C6 ADP N . -30.16 48.33 -3.77
N6 ADP N . -29.45 49.42 -3.39
N1 ADP N . -31.39 48.09 -3.25
C2 ADP N . -32.11 47.00 -3.60
N3 ADP N . -31.68 46.08 -4.48
C4 ADP N . -30.47 46.21 -5.08
PG ATP O . -4.22 -18.59 27.47
O1G ATP O . -3.62 -18.89 26.14
O2G ATP O . -3.52 -17.45 28.21
O3G ATP O . -5.72 -18.32 27.41
PB ATP O . -4.98 -20.89 29.16
O1B ATP O . -6.34 -20.38 29.39
O2B ATP O . -4.86 -22.19 28.38
O3B ATP O . -4.07 -19.83 28.43
PA ATP O . -3.50 -20.14 31.59
O1A ATP O . -3.31 -18.78 31.04
O2A ATP O . -2.21 -20.85 32.04
O3A ATP O . -4.19 -21.09 30.53
O5' ATP O . -4.53 -20.15 32.77
C5' ATP O . -5.06 -18.92 33.31
C4' ATP O . -5.18 -19.08 34.81
O4' ATP O . -6.57 -19.01 35.19
C3' ATP O . -4.68 -20.42 35.34
O3' ATP O . -3.29 -20.35 35.66
C2' ATP O . -5.53 -20.60 36.60
O2' ATP O . -5.01 -19.86 37.70
C1' ATP O . -6.86 -20.01 36.15
N9 ATP O . -7.77 -20.97 35.52
C8 ATP O . -8.33 -20.89 34.28
N7 ATP O . -9.10 -21.90 33.97
C5 ATP O . -9.04 -22.70 35.09
C6 ATP O . -9.65 -23.94 35.41
N6 ATP O . -10.47 -24.60 34.58
N1 ATP O . -9.39 -24.48 36.62
C2 ATP O . -8.57 -23.83 37.44
N3 ATP O . -7.95 -22.66 37.26
C4 ATP O . -8.23 -22.15 36.06
PB ADP P . -43.25 -11.15 24.68
O1B ADP P . -42.04 -11.65 23.93
O2B ADP P . -43.46 -9.65 24.61
O3B ADP P . -44.50 -11.96 24.45
PA ADP P . -42.81 -12.92 26.78
O1A ADP P . -41.71 -13.66 26.07
O2A ADP P . -44.20 -13.49 26.80
O3A ADP P . -42.89 -11.41 26.21
O5' ADP P . -42.36 -12.66 28.29
C5' ADP P . -42.75 -13.58 29.30
C4' ADP P . -43.51 -12.78 30.34
O4' ADP P . -44.58 -13.55 30.89
C3' ADP P . -42.64 -12.34 31.50
O3' ADP P . -42.28 -10.96 31.33
C2' ADP P . -43.52 -12.50 32.73
O2' ADP P . -43.80 -11.23 33.31
C1' ADP P . -44.79 -13.15 32.24
N9 ADP P . -45.11 -14.33 33.08
C8 ADP P . -44.38 -14.78 34.11
N7 ADP P . -44.95 -15.87 34.67
C5 ADP P . -46.07 -16.13 33.98
C6 ADP P . -47.15 -17.14 34.04
N6 ADP P . -47.14 -18.13 34.97
N1 ADP P . -48.15 -17.06 33.13
C2 ADP P . -48.17 -16.09 32.19
N3 ADP P . -47.23 -15.13 32.09
C4 ADP P . -46.17 -15.11 32.94
PG ATP Q . 5.83 10.88 -30.81
O1G ATP Q . 6.84 9.95 -31.39
O2G ATP Q . 4.42 10.65 -31.31
O3G ATP Q . 5.81 10.90 -29.27
PB ATP Q . 5.84 13.43 -32.36
O1B ATP Q . 4.69 14.28 -32.01
O2B ATP Q . 7.13 14.15 -32.70
O3B ATP Q . 6.18 12.38 -31.22
PA ATP Q . 6.17 11.21 -34.27
O1A ATP Q . 5.50 9.95 -33.88
O2A ATP Q . 7.67 11.27 -33.97
O3A ATP Q . 5.51 12.47 -33.59
O5' ATP Q . 5.97 11.50 -35.81
C5' ATP Q . 7.04 12.04 -36.61
C4' ATP Q . 6.77 11.73 -38.06
O4' ATP Q . 5.36 11.82 -38.32
C3' ATP Q . 7.46 12.65 -39.06
O3' ATP Q . 8.70 12.11 -39.48
C2' ATP Q . 6.45 12.70 -40.20
O2' ATP Q . 6.58 11.58 -41.05
C1' ATP Q . 5.13 12.66 -39.44
N9 ATP Q . 4.66 13.95 -38.95
C8 ATP Q . 4.03 14.18 -37.75
N7 ATP Q . 3.71 15.43 -37.55
C5 ATP Q . 4.14 16.08 -38.69
C6 ATP Q . 4.09 17.42 -39.10
N6 ATP Q . 3.56 18.40 -38.36
N1 ATP Q . 4.62 17.73 -40.30
C2 ATP Q . 5.16 16.76 -41.04
N3 ATP Q . 5.26 15.46 -40.76
C4 ATP Q . 4.73 15.18 -39.57
PB ADP R . -32.40 22.20 -33.77
O1B ADP R . -30.92 22.45 -33.88
O2B ADP R . -33.01 22.64 -32.47
O3B ADP R . -33.17 22.65 -34.99
PA ADP R . -31.79 19.63 -34.79
O1A ADP R . -30.31 19.91 -34.74
O2A ADP R . -32.28 18.22 -34.53
O3A ADP R . -32.55 20.60 -33.75
O5' ADP R . -32.34 20.07 -36.23
C5' ADP R . -31.55 20.87 -37.10
C4' ADP R . -32.50 21.71 -37.94
O4' ADP R . -31.83 22.71 -38.70
C3' ADP R . -33.31 20.92 -38.95
O3' ADP R . -34.57 20.56 -38.39
C2' ADP R . -33.51 21.86 -40.12
O2' ADP R . -34.90 22.17 -40.26
C1' ADP R . -32.77 23.12 -39.70
N9 ADP R . -32.11 23.79 -40.84
C8 ADP R . -31.28 23.25 -41.74
N7 ADP R . -30.88 24.18 -42.65
C5 ADP R . -31.47 25.34 -42.32
C6 ADP R . -31.49 26.72 -42.86
N6 ADP R . -30.78 27.06 -43.96
N1 ADP R . -32.25 27.64 -42.22
C2 ADP R . -32.97 27.33 -41.13
N3 ADP R . -33.00 26.09 -40.59
C4 ADP R . -32.29 25.08 -41.14
PG ATP S . -6.14 -35.73 -0.98
O1G ATP S . -5.00 -35.49 -0.05
O2G ATP S . -7.26 -34.69 -0.88
O3G ATP S . -5.72 -35.86 -2.45
PB ATP S . -7.47 -38.36 -1.40
O1B ATP S . -8.91 -38.21 -1.64
O2B ATP S . -6.61 -38.62 -2.64
O3B ATP S . -6.85 -37.11 -0.66
PA ATP S . -5.99 -39.88 0.66
O1A ATP S . -5.66 -38.72 1.51
O2A ATP S . -4.83 -40.43 -0.17
O3A ATP S . -7.15 -39.52 -0.36
O5' ATP S . -6.62 -41.05 1.50
C5' ATP S . -8.04 -41.26 1.54
C4' ATP S . -8.35 -42.27 2.60
O4' ATP S . -9.72 -42.70 2.49
C3' ATP S . -7.52 -43.55 2.53
O3' ATP S . -7.40 -44.17 3.81
C2' ATP S . -8.35 -44.41 1.57
O2' ATP S . -8.14 -45.80 1.79
C1' ATP S . -9.78 -44.02 1.96
N9 ATP S . -10.71 -44.01 0.84
C8 ATP S . -11.36 -42.93 0.30
N7 ATP S . -12.14 -43.22 -0.71
C5 ATP S . -11.99 -44.59 -0.87
C6 ATP S . -12.55 -45.51 -1.77
N6 ATP S . -13.41 -45.18 -2.72
N1 ATP S . -12.19 -46.81 -1.64
C2 ATP S . -11.32 -47.15 -0.68
N3 ATP S . -10.74 -46.37 0.23
C4 ATP S . -11.11 -45.09 0.09
PB ADP T . -45.89 -28.57 -4.19
O1B ADP T . -44.81 -27.59 -4.55
O2B ADP T . -46.38 -28.48 -2.76
O3B ADP T . -47.00 -28.69 -5.21
PA ADP T . -43.84 -30.29 -3.44
O1A ADP T . -42.64 -30.03 -4.32
O2A ADP T . -43.98 -29.61 -2.09
O3A ADP T . -45.17 -30.00 -4.28
O5' ADP T . -43.99 -31.88 -3.20
C5' ADP T . -44.39 -32.34 -1.93
C4' ADP T . -45.87 -32.67 -2.08
O4' ADP T . -46.05 -33.98 -2.64
C3' ADP T . -46.65 -32.70 -0.79
O3' ADP T . -47.20 -31.41 -0.52
C2' ADP T . -47.75 -33.70 -1.04
O2' ADP T . -49.00 -33.02 -1.23
C1' ADP T . -47.39 -34.37 -2.35
N9 ADP T . -47.52 -35.84 -2.26
C8 ADP T . -46.97 -36.64 -1.33
N7 ADP T . -47.30 -37.94 -1.54
C5 ADP T . -48.09 -37.97 -2.63
C6 ADP T . -48.80 -39.02 -3.40
N6 ADP T . -48.71 -40.32 -3.05
N1 ADP T . -49.52 -38.63 -4.48
C2 ADP T . -49.60 -37.33 -4.84
N3 ADP T . -48.99 -36.34 -4.19
C4 ADP T . -48.23 -36.59 -3.09
PG ATP U . -1.94 -20.43 -29.44
O1G ATP U . -2.11 -19.00 -29.83
O2G ATP U . -0.62 -20.72 -28.73
O3G ATP U . -3.09 -20.98 -28.60
PB ATP U . -2.03 -21.26 -32.29
O1B ATP U . -3.37 -20.81 -32.72
O2B ATP U . -0.86 -20.39 -32.79
O3B ATP U . -1.91 -21.37 -30.73
PA ATP U . -0.80 -23.92 -32.23
O1A ATP U . -0.81 -24.02 -30.76
O2A ATP U . 0.57 -23.72 -32.86
O3A ATP U . -1.73 -22.75 -32.74
O5' ATP U . -1.47 -25.19 -32.88
C5' ATP U . -2.86 -25.19 -33.26
C4' ATP U . -3.29 -26.60 -33.52
O4' ATP U . -4.49 -26.60 -34.33
C3' ATP U . -2.29 -27.45 -34.28
O3' ATP U . -2.43 -28.82 -33.95
C2' ATP U . -2.69 -27.19 -35.74
O2' ATP U . -2.32 -28.27 -36.59
C1' ATP U . -4.21 -27.09 -35.62
N9 ATP U . -4.82 -26.19 -36.59
C8 ATP U . -5.50 -25.03 -36.33
N7 ATP U . -5.94 -24.41 -37.41
C5 ATP U . -5.52 -25.24 -38.44
C6 ATP U . -5.67 -25.15 -39.84
N6 ATP U . -6.31 -24.16 -40.46
N1 ATP U . -5.13 -26.14 -40.60
C2 ATP U . -4.49 -27.13 -39.98
N3 ATP U . -4.29 -27.32 -38.68
C4 ATP U . -4.82 -26.34 -37.96
PB ADP V . -38.41 -11.63 -34.47
O1B ADP V . -36.93 -11.60 -34.22
O2B ADP V . -38.82 -12.33 -35.74
O3B ADP V . -39.10 -10.30 -34.27
PA ADP V . -38.61 -14.07 -33.06
O1A ADP V . -37.21 -14.30 -33.55
O2A ADP V . -38.95 -14.43 -31.63
O3A ADP V . -38.99 -12.51 -33.27
O5' ADP V . -39.63 -14.85 -34.01
C5' ADP V . -39.23 -15.33 -35.30
C4' ADP V . -40.45 -15.17 -36.21
O4' ADP V . -40.17 -15.54 -37.56
C3' ADP V . -41.61 -16.05 -35.75
O3' ADP V . -42.53 -15.29 -34.98
C2' ADP V . -42.28 -16.51 -37.04
O2' ADP V . -43.61 -16.00 -37.12
C1' ADP V . -41.43 -15.90 -38.14
N9 ADP V . -41.28 -16.84 -39.28
C8 ADP V . -40.69 -18.05 -39.26
N7 ADP V . -40.76 -18.64 -40.49
C5 ADP V . -41.41 -17.79 -41.30
C6 ADP V . -41.83 -17.78 -42.72
N6 ADP V . -41.56 -18.82 -43.55
N1 ADP V . -42.49 -16.70 -43.17
C2 ADP V . -42.78 -15.65 -42.37
N3 ADP V . -42.43 -15.59 -41.08
C4 ADP V . -41.76 -16.61 -40.50
#